data_4S0R
#
_entry.id   4S0R
#
_cell.length_a   295.800
_cell.length_b   295.800
_cell.length_c   103.600
_cell.angle_alpha   90.00
_cell.angle_beta   90.00
_cell.angle_gamma   120.00
#
_symmetry.space_group_name_H-M   'P 3'
#
loop_
_entity.id
_entity.type
_entity.pdbx_description
1 polymer 'Glutamine synthetase'
2 polymer 'TnrA peptide'
3 non-polymer GLUTAMINE
4 non-polymer 'MAGNESIUM ION'
#
loop_
_entity_poly.entity_id
_entity_poly.type
_entity_poly.pdbx_seq_one_letter_code
_entity_poly.pdbx_strand_id
1 'polypeptide(L)'
;GSHMAKYTREDIEKLVKEENVKYIRLQFTDILGTIKNVEIPVSQLGKALDNKVMFDGSSIEGFVRIEESDMYLYPDLNTF
VIFPWTAEKGKVARFICDIYNPDGTPFEGDPRNNLKRILKEMEDLGFSDFNLGPEPEFFLFKLDEKGEPTLELNDKGGYF
DLAPTDLGENCRRDIVLELEEMGFEIEASHHEVAPGQHEIDFKYAGAVRSCDDIQTFKLVVKTIARKHGLHATFMPKPLF
GVNGSGMHCNLSLFKNGVNAFFDENADLQLSETAKHFIAGIVKHATSFTAVTNPTVNSYKRLVPGYEAPCYVAWSAQNRS
PLIRIPASRGISTRVEVRSVDPAANPYLALSVLLAAGLDGIKNKLEAPAPIDRNIYVMSKEERMENGIVDLPATLAEALE
EFKSNEVMVKALGEHLFEHFIEAKEIEWDMFRTQVHPWEREQYMSQY
;
A,B,C,D,E,F,G,H,I,J,K,L,M,N
2 'polypeptide(L)' KMLEGQNAHFRYKNR O,P,Q,R,S,T,U,V,W,X,Y,Z,1,2
#
# COMPACT_ATOMS: atom_id res chain seq x y z
N ALA A 5 -28.17 61.52 -23.75
CA ALA A 5 -28.61 60.15 -24.16
C ALA A 5 -27.59 59.54 -25.12
N LYS A 6 -27.69 58.24 -25.38
CA LYS A 6 -26.74 57.60 -26.28
C LYS A 6 -27.30 56.58 -27.27
N TYR A 7 -28.16 55.69 -26.76
CA TYR A 7 -28.79 54.63 -27.56
C TYR A 7 -30.28 54.86 -27.51
N THR A 8 -31.00 54.84 -28.63
CA THR A 8 -32.43 54.97 -28.46
C THR A 8 -32.97 53.56 -28.47
N ARG A 9 -34.27 53.41 -28.30
CA ARG A 9 -34.86 52.10 -28.27
C ARG A 9 -34.55 51.34 -29.55
N GLU A 10 -34.94 51.87 -30.71
CA GLU A 10 -34.69 51.15 -31.95
C GLU A 10 -33.20 50.84 -32.10
N ASP A 11 -32.37 51.47 -31.28
CA ASP A 11 -30.92 51.21 -31.33
C ASP A 11 -30.60 49.96 -30.55
N ILE A 12 -31.37 49.71 -29.49
CA ILE A 12 -31.21 48.54 -28.65
C ILE A 12 -31.84 47.33 -29.33
N GLU A 13 -33.00 47.53 -29.93
CA GLU A 13 -33.66 46.45 -30.60
C GLU A 13 -32.89 46.09 -31.85
N LYS A 14 -32.07 47.03 -32.32
CA LYS A 14 -31.28 46.74 -33.52
C LYS A 14 -30.14 45.81 -33.14
N LEU A 15 -29.56 46.00 -31.95
CA LEU A 15 -28.49 45.10 -31.54
C LEU A 15 -29.01 43.75 -30.99
N VAL A 16 -30.10 43.74 -30.23
CA VAL A 16 -30.66 42.47 -29.73
C VAL A 16 -30.84 41.49 -30.90
N LYS A 17 -31.40 42.01 -32.00
CA LYS A 17 -31.65 41.26 -33.23
C LYS A 17 -30.33 40.84 -33.90
N GLU A 18 -29.59 41.83 -34.40
CA GLU A 18 -28.30 41.63 -35.08
C GLU A 18 -27.31 40.79 -34.27
N GLU A 19 -26.83 41.36 -33.18
CA GLU A 19 -25.88 40.70 -32.28
C GLU A 19 -26.49 39.43 -31.71
N ASN A 20 -27.82 39.35 -31.74
CA ASN A 20 -28.54 38.19 -31.24
C ASN A 20 -28.21 37.85 -29.77
N VAL A 21 -29.05 38.38 -28.89
CA VAL A 21 -28.98 38.26 -27.43
C VAL A 21 -30.21 37.46 -27.00
N LYS A 22 -30.06 36.42 -26.17
CA LYS A 22 -31.23 35.62 -25.75
C LYS A 22 -31.73 35.82 -24.31
N TYR A 23 -31.01 36.62 -23.55
CA TYR A 23 -31.32 36.80 -22.16
C TYR A 23 -30.87 38.22 -21.82
N ILE A 24 -31.52 38.81 -20.83
CA ILE A 24 -31.24 40.19 -20.41
C ILE A 24 -31.26 40.42 -18.89
N ARG A 25 -30.13 40.74 -18.27
CA ARG A 25 -30.23 41.00 -16.84
C ARG A 25 -30.66 42.44 -16.69
N LEU A 26 -31.43 42.70 -15.63
CA LEU A 26 -31.92 44.04 -15.31
C LEU A 26 -31.32 44.42 -13.97
N GLN A 27 -30.04 44.80 -14.00
CA GLN A 27 -29.29 45.16 -12.80
C GLN A 27 -29.77 46.40 -12.06
N PHE A 28 -29.47 46.40 -10.77
CA PHE A 28 -29.76 47.47 -9.80
C PHE A 28 -28.93 47.11 -8.58
N THR A 29 -28.44 48.10 -7.84
CA THR A 29 -27.62 47.81 -6.68
C THR A 29 -28.38 48.06 -5.40
N ASP A 30 -28.22 47.16 -4.43
CA ASP A 30 -28.92 47.26 -3.16
C ASP A 30 -28.27 48.20 -2.12
N ILE A 31 -28.48 47.90 -0.85
CA ILE A 31 -27.95 48.71 0.24
C ILE A 31 -26.50 48.36 0.66
N LEU A 32 -26.11 47.09 0.55
CA LEU A 32 -24.77 46.65 0.96
C LEU A 32 -23.78 46.49 -0.19
N GLY A 33 -24.14 46.99 -1.37
CA GLY A 33 -23.24 46.89 -2.49
C GLY A 33 -23.40 45.70 -3.40
N THR A 34 -23.99 44.62 -2.88
CA THR A 34 -24.17 43.42 -3.69
C THR A 34 -24.88 43.90 -4.95
N ILE A 35 -24.36 43.53 -6.11
CA ILE A 35 -24.97 43.96 -7.36
C ILE A 35 -25.99 42.87 -7.71
N LYS A 36 -27.28 43.20 -7.53
CA LYS A 36 -28.43 42.31 -7.78
C LYS A 36 -29.12 42.50 -9.16
N ASN A 37 -30.12 41.67 -9.47
CA ASN A 37 -30.84 41.75 -10.74
C ASN A 37 -31.97 40.75 -10.88
N VAL A 38 -32.98 41.11 -11.68
CA VAL A 38 -34.07 40.18 -11.93
C VAL A 38 -33.61 39.82 -13.31
N GLU A 39 -34.05 38.69 -13.87
CA GLU A 39 -33.61 38.30 -15.22
C GLU A 39 -34.74 37.97 -16.25
N ILE A 40 -34.81 38.71 -17.35
CA ILE A 40 -35.86 38.46 -18.34
C ILE A 40 -35.41 37.98 -19.74
N PRO A 41 -36.17 37.05 -20.35
CA PRO A 41 -35.79 36.57 -21.68
C PRO A 41 -35.87 37.72 -22.65
N VAL A 42 -35.04 37.70 -23.69
CA VAL A 42 -35.08 38.77 -24.67
C VAL A 42 -36.50 38.89 -25.19
N SER A 43 -37.30 37.84 -24.96
CA SER A 43 -38.68 37.82 -25.42
C SER A 43 -39.55 38.88 -24.74
N GLN A 44 -39.09 39.34 -23.59
CA GLN A 44 -39.81 40.31 -22.81
C GLN A 44 -39.34 41.74 -22.98
N LEU A 45 -38.21 41.92 -23.66
CA LEU A 45 -37.64 43.25 -23.81
C LEU A 45 -38.62 44.39 -24.02
N GLY A 46 -39.63 44.19 -24.88
CA GLY A 46 -40.61 45.23 -25.14
C GLY A 46 -41.11 45.79 -23.83
N LYS A 47 -41.95 45.00 -23.16
CA LYS A 47 -42.56 45.34 -21.87
C LYS A 47 -41.59 46.01 -20.89
N ALA A 48 -40.32 45.60 -20.93
CA ALA A 48 -39.32 46.18 -20.05
C ALA A 48 -39.07 47.64 -20.42
N LEU A 49 -38.68 47.91 -21.67
CA LEU A 49 -38.38 49.26 -22.15
C LEU A 49 -39.56 50.21 -22.10
N ASP A 50 -40.74 49.69 -21.81
CA ASP A 50 -41.95 50.51 -21.69
C ASP A 50 -42.06 50.83 -20.18
N ASN A 51 -41.11 50.26 -19.44
CA ASN A 51 -40.98 50.37 -17.98
C ASN A 51 -42.18 49.73 -17.32
N LYS A 52 -42.32 48.41 -17.49
CA LYS A 52 -43.46 47.68 -16.92
C LYS A 52 -43.15 46.42 -16.12
N VAL A 53 -41.90 45.95 -16.20
CA VAL A 53 -41.48 44.76 -15.48
C VAL A 53 -41.32 45.09 -14.00
N MET A 54 -41.96 44.29 -13.16
CA MET A 54 -41.96 44.53 -11.74
C MET A 54 -41.33 43.47 -10.83
N PHE A 55 -40.89 43.90 -9.65
CA PHE A 55 -40.29 42.96 -8.72
C PHE A 55 -40.56 43.27 -7.23
N ASP A 56 -40.14 42.32 -6.35
CA ASP A 56 -40.29 42.48 -4.90
C ASP A 56 -39.35 43.61 -4.51
N GLY A 57 -39.93 44.74 -4.14
CA GLY A 57 -39.11 45.88 -3.77
C GLY A 57 -38.17 45.70 -2.59
N SER A 58 -38.66 45.10 -1.52
CA SER A 58 -37.86 44.91 -0.30
C SER A 58 -36.49 44.26 -0.50
N SER A 59 -36.23 43.74 -1.70
CA SER A 59 -34.95 43.07 -1.96
C SER A 59 -33.77 44.01 -1.89
N ILE A 60 -34.05 45.31 -1.82
CA ILE A 60 -32.97 46.29 -1.75
C ILE A 60 -32.57 46.54 -0.32
N GLU A 61 -33.55 46.54 0.58
CA GLU A 61 -33.23 46.77 1.97
C GLU A 61 -32.19 45.76 2.42
N GLY A 62 -31.97 44.73 1.60
CA GLY A 62 -30.96 43.74 1.94
C GLY A 62 -31.48 42.65 2.84
N PHE A 63 -30.74 42.31 3.89
CA PHE A 63 -31.22 41.27 4.79
C PHE A 63 -32.28 41.74 5.77
N VAL A 64 -32.23 43.03 6.09
CA VAL A 64 -33.18 43.65 7.03
C VAL A 64 -34.53 44.02 6.40
N ARG A 65 -34.78 43.51 5.19
CA ARG A 65 -36.02 43.71 4.41
C ARG A 65 -37.15 43.10 5.22
N ILE A 66 -38.39 43.54 5.01
CA ILE A 66 -39.47 42.94 5.78
C ILE A 66 -40.77 42.66 5.08
N GLU A 67 -41.11 43.45 4.08
CA GLU A 67 -42.39 43.25 3.43
C GLU A 67 -42.31 43.20 1.90
N GLU A 68 -43.08 42.30 1.27
CA GLU A 68 -43.07 42.21 -0.19
C GLU A 68 -43.34 43.68 -0.41
N SER A 69 -42.83 44.25 -1.48
CA SER A 69 -43.05 45.69 -1.65
C SER A 69 -42.86 46.08 -3.10
N ASP A 70 -43.82 45.68 -3.93
CA ASP A 70 -43.80 45.93 -5.36
C ASP A 70 -43.16 47.19 -5.84
N MET A 71 -42.25 47.01 -6.77
CA MET A 71 -41.53 48.12 -7.35
C MET A 71 -41.50 47.86 -8.84
N TYR A 72 -41.50 48.93 -9.64
CA TYR A 72 -41.41 48.81 -11.11
C TYR A 72 -39.88 48.94 -11.39
N LEU A 73 -39.43 48.80 -12.64
CA LEU A 73 -37.99 48.77 -12.93
C LEU A 73 -37.36 49.49 -14.17
N TYR A 74 -37.48 50.82 -14.28
CA TYR A 74 -36.94 51.62 -15.42
C TYR A 74 -35.46 51.40 -15.90
N PRO A 75 -35.27 50.81 -17.09
CA PRO A 75 -33.93 50.55 -17.66
C PRO A 75 -33.26 51.78 -18.27
N ASP A 76 -32.09 52.15 -17.76
CA ASP A 76 -31.36 53.30 -18.29
C ASP A 76 -30.90 52.90 -19.67
N LEU A 77 -31.69 53.29 -20.67
CA LEU A 77 -31.48 52.97 -22.07
C LEU A 77 -30.06 53.01 -22.51
N ASN A 78 -29.29 53.88 -21.89
CA ASN A 78 -27.90 54.04 -22.26
C ASN A 78 -26.91 52.96 -21.73
N THR A 79 -27.08 52.52 -20.48
CA THR A 79 -26.20 51.51 -19.86
C THR A 79 -26.04 50.16 -20.57
N PHE A 80 -26.98 49.85 -21.45
CA PHE A 80 -26.97 48.62 -22.23
C PHE A 80 -25.54 48.15 -22.57
N VAL A 81 -25.18 46.94 -22.17
CA VAL A 81 -23.85 46.36 -22.43
C VAL A 81 -23.88 44.82 -22.60
N ILE A 82 -23.48 44.36 -23.78
CA ILE A 82 -23.48 42.94 -24.08
C ILE A 82 -22.18 42.27 -23.68
N PHE A 83 -22.27 41.25 -22.85
CA PHE A 83 -21.09 40.54 -22.41
C PHE A 83 -20.57 39.69 -23.57
N PRO A 84 -19.25 39.48 -23.64
CA PRO A 84 -18.59 38.71 -24.69
C PRO A 84 -18.28 37.24 -24.39
N TRP A 85 -18.06 36.90 -23.12
CA TRP A 85 -17.74 35.50 -22.80
C TRP A 85 -19.02 34.74 -22.87
N THR A 86 -20.00 35.18 -23.62
CA THR A 86 -21.19 34.38 -23.63
C THR A 86 -21.53 33.98 -25.01
N ALA A 87 -21.96 32.76 -25.16
CA ALA A 87 -22.36 32.31 -26.45
C ALA A 87 -23.10 31.15 -25.97
N GLU A 88 -23.47 30.25 -26.86
CA GLU A 88 -24.14 29.05 -26.42
C GLU A 88 -25.63 28.88 -26.47
N LYS A 89 -26.37 29.97 -26.40
CA LYS A 89 -27.81 29.82 -26.40
C LYS A 89 -28.38 31.17 -26.76
N GLY A 90 -27.46 32.02 -27.19
CA GLY A 90 -27.77 33.40 -27.54
C GLY A 90 -26.86 34.17 -26.61
N LYS A 91 -26.76 35.47 -26.81
CA LYS A 91 -25.90 36.25 -25.94
C LYS A 91 -26.67 36.86 -24.78
N VAL A 92 -25.94 37.56 -23.91
CA VAL A 92 -26.53 38.16 -22.71
C VAL A 92 -26.27 39.68 -22.65
N ALA A 93 -27.20 40.46 -22.08
CA ALA A 93 -27.00 41.93 -21.93
C ALA A 93 -27.73 42.56 -20.74
N ARG A 94 -27.25 43.71 -20.30
CA ARG A 94 -27.83 44.35 -19.12
C ARG A 94 -28.14 45.85 -19.06
N PHE A 95 -29.32 46.17 -18.57
CA PHE A 95 -29.76 47.54 -18.40
C PHE A 95 -29.75 47.87 -16.92
N ILE A 96 -28.90 48.77 -16.49
CA ILE A 96 -28.92 49.15 -15.10
C ILE A 96 -30.25 49.90 -14.96
N CYS A 97 -31.14 49.45 -14.10
CA CYS A 97 -32.44 50.09 -13.99
C CYS A 97 -32.67 50.87 -12.70
N ASP A 98 -33.13 52.11 -12.83
CA ASP A 98 -33.42 52.91 -11.66
C ASP A 98 -34.69 52.28 -11.10
N ILE A 99 -35.10 52.69 -9.90
CA ILE A 99 -36.30 52.14 -9.24
C ILE A 99 -37.47 53.11 -9.12
N TYR A 100 -38.69 52.61 -9.30
CA TYR A 100 -39.85 53.50 -9.25
C TYR A 100 -41.16 53.08 -8.61
N ASN A 101 -41.56 53.86 -7.62
CA ASN A 101 -42.82 53.65 -6.90
C ASN A 101 -43.89 53.22 -7.91
N PRO A 102 -44.78 52.32 -7.48
CA PRO A 102 -45.90 51.76 -8.26
C PRO A 102 -46.90 52.79 -8.71
N ASP A 103 -46.52 54.04 -8.52
CA ASP A 103 -47.31 55.18 -8.92
C ASP A 103 -46.29 56.15 -9.52
N GLY A 104 -45.38 55.54 -10.30
CA GLY A 104 -44.33 56.21 -11.04
C GLY A 104 -43.36 57.22 -10.45
N THR A 105 -43.16 57.20 -9.14
CA THR A 105 -42.27 58.14 -8.48
C THR A 105 -40.94 57.44 -8.21
N PRO A 106 -39.83 58.18 -8.25
CA PRO A 106 -38.57 57.48 -7.98
C PRO A 106 -38.67 56.85 -6.61
N PHE A 107 -37.90 55.79 -6.39
CA PHE A 107 -37.95 55.14 -5.09
C PHE A 107 -36.87 55.80 -4.24
N GLU A 108 -37.30 56.63 -3.29
CA GLU A 108 -36.35 57.32 -2.42
C GLU A 108 -35.20 56.46 -1.91
N GLY A 109 -35.49 55.21 -1.56
CA GLY A 109 -34.47 54.34 -1.00
C GLY A 109 -33.59 53.45 -1.88
N ASP A 110 -33.35 53.83 -3.12
CA ASP A 110 -32.50 53.05 -4.00
C ASP A 110 -31.22 53.86 -4.03
N PRO A 111 -30.05 53.20 -3.83
CA PRO A 111 -28.81 53.96 -3.86
C PRO A 111 -28.70 54.83 -5.08
N ARG A 112 -28.68 54.19 -6.25
CA ARG A 112 -28.52 54.92 -7.49
C ARG A 112 -29.30 56.21 -7.73
N ASN A 113 -30.60 56.20 -7.46
CA ASN A 113 -31.42 57.40 -7.65
C ASN A 113 -31.01 58.54 -6.70
N ASN A 114 -30.77 58.15 -5.45
CA ASN A 114 -30.37 59.04 -4.38
C ASN A 114 -29.20 59.93 -4.77
N LEU A 115 -28.39 59.44 -5.71
CA LEU A 115 -27.21 60.13 -6.24
C LEU A 115 -27.67 61.14 -7.29
N LYS A 116 -28.65 60.73 -8.09
CA LYS A 116 -29.21 61.62 -9.07
C LYS A 116 -29.96 62.69 -8.28
N ARG A 117 -30.48 62.27 -7.12
CA ARG A 117 -31.22 63.12 -6.19
C ARG A 117 -30.34 64.20 -5.58
N ILE A 118 -29.13 63.83 -5.18
CA ILE A 118 -28.16 64.75 -4.58
C ILE A 118 -27.46 65.60 -5.61
N LEU A 119 -27.34 65.10 -6.83
CA LEU A 119 -26.71 65.87 -7.90
C LEU A 119 -27.84 66.70 -8.49
N LYS A 120 -28.99 66.68 -7.83
CA LYS A 120 -30.08 67.50 -8.28
C LYS A 120 -29.72 68.77 -7.52
N GLU A 121 -29.52 68.63 -6.21
CA GLU A 121 -29.12 69.77 -5.37
C GLU A 121 -27.96 70.47 -6.07
N MET A 122 -27.08 69.66 -6.63
CA MET A 122 -25.90 70.14 -7.31
C MET A 122 -26.20 71.07 -8.51
N GLU A 123 -27.20 70.72 -9.34
CA GLU A 123 -27.59 71.58 -10.49
C GLU A 123 -28.56 72.64 -10.04
N ASP A 124 -29.13 72.45 -8.85
CA ASP A 124 -30.04 73.41 -8.27
C ASP A 124 -29.10 74.44 -7.67
N LEU A 125 -27.87 74.01 -7.40
CA LEU A 125 -26.86 74.87 -6.79
C LEU A 125 -25.90 75.58 -7.73
N GLY A 126 -26.15 75.47 -9.04
CA GLY A 126 -25.29 76.16 -10.00
C GLY A 126 -24.26 75.33 -10.74
N PHE A 127 -23.96 74.13 -10.27
CA PHE A 127 -22.96 73.27 -10.93
C PHE A 127 -23.44 72.40 -12.07
N SER A 128 -22.53 72.08 -13.01
CA SER A 128 -22.86 71.25 -14.16
C SER A 128 -22.49 69.74 -14.13
N ASP A 129 -21.32 69.35 -13.61
CA ASP A 129 -20.99 67.90 -13.49
C ASP A 129 -20.01 67.64 -12.33
N PHE A 130 -20.35 66.68 -11.47
CA PHE A 130 -19.52 66.32 -10.31
C PHE A 130 -18.72 65.00 -10.49
N ASN A 131 -17.73 65.03 -11.39
CA ASN A 131 -16.85 63.91 -11.82
C ASN A 131 -16.02 62.98 -10.92
N LEU A 132 -16.36 61.69 -10.91
CA LEU A 132 -15.57 60.73 -10.17
C LEU A 132 -14.62 60.10 -11.19
N GLY A 133 -13.41 59.77 -10.75
CA GLY A 133 -12.39 59.13 -11.57
C GLY A 133 -11.62 58.27 -10.57
N PRO A 134 -12.16 57.07 -10.26
CA PRO A 134 -11.68 56.03 -9.32
C PRO A 134 -10.38 55.27 -9.57
N GLU A 135 -9.81 54.78 -8.47
CA GLU A 135 -8.57 54.00 -8.45
C GLU A 135 -8.83 52.77 -7.55
N PRO A 136 -9.61 51.78 -8.05
CA PRO A 136 -9.97 50.56 -7.32
C PRO A 136 -8.93 49.44 -7.31
N GLU A 137 -8.27 49.26 -6.17
CA GLU A 137 -7.26 48.25 -6.08
C GLU A 137 -7.88 46.91 -5.71
N PHE A 138 -7.11 45.82 -5.80
CA PHE A 138 -7.61 44.50 -5.42
C PHE A 138 -6.56 43.40 -5.25
N PHE A 139 -7.05 42.21 -4.91
CA PHE A 139 -6.25 41.02 -4.65
C PHE A 139 -6.73 39.82 -5.49
N LEU A 140 -5.85 38.83 -5.69
CA LEU A 140 -6.16 37.64 -6.47
C LEU A 140 -5.67 36.40 -5.76
N PHE A 141 -6.54 35.45 -5.47
CA PHE A 141 -6.11 34.21 -4.82
C PHE A 141 -6.17 33.05 -5.82
N LYS A 142 -5.39 32.00 -5.57
CA LYS A 142 -5.40 30.88 -6.49
C LYS A 142 -6.44 29.87 -6.03
N LEU A 143 -7.44 29.60 -6.87
CA LEU A 143 -8.49 28.64 -6.52
C LEU A 143 -7.93 27.24 -6.22
N ASP A 144 -8.69 26.47 -5.46
CA ASP A 144 -8.33 25.11 -5.07
C ASP A 144 -9.05 24.16 -6.04
N GLU A 145 -8.70 22.87 -6.01
CA GLU A 145 -9.32 21.94 -6.95
C GLU A 145 -10.82 21.91 -6.76
N LYS A 146 -11.25 22.03 -5.52
CA LYS A 146 -12.66 22.06 -5.28
C LYS A 146 -13.18 23.40 -5.78
N GLY A 147 -12.36 24.12 -6.53
CA GLY A 147 -12.75 25.42 -7.06
C GLY A 147 -13.13 26.41 -5.95
N GLU A 148 -12.28 26.49 -4.93
CA GLU A 148 -12.53 27.37 -3.79
C GLU A 148 -11.35 28.30 -3.42
N PRO A 149 -11.65 29.57 -3.09
CA PRO A 149 -10.56 30.47 -2.72
C PRO A 149 -9.65 29.89 -1.65
N THR A 150 -8.41 30.38 -1.64
CA THR A 150 -7.38 29.97 -0.67
C THR A 150 -6.65 31.23 -0.16
N LEU A 151 -5.66 31.06 0.70
CA LEU A 151 -4.87 32.17 1.27
C LEU A 151 -3.58 32.34 0.45
N GLU A 152 -3.61 31.78 -0.75
CA GLU A 152 -2.50 31.78 -1.69
C GLU A 152 -2.55 32.89 -2.72
N LEU A 153 -1.57 33.77 -2.67
CA LEU A 153 -1.49 34.90 -3.59
C LEU A 153 -1.11 34.42 -4.99
N ASN A 154 -1.66 35.04 -6.03
CA ASN A 154 -1.33 34.57 -7.36
C ASN A 154 0.07 34.93 -7.80
N ASP A 155 0.74 35.77 -7.01
CA ASP A 155 2.13 36.17 -7.29
C ASP A 155 2.82 36.84 -6.10
N LYS A 156 4.16 36.87 -6.10
CA LYS A 156 4.89 37.54 -5.03
C LYS A 156 5.34 38.88 -5.63
N GLY A 157 4.40 39.71 -6.06
CA GLY A 157 4.80 40.97 -6.64
C GLY A 157 4.90 42.17 -5.73
N GLY A 158 5.25 43.30 -6.33
CA GLY A 158 5.35 44.53 -5.58
C GLY A 158 4.95 45.74 -6.40
N TYR A 159 5.12 46.91 -5.80
CA TYR A 159 4.79 48.17 -6.44
C TYR A 159 5.18 48.45 -7.89
N PHE A 160 4.18 48.59 -8.76
CA PHE A 160 4.40 48.91 -10.17
C PHE A 160 5.37 47.97 -10.89
N ASP A 161 5.76 46.90 -10.24
CA ASP A 161 6.69 45.96 -10.84
C ASP A 161 6.11 45.39 -12.11
N LEU A 162 6.93 44.70 -12.87
CA LEU A 162 6.51 44.09 -14.12
C LEU A 162 5.74 42.82 -13.81
N ALA A 163 4.69 42.98 -13.00
CA ALA A 163 3.84 41.87 -12.55
C ALA A 163 3.77 40.80 -13.62
N PRO A 164 3.75 39.49 -13.22
CA PRO A 164 3.69 38.29 -14.04
C PRO A 164 3.75 38.57 -15.50
N THR A 165 4.81 38.14 -16.13
CA THR A 165 4.97 38.42 -17.52
C THR A 165 3.93 38.10 -18.57
N ASP A 166 4.32 38.62 -19.72
CA ASP A 166 3.75 38.55 -21.04
C ASP A 166 3.63 37.10 -21.31
N LEU A 167 4.28 36.34 -20.46
CA LEU A 167 4.22 34.94 -20.66
C LEU A 167 3.28 34.17 -19.75
N GLY A 168 2.15 33.84 -20.35
CA GLY A 168 1.13 33.08 -19.68
C GLY A 168 0.31 33.93 -18.76
N GLU A 169 0.93 34.55 -17.77
CA GLU A 169 0.05 35.28 -16.89
C GLU A 169 -0.54 36.64 -17.23
N ASN A 170 -0.45 37.53 -16.26
CA ASN A 170 -1.03 38.85 -16.37
C ASN A 170 -2.52 38.68 -16.57
N CYS A 171 -3.22 38.51 -15.46
CA CYS A 171 -4.67 38.40 -15.50
C CYS A 171 -5.07 39.83 -15.78
N ARG A 172 -4.23 40.74 -15.34
CA ARG A 172 -4.45 42.18 -15.53
C ARG A 172 -4.80 42.39 -17.00
N ARG A 173 -4.11 41.67 -17.88
CA ARG A 173 -4.34 41.79 -19.31
C ARG A 173 -5.72 41.29 -19.56
N ASP A 174 -5.90 39.97 -19.55
CA ASP A 174 -7.24 39.45 -19.81
C ASP A 174 -8.24 40.36 -19.09
N ILE A 175 -7.94 40.77 -17.86
CA ILE A 175 -8.85 41.67 -17.17
C ILE A 175 -8.95 43.01 -17.92
N VAL A 176 -7.82 43.67 -18.15
CA VAL A 176 -7.81 44.96 -18.85
C VAL A 176 -8.39 44.93 -20.26
N LEU A 177 -7.70 44.29 -21.19
CA LEU A 177 -8.14 44.20 -22.58
C LEU A 177 -9.60 43.81 -22.71
N GLU A 178 -10.09 42.94 -21.83
CA GLU A 178 -11.49 42.54 -21.87
C GLU A 178 -12.36 43.78 -21.74
N LEU A 179 -12.12 44.52 -20.67
CA LEU A 179 -12.84 45.73 -20.40
C LEU A 179 -12.77 46.70 -21.57
N GLU A 180 -11.77 46.54 -22.42
CA GLU A 180 -11.67 47.43 -23.57
C GLU A 180 -12.91 47.24 -24.43
N GLU A 181 -13.07 46.05 -25.02
CA GLU A 181 -14.23 45.77 -25.87
C GLU A 181 -15.56 46.23 -25.29
N MET A 182 -15.80 45.94 -24.02
CA MET A 182 -17.05 46.34 -23.39
C MET A 182 -17.28 47.86 -23.36
N GLY A 183 -16.41 48.63 -24.01
CA GLY A 183 -16.57 50.08 -24.04
C GLY A 183 -15.94 50.86 -22.91
N PHE A 184 -15.15 50.21 -22.06
CA PHE A 184 -14.48 50.88 -20.95
C PHE A 184 -13.35 51.79 -21.41
N GLU A 185 -12.76 52.51 -20.45
CA GLU A 185 -11.63 53.39 -20.76
C GLU A 185 -10.62 53.38 -19.61
N ILE A 186 -9.66 52.46 -19.70
CA ILE A 186 -8.61 52.26 -18.69
C ILE A 186 -7.34 53.13 -18.76
N GLU A 187 -7.26 54.06 -17.81
CA GLU A 187 -6.14 54.99 -17.65
C GLU A 187 -4.84 54.29 -17.83
N ALA A 188 -4.66 53.32 -16.95
CA ALA A 188 -3.50 52.50 -16.89
C ALA A 188 -3.78 51.46 -15.83
N SER A 189 -2.71 50.82 -15.42
CA SER A 189 -2.84 49.80 -14.40
C SER A 189 -1.44 49.49 -13.97
N HIS A 190 -1.34 48.80 -12.86
CA HIS A 190 -0.04 48.44 -12.40
C HIS A 190 -0.21 47.56 -11.21
N HIS A 191 0.78 46.71 -10.97
CA HIS A 191 0.76 45.79 -9.84
C HIS A 191 0.89 46.69 -8.60
N GLU A 192 0.12 46.44 -7.55
CA GLU A 192 0.20 47.33 -6.40
C GLU A 192 1.23 46.98 -5.33
N VAL A 193 1.07 47.56 -4.15
CA VAL A 193 2.05 47.38 -3.11
C VAL A 193 2.27 46.01 -2.54
N ALA A 194 1.20 45.21 -2.41
CA ALA A 194 1.41 43.89 -1.83
C ALA A 194 1.24 42.78 -2.86
N PRO A 195 1.85 41.62 -2.61
CA PRO A 195 1.88 40.39 -3.38
C PRO A 195 0.48 40.09 -3.87
N GLY A 196 0.27 40.32 -5.16
CA GLY A 196 -1.01 40.03 -5.76
C GLY A 196 -2.08 41.03 -5.49
N GLN A 197 -1.72 42.29 -5.33
CA GLN A 197 -2.74 43.28 -5.13
C GLN A 197 -2.51 44.10 -6.36
N HIS A 198 -3.46 44.10 -7.29
CA HIS A 198 -3.32 44.85 -8.53
C HIS A 198 -4.27 46.07 -8.51
N GLU A 199 -4.07 47.00 -9.46
CA GLU A 199 -4.89 48.21 -9.55
C GLU A 199 -5.21 48.62 -11.01
N ILE A 200 -6.48 48.91 -11.31
CA ILE A 200 -6.87 49.36 -12.66
C ILE A 200 -7.51 50.73 -12.49
N ASP A 201 -7.33 51.62 -13.46
CA ASP A 201 -7.86 52.96 -13.37
C ASP A 201 -8.59 53.40 -14.64
N PHE A 202 -9.78 53.96 -14.50
CA PHE A 202 -10.50 54.42 -15.69
C PHE A 202 -10.43 55.92 -15.80
N LYS A 203 -11.18 56.46 -16.76
CA LYS A 203 -11.22 57.89 -16.95
C LYS A 203 -12.42 58.40 -16.20
N TYR A 204 -12.41 59.68 -15.89
CA TYR A 204 -13.50 60.22 -15.13
C TYR A 204 -14.87 60.35 -15.82
N ALA A 205 -15.92 60.45 -15.02
CA ALA A 205 -17.27 60.55 -15.55
C ALA A 205 -18.20 60.99 -14.45
N GLY A 206 -19.36 61.55 -14.81
CA GLY A 206 -20.29 61.98 -13.80
C GLY A 206 -20.57 60.80 -12.90
N ALA A 207 -20.68 61.06 -11.60
CA ALA A 207 -20.94 60.03 -10.59
C ALA A 207 -21.82 58.88 -11.06
N VAL A 208 -22.97 59.20 -11.68
CA VAL A 208 -23.91 58.18 -12.17
C VAL A 208 -23.26 57.15 -13.06
N ARG A 209 -22.73 57.66 -14.16
CA ARG A 209 -22.04 56.89 -15.18
C ARG A 209 -20.80 56.13 -14.61
N SER A 210 -20.18 56.69 -13.57
CA SER A 210 -18.98 56.10 -12.96
C SER A 210 -19.24 54.95 -11.97
N CYS A 211 -20.07 55.20 -10.94
CA CYS A 211 -20.41 54.20 -9.92
C CYS A 211 -21.08 53.01 -10.59
N ASP A 212 -21.50 53.21 -11.83
CA ASP A 212 -22.14 52.16 -12.60
C ASP A 212 -21.01 51.27 -13.12
N ASP A 213 -19.88 51.92 -13.35
CA ASP A 213 -18.65 51.29 -13.85
C ASP A 213 -17.80 50.59 -12.82
N ILE A 214 -17.95 51.00 -11.56
CA ILE A 214 -17.22 50.35 -10.48
C ILE A 214 -17.92 49.00 -10.29
N GLN A 215 -19.24 49.01 -10.46
CA GLN A 215 -20.06 47.80 -10.34
C GLN A 215 -19.75 46.87 -11.50
N THR A 216 -19.87 47.37 -12.73
CA THR A 216 -19.58 46.54 -13.89
C THR A 216 -18.16 45.98 -13.71
N PHE A 217 -17.21 46.83 -13.39
CA PHE A 217 -15.82 46.42 -13.20
C PHE A 217 -15.77 45.18 -12.33
N LYS A 218 -16.16 45.37 -11.07
CA LYS A 218 -16.18 44.33 -10.05
C LYS A 218 -16.76 43.02 -10.56
N LEU A 219 -17.59 43.10 -11.58
CA LEU A 219 -18.18 41.91 -12.17
C LEU A 219 -17.05 41.30 -12.99
N VAL A 220 -16.74 41.99 -14.09
CA VAL A 220 -15.70 41.61 -15.05
C VAL A 220 -14.35 41.17 -14.45
N VAL A 221 -14.01 41.63 -13.24
CA VAL A 221 -12.74 41.18 -12.66
C VAL A 221 -13.02 39.80 -12.09
N LYS A 222 -13.99 39.77 -11.19
CA LYS A 222 -14.38 38.56 -10.48
C LYS A 222 -14.67 37.39 -11.38
N THR A 223 -15.19 37.67 -12.57
CA THR A 223 -15.59 36.63 -13.52
C THR A 223 -14.50 36.24 -14.53
N ILE A 224 -13.56 37.16 -14.74
CA ILE A 224 -12.41 36.96 -15.63
C ILE A 224 -11.31 36.36 -14.78
N ALA A 225 -11.31 36.75 -13.52
CA ALA A 225 -10.32 36.24 -12.61
C ALA A 225 -10.55 34.76 -12.35
N ARG A 226 -11.78 34.31 -12.59
CA ARG A 226 -12.16 32.93 -12.37
C ARG A 226 -11.84 32.03 -13.56
N LYS A 227 -11.98 32.59 -14.75
CA LYS A 227 -11.68 31.86 -15.95
C LYS A 227 -10.23 31.45 -15.80
N HIS A 228 -9.44 32.36 -15.22
CA HIS A 228 -8.02 32.12 -14.98
C HIS A 228 -7.85 31.29 -13.72
N GLY A 229 -8.96 30.83 -13.16
CA GLY A 229 -8.91 30.00 -11.97
C GLY A 229 -8.34 30.67 -10.73
N LEU A 230 -8.53 31.97 -10.60
CA LEU A 230 -8.04 32.69 -9.43
C LEU A 230 -9.17 33.50 -8.83
N HIS A 231 -9.24 33.48 -7.51
CA HIS A 231 -10.23 34.22 -6.75
C HIS A 231 -9.82 35.69 -6.89
N ALA A 232 -10.80 36.58 -7.00
CA ALA A 232 -10.47 37.99 -7.04
C ALA A 232 -11.12 38.40 -5.73
N THR A 233 -10.72 39.54 -5.18
CA THR A 233 -11.34 39.98 -3.96
C THR A 233 -10.95 41.40 -3.65
N PHE A 234 -12.01 42.20 -3.58
CA PHE A 234 -11.92 43.61 -3.29
C PHE A 234 -12.05 43.83 -1.79
N MET A 235 -12.08 42.74 -1.03
CA MET A 235 -12.16 42.87 0.42
C MET A 235 -11.11 43.97 0.74
N PRO A 236 -11.33 44.75 1.81
CA PRO A 236 -10.53 45.86 2.35
C PRO A 236 -9.09 45.63 2.82
N LYS A 237 -8.92 44.69 3.75
CA LYS A 237 -7.61 44.31 4.30
C LYS A 237 -7.65 42.81 4.52
N PRO A 238 -7.81 42.05 3.42
CA PRO A 238 -7.86 40.59 3.47
C PRO A 238 -6.85 39.96 4.42
N LEU A 239 -5.55 40.11 4.18
CA LEU A 239 -4.59 39.49 5.10
C LEU A 239 -4.20 40.44 6.21
N PHE A 240 -3.66 39.88 7.29
CA PHE A 240 -3.23 40.73 8.38
C PHE A 240 -1.84 41.17 8.00
N GLY A 241 -1.53 42.44 8.25
CA GLY A 241 -0.22 42.94 7.95
C GLY A 241 0.22 42.74 6.51
N VAL A 242 -0.57 43.28 5.60
CA VAL A 242 -0.31 43.24 4.16
C VAL A 242 -1.22 44.36 3.61
N ASN A 243 -0.69 45.15 2.69
CA ASN A 243 -1.42 46.26 2.09
C ASN A 243 -2.91 46.05 1.92
N GLY A 244 -3.70 47.00 2.42
CA GLY A 244 -5.14 46.90 2.30
C GLY A 244 -5.46 47.30 0.88
N SER A 245 -6.66 47.02 0.40
CA SER A 245 -7.05 47.41 -0.95
C SER A 245 -7.93 48.63 -0.71
N GLY A 246 -7.70 49.69 -1.48
CA GLY A 246 -8.46 50.92 -1.33
C GLY A 246 -8.98 51.43 -2.67
N MET A 247 -10.05 52.22 -2.57
CA MET A 247 -10.70 52.78 -3.74
C MET A 247 -10.60 54.26 -3.88
N HIS A 248 -9.37 54.74 -3.97
CA HIS A 248 -9.12 56.18 -4.10
C HIS A 248 -10.21 56.80 -5.01
N CYS A 249 -10.81 57.91 -4.52
CA CYS A 249 -11.88 58.64 -5.22
C CYS A 249 -11.53 60.07 -5.61
N ASN A 250 -11.43 60.34 -6.92
CA ASN A 250 -11.07 61.67 -7.48
C ASN A 250 -12.25 62.60 -7.89
N LEU A 251 -12.57 63.59 -7.04
CA LEU A 251 -13.68 64.53 -7.28
C LEU A 251 -13.39 65.90 -7.90
N SER A 252 -14.11 66.19 -8.99
CA SER A 252 -13.97 67.45 -9.71
C SER A 252 -15.32 68.16 -10.03
N LEU A 253 -15.64 69.16 -9.21
CA LEU A 253 -16.85 69.94 -9.39
C LEU A 253 -16.67 70.93 -10.52
N PHE A 254 -17.38 70.73 -11.61
CA PHE A 254 -17.29 71.65 -12.70
C PHE A 254 -18.44 72.62 -12.62
N LYS A 255 -18.44 73.55 -13.57
CA LYS A 255 -19.48 74.57 -13.75
C LYS A 255 -19.15 75.41 -14.98
N ASN A 256 -19.81 75.08 -16.08
CA ASN A 256 -19.68 75.73 -17.37
C ASN A 256 -18.56 75.11 -18.21
N GLY A 257 -18.61 73.77 -18.23
CA GLY A 257 -17.66 72.94 -18.96
C GLY A 257 -16.29 73.32 -18.44
N VAL A 258 -16.33 74.02 -17.32
CA VAL A 258 -15.14 74.55 -16.70
C VAL A 258 -14.92 74.00 -15.27
N ASN A 259 -13.69 73.55 -14.99
CA ASN A 259 -13.33 73.03 -13.67
C ASN A 259 -13.42 74.13 -12.58
N ALA A 260 -14.38 74.02 -11.67
CA ALA A 260 -14.50 75.07 -10.68
C ALA A 260 -13.34 75.21 -9.72
N PHE A 261 -12.66 74.11 -9.39
CA PHE A 261 -11.52 74.14 -8.45
C PHE A 261 -10.31 74.94 -8.97
N PHE A 262 -10.37 75.30 -10.24
CA PHE A 262 -9.28 75.99 -10.85
C PHE A 262 -9.34 77.50 -10.72
N ASP A 263 -8.17 78.12 -10.52
CA ASP A 263 -8.09 79.57 -10.33
C ASP A 263 -6.62 80.01 -10.43
N GLU A 264 -5.99 79.87 -11.61
CA GLU A 264 -4.56 80.24 -11.80
C GLU A 264 -4.09 81.41 -10.97
N ASN A 265 -4.93 82.43 -10.92
CA ASN A 265 -4.64 83.66 -10.22
C ASN A 265 -4.52 83.50 -8.70
N ALA A 266 -4.72 82.28 -8.20
CA ALA A 266 -4.66 82.06 -6.75
C ALA A 266 -3.68 81.04 -6.14
N ASP A 267 -3.82 80.87 -4.84
CA ASP A 267 -3.00 80.00 -4.00
C ASP A 267 -3.28 78.51 -4.09
N LEU A 268 -2.37 77.83 -4.77
CA LEU A 268 -2.44 76.41 -5.08
C LEU A 268 -3.29 76.33 -6.36
N GLN A 269 -3.81 77.47 -6.80
CA GLN A 269 -4.63 77.55 -8.00
C GLN A 269 -5.95 76.81 -7.77
N LEU A 270 -6.29 76.74 -6.49
CA LEU A 270 -7.52 76.12 -6.03
C LEU A 270 -8.54 77.23 -5.99
N SER A 271 -9.73 76.99 -6.51
CA SER A 271 -10.77 78.01 -6.46
C SER A 271 -11.22 78.15 -5.03
N GLU A 272 -11.65 79.33 -4.65
CA GLU A 272 -12.11 79.49 -3.30
C GLU A 272 -13.09 78.35 -3.15
N THR A 273 -13.87 78.11 -4.21
CA THR A 273 -14.86 77.03 -4.25
C THR A 273 -14.29 75.70 -3.77
N ALA A 274 -13.13 75.34 -4.31
CA ALA A 274 -12.42 74.09 -3.99
C ALA A 274 -11.97 74.02 -2.54
N LYS A 275 -11.94 75.16 -1.87
CA LYS A 275 -11.54 75.22 -0.48
C LYS A 275 -12.79 74.89 0.32
N HIS A 276 -13.93 75.22 -0.27
CA HIS A 276 -15.22 74.99 0.36
C HIS A 276 -15.59 73.49 0.36
N PHE A 277 -15.15 72.79 -0.68
CA PHE A 277 -15.40 71.37 -0.84
C PHE A 277 -14.52 70.66 0.19
N ILE A 278 -13.23 70.99 0.15
CA ILE A 278 -12.18 70.41 1.01
C ILE A 278 -12.38 70.68 2.48
N ALA A 279 -12.94 71.83 2.80
CA ALA A 279 -13.13 72.13 4.21
C ALA A 279 -14.37 71.37 4.68
N GLY A 280 -15.48 71.58 3.97
CA GLY A 280 -16.74 70.94 4.30
C GLY A 280 -16.59 69.45 4.45
N ILE A 281 -15.72 68.84 3.64
CA ILE A 281 -15.47 67.40 3.68
C ILE A 281 -14.68 66.99 4.92
N VAL A 282 -13.86 67.91 5.45
CA VAL A 282 -13.06 67.62 6.62
C VAL A 282 -13.89 67.61 7.87
N LYS A 283 -15.04 68.26 7.78
CA LYS A 283 -15.94 68.34 8.91
C LYS A 283 -16.54 66.98 9.18
N HIS A 284 -17.25 66.47 8.19
CA HIS A 284 -17.92 65.18 8.31
C HIS A 284 -16.99 64.03 7.94
N ALA A 285 -15.69 64.24 8.04
CA ALA A 285 -14.77 63.17 7.69
C ALA A 285 -15.20 61.94 8.46
N THR A 286 -15.03 62.00 9.77
CA THR A 286 -15.39 60.88 10.63
C THR A 286 -16.88 60.53 10.63
N SER A 287 -17.73 61.42 10.14
CA SER A 287 -19.18 61.18 10.11
C SER A 287 -19.54 60.16 9.01
N PHE A 288 -19.16 60.44 7.77
CA PHE A 288 -19.49 59.54 6.65
C PHE A 288 -18.47 58.42 6.44
N THR A 289 -17.61 58.25 7.43
CA THR A 289 -16.59 57.21 7.37
C THR A 289 -17.27 55.84 7.28
N ALA A 290 -18.37 55.69 8.03
CA ALA A 290 -19.11 54.44 8.16
C ALA A 290 -19.54 53.97 6.83
N VAL A 291 -19.88 54.93 5.99
CA VAL A 291 -20.34 54.58 4.67
C VAL A 291 -19.20 54.24 3.73
N THR A 292 -18.39 55.23 3.37
CA THR A 292 -17.31 54.97 2.46
C THR A 292 -16.49 53.79 2.95
N ASN A 293 -16.54 53.52 4.26
CA ASN A 293 -15.81 52.38 4.87
C ASN A 293 -16.83 51.54 5.63
N PRO A 294 -17.91 51.08 4.95
CA PRO A 294 -19.06 50.28 5.38
C PRO A 294 -18.88 48.90 5.98
N THR A 295 -17.66 48.39 6.08
CA THR A 295 -17.50 47.05 6.62
C THR A 295 -16.58 46.94 7.82
N VAL A 296 -16.70 45.82 8.53
CA VAL A 296 -15.93 45.55 9.74
C VAL A 296 -14.42 45.46 9.54
N ASN A 297 -14.02 44.95 8.38
CA ASN A 297 -12.62 44.76 8.00
C ASN A 297 -11.89 46.07 7.63
N SER A 298 -12.62 47.03 7.07
CA SER A 298 -12.08 48.34 6.66
C SER A 298 -11.24 48.87 7.81
N TYR A 299 -11.65 48.52 9.01
CA TYR A 299 -10.96 49.00 10.20
C TYR A 299 -9.69 48.26 10.57
N LYS A 300 -9.41 47.16 9.87
CA LYS A 300 -8.17 46.43 10.09
C LYS A 300 -7.32 46.92 8.92
N ARG A 301 -7.95 47.72 8.05
CA ARG A 301 -7.31 48.33 6.89
C ARG A 301 -6.99 49.75 7.30
N LEU A 302 -7.66 50.22 8.35
CA LEU A 302 -7.42 51.57 8.84
C LEU A 302 -6.50 51.56 10.06
N VAL A 303 -5.30 51.02 9.84
CA VAL A 303 -4.31 50.96 10.88
C VAL A 303 -3.21 51.89 10.35
N PRO A 304 -2.58 52.65 11.25
CA PRO A 304 -1.51 53.57 10.83
C PRO A 304 -0.36 52.80 10.17
N GLY A 305 0.14 53.32 9.06
CA GLY A 305 1.27 52.66 8.45
C GLY A 305 1.21 52.09 7.09
N TYR A 306 0.29 51.16 6.84
CA TYR A 306 0.18 50.49 5.55
C TYR A 306 -0.15 51.42 4.39
N GLU A 307 0.01 52.71 4.66
CA GLU A 307 -0.25 53.78 3.70
C GLU A 307 -1.71 54.20 3.77
N ALA A 308 -2.46 53.52 4.63
CA ALA A 308 -3.89 53.82 4.80
C ALA A 308 -4.03 54.90 5.83
N PRO A 309 -4.82 55.93 5.52
CA PRO A 309 -5.11 57.09 6.33
C PRO A 309 -5.84 56.71 7.57
N CYS A 310 -5.84 57.65 8.50
CA CYS A 310 -6.50 57.45 9.76
C CYS A 310 -6.92 58.86 10.13
N TYR A 311 -5.95 59.78 10.10
CA TYR A 311 -6.19 61.16 10.50
C TYR A 311 -6.70 62.12 9.45
N VAL A 312 -7.75 62.82 9.89
CA VAL A 312 -8.45 63.84 9.12
C VAL A 312 -7.61 65.09 8.97
N ALA A 313 -7.08 65.26 7.77
CA ALA A 313 -6.23 66.38 7.44
C ALA A 313 -6.00 66.29 5.94
N TRP A 314 -5.61 67.40 5.34
CA TRP A 314 -5.38 67.39 3.91
C TRP A 314 -4.02 68.03 3.58
N SER A 315 -3.54 67.75 2.37
CA SER A 315 -2.25 68.29 1.92
C SER A 315 -2.12 67.94 0.47
N ALA A 316 -0.88 67.94 -0.04
CA ALA A 316 -0.61 67.55 -1.42
C ALA A 316 0.69 66.77 -1.41
N GLN A 317 1.30 66.73 -0.22
CA GLN A 317 2.55 66.05 0.00
C GLN A 317 2.71 65.66 1.48
N ASN A 318 2.24 64.47 1.82
CA ASN A 318 2.33 63.87 3.17
C ASN A 318 1.92 62.38 3.06
N ARG A 319 2.56 61.51 3.85
CA ARG A 319 2.20 60.09 3.79
C ARG A 319 0.82 59.86 4.39
N SER A 320 0.08 58.95 3.78
CA SER A 320 -1.27 58.58 4.21
C SER A 320 -2.23 59.69 4.67
N PRO A 321 -2.49 60.71 3.84
CA PRO A 321 -3.43 61.68 4.41
C PRO A 321 -4.86 61.28 4.01
N LEU A 322 -5.86 61.93 4.63
CA LEU A 322 -7.24 61.61 4.34
C LEU A 322 -7.73 62.19 3.04
N ILE A 323 -7.35 63.44 2.76
CA ILE A 323 -7.72 64.10 1.50
C ILE A 323 -6.41 64.44 0.85
N ARG A 324 -6.28 64.13 -0.43
CA ARG A 324 -5.07 64.45 -1.17
C ARG A 324 -5.45 65.35 -2.31
N ILE A 325 -4.53 66.24 -2.66
CA ILE A 325 -4.79 67.15 -3.72
C ILE A 325 -3.73 66.84 -4.75
N PRO A 326 -4.11 66.10 -5.80
CA PRO A 326 -3.11 65.76 -6.81
C PRO A 326 -2.50 67.00 -7.47
N ALA A 327 -1.28 66.84 -7.94
CA ALA A 327 -0.51 67.92 -8.56
C ALA A 327 -0.94 68.52 -9.93
N SER A 328 -1.49 67.72 -10.83
CA SER A 328 -1.87 68.26 -12.14
C SER A 328 -3.11 69.15 -12.13
N ARG A 329 -2.99 70.35 -12.69
CA ARG A 329 -4.12 71.29 -12.77
C ARG A 329 -4.82 71.46 -14.15
N GLY A 330 -5.50 72.59 -14.32
CA GLY A 330 -6.18 72.83 -15.58
C GLY A 330 -7.50 72.13 -15.46
N ILE A 331 -7.74 71.10 -16.28
CA ILE A 331 -9.00 70.37 -16.19
C ILE A 331 -8.90 69.32 -15.10
N SER A 332 -7.69 68.92 -14.76
CA SER A 332 -7.52 67.87 -13.79
C SER A 332 -7.29 68.25 -12.34
N THR A 333 -7.83 69.38 -11.91
CA THR A 333 -7.71 69.81 -10.52
C THR A 333 -8.79 69.07 -9.73
N ARG A 334 -8.40 68.11 -8.90
CA ARG A 334 -9.38 67.27 -8.18
C ARG A 334 -9.05 66.87 -6.75
N VAL A 335 -10.05 66.91 -5.89
CA VAL A 335 -9.90 66.58 -4.48
C VAL A 335 -10.03 65.08 -4.15
N GLU A 336 -8.94 64.34 -4.30
CA GLU A 336 -8.87 62.89 -4.01
C GLU A 336 -9.16 62.57 -2.54
N VAL A 337 -10.10 61.68 -2.27
CA VAL A 337 -10.41 61.28 -0.89
C VAL A 337 -9.95 59.84 -0.80
N ARG A 338 -8.92 59.61 0.01
CA ARG A 338 -8.29 58.30 0.13
C ARG A 338 -8.75 57.34 1.21
N SER A 339 -9.75 57.71 2.01
CA SER A 339 -10.16 56.73 3.00
C SER A 339 -11.02 55.61 2.38
N VAL A 340 -11.71 55.87 1.26
CA VAL A 340 -12.60 54.86 0.65
C VAL A 340 -11.95 53.57 0.25
N ASP A 341 -12.78 52.53 0.24
CA ASP A 341 -12.33 51.20 -0.17
C ASP A 341 -13.45 50.49 -0.94
N PRO A 342 -13.07 49.61 -1.89
CA PRO A 342 -13.92 48.80 -2.77
C PRO A 342 -15.21 48.22 -2.13
N ALA A 343 -15.18 48.01 -0.82
CA ALA A 343 -16.32 47.46 -0.06
C ALA A 343 -17.44 48.44 -0.21
N ALA A 344 -17.08 49.72 -0.14
CA ALA A 344 -18.01 50.83 -0.22
C ALA A 344 -18.97 50.84 -1.42
N ASN A 345 -20.23 51.11 -1.12
CA ASN A 345 -21.29 51.20 -2.11
C ASN A 345 -21.02 52.52 -2.82
N PRO A 346 -20.68 52.47 -4.13
CA PRO A 346 -20.39 53.65 -4.93
C PRO A 346 -21.43 54.74 -4.78
N TYR A 347 -22.65 54.44 -5.20
CA TYR A 347 -23.68 55.46 -5.14
C TYR A 347 -23.76 56.03 -3.72
N LEU A 348 -23.66 55.17 -2.70
CA LEU A 348 -23.71 55.67 -1.31
C LEU A 348 -22.50 56.48 -0.83
N ALA A 349 -21.31 56.17 -1.36
CA ALA A 349 -20.08 56.87 -1.00
C ALA A 349 -20.10 58.27 -1.62
N LEU A 350 -20.54 58.35 -2.88
CA LEU A 350 -20.65 59.61 -3.63
C LEU A 350 -21.64 60.56 -3.03
N SER A 351 -22.80 60.00 -2.69
CA SER A 351 -23.87 60.76 -2.07
C SER A 351 -23.35 61.48 -0.83
N VAL A 352 -22.65 60.73 0.04
CA VAL A 352 -22.13 61.32 1.26
C VAL A 352 -20.90 62.21 1.05
N LEU A 353 -20.08 61.89 0.04
CA LEU A 353 -18.86 62.66 -0.26
C LEU A 353 -19.23 64.01 -0.87
N LEU A 354 -20.14 63.95 -1.85
CA LEU A 354 -20.59 65.15 -2.52
C LEU A 354 -21.39 66.01 -1.56
N ALA A 355 -22.43 65.45 -0.97
CA ALA A 355 -23.24 66.21 -0.03
C ALA A 355 -22.39 66.84 1.09
N ALA A 356 -21.41 66.08 1.60
CA ALA A 356 -20.53 66.57 2.65
C ALA A 356 -19.66 67.65 2.06
N GLY A 357 -19.45 67.58 0.76
CA GLY A 357 -18.67 68.59 0.08
C GLY A 357 -19.53 69.77 -0.33
N LEU A 358 -20.77 69.48 -0.73
CA LEU A 358 -21.70 70.52 -1.13
C LEU A 358 -22.21 71.31 0.05
N ASP A 359 -21.79 70.95 1.26
CA ASP A 359 -22.18 71.67 2.49
C ASP A 359 -21.25 72.87 2.58
N GLY A 360 -19.98 72.56 2.32
CA GLY A 360 -18.92 73.55 2.36
C GLY A 360 -19.11 74.67 1.34
N ILE A 361 -19.75 74.37 0.21
CA ILE A 361 -19.97 75.41 -0.80
C ILE A 361 -21.29 76.21 -0.62
N LYS A 362 -22.09 75.89 0.39
CA LYS A 362 -23.34 76.62 0.61
C LYS A 362 -23.47 77.21 2.01
N ASN A 363 -22.38 77.16 2.77
CA ASN A 363 -22.29 77.73 4.11
C ASN A 363 -20.84 78.16 4.13
N LYS A 364 -20.30 78.33 2.92
CA LYS A 364 -18.92 78.74 2.68
C LYS A 364 -18.03 78.53 3.89
N LEU A 365 -17.54 77.32 4.05
CA LEU A 365 -16.70 77.04 5.19
C LEU A 365 -15.23 77.39 4.91
N GLU A 366 -14.38 77.23 5.93
CA GLU A 366 -12.96 77.55 5.85
C GLU A 366 -12.05 76.34 6.03
N ALA A 367 -11.29 76.03 5.00
CA ALA A 367 -10.39 74.91 5.05
C ALA A 367 -9.54 75.00 6.28
N PRO A 368 -9.20 73.87 6.87
CA PRO A 368 -8.33 74.18 8.00
C PRO A 368 -7.00 74.14 7.24
N ALA A 369 -5.87 74.39 7.90
CA ALA A 369 -4.58 74.40 7.21
C ALA A 369 -3.91 73.03 6.93
N PRO A 370 -3.59 72.74 5.65
CA PRO A 370 -2.95 71.47 5.29
C PRO A 370 -1.84 71.05 6.25
N ILE A 371 -1.70 69.75 6.44
CA ILE A 371 -0.66 69.22 7.33
C ILE A 371 0.43 68.67 6.45
N ASP A 372 1.54 69.37 6.37
CA ASP A 372 2.66 68.90 5.57
C ASP A 372 3.80 68.52 6.51
N ARG A 373 3.83 69.14 7.69
CA ARG A 373 4.86 68.90 8.72
C ARG A 373 4.85 67.42 9.05
N ASN A 374 3.63 66.90 9.22
CA ASN A 374 3.36 65.49 9.50
C ASN A 374 2.64 65.20 10.82
N ILE A 375 1.77 64.21 10.72
CA ILE A 375 0.94 63.73 11.82
C ILE A 375 1.49 62.42 12.39
N TYR A 376 2.18 61.66 11.52
CA TYR A 376 2.75 60.37 11.88
C TYR A 376 4.06 60.47 12.64
N VAL A 377 4.38 61.67 13.08
CA VAL A 377 5.57 61.91 13.86
C VAL A 377 5.03 62.58 15.12
N MET A 378 3.80 63.06 15.00
CA MET A 378 3.12 63.67 16.11
C MET A 378 2.54 62.50 16.85
N SER A 379 1.86 62.78 17.96
CA SER A 379 1.22 61.74 18.76
C SER A 379 -0.27 61.97 18.60
N LYS A 380 -1.09 61.05 19.08
CA LYS A 380 -2.53 61.23 18.96
C LYS A 380 -2.94 62.53 19.68
N GLU A 381 -2.47 62.72 20.93
CA GLU A 381 -2.82 63.89 21.75
C GLU A 381 -2.27 65.23 21.28
N GLU A 382 -1.29 65.18 20.39
CA GLU A 382 -0.66 66.39 19.87
C GLU A 382 -1.45 66.88 18.65
N ARG A 383 -1.73 65.97 17.73
CA ARG A 383 -2.48 66.32 16.53
C ARG A 383 -3.84 66.88 16.93
N MET A 384 -4.36 66.38 18.05
CA MET A 384 -5.66 66.77 18.60
C MET A 384 -5.80 68.28 18.86
N GLU A 385 -4.67 68.95 19.13
CA GLU A 385 -4.62 70.39 19.43
C GLU A 385 -5.04 71.25 18.23
N ASN A 386 -4.88 70.68 17.02
CA ASN A 386 -5.26 71.34 15.77
C ASN A 386 -6.51 70.64 15.26
N GLY A 387 -6.92 70.98 14.04
CA GLY A 387 -8.10 70.38 13.46
C GLY A 387 -8.00 68.89 13.17
N ILE A 388 -6.94 68.23 13.64
CA ILE A 388 -6.71 66.80 13.41
C ILE A 388 -7.36 65.83 14.40
N VAL A 389 -8.41 65.16 13.92
CA VAL A 389 -9.14 64.19 14.72
C VAL A 389 -8.95 62.84 14.07
N ASP A 390 -8.65 61.84 14.88
CA ASP A 390 -8.47 60.49 14.37
C ASP A 390 -9.76 60.08 13.63
N LEU A 391 -9.71 59.00 12.84
CA LEU A 391 -10.92 58.53 12.20
C LEU A 391 -11.42 57.51 13.22
N PRO A 392 -12.59 56.89 13.00
CA PRO A 392 -13.04 55.93 14.01
C PRO A 392 -12.06 54.75 14.08
N ALA A 393 -12.33 53.80 15.00
CA ALA A 393 -11.50 52.60 15.14
C ALA A 393 -12.31 51.35 14.76
N THR A 394 -13.64 51.54 14.64
CA THR A 394 -14.62 50.50 14.28
C THR A 394 -15.85 50.94 13.46
N LEU A 395 -16.50 49.97 12.83
CA LEU A 395 -17.69 50.25 12.05
C LEU A 395 -18.70 50.76 13.05
N ALA A 396 -18.40 50.52 14.33
CA ALA A 396 -19.24 50.89 15.47
C ALA A 396 -18.95 52.26 16.09
N GLU A 397 -17.67 52.60 16.22
CA GLU A 397 -17.24 53.88 16.76
C GLU A 397 -17.60 54.89 15.66
N ALA A 398 -17.79 54.35 14.46
CA ALA A 398 -18.14 55.13 13.27
C ALA A 398 -19.63 55.40 13.18
N LEU A 399 -20.42 54.35 13.36
CA LEU A 399 -21.88 54.43 13.30
C LEU A 399 -22.41 55.48 14.27
N GLU A 400 -21.65 55.75 15.32
CA GLU A 400 -22.04 56.71 16.32
C GLU A 400 -21.75 58.12 15.80
N GLU A 401 -21.08 58.19 14.66
CA GLU A 401 -20.73 59.47 14.06
C GLU A 401 -21.56 59.74 12.82
N PHE A 402 -22.04 58.67 12.20
CA PHE A 402 -22.83 58.78 10.99
C PHE A 402 -24.28 59.02 11.39
N LYS A 403 -24.60 58.60 12.62
CA LYS A 403 -25.93 58.78 13.18
C LYS A 403 -26.01 60.23 13.66
N SER A 404 -25.07 60.56 14.54
CA SER A 404 -24.98 61.90 15.10
C SER A 404 -25.06 63.00 14.07
N ASN A 405 -24.46 62.77 12.91
CA ASN A 405 -24.40 63.77 11.84
C ASN A 405 -25.65 64.02 10.99
N GLU A 406 -26.32 65.13 11.31
CA GLU A 406 -27.57 65.54 10.66
C GLU A 406 -27.53 65.77 9.16
N VAL A 407 -26.33 65.92 8.60
CA VAL A 407 -26.24 66.17 7.16
C VAL A 407 -26.19 64.90 6.33
N MET A 408 -25.54 63.87 6.87
CA MET A 408 -25.46 62.59 6.17
C MET A 408 -26.88 62.07 6.14
N VAL A 409 -27.61 62.35 7.23
CA VAL A 409 -29.00 61.96 7.39
C VAL A 409 -29.84 62.77 6.39
N LYS A 410 -29.14 63.43 5.48
CA LYS A 410 -29.80 64.25 4.49
C LYS A 410 -29.20 63.90 3.15
N ALA A 411 -28.31 62.93 3.18
CA ALA A 411 -27.70 62.45 1.97
C ALA A 411 -28.39 61.11 1.69
N LEU A 412 -28.86 60.46 2.76
CA LEU A 412 -29.46 59.14 2.66
C LEU A 412 -30.95 58.97 2.99
N GLY A 413 -31.68 60.08 3.12
CA GLY A 413 -33.11 59.97 3.40
C GLY A 413 -33.50 59.20 4.65
N GLU A 414 -34.72 59.42 5.11
CA GLU A 414 -35.17 58.73 6.31
C GLU A 414 -35.13 57.24 6.01
N HIS A 415 -35.31 56.86 4.76
CA HIS A 415 -35.32 55.43 4.41
C HIS A 415 -33.94 54.76 4.40
N LEU A 416 -33.06 55.18 3.49
CA LEU A 416 -31.73 54.57 3.40
C LEU A 416 -30.82 54.72 4.60
N PHE A 417 -30.93 55.84 5.27
CA PHE A 417 -30.11 56.05 6.45
C PHE A 417 -30.61 55.06 7.52
N GLU A 418 -31.91 54.85 7.57
CA GLU A 418 -32.42 53.94 8.56
C GLU A 418 -31.88 52.54 8.28
N HIS A 419 -32.29 51.89 7.19
CA HIS A 419 -31.78 50.53 6.92
C HIS A 419 -30.30 50.29 6.74
N PHE A 420 -29.53 51.35 6.52
CA PHE A 420 -28.11 51.15 6.43
C PHE A 420 -27.73 50.93 7.90
N ILE A 421 -28.17 51.85 8.75
CA ILE A 421 -27.91 51.76 10.19
C ILE A 421 -28.54 50.47 10.74
N GLU A 422 -29.76 50.17 10.33
CA GLU A 422 -30.43 48.97 10.79
C GLU A 422 -29.47 47.80 10.63
N ALA A 423 -29.02 47.63 9.39
CA ALA A 423 -28.14 46.54 8.97
C ALA A 423 -26.73 46.44 9.54
N LYS A 424 -26.09 47.57 9.84
CA LYS A 424 -24.72 47.53 10.33
C LYS A 424 -24.50 47.34 11.82
N GLU A 425 -25.54 47.01 12.55
CA GLU A 425 -25.35 46.86 13.97
C GLU A 425 -25.74 45.45 14.29
N ILE A 426 -26.15 44.79 13.23
CA ILE A 426 -26.51 43.40 13.26
C ILE A 426 -25.23 42.81 12.67
N GLU A 427 -24.58 43.61 11.83
CA GLU A 427 -23.32 43.22 11.23
C GLU A 427 -22.34 43.25 12.38
N TRP A 428 -22.06 44.47 12.84
CA TRP A 428 -21.13 44.70 13.95
C TRP A 428 -21.41 43.78 15.10
N ASP A 429 -22.71 43.59 15.37
CA ASP A 429 -23.20 42.75 16.46
C ASP A 429 -23.05 41.26 16.14
N MET A 430 -22.93 40.92 14.87
CA MET A 430 -22.72 39.54 14.53
C MET A 430 -21.27 39.25 14.82
N PHE A 431 -20.42 40.23 14.53
CA PHE A 431 -18.97 40.15 14.72
C PHE A 431 -18.43 40.42 16.13
N ARG A 432 -19.28 40.77 17.08
CA ARG A 432 -18.74 41.06 18.40
C ARG A 432 -19.19 40.02 19.42
N THR A 433 -20.13 39.18 19.03
CA THR A 433 -20.62 38.16 19.95
C THR A 433 -20.04 36.81 19.56
N GLN A 434 -19.21 36.86 18.52
CA GLN A 434 -18.54 35.66 18.02
C GLN A 434 -17.37 35.39 18.95
N VAL A 435 -16.74 34.24 18.79
CA VAL A 435 -15.59 33.89 19.61
C VAL A 435 -14.52 33.32 18.69
N HIS A 436 -13.88 34.26 18.01
CA HIS A 436 -12.82 34.02 17.05
C HIS A 436 -11.66 33.23 17.69
N PRO A 437 -10.82 32.57 16.86
CA PRO A 437 -9.65 31.75 17.21
C PRO A 437 -8.48 32.44 17.92
N TRP A 438 -8.36 33.74 17.75
CA TRP A 438 -7.30 34.50 18.40
C TRP A 438 -7.63 34.42 19.86
N GLU A 439 -8.92 34.56 20.14
CA GLU A 439 -9.40 34.54 21.50
C GLU A 439 -9.12 33.23 22.20
N ARG A 440 -8.60 32.25 21.45
CA ARG A 440 -8.26 30.96 22.04
C ARG A 440 -6.73 30.90 22.18
N GLU A 441 -6.04 31.54 21.23
CA GLU A 441 -4.57 31.61 21.19
C GLU A 441 -4.05 32.59 22.26
N GLN A 442 -5.00 33.24 22.92
CA GLN A 442 -4.70 34.23 23.94
C GLN A 442 -5.14 33.84 25.32
N TYR A 443 -6.37 33.35 25.40
CA TYR A 443 -6.97 33.03 26.68
C TYR A 443 -7.22 31.59 27.11
N MET A 444 -6.78 30.58 26.32
CA MET A 444 -7.02 29.21 26.74
C MET A 444 -5.90 28.58 27.60
N SER A 445 -4.64 28.80 27.22
CA SER A 445 -3.49 28.25 27.95
C SER A 445 -3.09 29.11 29.16
N GLN A 446 -3.06 30.42 29.00
CA GLN A 446 -2.69 31.32 30.09
C GLN A 446 -3.68 31.26 31.25
N TYR A 447 -4.89 31.75 30.97
CA TYR A 447 -5.96 31.80 31.95
C TYR A 447 -6.55 30.42 32.26
N ALA B 5 -31.53 -39.56 46.91
CA ALA B 5 -32.97 -39.68 46.59
C ALA B 5 -33.59 -38.51 45.87
N LYS B 6 -34.75 -38.15 46.40
CA LYS B 6 -35.50 -37.04 45.91
C LYS B 6 -35.17 -36.01 46.96
N TYR B 7 -34.64 -34.87 46.53
CA TYR B 7 -34.29 -33.80 47.46
C TYR B 7 -35.48 -33.22 48.23
N THR B 8 -35.35 -33.09 49.55
CA THR B 8 -36.42 -32.50 50.37
C THR B 8 -35.90 -31.09 50.67
N ARG B 9 -36.79 -30.16 50.93
CA ARG B 9 -36.41 -28.77 51.15
C ARG B 9 -35.16 -28.43 52.00
N GLU B 10 -35.10 -28.96 53.23
CA GLU B 10 -33.98 -28.72 54.15
C GLU B 10 -32.72 -29.02 53.38
N ASP B 11 -32.89 -30.01 52.51
CA ASP B 11 -31.87 -30.57 51.65
C ASP B 11 -31.27 -29.57 50.72
N ILE B 12 -31.98 -29.27 49.64
CA ILE B 12 -31.49 -28.34 48.65
C ILE B 12 -30.95 -27.12 49.34
N GLU B 13 -31.68 -26.62 50.34
CA GLU B 13 -31.25 -25.45 51.08
C GLU B 13 -29.81 -25.66 51.54
N LYS B 14 -29.55 -26.75 52.27
CA LYS B 14 -28.19 -27.04 52.74
C LYS B 14 -27.22 -26.89 51.56
N LEU B 15 -27.56 -27.53 50.43
CA LEU B 15 -26.75 -27.50 49.21
C LEU B 15 -26.62 -26.13 48.52
N VAL B 16 -27.56 -25.23 48.80
CA VAL B 16 -27.59 -23.88 48.21
C VAL B 16 -26.69 -22.88 48.92
N LYS B 17 -26.72 -22.91 50.25
CA LYS B 17 -25.93 -22.01 51.07
C LYS B 17 -24.50 -22.54 51.30
N GLU B 18 -24.29 -23.82 50.99
CA GLU B 18 -22.99 -24.47 51.15
C GLU B 18 -22.09 -24.44 49.92
N GLU B 19 -22.69 -24.55 48.74
CA GLU B 19 -21.97 -24.50 47.47
C GLU B 19 -22.04 -23.04 47.03
N ASN B 20 -22.73 -22.27 47.86
CA ASN B 20 -22.97 -20.86 47.63
C ASN B 20 -23.50 -20.59 46.22
N VAL B 21 -24.82 -20.60 46.13
CA VAL B 21 -25.55 -20.36 44.88
C VAL B 21 -26.10 -18.94 45.05
N LYS B 22 -25.92 -18.10 44.02
CA LYS B 22 -26.35 -16.68 44.04
C LYS B 22 -27.50 -16.34 43.10
N TYR B 23 -28.10 -17.36 42.52
CA TYR B 23 -29.14 -17.10 41.54
C TYR B 23 -29.79 -18.40 41.14
N ILE B 24 -31.12 -18.43 41.13
CA ILE B 24 -31.83 -19.65 40.78
C ILE B 24 -32.72 -19.48 39.53
N ARG B 25 -32.48 -20.22 38.45
CA ARG B 25 -33.36 -20.10 37.29
C ARG B 25 -34.45 -21.11 37.54
N LEU B 26 -35.70 -20.70 37.31
CA LEU B 26 -36.87 -21.57 37.50
C LEU B 26 -37.44 -21.95 36.14
N GLN B 27 -36.75 -22.87 35.47
CA GLN B 27 -37.10 -23.37 34.13
C GLN B 27 -38.45 -23.98 33.85
N PHE B 28 -38.87 -23.80 32.59
CA PHE B 28 -40.11 -24.35 32.05
C PHE B 28 -40.05 -24.39 30.52
N THR B 29 -40.46 -25.49 29.91
CA THR B 29 -40.37 -25.61 28.47
C THR B 29 -41.68 -25.34 27.78
N ASP B 30 -41.66 -24.42 26.82
CA ASP B 30 -42.87 -24.03 26.10
C ASP B 30 -43.33 -24.91 24.92
N ILE B 31 -44.41 -24.47 24.30
CA ILE B 31 -45.04 -25.16 23.20
C ILE B 31 -44.15 -25.47 22.00
N LEU B 32 -43.09 -24.68 21.80
CA LEU B 32 -42.18 -24.90 20.67
C LEU B 32 -40.84 -25.43 21.12
N GLY B 33 -40.82 -26.00 22.32
CA GLY B 33 -39.59 -26.56 22.86
C GLY B 33 -38.60 -25.54 23.41
N THR B 34 -38.71 -24.31 22.92
CA THR B 34 -37.88 -23.17 23.32
C THR B 34 -37.68 -23.26 24.81
N ILE B 35 -36.44 -23.32 25.27
CA ILE B 35 -36.25 -23.45 26.73
C ILE B 35 -36.36 -22.07 27.42
N LYS B 36 -37.43 -21.89 28.18
CA LYS B 36 -37.69 -20.61 28.87
C LYS B 36 -37.46 -20.64 30.42
N ASN B 37 -37.40 -19.47 31.09
CA ASN B 37 -37.15 -19.44 32.56
C ASN B 37 -37.07 -18.06 33.26
N VAL B 38 -37.84 -17.84 34.32
CA VAL B 38 -37.74 -16.56 35.04
C VAL B 38 -36.57 -16.82 35.97
N GLU B 39 -35.73 -15.81 36.26
CA GLU B 39 -34.58 -15.99 37.16
C GLU B 39 -34.70 -15.22 38.47
N ILE B 40 -34.57 -15.92 39.59
CA ILE B 40 -34.71 -15.30 40.92
C ILE B 40 -33.40 -15.29 41.73
N PRO B 41 -33.13 -14.20 42.47
CA PRO B 41 -31.87 -14.27 43.22
C PRO B 41 -32.12 -15.28 44.33
N VAL B 42 -31.09 -16.01 44.72
CA VAL B 42 -31.18 -17.01 45.79
C VAL B 42 -31.92 -16.43 47.00
N SER B 43 -31.93 -15.10 47.05
CA SER B 43 -32.60 -14.35 48.11
C SER B 43 -34.10 -14.59 48.09
N GLN B 44 -34.62 -15.10 46.98
CA GLN B 44 -36.05 -15.37 46.91
C GLN B 44 -36.28 -16.86 46.76
N LEU B 45 -35.36 -17.68 47.26
CA LEU B 45 -35.51 -19.13 47.15
C LEU B 45 -36.78 -19.65 47.80
N GLY B 46 -37.02 -19.18 49.03
CA GLY B 46 -38.19 -19.58 49.82
C GLY B 46 -39.56 -19.31 49.25
N LYS B 47 -39.76 -18.12 48.67
CA LYS B 47 -41.03 -17.77 48.06
C LYS B 47 -41.21 -18.60 46.78
N ALA B 48 -40.11 -19.17 46.30
CA ALA B 48 -40.16 -20.00 45.10
C ALA B 48 -40.55 -21.40 45.52
N LEU B 49 -39.86 -21.94 46.54
CA LEU B 49 -40.11 -23.30 47.06
C LEU B 49 -41.46 -23.53 47.74
N ASP B 50 -41.99 -22.48 48.40
CA ASP B 50 -43.31 -22.50 49.04
C ASP B 50 -44.29 -22.45 47.86
N ASN B 51 -43.69 -22.36 46.67
CA ASN B 51 -44.39 -22.30 45.40
C ASN B 51 -45.22 -21.05 45.38
N LYS B 52 -44.60 -19.88 45.23
CA LYS B 52 -45.39 -18.65 45.18
C LYS B 52 -45.02 -17.69 44.05
N VAL B 53 -43.82 -17.86 43.48
CA VAL B 53 -43.33 -17.02 42.38
C VAL B 53 -44.29 -17.09 41.19
N MET B 54 -44.82 -15.95 40.76
CA MET B 54 -45.76 -15.87 39.63
C MET B 54 -45.18 -15.20 38.35
N PHE B 55 -45.60 -15.67 37.19
CA PHE B 55 -45.12 -15.10 35.94
C PHE B 55 -46.26 -15.03 34.93
N ASP B 56 -46.07 -14.23 33.89
CA ASP B 56 -47.07 -14.12 32.81
C ASP B 56 -47.10 -15.53 32.22
N GLY B 57 -48.20 -16.24 32.45
CA GLY B 57 -48.30 -17.62 31.99
C GLY B 57 -48.71 -17.95 30.57
N SER B 58 -48.69 -16.95 29.68
CA SER B 58 -49.07 -17.18 28.30
C SER B 58 -47.81 -17.18 27.45
N SER B 59 -46.66 -17.02 28.10
CA SER B 59 -45.41 -16.97 27.38
C SER B 59 -45.16 -18.34 26.81
N ILE B 60 -45.79 -19.33 27.43
CA ILE B 60 -45.71 -20.73 27.03
C ILE B 60 -46.31 -20.90 25.63
N GLU B 61 -47.24 -20.00 25.30
CA GLU B 61 -47.96 -19.98 24.02
C GLU B 61 -47.06 -19.79 22.80
N GLY B 62 -45.76 -19.76 23.03
CA GLY B 62 -44.87 -19.57 21.90
C GLY B 62 -45.30 -18.22 21.40
N PHE B 63 -44.83 -17.84 20.22
CA PHE B 63 -45.11 -16.52 19.69
C PHE B 63 -46.51 -16.19 19.29
N VAL B 64 -47.47 -17.00 19.71
CA VAL B 64 -48.86 -16.74 19.37
C VAL B 64 -49.60 -16.30 20.63
N ARG B 65 -48.83 -15.77 21.57
CA ARG B 65 -49.33 -15.31 22.85
C ARG B 65 -50.35 -14.19 22.71
N ILE B 66 -51.44 -14.29 23.45
CA ILE B 66 -52.47 -13.29 23.34
C ILE B 66 -52.67 -12.37 24.51
N GLU B 67 -52.85 -12.96 25.69
CA GLU B 67 -53.13 -12.15 26.84
C GLU B 67 -52.32 -12.47 28.06
N GLU B 68 -51.79 -11.42 28.71
CA GLU B 68 -51.01 -11.56 29.95
C GLU B 68 -51.96 -12.55 30.60
N SER B 69 -51.42 -13.54 31.27
CA SER B 69 -52.28 -14.58 31.83
C SER B 69 -51.53 -15.23 33.01
N ASP B 70 -51.50 -14.54 34.15
CA ASP B 70 -50.78 -14.97 35.37
C ASP B 70 -50.91 -16.41 35.77
N MET B 71 -49.79 -16.95 36.24
CA MET B 71 -49.71 -18.35 36.68
C MET B 71 -48.55 -18.60 37.61
N TYR B 72 -48.80 -19.34 38.68
CA TYR B 72 -47.80 -19.66 39.70
C TYR B 72 -46.83 -20.76 39.14
N LEU B 73 -45.61 -20.86 39.70
CA LEU B 73 -44.51 -21.76 39.24
C LEU B 73 -43.95 -22.85 40.20
N TYR B 74 -44.43 -24.11 40.10
CA TYR B 74 -43.98 -25.22 40.98
C TYR B 74 -42.68 -25.99 40.58
N PRO B 75 -41.59 -25.83 41.35
CA PRO B 75 -40.29 -26.50 41.10
C PRO B 75 -40.27 -27.96 41.49
N ASP B 76 -39.87 -28.88 40.60
CA ASP B 76 -39.85 -30.29 41.02
C ASP B 76 -38.63 -30.27 41.90
N LEU B 77 -38.83 -30.36 43.22
CA LEU B 77 -37.74 -30.28 44.20
C LEU B 77 -36.53 -31.06 43.78
N ASN B 78 -36.79 -32.12 43.05
CA ASN B 78 -35.75 -33.02 42.62
C ASN B 78 -34.88 -32.67 41.42
N THR B 79 -35.46 -32.04 40.41
CA THR B 79 -34.72 -31.66 39.20
C THR B 79 -33.50 -30.78 39.47
N PHE B 80 -33.40 -30.28 40.69
CA PHE B 80 -32.31 -29.40 41.10
C PHE B 80 -30.92 -29.80 40.66
N VAL B 81 -30.22 -28.82 40.09
CA VAL B 81 -28.85 -28.96 39.60
C VAL B 81 -28.04 -27.66 39.80
N ILE B 82 -26.73 -27.80 39.99
CA ILE B 82 -25.84 -26.64 40.14
C ILE B 82 -24.98 -26.65 38.88
N PHE B 83 -25.10 -25.64 38.03
CA PHE B 83 -24.31 -25.60 36.81
C PHE B 83 -22.84 -25.43 37.24
N PRO B 84 -21.89 -26.17 36.58
CA PRO B 84 -20.45 -26.17 36.84
C PRO B 84 -19.55 -25.06 36.30
N TRP B 85 -19.88 -24.56 35.12
CA TRP B 85 -19.10 -23.51 34.48
C TRP B 85 -19.55 -22.19 35.11
N THR B 86 -19.46 -22.13 36.44
CA THR B 86 -19.91 -20.97 37.23
C THR B 86 -19.17 -20.45 38.46
N ALA B 87 -19.02 -19.15 38.55
CA ALA B 87 -18.42 -18.53 39.73
C ALA B 87 -18.64 -17.06 39.52
N GLU B 88 -17.55 -16.32 39.66
CA GLU B 88 -17.62 -14.90 39.47
C GLU B 88 -18.69 -14.20 40.29
N LYS B 89 -18.82 -14.43 41.59
CA LYS B 89 -19.85 -13.73 42.35
C LYS B 89 -20.76 -14.74 43.01
N GLY B 90 -20.64 -15.99 42.58
CA GLY B 90 -21.48 -17.04 43.13
C GLY B 90 -21.92 -18.05 42.09
N LYS B 91 -22.50 -19.17 42.53
CA LYS B 91 -22.94 -20.21 41.60
C LYS B 91 -24.43 -20.17 41.26
N VAL B 92 -24.75 -20.70 40.08
CA VAL B 92 -26.11 -20.73 39.54
C VAL B 92 -26.78 -22.13 39.60
N ALA B 93 -28.09 -22.19 39.87
CA ALA B 93 -28.81 -23.49 39.92
C ALA B 93 -30.15 -23.43 39.22
N ARG B 94 -30.82 -24.57 39.10
CA ARG B 94 -32.10 -24.57 38.42
C ARG B 94 -33.08 -25.68 38.78
N PHE B 95 -34.35 -25.31 38.89
CA PHE B 95 -35.44 -26.24 39.17
C PHE B 95 -36.39 -26.25 37.98
N ILE B 96 -36.52 -27.37 37.30
CA ILE B 96 -37.48 -27.41 36.23
C ILE B 96 -38.77 -27.28 37.05
N CYS B 97 -39.72 -26.44 36.63
CA CYS B 97 -40.94 -26.24 37.42
C CYS B 97 -42.23 -26.39 36.66
N ASP B 98 -43.16 -27.17 37.20
CA ASP B 98 -44.45 -27.31 36.54
C ASP B 98 -45.15 -25.96 36.57
N ILE B 99 -46.22 -25.89 35.81
CA ILE B 99 -47.05 -24.71 35.67
C ILE B 99 -48.42 -24.92 36.37
N TYR B 100 -49.03 -23.84 36.85
CA TYR B 100 -50.31 -23.94 37.55
C TYR B 100 -51.23 -22.72 37.51
N ASN B 101 -52.51 -22.99 37.47
CA ASN B 101 -53.50 -21.94 37.45
C ASN B 101 -53.34 -21.21 38.78
N PRO B 102 -53.77 -19.94 38.84
CA PRO B 102 -53.64 -19.17 40.08
C PRO B 102 -54.41 -19.67 41.30
N ASP B 103 -55.19 -20.74 41.16
CA ASP B 103 -55.92 -21.27 42.32
C ASP B 103 -55.33 -22.59 42.81
N GLY B 104 -54.14 -22.93 42.31
CA GLY B 104 -53.46 -24.14 42.72
C GLY B 104 -53.53 -25.36 41.82
N THR B 105 -54.10 -25.20 40.63
CA THR B 105 -54.28 -26.31 39.69
C THR B 105 -53.45 -26.30 38.41
N PRO B 106 -52.75 -27.42 38.12
CA PRO B 106 -51.90 -27.59 36.94
C PRO B 106 -52.40 -26.92 35.68
N PHE B 107 -51.52 -26.15 35.05
CA PHE B 107 -51.93 -25.46 33.84
C PHE B 107 -52.04 -26.43 32.70
N GLU B 108 -53.27 -26.63 32.23
CA GLU B 108 -53.58 -27.54 31.12
C GLU B 108 -52.70 -27.43 29.89
N GLY B 109 -52.12 -26.27 29.65
CA GLY B 109 -51.35 -26.09 28.44
C GLY B 109 -49.85 -26.15 28.45
N ASP B 110 -49.23 -26.37 29.59
CA ASP B 110 -47.79 -26.46 29.57
C ASP B 110 -47.30 -27.88 29.11
N PRO B 111 -46.40 -27.92 28.10
CA PRO B 111 -45.86 -29.18 27.55
C PRO B 111 -45.59 -30.28 28.57
N ARG B 112 -44.89 -29.96 29.65
CA ARG B 112 -44.60 -31.02 30.59
C ARG B 112 -45.81 -31.63 31.28
N ASN B 113 -46.57 -30.82 32.00
CA ASN B 113 -47.77 -31.28 32.72
C ASN B 113 -48.67 -32.21 31.94
N ASN B 114 -48.72 -31.96 30.65
CA ASN B 114 -49.55 -32.67 29.69
C ASN B 114 -49.12 -34.11 29.58
N LEU B 115 -47.83 -34.34 29.76
CA LEU B 115 -47.31 -35.71 29.71
C LEU B 115 -47.90 -36.31 30.95
N LYS B 116 -47.39 -35.86 32.09
CA LYS B 116 -47.87 -36.34 33.38
C LYS B 116 -49.33 -36.70 33.26
N ARG B 117 -50.12 -35.72 32.80
CA ARG B 117 -51.55 -35.88 32.61
C ARG B 117 -51.81 -37.16 31.82
N ILE B 118 -50.97 -37.45 30.82
CA ILE B 118 -51.06 -38.67 29.99
C ILE B 118 -50.46 -39.92 30.60
N LEU B 119 -49.43 -39.78 31.44
CA LEU B 119 -48.89 -40.99 32.03
C LEU B 119 -49.96 -41.41 33.01
N LYS B 120 -50.47 -40.49 33.81
CA LYS B 120 -51.55 -40.83 34.73
C LYS B 120 -52.55 -41.79 34.01
N GLU B 121 -52.92 -41.44 32.77
CA GLU B 121 -53.85 -42.24 31.96
C GLU B 121 -53.30 -43.68 31.83
N MET B 122 -51.97 -43.78 31.79
CA MET B 122 -51.32 -45.06 31.69
C MET B 122 -51.41 -45.79 33.03
N GLU B 123 -51.51 -45.03 34.11
CA GLU B 123 -51.60 -45.63 35.44
C GLU B 123 -53.02 -46.10 35.67
N ASP B 124 -53.96 -45.41 35.05
CA ASP B 124 -55.37 -45.75 35.13
C ASP B 124 -55.60 -47.00 34.31
N LEU B 125 -54.60 -47.43 33.54
CA LEU B 125 -54.71 -48.62 32.68
C LEU B 125 -53.93 -49.87 33.17
N GLY B 126 -53.35 -49.79 34.36
CA GLY B 126 -52.62 -50.91 34.92
C GLY B 126 -51.12 -50.82 35.07
N PHE B 127 -50.47 -50.10 34.13
CA PHE B 127 -49.00 -49.93 34.01
C PHE B 127 -48.18 -49.02 34.95
N SER B 128 -46.98 -49.49 35.29
CA SER B 128 -46.05 -48.76 36.15
C SER B 128 -45.11 -47.73 35.49
N ASP B 129 -44.17 -48.17 34.66
CA ASP B 129 -43.22 -47.24 34.04
C ASP B 129 -43.01 -47.28 32.51
N PHE B 130 -43.24 -46.13 31.91
CA PHE B 130 -43.06 -45.94 30.48
C PHE B 130 -41.67 -45.30 30.37
N ASN B 131 -40.70 -46.02 29.80
CA ASN B 131 -39.36 -45.47 29.71
C ASN B 131 -38.80 -44.97 28.38
N LEU B 132 -38.00 -43.91 28.49
CA LEU B 132 -37.44 -43.23 27.33
C LEU B 132 -35.92 -43.05 27.35
N GLY B 133 -35.20 -43.99 26.71
CA GLY B 133 -33.74 -43.93 26.59
C GLY B 133 -33.36 -43.40 25.21
N PRO B 134 -33.37 -42.08 25.03
CA PRO B 134 -33.04 -41.38 23.78
C PRO B 134 -31.67 -41.62 23.16
N GLU B 135 -31.51 -41.07 21.95
CA GLU B 135 -30.29 -41.13 21.14
C GLU B 135 -30.25 -39.85 20.29
N PRO B 136 -30.24 -38.66 20.93
CA PRO B 136 -30.21 -37.41 20.14
C PRO B 136 -28.94 -37.10 19.35
N GLU B 137 -29.05 -36.94 18.04
CA GLU B 137 -27.87 -36.65 17.25
C GLU B 137 -27.64 -35.15 17.03
N PHE B 138 -26.47 -34.77 16.48
CA PHE B 138 -26.13 -33.34 16.25
C PHE B 138 -24.82 -32.97 15.53
N PHE B 139 -24.79 -31.71 15.09
CA PHE B 139 -23.65 -31.11 14.37
C PHE B 139 -22.85 -30.09 15.17
N LEU B 140 -21.77 -29.62 14.55
CA LEU B 140 -20.88 -28.62 15.16
C LEU B 140 -20.21 -27.83 14.05
N PHE B 141 -20.46 -26.53 14.02
CA PHE B 141 -19.83 -25.66 13.03
C PHE B 141 -18.80 -24.80 13.74
N LYS B 142 -17.76 -24.40 13.03
CA LYS B 142 -16.76 -23.56 13.68
C LYS B 142 -17.31 -22.16 13.83
N LEU B 143 -16.94 -21.50 14.91
CA LEU B 143 -17.41 -20.14 15.11
C LEU B 143 -16.40 -19.23 14.47
N ASP B 144 -16.88 -18.17 13.80
CA ASP B 144 -15.99 -17.25 13.15
C ASP B 144 -15.59 -16.13 14.13
N GLU B 145 -15.11 -15.05 13.54
CA GLU B 145 -14.65 -13.88 14.26
C GLU B 145 -15.61 -13.18 15.19
N LYS B 146 -16.68 -12.64 14.64
CA LYS B 146 -17.62 -11.92 15.48
C LYS B 146 -18.41 -12.89 16.36
N GLY B 147 -18.06 -14.18 16.28
CA GLY B 147 -18.73 -15.20 17.07
C GLY B 147 -20.06 -15.73 16.53
N GLU B 148 -20.19 -15.81 15.21
CA GLU B 148 -21.42 -16.28 14.60
C GLU B 148 -21.25 -17.59 13.86
N PRO B 149 -22.27 -18.46 13.94
CA PRO B 149 -22.20 -19.75 13.24
C PRO B 149 -22.03 -19.65 11.72
N THR B 150 -20.99 -20.35 11.25
CA THR B 150 -20.64 -20.41 9.83
C THR B 150 -20.95 -21.82 9.29
N LEU B 151 -20.72 -22.00 7.99
CA LEU B 151 -20.99 -23.28 7.32
C LEU B 151 -19.82 -24.26 7.42
N GLU B 152 -18.96 -24.04 8.42
CA GLU B 152 -17.80 -24.88 8.67
C GLU B 152 -17.94 -25.99 9.70
N LEU B 153 -18.21 -27.18 9.18
CA LEU B 153 -18.33 -28.36 10.00
C LEU B 153 -17.01 -28.42 10.72
N ASN B 154 -17.07 -28.86 11.97
CA ASN B 154 -15.90 -28.97 12.84
C ASN B 154 -14.84 -30.01 12.44
N ASP B 155 -15.19 -30.98 11.60
CA ASP B 155 -14.21 -31.97 11.15
C ASP B 155 -14.68 -32.85 9.99
N LYS B 156 -13.72 -33.53 9.36
CA LYS B 156 -14.03 -34.41 8.26
C LYS B 156 -13.98 -35.88 8.75
N GLY B 157 -15.04 -36.33 9.42
CA GLY B 157 -15.11 -37.70 9.93
C GLY B 157 -16.37 -38.48 9.55
N GLY B 158 -16.46 -39.77 9.92
CA GLY B 158 -17.62 -40.60 9.58
C GLY B 158 -18.24 -41.40 10.74
N TYR B 159 -18.83 -42.56 10.46
CA TYR B 159 -19.51 -43.38 11.49
C TYR B 159 -18.66 -44.12 12.52
N PHE B 160 -18.80 -43.72 13.79
CA PHE B 160 -18.04 -44.28 14.92
C PHE B 160 -16.52 -44.03 14.87
N ASP B 161 -16.10 -43.13 13.99
CA ASP B 161 -14.68 -42.80 13.80
C ASP B 161 -13.81 -42.14 14.85
N LEU B 162 -12.61 -42.71 14.96
CA LEU B 162 -11.55 -42.31 15.87
C LEU B 162 -10.90 -40.97 15.51
N ALA B 163 -11.58 -39.88 15.87
CA ALA B 163 -11.10 -38.52 15.60
C ALA B 163 -10.06 -38.08 16.63
N PRO B 164 -8.76 -38.38 16.43
CA PRO B 164 -7.70 -38.00 17.39
C PRO B 164 -8.08 -37.08 18.58
N THR B 165 -7.53 -37.42 19.75
CA THR B 165 -7.74 -36.75 21.07
C THR B 165 -7.81 -35.20 21.12
N ASP B 166 -8.96 -34.63 20.74
CA ASP B 166 -9.13 -33.17 20.78
C ASP B 166 -10.30 -32.49 20.03
N LEU B 167 -10.15 -32.27 18.72
CA LEU B 167 -11.23 -31.62 17.96
C LEU B 167 -12.48 -32.50 17.67
N GLY B 168 -12.32 -33.59 16.94
CA GLY B 168 -13.47 -34.44 16.70
C GLY B 168 -13.89 -34.98 18.04
N GLU B 169 -12.90 -35.21 18.91
CA GLU B 169 -13.09 -35.80 20.25
C GLU B 169 -13.36 -34.94 21.51
N ASN B 170 -12.38 -34.13 21.91
CA ASN B 170 -12.50 -33.32 23.12
C ASN B 170 -13.85 -32.63 23.29
N CYS B 171 -14.49 -32.25 22.20
CA CYS B 171 -15.78 -31.59 22.28
C CYS B 171 -16.81 -32.60 22.73
N ARG B 172 -16.75 -33.80 22.17
CA ARG B 172 -17.67 -34.85 22.56
C ARG B 172 -17.30 -35.21 24.00
N ARG B 173 -16.01 -35.09 24.31
CA ARG B 173 -15.43 -35.38 25.62
C ARG B 173 -15.90 -34.35 26.66
N ASP B 174 -15.57 -33.11 26.38
CA ASP B 174 -15.91 -31.96 27.21
C ASP B 174 -17.37 -32.15 27.61
N ILE B 175 -18.19 -32.26 26.56
CA ILE B 175 -19.62 -32.43 26.67
C ILE B 175 -20.00 -33.49 27.68
N VAL B 176 -19.49 -34.70 27.47
CA VAL B 176 -19.80 -35.81 28.36
C VAL B 176 -19.34 -35.61 29.80
N LEU B 177 -18.06 -35.34 30.01
CA LEU B 177 -17.57 -35.14 31.36
C LEU B 177 -18.30 -34.04 32.13
N GLU B 178 -18.65 -32.92 31.49
CA GLU B 178 -19.39 -31.90 32.21
C GLU B 178 -20.75 -32.52 32.52
N LEU B 179 -21.19 -33.44 31.66
CA LEU B 179 -22.45 -34.13 31.80
C LEU B 179 -22.40 -35.20 32.88
N GLU B 180 -21.20 -35.64 33.20
CA GLU B 180 -21.04 -36.65 34.24
C GLU B 180 -21.13 -35.97 35.59
N GLU B 181 -20.43 -34.85 35.73
CA GLU B 181 -20.40 -34.06 36.95
C GLU B 181 -21.81 -33.69 37.37
N MET B 182 -22.60 -33.27 36.39
CA MET B 182 -23.97 -32.86 36.64
C MET B 182 -24.90 -34.02 37.01
N GLY B 183 -24.56 -35.24 36.60
CA GLY B 183 -25.40 -36.35 36.96
C GLY B 183 -25.99 -37.15 35.82
N PHE B 184 -25.57 -36.89 34.59
CA PHE B 184 -26.09 -37.69 33.49
C PHE B 184 -25.53 -39.08 33.67
N GLU B 185 -26.05 -40.03 32.90
CA GLU B 185 -25.53 -41.40 32.93
C GLU B 185 -25.41 -41.74 31.46
N ILE B 186 -24.28 -41.33 30.88
CA ILE B 186 -23.98 -41.51 29.46
C ILE B 186 -23.41 -42.89 29.04
N GLU B 187 -24.22 -43.54 28.21
CA GLU B 187 -23.99 -44.86 27.61
C GLU B 187 -22.65 -45.08 26.94
N ALA B 188 -22.48 -44.26 25.90
CA ALA B 188 -21.33 -44.23 25.01
C ALA B 188 -21.78 -43.12 24.08
N SER B 189 -20.87 -42.50 23.36
CA SER B 189 -21.29 -41.48 22.42
C SER B 189 -20.47 -41.87 21.23
N HIS B 190 -20.55 -41.12 20.15
CA HIS B 190 -19.78 -41.50 19.00
C HIS B 190 -20.06 -40.63 17.81
N HIS B 191 -19.10 -40.59 16.90
CA HIS B 191 -19.24 -39.77 15.69
C HIS B 191 -20.31 -40.44 14.81
N GLU B 192 -21.24 -39.66 14.29
CA GLU B 192 -22.26 -40.27 13.45
C GLU B 192 -21.81 -40.24 12.01
N VAL B 193 -22.61 -40.80 11.12
CA VAL B 193 -22.25 -40.87 9.70
C VAL B 193 -21.80 -39.59 9.04
N ALA B 194 -22.59 -38.54 9.22
CA ALA B 194 -22.30 -37.25 8.61
C ALA B 194 -21.18 -36.47 9.27
N PRO B 195 -20.34 -35.80 8.44
CA PRO B 195 -19.19 -34.99 8.83
C PRO B 195 -19.43 -33.92 9.88
N GLY B 196 -19.10 -34.25 11.13
CA GLY B 196 -19.28 -33.34 12.24
C GLY B 196 -20.45 -33.75 13.09
N GLN B 197 -21.38 -34.48 12.49
CA GLN B 197 -22.54 -34.92 13.21
C GLN B 197 -22.02 -35.89 14.26
N HIS B 198 -22.39 -35.66 15.52
CA HIS B 198 -22.02 -36.51 16.69
C HIS B 198 -23.28 -37.05 17.43
N GLU B 199 -23.17 -38.19 18.12
CA GLU B 199 -24.29 -38.75 18.89
C GLU B 199 -23.88 -39.00 20.35
N ILE B 200 -24.82 -38.89 21.28
CA ILE B 200 -24.58 -39.18 22.69
C ILE B 200 -25.79 -39.93 23.17
N ASP B 201 -25.57 -40.99 23.94
CA ASP B 201 -26.66 -41.79 24.48
C ASP B 201 -26.69 -41.80 26.02
N PHE B 202 -27.81 -41.43 26.64
CA PHE B 202 -27.84 -41.53 28.10
C PHE B 202 -28.97 -42.48 28.55
N LYS B 203 -28.61 -43.35 29.49
CA LYS B 203 -29.49 -44.37 30.08
C LYS B 203 -30.96 -43.93 30.13
N TYR B 204 -31.89 -44.89 30.07
CA TYR B 204 -33.29 -44.55 30.06
C TYR B 204 -33.80 -44.00 31.37
N ALA B 205 -35.07 -43.60 31.40
CA ALA B 205 -35.69 -43.02 32.61
C ALA B 205 -37.19 -42.85 32.50
N GLY B 206 -37.80 -42.30 33.55
CA GLY B 206 -39.22 -42.10 33.49
C GLY B 206 -39.37 -41.19 32.29
N ALA B 207 -40.46 -41.30 31.55
CA ALA B 207 -40.63 -40.45 30.38
C ALA B 207 -40.57 -38.99 30.80
N VAL B 208 -41.02 -38.69 32.02
CA VAL B 208 -40.98 -37.31 32.52
C VAL B 208 -39.51 -37.00 32.69
N ARG B 209 -38.91 -37.70 33.65
CA ARG B 209 -37.50 -37.56 33.99
C ARG B 209 -36.59 -37.36 32.76
N SER B 210 -36.89 -38.05 31.66
CA SER B 210 -36.08 -38.00 30.43
C SER B 210 -36.16 -36.78 29.51
N CYS B 211 -37.35 -36.22 29.31
CA CYS B 211 -37.49 -35.06 28.43
C CYS B 211 -36.89 -33.88 29.18
N ASP B 212 -36.60 -34.07 30.46
CA ASP B 212 -36.00 -33.03 31.30
C ASP B 212 -34.48 -33.11 31.21
N ASP B 213 -34.00 -34.25 30.71
CA ASP B 213 -32.59 -34.53 30.51
C ASP B 213 -32.24 -34.23 29.05
N ILE B 214 -33.28 -34.18 28.21
CA ILE B 214 -33.18 -33.86 26.78
C ILE B 214 -33.19 -32.34 26.68
N GLN B 215 -33.76 -31.71 27.69
CA GLN B 215 -33.79 -30.27 27.75
C GLN B 215 -32.43 -29.91 28.25
N THR B 216 -32.11 -30.30 29.48
CA THR B 216 -30.78 -29.97 30.01
C THR B 216 -29.75 -30.37 28.96
N PHE B 217 -30.00 -31.46 28.23
CA PHE B 217 -29.02 -31.88 27.25
C PHE B 217 -28.56 -30.79 26.31
N LYS B 218 -29.54 -30.25 25.56
CA LYS B 218 -29.37 -29.22 24.55
C LYS B 218 -28.70 -27.93 25.04
N LEU B 219 -28.91 -27.64 26.32
CA LEU B 219 -28.34 -26.47 26.99
C LEU B 219 -26.83 -26.74 26.96
N VAL B 220 -26.43 -27.73 27.75
CA VAL B 220 -25.04 -28.19 27.91
C VAL B 220 -24.18 -28.41 26.66
N VAL B 221 -24.73 -29.12 25.67
CA VAL B 221 -23.99 -29.38 24.45
C VAL B 221 -23.64 -28.03 23.93
N LYS B 222 -24.70 -27.37 23.51
CA LYS B 222 -24.61 -26.05 22.97
C LYS B 222 -23.60 -25.15 23.63
N THR B 223 -23.67 -24.98 24.94
CA THR B 223 -22.74 -24.08 25.61
C THR B 223 -21.33 -24.61 25.86
N ILE B 224 -21.17 -25.92 26.00
CA ILE B 224 -19.84 -26.44 26.20
C ILE B 224 -19.29 -26.54 24.80
N ALA B 225 -20.21 -26.42 23.84
CA ALA B 225 -19.85 -26.44 22.44
C ALA B 225 -19.21 -25.10 22.13
N ARG B 226 -19.86 -24.05 22.62
CA ARG B 226 -19.43 -22.67 22.43
C ARG B 226 -18.10 -22.38 23.13
N LYS B 227 -17.84 -23.05 24.24
CA LYS B 227 -16.58 -22.87 24.96
C LYS B 227 -15.44 -23.16 23.98
N HIS B 228 -15.55 -24.24 23.23
CA HIS B 228 -14.55 -24.57 22.22
C HIS B 228 -14.90 -23.72 21.01
N GLY B 229 -15.31 -22.48 21.21
CA GLY B 229 -15.67 -21.66 20.05
C GLY B 229 -16.43 -22.35 18.91
N LEU B 230 -17.19 -23.40 19.19
CA LEU B 230 -17.98 -24.09 18.16
C LEU B 230 -19.48 -24.02 18.48
N HIS B 231 -20.28 -23.96 17.42
CA HIS B 231 -21.74 -23.86 17.50
C HIS B 231 -22.32 -25.24 17.40
N ALA B 232 -23.28 -25.57 18.26
CA ALA B 232 -23.92 -26.87 18.14
C ALA B 232 -25.19 -26.59 17.36
N THR B 233 -25.89 -27.62 16.92
CA THR B 233 -27.17 -27.42 16.26
C THR B 233 -27.91 -28.71 16.04
N PHE B 234 -29.11 -28.74 16.62
CA PHE B 234 -30.00 -29.89 16.54
C PHE B 234 -31.00 -29.70 15.43
N MET B 235 -30.80 -28.65 14.68
CA MET B 235 -31.65 -28.44 13.56
C MET B 235 -31.69 -29.80 12.84
N PRO B 236 -32.88 -30.19 12.34
CA PRO B 236 -33.18 -31.43 11.62
C PRO B 236 -32.24 -31.79 10.49
N LYS B 237 -32.19 -30.94 9.47
CA LYS B 237 -31.33 -31.13 8.29
C LYS B 237 -30.64 -29.83 7.89
N PRO B 238 -29.58 -29.45 8.63
CA PRO B 238 -28.77 -28.25 8.43
C PRO B 238 -28.12 -28.04 7.06
N LEU B 239 -27.49 -29.07 6.51
CA LEU B 239 -26.88 -28.91 5.20
C LEU B 239 -27.60 -29.89 4.32
N PHE B 240 -27.96 -29.48 3.11
CA PHE B 240 -28.63 -30.37 2.18
C PHE B 240 -27.55 -31.32 1.67
N GLY B 241 -27.97 -32.52 1.28
CA GLY B 241 -27.03 -33.51 0.80
C GLY B 241 -26.03 -33.93 1.86
N VAL B 242 -26.54 -34.12 3.08
CA VAL B 242 -25.75 -34.54 4.24
C VAL B 242 -26.81 -35.09 5.24
N ASN B 243 -26.44 -36.07 6.06
CA ASN B 243 -27.42 -36.68 6.95
C ASN B 243 -28.26 -35.82 7.88
N GLY B 244 -29.17 -36.48 8.60
CA GLY B 244 -30.06 -35.77 9.50
C GLY B 244 -29.92 -36.03 10.98
N SER B 245 -29.91 -34.95 11.74
CA SER B 245 -29.82 -35.10 13.17
C SER B 245 -31.16 -35.75 13.51
N GLY B 246 -31.08 -36.94 14.08
CA GLY B 246 -32.28 -37.66 14.46
C GLY B 246 -32.26 -37.94 15.95
N MET B 247 -33.47 -38.00 16.51
CA MET B 247 -33.68 -38.21 17.93
C MET B 247 -34.26 -39.55 18.26
N HIS B 248 -33.86 -40.61 17.55
CA HIS B 248 -34.40 -41.96 17.81
C HIS B 248 -34.85 -42.17 19.27
N CYS B 249 -36.15 -42.39 19.46
CA CYS B 249 -36.70 -42.56 20.79
C CYS B 249 -36.98 -44.01 21.15
N ASN B 250 -36.41 -44.46 22.28
CA ASN B 250 -36.59 -45.84 22.73
C ASN B 250 -37.58 -46.02 23.91
N LEU B 251 -38.82 -46.40 23.58
CA LEU B 251 -39.93 -46.62 24.53
C LEU B 251 -40.14 -48.09 24.95
N SER B 252 -40.43 -48.31 26.24
CA SER B 252 -40.70 -49.64 26.78
C SER B 252 -41.67 -49.59 27.99
N LEU B 253 -42.94 -49.91 27.76
CA LEU B 253 -43.95 -49.90 28.81
C LEU B 253 -43.60 -50.86 29.93
N PHE B 254 -44.25 -50.70 31.06
CA PHE B 254 -43.98 -51.59 32.17
C PHE B 254 -45.24 -51.94 32.93
N LYS B 255 -45.03 -52.77 33.94
CA LYS B 255 -46.06 -53.16 34.88
C LYS B 255 -45.45 -54.01 35.97
N ASN B 256 -45.50 -53.44 37.17
CA ASN B 256 -44.99 -54.06 38.37
C ASN B 256 -43.47 -54.27 38.42
N GLY B 257 -42.79 -53.30 37.82
CA GLY B 257 -41.34 -53.35 37.78
C GLY B 257 -40.92 -54.40 36.80
N VAL B 258 -41.70 -54.51 35.74
CA VAL B 258 -41.45 -55.47 34.69
C VAL B 258 -41.73 -54.85 33.32
N ASN B 259 -40.93 -55.25 32.36
CA ASN B 259 -41.01 -54.80 30.97
C ASN B 259 -42.12 -55.57 30.22
N ALA B 260 -43.36 -55.10 30.31
CA ALA B 260 -44.45 -55.83 29.67
C ALA B 260 -44.51 -55.85 28.16
N PHE B 261 -43.41 -55.66 27.46
CA PHE B 261 -43.46 -55.72 26.00
C PHE B 261 -42.92 -57.08 25.61
N PHE B 262 -42.35 -57.73 26.62
CA PHE B 262 -41.68 -59.02 26.54
C PHE B 262 -42.53 -60.28 26.66
N ASP B 263 -42.08 -61.36 26.04
CA ASP B 263 -42.80 -62.64 26.12
C ASP B 263 -41.99 -63.86 25.64
N GLU B 264 -41.06 -64.30 26.49
CA GLU B 264 -40.16 -65.43 26.25
C GLU B 264 -40.74 -66.65 25.54
N ASN B 265 -42.04 -66.91 25.73
CA ASN B 265 -42.67 -68.08 25.11
C ASN B 265 -43.37 -67.67 23.85
N ALA B 266 -43.15 -66.42 23.44
CA ALA B 266 -43.79 -65.86 22.27
C ALA B 266 -42.87 -65.54 21.10
N ASP B 267 -43.51 -65.37 19.94
CA ASP B 267 -42.87 -65.06 18.67
C ASP B 267 -42.44 -63.60 18.63
N LEU B 268 -41.12 -63.40 18.57
CA LEU B 268 -40.48 -62.09 18.56
C LEU B 268 -40.32 -61.59 19.99
N GLN B 269 -40.56 -62.49 20.93
CA GLN B 269 -40.50 -62.22 22.37
C GLN B 269 -41.13 -60.88 22.74
N LEU B 270 -41.99 -60.42 21.83
CA LEU B 270 -42.77 -59.22 22.02
C LEU B 270 -43.95 -59.87 22.71
N SER B 271 -44.54 -59.19 23.66
CA SER B 271 -45.69 -59.76 24.34
C SER B 271 -46.80 -59.60 23.34
N GLU B 272 -48.01 -59.53 23.87
CA GLU B 272 -49.14 -59.24 23.03
C GLU B 272 -49.21 -57.75 23.34
N THR B 273 -49.09 -57.40 24.63
CA THR B 273 -49.13 -56.00 25.05
C THR B 273 -48.36 -55.21 24.00
N ALA B 274 -47.23 -55.76 23.60
CA ALA B 274 -46.33 -55.13 22.63
C ALA B 274 -46.77 -55.06 21.17
N LYS B 275 -47.62 -55.98 20.72
CA LYS B 275 -48.08 -55.97 19.32
C LYS B 275 -49.27 -55.04 19.18
N HIS B 276 -49.73 -54.51 20.31
CA HIS B 276 -50.86 -53.58 20.33
C HIS B 276 -50.31 -52.16 20.26
N PHE B 277 -49.37 -51.88 21.16
CA PHE B 277 -48.70 -50.59 21.24
C PHE B 277 -48.19 -50.28 19.82
N ILE B 278 -47.39 -51.19 19.28
CA ILE B 278 -46.78 -51.03 17.95
C ILE B 278 -47.80 -50.89 16.82
N ALA B 279 -49.03 -51.34 17.05
CA ALA B 279 -50.05 -51.23 16.03
C ALA B 279 -50.74 -49.87 16.12
N GLY B 280 -51.09 -49.49 17.35
CA GLY B 280 -51.73 -48.21 17.58
C GLY B 280 -50.80 -47.07 17.22
N ILE B 281 -49.50 -47.38 17.20
CA ILE B 281 -48.50 -46.39 16.83
C ILE B 281 -48.55 -46.37 15.31
N VAL B 282 -48.53 -47.54 14.69
CA VAL B 282 -48.60 -47.64 13.23
C VAL B 282 -49.70 -46.76 12.66
N LYS B 283 -50.86 -46.80 13.32
CA LYS B 283 -52.07 -46.07 12.94
C LYS B 283 -51.99 -44.55 12.86
N HIS B 284 -51.52 -43.92 13.92
CA HIS B 284 -51.45 -42.47 13.96
C HIS B 284 -50.15 -42.01 13.37
N ALA B 285 -49.38 -42.96 12.85
CA ALA B 285 -48.08 -42.63 12.28
C ALA B 285 -48.10 -41.26 11.59
N THR B 286 -48.86 -41.14 10.50
CA THR B 286 -48.88 -39.88 9.81
C THR B 286 -49.45 -38.75 10.61
N SER B 287 -50.44 -39.01 11.46
CA SER B 287 -50.95 -37.87 12.16
C SER B 287 -50.22 -37.31 13.38
N PHE B 288 -49.43 -38.06 14.12
CA PHE B 288 -48.77 -37.35 15.19
C PHE B 288 -47.41 -36.95 14.66
N THR B 289 -47.21 -37.06 13.35
CA THR B 289 -45.94 -36.64 12.76
C THR B 289 -45.75 -35.14 13.04
N ALA B 290 -46.75 -34.37 12.63
CA ALA B 290 -46.74 -32.92 12.81
C ALA B 290 -45.94 -32.53 14.05
N VAL B 291 -46.22 -33.18 15.16
CA VAL B 291 -45.53 -32.89 16.41
C VAL B 291 -44.11 -33.41 16.53
N THR B 292 -43.93 -34.70 16.29
CA THR B 292 -42.61 -35.31 16.41
C THR B 292 -41.59 -34.65 15.52
N ASN B 293 -42.05 -34.23 14.34
CA ASN B 293 -41.22 -33.54 13.35
C ASN B 293 -41.91 -32.18 13.09
N PRO B 294 -41.96 -31.30 14.11
CA PRO B 294 -42.56 -29.95 14.12
C PRO B 294 -42.07 -28.87 13.13
N THR B 295 -40.77 -28.83 12.83
CA THR B 295 -40.23 -27.81 11.91
C THR B 295 -40.36 -28.09 10.41
N VAL B 296 -40.33 -27.01 9.62
CA VAL B 296 -40.44 -27.04 8.16
C VAL B 296 -39.30 -27.82 7.52
N ASN B 297 -38.11 -27.58 8.05
CA ASN B 297 -36.87 -28.21 7.61
C ASN B 297 -36.97 -29.69 7.92
N SER B 298 -37.69 -30.00 8.98
CA SER B 298 -37.90 -31.36 9.43
C SER B 298 -38.27 -32.30 8.31
N TYR B 299 -38.80 -31.76 7.21
CA TYR B 299 -39.23 -32.60 6.12
C TYR B 299 -38.17 -32.87 5.08
N LYS B 300 -37.09 -32.09 5.11
CA LYS B 300 -36.01 -32.31 4.16
C LYS B 300 -35.18 -33.41 4.75
N ARG B 301 -35.57 -33.90 5.91
CA ARG B 301 -34.82 -34.99 6.53
C ARG B 301 -35.63 -36.26 6.36
N LEU B 302 -36.69 -36.16 5.56
CA LEU B 302 -37.55 -37.30 5.30
C LEU B 302 -37.57 -37.60 3.80
N VAL B 303 -36.38 -37.69 3.25
CA VAL B 303 -36.26 -37.96 1.83
C VAL B 303 -35.56 -39.30 1.76
N PRO B 304 -35.89 -40.09 0.74
CA PRO B 304 -35.25 -41.40 0.64
C PRO B 304 -33.72 -41.36 0.59
N GLY B 305 -33.11 -42.27 1.32
CA GLY B 305 -31.68 -42.32 1.27
C GLY B 305 -30.77 -41.73 2.33
N TYR B 306 -31.22 -41.29 3.48
CA TYR B 306 -30.24 -40.77 4.40
C TYR B 306 -30.47 -41.40 5.78
N GLU B 307 -30.99 -42.61 5.76
CA GLU B 307 -31.29 -43.37 6.97
C GLU B 307 -32.53 -42.89 7.74
N ALA B 308 -33.24 -41.90 7.19
CA ALA B 308 -34.45 -41.44 7.84
C ALA B 308 -35.50 -42.23 7.12
N PRO B 309 -36.59 -42.57 7.81
CA PRO B 309 -37.66 -43.34 7.21
C PRO B 309 -38.65 -42.41 6.55
N CYS B 310 -39.55 -42.99 5.80
CA CYS B 310 -40.60 -42.24 5.15
C CYS B 310 -41.84 -43.10 5.39
N TYR B 311 -41.70 -44.38 5.02
CA TYR B 311 -42.82 -45.28 5.12
C TYR B 311 -43.10 -45.97 6.42
N VAL B 312 -44.38 -45.84 6.78
CA VAL B 312 -45.02 -46.40 7.96
C VAL B 312 -45.07 -47.90 7.87
N ALA B 313 -44.17 -48.55 8.59
CA ALA B 313 -44.08 -49.99 8.60
C ALA B 313 -43.21 -50.32 9.82
N TRP B 314 -43.23 -51.57 10.26
CA TRP B 314 -42.38 -51.90 11.37
C TRP B 314 -41.44 -53.06 10.97
N SER B 315 -40.26 -53.12 11.58
CA SER B 315 -39.23 -54.09 11.16
C SER B 315 -38.19 -54.26 12.27
N ALA B 316 -37.32 -55.26 12.20
CA ALA B 316 -36.28 -55.35 13.22
C ALA B 316 -34.93 -55.54 12.56
N GLN B 317 -34.74 -54.76 11.49
CA GLN B 317 -33.54 -54.77 10.69
C GLN B 317 -33.95 -54.32 9.29
N ASN B 318 -34.03 -53.00 9.08
CA ASN B 318 -34.42 -52.45 7.79
C ASN B 318 -33.76 -51.09 7.61
N ARG B 319 -33.71 -50.62 6.36
CA ARG B 319 -33.09 -49.34 5.99
C ARG B 319 -33.94 -48.08 6.35
N SER B 320 -35.17 -47.98 5.83
CA SER B 320 -36.04 -46.85 6.20
C SER B 320 -37.27 -47.37 6.92
N PRO B 321 -37.07 -47.91 8.13
CA PRO B 321 -38.15 -48.45 8.95
C PRO B 321 -38.70 -47.30 9.80
N LEU B 322 -39.98 -47.33 10.12
CA LEU B 322 -40.55 -46.25 10.90
C LEU B 322 -40.62 -46.58 12.38
N ILE B 323 -40.43 -47.87 12.71
CA ILE B 323 -40.36 -48.34 14.09
C ILE B 323 -39.32 -49.41 14.00
N ARG B 324 -38.49 -49.51 15.02
CA ARG B 324 -37.45 -50.53 15.07
C ARG B 324 -37.64 -51.29 16.34
N ILE B 325 -37.38 -52.58 16.26
CA ILE B 325 -37.53 -53.47 17.40
C ILE B 325 -36.15 -54.03 17.68
N PRO B 326 -35.33 -53.29 18.44
CA PRO B 326 -33.99 -53.79 18.76
C PRO B 326 -34.04 -55.21 19.31
N ALA B 327 -33.02 -55.99 19.00
CA ALA B 327 -32.93 -57.38 19.41
C ALA B 327 -33.09 -57.71 20.91
N SER B 328 -32.13 -57.28 21.73
CA SER B 328 -32.14 -57.56 23.16
C SER B 328 -33.54 -57.55 23.70
N ARG B 329 -33.87 -58.56 24.49
CA ARG B 329 -35.19 -58.67 25.07
C ARG B 329 -35.10 -58.45 26.61
N GLY B 330 -35.74 -59.32 27.40
CA GLY B 330 -35.68 -59.19 28.84
C GLY B 330 -36.09 -57.81 29.32
N ILE B 331 -35.17 -57.03 29.89
CA ILE B 331 -35.58 -55.69 30.29
C ILE B 331 -35.05 -54.64 29.37
N SER B 332 -35.33 -54.81 28.10
CA SER B 332 -34.93 -53.84 27.13
C SER B 332 -35.80 -53.95 25.90
N THR B 333 -36.55 -55.03 25.81
CA THR B 333 -37.50 -55.23 24.72
C THR B 333 -38.11 -53.85 24.48
N ARG B 334 -37.79 -53.17 23.38
CA ARG B 334 -38.35 -51.81 23.22
C ARG B 334 -38.45 -51.20 21.82
N VAL B 335 -39.66 -50.84 21.44
CA VAL B 335 -39.95 -50.28 20.13
C VAL B 335 -39.25 -48.93 19.77
N GLU B 336 -38.08 -49.01 19.14
CA GLU B 336 -37.34 -47.80 18.73
C GLU B 336 -38.23 -47.05 17.75
N VAL B 337 -38.26 -45.72 17.87
CA VAL B 337 -39.11 -44.91 16.99
C VAL B 337 -38.26 -43.85 16.28
N ARG B 338 -37.88 -44.17 15.05
CA ARG B 338 -37.02 -43.30 14.28
C ARG B 338 -37.59 -42.26 13.31
N SER B 339 -38.55 -41.48 13.78
CA SER B 339 -39.04 -40.40 12.94
C SER B 339 -38.72 -39.11 13.72
N VAL B 340 -38.92 -39.13 15.04
CA VAL B 340 -38.67 -37.98 15.94
C VAL B 340 -37.35 -37.31 15.63
N ASP B 341 -37.32 -35.98 15.71
CA ASP B 341 -36.07 -35.29 15.48
C ASP B 341 -35.91 -34.33 16.62
N PRO B 342 -34.66 -34.06 17.01
CA PRO B 342 -34.19 -33.18 18.07
C PRO B 342 -34.85 -31.80 18.15
N ALA B 343 -35.50 -31.38 17.08
CA ALA B 343 -36.17 -30.08 17.11
C ALA B 343 -37.33 -30.29 18.09
N ALA B 344 -37.97 -31.43 17.87
CA ALA B 344 -39.16 -31.88 18.58
C ALA B 344 -39.31 -31.57 20.06
N ASN B 345 -40.39 -30.85 20.41
CA ASN B 345 -40.69 -30.57 21.83
C ASN B 345 -40.77 -31.92 22.58
N PRO B 346 -39.73 -32.25 23.39
CA PRO B 346 -39.57 -33.46 24.19
C PRO B 346 -40.86 -34.05 24.71
N TYR B 347 -41.51 -33.34 25.63
CA TYR B 347 -42.75 -33.83 26.22
C TYR B 347 -43.99 -33.91 25.29
N LEU B 348 -43.98 -33.19 24.17
CA LEU B 348 -45.14 -33.24 23.27
C LEU B 348 -45.01 -34.35 22.25
N ALA B 349 -43.77 -34.73 21.94
CA ALA B 349 -43.52 -35.83 21.02
C ALA B 349 -43.69 -37.11 21.86
N LEU B 350 -43.42 -36.98 23.15
CA LEU B 350 -43.52 -38.09 24.06
C LEU B 350 -44.95 -38.25 24.57
N SER B 351 -45.78 -37.24 24.34
CA SER B 351 -47.16 -37.32 24.79
C SER B 351 -47.95 -37.94 23.66
N VAL B 352 -47.67 -37.53 22.42
CA VAL B 352 -48.39 -38.10 21.29
C VAL B 352 -47.92 -39.50 20.93
N LEU B 353 -46.73 -39.91 21.40
CA LEU B 353 -46.20 -41.25 21.10
C LEU B 353 -46.80 -42.31 22.02
N LEU B 354 -46.81 -41.97 23.31
CA LEU B 354 -47.37 -42.82 24.34
C LEU B 354 -48.87 -42.63 24.42
N ALA B 355 -49.41 -41.80 23.56
CA ALA B 355 -50.85 -41.61 23.58
C ALA B 355 -51.42 -42.49 22.47
N ALA B 356 -50.63 -42.67 21.41
CA ALA B 356 -51.02 -43.47 20.26
C ALA B 356 -50.75 -44.89 20.58
N GLY B 357 -49.62 -45.13 21.23
CA GLY B 357 -49.30 -46.49 21.60
C GLY B 357 -50.42 -46.97 22.51
N LEU B 358 -50.75 -46.14 23.49
CA LEU B 358 -51.79 -46.45 24.47
C LEU B 358 -53.16 -46.53 23.88
N ASP B 359 -53.28 -46.33 22.56
CA ASP B 359 -54.58 -46.47 21.92
C ASP B 359 -54.62 -47.96 21.66
N GLY B 360 -53.53 -48.47 21.07
CA GLY B 360 -53.43 -49.87 20.75
C GLY B 360 -53.87 -50.74 21.91
N ILE B 361 -53.17 -50.61 23.03
CA ILE B 361 -53.44 -51.35 24.24
C ILE B 361 -54.89 -51.30 24.80
N LYS B 362 -55.70 -50.32 24.40
CA LYS B 362 -57.07 -50.24 24.93
C LYS B 362 -58.19 -50.62 23.96
N ASN B 363 -57.94 -50.50 22.67
CA ASN B 363 -58.91 -50.91 21.66
C ASN B 363 -58.24 -52.09 20.97
N LYS B 364 -57.37 -52.77 21.73
CA LYS B 364 -56.60 -53.93 21.28
C LYS B 364 -56.55 -54.11 19.77
N LEU B 365 -55.54 -53.52 19.14
CA LEU B 365 -55.37 -53.62 17.69
C LEU B 365 -54.40 -54.72 17.26
N GLU B 366 -54.37 -54.98 15.95
CA GLU B 366 -53.52 -56.01 15.35
C GLU B 366 -52.42 -55.37 14.55
N ALA B 367 -51.19 -55.63 14.94
CA ALA B 367 -50.10 -55.08 14.18
C ALA B 367 -50.39 -55.45 12.75
N PRO B 368 -49.88 -54.69 11.78
CA PRO B 368 -50.16 -55.14 10.42
C PRO B 368 -48.92 -55.97 10.05
N ALA B 369 -48.90 -56.58 8.87
CA ALA B 369 -47.74 -57.42 8.49
C ALA B 369 -46.37 -56.71 8.44
N PRO B 370 -45.49 -56.99 9.45
CA PRO B 370 -44.14 -56.42 9.56
C PRO B 370 -43.29 -56.57 8.28
N ILE B 371 -42.57 -55.52 7.89
CA ILE B 371 -41.78 -55.51 6.65
C ILE B 371 -40.37 -56.08 6.66
N ASP B 372 -39.88 -56.33 5.46
CA ASP B 372 -38.55 -56.86 5.21
C ASP B 372 -37.91 -56.18 4.00
N ARG B 373 -36.61 -56.35 3.90
CA ARG B 373 -35.83 -55.77 2.83
C ARG B 373 -36.51 -55.84 1.46
N ASN B 374 -37.43 -54.89 1.23
CA ASN B 374 -38.14 -54.78 -0.04
C ASN B 374 -39.08 -53.59 -0.23
N ILE B 375 -39.33 -52.76 0.77
CA ILE B 375 -40.23 -51.64 0.51
C ILE B 375 -39.50 -50.44 -0.14
N TYR B 376 -38.18 -50.38 0.01
CA TYR B 376 -37.35 -49.31 -0.55
C TYR B 376 -37.21 -49.42 -2.05
N VAL B 377 -37.26 -50.67 -2.48
CA VAL B 377 -37.13 -51.03 -3.87
C VAL B 377 -38.48 -50.97 -4.55
N MET B 378 -39.53 -51.21 -3.77
CA MET B 378 -40.87 -51.20 -4.32
C MET B 378 -41.27 -49.82 -4.83
N SER B 379 -42.56 -49.55 -4.88
CA SER B 379 -43.04 -48.28 -5.44
C SER B 379 -44.06 -47.54 -4.58
N LYS B 380 -44.22 -46.23 -4.82
CA LYS B 380 -45.20 -45.44 -4.07
C LYS B 380 -46.60 -45.86 -4.48
N GLU B 381 -46.68 -46.82 -5.40
CA GLU B 381 -47.93 -47.37 -5.87
C GLU B 381 -48.11 -48.71 -5.17
N GLU B 382 -47.15 -49.60 -5.39
CA GLU B 382 -47.15 -50.93 -4.81
C GLU B 382 -47.00 -50.95 -3.29
N ARG B 383 -46.69 -49.80 -2.70
CA ARG B 383 -46.52 -49.67 -1.25
C ARG B 383 -47.88 -49.33 -0.66
N MET B 384 -48.86 -49.17 -1.54
CA MET B 384 -50.21 -48.80 -1.15
C MET B 384 -51.15 -49.98 -0.88
N GLU B 385 -50.95 -51.09 -1.61
CA GLU B 385 -51.79 -52.28 -1.48
C GLU B 385 -51.66 -52.94 -0.12
N ASN B 386 -50.51 -52.73 0.51
CA ASN B 386 -50.21 -53.28 1.83
C ASN B 386 -50.13 -52.15 2.84
N GLY B 387 -50.34 -52.48 4.11
CA GLY B 387 -50.34 -51.50 5.19
C GLY B 387 -49.16 -50.54 5.22
N ILE B 388 -48.92 -49.85 4.12
CA ILE B 388 -47.83 -48.90 4.03
C ILE B 388 -48.39 -47.59 3.52
N VAL B 389 -47.82 -46.50 3.98
CA VAL B 389 -48.29 -45.19 3.58
C VAL B 389 -47.14 -44.24 3.76
N ASP B 390 -47.08 -43.20 2.94
CA ASP B 390 -46.03 -42.22 3.09
C ASP B 390 -46.23 -41.38 4.35
N LEU B 391 -45.14 -40.96 4.98
CA LEU B 391 -45.31 -40.06 6.09
C LEU B 391 -45.66 -38.81 5.27
N PRO B 392 -45.84 -37.64 5.89
CA PRO B 392 -46.17 -36.50 5.02
C PRO B 392 -44.90 -35.85 4.44
N ALA B 393 -45.01 -34.96 3.45
CA ALA B 393 -43.79 -34.32 2.90
C ALA B 393 -43.44 -32.86 3.29
N THR B 394 -44.35 -32.18 4.01
CA THR B 394 -44.18 -30.80 4.49
C THR B 394 -44.92 -30.60 5.81
N LEU B 395 -44.55 -29.57 6.56
CA LEU B 395 -45.22 -29.30 7.83
C LEU B 395 -46.68 -29.04 7.55
N ALA B 396 -47.06 -29.15 6.27
CA ALA B 396 -48.42 -28.87 5.83
C ALA B 396 -49.24 -30.10 5.47
N GLU B 397 -48.62 -31.08 4.82
CA GLU B 397 -49.31 -32.31 4.46
C GLU B 397 -49.44 -33.02 5.80
N ALA B 398 -48.54 -32.67 6.70
CA ALA B 398 -48.46 -33.23 8.03
C ALA B 398 -49.48 -32.68 9.02
N LEU B 399 -49.77 -31.40 8.95
CA LEU B 399 -50.70 -30.82 9.90
C LEU B 399 -52.13 -31.29 9.66
N GLU B 400 -52.42 -31.63 8.41
CA GLU B 400 -53.76 -32.08 8.05
C GLU B 400 -54.02 -33.42 8.70
N GLU B 401 -52.93 -34.16 8.89
CA GLU B 401 -53.00 -35.47 9.52
C GLU B 401 -53.24 -35.21 11.00
N PHE B 402 -52.58 -34.19 11.55
CA PHE B 402 -52.71 -33.87 12.97
C PHE B 402 -54.04 -33.22 13.33
N LYS B 403 -54.51 -32.31 12.50
CA LYS B 403 -55.81 -31.74 12.80
C LYS B 403 -56.77 -32.94 12.76
N SER B 404 -57.00 -33.49 11.58
CA SER B 404 -57.90 -34.64 11.46
C SER B 404 -57.99 -35.65 12.61
N ASN B 405 -56.86 -36.15 13.12
CA ASN B 405 -56.90 -37.15 14.19
C ASN B 405 -57.34 -36.69 15.58
N GLU B 406 -58.56 -37.11 15.96
CA GLU B 406 -59.13 -36.75 17.24
C GLU B 406 -58.33 -37.16 18.48
N VAL B 407 -57.71 -38.34 18.42
CA VAL B 407 -56.93 -38.90 19.54
C VAL B 407 -55.71 -38.04 19.82
N MET B 408 -55.02 -37.73 18.73
CA MET B 408 -53.83 -36.92 18.77
C MET B 408 -54.26 -35.74 19.60
N VAL B 409 -55.39 -35.20 19.19
CA VAL B 409 -55.98 -34.05 19.81
C VAL B 409 -56.19 -34.30 21.30
N LYS B 410 -56.58 -35.49 21.67
CA LYS B 410 -56.77 -35.75 23.08
C LYS B 410 -55.45 -35.71 23.84
N ALA B 411 -54.37 -36.18 23.23
CA ALA B 411 -53.06 -36.19 23.89
C ALA B 411 -52.53 -34.80 24.25
N LEU B 412 -52.78 -33.85 23.36
CA LEU B 412 -52.31 -32.49 23.54
C LEU B 412 -53.26 -31.63 24.34
N GLY B 413 -54.55 -31.93 24.28
CA GLY B 413 -55.50 -31.13 25.02
C GLY B 413 -55.97 -30.01 24.12
N GLU B 414 -56.90 -29.19 24.57
CA GLU B 414 -57.39 -28.11 23.70
C GLU B 414 -56.38 -26.98 23.48
N HIS B 415 -56.06 -26.31 24.58
CA HIS B 415 -55.16 -25.18 24.58
C HIS B 415 -53.95 -25.49 23.75
N LEU B 416 -53.34 -26.64 24.03
CA LEU B 416 -52.16 -26.99 23.27
C LEU B 416 -52.44 -27.26 21.81
N PHE B 417 -53.43 -28.07 21.49
CA PHE B 417 -53.70 -28.32 20.08
C PHE B 417 -54.04 -27.01 19.35
N GLU B 418 -54.90 -26.20 19.97
CA GLU B 418 -55.28 -24.94 19.37
C GLU B 418 -54.06 -24.17 18.97
N HIS B 419 -53.27 -23.80 19.96
CA HIS B 419 -52.09 -23.00 19.71
C HIS B 419 -50.97 -23.65 18.92
N PHE B 420 -50.60 -24.88 19.27
CA PHE B 420 -49.55 -25.55 18.51
C PHE B 420 -49.92 -25.45 17.04
N ILE B 421 -51.14 -25.88 16.71
CA ILE B 421 -51.63 -25.84 15.33
C ILE B 421 -51.54 -24.43 14.77
N GLU B 422 -51.93 -23.44 15.57
CA GLU B 422 -51.86 -22.05 15.14
C GLU B 422 -50.43 -21.73 14.75
N ALA B 423 -49.55 -21.85 15.75
CA ALA B 423 -48.14 -21.55 15.57
C ALA B 423 -47.57 -22.12 14.28
N LYS B 424 -47.67 -23.43 14.11
CA LYS B 424 -47.09 -24.10 12.96
C LYS B 424 -47.63 -23.70 11.61
N GLU B 425 -48.89 -23.30 11.61
CA GLU B 425 -49.52 -22.94 10.37
C GLU B 425 -49.11 -21.54 9.92
N ILE B 426 -48.57 -20.74 10.85
CA ILE B 426 -48.06 -19.39 10.55
C ILE B 426 -46.64 -19.57 10.07
N GLU B 427 -45.93 -20.39 10.82
CA GLU B 427 -44.57 -20.71 10.49
C GLU B 427 -44.60 -21.15 9.05
N TRP B 428 -45.24 -22.28 8.79
CA TRP B 428 -45.33 -22.78 7.43
C TRP B 428 -45.68 -21.66 6.46
N ASP B 429 -46.56 -20.75 6.87
CA ASP B 429 -46.95 -19.67 5.96
C ASP B 429 -45.88 -18.62 5.78
N MET B 430 -44.96 -18.53 6.72
CA MET B 430 -43.90 -17.56 6.57
C MET B 430 -42.95 -18.10 5.53
N PHE B 431 -42.73 -19.41 5.59
CA PHE B 431 -41.83 -20.09 4.68
C PHE B 431 -42.27 -20.11 3.23
N ARG B 432 -43.57 -20.29 3.02
CA ARG B 432 -44.17 -20.39 1.67
C ARG B 432 -44.39 -19.09 0.89
N THR B 433 -44.47 -17.99 1.60
CA THR B 433 -44.69 -16.73 0.93
C THR B 433 -43.37 -15.95 0.76
N GLN B 434 -42.27 -16.55 1.24
CA GLN B 434 -40.92 -15.96 1.14
C GLN B 434 -40.33 -16.31 -0.23
N VAL B 435 -39.48 -15.45 -0.76
CA VAL B 435 -38.90 -15.75 -2.07
C VAL B 435 -37.40 -16.09 -2.02
N HIS B 436 -37.15 -17.40 -1.87
CA HIS B 436 -35.82 -17.98 -1.77
C HIS B 436 -34.91 -17.84 -2.97
N PRO B 437 -33.57 -17.80 -2.72
CA PRO B 437 -32.51 -17.68 -3.72
C PRO B 437 -32.47 -18.84 -4.75
N TRP B 438 -33.15 -19.95 -4.43
CA TRP B 438 -33.22 -21.11 -5.32
C TRP B 438 -34.15 -20.75 -6.45
N GLU B 439 -35.27 -20.11 -6.10
CA GLU B 439 -36.27 -19.74 -7.09
C GLU B 439 -35.72 -18.63 -7.96
N ARG B 440 -34.59 -18.06 -7.57
CA ARG B 440 -33.93 -17.00 -8.34
C ARG B 440 -32.75 -17.64 -9.10
N GLU B 441 -32.29 -18.78 -8.56
CA GLU B 441 -31.20 -19.62 -9.09
C GLU B 441 -31.79 -20.43 -10.26
N GLN B 442 -33.13 -20.44 -10.34
CA GLN B 442 -33.87 -21.24 -11.34
C GLN B 442 -34.79 -20.53 -12.29
N TYR B 443 -35.33 -19.40 -11.86
CA TYR B 443 -36.31 -18.75 -12.69
C TYR B 443 -36.01 -17.35 -13.22
N MET B 444 -34.81 -16.83 -12.96
CA MET B 444 -34.47 -15.50 -13.44
C MET B 444 -33.92 -15.37 -14.88
N SER B 445 -33.10 -16.33 -15.30
CA SER B 445 -32.49 -16.28 -16.63
C SER B 445 -33.09 -17.19 -17.72
N GLN B 446 -33.84 -18.21 -17.32
CA GLN B 446 -34.44 -19.11 -18.31
C GLN B 446 -35.88 -18.68 -18.61
N TYR B 447 -36.39 -17.76 -17.78
CA TYR B 447 -37.75 -17.22 -17.93
C TYR B 447 -37.72 -15.68 -18.03
N ALA C 5 -3.31 33.39 63.21
CA ALA C 5 -1.98 32.69 63.05
C ALA C 5 -2.11 31.18 62.82
N LYS C 6 -1.28 30.65 61.92
CA LYS C 6 -1.32 29.24 61.57
C LYS C 6 0.05 28.57 61.71
N TYR C 7 1.02 29.01 60.90
CA TYR C 7 2.37 28.44 60.98
C TYR C 7 3.41 29.37 61.54
N THR C 8 4.18 28.86 62.49
CA THR C 8 5.27 29.63 63.05
C THR C 8 6.46 29.00 62.34
N ARG C 9 7.42 29.85 61.98
CA ARG C 9 8.62 29.48 61.26
C ARG C 9 9.42 28.25 61.69
N GLU C 10 9.51 28.02 62.98
CA GLU C 10 10.26 26.90 63.49
C GLU C 10 9.39 25.66 63.24
N ASP C 11 8.09 25.90 63.08
CA ASP C 11 7.10 24.83 62.83
C ASP C 11 7.28 24.29 61.43
N ILE C 12 7.47 25.23 60.52
CA ILE C 12 7.67 24.96 59.12
C ILE C 12 8.93 24.11 59.00
N GLU C 13 10.03 24.65 59.48
CA GLU C 13 11.31 23.95 59.40
C GLU C 13 11.25 22.51 59.92
N LYS C 14 10.60 22.30 61.07
CA LYS C 14 10.51 20.94 61.58
C LYS C 14 9.65 20.19 60.58
N LEU C 15 8.88 20.93 59.79
CA LEU C 15 8.03 20.28 58.80
C LEU C 15 8.72 19.91 57.50
N VAL C 16 9.50 20.83 56.94
CA VAL C 16 10.25 20.60 55.70
C VAL C 16 11.14 19.35 55.76
N LYS C 17 11.68 19.10 56.96
CA LYS C 17 12.54 17.95 57.23
C LYS C 17 11.72 16.67 57.34
N GLU C 18 11.03 16.55 58.47
CA GLU C 18 10.21 15.40 58.78
C GLU C 18 9.47 14.91 57.55
N GLU C 19 9.18 15.85 56.65
CA GLU C 19 8.43 15.59 55.44
C GLU C 19 9.25 15.21 54.20
N ASN C 20 10.50 15.67 54.20
CA ASN C 20 11.44 15.50 53.10
C ASN C 20 11.03 16.40 51.94
N VAL C 21 11.25 17.70 52.14
CA VAL C 21 10.97 18.73 51.14
C VAL C 21 12.34 19.15 50.61
N LYS C 22 12.51 19.04 49.30
CA LYS C 22 13.77 19.36 48.64
C LYS C 22 13.68 20.54 47.69
N TYR C 23 12.52 21.16 47.60
CA TYR C 23 12.39 22.23 46.64
C TYR C 23 11.27 23.23 46.97
N ILE C 24 11.64 24.51 47.09
CA ILE C 24 10.69 25.56 47.47
C ILE C 24 10.38 26.65 46.42
N ARG C 25 9.10 26.70 46.03
CA ARG C 25 8.57 27.62 45.01
C ARG C 25 7.76 28.79 45.59
N LEU C 26 8.41 29.95 45.73
CA LEU C 26 7.80 31.16 46.26
C LEU C 26 6.89 31.75 45.18
N GLN C 27 5.57 31.66 45.40
CA GLN C 27 4.58 32.15 44.41
C GLN C 27 4.02 33.55 44.68
N PHE C 28 3.90 34.33 43.62
CA PHE C 28 3.34 35.67 43.71
C PHE C 28 2.58 35.90 42.41
N THR C 29 1.45 36.59 42.47
CA THR C 29 0.65 36.80 41.26
C THR C 29 1.07 38.05 40.44
N ASP C 30 0.73 38.09 39.15
CA ASP C 30 1.11 39.24 38.30
C ASP C 30 -0.06 40.15 37.84
N ILE C 31 0.27 41.32 37.26
CA ILE C 31 -0.73 42.31 36.83
C ILE C 31 -1.96 41.88 36.06
N LEU C 32 -1.85 40.78 35.32
CA LEU C 32 -2.98 40.32 34.54
C LEU C 32 -3.66 39.18 35.25
N GLY C 33 -2.91 38.56 36.15
CA GLY C 33 -3.45 37.44 36.90
C GLY C 33 -2.64 36.17 36.73
N THR C 34 -1.63 36.17 35.86
CA THR C 34 -0.81 34.97 35.65
C THR C 34 -0.17 34.60 36.97
N ILE C 35 -0.27 33.35 37.41
CA ILE C 35 0.37 33.01 38.67
C ILE C 35 1.85 32.71 38.41
N LYS C 36 2.72 33.51 39.04
CA LYS C 36 4.17 33.45 38.89
C LYS C 36 4.96 33.14 40.16
N ASN C 37 6.17 32.61 39.98
CA ASN C 37 7.02 32.27 41.11
C ASN C 37 8.50 32.22 40.69
N VAL C 38 9.37 32.06 41.70
CA VAL C 38 10.82 31.96 41.48
C VAL C 38 11.35 30.83 42.36
N GLU C 39 11.25 29.62 41.84
CA GLU C 39 11.69 28.42 42.54
C GLU C 39 13.14 28.44 43.08
N ILE C 40 13.27 28.27 44.40
CA ILE C 40 14.58 28.24 45.06
C ILE C 40 14.69 26.99 45.94
N PRO C 41 15.86 26.32 45.91
CA PRO C 41 16.14 25.09 46.67
C PRO C 41 15.62 25.11 48.11
N VAL C 42 15.86 24.01 48.81
CA VAL C 42 15.45 23.92 50.19
C VAL C 42 16.64 24.32 51.05
N SER C 43 17.81 24.44 50.42
CA SER C 43 19.04 24.85 51.13
C SER C 43 19.35 26.34 50.91
N GLN C 44 18.28 27.12 50.89
CA GLN C 44 18.29 28.57 50.72
C GLN C 44 17.09 29.11 51.51
N LEU C 45 16.30 28.17 52.03
CA LEU C 45 15.08 28.44 52.81
C LEU C 45 15.30 29.27 54.08
N GLY C 46 16.53 29.30 54.57
CA GLY C 46 16.78 30.13 55.73
C GLY C 46 16.57 31.50 55.16
N LYS C 47 17.41 31.84 54.20
CA LYS C 47 17.38 33.12 53.51
C LYS C 47 15.98 33.40 52.95
N ALA C 48 15.24 32.33 52.66
CA ALA C 48 13.89 32.46 52.13
C ALA C 48 12.95 33.12 53.13
N LEU C 49 12.89 32.53 54.33
CA LEU C 49 12.02 32.99 55.42
C LEU C 49 12.57 34.16 56.22
N ASP C 50 13.79 34.58 55.92
CA ASP C 50 14.37 35.71 56.62
C ASP C 50 14.17 36.97 55.78
N ASN C 51 13.27 36.88 54.80
CA ASN C 51 12.94 37.99 53.90
C ASN C 51 14.10 38.60 53.13
N LYS C 52 15.04 37.76 52.68
CA LYS C 52 16.19 38.27 51.93
C LYS C 52 16.33 37.57 50.58
N VAL C 53 15.36 37.72 49.69
CA VAL C 53 15.47 37.02 48.43
C VAL C 53 15.00 37.86 47.27
N MET C 54 15.85 38.79 46.89
CA MET C 54 15.59 39.72 45.80
C MET C 54 15.20 39.08 44.48
N PHE C 55 14.71 39.94 43.59
CA PHE C 55 14.36 39.54 42.23
C PHE C 55 13.82 40.69 41.43
N ASP C 56 13.93 40.53 40.12
CA ASP C 56 13.44 41.49 39.15
C ASP C 56 11.91 41.54 39.35
N GLY C 57 11.43 42.56 40.06
CA GLY C 57 10.01 42.67 40.34
C GLY C 57 9.16 43.32 39.27
N SER C 58 9.79 43.94 38.27
CA SER C 58 9.03 44.55 37.19
C SER C 58 8.47 43.40 36.36
N SER C 59 8.79 42.19 36.82
CA SER C 59 8.34 40.98 36.18
C SER C 59 6.84 40.89 36.38
N ILE C 60 6.37 41.59 37.41
CA ILE C 60 4.95 41.66 37.75
C ILE C 60 4.16 42.49 36.76
N GLU C 61 4.81 43.46 36.10
CA GLU C 61 4.07 44.30 35.12
C GLU C 61 3.70 43.54 33.86
N GLY C 62 3.84 42.21 33.93
CA GLY C 62 3.50 41.34 32.82
C GLY C 62 4.24 41.80 31.59
N PHE C 63 3.62 41.66 30.43
CA PHE C 63 4.28 42.05 29.20
C PHE C 63 4.58 43.51 28.87
N VAL C 64 4.53 44.39 29.87
CA VAL C 64 4.85 45.79 29.64
C VAL C 64 6.05 46.32 30.46
N ARG C 65 6.89 45.42 30.97
CA ARG C 65 8.06 45.83 31.75
C ARG C 65 8.85 46.84 30.93
N ILE C 66 9.78 47.54 31.56
CA ILE C 66 10.63 48.50 30.86
C ILE C 66 12.04 48.55 31.41
N GLU C 67 12.19 48.19 32.68
CA GLU C 67 13.49 48.31 33.34
C GLU C 67 13.63 47.40 34.56
N GLU C 68 14.26 46.23 34.39
CA GLU C 68 14.48 45.30 35.49
C GLU C 68 14.48 46.06 36.81
N SER C 69 13.70 45.61 37.79
CA SER C 69 13.63 46.32 39.05
C SER C 69 13.63 45.39 40.27
N ASP C 70 14.79 45.25 40.90
CA ASP C 70 14.94 44.37 42.09
C ASP C 70 13.84 44.55 43.11
N MET C 71 13.67 43.55 43.96
CA MET C 71 12.68 43.62 44.99
C MET C 71 12.69 42.39 45.85
N TYR C 72 12.16 42.55 47.05
CA TYR C 72 12.14 41.49 48.03
C TYR C 72 10.88 40.62 48.12
N LEU C 73 11.13 39.36 48.45
CA LEU C 73 10.13 38.33 48.63
C LEU C 73 9.91 38.09 50.12
N TYR C 74 8.72 38.42 50.61
CA TYR C 74 8.36 38.23 52.02
C TYR C 74 7.32 37.10 52.12
N PRO C 75 7.78 35.84 52.29
CA PRO C 75 6.83 34.73 52.39
C PRO C 75 5.77 34.84 53.49
N ASP C 76 4.54 34.43 53.17
CA ASP C 76 3.44 34.44 54.12
C ASP C 76 3.41 33.04 54.69
N LEU C 77 4.00 32.84 55.87
CA LEU C 77 4.07 31.52 56.50
C LEU C 77 2.82 30.66 56.54
N ASN C 78 1.65 31.28 56.63
CA ASN C 78 0.40 30.52 56.72
C ASN C 78 -0.15 29.93 55.40
N THR C 79 0.20 30.56 54.28
CA THR C 79 -0.23 30.05 52.98
C THR C 79 0.80 28.99 52.60
N PHE C 80 1.27 28.25 53.59
CA PHE C 80 2.23 27.18 53.33
C PHE C 80 1.44 26.00 52.78
N VAL C 81 2.05 25.28 51.85
CA VAL C 81 1.41 24.15 51.19
C VAL C 81 2.40 23.12 50.69
N ILE C 82 2.16 21.84 50.97
CA ILE C 82 3.05 20.82 50.45
C ILE C 82 2.20 20.11 49.42
N PHE C 83 2.72 20.06 48.20
CA PHE C 83 2.01 19.45 47.08
C PHE C 83 1.93 17.91 47.15
N PRO C 84 0.77 17.33 46.77
CA PRO C 84 0.53 15.88 46.75
C PRO C 84 1.25 15.19 45.59
N TRP C 85 0.94 15.60 44.35
CA TRP C 85 1.61 14.98 43.20
C TRP C 85 3.08 15.27 43.34
N THR C 86 3.61 14.94 44.51
CA THR C 86 5.00 15.12 44.82
C THR C 86 5.25 14.22 46.01
N ALA C 87 6.51 13.84 46.08
CA ALA C 87 7.08 12.95 47.07
C ALA C 87 8.08 12.15 46.22
N GLU C 88 8.25 12.58 44.97
CA GLU C 88 9.12 11.93 43.98
C GLU C 88 10.59 12.39 43.88
N LYS C 89 11.36 12.22 44.95
CA LYS C 89 12.79 12.62 45.02
C LYS C 89 12.87 13.73 46.06
N GLY C 90 11.93 13.68 46.99
CA GLY C 90 11.83 14.68 48.04
C GLY C 90 10.43 15.24 47.82
N LYS C 91 10.07 16.34 48.48
CA LYS C 91 8.73 16.92 48.26
C LYS C 91 8.78 18.42 47.87
N VAL C 92 7.90 18.80 46.93
CA VAL C 92 7.81 20.16 46.38
C VAL C 92 6.75 21.10 47.00
N ALA C 93 7.12 21.88 48.01
CA ALA C 93 6.19 22.80 48.68
C ALA C 93 6.14 24.18 48.02
N ARG C 94 5.40 25.11 48.65
CA ARG C 94 5.25 26.48 48.15
C ARG C 94 4.80 27.51 49.20
N PHE C 95 5.27 28.74 49.03
CA PHE C 95 4.92 29.87 49.90
C PHE C 95 4.32 30.93 48.98
N ILE C 96 3.44 31.77 49.52
CA ILE C 96 2.87 32.86 48.73
C ILE C 96 3.40 34.10 49.42
N CYS C 97 3.43 35.23 48.73
CA CYS C 97 3.98 36.37 49.43
C CYS C 97 3.62 37.75 48.96
N ASP C 98 4.28 38.69 49.62
CA ASP C 98 4.18 40.11 49.35
C ASP C 98 5.54 40.54 48.83
N ILE C 99 5.52 41.52 47.92
CA ILE C 99 6.72 42.05 47.30
C ILE C 99 7.15 43.29 48.08
N TYR C 100 8.39 43.34 48.52
CA TYR C 100 8.76 44.53 49.23
C TYR C 100 9.87 45.27 48.54
N ASN C 101 9.72 46.59 48.54
CA ASN C 101 10.68 47.50 47.93
C ASN C 101 12.01 47.39 48.60
N PRO C 102 13.07 47.78 47.89
CA PRO C 102 14.38 47.67 48.52
C PRO C 102 14.58 48.65 49.68
N ASP C 103 13.48 49.04 50.31
CA ASP C 103 13.56 49.96 51.43
C ASP C 103 12.74 49.51 52.65
N GLY C 104 12.58 48.19 52.80
CA GLY C 104 11.82 47.62 53.91
C GLY C 104 10.34 47.93 53.88
N THR C 105 9.96 48.74 52.89
CA THR C 105 8.58 49.22 52.64
C THR C 105 7.99 48.53 51.37
N PRO C 106 6.93 47.71 51.54
CA PRO C 106 6.16 46.90 50.58
C PRO C 106 5.73 47.48 49.25
N PHE C 107 5.99 46.73 48.18
CA PHE C 107 5.65 47.14 46.83
C PHE C 107 4.17 47.47 46.66
N GLU C 108 3.92 48.67 46.17
CA GLU C 108 2.58 49.16 45.94
C GLU C 108 2.21 48.81 44.51
N GLY C 109 3.06 48.01 43.87
CA GLY C 109 2.81 47.60 42.50
C GLY C 109 2.49 46.12 42.50
N ASP C 110 2.55 45.54 43.70
CA ASP C 110 2.24 44.14 43.93
C ASP C 110 0.72 44.13 44.13
N PRO C 111 0.00 43.35 43.33
CA PRO C 111 -1.46 43.26 43.40
C PRO C 111 -2.02 42.82 44.75
N ARG C 112 -1.44 41.76 45.32
CA ARG C 112 -1.89 41.25 46.62
C ARG C 112 -1.90 42.41 47.60
N ASN C 113 -0.69 42.86 47.94
CA ASN C 113 -0.48 43.98 48.85
C ASN C 113 -1.50 45.08 48.64
N ASN C 114 -1.75 45.35 47.36
CA ASN C 114 -2.70 46.38 46.98
C ASN C 114 -4.10 46.03 47.42
N LEU C 115 -4.23 44.82 47.94
CA LEU C 115 -5.51 44.33 48.46
C LEU C 115 -5.64 44.69 49.93
N LYS C 116 -4.68 44.22 50.74
CA LYS C 116 -4.66 44.50 52.16
C LYS C 116 -4.83 46.00 52.37
N ARG C 117 -4.02 46.80 51.67
CA ARG C 117 -4.10 48.25 51.80
C ARG C 117 -5.52 48.77 51.78
N ILE C 118 -6.30 48.31 50.82
CA ILE C 118 -7.69 48.72 50.70
C ILE C 118 -8.50 48.07 51.82
N LEU C 119 -7.93 47.03 52.41
CA LEU C 119 -8.56 46.30 53.51
C LEU C 119 -8.31 47.13 54.76
N LYS C 120 -7.33 48.02 54.66
CA LYS C 120 -6.95 48.88 55.75
C LYS C 120 -7.75 50.16 55.62
N GLU C 121 -8.38 50.41 54.48
CA GLU C 121 -9.18 51.62 54.36
C GLU C 121 -10.60 51.31 54.84
N MET C 122 -10.78 50.11 55.38
CA MET C 122 -12.09 49.70 55.90
C MET C 122 -12.07 49.44 57.42
N GLU C 123 -10.87 49.21 57.99
CA GLU C 123 -10.72 49.02 59.43
C GLU C 123 -10.20 50.37 59.92
N ASP C 124 -9.86 51.23 58.97
CA ASP C 124 -9.41 52.60 59.22
C ASP C 124 -10.79 53.23 59.29
N LEU C 125 -11.69 52.51 58.62
CA LEU C 125 -13.08 52.88 58.42
C LEU C 125 -14.13 52.30 59.34
N GLY C 126 -13.77 51.34 60.19
CA GLY C 126 -14.74 50.78 61.11
C GLY C 126 -15.23 49.35 60.93
N PHE C 127 -14.52 48.54 60.15
CA PHE C 127 -14.94 47.14 59.93
C PHE C 127 -13.85 46.11 60.27
N SER C 128 -14.25 44.85 60.45
CA SER C 128 -13.29 43.80 60.81
C SER C 128 -12.80 42.92 59.65
N ASP C 129 -13.69 42.10 59.07
CA ASP C 129 -13.31 41.25 57.94
C ASP C 129 -14.29 41.43 56.79
N PHE C 130 -13.75 41.54 55.59
CA PHE C 130 -14.58 41.63 54.40
C PHE C 130 -14.37 40.17 54.02
N ASN C 131 -15.43 39.43 53.72
CA ASN C 131 -15.23 38.03 53.37
C ASN C 131 -15.74 37.59 52.00
N LEU C 132 -14.99 36.68 51.38
CA LEU C 132 -15.30 36.19 50.06
C LEU C 132 -15.69 34.71 50.01
N GLY C 133 -16.77 34.44 49.28
CA GLY C 133 -17.28 33.09 49.07
C GLY C 133 -17.28 32.93 47.56
N PRO C 134 -16.29 32.18 46.99
CA PRO C 134 -16.12 31.92 45.56
C PRO C 134 -16.95 30.82 44.89
N GLU C 135 -17.57 31.19 43.77
CA GLU C 135 -18.35 30.25 42.95
C GLU C 135 -17.70 30.12 41.53
N PRO C 136 -16.39 29.81 41.46
CA PRO C 136 -15.71 29.67 40.18
C PRO C 136 -16.26 28.51 39.35
N GLU C 137 -16.52 28.77 38.06
CA GLU C 137 -17.03 27.76 37.14
C GLU C 137 -15.94 27.40 36.10
N PHE C 138 -16.04 26.27 35.41
CA PHE C 138 -14.96 25.90 34.50
C PHE C 138 -15.11 24.67 33.60
N PHE C 139 -14.54 24.76 32.40
CA PHE C 139 -14.57 23.66 31.45
C PHE C 139 -13.37 22.74 31.58
N LEU C 140 -13.42 21.69 30.79
CA LEU C 140 -12.38 20.70 30.68
C LEU C 140 -12.52 20.19 29.24
N PHE C 141 -11.50 20.45 28.41
CA PHE C 141 -11.54 19.97 27.03
C PHE C 141 -10.68 18.70 26.94
N LYS C 142 -11.06 17.76 26.08
CA LYS C 142 -10.32 16.51 25.95
C LYS C 142 -8.99 16.72 25.24
N LEU C 143 -7.93 16.12 25.77
CA LEU C 143 -6.62 16.21 25.15
C LEU C 143 -6.57 15.01 24.22
N ASP C 144 -5.97 15.23 23.07
CA ASP C 144 -5.85 14.25 22.02
C ASP C 144 -4.59 13.39 22.07
N GLU C 145 -4.12 13.06 20.86
CA GLU C 145 -2.92 12.29 20.61
C GLU C 145 -1.74 13.03 21.27
N LYS C 146 -1.46 14.22 20.74
CA LYS C 146 -0.35 15.09 21.16
C LYS C 146 -0.28 15.71 22.55
N GLY C 147 -1.32 15.53 23.36
CA GLY C 147 -1.26 16.13 24.67
C GLY C 147 -1.54 17.60 24.51
N GLU C 148 -2.03 17.97 23.34
CA GLU C 148 -2.41 19.36 23.11
C GLU C 148 -3.89 19.33 23.43
N PRO C 149 -4.51 20.50 23.58
CA PRO C 149 -5.93 20.46 23.88
C PRO C 149 -6.68 20.37 22.57
N THR C 150 -7.82 19.69 22.56
CA THR C 150 -8.64 19.60 21.36
C THR C 150 -9.83 20.44 21.75
N LEU C 151 -10.90 20.44 20.96
CA LEU C 151 -12.05 21.23 21.33
C LEU C 151 -13.24 20.41 21.73
N GLU C 152 -13.04 19.12 21.93
CA GLU C 152 -14.14 18.27 22.36
C GLU C 152 -14.32 18.58 23.86
N LEU C 153 -15.55 18.49 24.35
CA LEU C 153 -15.80 18.69 25.78
C LEU C 153 -15.64 17.29 26.36
N ASN C 154 -15.49 17.19 27.68
CA ASN C 154 -15.30 15.87 28.29
C ASN C 154 -16.57 15.02 28.44
N ASP C 155 -17.73 15.62 28.23
CA ASP C 155 -18.97 14.88 28.41
C ASP C 155 -20.11 15.57 27.72
N LYS C 156 -21.30 15.05 27.96
CA LYS C 156 -22.46 15.65 27.38
C LYS C 156 -23.42 15.97 28.55
N GLY C 157 -22.88 16.59 29.61
CA GLY C 157 -23.67 16.92 30.80
C GLY C 157 -24.17 18.35 30.92
N GLY C 158 -25.32 18.48 31.62
CA GLY C 158 -25.99 19.74 31.87
C GLY C 158 -26.13 20.07 33.34
N TYR C 159 -26.76 21.20 33.66
CA TYR C 159 -26.99 21.69 35.05
C TYR C 159 -27.16 20.58 36.05
N PHE C 160 -26.38 20.57 37.13
CA PHE C 160 -26.47 19.52 38.16
C PHE C 160 -26.78 18.05 37.72
N ASP C 161 -25.85 17.32 37.12
CA ASP C 161 -26.23 15.97 36.70
C ASP C 161 -25.56 14.78 37.38
N LEU C 162 -25.71 13.59 36.79
CA LEU C 162 -25.16 12.35 37.36
C LEU C 162 -24.51 11.34 36.41
N ALA C 163 -23.31 10.90 36.80
CA ALA C 163 -22.47 9.94 36.06
C ALA C 163 -21.48 10.55 35.04
N PRO C 164 -21.45 11.91 34.89
CA PRO C 164 -20.63 12.75 33.98
C PRO C 164 -19.34 12.22 33.33
N THR C 165 -19.43 11.22 32.44
CA THR C 165 -18.24 10.60 31.79
C THR C 165 -17.10 10.62 32.78
N ASP C 166 -16.78 9.44 33.33
CA ASP C 166 -15.78 9.35 34.37
C ASP C 166 -14.54 10.22 34.29
N LEU C 167 -14.41 11.01 33.24
CA LEU C 167 -13.30 11.94 33.13
C LEU C 167 -13.74 13.19 33.90
N GLY C 168 -15.00 13.59 33.69
CA GLY C 168 -15.55 14.74 34.39
C GLY C 168 -15.97 14.33 35.81
N GLU C 169 -17.03 13.53 35.92
CA GLU C 169 -17.52 13.03 37.22
C GLU C 169 -16.33 12.75 38.09
N ASN C 170 -15.41 11.93 37.61
CA ASN C 170 -14.26 11.66 38.42
C ASN C 170 -13.18 12.76 38.40
N CYS C 171 -13.24 13.69 37.46
CA CYS C 171 -12.25 14.77 37.49
C CYS C 171 -12.75 15.74 38.56
N ARG C 172 -14.04 16.09 38.49
CA ARG C 172 -14.64 16.99 39.46
C ARG C 172 -14.58 16.31 40.83
N ARG C 173 -14.00 15.13 40.87
CA ARG C 173 -13.87 14.41 42.11
C ARG C 173 -12.43 14.56 42.51
N ASP C 174 -11.56 13.84 41.81
CA ASP C 174 -10.14 13.90 42.12
C ASP C 174 -9.74 15.29 42.56
N ILE C 175 -10.20 16.29 41.83
CA ILE C 175 -9.93 17.69 42.18
C ILE C 175 -10.32 17.86 43.65
N VAL C 176 -11.60 17.62 43.94
CA VAL C 176 -12.16 17.80 45.27
C VAL C 176 -11.47 16.89 46.26
N LEU C 177 -11.22 15.65 45.84
CA LEU C 177 -10.58 14.72 46.75
C LEU C 177 -9.20 15.22 47.13
N GLU C 178 -8.54 15.87 46.17
CA GLU C 178 -7.20 16.43 46.37
C GLU C 178 -7.22 17.75 47.15
N LEU C 179 -8.00 18.70 46.66
CA LEU C 179 -8.08 20.00 47.33
C LEU C 179 -8.35 19.82 48.81
N GLU C 180 -8.87 18.66 49.19
CA GLU C 180 -9.15 18.41 50.59
C GLU C 180 -7.93 17.80 51.28
N GLU C 181 -6.86 17.58 50.52
CA GLU C 181 -5.62 17.06 51.06
C GLU C 181 -4.70 18.23 50.94
N MET C 182 -5.28 19.40 51.02
CA MET C 182 -4.57 20.66 50.93
C MET C 182 -5.52 21.62 51.64
N GLY C 183 -6.13 21.07 52.69
CA GLY C 183 -7.05 21.82 53.51
C GLY C 183 -7.99 22.75 52.78
N PHE C 184 -8.91 22.18 52.03
CA PHE C 184 -9.88 23.02 51.34
C PHE C 184 -11.30 22.78 51.85
N GLU C 185 -11.78 23.72 52.66
CA GLU C 185 -13.15 23.65 53.17
C GLU C 185 -13.98 23.90 51.90
N ILE C 186 -14.13 22.88 51.07
CA ILE C 186 -14.90 22.96 49.81
C ILE C 186 -16.40 22.78 50.14
N GLU C 187 -17.24 23.81 50.04
CA GLU C 187 -18.63 23.60 50.44
C GLU C 187 -19.35 22.55 49.60
N ALA C 188 -19.44 22.74 48.29
CA ALA C 188 -20.10 21.72 47.47
C ALA C 188 -19.80 21.86 45.97
N SER C 189 -19.69 20.75 45.26
CA SER C 189 -19.42 20.84 43.85
C SER C 189 -20.56 20.23 43.07
N HIS C 190 -20.63 20.61 41.79
CA HIS C 190 -21.67 20.14 40.89
C HIS C 190 -21.27 20.49 39.45
N HIS C 191 -21.98 19.91 38.50
CA HIS C 191 -21.76 20.08 37.05
C HIS C 191 -22.62 21.31 36.67
N GLU C 192 -22.13 22.24 35.83
CA GLU C 192 -22.96 23.42 35.50
C GLU C 192 -23.88 23.25 34.31
N VAL C 193 -24.65 24.30 34.03
CA VAL C 193 -25.60 24.31 32.90
C VAL C 193 -25.14 23.63 31.59
N ALA C 194 -24.00 24.10 31.08
CA ALA C 194 -23.42 23.70 29.81
C ALA C 194 -22.48 22.51 29.78
N PRO C 195 -22.45 21.78 28.65
CA PRO C 195 -21.60 20.60 28.49
C PRO C 195 -20.17 20.89 28.91
N GLY C 196 -19.58 19.94 29.60
CA GLY C 196 -18.23 20.15 30.06
C GLY C 196 -18.30 21.04 31.29
N GLN C 197 -18.77 22.27 31.15
CA GLN C 197 -18.83 23.21 32.29
C GLN C 197 -18.99 22.55 33.68
N HIS C 198 -18.16 23.00 34.62
CA HIS C 198 -18.11 22.50 35.99
C HIS C 198 -17.89 23.59 37.06
N GLU C 199 -18.45 23.42 38.26
CA GLU C 199 -18.20 24.38 39.35
C GLU C 199 -17.93 23.71 40.70
N ILE C 200 -17.13 24.38 41.52
CA ILE C 200 -16.78 23.90 42.85
C ILE C 200 -16.71 25.07 43.83
N ASP C 201 -17.70 25.18 44.70
CA ASP C 201 -17.78 26.24 45.70
C ASP C 201 -16.76 26.10 46.84
N PHE C 202 -16.32 27.23 47.38
CA PHE C 202 -15.37 27.24 48.51
C PHE C 202 -16.10 27.79 49.74
N LYS C 203 -15.57 27.53 50.93
CA LYS C 203 -16.18 28.08 52.13
C LYS C 203 -15.72 29.53 52.12
N TYR C 204 -16.46 30.44 52.76
CA TYR C 204 -16.00 31.84 52.73
C TYR C 204 -14.77 32.12 53.59
N ALA C 205 -14.22 33.33 53.46
CA ALA C 205 -13.05 33.69 54.24
C ALA C 205 -12.60 35.09 53.91
N GLY C 206 -11.57 35.57 54.62
CA GLY C 206 -11.03 36.90 54.40
C GLY C 206 -10.53 36.97 52.98
N ALA C 207 -10.84 38.07 52.29
CA ALA C 207 -10.46 38.21 50.90
C ALA C 207 -9.07 37.68 50.55
N VAL C 208 -8.10 37.83 51.45
CA VAL C 208 -6.76 37.31 51.16
C VAL C 208 -6.74 35.78 51.22
N ARG C 209 -7.17 35.14 52.30
CA ARG C 209 -7.18 33.67 52.31
C ARG C 209 -8.16 33.15 51.26
N SER C 210 -8.93 34.02 50.59
CA SER C 210 -9.83 33.49 49.56
C SER C 210 -9.43 33.87 48.13
N CYS C 211 -8.61 34.91 47.96
CA CYS C 211 -8.13 35.29 46.62
C CYS C 211 -6.93 34.40 46.35
N ASP C 212 -6.36 33.91 47.45
CA ASP C 212 -5.24 33.00 47.40
C ASP C 212 -5.78 31.64 47.02
N ASP C 213 -6.84 31.23 47.70
CA ASP C 213 -7.36 29.92 47.43
C ASP C 213 -8.01 29.85 46.05
N ILE C 214 -7.86 30.94 45.30
CA ILE C 214 -8.34 31.05 43.92
C ILE C 214 -7.17 30.88 42.94
N GLN C 215 -5.97 31.33 43.36
CA GLN C 215 -4.79 31.17 42.52
C GLN C 215 -4.51 29.71 42.62
N THR C 216 -4.35 29.24 43.86
CA THR C 216 -4.07 27.83 44.13
C THR C 216 -5.02 26.93 43.35
N PHE C 217 -6.31 27.17 43.53
CA PHE C 217 -7.34 26.37 42.87
C PHE C 217 -7.06 26.15 41.37
N LYS C 218 -6.82 27.22 40.61
CA LYS C 218 -6.53 27.10 39.16
C LYS C 218 -5.42 26.07 39.02
N LEU C 219 -4.28 26.43 39.58
CA LEU C 219 -3.09 25.60 39.56
C LEU C 219 -3.42 24.13 39.71
N VAL C 220 -4.10 23.78 40.79
CA VAL C 220 -4.46 22.40 41.07
C VAL C 220 -5.59 21.81 40.21
N VAL C 221 -6.41 22.67 39.61
CA VAL C 221 -7.52 22.23 38.76
C VAL C 221 -6.94 21.88 37.42
N LYS C 222 -6.27 22.87 36.82
CA LYS C 222 -5.60 22.75 35.50
C LYS C 222 -4.64 21.56 35.40
N THR C 223 -3.90 21.30 36.47
CA THR C 223 -2.97 20.17 36.47
C THR C 223 -3.69 18.84 36.61
N ILE C 224 -4.34 18.64 37.76
CA ILE C 224 -5.06 17.40 37.99
C ILE C 224 -5.82 17.05 36.72
N ALA C 225 -6.35 18.08 36.04
CA ALA C 225 -7.13 17.91 34.84
C ALA C 225 -6.38 17.05 33.88
N ARG C 226 -5.17 17.48 33.60
CA ARG C 226 -4.34 16.78 32.65
C ARG C 226 -4.06 15.33 33.06
N LYS C 227 -3.84 15.11 34.36
CA LYS C 227 -3.61 13.78 34.90
C LYS C 227 -4.69 12.87 34.31
N HIS C 228 -5.87 13.47 34.07
CA HIS C 228 -7.03 12.79 33.47
C HIS C 228 -6.98 13.07 31.97
N GLY C 229 -5.77 13.26 31.44
CA GLY C 229 -5.58 13.55 30.02
C GLY C 229 -6.37 14.72 29.44
N LEU C 230 -6.95 15.55 30.33
CA LEU C 230 -7.80 16.70 29.96
C LEU C 230 -7.27 18.11 30.24
N HIS C 231 -7.76 19.06 29.47
CA HIS C 231 -7.37 20.45 29.62
C HIS C 231 -8.36 21.19 30.49
N ALA C 232 -7.83 21.98 31.42
CA ALA C 232 -8.65 22.82 32.26
C ALA C 232 -8.43 24.22 31.67
N THR C 233 -9.44 25.09 31.76
CA THR C 233 -9.28 26.46 31.24
C THR C 233 -10.40 27.34 31.79
N PHE C 234 -10.00 28.40 32.49
CA PHE C 234 -10.94 29.32 33.11
C PHE C 234 -11.42 30.44 32.21
N MET C 235 -11.35 30.18 30.92
CA MET C 235 -11.73 31.11 29.86
C MET C 235 -13.21 31.48 29.71
N PRO C 236 -13.56 32.72 30.09
CA PRO C 236 -14.92 33.26 30.02
C PRO C 236 -15.91 32.61 29.03
N LYS C 237 -15.78 32.90 27.74
CA LYS C 237 -16.66 32.30 26.74
C LYS C 237 -15.77 31.65 25.70
N PRO C 238 -15.38 30.39 25.94
CA PRO C 238 -14.51 29.69 24.99
C PRO C 238 -15.26 29.39 23.72
N LEU C 239 -16.47 28.88 23.88
CA LEU C 239 -17.32 28.53 22.75
C LEU C 239 -18.63 29.35 22.72
N PHE C 240 -18.93 29.78 21.51
CA PHE C 240 -20.08 30.62 21.13
C PHE C 240 -21.46 29.95 21.09
N GLY C 241 -22.42 30.48 21.85
CA GLY C 241 -23.76 29.92 21.82
C GLY C 241 -23.88 29.02 23.03
N VAL C 242 -22.71 28.76 23.60
CA VAL C 242 -22.57 27.96 24.79
C VAL C 242 -22.31 28.88 25.98
N ASN C 243 -23.07 28.69 27.06
CA ASN C 243 -22.91 29.48 28.28
C ASN C 243 -21.40 29.60 28.52
N GLY C 244 -20.96 30.74 29.04
CA GLY C 244 -19.54 30.93 29.33
C GLY C 244 -19.26 30.56 30.77
N SER C 245 -18.07 30.85 31.27
CA SER C 245 -17.77 30.55 32.66
C SER C 245 -17.84 31.78 33.53
N GLY C 246 -18.58 31.63 34.62
CA GLY C 246 -18.75 32.71 35.56
C GLY C 246 -18.10 32.36 36.89
N MET C 247 -17.63 33.38 37.56
CA MET C 247 -17.00 33.16 38.83
C MET C 247 -17.62 34.14 39.79
N HIS C 248 -18.87 33.86 40.11
CA HIS C 248 -19.61 34.69 41.04
C HIS C 248 -18.80 34.99 42.32
N CYS C 249 -19.04 36.17 42.88
CA CYS C 249 -18.40 36.60 44.11
C CYS C 249 -19.42 36.95 45.18
N ASN C 250 -19.41 36.20 46.25
CA ASN C 250 -20.34 36.50 47.30
C ASN C 250 -19.53 37.41 48.19
N LEU C 251 -20.19 38.36 48.85
CA LEU C 251 -19.49 39.32 49.69
C LEU C 251 -20.22 39.65 50.97
N SER C 252 -19.49 39.69 52.07
CA SER C 252 -20.10 39.99 53.35
C SER C 252 -19.13 40.68 54.33
N LEU C 253 -19.41 41.94 54.64
CA LEU C 253 -18.62 42.79 55.56
C LEU C 253 -19.06 42.70 57.01
N PHE C 254 -18.11 42.50 57.92
CA PHE C 254 -18.39 42.40 59.37
C PHE C 254 -17.77 43.56 60.14
N LYS C 255 -18.13 43.72 61.41
CA LYS C 255 -17.53 44.77 62.26
C LYS C 255 -17.53 44.40 63.75
N ASN C 256 -16.45 43.74 64.16
CA ASN C 256 -16.24 43.23 65.51
C ASN C 256 -16.95 41.87 65.57
N GLY C 257 -16.57 40.96 64.68
CA GLY C 257 -17.17 39.62 64.63
C GLY C 257 -18.69 39.58 64.53
N VAL C 258 -19.26 40.52 63.75
CA VAL C 258 -20.72 40.64 63.58
C VAL C 258 -21.15 41.08 62.14
N ASN C 259 -21.61 40.15 61.28
CA ASN C 259 -22.00 40.55 59.91
C ASN C 259 -22.88 41.80 59.80
N ALA C 260 -22.28 42.85 59.24
CA ALA C 260 -22.88 44.19 59.06
C ALA C 260 -23.98 44.41 58.02
N PHE C 261 -24.32 43.38 57.27
CA PHE C 261 -25.37 43.49 56.26
C PHE C 261 -26.68 42.85 56.71
N PHE C 262 -26.70 42.37 57.95
CA PHE C 262 -27.90 41.71 58.47
C PHE C 262 -28.59 42.49 59.56
N ASP C 263 -29.81 42.92 59.29
CA ASP C 263 -30.51 43.70 60.30
C ASP C 263 -31.97 43.24 60.43
N GLU C 264 -32.26 42.48 61.49
CA GLU C 264 -33.61 41.95 61.73
C GLU C 264 -34.70 42.96 61.42
N ASN C 265 -34.96 43.83 62.40
CA ASN C 265 -36.01 44.84 62.34
C ASN C 265 -36.25 45.65 61.06
N ALA C 266 -35.33 45.62 60.10
CA ALA C 266 -35.51 46.39 58.88
C ALA C 266 -36.16 45.66 57.69
N ASP C 267 -36.12 46.31 56.52
CA ASP C 267 -36.69 45.75 55.28
C ASP C 267 -35.68 44.90 54.47
N LEU C 268 -36.15 43.73 54.03
CA LEU C 268 -35.35 42.75 53.28
C LEU C 268 -34.25 42.20 54.22
N GLN C 269 -34.43 42.45 55.52
CA GLN C 269 -33.52 42.03 56.60
C GLN C 269 -32.14 42.63 56.41
N LEU C 270 -32.04 43.55 55.45
CA LEU C 270 -30.80 44.25 55.12
C LEU C 270 -30.56 45.52 55.90
N SER C 271 -29.43 45.54 56.61
CA SER C 271 -29.05 46.72 57.38
C SER C 271 -28.90 47.82 56.33
N GLU C 272 -28.73 49.06 56.79
CA GLU C 272 -28.57 50.15 55.84
C GLU C 272 -27.14 50.15 55.33
N THR C 273 -26.23 49.62 56.12
CA THR C 273 -24.85 49.54 55.68
C THR C 273 -25.02 48.86 54.34
N ALA C 274 -25.83 47.80 54.38
CA ALA C 274 -26.13 46.97 53.22
C ALA C 274 -26.70 47.76 52.06
N LYS C 275 -27.72 48.58 52.30
CA LYS C 275 -28.33 49.37 51.23
C LYS C 275 -27.28 50.30 50.64
N HIS C 276 -26.34 50.71 51.48
CA HIS C 276 -25.27 51.60 51.08
C HIS C 276 -24.27 50.81 50.31
N PHE C 277 -23.91 49.64 50.81
CA PHE C 277 -22.94 48.88 50.09
C PHE C 277 -23.41 48.64 48.62
N ILE C 278 -24.65 48.12 48.51
CA ILE C 278 -25.29 47.81 47.21
C ILE C 278 -25.19 49.08 46.42
N ALA C 279 -25.73 50.14 47.00
CA ALA C 279 -25.75 51.45 46.41
C ALA C 279 -24.52 51.77 45.61
N GLY C 280 -23.35 51.51 46.22
CA GLY C 280 -22.06 51.81 45.65
C GLY C 280 -21.64 50.96 44.49
N ILE C 281 -21.73 49.65 44.66
CA ILE C 281 -21.34 48.77 43.59
C ILE C 281 -22.18 49.07 42.34
N VAL C 282 -23.42 49.52 42.54
CA VAL C 282 -24.27 49.87 41.40
C VAL C 282 -23.66 51.12 40.70
N LYS C 283 -23.19 52.08 41.52
CA LYS C 283 -22.61 53.33 41.01
C LYS C 283 -21.38 53.09 40.17
N HIS C 284 -20.42 52.36 40.73
CA HIS C 284 -19.17 52.08 40.03
C HIS C 284 -19.18 50.78 39.18
N ALA C 285 -20.29 50.04 39.16
CA ALA C 285 -20.37 48.79 38.40
C ALA C 285 -19.80 48.96 37.01
N THR C 286 -20.42 49.85 36.27
CA THR C 286 -20.08 50.20 34.90
C THR C 286 -18.63 50.54 34.66
N SER C 287 -17.91 50.88 35.72
CA SER C 287 -16.52 51.26 35.53
C SER C 287 -15.41 50.34 36.02
N PHE C 288 -15.68 49.39 36.92
CA PHE C 288 -14.59 48.50 37.34
C PHE C 288 -14.71 47.27 36.50
N THR C 289 -15.51 47.34 35.45
CA THR C 289 -15.72 46.18 34.62
C THR C 289 -14.54 45.94 33.74
N ALA C 290 -13.60 46.85 33.79
CA ALA C 290 -12.38 46.71 33.03
C ALA C 290 -11.54 45.67 33.81
N VAL C 291 -11.63 45.76 35.13
CA VAL C 291 -10.91 44.86 36.04
C VAL C 291 -11.66 43.58 36.50
N THR C 292 -12.98 43.54 36.38
CA THR C 292 -13.74 42.37 36.80
C THR C 292 -14.06 41.48 35.62
N ASN C 293 -13.67 41.92 34.44
CA ASN C 293 -13.86 41.17 33.20
C ASN C 293 -12.75 41.72 32.29
N PRO C 294 -11.48 41.42 32.64
CA PRO C 294 -10.26 41.86 31.93
C PRO C 294 -9.96 41.44 30.48
N THR C 295 -10.52 40.34 30.00
CA THR C 295 -10.15 39.93 28.66
C THR C 295 -11.10 40.26 27.51
N VAL C 296 -10.51 40.29 26.32
CA VAL C 296 -11.23 40.53 25.06
C VAL C 296 -12.45 39.63 25.10
N ASN C 297 -12.21 38.46 25.69
CA ASN C 297 -13.15 37.37 25.84
C ASN C 297 -14.20 37.46 26.96
N SER C 298 -13.97 38.26 27.99
CA SER C 298 -14.99 38.34 29.02
C SER C 298 -16.22 39.09 28.55
N TYR C 299 -16.22 39.55 27.29
CA TYR C 299 -17.37 40.26 26.74
C TYR C 299 -18.16 39.51 25.65
N LYS C 300 -17.74 38.29 25.35
CA LYS C 300 -18.45 37.42 24.40
C LYS C 300 -19.26 36.47 25.29
N ARG C 301 -19.15 36.71 26.59
CA ARG C 301 -19.85 35.94 27.62
C ARG C 301 -20.89 36.91 28.09
N LEU C 302 -20.51 38.19 28.11
CA LEU C 302 -21.40 39.26 28.51
C LEU C 302 -22.12 39.75 27.27
N VAL C 303 -23.15 38.99 26.95
CA VAL C 303 -24.01 39.25 25.83
C VAL C 303 -25.31 38.75 26.43
N PRO C 304 -26.46 39.03 25.79
CA PRO C 304 -27.71 38.57 26.37
C PRO C 304 -28.17 37.16 26.04
N GLY C 305 -28.83 36.58 27.04
CA GLY C 305 -29.34 35.23 26.95
C GLY C 305 -28.73 34.51 28.13
N TYR C 306 -27.83 33.59 27.83
CA TYR C 306 -27.07 32.83 28.84
C TYR C 306 -26.90 33.65 30.14
N GLU C 307 -27.51 33.23 31.25
CA GLU C 307 -27.41 34.00 32.50
C GLU C 307 -26.04 34.61 32.73
N ALA C 308 -25.85 35.76 32.09
CA ALA C 308 -24.62 36.55 32.17
C ALA C 308 -25.20 37.94 32.20
N PRO C 309 -24.85 38.74 33.23
CA PRO C 309 -25.30 40.11 33.50
C PRO C 309 -24.89 41.20 32.50
N CYS C 310 -25.86 41.68 31.71
CA CYS C 310 -25.59 42.71 30.70
C CYS C 310 -26.16 44.04 31.08
N TYR C 311 -26.96 44.06 32.14
CA TYR C 311 -27.56 45.29 32.58
C TYR C 311 -27.14 45.44 34.04
N VAL C 312 -26.78 46.66 34.46
CA VAL C 312 -26.39 46.93 35.85
C VAL C 312 -27.65 47.09 36.75
N ALA C 313 -27.94 46.10 37.59
CA ALA C 313 -29.13 46.18 38.44
C ALA C 313 -29.07 45.19 39.60
N TRP C 314 -29.64 45.56 40.76
CA TRP C 314 -29.61 44.66 41.92
C TRP C 314 -30.87 43.85 42.10
N SER C 315 -30.80 42.80 42.92
CA SER C 315 -31.97 41.97 43.13
C SER C 315 -31.86 40.96 44.25
N ALA C 316 -32.95 40.21 44.35
CA ALA C 316 -33.16 39.12 45.29
C ALA C 316 -33.57 38.01 44.33
N GLN C 317 -33.81 38.43 43.08
CA GLN C 317 -34.18 37.49 42.04
C GLN C 317 -34.44 38.12 40.67
N ASN C 318 -34.23 37.31 39.63
CA ASN C 318 -34.41 37.76 38.25
C ASN C 318 -33.70 36.81 37.29
N ARG C 319 -33.75 37.17 36.01
CA ARG C 319 -33.17 36.47 34.87
C ARG C 319 -31.66 36.41 35.04
N SER C 320 -31.06 37.59 35.14
CA SER C 320 -29.62 37.71 35.34
C SER C 320 -29.19 39.08 35.89
N PRO C 321 -29.46 39.33 37.18
CA PRO C 321 -29.12 40.55 37.91
C PRO C 321 -27.61 40.68 38.09
N LEU C 322 -27.12 41.92 37.98
CA LEU C 322 -25.69 42.22 38.14
C LEU C 322 -25.26 42.05 39.58
N ILE C 323 -26.25 41.90 40.46
CA ILE C 323 -26.01 41.71 41.88
C ILE C 323 -27.08 40.70 42.26
N ARG C 324 -26.75 39.73 43.10
CA ARG C 324 -27.77 38.81 43.53
C ARG C 324 -27.73 38.69 45.03
N ILE C 325 -28.85 38.96 45.66
CA ILE C 325 -28.88 38.85 47.10
C ILE C 325 -29.43 37.47 47.42
N PRO C 326 -28.60 36.61 48.02
CA PRO C 326 -29.18 35.30 48.31
C PRO C 326 -30.18 35.45 49.46
N ALA C 327 -31.09 34.50 49.56
CA ALA C 327 -32.13 34.54 50.56
C ALA C 327 -31.70 34.16 51.96
N SER C 328 -30.42 33.93 52.18
CA SER C 328 -29.98 33.54 53.51
C SER C 328 -29.49 34.71 54.35
N ARG C 329 -30.13 34.93 55.50
CA ARG C 329 -29.68 36.00 56.37
C ARG C 329 -28.91 35.41 57.54
N GLY C 330 -28.55 36.26 58.49
CA GLY C 330 -27.78 35.82 59.64
C GLY C 330 -26.34 36.18 59.31
N ILE C 331 -25.43 35.23 59.52
CA ILE C 331 -24.00 35.42 59.26
C ILE C 331 -23.77 35.39 57.78
N SER C 332 -24.74 34.80 57.10
CA SER C 332 -24.65 34.59 55.68
C SER C 332 -25.28 35.67 54.82
N THR C 333 -25.88 36.67 55.44
CA THR C 333 -26.48 37.75 54.70
C THR C 333 -25.38 38.25 53.75
N ARG C 334 -25.55 38.08 52.44
CA ARG C 334 -24.52 38.55 51.53
C ARG C 334 -25.05 39.29 50.31
N VAL C 335 -24.12 39.89 49.57
CA VAL C 335 -24.41 40.58 48.33
C VAL C 335 -23.50 39.77 47.41
N GLU C 336 -24.00 39.38 46.24
CA GLU C 336 -23.21 38.61 45.25
C GLU C 336 -23.05 39.38 43.94
N VAL C 337 -21.81 39.70 43.58
CA VAL C 337 -21.52 40.43 42.34
C VAL C 337 -21.32 39.41 41.26
N ARG C 338 -22.32 39.19 40.43
CA ARG C 338 -22.19 38.16 39.41
C ARG C 338 -21.35 38.44 38.16
N SER C 339 -20.92 39.69 37.97
CA SER C 339 -20.13 40.06 36.81
C SER C 339 -18.68 39.51 36.74
N VAL C 340 -17.97 39.52 37.85
CA VAL C 340 -16.59 39.01 37.83
C VAL C 340 -16.55 37.71 37.00
N ASP C 341 -15.42 37.43 36.37
CA ASP C 341 -15.29 36.16 35.68
C ASP C 341 -13.92 35.56 35.94
N PRO C 342 -13.84 34.22 35.99
CA PRO C 342 -12.63 33.43 36.25
C PRO C 342 -11.28 33.91 35.72
N ALA C 343 -11.32 34.90 34.87
CA ALA C 343 -10.10 35.41 34.30
C ALA C 343 -9.62 36.71 34.96
N ALA C 344 -10.40 37.27 35.87
CA ALA C 344 -10.02 38.50 36.53
C ALA C 344 -8.86 38.18 37.45
N ASN C 345 -8.12 39.20 37.84
CA ASN C 345 -7.03 38.95 38.74
C ASN C 345 -7.65 38.88 40.09
N PRO C 346 -7.78 37.66 40.63
CA PRO C 346 -8.37 37.45 41.94
C PRO C 346 -8.17 38.63 42.88
N TYR C 347 -6.99 39.26 42.82
CA TYR C 347 -6.67 40.40 43.69
C TYR C 347 -7.07 41.82 43.28
N LEU C 348 -6.75 42.20 42.04
CA LEU C 348 -7.11 43.54 41.60
C LEU C 348 -8.63 43.52 41.61
N ALA C 349 -9.17 42.47 41.02
CA ALA C 349 -10.60 42.26 40.94
C ALA C 349 -11.21 42.72 42.26
N LEU C 350 -10.93 41.95 43.29
CA LEU C 350 -11.45 42.20 44.63
C LEU C 350 -11.13 43.55 45.27
N SER C 351 -9.99 44.16 44.99
CA SER C 351 -9.67 45.44 45.61
C SER C 351 -10.70 46.53 45.25
N VAL C 352 -11.06 46.59 43.97
CA VAL C 352 -12.01 47.59 43.45
C VAL C 352 -13.50 47.49 43.85
N LEU C 353 -13.97 46.29 44.17
CA LEU C 353 -15.35 46.03 44.60
C LEU C 353 -15.52 46.54 45.99
N LEU C 354 -14.79 45.90 46.90
CA LEU C 354 -14.81 46.32 48.28
C LEU C 354 -14.74 47.83 48.11
N ALA C 355 -13.88 48.26 47.18
CA ALA C 355 -13.65 49.69 46.89
C ALA C 355 -14.92 50.52 46.61
N ALA C 356 -15.73 50.11 45.64
CA ALA C 356 -16.95 50.83 45.33
C ALA C 356 -17.93 50.50 46.44
N GLY C 357 -17.55 49.48 47.20
CA GLY C 357 -18.36 49.10 48.32
C GLY C 357 -18.20 50.17 49.39
N LEU C 358 -16.95 50.62 49.59
CA LEU C 358 -16.64 51.62 50.62
C LEU C 358 -16.92 53.10 50.24
N ASP C 359 -16.96 53.44 48.96
CA ASP C 359 -17.33 54.82 48.63
C ASP C 359 -18.68 54.76 49.34
N GLY C 360 -19.54 53.88 48.83
CA GLY C 360 -20.89 53.63 49.34
C GLY C 360 -21.19 53.78 50.83
N ILE C 361 -20.43 53.09 51.67
CA ILE C 361 -20.68 53.19 53.11
C ILE C 361 -20.29 54.60 53.55
N LYS C 362 -19.09 55.00 53.11
CA LYS C 362 -18.43 56.31 53.37
C LYS C 362 -19.11 57.60 52.94
N ASN C 363 -19.91 57.53 51.89
CA ASN C 363 -20.57 58.72 51.39
C ASN C 363 -22.09 58.58 51.56
N LYS C 364 -22.50 57.55 52.30
CA LYS C 364 -23.91 57.31 52.54
C LYS C 364 -24.71 57.45 51.26
N LEU C 365 -24.36 56.61 50.29
CA LEU C 365 -24.99 56.58 48.98
C LEU C 365 -26.34 55.88 49.02
N GLU C 366 -27.23 56.27 48.11
CA GLU C 366 -28.58 55.73 48.03
C GLU C 366 -28.78 54.80 46.85
N ALA C 367 -29.16 53.57 47.19
CA ALA C 367 -29.37 52.54 46.20
C ALA C 367 -30.71 52.66 45.56
N PRO C 368 -30.80 52.28 44.28
CA PRO C 368 -32.11 52.37 43.63
C PRO C 368 -33.02 51.17 43.96
N ALA C 369 -34.12 51.10 43.24
CA ALA C 369 -35.11 50.06 43.43
C ALA C 369 -34.64 48.70 42.96
N PRO C 370 -34.83 47.65 43.78
CA PRO C 370 -34.38 46.36 43.29
C PRO C 370 -35.07 46.23 41.92
N ILE C 371 -34.63 45.29 41.08
CA ILE C 371 -35.26 45.17 39.77
C ILE C 371 -36.36 44.08 39.71
N ASP C 372 -37.60 44.55 39.60
CA ASP C 372 -38.76 43.69 39.57
C ASP C 372 -39.11 43.07 38.22
N ARG C 373 -39.89 43.78 37.40
CA ARG C 373 -40.34 43.27 36.09
C ARG C 373 -39.19 42.53 35.44
N ASN C 374 -38.19 43.31 35.03
CA ASN C 374 -36.95 42.84 34.41
C ASN C 374 -36.54 43.87 33.40
N ILE C 375 -35.45 43.63 32.72
CA ILE C 375 -34.92 44.60 31.80
C ILE C 375 -34.64 44.04 30.41
N TYR C 376 -35.05 42.80 30.22
CA TYR C 376 -34.81 42.10 28.98
C TYR C 376 -35.91 42.28 27.97
N VAL C 377 -37.13 42.44 28.46
CA VAL C 377 -38.32 42.62 27.62
C VAL C 377 -38.56 44.09 27.30
N MET C 378 -37.76 44.95 27.95
CA MET C 378 -37.83 46.39 27.74
C MET C 378 -36.86 46.65 26.60
N SER C 379 -36.90 47.85 26.03
CA SER C 379 -35.97 48.18 24.95
C SER C 379 -34.68 48.60 25.69
N LYS C 380 -33.70 49.17 24.99
CA LYS C 380 -32.51 49.64 25.70
C LYS C 380 -32.84 51.04 26.17
N GLU C 381 -33.72 51.68 25.40
CA GLU C 381 -34.18 53.05 25.63
C GLU C 381 -35.17 53.19 26.78
N GLU C 382 -36.00 52.19 27.00
CA GLU C 382 -36.96 52.24 28.08
C GLU C 382 -36.24 52.07 29.41
N ARG C 383 -35.31 51.11 29.45
CA ARG C 383 -34.54 50.86 30.66
C ARG C 383 -33.71 52.09 30.99
N MET C 384 -33.16 52.72 29.97
CA MET C 384 -32.34 53.91 30.15
C MET C 384 -33.17 54.93 30.93
N GLU C 385 -34.48 54.70 30.96
CA GLU C 385 -35.40 55.58 31.67
C GLU C 385 -35.40 55.19 33.13
N ASN C 386 -35.62 53.92 33.41
CA ASN C 386 -35.60 53.48 34.80
C ASN C 386 -34.23 53.62 35.42
N GLY C 387 -33.25 54.06 34.62
CA GLY C 387 -31.89 54.23 35.09
C GLY C 387 -31.13 52.94 35.13
N ILE C 388 -31.44 52.05 34.20
CA ILE C 388 -30.77 50.77 34.12
C ILE C 388 -29.74 50.99 33.01
N VAL C 389 -28.49 51.19 33.38
CA VAL C 389 -27.44 51.38 32.38
C VAL C 389 -26.91 49.99 32.07
N ASP C 390 -26.63 49.72 30.80
CA ASP C 390 -26.11 48.42 30.44
C ASP C 390 -24.67 48.36 30.95
N LEU C 391 -23.93 47.33 30.56
CA LEU C 391 -22.53 47.22 30.98
C LEU C 391 -21.73 47.49 29.71
N PRO C 392 -20.45 47.82 29.85
CA PRO C 392 -19.63 48.09 28.67
C PRO C 392 -19.61 46.81 27.81
N ALA C 393 -19.54 46.94 26.49
CA ALA C 393 -19.56 45.76 25.58
C ALA C 393 -18.23 45.26 25.00
N THR C 394 -17.18 46.03 25.22
CA THR C 394 -15.83 45.66 24.79
C THR C 394 -14.88 46.13 25.87
N LEU C 395 -13.76 45.44 25.95
CA LEU C 395 -12.68 45.73 26.89
C LEU C 395 -12.16 47.15 26.64
N ALA C 396 -12.57 47.69 25.50
CA ALA C 396 -12.22 49.04 25.04
C ALA C 396 -13.18 49.99 25.69
N GLU C 397 -14.45 49.62 25.63
CA GLU C 397 -15.49 50.41 26.20
C GLU C 397 -15.37 50.41 27.73
N ALA C 398 -14.82 49.34 28.27
CA ALA C 398 -14.64 49.25 29.72
C ALA C 398 -13.44 50.10 30.14
N LEU C 399 -12.28 49.86 29.53
CA LEU C 399 -11.09 50.62 29.87
C LEU C 399 -11.45 52.09 29.94
N GLU C 400 -11.98 52.64 28.85
CA GLU C 400 -12.37 54.04 28.86
C GLU C 400 -13.11 54.35 30.14
N GLU C 401 -14.34 53.83 30.27
CA GLU C 401 -15.15 54.06 31.47
C GLU C 401 -14.41 53.91 32.79
N PHE C 402 -13.38 53.06 32.80
CA PHE C 402 -12.52 52.80 33.95
C PHE C 402 -11.50 53.94 34.22
N LYS C 403 -11.00 54.51 33.13
CA LYS C 403 -10.03 55.60 33.15
C LYS C 403 -10.72 56.86 33.71
N SER C 404 -11.90 57.14 33.17
CA SER C 404 -12.66 58.31 33.56
C SER C 404 -13.37 58.18 34.92
N ASN C 405 -12.84 57.33 35.80
CA ASN C 405 -13.42 57.11 37.12
C ASN C 405 -12.37 57.25 38.20
N GLU C 406 -12.15 58.46 38.65
CA GLU C 406 -11.12 58.74 39.66
C GLU C 406 -11.17 58.05 41.06
N VAL C 407 -11.96 56.99 41.20
CA VAL C 407 -12.00 56.29 42.49
C VAL C 407 -11.34 54.93 42.35
N MET C 408 -11.40 54.38 41.14
CA MET C 408 -10.76 53.10 40.85
C MET C 408 -9.26 53.42 40.83
N VAL C 409 -8.94 54.53 40.16
CA VAL C 409 -7.56 54.98 40.07
C VAL C 409 -7.04 54.80 41.49
N LYS C 410 -7.85 55.22 42.44
CA LYS C 410 -7.53 55.11 43.86
C LYS C 410 -7.45 53.65 44.31
N ALA C 411 -8.47 52.86 43.96
CA ALA C 411 -8.51 51.47 44.36
C ALA C 411 -7.28 50.73 43.93
N LEU C 412 -6.67 51.16 42.83
CA LEU C 412 -5.49 50.47 42.31
C LEU C 412 -4.13 51.12 42.54
N GLY C 413 -4.15 52.43 42.73
CA GLY C 413 -2.91 53.12 42.95
C GLY C 413 -2.50 53.72 41.63
N GLU C 414 -1.56 54.63 41.70
CA GLU C 414 -1.14 55.25 40.50
C GLU C 414 -0.39 54.18 39.77
N HIS C 415 0.43 53.44 40.51
CA HIS C 415 1.24 52.44 39.85
C HIS C 415 0.59 51.42 38.94
N LEU C 416 -0.12 50.44 39.50
CA LEU C 416 -0.78 49.43 38.66
C LEU C 416 -1.57 50.07 37.54
N PHE C 417 -2.70 50.68 37.90
CA PHE C 417 -3.56 51.37 36.97
C PHE C 417 -2.76 51.83 35.76
N GLU C 418 -1.73 52.63 36.02
CA GLU C 418 -0.87 53.15 34.97
C GLU C 418 -0.48 51.98 34.08
N HIS C 419 0.22 51.02 34.65
CA HIS C 419 0.63 49.87 33.87
C HIS C 419 -0.51 48.90 33.52
N PHE C 420 -1.72 49.15 34.01
CA PHE C 420 -2.83 48.25 33.71
C PHE C 420 -3.68 48.70 32.51
N ILE C 421 -3.80 50.01 32.31
CA ILE C 421 -4.54 50.54 31.17
C ILE C 421 -3.70 50.25 29.93
N GLU C 422 -2.42 50.55 30.09
CA GLU C 422 -1.37 50.39 29.11
C GLU C 422 -1.39 48.98 28.56
N ALA C 423 -1.17 48.03 29.45
CA ALA C 423 -1.12 46.64 29.06
C ALA C 423 -2.39 46.23 28.35
N LYS C 424 -3.53 46.39 29.02
CA LYS C 424 -4.80 45.96 28.43
C LYS C 424 -5.01 46.63 27.10
N GLU C 425 -4.51 47.85 26.98
CA GLU C 425 -4.64 48.58 25.74
C GLU C 425 -3.96 47.88 24.59
N ILE C 426 -2.79 47.33 24.86
CA ILE C 426 -2.03 46.64 23.83
C ILE C 426 -2.75 45.35 23.57
N GLU C 427 -3.57 44.98 24.53
CA GLU C 427 -4.35 43.77 24.42
C GLU C 427 -5.50 44.13 23.49
N TRP C 428 -6.00 45.36 23.62
CA TRP C 428 -7.11 45.77 22.76
C TRP C 428 -6.65 46.08 21.36
N ASP C 429 -5.45 46.64 21.23
CA ASP C 429 -4.98 46.98 19.92
C ASP C 429 -4.53 45.78 19.09
N MET C 430 -4.20 44.66 19.72
CA MET C 430 -3.81 43.51 18.92
C MET C 430 -5.03 42.77 18.38
N PHE C 431 -6.12 42.81 19.13
CA PHE C 431 -7.34 42.14 18.70
C PHE C 431 -8.11 42.96 17.66
N ARG C 432 -7.95 44.27 17.76
CA ARG C 432 -8.62 45.22 16.89
C ARG C 432 -7.97 45.33 15.51
N THR C 433 -6.77 44.80 15.34
CA THR C 433 -6.14 44.93 14.04
C THR C 433 -6.11 43.65 13.18
N GLN C 434 -6.09 42.48 13.85
CA GLN C 434 -6.08 41.13 13.23
C GLN C 434 -7.19 40.83 12.22
N VAL C 435 -6.95 39.84 11.38
CA VAL C 435 -7.96 39.44 10.41
C VAL C 435 -8.42 38.00 10.73
N HIS C 436 -9.57 37.93 11.37
CA HIS C 436 -10.20 36.69 11.81
C HIS C 436 -11.00 36.07 10.69
N PRO C 437 -10.85 34.76 10.49
CA PRO C 437 -11.58 34.07 9.42
C PRO C 437 -12.96 34.67 9.26
N TRP C 438 -13.68 34.84 10.37
CA TRP C 438 -15.04 35.38 10.31
C TRP C 438 -15.22 36.43 9.24
N GLU C 439 -14.44 37.50 9.26
CA GLU C 439 -14.58 38.55 8.25
C GLU C 439 -14.37 37.97 6.83
N ARG C 440 -13.48 36.98 6.72
CA ARG C 440 -13.17 36.35 5.45
C ARG C 440 -14.29 35.39 5.00
N GLU C 441 -14.83 34.59 5.92
CA GLU C 441 -15.95 33.70 5.59
C GLU C 441 -17.14 34.65 5.50
N GLN C 442 -16.83 35.93 5.39
CA GLN C 442 -17.80 37.02 5.33
C GLN C 442 -17.68 37.97 4.13
N TYR C 443 -16.49 38.52 3.92
CA TYR C 443 -16.29 39.49 2.86
C TYR C 443 -15.38 39.08 1.73
N MET C 444 -14.71 37.94 1.85
CA MET C 444 -13.81 37.51 0.80
C MET C 444 -14.54 37.32 -0.54
N SER C 445 -15.71 36.68 -0.43
CA SER C 445 -16.61 36.28 -1.52
C SER C 445 -17.73 37.21 -2.05
N GLN C 446 -18.50 37.84 -1.15
CA GLN C 446 -19.59 38.74 -1.53
C GLN C 446 -19.01 39.93 -2.32
N TYR C 447 -17.84 40.40 -1.88
CA TYR C 447 -17.13 41.56 -2.47
C TYR C 447 -15.89 41.26 -3.31
N GLY D 1 -41.95 -0.29 -50.12
CA GLY D 1 -43.11 -0.69 -49.23
C GLY D 1 -43.90 -1.90 -49.72
N SER D 2 -44.89 -2.34 -48.91
CA SER D 2 -45.76 -3.48 -49.30
C SER D 2 -47.31 -3.25 -49.09
N HIS D 3 -48.14 -4.25 -49.46
CA HIS D 3 -49.63 -4.16 -49.31
C HIS D 3 -50.00 -5.11 -48.11
N MET D 4 -51.23 -5.22 -47.54
CA MET D 4 -51.33 -6.15 -46.34
C MET D 4 -51.59 -7.69 -46.52
N ALA D 5 -51.75 -8.46 -45.43
CA ALA D 5 -52.02 -9.93 -45.47
C ALA D 5 -51.05 -11.00 -44.90
N LYS D 6 -50.56 -11.89 -45.77
CA LYS D 6 -49.65 -13.01 -45.42
C LYS D 6 -48.37 -12.98 -46.30
N TYR D 7 -47.66 -14.13 -46.39
CA TYR D 7 -46.47 -14.31 -47.27
C TYR D 7 -46.59 -15.64 -47.97
N THR D 8 -46.00 -15.72 -49.15
CA THR D 8 -45.94 -16.95 -49.92
C THR D 8 -44.43 -17.10 -50.13
N ARG D 9 -43.99 -18.17 -50.79
CA ARG D 9 -42.56 -18.43 -50.97
C ARG D 9 -41.70 -17.45 -51.73
N GLU D 10 -42.06 -17.28 -52.99
CA GLU D 10 -41.36 -16.41 -53.89
C GLU D 10 -41.14 -15.01 -53.26
N ASP D 11 -41.98 -14.66 -52.27
CA ASP D 11 -41.92 -13.37 -51.57
C ASP D 11 -40.73 -13.30 -50.63
N ILE D 12 -40.57 -14.38 -49.86
CA ILE D 12 -39.52 -14.54 -48.86
C ILE D 12 -38.19 -14.59 -49.58
N GLU D 13 -38.09 -15.55 -50.47
CA GLU D 13 -36.89 -15.75 -51.23
C GLU D 13 -36.31 -14.39 -51.64
N LYS D 14 -37.19 -13.46 -52.04
CA LYS D 14 -36.72 -12.14 -52.47
C LYS D 14 -36.21 -11.25 -51.33
N LEU D 15 -37.03 -11.02 -50.30
CA LEU D 15 -36.59 -10.18 -49.18
C LEU D 15 -35.25 -10.68 -48.67
N VAL D 16 -35.04 -11.99 -48.68
CA VAL D 16 -33.77 -12.48 -48.18
C VAL D 16 -32.63 -11.99 -49.04
N LYS D 17 -32.72 -12.26 -50.34
CA LYS D 17 -31.69 -11.87 -51.30
C LYS D 17 -31.49 -10.36 -51.45
N GLU D 18 -32.53 -9.62 -51.09
CA GLU D 18 -32.62 -8.18 -51.24
C GLU D 18 -32.53 -7.40 -49.95
N GLU D 19 -32.16 -8.07 -48.88
CA GLU D 19 -32.04 -7.41 -47.60
C GLU D 19 -30.77 -7.98 -47.08
N ASN D 20 -30.35 -9.05 -47.75
CA ASN D 20 -29.14 -9.76 -47.42
C ASN D 20 -29.21 -10.59 -46.14
N VAL D 21 -29.92 -11.71 -46.20
CA VAL D 21 -30.05 -12.63 -45.08
C VAL D 21 -29.02 -13.76 -45.28
N LYS D 22 -28.37 -14.15 -44.18
CA LYS D 22 -27.32 -15.20 -44.20
C LYS D 22 -27.46 -16.33 -43.15
N TYR D 23 -28.10 -16.06 -42.02
CA TYR D 23 -28.27 -17.06 -40.96
C TYR D 23 -29.76 -17.32 -40.79
N ILE D 24 -30.16 -18.57 -40.57
CA ILE D 24 -31.60 -18.87 -40.44
C ILE D 24 -32.03 -19.68 -39.19
N ARG D 25 -32.82 -19.02 -38.33
CA ARG D 25 -33.33 -19.59 -37.07
C ARG D 25 -34.72 -20.23 -36.94
N LEU D 26 -34.86 -21.46 -37.44
CA LEU D 26 -36.11 -22.21 -37.35
C LEU D 26 -36.39 -22.31 -35.84
N GLN D 27 -37.32 -21.47 -35.40
CA GLN D 27 -37.69 -21.29 -34.00
C GLN D 27 -39.00 -21.97 -33.60
N PHE D 28 -38.98 -22.64 -32.44
CA PHE D 28 -40.15 -23.38 -31.96
C PHE D 28 -40.13 -23.46 -30.43
N THR D 29 -41.28 -23.66 -29.78
CA THR D 29 -41.31 -23.70 -28.30
C THR D 29 -41.47 -25.06 -27.57
N ASP D 30 -40.68 -25.25 -26.50
CA ASP D 30 -40.68 -26.49 -25.70
C ASP D 30 -41.68 -26.51 -24.54
N ILE D 31 -41.82 -27.68 -23.90
CA ILE D 31 -42.78 -27.90 -22.81
C ILE D 31 -42.81 -26.83 -21.71
N LEU D 32 -41.65 -26.39 -21.27
CA LEU D 32 -41.56 -25.39 -20.21
C LEU D 32 -41.49 -23.99 -20.79
N GLY D 33 -42.07 -23.79 -21.97
CA GLY D 33 -42.02 -22.46 -22.54
C GLY D 33 -40.65 -21.82 -22.67
N THR D 34 -39.63 -22.65 -22.85
CA THR D 34 -38.28 -22.12 -23.08
C THR D 34 -38.46 -21.85 -24.55
N ILE D 35 -37.50 -21.26 -25.23
CA ILE D 35 -37.72 -21.10 -26.63
C ILE D 35 -36.44 -21.44 -27.37
N LYS D 36 -36.52 -22.54 -28.09
CA LYS D 36 -35.41 -23.11 -28.84
C LYS D 36 -35.62 -23.09 -30.35
N ASN D 37 -34.55 -23.37 -31.08
CA ASN D 37 -34.58 -23.39 -32.54
C ASN D 37 -33.33 -24.10 -33.00
N VAL D 38 -33.27 -24.46 -34.27
CA VAL D 38 -32.08 -25.06 -34.85
C VAL D 38 -31.62 -24.02 -35.89
N GLU D 39 -30.32 -23.84 -36.06
CA GLU D 39 -29.85 -22.80 -36.97
C GLU D 39 -29.14 -23.23 -38.24
N ILE D 40 -29.88 -23.10 -39.35
CA ILE D 40 -29.37 -23.46 -40.67
C ILE D 40 -29.00 -22.16 -41.38
N PRO D 41 -28.03 -22.23 -42.28
CA PRO D 41 -27.56 -21.06 -43.03
C PRO D 41 -28.55 -20.74 -44.13
N VAL D 42 -28.40 -19.57 -44.73
CA VAL D 42 -29.29 -19.18 -45.80
C VAL D 42 -29.14 -20.18 -46.94
N SER D 43 -27.97 -20.83 -47.00
CA SER D 43 -27.68 -21.81 -48.05
C SER D 43 -28.28 -23.22 -47.84
N GLN D 44 -29.42 -23.29 -47.17
CA GLN D 44 -30.13 -24.55 -46.90
C GLN D 44 -31.60 -24.20 -46.84
N LEU D 45 -31.86 -22.91 -46.65
CA LEU D 45 -33.21 -22.36 -46.58
C LEU D 45 -34.09 -22.94 -47.67
N GLY D 46 -33.48 -23.24 -48.81
CA GLY D 46 -34.25 -23.81 -49.89
C GLY D 46 -34.94 -24.99 -49.28
N LYS D 47 -34.12 -25.97 -48.93
CA LYS D 47 -34.56 -27.21 -48.33
C LYS D 47 -35.42 -26.97 -47.07
N ALA D 48 -35.17 -25.86 -46.40
CA ALA D 48 -35.90 -25.51 -45.18
C ALA D 48 -37.41 -25.38 -45.40
N LEU D 49 -37.79 -24.59 -46.42
CA LEU D 49 -39.21 -24.33 -46.75
C LEU D 49 -39.87 -25.35 -47.64
N ASP D 50 -39.12 -26.35 -48.08
CA ASP D 50 -39.70 -27.39 -48.90
C ASP D 50 -40.08 -28.36 -47.79
N ASN D 51 -40.12 -27.82 -46.58
CA ASN D 51 -40.44 -28.55 -45.35
C ASN D 51 -39.74 -29.89 -45.19
N LYS D 52 -38.42 -29.87 -45.40
CA LYS D 52 -37.64 -31.08 -45.26
C LYS D 52 -36.57 -31.04 -44.18
N VAL D 53 -36.35 -29.89 -43.55
CA VAL D 53 -35.38 -29.83 -42.46
C VAL D 53 -35.87 -30.90 -41.46
N MET D 54 -35.14 -31.21 -40.42
CA MET D 54 -35.60 -32.28 -39.52
C MET D 54 -34.77 -32.25 -38.23
N PHE D 55 -35.10 -33.06 -37.21
CA PHE D 55 -34.29 -33.05 -36.00
C PHE D 55 -34.67 -33.98 -34.85
N ASP D 56 -34.06 -33.74 -33.69
CA ASP D 56 -34.33 -34.51 -32.47
C ASP D 56 -35.45 -33.80 -31.69
N GLY D 57 -36.68 -34.19 -32.00
CA GLY D 57 -37.87 -33.60 -31.38
C GLY D 57 -38.22 -33.91 -29.94
N SER D 58 -37.49 -34.81 -29.29
CA SER D 58 -37.78 -35.07 -27.88
C SER D 58 -36.89 -34.04 -27.23
N SER D 59 -36.55 -33.03 -28.01
CA SER D 59 -35.75 -31.92 -27.55
C SER D 59 -36.76 -31.03 -26.87
N ILE D 60 -37.99 -31.18 -27.35
CA ILE D 60 -39.19 -30.48 -26.91
C ILE D 60 -39.64 -30.94 -25.56
N GLU D 61 -39.43 -32.24 -25.26
CA GLU D 61 -39.86 -32.78 -23.97
C GLU D 61 -38.97 -32.17 -22.91
N GLY D 62 -38.26 -31.12 -23.30
CA GLY D 62 -37.38 -30.43 -22.39
C GLY D 62 -36.28 -31.22 -21.70
N PHE D 63 -36.30 -31.19 -20.36
CA PHE D 63 -35.29 -31.91 -19.61
C PHE D 63 -35.71 -33.30 -19.18
N VAL D 64 -36.75 -33.83 -19.81
CA VAL D 64 -37.18 -35.18 -19.51
C VAL D 64 -37.19 -36.11 -20.73
N ARG D 65 -36.68 -35.64 -21.87
CA ARG D 65 -36.58 -36.49 -23.05
C ARG D 65 -35.76 -37.69 -22.61
N ILE D 66 -35.76 -38.75 -23.41
CA ILE D 66 -35.04 -39.98 -23.05
C ILE D 66 -34.26 -40.66 -24.18
N GLU D 67 -34.84 -40.56 -25.36
CA GLU D 67 -34.37 -41.30 -26.50
C GLU D 67 -34.56 -40.53 -27.81
N GLU D 68 -33.58 -39.72 -28.16
CA GLU D 68 -33.62 -38.94 -29.40
C GLU D 68 -34.71 -39.41 -30.36
N SER D 69 -35.50 -38.47 -30.90
CA SER D 69 -36.54 -38.85 -31.84
C SER D 69 -36.62 -37.89 -33.06
N ASP D 70 -36.32 -38.38 -34.27
CA ASP D 70 -36.36 -37.52 -35.46
C ASP D 70 -37.76 -37.00 -35.72
N MET D 71 -37.85 -35.86 -36.39
CA MET D 71 -39.14 -35.25 -36.66
C MET D 71 -38.89 -34.13 -37.66
N TYR D 72 -39.95 -33.43 -38.10
CA TYR D 72 -39.74 -32.33 -39.06
C TYR D 72 -40.13 -30.91 -38.68
N LEU D 73 -39.54 -30.01 -39.46
CA LEU D 73 -39.71 -28.58 -39.31
C LEU D 73 -40.52 -27.92 -40.41
N TYR D 74 -41.84 -27.87 -40.27
CA TYR D 74 -42.68 -27.17 -41.26
C TYR D 74 -42.78 -25.72 -40.76
N PRO D 75 -42.02 -24.78 -41.36
CA PRO D 75 -41.93 -23.34 -41.06
C PRO D 75 -43.13 -22.43 -41.42
N ASP D 76 -43.69 -21.73 -40.44
CA ASP D 76 -44.84 -20.84 -40.71
C ASP D 76 -44.38 -19.55 -41.40
N LEU D 77 -44.62 -19.47 -42.70
CA LEU D 77 -44.23 -18.34 -43.54
C LEU D 77 -44.65 -16.92 -43.16
N ASN D 78 -45.73 -16.77 -42.40
CA ASN D 78 -46.17 -15.43 -42.00
C ASN D 78 -45.31 -14.91 -40.85
N THR D 79 -44.72 -15.85 -40.11
CA THR D 79 -43.90 -15.55 -38.95
C THR D 79 -42.44 -15.24 -39.26
N PHE D 80 -42.17 -14.97 -40.52
CA PHE D 80 -40.84 -14.61 -40.99
C PHE D 80 -40.49 -13.30 -40.25
N VAL D 81 -39.25 -13.18 -39.77
CA VAL D 81 -38.80 -11.98 -39.07
C VAL D 81 -37.29 -11.68 -39.19
N ILE D 82 -36.98 -10.50 -39.72
CA ILE D 82 -35.60 -10.06 -39.94
C ILE D 82 -35.04 -9.16 -38.86
N PHE D 83 -34.62 -9.78 -37.77
CA PHE D 83 -34.03 -9.03 -36.68
C PHE D 83 -33.27 -7.80 -37.15
N PRO D 84 -33.43 -6.68 -36.45
CA PRO D 84 -32.70 -5.46 -36.84
C PRO D 84 -31.25 -5.52 -36.33
N TRP D 85 -31.05 -5.89 -35.06
CA TRP D 85 -29.71 -5.95 -34.42
C TRP D 85 -28.63 -6.64 -35.22
N THR D 86 -28.93 -7.00 -36.44
CA THR D 86 -27.94 -7.66 -37.28
C THR D 86 -27.61 -6.75 -38.46
N ALA D 87 -26.41 -6.96 -39.02
CA ALA D 87 -25.92 -6.19 -40.18
C ALA D 87 -24.43 -6.41 -40.46
N GLU D 88 -23.70 -6.96 -39.50
CA GLU D 88 -22.26 -7.19 -39.67
C GLU D 88 -21.86 -8.21 -40.73
N LYS D 89 -22.19 -9.49 -40.51
CA LYS D 89 -21.88 -10.57 -41.46
C LYS D 89 -23.00 -10.62 -42.48
N GLY D 90 -24.10 -9.97 -42.11
CA GLY D 90 -25.30 -9.95 -42.91
C GLY D 90 -26.37 -10.07 -41.85
N LYS D 91 -27.64 -10.03 -42.24
CA LYS D 91 -28.73 -10.10 -41.28
C LYS D 91 -29.11 -11.54 -40.88
N VAL D 92 -30.01 -11.63 -39.90
CA VAL D 92 -30.46 -12.92 -39.39
C VAL D 92 -32.00 -12.96 -39.31
N ALA D 93 -32.63 -13.92 -39.97
CA ALA D 93 -34.11 -14.04 -39.93
C ALA D 93 -34.61 -15.14 -38.96
N ARG D 94 -35.92 -15.41 -38.96
CA ARG D 94 -36.49 -16.44 -38.09
C ARG D 94 -37.88 -16.90 -38.53
N PHE D 95 -38.15 -18.20 -38.45
CA PHE D 95 -39.47 -18.75 -38.79
C PHE D 95 -40.00 -19.54 -37.57
N ILE D 96 -41.29 -19.42 -37.26
CA ILE D 96 -41.85 -20.21 -36.17
C ILE D 96 -42.42 -21.40 -36.89
N CYS D 97 -42.13 -22.59 -36.40
CA CYS D 97 -42.60 -23.78 -37.10
C CYS D 97 -43.30 -24.84 -36.29
N ASP D 98 -44.02 -25.71 -37.00
CA ASP D 98 -44.75 -26.78 -36.37
C ASP D 98 -43.94 -28.05 -36.55
N ILE D 99 -44.05 -28.92 -35.56
CA ILE D 99 -43.32 -30.17 -35.55
C ILE D 99 -44.09 -31.34 -36.09
N TYR D 100 -43.49 -31.97 -37.07
CA TYR D 100 -44.17 -33.07 -37.65
C TYR D 100 -43.53 -34.41 -37.50
N ASN D 101 -44.38 -35.38 -37.19
CA ASN D 101 -43.97 -36.76 -37.06
C ASN D 101 -43.46 -37.13 -38.42
N PRO D 102 -42.67 -38.21 -38.51
CA PRO D 102 -42.14 -38.60 -39.81
C PRO D 102 -43.17 -38.82 -40.90
N ASP D 103 -44.25 -39.50 -40.57
CA ASP D 103 -45.22 -39.79 -41.62
C ASP D 103 -46.16 -38.67 -42.13
N GLY D 104 -45.63 -37.45 -42.24
CA GLY D 104 -46.41 -36.30 -42.72
C GLY D 104 -47.57 -35.90 -41.80
N THR D 105 -47.51 -36.41 -40.57
CA THR D 105 -48.50 -36.20 -39.49
C THR D 105 -47.94 -35.31 -38.38
N PRO D 106 -48.55 -34.12 -38.18
CA PRO D 106 -48.20 -33.10 -37.20
C PRO D 106 -48.07 -33.64 -35.78
N PHE D 107 -46.94 -33.36 -35.14
CA PHE D 107 -46.70 -33.84 -33.79
C PHE D 107 -47.87 -33.50 -32.87
N GLU D 108 -48.39 -34.50 -32.17
CA GLU D 108 -49.53 -34.28 -31.24
C GLU D 108 -49.07 -33.50 -30.04
N GLY D 109 -47.82 -33.78 -29.63
CA GLY D 109 -47.20 -33.15 -28.47
C GLY D 109 -46.32 -31.94 -28.75
N ASP D 110 -46.83 -31.06 -29.59
CA ASP D 110 -46.15 -29.81 -29.91
C ASP D 110 -47.09 -28.83 -29.18
N PRO D 111 -46.55 -27.99 -28.29
CA PRO D 111 -47.42 -27.05 -27.59
C PRO D 111 -48.10 -26.14 -28.62
N ARG D 112 -47.36 -25.73 -29.63
CA ARG D 112 -47.98 -24.89 -30.61
C ARG D 112 -49.07 -25.70 -31.26
N ASN D 113 -48.63 -26.66 -32.08
CA ASN D 113 -49.52 -27.56 -32.82
C ASN D 113 -50.81 -27.92 -32.09
N ASN D 114 -50.69 -28.16 -30.77
CA ASN D 114 -51.83 -28.53 -29.95
C ASN D 114 -52.88 -27.44 -29.84
N LEU D 115 -52.41 -26.21 -29.68
CA LEU D 115 -53.29 -25.05 -29.58
C LEU D 115 -54.20 -25.11 -30.80
N LYS D 116 -53.56 -25.13 -31.96
CA LYS D 116 -54.25 -25.23 -33.24
C LYS D 116 -55.31 -26.34 -33.12
N ARG D 117 -54.88 -27.51 -32.68
CA ARG D 117 -55.76 -28.65 -32.52
C ARG D 117 -57.01 -28.31 -31.73
N ILE D 118 -56.87 -27.52 -30.67
CA ILE D 118 -58.02 -27.14 -29.86
C ILE D 118 -58.72 -25.94 -30.50
N LEU D 119 -58.07 -25.33 -31.49
CA LEU D 119 -58.69 -24.23 -32.19
C LEU D 119 -59.77 -24.84 -33.10
N LYS D 120 -59.56 -26.09 -33.49
CA LYS D 120 -60.51 -26.82 -34.34
C LYS D 120 -61.60 -27.40 -33.46
N GLU D 121 -61.25 -27.78 -32.23
CA GLU D 121 -62.27 -28.31 -31.33
C GLU D 121 -63.22 -27.13 -31.04
N MET D 122 -62.87 -25.98 -31.60
CA MET D 122 -63.63 -24.74 -31.45
C MET D 122 -64.54 -24.50 -32.66
N GLU D 123 -63.97 -24.62 -33.85
CA GLU D 123 -64.66 -24.43 -35.14
C GLU D 123 -65.51 -25.66 -35.51
N ASP D 124 -65.52 -26.64 -34.61
CA ASP D 124 -66.30 -27.89 -34.73
C ASP D 124 -67.56 -27.49 -34.01
N LEU D 125 -67.41 -26.44 -33.21
CA LEU D 125 -68.49 -25.91 -32.40
C LEU D 125 -69.08 -24.64 -32.98
N GLY D 126 -68.57 -24.23 -34.14
CA GLY D 126 -69.11 -23.05 -34.82
C GLY D 126 -68.60 -21.63 -34.59
N PHE D 127 -67.34 -21.47 -34.18
CA PHE D 127 -66.79 -20.12 -33.95
C PHE D 127 -65.66 -19.85 -34.93
N SER D 128 -65.55 -18.61 -35.41
CA SER D 128 -64.48 -18.30 -36.35
C SER D 128 -63.10 -18.17 -35.70
N ASP D 129 -62.86 -17.09 -34.96
CA ASP D 129 -61.56 -16.90 -34.30
C ASP D 129 -61.65 -16.57 -32.80
N PHE D 130 -60.80 -17.20 -31.99
CA PHE D 130 -60.73 -16.89 -30.55
C PHE D 130 -59.75 -15.73 -30.71
N ASN D 131 -59.58 -14.89 -29.69
CA ASN D 131 -58.69 -13.70 -29.79
C ASN D 131 -57.93 -13.38 -28.50
N LEU D 132 -56.64 -13.07 -28.57
CA LEU D 132 -55.88 -12.76 -27.35
C LEU D 132 -55.15 -11.42 -27.30
N GLY D 133 -55.47 -10.65 -26.27
CA GLY D 133 -54.82 -9.37 -26.02
C GLY D 133 -54.01 -9.61 -24.75
N PRO D 134 -52.68 -9.63 -24.83
CA PRO D 134 -51.85 -9.86 -23.64
C PRO D 134 -51.47 -8.60 -22.87
N GLU D 135 -51.50 -8.70 -21.54
CA GLU D 135 -51.16 -7.59 -20.62
C GLU D 135 -49.90 -7.90 -19.76
N PRO D 136 -48.80 -8.33 -20.41
CA PRO D 136 -47.51 -8.70 -19.81
C PRO D 136 -46.61 -7.72 -19.06
N GLU D 137 -46.37 -8.08 -17.81
CA GLU D 137 -45.51 -7.30 -16.93
C GLU D 137 -44.12 -7.92 -16.74
N PHE D 138 -43.17 -7.13 -16.30
CA PHE D 138 -41.83 -7.64 -16.13
C PHE D 138 -40.92 -6.61 -15.43
N PHE D 139 -39.82 -7.10 -14.89
CA PHE D 139 -38.85 -6.28 -14.19
C PHE D 139 -37.59 -6.15 -15.02
N LEU D 140 -36.75 -5.22 -14.56
CA LEU D 140 -35.47 -4.91 -15.16
C LEU D 140 -34.50 -4.71 -14.01
N PHE D 141 -33.45 -5.53 -13.95
CA PHE D 141 -32.45 -5.40 -12.89
C PHE D 141 -31.17 -4.78 -13.44
N LYS D 142 -30.54 -3.94 -12.64
CA LYS D 142 -29.31 -3.29 -13.07
C LYS D 142 -28.29 -4.40 -13.26
N LEU D 143 -27.35 -4.23 -14.19
CA LEU D 143 -26.31 -5.24 -14.40
C LEU D 143 -24.98 -4.71 -13.87
N ASP D 144 -24.25 -5.55 -13.17
CA ASP D 144 -22.96 -5.11 -12.64
C ASP D 144 -21.91 -5.08 -13.75
N GLU D 145 -20.65 -4.96 -13.34
CA GLU D 145 -19.49 -4.92 -14.25
C GLU D 145 -19.33 -6.24 -14.97
N LYS D 146 -19.72 -7.30 -14.28
CA LYS D 146 -19.60 -8.66 -14.75
C LYS D 146 -20.61 -9.20 -15.74
N GLY D 147 -21.43 -8.32 -16.31
CA GLY D 147 -22.42 -8.82 -17.26
C GLY D 147 -23.35 -9.79 -16.57
N GLU D 148 -23.27 -9.82 -15.25
CA GLU D 148 -24.13 -10.66 -14.43
C GLU D 148 -25.21 -9.76 -13.85
N PRO D 149 -26.32 -10.37 -13.44
CA PRO D 149 -27.44 -9.62 -12.87
C PRO D 149 -27.34 -9.33 -11.38
N THR D 150 -27.55 -8.08 -11.01
CA THR D 150 -27.55 -7.73 -9.60
C THR D 150 -29.01 -7.80 -9.27
N LEU D 151 -29.35 -7.67 -8.00
CA LEU D 151 -30.76 -7.69 -7.62
C LEU D 151 -31.23 -6.31 -7.25
N GLU D 152 -30.89 -5.34 -8.08
CA GLU D 152 -31.32 -3.98 -7.84
C GLU D 152 -32.26 -3.66 -8.99
N LEU D 153 -33.36 -2.98 -8.71
CA LEU D 153 -34.26 -2.63 -9.80
C LEU D 153 -33.54 -1.57 -10.62
N ASN D 154 -34.21 -0.99 -11.59
CA ASN D 154 -33.55 0.03 -12.40
C ASN D 154 -33.95 1.41 -11.92
N ASP D 155 -35.08 1.47 -11.23
CA ASP D 155 -35.62 2.73 -10.81
C ASP D 155 -36.49 2.58 -9.59
N LYS D 156 -37.03 3.70 -9.17
CA LYS D 156 -37.92 3.73 -8.03
C LYS D 156 -39.22 4.35 -8.52
N GLY D 157 -39.81 3.73 -9.53
CA GLY D 157 -41.03 4.24 -10.11
C GLY D 157 -42.26 3.55 -9.60
N GLY D 158 -43.42 4.05 -10.05
CA GLY D 158 -44.71 3.55 -9.65
C GLY D 158 -45.73 3.39 -10.78
N TYR D 159 -46.95 3.11 -10.36
CA TYR D 159 -48.06 2.86 -11.24
C TYR D 159 -48.28 3.98 -12.22
N PHE D 160 -48.09 3.76 -13.52
CA PHE D 160 -48.26 4.80 -14.56
C PHE D 160 -47.47 6.10 -14.37
N ASP D 161 -46.37 6.06 -13.65
CA ASP D 161 -45.59 7.28 -13.44
C ASP D 161 -44.89 7.59 -14.74
N LEU D 162 -43.77 8.29 -14.61
CA LEU D 162 -42.92 8.61 -15.76
C LEU D 162 -41.58 7.92 -15.45
N ALA D 163 -41.42 6.73 -16.04
CA ALA D 163 -40.23 5.89 -15.88
C ALA D 163 -39.00 6.69 -16.31
N PRO D 164 -37.89 6.56 -15.56
CA PRO D 164 -36.59 7.22 -15.73
C PRO D 164 -36.59 8.64 -16.35
N THR D 165 -37.69 9.37 -16.13
CA THR D 165 -37.89 10.70 -16.69
C THR D 165 -37.80 10.53 -18.19
N ASP D 166 -37.14 11.46 -18.88
CA ASP D 166 -37.02 11.36 -20.32
C ASP D 166 -35.59 11.42 -20.81
N LEU D 167 -34.66 11.30 -19.88
CA LEU D 167 -33.23 11.33 -20.15
C LEU D 167 -32.88 10.61 -21.44
N GLY D 168 -32.08 9.57 -21.27
CA GLY D 168 -31.68 8.75 -22.40
C GLY D 168 -31.93 7.34 -21.97
N GLU D 169 -32.46 7.17 -20.75
CA GLU D 169 -32.69 5.83 -20.27
C GLU D 169 -33.89 5.11 -20.88
N ASN D 170 -35.07 5.38 -20.34
CA ASN D 170 -36.29 4.72 -20.80
C ASN D 170 -36.06 3.55 -21.72
N CYS D 171 -35.82 2.42 -21.09
CA CYS D 171 -35.62 1.18 -21.80
C CYS D 171 -36.96 0.79 -22.36
N ARG D 172 -38.02 1.13 -21.63
CA ARG D 172 -39.36 0.81 -22.06
C ARG D 172 -39.49 1.25 -23.50
N ARG D 173 -39.12 2.50 -23.79
CA ARG D 173 -39.18 3.01 -25.15
C ARG D 173 -38.58 2.04 -26.12
N ASP D 174 -37.26 2.05 -26.23
CA ASP D 174 -36.56 1.18 -27.17
C ASP D 174 -37.33 -0.10 -27.53
N ILE D 175 -38.02 -0.68 -26.55
CA ILE D 175 -38.82 -1.87 -26.84
C ILE D 175 -40.00 -1.42 -27.71
N VAL D 176 -40.92 -0.60 -27.16
CA VAL D 176 -42.09 -0.09 -27.93
C VAL D 176 -41.75 0.90 -29.03
N LEU D 177 -40.49 0.88 -29.46
CA LEU D 177 -40.02 1.67 -30.58
C LEU D 177 -39.42 0.56 -31.46
N GLU D 178 -38.48 -0.22 -30.92
CA GLU D 178 -37.88 -1.26 -31.73
C GLU D 178 -38.81 -2.44 -32.08
N LEU D 179 -39.90 -2.60 -31.32
CA LEU D 179 -40.85 -3.67 -31.61
C LEU D 179 -41.79 -3.23 -32.72
N GLU D 180 -41.84 -1.91 -32.91
CA GLU D 180 -42.68 -1.32 -33.94
C GLU D 180 -42.10 -1.53 -35.33
N GLU D 181 -40.81 -1.76 -35.40
CA GLU D 181 -40.16 -2.05 -36.67
C GLU D 181 -39.81 -3.50 -36.47
N MET D 182 -40.85 -4.31 -36.68
CA MET D 182 -40.88 -5.77 -36.58
C MET D 182 -42.37 -6.05 -36.76
N GLY D 183 -43.12 -4.95 -36.73
CA GLY D 183 -44.56 -5.00 -36.93
C GLY D 183 -45.42 -5.25 -35.71
N PHE D 184 -45.19 -4.54 -34.63
CA PHE D 184 -46.03 -4.75 -33.45
C PHE D 184 -47.13 -3.70 -33.29
N GLU D 185 -48.37 -4.14 -33.26
CA GLU D 185 -49.44 -3.19 -33.04
C GLU D 185 -49.49 -3.12 -31.51
N ILE D 186 -48.47 -2.48 -30.93
CA ILE D 186 -48.31 -2.30 -29.48
C ILE D 186 -49.30 -1.27 -28.93
N GLU D 187 -50.37 -1.69 -28.24
CA GLU D 187 -51.32 -0.70 -27.77
C GLU D 187 -50.77 0.39 -26.87
N ALA D 188 -49.99 0.03 -25.85
CA ALA D 188 -49.42 1.04 -24.99
C ALA D 188 -48.61 0.47 -23.81
N SER D 189 -47.49 1.11 -23.51
CA SER D 189 -46.61 0.71 -22.42
C SER D 189 -46.62 1.75 -21.31
N HIS D 190 -46.53 1.29 -20.07
CA HIS D 190 -46.52 2.18 -18.90
C HIS D 190 -45.69 1.52 -17.79
N HIS D 191 -45.29 2.31 -16.80
CA HIS D 191 -44.48 1.79 -15.69
C HIS D 191 -45.44 1.01 -14.80
N GLU D 192 -44.96 -0.03 -14.12
CA GLU D 192 -45.89 -0.75 -13.25
C GLU D 192 -45.76 -0.44 -11.75
N VAL D 193 -46.75 -0.86 -10.99
CA VAL D 193 -46.77 -0.61 -9.57
C VAL D 193 -45.49 -0.69 -8.74
N ALA D 194 -44.60 -1.66 -8.94
CA ALA D 194 -43.40 -1.70 -8.09
C ALA D 194 -42.17 -1.22 -8.78
N PRO D 195 -41.25 -0.64 -7.99
CA PRO D 195 -40.00 -0.12 -8.52
C PRO D 195 -39.42 -1.11 -9.51
N GLY D 196 -39.05 -0.59 -10.67
CA GLY D 196 -38.50 -1.43 -11.70
C GLY D 196 -39.40 -2.51 -12.28
N GLN D 197 -40.72 -2.30 -12.32
CA GLN D 197 -41.63 -3.27 -12.94
C GLN D 197 -42.00 -2.58 -14.25
N HIS D 198 -42.54 -3.26 -15.26
CA HIS D 198 -42.81 -2.62 -16.57
C HIS D 198 -43.79 -3.31 -17.53
N GLU D 199 -44.97 -2.73 -17.79
CA GLU D 199 -45.95 -3.38 -18.67
C GLU D 199 -46.07 -2.82 -20.10
N ILE D 200 -46.38 -3.68 -21.07
CA ILE D 200 -46.54 -3.27 -22.49
C ILE D 200 -47.64 -4.05 -23.23
N ASP D 201 -48.86 -3.50 -23.32
CA ASP D 201 -49.98 -4.18 -24.00
C ASP D 201 -49.95 -4.23 -25.54
N PHE D 202 -50.20 -5.38 -26.17
CA PHE D 202 -50.28 -5.36 -27.65
C PHE D 202 -51.73 -5.50 -28.11
N LYS D 203 -52.07 -4.83 -29.19
CA LYS D 203 -53.42 -4.84 -29.77
C LYS D 203 -53.84 -6.29 -29.95
N TYR D 204 -55.10 -6.63 -29.63
CA TYR D 204 -55.52 -8.02 -29.69
C TYR D 204 -55.16 -8.74 -31.04
N ALA D 205 -55.07 -10.08 -31.02
CA ALA D 205 -54.71 -10.90 -32.17
C ALA D 205 -55.21 -12.34 -31.99
N GLY D 206 -55.38 -13.10 -33.08
CA GLY D 206 -55.85 -14.49 -32.95
C GLY D 206 -54.88 -15.32 -32.15
N ALA D 207 -55.31 -16.32 -31.39
CA ALA D 207 -54.39 -17.09 -30.53
C ALA D 207 -52.92 -17.32 -30.93
N VAL D 208 -52.71 -17.95 -32.08
CA VAL D 208 -51.38 -18.27 -32.61
C VAL D 208 -50.50 -17.04 -32.88
N ARG D 209 -51.01 -16.01 -33.56
CA ARG D 209 -50.19 -14.80 -33.74
C ARG D 209 -49.98 -14.19 -32.35
N SER D 210 -50.93 -14.41 -31.43
CA SER D 210 -50.79 -13.90 -30.06
C SER D 210 -49.81 -14.68 -29.12
N CYS D 211 -49.76 -16.02 -29.21
CA CYS D 211 -48.84 -16.80 -28.40
C CYS D 211 -47.50 -16.66 -29.08
N ASP D 212 -47.58 -16.28 -30.35
CA ASP D 212 -46.40 -16.04 -31.19
C ASP D 212 -45.81 -14.71 -30.73
N ASP D 213 -46.67 -13.70 -30.65
CA ASP D 213 -46.20 -12.41 -30.21
C ASP D 213 -45.70 -12.45 -28.78
N ILE D 214 -46.25 -13.34 -27.96
CA ILE D 214 -45.81 -13.45 -26.57
C ILE D 214 -44.40 -14.08 -26.49
N GLN D 215 -44.05 -14.92 -27.45
CA GLN D 215 -42.73 -15.50 -27.40
C GLN D 215 -41.85 -14.40 -27.94
N THR D 216 -42.11 -13.98 -29.18
CA THR D 216 -41.29 -12.96 -29.86
C THR D 216 -40.85 -11.81 -28.96
N PHE D 217 -41.77 -11.35 -28.14
CA PHE D 217 -41.54 -10.24 -27.23
C PHE D 217 -40.57 -10.61 -26.10
N LYS D 218 -40.65 -11.83 -25.58
CA LYS D 218 -39.72 -12.24 -24.50
C LYS D 218 -38.31 -12.13 -25.05
N LEU D 219 -38.19 -12.39 -26.34
CA LEU D 219 -36.90 -12.33 -27.00
C LEU D 219 -36.47 -10.89 -27.32
N VAL D 220 -37.32 -10.13 -28.00
CA VAL D 220 -36.96 -8.76 -28.31
C VAL D 220 -36.76 -7.97 -26.99
N VAL D 221 -37.33 -8.48 -25.88
CA VAL D 221 -37.16 -7.76 -24.60
C VAL D 221 -35.91 -8.12 -23.83
N LYS D 222 -35.74 -9.40 -23.53
CA LYS D 222 -34.57 -9.82 -22.76
C LYS D 222 -33.25 -9.26 -23.30
N THR D 223 -33.17 -9.12 -24.63
CA THR D 223 -31.97 -8.63 -25.32
C THR D 223 -31.67 -7.15 -25.26
N ILE D 224 -32.58 -6.38 -25.78
CA ILE D 224 -32.42 -4.95 -25.75
C ILE D 224 -32.06 -4.63 -24.28
N ALA D 225 -32.93 -4.99 -23.36
CA ALA D 225 -32.68 -4.73 -21.94
C ALA D 225 -31.21 -4.80 -21.64
N ARG D 226 -30.57 -5.86 -22.14
CA ARG D 226 -29.15 -6.05 -21.92
C ARG D 226 -28.44 -4.91 -22.63
N LYS D 227 -28.79 -4.72 -23.89
CA LYS D 227 -28.24 -3.66 -24.71
C LYS D 227 -28.08 -2.42 -23.83
N HIS D 228 -29.05 -2.16 -22.95
CA HIS D 228 -28.95 -1.02 -22.04
C HIS D 228 -28.44 -1.48 -20.65
N GLY D 229 -27.47 -2.41 -20.59
CA GLY D 229 -26.90 -2.88 -19.33
C GLY D 229 -27.75 -3.38 -18.17
N LEU D 230 -29.03 -3.64 -18.41
CA LEU D 230 -29.94 -4.14 -17.38
C LEU D 230 -30.27 -5.59 -17.67
N HIS D 231 -31.12 -6.18 -16.84
CA HIS D 231 -31.55 -7.57 -16.98
C HIS D 231 -33.05 -7.48 -16.99
N ALA D 232 -33.68 -8.32 -17.79
CA ALA D 232 -35.13 -8.34 -17.83
C ALA D 232 -35.62 -9.77 -17.59
N THR D 233 -36.43 -9.96 -16.55
CA THR D 233 -36.94 -11.29 -16.23
C THR D 233 -38.45 -11.25 -16.00
N PHE D 234 -39.14 -12.16 -16.70
CA PHE D 234 -40.60 -12.26 -16.64
C PHE D 234 -41.04 -13.14 -15.51
N MET D 235 -40.17 -13.24 -14.53
CA MET D 235 -40.39 -14.04 -13.36
C MET D 235 -41.51 -13.47 -12.48
N PRO D 236 -42.55 -14.29 -12.19
CA PRO D 236 -43.77 -14.08 -11.39
C PRO D 236 -43.70 -13.23 -10.13
N LYS D 237 -42.74 -13.52 -9.26
CA LYS D 237 -42.53 -12.76 -8.01
C LYS D 237 -41.05 -12.93 -7.72
N PRO D 238 -40.20 -12.20 -8.45
CA PRO D 238 -38.77 -12.33 -8.21
C PRO D 238 -38.45 -11.91 -6.81
N LEU D 239 -38.96 -10.74 -6.44
CA LEU D 239 -38.74 -10.18 -5.12
C LEU D 239 -40.03 -10.24 -4.27
N PHE D 240 -39.86 -10.73 -3.04
CA PHE D 240 -40.92 -10.86 -2.07
C PHE D 240 -41.20 -9.45 -1.60
N GLY D 241 -42.24 -9.27 -0.80
CA GLY D 241 -42.57 -7.93 -0.35
C GLY D 241 -43.11 -7.18 -1.54
N VAL D 242 -42.43 -7.33 -2.69
CA VAL D 242 -42.77 -6.64 -3.94
C VAL D 242 -43.72 -7.37 -4.89
N ASN D 243 -44.60 -6.59 -5.53
CA ASN D 243 -45.58 -7.08 -6.50
C ASN D 243 -44.88 -8.05 -7.43
N GLY D 244 -45.65 -8.96 -8.00
CA GLY D 244 -45.06 -9.89 -8.94
C GLY D 244 -45.50 -9.43 -10.31
N SER D 245 -45.14 -10.17 -11.35
CA SER D 245 -45.58 -9.80 -12.68
C SER D 245 -46.78 -10.64 -13.08
N GLY D 246 -47.81 -9.95 -13.54
CA GLY D 246 -49.01 -10.63 -13.97
C GLY D 246 -49.26 -10.46 -15.44
N MET D 247 -49.12 -11.54 -16.19
CA MET D 247 -49.38 -11.47 -17.61
C MET D 247 -50.86 -11.78 -17.76
N HIS D 248 -51.69 -10.74 -17.72
CA HIS D 248 -53.13 -10.89 -17.84
C HIS D 248 -53.54 -11.27 -19.28
N CYS D 249 -54.61 -12.07 -19.40
CA CYS D 249 -55.16 -12.52 -20.68
C CYS D 249 -56.54 -11.91 -20.93
N ASN D 250 -56.74 -11.24 -22.06
CA ASN D 250 -58.08 -10.73 -22.34
C ASN D 250 -58.63 -11.66 -23.39
N LEU D 251 -59.76 -12.32 -23.11
CA LEU D 251 -60.33 -13.29 -24.02
C LEU D 251 -61.67 -12.92 -24.61
N SER D 252 -61.81 -13.19 -25.90
CA SER D 252 -63.04 -12.88 -26.61
C SER D 252 -63.27 -13.84 -27.77
N LEU D 253 -64.50 -14.35 -27.85
CA LEU D 253 -64.89 -15.30 -28.89
C LEU D 253 -65.86 -14.75 -29.93
N PHE D 254 -65.62 -15.15 -31.17
CA PHE D 254 -66.44 -14.73 -32.29
C PHE D 254 -66.96 -15.93 -33.04
N LYS D 255 -67.96 -15.67 -33.88
CA LYS D 255 -68.50 -16.71 -34.71
C LYS D 255 -68.93 -15.98 -35.96
N ASN D 256 -67.99 -15.82 -36.89
CA ASN D 256 -68.26 -15.13 -38.15
C ASN D 256 -68.15 -13.62 -38.01
N GLY D 257 -66.92 -13.13 -37.87
CA GLY D 257 -66.67 -11.70 -37.75
C GLY D 257 -67.33 -10.94 -36.62
N VAL D 258 -68.31 -11.54 -35.94
CA VAL D 258 -69.06 -10.89 -34.84
C VAL D 258 -68.77 -11.40 -33.39
N ASN D 259 -68.33 -10.51 -32.51
CA ASN D 259 -68.02 -10.89 -31.12
C ASN D 259 -69.20 -11.57 -30.41
N ALA D 260 -69.03 -12.88 -30.18
CA ALA D 260 -70.03 -13.76 -29.57
C ALA D 260 -70.35 -13.53 -28.12
N PHE D 261 -69.41 -12.98 -27.37
CA PHE D 261 -69.60 -12.70 -25.96
C PHE D 261 -70.58 -11.55 -25.73
N PHE D 262 -70.73 -10.74 -26.77
CA PHE D 262 -71.56 -9.54 -26.77
C PHE D 262 -73.06 -9.70 -26.91
N ASP D 263 -73.83 -8.84 -26.23
CA ASP D 263 -75.28 -8.92 -26.38
C ASP D 263 -76.17 -7.75 -25.97
N GLU D 264 -76.57 -7.00 -27.00
CA GLU D 264 -77.42 -5.82 -26.88
C GLU D 264 -78.41 -5.79 -25.73
N ASN D 265 -79.40 -6.67 -25.76
CA ASN D 265 -80.40 -6.74 -24.71
C ASN D 265 -79.94 -7.84 -23.75
N ALA D 266 -79.51 -7.45 -22.56
CA ALA D 266 -79.04 -8.41 -21.58
C ALA D 266 -78.42 -7.72 -20.38
N ASP D 267 -78.27 -8.44 -19.27
CA ASP D 267 -77.65 -7.81 -18.12
C ASP D 267 -76.11 -7.93 -18.18
N LEU D 268 -75.47 -6.76 -18.09
CA LEU D 268 -74.01 -6.59 -18.19
C LEU D 268 -73.72 -6.68 -19.69
N GLN D 269 -74.77 -6.45 -20.47
CA GLN D 269 -74.73 -6.48 -21.93
C GLN D 269 -74.10 -7.79 -22.41
N LEU D 270 -74.07 -8.78 -21.52
CA LEU D 270 -73.45 -10.10 -21.75
C LEU D 270 -74.22 -11.32 -22.27
N SER D 271 -73.92 -11.68 -23.51
CA SER D 271 -74.52 -12.84 -24.16
C SER D 271 -74.44 -14.03 -23.23
N GLU D 272 -75.28 -15.03 -23.45
CA GLU D 272 -75.23 -16.23 -22.62
C GLU D 272 -73.91 -16.96 -22.92
N THR D 273 -73.46 -16.93 -24.18
CA THR D 273 -72.20 -17.59 -24.59
C THR D 273 -71.12 -17.28 -23.57
N ALA D 274 -71.25 -16.10 -22.99
CA ALA D 274 -70.32 -15.58 -22.02
C ALA D 274 -70.49 -16.16 -20.64
N LYS D 275 -71.71 -16.10 -20.12
CA LYS D 275 -71.96 -16.61 -18.78
C LYS D 275 -71.64 -18.09 -18.81
N HIS D 276 -71.85 -18.67 -19.99
CA HIS D 276 -71.58 -20.06 -20.24
C HIS D 276 -70.07 -20.32 -20.20
N PHE D 277 -69.34 -19.46 -20.90
CA PHE D 277 -67.89 -19.55 -20.97
C PHE D 277 -67.30 -19.27 -19.57
N ILE D 278 -67.85 -18.26 -18.90
CA ILE D 278 -67.44 -17.81 -17.58
C ILE D 278 -67.49 -18.94 -16.57
N ALA D 279 -68.64 -19.60 -16.48
CA ALA D 279 -68.80 -20.70 -15.55
C ALA D 279 -67.72 -21.73 -15.84
N GLY D 280 -67.27 -21.72 -17.09
CA GLY D 280 -66.27 -22.65 -17.53
C GLY D 280 -64.98 -22.44 -16.80
N ILE D 281 -64.44 -21.24 -16.94
CA ILE D 281 -63.18 -20.84 -16.33
C ILE D 281 -63.25 -20.91 -14.83
N VAL D 282 -64.43 -20.61 -14.31
CA VAL D 282 -64.72 -20.58 -12.87
C VAL D 282 -64.75 -22.01 -12.29
N LYS D 283 -64.97 -22.99 -13.14
CA LYS D 283 -65.03 -24.37 -12.69
C LYS D 283 -63.61 -24.92 -12.56
N HIS D 284 -63.00 -25.09 -13.73
CA HIS D 284 -61.66 -25.61 -13.91
C HIS D 284 -60.53 -24.68 -13.42
N ALA D 285 -60.87 -23.42 -13.14
CA ALA D 285 -59.90 -22.42 -12.69
C ALA D 285 -58.84 -22.93 -11.74
N THR D 286 -59.26 -23.71 -10.76
CA THR D 286 -58.36 -24.25 -9.76
C THR D 286 -57.38 -25.23 -10.36
N SER D 287 -57.83 -25.91 -11.40
CA SER D 287 -57.08 -26.95 -12.08
C SER D 287 -55.98 -26.54 -13.03
N PHE D 288 -56.34 -25.81 -14.09
CA PHE D 288 -55.34 -25.40 -15.07
C PHE D 288 -54.36 -24.37 -14.52
N THR D 289 -54.37 -24.18 -13.22
CA THR D 289 -53.44 -23.23 -12.64
C THR D 289 -52.05 -23.86 -12.72
N ALA D 290 -51.99 -25.18 -12.69
CA ALA D 290 -50.72 -25.89 -12.79
C ALA D 290 -50.13 -25.61 -14.18
N VAL D 291 -51.00 -25.24 -15.12
CA VAL D 291 -50.61 -24.94 -16.49
C VAL D 291 -50.61 -23.45 -16.83
N THR D 292 -51.30 -22.64 -16.05
CA THR D 292 -51.30 -21.20 -16.32
C THR D 292 -50.26 -20.48 -15.45
N ASN D 293 -49.85 -21.14 -14.37
CA ASN D 293 -48.86 -20.66 -13.40
C ASN D 293 -47.98 -21.88 -13.14
N PRO D 294 -47.16 -22.32 -14.11
CA PRO D 294 -46.37 -23.51 -13.83
C PRO D 294 -45.11 -23.52 -12.92
N THR D 295 -44.55 -22.37 -12.55
CA THR D 295 -43.34 -22.37 -11.71
C THR D 295 -43.51 -22.45 -10.21
N VAL D 296 -42.44 -22.92 -9.56
CA VAL D 296 -42.38 -23.05 -8.11
C VAL D 296 -42.58 -21.65 -7.52
N ASN D 297 -42.00 -20.65 -8.19
CA ASN D 297 -42.09 -19.26 -7.75
C ASN D 297 -43.49 -18.67 -7.92
N SER D 298 -44.21 -19.12 -8.94
CA SER D 298 -45.52 -18.60 -9.25
C SER D 298 -46.54 -18.58 -8.10
N TYR D 299 -46.32 -19.38 -7.08
CA TYR D 299 -47.26 -19.45 -5.98
C TYR D 299 -46.97 -18.44 -4.89
N LYS D 300 -45.89 -17.69 -5.08
CA LYS D 300 -45.50 -16.68 -4.13
C LYS D 300 -45.80 -15.28 -4.68
N ARG D 301 -46.51 -15.24 -5.81
CA ARG D 301 -46.92 -13.98 -6.44
C ARG D 301 -48.37 -13.91 -6.05
N LEU D 302 -49.01 -15.08 -6.05
CA LEU D 302 -50.42 -15.22 -5.67
C LEU D 302 -50.57 -15.28 -4.17
N VAL D 303 -50.06 -14.28 -3.48
CA VAL D 303 -50.20 -14.25 -2.04
C VAL D 303 -51.34 -13.27 -1.85
N PRO D 304 -51.89 -13.18 -0.64
CA PRO D 304 -52.97 -12.21 -0.56
C PRO D 304 -52.60 -10.73 -0.62
N GLY D 305 -53.38 -9.97 -1.36
CA GLY D 305 -53.17 -8.54 -1.49
C GLY D 305 -51.91 -7.98 -2.13
N TYR D 306 -51.87 -8.02 -3.46
CA TYR D 306 -50.79 -7.49 -4.29
C TYR D 306 -51.51 -7.45 -5.62
N GLU D 307 -52.82 -7.67 -5.52
CA GLU D 307 -53.79 -7.68 -6.61
C GLU D 307 -53.90 -9.07 -7.20
N ALA D 308 -53.01 -9.96 -6.77
CA ALA D 308 -53.03 -11.35 -7.25
C ALA D 308 -54.39 -11.93 -6.88
N PRO D 309 -55.13 -12.49 -7.86
CA PRO D 309 -56.46 -13.09 -7.70
C PRO D 309 -56.38 -14.42 -6.95
N CYS D 310 -56.47 -14.39 -5.63
CA CYS D 310 -56.36 -15.62 -4.85
C CYS D 310 -57.57 -16.48 -4.78
N TYR D 311 -58.71 -15.95 -5.21
CA TYR D 311 -59.90 -16.74 -5.10
C TYR D 311 -60.64 -16.94 -6.43
N VAL D 312 -61.37 -18.05 -6.52
CA VAL D 312 -62.15 -18.39 -7.71
C VAL D 312 -63.48 -17.64 -7.71
N ALA D 313 -63.53 -16.51 -8.41
CA ALA D 313 -64.76 -15.70 -8.49
C ALA D 313 -64.63 -14.67 -9.60
N TRP D 314 -65.72 -14.41 -10.31
CA TRP D 314 -65.68 -13.44 -11.40
C TRP D 314 -66.35 -12.10 -11.07
N SER D 315 -65.86 -11.02 -11.66
CA SER D 315 -66.40 -9.71 -11.36
C SER D 315 -66.03 -8.64 -12.38
N ALA D 316 -66.70 -7.51 -12.29
CA ALA D 316 -66.43 -6.35 -13.15
C ALA D 316 -65.90 -5.35 -12.13
N GLN D 317 -65.36 -5.90 -11.04
CA GLN D 317 -64.87 -5.10 -9.92
C GLN D 317 -64.37 -5.99 -8.76
N ASN D 318 -63.56 -5.43 -7.86
CA ASN D 318 -63.03 -6.12 -6.65
C ASN D 318 -61.50 -6.22 -6.49
N ARG D 319 -61.04 -6.06 -5.23
CA ARG D 319 -59.60 -6.09 -4.88
C ARG D 319 -58.72 -6.84 -5.89
N SER D 320 -59.13 -8.02 -6.30
CA SER D 320 -58.36 -8.78 -7.29
C SER D 320 -59.05 -10.07 -7.72
N PRO D 321 -60.10 -9.95 -8.56
CA PRO D 321 -60.83 -11.12 -9.07
C PRO D 321 -60.02 -11.91 -10.09
N LEU D 322 -60.33 -13.20 -10.20
CA LEU D 322 -59.65 -14.10 -11.13
C LEU D 322 -60.09 -13.78 -12.55
N ILE D 323 -61.28 -13.22 -12.68
CA ILE D 323 -61.82 -12.85 -13.98
C ILE D 323 -62.34 -11.41 -13.91
N ARG D 324 -61.88 -10.55 -14.81
CA ARG D 324 -62.32 -9.17 -14.81
C ARG D 324 -63.01 -8.89 -16.13
N ILE D 325 -64.27 -8.47 -16.06
CA ILE D 325 -64.98 -8.17 -17.29
C ILE D 325 -64.91 -6.69 -17.55
N PRO D 326 -64.05 -6.31 -18.51
CA PRO D 326 -63.86 -4.91 -18.88
C PRO D 326 -65.19 -4.20 -19.12
N ALA D 327 -65.10 -2.89 -19.34
CA ALA D 327 -66.28 -2.12 -19.57
C ALA D 327 -66.54 -1.94 -21.05
N SER D 328 -65.52 -2.04 -21.90
CA SER D 328 -65.86 -1.83 -23.29
C SER D 328 -66.71 -2.98 -23.81
N ARG D 329 -67.71 -2.63 -24.62
CA ARG D 329 -68.63 -3.58 -25.22
C ARG D 329 -68.43 -3.57 -26.74
N GLY D 330 -69.50 -3.65 -27.53
CA GLY D 330 -69.33 -3.67 -28.98
C GLY D 330 -68.53 -4.93 -29.28
N ILE D 331 -67.37 -4.83 -29.93
CA ILE D 331 -66.60 -6.05 -30.17
C ILE D 331 -65.57 -6.29 -29.11
N SER D 332 -65.25 -5.29 -28.30
CA SER D 332 -64.25 -5.59 -27.32
C SER D 332 -64.81 -6.47 -26.22
N THR D 333 -66.14 -6.53 -26.06
CA THR D 333 -66.72 -7.37 -25.01
C THR D 333 -65.80 -8.55 -24.81
N ARG D 334 -65.28 -8.69 -23.59
CA ARG D 334 -64.34 -9.76 -23.34
C ARG D 334 -64.16 -10.22 -21.88
N VAL D 335 -63.50 -11.37 -21.72
CA VAL D 335 -63.24 -11.94 -20.41
C VAL D 335 -61.74 -11.96 -20.11
N GLU D 336 -61.32 -11.23 -19.07
CA GLU D 336 -59.90 -11.21 -18.66
C GLU D 336 -59.60 -12.21 -17.52
N VAL D 337 -58.71 -13.15 -17.78
CA VAL D 337 -58.31 -14.10 -16.75
C VAL D 337 -56.96 -13.61 -16.29
N ARG D 338 -56.89 -13.12 -15.06
CA ARG D 338 -55.63 -12.59 -14.52
C ARG D 338 -54.78 -13.62 -13.77
N SER D 339 -55.27 -14.86 -13.69
CA SER D 339 -54.51 -15.90 -13.04
C SER D 339 -53.14 -16.04 -13.73
N VAL D 340 -53.16 -16.18 -15.05
CA VAL D 340 -51.95 -16.35 -15.90
C VAL D 340 -50.74 -15.41 -15.72
N ASP D 341 -49.53 -15.98 -15.71
CA ASP D 341 -48.31 -15.16 -15.60
C ASP D 341 -47.22 -15.35 -16.69
N PRO D 342 -46.44 -14.27 -16.98
CA PRO D 342 -45.37 -14.29 -17.99
C PRO D 342 -44.44 -15.50 -18.06
N ALA D 343 -44.34 -16.25 -16.97
CA ALA D 343 -43.48 -17.43 -16.96
C ALA D 343 -44.31 -18.68 -17.26
N ALA D 344 -45.31 -18.51 -18.12
CA ALA D 344 -46.17 -19.61 -18.54
C ALA D 344 -45.82 -19.97 -19.96
N ASN D 345 -46.34 -21.11 -20.43
CA ASN D 345 -46.07 -21.45 -21.80
C ASN D 345 -47.28 -20.99 -22.53
N PRO D 346 -47.16 -19.86 -23.21
CA PRO D 346 -48.18 -19.19 -24.00
C PRO D 346 -49.19 -20.11 -24.67
N TYR D 347 -48.68 -21.06 -25.46
CA TYR D 347 -49.53 -22.00 -26.20
C TYR D 347 -50.32 -22.97 -25.32
N LEU D 348 -49.62 -23.76 -24.51
CA LEU D 348 -50.30 -24.70 -23.61
C LEU D 348 -51.33 -23.87 -22.84
N ALA D 349 -50.83 -22.94 -22.03
CA ALA D 349 -51.67 -22.04 -21.25
C ALA D 349 -52.95 -21.80 -22.00
N LEU D 350 -52.80 -21.26 -23.19
CA LEU D 350 -53.93 -20.93 -24.04
C LEU D 350 -54.89 -22.05 -24.44
N SER D 351 -54.39 -23.25 -24.69
CA SER D 351 -55.27 -24.34 -25.08
C SER D 351 -56.13 -24.80 -23.91
N VAL D 352 -55.65 -24.58 -22.68
CA VAL D 352 -56.42 -24.99 -21.51
C VAL D 352 -57.54 -23.98 -21.20
N LEU D 353 -57.34 -22.70 -21.56
CA LEU D 353 -58.37 -21.68 -21.33
C LEU D 353 -59.42 -21.92 -22.39
N LEU D 354 -59.02 -21.84 -23.65
CA LEU D 354 -59.99 -22.07 -24.69
C LEU D 354 -60.68 -23.33 -24.21
N ALA D 355 -59.92 -24.19 -23.54
CA ALA D 355 -60.46 -25.45 -23.06
C ALA D 355 -61.66 -25.35 -22.09
N ALA D 356 -61.45 -24.87 -20.86
CA ALA D 356 -62.54 -24.75 -19.89
C ALA D 356 -63.53 -23.68 -20.34
N GLY D 357 -63.08 -22.85 -21.28
CA GLY D 357 -63.91 -21.79 -21.82
C GLY D 357 -64.95 -22.44 -22.72
N LEU D 358 -64.62 -23.60 -23.27
CA LEU D 358 -65.53 -24.32 -24.15
C LEU D 358 -66.33 -25.48 -23.49
N ASP D 359 -65.76 -26.13 -22.48
CA ASP D 359 -66.49 -27.20 -21.80
C ASP D 359 -67.81 -26.51 -21.55
N GLY D 360 -67.70 -25.32 -20.97
CA GLY D 360 -68.85 -24.51 -20.62
C GLY D 360 -69.78 -24.06 -21.72
N ILE D 361 -69.28 -23.78 -22.91
CA ILE D 361 -70.18 -23.35 -23.97
C ILE D 361 -70.98 -24.56 -24.45
N LYS D 362 -70.34 -25.73 -24.38
CA LYS D 362 -70.90 -27.00 -24.82
C LYS D 362 -71.85 -27.72 -23.89
N ASN D 363 -71.53 -27.74 -22.61
CA ASN D 363 -72.40 -28.40 -21.66
C ASN D 363 -73.34 -27.40 -21.00
N LYS D 364 -73.48 -26.24 -21.65
CA LYS D 364 -74.35 -25.16 -21.19
C LYS D 364 -74.24 -25.07 -19.68
N LEU D 365 -73.15 -24.45 -19.22
CA LEU D 365 -72.87 -24.31 -17.79
C LEU D 365 -73.43 -23.03 -17.16
N GLU D 366 -73.79 -23.12 -15.88
CA GLU D 366 -74.39 -22.00 -15.19
C GLU D 366 -73.40 -21.12 -14.43
N ALA D 367 -73.25 -19.89 -14.94
CA ALA D 367 -72.37 -18.92 -14.32
C ALA D 367 -72.82 -18.71 -12.88
N PRO D 368 -71.89 -18.28 -11.99
CA PRO D 368 -72.26 -18.05 -10.59
C PRO D 368 -72.44 -16.57 -10.21
N ALA D 369 -72.62 -16.32 -8.91
CA ALA D 369 -72.83 -14.95 -8.42
C ALA D 369 -71.58 -14.08 -8.51
N PRO D 370 -71.62 -13.07 -9.40
CA PRO D 370 -70.48 -12.16 -9.55
C PRO D 370 -70.13 -11.59 -8.18
N ILE D 371 -68.88 -11.19 -7.99
CA ILE D 371 -68.41 -10.68 -6.70
C ILE D 371 -68.83 -9.25 -6.33
N ASP D 372 -69.77 -9.15 -5.41
CA ASP D 372 -70.22 -7.84 -4.97
C ASP D 372 -69.39 -7.43 -3.76
N ARG D 373 -69.98 -7.49 -2.57
CA ARG D 373 -69.34 -7.13 -1.31
C ARG D 373 -67.82 -7.15 -1.39
N ASN D 374 -67.27 -8.37 -1.35
CA ASN D 374 -65.84 -8.67 -1.41
C ASN D 374 -65.59 -9.80 -0.41
N ILE D 375 -64.84 -10.79 -0.86
CA ILE D 375 -64.57 -11.97 -0.07
C ILE D 375 -63.25 -12.03 0.69
N TYR D 376 -62.38 -11.04 0.46
CA TYR D 376 -61.09 -11.00 1.12
C TYR D 376 -61.27 -10.89 2.62
N VAL D 377 -62.26 -10.09 2.99
CA VAL D 377 -62.63 -9.83 4.36
C VAL D 377 -63.37 -10.99 4.99
N MET D 378 -63.12 -12.20 4.48
CA MET D 378 -63.77 -13.40 4.99
C MET D 378 -62.80 -14.55 5.27
N SER D 379 -63.26 -15.44 6.14
CA SER D 379 -62.53 -16.63 6.51
C SER D 379 -62.46 -17.48 5.24
N LYS D 380 -61.64 -18.52 5.24
CA LYS D 380 -61.57 -19.45 4.10
C LYS D 380 -62.86 -20.25 4.21
N GLU D 381 -63.40 -20.21 5.43
CA GLU D 381 -64.60 -20.94 5.84
C GLU D 381 -65.99 -20.31 5.64
N GLU D 382 -66.07 -19.01 5.37
CA GLU D 382 -67.38 -18.44 5.13
C GLU D 382 -67.47 -18.34 3.62
N ARG D 383 -66.30 -18.22 3.01
CA ARG D 383 -66.19 -18.17 1.58
C ARG D 383 -66.61 -19.52 1.09
N MET D 384 -66.00 -20.55 1.65
CA MET D 384 -66.29 -21.91 1.25
C MET D 384 -67.80 -22.11 1.20
N GLU D 385 -68.51 -21.20 1.87
CA GLU D 385 -69.96 -21.24 1.90
C GLU D 385 -70.58 -20.73 0.58
N ASN D 386 -69.74 -20.13 -0.26
CA ASN D 386 -70.14 -19.66 -1.58
C ASN D 386 -69.31 -20.57 -2.50
N GLY D 387 -69.55 -20.51 -3.81
CA GLY D 387 -68.78 -21.38 -4.69
C GLY D 387 -67.33 -20.93 -4.75
N ILE D 388 -66.86 -20.32 -3.68
CA ILE D 388 -65.51 -19.81 -3.63
C ILE D 388 -64.45 -20.70 -2.98
N VAL D 389 -63.57 -21.29 -3.79
CA VAL D 389 -62.44 -22.10 -3.29
C VAL D 389 -61.19 -21.34 -3.75
N ASP D 390 -60.18 -21.29 -2.88
CA ASP D 390 -58.96 -20.56 -3.20
C ASP D 390 -58.28 -21.13 -4.44
N LEU D 391 -57.07 -20.65 -4.70
CA LEU D 391 -56.32 -21.14 -5.85
C LEU D 391 -55.33 -22.09 -5.23
N PRO D 392 -54.66 -22.93 -6.07
CA PRO D 392 -53.69 -23.84 -5.45
C PRO D 392 -52.64 -22.99 -4.70
N ALA D 393 -52.05 -23.53 -3.66
CA ALA D 393 -51.06 -22.76 -2.90
C ALA D 393 -49.64 -23.04 -3.32
N THR D 394 -49.38 -24.28 -3.68
CA THR D 394 -48.05 -24.69 -4.08
C THR D 394 -48.15 -25.29 -5.47
N LEU D 395 -47.02 -25.37 -6.17
CA LEU D 395 -47.01 -25.95 -7.51
C LEU D 395 -47.40 -27.43 -7.44
N ALA D 396 -47.35 -27.97 -6.23
CA ALA D 396 -47.66 -29.37 -5.92
C ALA D 396 -49.12 -29.52 -5.66
N GLU D 397 -49.70 -28.50 -5.04
CA GLU D 397 -51.11 -28.51 -4.74
C GLU D 397 -51.86 -28.42 -6.05
N ALA D 398 -51.20 -27.81 -7.02
CA ALA D 398 -51.80 -27.66 -8.33
C ALA D 398 -51.76 -29.01 -9.05
N LEU D 399 -50.59 -29.38 -9.59
CA LEU D 399 -50.42 -30.62 -10.33
C LEU D 399 -51.47 -31.68 -10.02
N GLU D 400 -51.64 -32.02 -8.74
CA GLU D 400 -52.63 -33.03 -8.37
C GLU D 400 -54.06 -32.59 -8.73
N GLU D 401 -54.36 -31.30 -8.61
CA GLU D 401 -55.68 -30.72 -8.94
C GLU D 401 -55.88 -30.62 -10.46
N PHE D 402 -54.81 -30.97 -11.17
CA PHE D 402 -54.74 -30.95 -12.63
C PHE D 402 -54.91 -32.37 -13.18
N LYS D 403 -54.26 -33.30 -12.49
CA LYS D 403 -54.28 -34.72 -12.83
C LYS D 403 -55.69 -35.30 -12.70
N SER D 404 -56.37 -34.86 -11.64
CA SER D 404 -57.71 -35.33 -11.32
C SER D 404 -58.84 -34.66 -12.11
N ASN D 405 -58.51 -33.83 -13.09
CA ASN D 405 -59.52 -33.15 -13.89
C ASN D 405 -59.56 -33.71 -15.29
N GLU D 406 -60.59 -34.47 -15.63
CA GLU D 406 -60.60 -35.09 -16.95
C GLU D 406 -60.52 -34.18 -18.15
N VAL D 407 -60.88 -32.91 -18.04
CA VAL D 407 -60.80 -32.09 -19.25
C VAL D 407 -59.54 -31.31 -19.58
N MET D 408 -58.56 -31.22 -18.69
CA MET D 408 -57.29 -30.55 -18.99
C MET D 408 -56.45 -31.67 -19.63
N VAL D 409 -56.60 -32.86 -19.05
CA VAL D 409 -55.92 -34.07 -19.46
C VAL D 409 -56.15 -34.26 -20.92
N LYS D 410 -57.37 -34.66 -21.25
CA LYS D 410 -57.74 -34.86 -22.63
C LYS D 410 -57.55 -33.54 -23.35
N ALA D 411 -57.57 -32.44 -22.60
CA ALA D 411 -57.38 -31.11 -23.17
C ALA D 411 -56.01 -30.85 -23.77
N LEU D 412 -54.96 -31.32 -23.12
CA LEU D 412 -53.56 -31.13 -23.54
C LEU D 412 -52.86 -32.06 -24.54
N GLY D 413 -53.16 -33.35 -24.45
CA GLY D 413 -52.52 -34.34 -25.31
C GLY D 413 -52.07 -35.34 -24.29
N GLU D 414 -52.48 -36.60 -24.42
CA GLU D 414 -52.08 -37.58 -23.45
C GLU D 414 -50.57 -37.67 -23.32
N HIS D 415 -49.84 -37.01 -24.23
CA HIS D 415 -48.36 -37.01 -24.21
C HIS D 415 -47.81 -35.74 -23.59
N LEU D 416 -48.26 -34.60 -24.12
CA LEU D 416 -47.86 -33.30 -23.63
C LEU D 416 -48.05 -33.40 -22.13
N PHE D 417 -49.08 -34.16 -21.76
CA PHE D 417 -49.45 -34.38 -20.39
C PHE D 417 -48.45 -35.21 -19.56
N GLU D 418 -48.26 -36.50 -19.89
CA GLU D 418 -47.32 -37.34 -19.11
C GLU D 418 -46.00 -36.65 -18.94
N HIS D 419 -45.63 -35.82 -19.91
CA HIS D 419 -44.37 -35.14 -19.82
C HIS D 419 -44.44 -33.83 -19.07
N PHE D 420 -45.64 -33.30 -18.90
CA PHE D 420 -45.75 -32.08 -18.12
C PHE D 420 -45.91 -32.39 -16.64
N ILE D 421 -46.88 -33.25 -16.31
CA ILE D 421 -47.14 -33.65 -14.94
C ILE D 421 -45.84 -33.95 -14.26
N GLU D 422 -45.09 -34.75 -15.00
CA GLU D 422 -43.80 -35.26 -14.63
C GLU D 422 -42.74 -34.16 -14.59
N ALA D 423 -42.47 -33.52 -15.71
CA ALA D 423 -41.45 -32.49 -15.74
C ALA D 423 -41.50 -31.57 -14.52
N LYS D 424 -42.69 -31.35 -13.97
CA LYS D 424 -42.83 -30.44 -12.84
C LYS D 424 -42.69 -31.09 -11.49
N GLU D 425 -43.37 -32.19 -11.25
CA GLU D 425 -43.21 -32.85 -9.95
C GLU D 425 -41.69 -32.87 -9.65
N ILE D 426 -40.91 -33.36 -10.61
CA ILE D 426 -39.48 -33.42 -10.43
C ILE D 426 -39.00 -32.04 -10.06
N GLU D 427 -39.58 -31.03 -10.69
CA GLU D 427 -39.21 -29.66 -10.39
C GLU D 427 -39.50 -29.52 -8.89
N TRP D 428 -40.75 -29.80 -8.53
CA TRP D 428 -41.21 -29.70 -7.16
C TRP D 428 -40.43 -30.50 -6.17
N ASP D 429 -40.07 -31.70 -6.55
CA ASP D 429 -39.33 -32.57 -5.66
C ASP D 429 -37.86 -32.08 -5.52
N MET D 430 -37.46 -31.09 -6.32
CA MET D 430 -36.11 -30.54 -6.25
C MET D 430 -36.07 -29.27 -5.39
N PHE D 431 -37.21 -28.60 -5.30
CA PHE D 431 -37.41 -27.39 -4.49
C PHE D 431 -37.61 -27.91 -3.05
N ARG D 432 -38.50 -28.89 -2.96
CA ARG D 432 -38.89 -29.55 -1.74
C ARG D 432 -37.75 -30.14 -0.90
N THR D 433 -36.70 -30.70 -1.51
CA THR D 433 -35.66 -31.26 -0.64
C THR D 433 -34.51 -30.33 -0.25
N GLN D 434 -34.16 -29.37 -1.10
CA GLN D 434 -33.09 -28.41 -0.78
C GLN D 434 -33.25 -27.85 0.64
N VAL D 435 -32.20 -27.23 1.16
CA VAL D 435 -32.28 -26.62 2.49
C VAL D 435 -32.04 -25.14 2.21
N HIS D 436 -33.13 -24.37 2.16
CA HIS D 436 -33.07 -22.93 1.88
C HIS D 436 -32.60 -22.18 3.08
N PRO D 437 -31.54 -21.37 2.91
CA PRO D 437 -31.03 -20.61 4.05
C PRO D 437 -32.12 -20.05 4.94
N TRP D 438 -33.34 -19.87 4.41
CA TRP D 438 -34.41 -19.34 5.25
C TRP D 438 -34.44 -20.11 6.54
N GLU D 439 -34.55 -21.42 6.40
CA GLU D 439 -34.59 -22.33 7.54
C GLU D 439 -33.40 -22.15 8.48
N ARG D 440 -32.27 -21.73 7.93
CA ARG D 440 -31.13 -21.58 8.78
C ARG D 440 -31.25 -20.34 9.68
N GLU D 441 -31.68 -19.19 9.15
CA GLU D 441 -31.85 -18.00 9.98
C GLU D 441 -32.65 -18.48 11.17
N GLN D 442 -33.63 -19.33 10.81
CA GLN D 442 -34.65 -19.97 11.66
C GLN D 442 -34.38 -21.13 12.62
N TYR D 443 -33.54 -22.08 12.20
CA TYR D 443 -33.33 -23.27 13.00
C TYR D 443 -31.91 -23.58 13.44
N MET D 444 -30.96 -23.21 12.61
CA MET D 444 -29.55 -23.42 12.88
C MET D 444 -29.20 -23.06 14.33
N SER D 445 -29.62 -21.85 14.71
CA SER D 445 -29.40 -21.19 16.01
C SER D 445 -30.31 -21.44 17.23
N GLN D 446 -31.63 -21.27 17.04
CA GLN D 446 -32.64 -21.47 18.09
C GLN D 446 -32.68 -22.89 18.68
N TYR D 447 -32.80 -23.89 17.79
CA TYR D 447 -32.88 -25.29 18.18
C TYR D 447 -31.57 -26.04 18.45
N ALA E 5 -37.63 5.17 62.35
CA ALA E 5 -37.55 5.16 60.86
C ALA E 5 -36.75 3.93 60.40
N LYS E 6 -35.51 4.14 60.00
CA LYS E 6 -34.65 3.04 59.59
C LYS E 6 -33.20 3.33 59.99
N TYR E 7 -32.64 4.46 59.56
CA TYR E 7 -31.27 4.81 59.99
C TYR E 7 -31.31 6.00 60.92
N THR E 8 -30.44 5.98 61.91
CA THR E 8 -30.40 7.06 62.85
C THR E 8 -29.14 7.87 62.60
N ARG E 9 -29.15 9.11 63.05
CA ARG E 9 -28.00 9.98 62.85
C ARG E 9 -26.67 9.30 63.27
N GLU E 10 -26.57 8.84 64.52
CA GLU E 10 -25.35 8.19 65.01
C GLU E 10 -25.17 6.88 64.23
N ASP E 11 -26.25 6.47 63.57
CA ASP E 11 -26.24 5.24 62.82
C ASP E 11 -25.49 5.50 61.52
N ILE E 12 -25.93 6.51 60.75
CA ILE E 12 -25.26 6.84 59.49
C ILE E 12 -23.80 6.97 59.87
N GLU E 13 -23.52 8.03 60.59
CA GLU E 13 -22.19 8.37 61.05
C GLU E 13 -21.20 7.24 61.41
N LYS E 14 -21.70 6.08 61.85
CA LYS E 14 -20.77 5.01 62.19
C LYS E 14 -20.51 4.22 60.92
N LEU E 15 -21.49 4.23 60.03
CA LEU E 15 -21.42 3.52 58.75
C LEU E 15 -20.40 4.13 57.84
N VAL E 16 -20.20 5.41 58.01
CA VAL E 16 -19.29 6.14 57.19
C VAL E 16 -17.87 5.94 57.71
N LYS E 17 -17.64 6.16 59.00
CA LYS E 17 -16.30 5.97 59.56
C LYS E 17 -15.77 4.56 59.33
N GLU E 18 -16.59 3.57 59.62
CA GLU E 18 -16.18 2.18 59.46
C GLU E 18 -16.03 1.80 58.00
N GLU E 19 -16.99 2.24 57.17
CA GLU E 19 -16.97 1.96 55.74
C GLU E 19 -15.99 2.84 54.97
N ASN E 20 -15.50 3.89 55.63
CA ASN E 20 -14.58 4.85 55.02
C ASN E 20 -15.22 5.49 53.79
N VAL E 21 -16.06 6.49 54.05
CA VAL E 21 -16.74 7.22 52.98
C VAL E 21 -15.98 8.53 52.81
N LYS E 22 -15.69 8.85 51.55
CA LYS E 22 -14.93 10.04 51.20
C LYS E 22 -15.71 10.95 50.29
N TYR E 23 -16.98 10.66 50.03
CA TYR E 23 -17.72 11.53 49.14
C TYR E 23 -19.24 11.29 49.15
N ILE E 24 -19.97 12.30 49.62
CA ILE E 24 -21.44 12.21 49.72
C ILE E 24 -22.15 13.03 48.63
N ARG E 25 -23.07 12.38 47.91
CA ARG E 25 -23.83 12.98 46.82
C ARG E 25 -25.31 13.14 47.16
N LEU E 26 -25.76 14.38 47.31
CA LEU E 26 -27.15 14.71 47.70
C LEU E 26 -28.29 14.72 46.66
N GLN E 27 -28.75 13.54 46.26
CA GLN E 27 -29.80 13.38 45.26
C GLN E 27 -31.21 13.88 45.54
N PHE E 28 -31.81 14.45 44.49
CA PHE E 28 -33.18 14.99 44.47
C PHE E 28 -33.57 14.75 43.03
N THR E 29 -34.83 14.94 42.66
CA THR E 29 -35.16 14.70 41.28
C THR E 29 -35.84 15.84 40.57
N ASP E 30 -35.37 16.14 39.36
CA ASP E 30 -35.94 17.23 38.61
C ASP E 30 -37.30 16.88 38.10
N ILE E 31 -37.93 17.86 37.50
CA ILE E 31 -39.27 17.82 36.94
C ILE E 31 -39.48 16.85 35.76
N LEU E 32 -38.53 16.83 34.83
CA LEU E 32 -38.59 15.93 33.69
C LEU E 32 -38.20 14.58 34.22
N GLY E 33 -37.90 14.54 35.50
CA GLY E 33 -37.51 13.29 36.12
C GLY E 33 -36.03 13.15 36.39
N THR E 34 -35.18 13.63 35.49
CA THR E 34 -33.72 13.46 35.66
C THR E 34 -33.16 13.56 37.08
N ILE E 35 -32.60 12.46 37.54
CA ILE E 35 -32.02 12.36 38.88
C ILE E 35 -30.71 13.09 38.86
N LYS E 36 -30.73 14.29 39.41
CA LYS E 36 -29.55 15.14 39.47
C LYS E 36 -29.03 15.04 40.88
N ASN E 37 -27.82 15.52 41.10
CA ASN E 37 -27.27 15.47 42.45
C ASN E 37 -26.44 16.71 42.70
N VAL E 38 -26.10 16.91 43.96
CA VAL E 38 -25.22 17.99 44.35
C VAL E 38 -24.20 17.26 45.24
N GLU E 39 -22.98 17.16 44.74
CA GLU E 39 -21.90 16.45 45.41
C GLU E 39 -21.09 17.22 46.45
N ILE E 40 -21.06 16.69 47.68
CA ILE E 40 -20.30 17.28 48.79
C ILE E 40 -19.38 16.17 49.34
N PRO E 41 -18.33 16.55 50.13
CA PRO E 41 -17.35 15.64 50.72
C PRO E 41 -17.63 15.29 52.17
N VAL E 42 -17.32 14.05 52.54
CA VAL E 42 -17.55 13.55 53.89
C VAL E 42 -17.15 14.58 54.92
N SER E 43 -16.31 15.50 54.50
CA SER E 43 -15.85 16.56 55.35
C SER E 43 -17.01 17.51 55.68
N GLN E 44 -18.03 17.54 54.83
CA GLN E 44 -19.15 18.43 55.07
C GLN E 44 -20.43 17.67 55.41
N LEU E 45 -20.31 16.38 55.72
CA LEU E 45 -21.49 15.59 56.04
C LEU E 45 -22.36 16.26 57.10
N GLY E 46 -21.74 16.90 58.09
CA GLY E 46 -22.50 17.54 59.15
C GLY E 46 -23.52 18.62 58.79
N LYS E 47 -23.08 19.59 57.98
CA LYS E 47 -23.93 20.69 57.56
C LYS E 47 -24.96 20.16 56.56
N ALA E 48 -24.71 18.95 56.07
CA ALA E 48 -25.58 18.29 55.11
C ALA E 48 -26.73 17.62 55.85
N LEU E 49 -26.43 17.03 57.00
CA LEU E 49 -27.45 16.38 57.79
C LEU E 49 -28.31 17.47 58.44
N ASP E 50 -27.66 18.52 58.94
CA ASP E 50 -28.34 19.64 59.60
C ASP E 50 -29.31 20.36 58.70
N ASN E 51 -29.47 19.85 57.49
CA ASN E 51 -30.39 20.47 56.57
C ASN E 51 -29.98 21.91 56.32
N LYS E 52 -28.71 22.14 56.01
CA LYS E 52 -28.26 23.51 55.77
C LYS E 52 -27.48 23.82 54.50
N VAL E 53 -27.33 22.85 53.59
CA VAL E 53 -26.64 23.09 52.32
C VAL E 53 -27.64 23.74 51.35
N MET E 54 -27.32 24.93 50.87
CA MET E 54 -28.21 25.61 49.95
C MET E 54 -27.79 25.36 48.51
N PHE E 55 -28.65 25.66 47.55
CA PHE E 55 -28.30 25.45 46.15
C PHE E 55 -29.29 26.14 45.21
N ASP E 56 -28.88 26.51 43.99
CA ASP E 56 -29.82 27.14 43.07
C ASP E 56 -30.87 26.08 42.83
N GLY E 57 -32.09 26.34 43.25
CA GLY E 57 -33.17 25.38 43.11
C GLY E 57 -33.89 25.19 41.77
N SER E 58 -33.93 26.21 40.92
CA SER E 58 -34.61 26.11 39.64
C SER E 58 -33.95 25.04 38.77
N SER E 59 -33.01 24.28 39.33
CA SER E 59 -32.37 23.24 38.55
C SER E 59 -33.40 22.17 38.32
N ILE E 60 -34.56 22.34 38.96
CA ILE E 60 -35.70 21.42 38.88
C ILE E 60 -36.64 21.77 37.73
N GLU E 61 -36.74 23.05 37.39
CA GLU E 61 -37.62 23.45 36.30
C GLU E 61 -36.98 23.04 35.00
N GLY E 62 -35.87 22.33 35.10
CA GLY E 62 -35.18 21.84 33.91
C GLY E 62 -34.70 22.88 32.93
N PHE E 63 -34.91 22.63 31.64
CA PHE E 63 -34.47 23.60 30.68
C PHE E 63 -35.44 24.78 30.58
N VAL E 64 -36.07 25.08 31.71
CA VAL E 64 -36.97 26.24 31.80
C VAL E 64 -36.73 26.94 33.14
N ARG E 65 -35.45 27.02 33.52
CA ARG E 65 -35.02 27.72 34.73
C ARG E 65 -35.00 29.15 34.27
N ILE E 66 -35.71 30.02 34.97
CA ILE E 66 -35.75 31.42 34.59
C ILE E 66 -34.82 32.19 35.48
N GLU E 67 -34.94 31.86 36.76
CA GLU E 67 -34.23 32.53 37.82
C GLU E 67 -33.56 31.64 38.85
N GLU E 68 -32.34 32.01 39.21
CA GLU E 68 -31.57 31.29 40.20
C GLU E 68 -32.26 31.56 41.52
N SER E 69 -32.42 30.52 42.32
CA SER E 69 -33.11 30.71 43.59
C SER E 69 -32.66 29.72 44.65
N ASP E 70 -32.16 30.27 45.76
CA ASP E 70 -31.64 29.45 46.83
C ASP E 70 -32.63 28.57 47.57
N MET E 71 -32.29 27.28 47.60
CA MET E 71 -33.12 26.29 48.25
C MET E 71 -32.25 25.39 49.10
N TYR E 72 -32.92 24.71 50.03
CA TYR E 72 -32.27 23.81 50.95
C TYR E 72 -32.37 22.33 50.55
N LEU E 73 -31.64 21.50 51.27
CA LEU E 73 -31.64 20.06 51.01
C LEU E 73 -31.87 19.30 52.30
N TYR E 74 -33.08 18.82 52.53
CA TYR E 74 -33.34 18.04 53.73
C TYR E 74 -33.28 16.56 53.37
N PRO E 75 -32.13 15.92 53.65
CA PRO E 75 -31.89 14.51 53.37
C PRO E 75 -32.64 13.51 54.25
N ASP E 76 -33.29 12.52 53.63
CA ASP E 76 -34.02 11.44 54.31
C ASP E 76 -32.91 10.54 54.77
N LEU E 77 -32.95 10.13 56.04
CA LEU E 77 -31.88 9.30 56.57
C LEU E 77 -31.93 7.88 56.04
N ASN E 78 -33.10 7.49 55.55
CA ASN E 78 -33.34 6.15 55.06
C ASN E 78 -33.00 5.88 53.61
N THR E 79 -33.01 6.94 52.82
CA THR E 79 -32.70 6.86 51.41
C THR E 79 -31.18 6.76 51.30
N PHE E 80 -30.54 6.45 52.43
CA PHE E 80 -29.09 6.33 52.48
C PHE E 80 -28.56 5.05 51.86
N VAL E 81 -27.44 5.18 51.18
CA VAL E 81 -26.82 4.05 50.51
C VAL E 81 -25.36 4.39 50.13
N ILE E 82 -24.51 3.37 50.07
CA ILE E 82 -23.10 3.49 49.67
C ILE E 82 -23.01 2.82 48.29
N PHE E 83 -22.00 3.15 47.50
CA PHE E 83 -21.84 2.54 46.18
C PHE E 83 -20.68 1.54 46.13
N PRO E 84 -20.91 0.36 45.52
CA PRO E 84 -19.85 -0.65 45.43
C PRO E 84 -18.83 -0.49 44.31
N TRP E 85 -19.28 -0.14 43.10
CA TRP E 85 -18.33 0.00 42.00
C TRP E 85 -17.40 1.17 42.17
N THR E 86 -17.71 2.02 43.15
CA THR E 86 -16.91 3.20 43.47
C THR E 86 -16.14 2.89 44.75
N ALA E 87 -15.89 1.60 44.95
CA ALA E 87 -15.20 1.10 46.14
C ALA E 87 -13.67 0.99 46.13
N GLU E 88 -12.98 2.14 46.08
CA GLU E 88 -11.51 2.19 46.05
C GLU E 88 -10.94 3.23 47.03
N LYS E 89 -10.77 4.46 46.55
CA LYS E 89 -10.24 5.57 47.35
C LYS E 89 -11.32 6.26 48.17
N GLY E 90 -12.08 5.46 48.91
CA GLY E 90 -13.13 6.02 49.71
C GLY E 90 -14.36 5.76 48.90
N LYS E 91 -15.16 4.79 49.32
CA LYS E 91 -16.39 4.45 48.62
C LYS E 91 -17.14 5.80 48.40
N VAL E 92 -18.33 5.80 47.82
CA VAL E 92 -18.97 7.09 47.55
C VAL E 92 -20.48 7.06 47.71
N ALA E 93 -20.95 7.52 48.87
CA ALA E 93 -22.38 7.50 49.22
C ALA E 93 -23.34 8.53 48.63
N ARG E 94 -24.62 8.19 48.73
CA ARG E 94 -25.65 9.05 48.22
C ARG E 94 -26.92 8.95 49.05
N PHE E 95 -27.55 10.09 49.29
CA PHE E 95 -28.82 10.14 49.99
C PHE E 95 -29.88 10.57 48.92
N ILE E 96 -31.07 10.93 49.36
CA ILE E 96 -32.10 11.40 48.43
C ILE E 96 -32.70 12.51 49.25
N CYS E 97 -33.03 13.65 48.64
CA CYS E 97 -33.48 14.79 49.45
C CYS E 97 -34.76 15.59 49.23
N ASP E 98 -35.30 16.06 50.36
CA ASP E 98 -36.52 16.89 50.41
C ASP E 98 -36.09 18.34 50.18
N ILE E 99 -36.33 18.87 48.99
CA ILE E 99 -35.97 20.25 48.68
C ILE E 99 -36.93 21.09 49.50
N TYR E 100 -36.46 22.18 50.08
CA TYR E 100 -37.34 23.02 50.88
C TYR E 100 -37.14 24.50 50.58
N ASN E 101 -38.23 25.25 50.48
CA ASN E 101 -38.15 26.69 50.24
C ASN E 101 -37.14 27.27 51.23
N PRO E 102 -36.62 28.47 50.96
CA PRO E 102 -35.63 29.07 51.85
C PRO E 102 -36.04 29.33 53.30
N ASP E 103 -37.28 29.75 53.50
CA ASP E 103 -37.72 30.06 54.86
C ASP E 103 -37.80 28.87 55.83
N GLY E 104 -38.43 27.76 55.43
CA GLY E 104 -38.47 26.61 56.33
C GLY E 104 -39.42 25.58 55.77
N THR E 105 -40.31 26.13 54.96
CA THR E 105 -41.41 25.46 54.23
C THR E 105 -40.95 24.57 53.05
N PRO E 106 -41.60 23.38 52.88
CA PRO E 106 -41.22 22.48 51.77
C PRO E 106 -41.31 23.23 50.45
N PHE E 107 -40.64 22.73 49.42
CA PHE E 107 -40.76 23.43 48.15
C PHE E 107 -42.04 22.96 47.52
N GLU E 108 -42.98 23.86 47.31
CA GLU E 108 -44.24 23.48 46.71
C GLU E 108 -43.94 22.53 45.55
N GLY E 109 -43.08 23.02 44.66
CA GLY E 109 -42.71 22.36 43.42
C GLY E 109 -41.94 21.06 43.28
N ASP E 110 -41.07 20.74 44.24
CA ASP E 110 -40.27 19.50 44.26
C ASP E 110 -41.10 18.29 43.75
N PRO E 111 -40.70 17.65 42.61
CA PRO E 111 -41.53 16.52 42.19
C PRO E 111 -41.92 15.66 43.38
N ARG E 112 -40.90 15.14 44.07
CA ARG E 112 -41.06 14.28 45.23
C ARG E 112 -42.01 14.72 46.34
N ASN E 113 -41.68 15.79 47.05
CA ASN E 113 -42.55 16.24 48.13
C ASN E 113 -43.99 16.47 47.64
N ASN E 114 -44.21 16.35 46.33
CA ASN E 114 -45.55 16.54 45.73
C ASN E 114 -46.32 15.24 45.81
N LEU E 115 -45.60 14.14 45.94
CA LEU E 115 -46.25 12.83 46.05
C LEU E 115 -46.61 12.70 47.52
N LYS E 116 -45.76 13.26 48.39
CA LYS E 116 -46.02 13.21 49.83
C LYS E 116 -47.26 14.06 50.17
N ARG E 117 -47.53 15.10 49.37
CA ARG E 117 -48.69 15.93 49.65
C ARG E 117 -49.93 15.40 48.93
N ILE E 118 -49.73 14.50 47.99
CA ILE E 118 -50.88 13.90 47.33
C ILE E 118 -51.08 12.66 48.15
N LEU E 119 -50.13 12.43 49.06
CA LEU E 119 -50.23 11.30 49.94
C LEU E 119 -50.89 11.75 51.26
N LYS E 120 -50.62 12.97 51.70
CA LYS E 120 -51.26 13.46 52.93
C LYS E 120 -52.74 13.25 52.63
N GLU E 121 -53.19 13.88 51.54
CA GLU E 121 -54.60 13.77 51.13
C GLU E 121 -55.16 12.33 51.30
N MET E 122 -54.30 11.31 51.15
CA MET E 122 -54.77 9.93 51.32
C MET E 122 -55.25 9.70 52.77
N GLU E 123 -54.39 9.98 53.74
CA GLU E 123 -54.71 9.81 55.16
C GLU E 123 -55.99 10.55 55.49
N ASP E 124 -56.05 11.82 55.08
CA ASP E 124 -57.23 12.64 55.33
C ASP E 124 -58.49 11.94 54.81
N LEU E 125 -58.30 10.84 54.09
CA LEU E 125 -59.42 10.08 53.54
C LEU E 125 -59.51 8.72 54.24
N GLY E 126 -58.54 8.44 55.08
CA GLY E 126 -58.56 7.20 55.83
C GLY E 126 -57.57 6.12 55.50
N PHE E 127 -56.98 6.15 54.31
CA PHE E 127 -56.04 5.11 53.96
C PHE E 127 -54.71 5.21 54.69
N SER E 128 -54.05 4.06 54.85
CA SER E 128 -52.80 4.00 55.59
C SER E 128 -51.55 3.92 54.73
N ASP E 129 -51.70 3.42 53.52
CA ASP E 129 -50.55 3.26 52.63
C ASP E 129 -50.89 3.52 51.19
N PHE E 130 -50.19 2.79 50.33
CA PHE E 130 -50.35 2.86 48.89
C PHE E 130 -49.19 1.96 48.50
N ASN E 131 -49.28 1.26 47.38
CA ASN E 131 -48.22 0.35 46.98
C ASN E 131 -47.97 0.27 45.51
N LEU E 132 -46.69 0.26 45.17
CA LEU E 132 -46.28 0.24 43.79
C LEU E 132 -45.22 -0.83 43.53
N GLY E 133 -45.63 -1.90 42.84
CA GLY E 133 -44.71 -2.99 42.46
C GLY E 133 -44.48 -2.89 40.95
N PRO E 134 -43.62 -1.95 40.49
CA PRO E 134 -43.30 -1.70 39.09
C PRO E 134 -42.35 -2.60 38.31
N GLU E 135 -42.83 -2.96 37.12
CA GLU E 135 -42.13 -3.81 36.19
C GLU E 135 -41.60 -2.88 35.10
N PRO E 136 -40.32 -2.47 35.18
CA PRO E 136 -39.68 -1.57 34.20
C PRO E 136 -38.83 -2.30 33.14
N GLU E 137 -39.12 -2.04 31.86
CA GLU E 137 -38.41 -2.71 30.73
C GLU E 137 -37.29 -1.87 30.06
N PHE E 138 -36.21 -2.52 29.62
CA PHE E 138 -35.07 -1.78 29.04
C PHE E 138 -34.17 -2.44 28.01
N PHE E 139 -33.85 -1.71 26.94
CA PHE E 139 -32.95 -2.25 25.91
C PHE E 139 -31.49 -2.03 26.38
N LEU E 140 -30.59 -2.91 25.93
CA LEU E 140 -29.15 -2.85 26.23
C LEU E 140 -28.48 -2.83 24.88
N PHE E 141 -27.94 -1.69 24.49
CA PHE E 141 -27.27 -1.60 23.19
C PHE E 141 -25.75 -1.64 23.38
N LYS E 142 -25.02 -2.05 22.34
CA LYS E 142 -23.57 -2.09 22.46
C LYS E 142 -23.00 -0.72 22.19
N LEU E 143 -21.85 -0.46 22.80
CA LEU E 143 -21.14 0.80 22.64
C LEU E 143 -20.11 0.45 21.58
N ASP E 144 -19.16 1.34 21.33
CA ASP E 144 -18.13 1.07 20.33
C ASP E 144 -16.72 1.29 20.86
N GLU E 145 -15.74 1.26 19.96
CA GLU E 145 -14.35 1.48 20.34
C GLU E 145 -14.38 2.80 21.08
N LYS E 146 -14.81 3.84 20.37
CA LYS E 146 -14.90 5.19 20.92
C LYS E 146 -15.61 5.21 22.26
N GLY E 147 -16.69 4.45 22.37
CA GLY E 147 -17.48 4.38 23.59
C GLY E 147 -18.89 4.92 23.41
N GLU E 148 -19.24 5.15 22.15
CA GLU E 148 -20.53 5.70 21.77
C GLU E 148 -21.61 4.64 21.65
N PRO E 149 -22.85 5.02 21.98
CA PRO E 149 -23.96 4.08 21.89
C PRO E 149 -24.32 3.84 20.41
N THR E 150 -24.42 2.59 19.99
CA THR E 150 -24.77 2.29 18.60
C THR E 150 -26.24 1.82 18.57
N LEU E 151 -26.67 1.23 17.46
CA LEU E 151 -28.05 0.73 17.34
C LEU E 151 -28.03 -0.79 17.22
N GLU E 152 -27.02 -1.40 17.82
CA GLU E 152 -26.88 -2.84 17.78
C GLU E 152 -27.31 -3.41 19.10
N LEU E 153 -28.39 -4.18 19.05
CA LEU E 153 -28.92 -4.79 20.26
C LEU E 153 -27.86 -5.66 20.89
N ASN E 154 -28.02 -5.96 22.18
CA ASN E 154 -27.05 -6.79 22.85
C ASN E 154 -27.35 -8.22 22.58
N ASP E 155 -28.60 -8.55 22.28
CA ASP E 155 -28.87 -9.95 22.01
C ASP E 155 -29.96 -10.16 20.97
N LYS E 156 -30.47 -11.38 20.90
CA LYS E 156 -31.49 -11.69 19.94
C LYS E 156 -32.56 -12.62 20.53
N GLY E 157 -32.59 -12.63 21.86
CA GLY E 157 -33.55 -13.42 22.63
C GLY E 157 -34.95 -12.86 22.50
N GLY E 158 -35.92 -13.54 23.09
CA GLY E 158 -37.33 -13.12 23.02
C GLY E 158 -38.03 -13.40 24.33
N TYR E 159 -39.34 -13.48 24.31
CA TYR E 159 -40.04 -13.67 25.59
C TYR E 159 -39.61 -14.86 26.47
N PHE E 160 -39.00 -14.53 27.62
CA PHE E 160 -38.51 -15.47 28.65
C PHE E 160 -37.37 -16.37 28.24
N ASP E 161 -36.79 -16.11 27.08
CA ASP E 161 -35.70 -16.90 26.53
C ASP E 161 -34.52 -17.22 27.48
N LEU E 162 -33.73 -18.24 27.15
CA LEU E 162 -32.57 -18.59 27.98
C LEU E 162 -31.21 -18.42 27.31
N ALA E 163 -30.64 -19.46 26.71
CA ALA E 163 -29.30 -19.36 26.09
C ALA E 163 -28.96 -18.05 25.37
N PRO E 164 -29.93 -17.46 24.64
CA PRO E 164 -29.62 -16.21 23.94
C PRO E 164 -29.48 -15.06 24.94
N THR E 165 -30.16 -15.16 26.07
CA THR E 165 -30.11 -14.12 27.09
C THR E 165 -28.68 -13.85 27.57
N ASP E 166 -27.92 -14.93 27.78
CA ASP E 166 -26.54 -14.86 28.29
C ASP E 166 -25.64 -13.65 27.96
N LEU E 167 -25.82 -13.04 26.78
CA LEU E 167 -25.02 -11.88 26.39
C LEU E 167 -25.56 -10.64 27.07
N GLY E 168 -26.88 -10.65 27.31
CA GLY E 168 -27.55 -9.54 27.96
C GLY E 168 -27.94 -9.94 29.38
N GLU E 169 -27.80 -11.23 29.68
CA GLU E 169 -28.07 -11.81 31.00
C GLU E 169 -26.78 -11.68 31.78
N ASN E 170 -25.67 -11.89 31.06
CA ASN E 170 -24.31 -11.80 31.57
C ASN E 170 -24.27 -10.45 32.26
N CYS E 171 -25.22 -9.61 31.88
CA CYS E 171 -25.41 -8.29 32.42
C CYS E 171 -26.62 -8.30 33.37
N ARG E 172 -27.70 -8.91 32.91
CA ARG E 172 -28.93 -9.00 33.69
C ARG E 172 -28.69 -9.68 35.02
N ARG E 173 -27.59 -10.43 35.11
CA ARG E 173 -27.27 -11.04 36.37
C ARG E 173 -26.44 -9.99 37.06
N ASP E 174 -25.45 -9.44 36.34
CA ASP E 174 -24.57 -8.41 36.93
C ASP E 174 -25.43 -7.30 37.52
N ILE E 175 -26.44 -6.86 36.78
CA ILE E 175 -27.32 -5.81 37.29
C ILE E 175 -28.04 -6.33 38.54
N VAL E 176 -28.70 -7.49 38.41
CA VAL E 176 -29.48 -8.14 39.50
C VAL E 176 -28.72 -8.75 40.70
N LEU E 177 -27.42 -8.97 40.56
CA LEU E 177 -26.62 -9.51 41.66
C LEU E 177 -25.78 -8.39 42.28
N GLU E 178 -26.15 -7.15 41.98
CA GLU E 178 -25.47 -6.00 42.54
C GLU E 178 -26.53 -5.28 43.36
N LEU E 179 -27.73 -5.10 42.80
CA LEU E 179 -28.83 -4.43 43.52
C LEU E 179 -29.10 -5.15 44.85
N GLU E 180 -28.74 -6.43 44.91
CA GLU E 180 -28.89 -7.20 46.15
C GLU E 180 -27.86 -6.60 47.08
N GLU E 181 -26.65 -6.37 46.54
CA GLU E 181 -25.57 -5.74 47.30
C GLU E 181 -25.78 -4.25 47.20
N MET E 182 -27.01 -3.82 47.43
CA MET E 182 -27.33 -2.41 47.40
C MET E 182 -28.52 -2.24 48.31
N GLY E 183 -29.07 -3.38 48.70
CA GLY E 183 -30.20 -3.39 49.62
C GLY E 183 -31.53 -3.75 48.99
N PHE E 184 -31.57 -3.87 47.68
CA PHE E 184 -32.81 -4.21 46.99
C PHE E 184 -33.40 -5.57 47.33
N GLU E 185 -34.68 -5.71 46.99
CA GLU E 185 -35.44 -6.94 47.19
C GLU E 185 -36.12 -7.13 45.83
N ILE E 186 -35.33 -7.55 44.86
CA ILE E 186 -35.80 -7.77 43.49
C ILE E 186 -36.61 -9.04 43.34
N GLU E 187 -37.92 -8.90 43.14
CA GLU E 187 -38.76 -10.08 42.97
C GLU E 187 -38.15 -11.03 41.93
N ALA E 188 -37.88 -10.54 40.71
CA ALA E 188 -37.26 -11.39 39.69
C ALA E 188 -37.03 -10.76 38.31
N SER E 189 -36.17 -11.40 37.53
CA SER E 189 -35.85 -10.90 36.19
C SER E 189 -35.95 -11.97 35.07
N HIS E 190 -36.55 -11.59 33.94
CA HIS E 190 -36.64 -12.49 32.79
C HIS E 190 -36.08 -11.78 31.56
N HIS E 191 -36.66 -11.98 30.39
CA HIS E 191 -36.20 -11.27 29.21
C HIS E 191 -37.46 -10.91 28.48
N GLU E 192 -37.50 -9.70 27.95
CA GLU E 192 -38.70 -9.24 27.27
C GLU E 192 -38.95 -9.60 25.79
N VAL E 193 -40.05 -9.12 25.24
CA VAL E 193 -40.36 -9.55 23.88
C VAL E 193 -39.36 -9.37 22.75
N ALA E 194 -38.99 -8.15 22.36
CA ALA E 194 -38.07 -7.99 21.25
C ALA E 194 -36.63 -8.19 21.72
N PRO E 195 -35.70 -8.38 20.76
CA PRO E 195 -34.28 -8.59 21.02
C PRO E 195 -33.70 -7.42 21.83
N GLY E 196 -32.67 -7.68 22.61
CA GLY E 196 -32.08 -6.61 23.39
C GLY E 196 -32.98 -6.18 24.54
N GLN E 197 -34.27 -6.46 24.46
CA GLN E 197 -35.13 -6.07 25.59
C GLN E 197 -34.78 -6.91 26.84
N HIS E 198 -35.16 -6.39 28.01
CA HIS E 198 -34.92 -7.01 29.31
C HIS E 198 -35.84 -6.32 30.31
N GLU E 199 -36.04 -6.95 31.46
CA GLU E 199 -36.95 -6.40 32.44
C GLU E 199 -36.58 -7.07 33.75
N ILE E 200 -36.61 -6.29 34.82
CA ILE E 200 -36.36 -6.83 36.15
C ILE E 200 -37.56 -6.24 36.86
N ASP E 201 -38.06 -6.91 37.88
CA ASP E 201 -39.21 -6.38 38.60
C ASP E 201 -38.89 -6.49 40.07
N PHE E 202 -39.14 -5.43 40.83
CA PHE E 202 -38.85 -5.57 42.25
C PHE E 202 -40.08 -5.59 43.17
N LYS E 203 -39.82 -5.78 44.46
CA LYS E 203 -40.86 -5.83 45.48
C LYS E 203 -41.62 -4.51 45.60
N TYR E 204 -42.93 -4.62 45.75
CA TYR E 204 -43.76 -3.45 45.88
C TYR E 204 -43.28 -2.60 47.05
N ALA E 205 -43.87 -1.42 47.21
CA ALA E 205 -43.46 -0.54 48.28
C ALA E 205 -44.37 0.65 48.36
N GLY E 206 -44.11 1.50 49.34
CA GLY E 206 -44.96 2.65 49.54
C GLY E 206 -44.54 3.61 48.48
N ALA E 207 -45.49 4.38 47.97
CA ALA E 207 -45.25 5.35 46.93
C ALA E 207 -43.85 5.98 46.89
N VAL E 208 -43.53 6.83 47.87
CA VAL E 208 -42.23 7.49 47.89
C VAL E 208 -41.12 6.48 47.97
N ARG E 209 -41.17 5.62 48.99
CA ARG E 209 -40.11 4.62 49.15
C ARG E 209 -39.77 3.85 47.86
N SER E 210 -40.79 3.62 47.02
CA SER E 210 -40.63 2.92 45.76
C SER E 210 -40.04 3.79 44.67
N CYS E 211 -40.70 4.89 44.34
CA CYS E 211 -40.19 5.79 43.31
C CYS E 211 -38.71 6.12 43.61
N ASP E 212 -38.38 6.08 44.90
CA ASP E 212 -37.01 6.32 45.31
C ASP E 212 -36.19 5.24 44.61
N ASP E 213 -36.73 4.04 44.54
CA ASP E 213 -36.00 2.94 43.90
C ASP E 213 -36.07 3.09 42.39
N ILE E 214 -37.20 3.59 41.88
CA ILE E 214 -37.35 3.74 40.44
C ILE E 214 -36.12 4.46 39.97
N GLN E 215 -35.94 5.63 40.57
CA GLN E 215 -34.82 6.47 40.22
C GLN E 215 -33.55 5.65 40.29
N THR E 216 -33.25 5.18 41.50
CA THR E 216 -32.04 4.43 41.76
C THR E 216 -31.78 3.43 40.63
N PHE E 217 -32.78 2.62 40.38
CA PHE E 217 -32.68 1.58 39.39
C PHE E 217 -32.13 2.08 38.09
N LYS E 218 -32.92 2.96 37.48
CA LYS E 218 -32.57 3.52 36.18
C LYS E 218 -31.11 3.88 36.17
N LEU E 219 -30.58 4.23 37.34
CA LEU E 219 -29.19 4.63 37.44
C LEU E 219 -28.16 3.52 37.60
N VAL E 220 -28.47 2.50 38.40
CA VAL E 220 -27.56 1.39 38.59
C VAL E 220 -27.55 0.51 37.35
N VAL E 221 -28.64 0.56 36.60
CA VAL E 221 -28.76 -0.22 35.38
C VAL E 221 -27.81 0.39 34.36
N LYS E 222 -27.83 1.71 34.24
CA LYS E 222 -26.96 2.30 33.25
C LYS E 222 -25.49 2.23 33.70
N THR E 223 -25.26 2.37 35.00
CA THR E 223 -23.89 2.32 35.49
C THR E 223 -23.28 0.98 35.21
N ILE E 224 -24.06 -0.07 35.46
CA ILE E 224 -23.56 -1.43 35.28
C ILE E 224 -23.55 -1.88 33.85
N ALA E 225 -24.42 -1.32 33.02
CA ALA E 225 -24.47 -1.70 31.61
C ALA E 225 -23.31 -1.09 30.83
N ARG E 226 -22.87 0.10 31.25
CA ARG E 226 -21.76 0.75 30.58
C ARG E 226 -20.49 0.03 31.02
N LYS E 227 -20.46 -0.38 32.27
CA LYS E 227 -19.30 -1.07 32.77
C LYS E 227 -19.19 -2.47 32.12
N HIS E 228 -19.99 -2.69 31.09
CA HIS E 228 -20.01 -3.95 30.31
C HIS E 228 -19.80 -3.72 28.79
N GLY E 229 -19.75 -2.45 28.38
CA GLY E 229 -19.57 -2.10 26.98
C GLY E 229 -20.85 -1.77 26.21
N LEU E 230 -21.98 -1.84 26.89
CA LEU E 230 -23.27 -1.57 26.29
C LEU E 230 -23.89 -0.31 26.90
N HIS E 231 -24.95 0.18 26.27
CA HIS E 231 -25.65 1.39 26.71
C HIS E 231 -27.08 1.09 27.06
N ALA E 232 -27.39 1.09 28.34
CA ALA E 232 -28.75 0.83 28.78
C ALA E 232 -29.58 2.04 28.42
N THR E 233 -30.70 1.84 27.75
CA THR E 233 -31.55 2.97 27.46
C THR E 233 -32.98 2.62 27.81
N PHE E 234 -33.75 3.64 28.20
CA PHE E 234 -35.13 3.46 28.61
C PHE E 234 -36.13 4.12 27.70
N MET E 235 -35.72 4.40 26.49
CA MET E 235 -36.63 5.01 25.55
C MET E 235 -37.89 4.19 25.51
N PRO E 236 -39.03 4.85 25.44
CA PRO E 236 -40.26 4.04 25.39
C PRO E 236 -40.24 3.08 24.19
N LYS E 237 -40.01 3.60 22.98
CA LYS E 237 -39.96 2.83 21.72
C LYS E 237 -38.69 3.23 20.96
N PRO E 238 -37.52 2.66 21.32
CA PRO E 238 -36.31 3.07 20.62
C PRO E 238 -36.15 2.69 19.18
N LEU E 239 -36.61 1.50 18.81
CA LEU E 239 -36.49 1.06 17.43
C LEU E 239 -37.89 0.93 16.79
N PHE E 240 -38.00 1.27 15.51
CA PHE E 240 -39.29 1.20 14.86
C PHE E 240 -39.73 -0.18 14.48
N GLY E 241 -41.01 -0.48 14.76
CA GLY E 241 -41.56 -1.78 14.42
C GLY E 241 -41.28 -2.80 15.49
N VAL E 242 -40.20 -2.58 16.24
CA VAL E 242 -39.82 -3.44 17.33
C VAL E 242 -40.63 -2.93 18.55
N ASN E 243 -40.80 -3.78 19.55
CA ASN E 243 -41.58 -3.50 20.75
C ASN E 243 -40.99 -2.47 21.74
N GLY E 244 -41.85 -1.66 22.37
CA GLY E 244 -41.35 -0.68 23.33
C GLY E 244 -41.16 -1.08 24.81
N SER E 245 -40.23 -0.40 25.49
CA SER E 245 -40.03 -0.64 26.91
C SER E 245 -41.25 -0.01 27.62
N GLY E 246 -41.75 -0.67 28.64
CA GLY E 246 -42.86 -0.11 29.39
C GLY E 246 -42.45 -0.11 30.86
N MET E 247 -43.37 0.22 31.76
CA MET E 247 -43.05 0.21 33.18
C MET E 247 -44.33 0.18 34.02
N HIS E 248 -45.14 -0.87 33.82
CA HIS E 248 -46.42 -1.08 34.53
C HIS E 248 -46.40 -0.74 35.99
N CYS E 249 -47.48 -0.13 36.44
CA CYS E 249 -47.55 0.30 37.81
C CYS E 249 -48.70 -0.31 38.58
N ASN E 250 -48.43 -1.49 39.13
CA ASN E 250 -49.37 -2.27 39.95
C ASN E 250 -49.57 -1.51 41.24
N LEU E 251 -50.78 -1.03 41.45
CA LEU E 251 -51.14 -0.26 42.63
C LEU E 251 -52.10 -1.00 43.57
N SER E 252 -52.21 -0.49 44.79
CA SER E 252 -53.13 -1.04 45.78
C SER E 252 -53.16 -0.12 46.99
N LEU E 253 -54.36 0.28 47.40
CA LEU E 253 -54.55 1.16 48.56
C LEU E 253 -54.85 0.40 49.84
N PHE E 254 -54.20 0.78 50.94
CA PHE E 254 -54.45 0.15 52.23
C PHE E 254 -55.21 1.16 53.07
N LYS E 255 -55.80 0.69 54.18
CA LYS E 255 -56.60 1.52 55.08
C LYS E 255 -56.65 0.82 56.43
N ASN E 256 -55.70 1.13 57.31
CA ASN E 256 -55.59 0.50 58.64
C ASN E 256 -54.91 -0.85 58.49
N GLY E 257 -53.73 -0.88 57.89
CA GLY E 257 -53.03 -2.14 57.74
C GLY E 257 -53.71 -3.27 56.98
N VAL E 258 -54.60 -2.95 56.05
CA VAL E 258 -55.25 -4.03 55.31
C VAL E 258 -55.83 -3.66 53.94
N ASN E 259 -55.36 -4.38 52.92
CA ASN E 259 -55.78 -4.21 51.53
C ASN E 259 -57.24 -3.78 51.42
N ALA E 260 -57.44 -2.56 50.92
CA ALA E 260 -58.77 -1.99 50.79
C ALA E 260 -59.50 -2.47 49.55
N PHE E 261 -58.72 -2.94 48.58
CA PHE E 261 -59.27 -3.43 47.31
C PHE E 261 -59.77 -4.89 47.39
N PHE E 262 -59.51 -5.59 48.50
CA PHE E 262 -59.95 -6.99 48.63
C PHE E 262 -61.34 -7.21 49.25
N ASP E 263 -62.10 -8.12 48.66
CA ASP E 263 -63.46 -8.37 49.15
C ASP E 263 -63.93 -9.78 48.71
N GLU E 264 -63.73 -10.80 49.55
CA GLU E 264 -64.08 -12.20 49.26
C GLU E 264 -65.37 -12.56 48.52
N ASN E 265 -66.53 -12.39 49.16
CA ASN E 265 -67.78 -12.71 48.49
C ASN E 265 -68.33 -11.54 47.67
N ALA E 266 -67.49 -11.00 46.79
CA ALA E 266 -67.85 -9.87 45.94
C ALA E 266 -67.55 -10.11 44.46
N ASP E 267 -68.33 -9.48 43.57
CA ASP E 267 -68.13 -9.67 42.12
C ASP E 267 -66.69 -9.39 41.76
N LEU E 268 -65.97 -10.50 41.53
CA LEU E 268 -64.54 -10.53 41.22
C LEU E 268 -63.69 -10.31 42.47
N GLN E 269 -64.22 -10.69 43.62
CA GLN E 269 -63.52 -10.52 44.89
C GLN E 269 -63.10 -9.07 45.04
N LEU E 270 -63.74 -8.21 44.25
CA LEU E 270 -63.44 -6.79 44.29
C LEU E 270 -64.36 -6.01 45.22
N SER E 271 -63.80 -5.05 45.94
CA SER E 271 -64.58 -4.24 46.86
C SER E 271 -65.20 -3.09 46.10
N GLU E 272 -66.11 -2.39 46.79
CA GLU E 272 -66.77 -1.22 46.24
C GLU E 272 -65.87 -0.07 46.72
N THR E 273 -64.57 -0.41 46.85
CA THR E 273 -63.52 0.53 47.26
C THR E 273 -62.57 0.58 46.07
N ALA E 274 -62.31 -0.57 45.49
CA ALA E 274 -61.43 -0.65 44.35
C ALA E 274 -62.21 -0.28 43.07
N LYS E 275 -63.53 -0.42 43.10
CA LYS E 275 -64.35 -0.08 41.95
C LYS E 275 -64.34 1.41 41.67
N HIS E 276 -64.63 2.20 42.70
CA HIS E 276 -64.64 3.64 42.54
C HIS E 276 -63.24 4.08 42.16
N PHE E 277 -62.25 3.29 42.57
CA PHE E 277 -60.85 3.57 42.24
C PHE E 277 -60.63 3.33 40.76
N ILE E 278 -60.99 2.14 40.29
CA ILE E 278 -60.81 1.85 38.88
C ILE E 278 -61.58 2.91 38.13
N ALA E 279 -62.72 3.30 38.70
CA ALA E 279 -63.56 4.29 38.04
C ALA E 279 -62.88 5.63 37.80
N GLY E 280 -62.08 6.06 38.78
CA GLY E 280 -61.40 7.33 38.65
C GLY E 280 -60.26 7.29 37.66
N ILE E 281 -59.47 6.22 37.73
CA ILE E 281 -58.31 6.02 36.84
C ILE E 281 -58.82 5.84 35.42
N VAL E 282 -60.13 5.63 35.30
CA VAL E 282 -60.73 5.53 33.98
C VAL E 282 -61.24 6.92 33.64
N LYS E 283 -61.30 7.78 34.67
CA LYS E 283 -61.80 9.14 34.48
C LYS E 283 -60.77 10.26 34.30
N HIS E 284 -59.53 9.89 33.99
CA HIS E 284 -58.50 10.88 33.72
C HIS E 284 -57.39 10.18 32.93
N ALA E 285 -57.64 8.94 32.52
CA ALA E 285 -56.64 8.21 31.77
C ALA E 285 -56.17 9.04 30.57
N THR E 286 -57.05 9.84 29.95
CA THR E 286 -56.61 10.67 28.82
C THR E 286 -56.03 12.01 29.29
N SER E 287 -56.40 12.43 30.50
CA SER E 287 -55.90 13.69 31.02
C SER E 287 -54.78 13.59 32.05
N PHE E 288 -54.02 12.50 32.02
CA PHE E 288 -52.88 12.35 32.93
C PHE E 288 -51.81 11.55 32.16
N THR E 289 -52.08 11.41 30.88
CA THR E 289 -51.21 10.71 29.96
C THR E 289 -50.05 11.61 29.60
N ALA E 290 -50.31 12.91 29.61
CA ALA E 290 -49.27 13.89 29.32
C ALA E 290 -48.18 13.61 30.36
N VAL E 291 -48.62 13.38 31.59
CA VAL E 291 -47.66 13.12 32.64
C VAL E 291 -47.07 11.73 32.56
N THR E 292 -47.93 10.72 32.51
CA THR E 292 -47.48 9.30 32.45
C THR E 292 -46.66 9.00 31.21
N ASN E 293 -47.16 9.44 30.04
CA ASN E 293 -46.47 9.23 28.76
C ASN E 293 -46.01 10.62 28.31
N PRO E 294 -45.13 11.28 29.09
CA PRO E 294 -44.57 12.62 28.87
C PRO E 294 -43.62 13.04 27.74
N THR E 295 -43.07 12.13 26.95
CA THR E 295 -42.21 12.61 25.89
C THR E 295 -42.84 12.46 24.55
N VAL E 296 -42.14 12.92 23.54
CA VAL E 296 -42.63 12.84 22.18
C VAL E 296 -42.59 11.40 21.64
N ASN E 297 -41.61 10.60 22.05
CA ASN E 297 -41.50 9.21 21.60
C ASN E 297 -42.47 8.23 22.31
N SER E 298 -42.88 8.56 23.54
CA SER E 298 -43.81 7.71 24.31
C SER E 298 -45.06 7.44 23.54
N TYR E 299 -45.24 8.20 22.45
CA TYR E 299 -46.42 8.09 21.59
C TYR E 299 -46.15 7.36 20.30
N LYS E 300 -44.96 6.80 20.22
CA LYS E 300 -44.61 5.99 19.08
C LYS E 300 -44.69 4.58 19.69
N ARG E 301 -44.84 4.52 21.02
CA ARG E 301 -45.00 3.26 21.73
C ARG E 301 -46.49 2.92 21.62
N LEU E 302 -47.33 3.88 21.98
CA LEU E 302 -48.78 3.68 21.94
C LEU E 302 -49.39 3.55 20.56
N VAL E 303 -48.86 2.61 19.79
CA VAL E 303 -49.39 2.32 18.46
C VAL E 303 -49.91 0.90 18.68
N PRO E 304 -51.14 0.62 18.21
CA PRO E 304 -51.76 -0.69 18.37
C PRO E 304 -50.88 -1.78 17.83
N GLY E 305 -50.64 -2.79 18.67
CA GLY E 305 -49.82 -3.90 18.24
C GLY E 305 -48.94 -4.47 19.33
N TYR E 306 -47.73 -3.93 19.41
CA TYR E 306 -46.70 -4.30 20.36
C TYR E 306 -47.12 -4.39 21.82
N GLU E 307 -48.32 -4.91 22.07
CA GLU E 307 -48.88 -5.05 23.41
C GLU E 307 -49.24 -3.74 24.12
N ALA E 308 -48.75 -2.61 23.61
CA ALA E 308 -49.02 -1.31 24.23
C ALA E 308 -50.50 -0.91 24.13
N PRO E 309 -51.06 -0.40 25.23
CA PRO E 309 -52.47 0.02 25.22
C PRO E 309 -52.65 1.05 24.15
N CYS E 310 -53.89 1.25 23.74
CA CYS E 310 -54.18 2.25 22.74
C CYS E 310 -55.55 2.78 23.09
N TYR E 311 -56.33 2.02 23.87
CA TYR E 311 -57.69 2.42 24.25
C TYR E 311 -58.02 2.17 25.71
N VAL E 312 -58.81 3.10 26.26
CA VAL E 312 -59.28 3.16 27.65
C VAL E 312 -60.34 2.16 28.06
N ALA E 313 -59.98 1.22 28.94
CA ALA E 313 -60.94 0.23 29.43
C ALA E 313 -60.18 -0.76 30.26
N TRP E 314 -60.90 -1.61 31.00
CA TRP E 314 -60.25 -2.57 31.89
C TRP E 314 -60.79 -3.99 31.87
N SER E 315 -60.01 -4.91 32.45
CA SER E 315 -60.36 -6.32 32.50
C SER E 315 -59.41 -7.12 33.38
N ALA E 316 -59.52 -8.44 33.25
CA ALA E 316 -58.68 -9.40 33.96
C ALA E 316 -58.42 -10.47 32.91
N GLN E 317 -58.17 -10.02 31.68
CA GLN E 317 -57.93 -10.89 30.54
C GLN E 317 -58.10 -10.05 29.28
N ASN E 318 -57.01 -9.55 28.69
CA ASN E 318 -57.16 -8.73 27.50
C ASN E 318 -55.85 -8.37 26.79
N ARG E 319 -55.94 -8.27 25.47
CA ARG E 319 -54.80 -7.95 24.61
C ARG E 319 -53.97 -6.81 25.15
N SER E 320 -54.46 -5.57 25.02
CA SER E 320 -53.74 -4.40 25.52
C SER E 320 -54.69 -3.50 26.29
N PRO E 321 -54.93 -3.81 27.58
CA PRO E 321 -55.82 -3.04 28.44
C PRO E 321 -55.15 -1.86 29.13
N LEU E 322 -55.90 -0.77 29.28
CA LEU E 322 -55.42 0.43 29.93
C LEU E 322 -55.28 0.13 31.43
N ILE E 323 -56.16 -0.72 31.92
CA ILE E 323 -56.17 -1.14 33.31
C ILE E 323 -55.98 -2.64 33.21
N ARG E 324 -55.58 -3.27 34.30
CA ARG E 324 -55.41 -4.72 34.29
C ARG E 324 -55.36 -5.21 35.71
N ILE E 325 -56.40 -5.94 36.07
CA ILE E 325 -56.55 -6.45 37.40
C ILE E 325 -55.87 -7.77 37.61
N PRO E 326 -54.62 -7.71 38.07
CA PRO E 326 -53.91 -8.97 38.30
C PRO E 326 -54.88 -9.94 38.97
N ALA E 327 -54.75 -11.23 38.67
CA ALA E 327 -55.65 -12.19 39.24
C ALA E 327 -55.33 -12.50 40.69
N SER E 328 -54.06 -12.74 41.04
CA SER E 328 -53.72 -13.04 42.45
C SER E 328 -54.49 -12.01 43.31
N ARG E 329 -54.99 -12.40 44.47
CA ARG E 329 -55.75 -11.45 45.29
C ARG E 329 -55.20 -11.23 46.69
N GLY E 330 -56.12 -11.07 47.65
CA GLY E 330 -55.75 -10.85 49.03
C GLY E 330 -54.99 -9.55 49.28
N ILE E 331 -53.74 -9.70 49.74
CA ILE E 331 -52.82 -8.58 50.04
C ILE E 331 -52.04 -8.29 48.76
N SER E 332 -52.49 -8.91 47.68
CA SER E 332 -51.84 -8.77 46.40
C SER E 332 -52.86 -8.23 45.43
N THR E 333 -54.11 -8.07 45.88
CA THR E 333 -55.17 -7.57 45.02
C THR E 333 -54.71 -6.24 44.51
N ARG E 334 -54.60 -6.12 43.20
CA ARG E 334 -54.07 -4.91 42.64
C ARG E 334 -54.57 -4.55 41.27
N VAL E 335 -54.42 -3.27 40.96
CA VAL E 335 -54.82 -2.71 39.70
C VAL E 335 -53.48 -2.42 39.00
N GLU E 336 -53.29 -2.87 37.76
CA GLU E 336 -52.05 -2.63 37.00
C GLU E 336 -52.31 -1.57 35.94
N VAL E 337 -51.62 -0.44 36.03
CA VAL E 337 -51.82 0.63 35.03
C VAL E 337 -50.72 0.41 34.04
N ARG E 338 -51.03 -0.14 32.87
CA ARG E 338 -49.95 -0.44 31.96
C ARG E 338 -49.35 0.57 30.98
N SER E 339 -49.96 1.76 30.87
CA SER E 339 -49.52 2.82 29.94
C SER E 339 -48.23 3.57 30.32
N VAL E 340 -48.04 3.76 31.63
CA VAL E 340 -46.85 4.42 32.20
C VAL E 340 -45.53 3.89 31.59
N ASP E 341 -44.72 4.74 30.95
CA ASP E 341 -43.46 4.22 30.42
C ASP E 341 -42.30 4.76 31.25
N PRO E 342 -41.20 4.01 31.28
CA PRO E 342 -40.01 4.41 32.06
C PRO E 342 -39.39 5.79 31.72
N ALA E 343 -40.06 6.55 30.87
CA ALA E 343 -39.61 7.89 30.48
C ALA E 343 -40.59 8.85 31.17
N ALA E 344 -41.18 8.37 32.26
CA ALA E 344 -42.17 9.14 33.00
C ALA E 344 -41.55 9.40 34.35
N ASN E 345 -41.75 10.59 34.86
CA ASN E 345 -41.21 10.91 36.15
C ASN E 345 -41.91 10.03 37.17
N PRO E 346 -41.17 9.14 37.84
CA PRO E 346 -41.78 8.26 38.85
C PRO E 346 -42.79 9.11 39.61
N TYR E 347 -42.23 9.97 40.45
CA TYR E 347 -42.94 10.92 41.32
C TYR E 347 -44.24 11.59 40.86
N LEU E 348 -44.18 12.20 39.68
CA LEU E 348 -45.33 12.89 39.15
C LEU E 348 -46.38 11.93 38.62
N ALA E 349 -45.96 10.71 38.29
CA ALA E 349 -46.88 9.69 37.78
C ALA E 349 -47.71 9.25 38.95
N LEU E 350 -47.04 8.83 40.02
CA LEU E 350 -47.75 8.40 41.21
C LEU E 350 -48.69 9.52 41.64
N SER E 351 -48.35 10.76 41.33
CA SER E 351 -49.21 11.88 41.71
C SER E 351 -50.54 11.86 40.92
N VAL E 352 -50.47 11.88 39.60
CA VAL E 352 -51.71 11.87 38.84
C VAL E 352 -52.39 10.56 38.95
N LEU E 353 -51.64 9.52 39.30
CA LEU E 353 -52.29 8.22 39.39
C LEU E 353 -53.05 7.99 40.70
N LEU E 354 -52.52 8.48 41.82
CA LEU E 354 -53.21 8.31 43.10
C LEU E 354 -54.22 9.43 43.27
N ALA E 355 -54.19 10.42 42.39
CA ALA E 355 -55.12 11.55 42.48
C ALA E 355 -56.35 11.31 41.60
N ALA E 356 -56.17 10.52 40.54
CA ALA E 356 -57.26 10.19 39.63
C ALA E 356 -57.97 8.99 40.21
N GLY E 357 -57.36 8.41 41.24
CA GLY E 357 -57.95 7.27 41.90
C GLY E 357 -58.78 7.79 43.05
N LEU E 358 -58.22 8.74 43.80
CA LEU E 358 -58.91 9.32 44.95
C LEU E 358 -59.92 10.39 44.61
N ASP E 359 -60.28 10.53 43.34
CA ASP E 359 -61.31 11.51 42.97
C ASP E 359 -62.51 10.64 42.59
N GLY E 360 -62.29 9.32 42.64
CA GLY E 360 -63.33 8.38 42.32
C GLY E 360 -63.87 7.92 43.65
N ILE E 361 -62.97 7.39 44.48
CA ILE E 361 -63.34 6.89 45.81
C ILE E 361 -64.14 7.90 46.59
N LYS E 362 -63.81 9.17 46.46
CA LYS E 362 -64.55 10.17 47.18
C LYS E 362 -65.85 10.39 46.42
N ASN E 363 -65.78 11.01 45.26
CA ASN E 363 -66.99 11.28 44.49
C ASN E 363 -67.86 10.02 44.30
N LYS E 364 -67.25 8.87 44.55
CA LYS E 364 -67.89 7.56 44.41
C LYS E 364 -68.23 7.23 42.98
N LEU E 365 -67.39 7.62 42.04
CA LEU E 365 -67.67 7.32 40.66
C LEU E 365 -67.91 5.81 40.58
N GLU E 366 -68.55 5.36 39.50
CA GLU E 366 -68.87 3.95 39.32
C GLU E 366 -68.20 3.39 38.06
N ALA E 367 -67.34 2.39 38.25
CA ALA E 367 -66.62 1.79 37.12
C ALA E 367 -67.57 1.25 36.04
N PRO E 368 -67.10 1.15 34.79
CA PRO E 368 -67.68 0.69 33.52
C PRO E 368 -67.59 -0.83 33.25
N ALA E 369 -68.10 -1.23 32.10
CA ALA E 369 -68.12 -2.62 31.65
C ALA E 369 -66.76 -3.19 31.23
N PRO E 370 -66.14 -4.02 32.09
CA PRO E 370 -64.83 -4.60 31.77
C PRO E 370 -64.98 -5.39 30.45
N ILE E 371 -64.00 -5.23 29.55
CA ILE E 371 -64.06 -5.86 28.23
C ILE E 371 -63.48 -7.26 28.05
N ASP E 372 -63.90 -7.96 27.01
CA ASP E 372 -63.41 -9.30 26.75
C ASP E 372 -63.28 -9.64 25.26
N ARG E 373 -64.17 -9.12 24.42
CA ARG E 373 -64.04 -9.40 23.00
C ARG E 373 -62.98 -8.43 22.53
N ASN E 374 -63.27 -7.73 21.43
CA ASN E 374 -62.27 -6.82 20.89
C ASN E 374 -62.53 -5.32 20.70
N ILE E 375 -61.61 -4.53 21.23
CA ILE E 375 -61.71 -3.09 21.10
C ILE E 375 -60.90 -2.71 19.87
N TYR E 376 -60.43 -3.74 19.16
CA TYR E 376 -59.67 -3.55 17.93
C TYR E 376 -60.54 -3.86 16.70
N VAL E 377 -61.75 -4.37 16.90
CA VAL E 377 -62.56 -4.66 15.70
C VAL E 377 -63.51 -3.56 15.31
N MET E 378 -63.83 -2.72 16.28
CA MET E 378 -64.72 -1.59 16.09
C MET E 378 -63.78 -0.40 15.88
N SER E 379 -63.85 0.35 14.77
CA SER E 379 -62.94 1.49 14.50
C SER E 379 -62.80 2.52 15.63
N LYS E 380 -62.66 3.80 15.28
CA LYS E 380 -62.54 4.85 16.28
C LYS E 380 -63.93 5.39 16.59
N GLU E 381 -64.92 4.90 15.85
CA GLU E 381 -66.31 5.31 15.98
C GLU E 381 -67.13 4.33 16.80
N GLU E 382 -66.90 3.04 16.53
CA GLU E 382 -67.58 1.93 17.17
C GLU E 382 -66.95 1.67 18.53
N ARG E 383 -65.93 2.48 18.84
CA ARG E 383 -65.19 2.42 20.10
C ARG E 383 -65.55 3.65 20.93
N MET E 384 -65.50 4.83 20.31
CA MET E 384 -65.88 6.07 20.99
C MET E 384 -67.39 5.99 21.05
N GLU E 385 -67.89 4.76 21.21
CA GLU E 385 -69.32 4.47 21.30
C GLU E 385 -69.70 4.05 22.72
N ASN E 386 -68.76 3.43 23.43
CA ASN E 386 -69.03 2.94 24.77
C ASN E 386 -67.96 3.27 25.79
N GLY E 387 -67.78 4.55 26.07
CA GLY E 387 -66.79 4.95 27.05
C GLY E 387 -65.41 4.33 26.82
N ILE E 388 -65.02 4.22 25.55
CA ILE E 388 -63.72 3.67 25.15
C ILE E 388 -62.94 4.77 24.41
N VAL E 389 -62.50 5.79 25.14
CA VAL E 389 -61.78 6.93 24.57
C VAL E 389 -60.29 6.65 24.36
N ASP E 390 -59.83 6.59 23.12
CA ASP E 390 -58.40 6.32 22.88
C ASP E 390 -57.47 7.28 23.59
N LEU E 391 -56.35 6.73 24.03
CA LEU E 391 -55.35 7.52 24.69
C LEU E 391 -54.91 8.47 23.58
N PRO E 392 -54.37 9.64 23.95
CA PRO E 392 -53.89 10.65 22.99
C PRO E 392 -52.92 10.14 21.93
N ALA E 393 -52.90 10.82 20.77
CA ALA E 393 -52.05 10.42 19.66
C ALA E 393 -50.69 11.07 19.62
N THR E 394 -50.52 12.13 20.40
CA THR E 394 -49.23 12.80 20.43
C THR E 394 -49.10 13.59 21.73
N LEU E 395 -47.86 13.83 22.14
CA LEU E 395 -47.59 14.57 23.36
C LEU E 395 -48.50 15.77 23.41
N ALA E 396 -48.65 16.38 22.25
CA ALA E 396 -49.45 17.58 22.08
C ALA E 396 -50.94 17.43 22.32
N GLU E 397 -51.54 16.33 21.88
CA GLU E 397 -52.96 16.17 22.14
C GLU E 397 -53.00 15.77 23.59
N ALA E 398 -51.91 15.11 24.00
CA ALA E 398 -51.72 14.63 25.36
C ALA E 398 -51.71 15.81 26.32
N LEU E 399 -51.21 16.94 25.85
CA LEU E 399 -51.20 18.10 26.70
C LEU E 399 -52.58 18.77 26.60
N GLU E 400 -53.11 18.88 25.38
CA GLU E 400 -54.40 19.52 25.19
C GLU E 400 -55.38 19.11 26.27
N GLU E 401 -55.56 17.81 26.48
CA GLU E 401 -56.50 17.31 27.49
C GLU E 401 -56.04 17.47 28.96
N PHE E 402 -54.74 17.45 29.20
CA PHE E 402 -54.20 17.59 30.55
C PHE E 402 -54.59 18.93 31.14
N LYS E 403 -54.54 19.94 30.30
CA LYS E 403 -54.91 21.29 30.71
C LYS E 403 -56.42 21.27 30.87
N SER E 404 -57.10 20.59 29.97
CA SER E 404 -58.55 20.57 30.04
C SER E 404 -59.18 20.07 31.34
N ASN E 405 -58.44 19.51 32.28
CA ASN E 405 -59.18 19.10 33.48
C ASN E 405 -58.66 19.57 34.86
N GLU E 406 -59.54 20.20 35.63
CA GLU E 406 -59.18 20.70 36.95
C GLU E 406 -58.48 19.70 37.88
N VAL E 407 -59.18 18.61 38.23
CA VAL E 407 -58.67 17.62 39.18
C VAL E 407 -57.20 17.27 39.08
N MET E 408 -56.65 17.36 37.87
CA MET E 408 -55.24 17.06 37.57
C MET E 408 -54.30 18.21 37.95
N VAL E 409 -54.63 19.39 37.43
CA VAL E 409 -53.88 20.58 37.66
C VAL E 409 -53.75 20.77 39.15
N LYS E 410 -54.79 20.44 39.89
CA LYS E 410 -54.67 20.59 41.34
C LYS E 410 -53.70 19.45 41.83
N ALA E 411 -53.62 18.35 41.05
CA ALA E 411 -52.75 17.21 41.36
C ALA E 411 -51.23 17.50 41.33
N LEU E 412 -50.77 18.52 40.64
CA LEU E 412 -49.35 18.80 40.60
C LEU E 412 -49.32 20.02 41.48
N GLY E 413 -50.05 21.03 40.99
CA GLY E 413 -50.14 22.27 41.77
C GLY E 413 -49.53 23.38 40.95
N GLU E 414 -50.21 24.53 40.90
CA GLU E 414 -49.76 25.69 40.03
C GLU E 414 -48.31 25.69 39.60
N HIS E 415 -47.36 25.88 40.51
CA HIS E 415 -45.94 25.90 40.02
C HIS E 415 -45.40 24.69 39.19
N LEU E 416 -45.77 23.49 39.60
CA LEU E 416 -45.36 22.30 38.91
C LEU E 416 -46.11 22.21 37.60
N PHE E 417 -47.41 22.49 37.64
CA PHE E 417 -48.21 22.39 36.44
C PHE E 417 -47.68 23.30 35.37
N GLU E 418 -47.63 24.57 35.72
CA GLU E 418 -47.20 25.59 34.80
C GLU E 418 -45.83 25.38 34.17
N HIS E 419 -44.83 24.97 34.94
CA HIS E 419 -43.52 24.82 34.34
C HIS E 419 -43.50 23.61 33.43
N PHE E 420 -44.28 22.59 33.78
CA PHE E 420 -44.40 21.37 32.98
C PHE E 420 -44.98 21.61 31.56
N ILE E 421 -46.17 22.21 31.46
CA ILE E 421 -46.79 22.46 30.16
C ILE E 421 -45.79 23.31 29.42
N GLU E 422 -45.24 24.25 30.18
CA GLU E 422 -44.24 25.17 29.72
C GLU E 422 -43.05 24.36 29.17
N ALA E 423 -42.45 23.51 30.01
CA ALA E 423 -41.28 22.70 29.59
C ALA E 423 -41.61 21.73 28.48
N LYS E 424 -42.89 21.41 28.36
CA LYS E 424 -43.32 20.44 27.37
C LYS E 424 -43.84 20.88 26.03
N GLU E 425 -44.35 22.10 25.92
CA GLU E 425 -44.81 22.59 24.63
C GLU E 425 -43.50 22.93 23.86
N ILE E 426 -42.43 23.26 24.59
CA ILE E 426 -41.16 23.60 23.96
C ILE E 426 -40.65 22.37 23.27
N GLU E 427 -40.67 21.27 24.02
CA GLU E 427 -40.24 19.98 23.52
C GLU E 427 -41.03 19.71 22.25
N TRP E 428 -42.32 20.06 22.27
CA TRP E 428 -43.14 19.84 21.09
C TRP E 428 -42.83 20.78 19.95
N ASP E 429 -42.70 22.08 20.17
CA ASP E 429 -42.47 22.84 18.98
C ASP E 429 -41.19 22.47 18.25
N MET E 430 -40.10 22.23 18.96
CA MET E 430 -38.91 21.84 18.21
C MET E 430 -39.23 20.66 17.28
N PHE E 431 -39.60 19.50 17.86
CA PHE E 431 -39.94 18.29 17.09
C PHE E 431 -40.96 18.52 15.97
N ARG E 432 -41.71 19.61 16.11
CA ARG E 432 -42.77 19.99 15.18
C ARG E 432 -42.29 20.96 14.09
N THR E 433 -41.23 21.69 14.39
CA THR E 433 -40.66 22.65 13.47
C THR E 433 -39.52 21.98 12.72
N GLN E 434 -39.09 20.87 13.28
CA GLN E 434 -37.99 20.10 12.71
C GLN E 434 -38.39 19.35 11.47
N VAL E 435 -37.42 19.18 10.58
CA VAL E 435 -37.61 18.42 9.36
C VAL E 435 -36.78 17.20 9.63
N HIS E 436 -37.38 16.03 9.50
CA HIS E 436 -36.69 14.78 9.78
C HIS E 436 -36.19 14.09 8.49
N PRO E 437 -35.46 12.95 8.62
CA PRO E 437 -34.94 12.24 7.45
C PRO E 437 -36.02 11.54 6.65
N TRP E 438 -37.10 11.24 7.35
CA TRP E 438 -38.23 10.58 6.72
C TRP E 438 -38.92 11.58 5.79
N GLU E 439 -39.43 12.67 6.37
CA GLU E 439 -40.10 13.72 5.62
C GLU E 439 -39.36 13.97 4.30
N ARG E 440 -38.04 13.84 4.35
CA ARG E 440 -37.16 14.04 3.18
C ARG E 440 -37.14 12.90 2.15
N GLU E 441 -36.86 11.68 2.57
CA GLU E 441 -36.81 10.56 1.64
C GLU E 441 -38.09 10.43 0.80
N GLN E 442 -39.21 10.84 1.40
CA GLN E 442 -40.54 10.82 0.79
C GLN E 442 -40.69 11.78 -0.38
N TYR E 443 -40.77 13.06 0.00
CA TYR E 443 -41.01 14.20 -0.86
C TYR E 443 -39.95 14.77 -1.81
N MET E 444 -38.68 14.38 -1.64
CA MET E 444 -37.59 14.88 -2.48
C MET E 444 -37.65 14.49 -3.94
N SER E 445 -38.19 13.32 -4.23
CA SER E 445 -38.26 12.87 -5.59
C SER E 445 -39.69 12.69 -6.08
N GLN E 446 -40.65 12.79 -5.16
CA GLN E 446 -42.07 12.70 -5.52
C GLN E 446 -42.47 14.14 -5.88
N TYR E 447 -41.88 15.11 -5.17
CA TYR E 447 -42.15 16.54 -5.33
C TYR E 447 -41.02 17.47 -5.82
N ALA F 5 -60.33 27.83 -30.04
CA ALA F 5 -59.33 26.89 -29.45
C ALA F 5 -57.96 27.42 -29.84
N LYS F 6 -57.08 26.51 -30.28
CA LYS F 6 -55.75 26.85 -30.77
C LYS F 6 -55.42 25.88 -31.92
N TYR F 7 -55.32 24.56 -31.69
CA TYR F 7 -54.99 23.55 -32.73
C TYR F 7 -56.15 22.68 -33.26
N THR F 8 -56.00 22.21 -34.51
CA THR F 8 -57.00 21.33 -35.14
C THR F 8 -56.43 19.99 -35.54
N ARG F 9 -57.31 18.99 -35.54
CA ARG F 9 -56.99 17.62 -35.95
C ARG F 9 -55.86 17.62 -36.97
N GLU F 10 -56.11 18.31 -38.08
CA GLU F 10 -55.19 18.48 -39.21
C GLU F 10 -53.84 19.09 -38.82
N ASP F 11 -53.89 20.17 -38.04
CA ASP F 11 -52.70 20.85 -37.58
C ASP F 11 -51.83 19.85 -36.80
N ILE F 12 -52.41 19.25 -35.78
CA ILE F 12 -51.67 18.27 -34.99
C ILE F 12 -51.00 17.23 -35.92
N GLU F 13 -51.81 16.40 -36.58
CA GLU F 13 -51.31 15.36 -37.51
C GLU F 13 -50.28 15.72 -38.60
N LYS F 14 -50.28 16.94 -39.13
CA LYS F 14 -49.29 17.30 -40.15
C LYS F 14 -48.00 17.69 -39.40
N LEU F 15 -48.18 18.34 -38.25
CA LEU F 15 -47.07 18.78 -37.40
C LEU F 15 -46.16 17.60 -37.03
N VAL F 16 -46.79 16.54 -36.52
CA VAL F 16 -46.12 15.32 -36.11
C VAL F 16 -45.20 14.78 -37.22
N LYS F 17 -45.74 14.61 -38.43
CA LYS F 17 -44.94 14.07 -39.53
C LYS F 17 -43.95 15.05 -40.17
N GLU F 18 -44.22 16.33 -40.11
CA GLU F 18 -43.28 17.28 -40.69
C GLU F 18 -42.11 17.44 -39.70
N GLU F 19 -42.40 17.27 -38.41
CA GLU F 19 -41.38 17.38 -37.35
C GLU F 19 -40.80 16.01 -36.91
N ASN F 20 -41.36 14.92 -37.44
CA ASN F 20 -40.91 13.54 -37.17
C ASN F 20 -41.12 12.97 -35.76
N VAL F 21 -42.34 13.06 -35.24
CA VAL F 21 -42.59 12.51 -33.91
C VAL F 21 -42.70 10.98 -33.97
N LYS F 22 -42.05 10.32 -33.02
CA LYS F 22 -42.03 8.87 -32.97
C LYS F 22 -42.59 8.27 -31.68
N TYR F 23 -43.06 9.12 -30.77
CA TYR F 23 -43.59 8.60 -29.52
C TYR F 23 -44.45 9.65 -28.79
N ILE F 24 -45.64 9.23 -28.37
CA ILE F 24 -46.62 10.11 -27.69
C ILE F 24 -47.06 9.75 -26.27
N ARG F 25 -46.85 10.69 -25.35
CA ARG F 25 -47.26 10.49 -23.96
C ARG F 25 -48.65 11.07 -23.80
N LEU F 26 -49.48 10.40 -23.02
CA LEU F 26 -50.85 10.86 -22.76
C LEU F 26 -50.97 11.21 -21.28
N GLN F 27 -50.56 12.44 -20.97
CA GLN F 27 -50.51 13.02 -19.62
C GLN F 27 -51.72 13.44 -18.85
N PHE F 28 -51.81 12.96 -17.61
CA PHE F 28 -52.85 13.35 -16.66
C PHE F 28 -52.11 13.58 -15.35
N THR F 29 -52.85 14.00 -14.33
CA THR F 29 -52.25 14.30 -13.04
C THR F 29 -53.04 13.72 -11.90
N ASP F 30 -52.42 12.80 -11.19
CA ASP F 30 -53.10 12.15 -10.08
C ASP F 30 -53.36 13.09 -8.91
N ILE F 31 -54.35 12.71 -8.13
CA ILE F 31 -54.82 13.38 -6.93
C ILE F 31 -53.70 13.90 -5.96
N LEU F 32 -52.79 13.02 -5.57
CA LEU F 32 -51.66 13.34 -4.70
C LEU F 32 -50.88 14.46 -5.34
N GLY F 33 -51.09 14.63 -6.63
CA GLY F 33 -50.39 15.68 -7.32
C GLY F 33 -49.03 15.26 -7.80
N THR F 34 -49.05 14.26 -8.68
CA THR F 34 -47.87 13.71 -9.35
C THR F 34 -48.35 13.72 -10.79
N ILE F 35 -47.45 13.94 -11.74
CA ILE F 35 -47.88 13.95 -13.14
C ILE F 35 -47.70 12.55 -13.74
N LYS F 36 -48.79 11.90 -14.09
CA LYS F 36 -48.70 10.56 -14.67
C LYS F 36 -48.92 10.57 -16.20
N ASN F 37 -48.58 9.44 -16.82
CA ASN F 37 -48.71 9.28 -18.27
C ASN F 37 -48.81 7.81 -18.68
N VAL F 38 -49.44 7.59 -19.83
CA VAL F 38 -49.60 6.24 -20.39
C VAL F 38 -49.00 6.42 -21.80
N GLU F 39 -47.92 5.72 -22.12
CA GLU F 39 -47.32 5.94 -23.43
C GLU F 39 -47.71 5.12 -24.66
N ILE F 40 -47.92 5.81 -25.79
CA ILE F 40 -48.28 5.14 -27.04
C ILE F 40 -47.33 5.54 -28.18
N PRO F 41 -47.26 4.70 -29.26
CA PRO F 41 -46.41 4.88 -30.45
C PRO F 41 -47.14 5.73 -31.49
N VAL F 42 -46.43 6.68 -32.11
CA VAL F 42 -47.02 7.53 -33.13
C VAL F 42 -48.04 6.81 -33.97
N SER F 43 -47.87 5.51 -34.14
CA SER F 43 -48.83 4.75 -34.94
C SER F 43 -50.23 4.92 -34.32
N GLN F 44 -50.36 4.70 -33.01
CA GLN F 44 -51.68 4.77 -32.37
C GLN F 44 -52.33 6.14 -32.11
N LEU F 45 -51.61 7.20 -32.45
CA LEU F 45 -52.14 8.55 -32.26
C LEU F 45 -53.63 8.70 -32.58
N GLY F 46 -54.06 8.15 -33.71
CA GLY F 46 -55.45 8.30 -34.10
C GLY F 46 -56.49 7.79 -33.12
N LYS F 47 -56.42 6.49 -32.84
CA LYS F 47 -57.34 5.87 -31.90
C LYS F 47 -57.21 6.68 -30.60
N ALA F 48 -56.11 7.43 -30.50
CA ALA F 48 -55.85 8.25 -29.33
C ALA F 48 -56.69 9.51 -29.41
N LEU F 49 -56.70 10.13 -30.59
CA LEU F 49 -57.47 11.34 -30.87
C LEU F 49 -58.97 11.03 -30.96
N ASP F 50 -59.32 9.83 -31.43
CA ASP F 50 -60.71 9.37 -31.51
C ASP F 50 -61.23 9.27 -30.07
N ASN F 51 -60.38 9.66 -29.13
CA ASN F 51 -60.71 9.61 -27.72
C ASN F 51 -61.01 8.19 -27.36
N LYS F 52 -60.36 7.26 -28.05
CA LYS F 52 -60.61 5.85 -27.80
C LYS F 52 -59.70 5.06 -26.88
N VAL F 53 -58.47 5.53 -26.65
CA VAL F 53 -57.58 4.78 -25.77
C VAL F 53 -58.16 4.66 -24.33
N MET F 54 -57.89 3.54 -23.69
CA MET F 54 -58.44 3.29 -22.36
C MET F 54 -57.33 2.95 -21.38
N PHE F 55 -57.67 2.88 -20.09
CA PHE F 55 -56.67 2.55 -19.08
C PHE F 55 -57.29 2.19 -17.71
N ASP F 56 -56.44 1.90 -16.72
CA ASP F 56 -56.89 1.61 -15.37
C ASP F 56 -56.83 2.92 -14.62
N GLY F 57 -57.94 3.67 -14.69
CA GLY F 57 -58.04 4.97 -14.03
C GLY F 57 -58.29 4.96 -12.53
N SER F 58 -57.52 4.14 -11.83
CA SER F 58 -57.61 4.06 -10.39
C SER F 58 -56.16 4.36 -10.07
N SER F 59 -55.46 4.77 -11.13
CA SER F 59 -54.06 5.14 -11.07
C SER F 59 -54.08 6.55 -10.52
N ILE F 60 -55.30 7.10 -10.53
CA ILE F 60 -55.58 8.45 -10.09
C ILE F 60 -55.85 8.48 -8.61
N GLU F 61 -56.43 7.41 -8.10
CA GLU F 61 -56.72 7.37 -6.67
C GLU F 61 -55.42 7.40 -5.92
N GLY F 62 -54.35 7.23 -6.67
CA GLY F 62 -53.04 7.26 -6.08
C GLY F 62 -52.79 5.93 -5.44
N PHE F 63 -52.21 5.94 -4.26
CA PHE F 63 -51.93 4.68 -3.60
C PHE F 63 -53.03 4.19 -2.69
N VAL F 64 -54.27 4.58 -2.98
CA VAL F 64 -55.42 4.10 -2.23
C VAL F 64 -56.38 3.65 -3.33
N ARG F 65 -55.78 3.18 -4.40
CA ARG F 65 -56.49 2.66 -5.54
C ARG F 65 -56.83 1.30 -4.98
N ILE F 66 -57.97 0.76 -5.35
CA ILE F 66 -58.35 -0.55 -4.85
C ILE F 66 -58.94 -1.44 -5.91
N GLU F 67 -59.42 -0.82 -6.99
CA GLU F 67 -60.08 -1.58 -8.04
C GLU F 67 -59.85 -1.17 -9.46
N GLU F 68 -59.08 -1.97 -10.20
CA GLU F 68 -58.82 -1.67 -11.61
C GLU F 68 -60.18 -1.24 -12.10
N SER F 69 -60.26 0.03 -12.50
CA SER F 69 -61.48 0.59 -12.99
C SER F 69 -61.13 1.21 -14.34
N ASP F 70 -61.72 0.67 -15.40
CA ASP F 70 -61.45 1.16 -16.75
C ASP F 70 -61.79 2.63 -16.89
N MET F 71 -61.06 3.31 -17.78
CA MET F 71 -61.28 4.73 -18.01
C MET F 71 -60.73 5.12 -19.37
N TYR F 72 -61.38 6.05 -20.02
CA TYR F 72 -60.93 6.52 -21.32
C TYR F 72 -59.82 7.56 -21.20
N LEU F 73 -59.44 8.17 -22.32
CA LEU F 73 -58.39 9.16 -22.31
C LEU F 73 -58.58 10.15 -23.46
N TYR F 74 -59.29 11.23 -23.14
CA TYR F 74 -59.62 12.31 -24.08
C TYR F 74 -58.59 13.42 -24.08
N PRO F 75 -57.68 13.42 -25.07
CA PRO F 75 -56.71 14.51 -25.03
C PRO F 75 -57.31 15.83 -25.44
N ASP F 76 -56.69 16.89 -24.94
CA ASP F 76 -57.06 18.27 -25.21
C ASP F 76 -55.98 18.63 -26.22
N LEU F 77 -56.37 18.91 -27.47
CA LEU F 77 -55.43 19.23 -28.54
C LEU F 77 -54.49 20.40 -28.24
N ASN F 78 -55.03 21.40 -27.54
CA ASN F 78 -54.31 22.61 -27.20
C ASN F 78 -53.28 22.49 -26.10
N THR F 79 -53.21 21.31 -25.50
CA THR F 79 -52.25 21.06 -24.45
C THR F 79 -51.10 20.26 -25.10
N PHE F 80 -50.97 20.42 -26.41
CA PHE F 80 -49.96 19.74 -27.20
C PHE F 80 -48.59 20.40 -27.22
N VAL F 81 -47.54 19.61 -27.14
CA VAL F 81 -46.19 20.15 -27.13
C VAL F 81 -45.18 19.02 -27.39
N ILE F 82 -44.20 19.28 -28.25
CA ILE F 82 -43.14 18.31 -28.53
C ILE F 82 -41.96 18.58 -27.59
N PHE F 83 -41.23 17.54 -27.21
CA PHE F 83 -40.10 17.77 -26.32
C PHE F 83 -38.81 17.84 -27.15
N PRO F 84 -37.99 18.88 -26.93
CA PRO F 84 -36.71 19.11 -27.64
C PRO F 84 -35.49 18.31 -27.20
N TRP F 85 -35.29 18.19 -25.89
CA TRP F 85 -34.12 17.47 -25.35
C TRP F 85 -33.97 16.11 -26.01
N THR F 86 -35.06 15.62 -26.61
CA THR F 86 -35.02 14.32 -27.27
C THR F 86 -34.50 14.38 -28.70
N ALA F 87 -35.36 14.02 -29.66
CA ALA F 87 -34.99 14.02 -31.07
C ALA F 87 -33.96 12.93 -31.39
N GLU F 88 -33.53 12.21 -30.37
CA GLU F 88 -32.52 11.16 -30.52
C GLU F 88 -32.79 10.02 -31.49
N LYS F 89 -33.91 10.05 -32.19
CA LYS F 89 -34.26 9.02 -33.16
C LYS F 89 -35.74 9.14 -33.41
N GLY F 90 -36.36 9.97 -32.60
CA GLY F 90 -37.78 10.21 -32.69
C GLY F 90 -38.11 11.22 -31.63
N LYS F 91 -38.55 12.40 -32.04
CA LYS F 91 -38.90 13.42 -31.06
C LYS F 91 -40.14 12.86 -30.36
N VAL F 92 -40.32 13.19 -29.08
CA VAL F 92 -41.42 12.67 -28.30
C VAL F 92 -42.38 13.72 -27.77
N ALA F 93 -43.64 13.72 -28.21
CA ALA F 93 -44.61 14.74 -27.75
C ALA F 93 -45.45 14.40 -26.51
N ARG F 94 -46.47 15.21 -26.25
CA ARG F 94 -47.35 14.99 -25.10
C ARG F 94 -48.62 15.81 -25.04
N PHE F 95 -49.66 15.20 -24.51
CA PHE F 95 -50.92 15.86 -24.35
C PHE F 95 -51.36 15.69 -22.91
N ILE F 96 -52.33 16.48 -22.52
CA ILE F 96 -52.93 16.42 -21.20
C ILE F 96 -54.22 15.65 -21.49
N CYS F 97 -54.98 15.27 -20.48
CA CYS F 97 -56.21 14.55 -20.79
C CYS F 97 -57.32 14.61 -19.79
N ASP F 98 -58.51 14.66 -20.35
CA ASP F 98 -59.71 14.66 -19.55
C ASP F 98 -59.97 13.16 -19.43
N ILE F 99 -60.26 12.72 -18.22
CA ILE F 99 -60.56 11.33 -17.99
C ILE F 99 -62.08 11.28 -18.11
N TYR F 100 -62.59 10.17 -18.62
CA TYR F 100 -64.04 10.02 -18.80
C TYR F 100 -64.53 8.64 -18.41
N ASN F 101 -65.52 8.59 -17.52
CA ASN F 101 -66.08 7.31 -17.07
C ASN F 101 -66.35 6.50 -18.33
N PRO F 102 -66.56 5.19 -18.20
CA PRO F 102 -66.82 4.30 -19.34
C PRO F 102 -67.89 4.77 -20.33
N ASP F 103 -68.66 5.76 -19.93
CA ASP F 103 -69.79 6.21 -20.71
C ASP F 103 -69.87 7.63 -21.26
N GLY F 104 -68.78 8.17 -21.78
CA GLY F 104 -68.79 9.50 -22.35
C GLY F 104 -68.99 10.61 -21.37
N THR F 105 -69.22 10.26 -20.12
CA THR F 105 -69.43 11.27 -19.06
C THR F 105 -68.09 11.41 -18.28
N PRO F 106 -67.55 12.65 -18.26
CA PRO F 106 -66.28 12.90 -17.55
C PRO F 106 -66.17 12.16 -16.25
N PHE F 107 -64.96 11.77 -15.90
CA PHE F 107 -64.79 11.09 -14.63
C PHE F 107 -64.90 12.15 -13.55
N GLU F 108 -65.94 12.05 -12.72
CA GLU F 108 -66.16 13.02 -11.66
C GLU F 108 -64.90 13.28 -10.80
N GLY F 109 -64.22 12.20 -10.39
CA GLY F 109 -63.04 12.36 -9.54
C GLY F 109 -61.65 12.60 -10.15
N ASP F 110 -61.61 13.14 -11.38
CA ASP F 110 -60.36 13.45 -12.05
C ASP F 110 -59.93 14.86 -11.59
N PRO F 111 -58.75 14.99 -10.93
CA PRO F 111 -58.30 16.30 -10.44
C PRO F 111 -58.70 17.40 -11.39
N ARG F 112 -58.15 17.31 -12.61
CA ARG F 112 -58.40 18.27 -13.68
C ARG F 112 -59.85 18.57 -13.97
N ASN F 113 -60.59 17.55 -14.42
CA ASN F 113 -61.98 17.77 -14.70
C ASN F 113 -62.62 18.55 -13.54
N ASN F 114 -62.24 18.26 -12.29
CA ASN F 114 -62.85 18.98 -11.15
C ASN F 114 -62.70 20.50 -11.27
N LEU F 115 -61.55 20.98 -11.75
CA LEU F 115 -61.37 22.42 -11.89
C LEU F 115 -62.35 22.98 -12.91
N LYS F 116 -62.53 22.26 -14.01
CA LYS F 116 -63.47 22.70 -15.04
C LYS F 116 -64.89 22.67 -14.49
N ARG F 117 -65.15 21.66 -13.66
CA ARG F 117 -66.46 21.48 -13.02
C ARG F 117 -66.70 22.55 -11.96
N ILE F 118 -65.62 23.12 -11.45
CA ILE F 118 -65.72 24.20 -10.47
C ILE F 118 -65.86 25.45 -11.30
N LEU F 119 -65.29 25.41 -12.50
CA LEU F 119 -65.35 26.54 -13.41
C LEU F 119 -66.77 26.72 -13.94
N LYS F 120 -67.46 25.63 -14.23
CA LYS F 120 -68.83 25.80 -14.70
C LYS F 120 -69.55 26.74 -13.69
N GLU F 121 -69.66 26.32 -12.43
CA GLU F 121 -70.33 27.10 -11.39
C GLU F 121 -70.08 28.61 -11.42
N MET F 122 -68.87 29.01 -11.74
CA MET F 122 -68.50 30.41 -11.78
C MET F 122 -69.23 31.10 -12.92
N GLU F 123 -69.30 30.43 -14.06
CA GLU F 123 -69.97 30.97 -15.24
C GLU F 123 -71.42 31.25 -14.88
N ASP F 124 -72.06 30.29 -14.22
CA ASP F 124 -73.45 30.44 -13.81
C ASP F 124 -73.58 31.64 -12.88
N LEU F 125 -72.45 32.02 -12.28
CA LEU F 125 -72.39 33.18 -11.39
C LEU F 125 -72.00 34.36 -12.24
N GLY F 126 -71.49 34.05 -13.43
CA GLY F 126 -71.14 35.08 -14.39
C GLY F 126 -69.73 35.49 -14.75
N PHE F 127 -68.73 35.12 -13.95
CA PHE F 127 -67.38 35.55 -14.27
C PHE F 127 -66.84 34.82 -15.51
N SER F 128 -66.24 35.54 -16.46
CA SER F 128 -65.79 34.89 -17.70
C SER F 128 -64.49 34.11 -17.67
N ASP F 129 -63.46 34.62 -17.02
CA ASP F 129 -62.21 33.87 -16.98
C ASP F 129 -61.74 34.05 -15.57
N PHE F 130 -61.11 33.01 -15.03
CA PHE F 130 -60.57 33.04 -13.68
C PHE F 130 -59.11 32.78 -14.00
N ASN F 131 -58.25 33.73 -13.66
CA ASN F 131 -56.84 33.64 -14.03
C ASN F 131 -55.86 33.45 -12.86
N LEU F 132 -54.72 32.81 -13.14
CA LEU F 132 -53.72 32.53 -12.11
C LEU F 132 -52.28 32.82 -12.54
N GLY F 133 -51.52 33.55 -11.72
CA GLY F 133 -50.13 33.87 -12.01
C GLY F 133 -49.22 33.30 -10.93
N PRO F 134 -48.66 32.10 -11.16
CA PRO F 134 -47.78 31.43 -10.19
C PRO F 134 -46.36 31.92 -9.98
N GLU F 135 -45.96 31.92 -8.71
CA GLU F 135 -44.62 32.28 -8.28
C GLU F 135 -44.16 31.02 -7.50
N PRO F 136 -43.74 29.95 -8.23
CA PRO F 136 -43.28 28.65 -7.69
C PRO F 136 -41.78 28.64 -7.45
N GLU F 137 -41.37 28.19 -6.28
CA GLU F 137 -39.94 28.22 -5.92
C GLU F 137 -39.25 26.84 -5.78
N PHE F 138 -37.95 26.76 -6.08
CA PHE F 138 -37.26 25.47 -5.97
C PHE F 138 -35.78 25.43 -5.61
N PHE F 139 -35.35 24.30 -5.09
CA PHE F 139 -33.95 24.11 -4.76
C PHE F 139 -33.38 23.15 -5.79
N LEU F 140 -32.13 23.36 -6.14
CA LEU F 140 -31.42 22.48 -7.05
C LEU F 140 -30.35 22.02 -6.11
N PHE F 141 -30.26 20.72 -5.91
CA PHE F 141 -29.21 20.18 -5.06
C PHE F 141 -28.19 19.59 -6.00
N LYS F 142 -27.13 19.04 -5.46
CA LYS F 142 -26.16 18.48 -6.37
C LYS F 142 -26.31 16.97 -6.26
N LEU F 143 -25.90 16.28 -7.31
CA LEU F 143 -25.97 14.82 -7.43
C LEU F 143 -24.56 14.27 -7.17
N ASP F 144 -24.40 12.94 -7.26
CA ASP F 144 -23.09 12.31 -7.06
C ASP F 144 -22.65 11.37 -8.19
N GLU F 145 -21.43 10.82 -8.07
CA GLU F 145 -20.86 9.92 -9.07
C GLU F 145 -21.87 8.84 -9.37
N LYS F 146 -22.60 8.46 -8.32
CA LYS F 146 -23.64 7.44 -8.43
C LYS F 146 -24.80 8.06 -9.18
N GLY F 147 -25.09 9.33 -8.89
CA GLY F 147 -26.19 10.05 -9.53
C GLY F 147 -27.35 10.27 -8.58
N GLU F 148 -27.03 10.27 -7.29
CA GLU F 148 -28.02 10.40 -6.21
C GLU F 148 -28.21 11.77 -5.56
N PRO F 149 -29.46 12.22 -5.43
CA PRO F 149 -29.62 13.52 -4.78
C PRO F 149 -28.78 13.54 -3.51
N THR F 150 -28.16 14.67 -3.20
CA THR F 150 -27.38 14.75 -1.97
C THR F 150 -27.97 15.95 -1.21
N LEU F 151 -27.25 16.50 -0.24
CA LEU F 151 -27.75 17.66 0.52
C LEU F 151 -27.00 18.92 0.13
N GLU F 152 -26.11 18.75 -0.85
CA GLU F 152 -25.30 19.83 -1.36
C GLU F 152 -26.14 20.75 -2.19
N LEU F 153 -26.31 21.97 -1.69
CA LEU F 153 -27.09 22.97 -2.40
C LEU F 153 -26.35 23.28 -3.69
N ASN F 154 -26.97 24.07 -4.56
CA ASN F 154 -26.31 24.42 -5.80
C ASN F 154 -25.48 25.66 -5.63
N ASP F 155 -26.07 26.71 -5.08
CA ASP F 155 -25.36 27.96 -4.93
C ASP F 155 -25.37 28.54 -3.53
N LYS F 156 -24.66 29.65 -3.42
CA LYS F 156 -24.56 30.34 -2.16
C LYS F 156 -24.96 31.77 -2.41
N GLY F 157 -26.16 31.87 -2.97
CA GLY F 157 -26.75 33.16 -3.30
C GLY F 157 -27.82 33.44 -2.28
N GLY F 158 -28.64 34.44 -2.57
CA GLY F 158 -29.69 34.85 -1.67
C GLY F 158 -30.58 35.70 -2.53
N TYR F 159 -31.41 36.52 -1.91
CA TYR F 159 -32.35 37.31 -2.67
C TYR F 159 -31.90 38.06 -3.93
N PHE F 160 -32.37 37.66 -5.11
CA PHE F 160 -32.03 38.37 -6.37
C PHE F 160 -30.57 38.50 -6.74
N ASP F 161 -29.70 37.61 -6.33
CA ASP F 161 -28.31 37.84 -6.70
C ASP F 161 -27.94 37.66 -8.17
N LEU F 162 -26.83 38.29 -8.55
CA LEU F 162 -26.32 38.11 -9.88
C LEU F 162 -25.37 36.95 -9.65
N ALA F 163 -25.88 35.74 -9.82
CA ALA F 163 -25.08 34.53 -9.62
C ALA F 163 -24.10 34.39 -10.79
N PRO F 164 -22.81 34.76 -10.60
CA PRO F 164 -21.76 34.67 -11.62
C PRO F 164 -22.17 33.79 -12.81
N THR F 165 -21.66 34.06 -14.00
CA THR F 165 -22.10 33.34 -15.20
C THR F 165 -21.77 31.87 -15.57
N ASP F 166 -21.76 30.99 -14.58
CA ASP F 166 -21.44 29.59 -14.86
C ASP F 166 -22.19 28.53 -14.02
N LEU F 167 -22.26 28.73 -12.72
CA LEU F 167 -22.84 27.73 -11.84
C LEU F 167 -24.19 27.99 -11.18
N GLY F 168 -24.41 29.21 -10.69
CA GLY F 168 -25.67 29.52 -10.02
C GLY F 168 -26.86 29.56 -10.96
N GLU F 169 -26.88 30.55 -11.86
CA GLU F 169 -27.98 30.72 -12.80
C GLU F 169 -27.76 30.06 -14.17
N ASN F 170 -26.58 29.49 -14.40
CA ASN F 170 -26.32 28.83 -15.67
C ASN F 170 -27.37 27.70 -15.80
N CYS F 171 -28.00 27.37 -14.68
CA CYS F 171 -29.05 26.37 -14.68
C CYS F 171 -30.39 27.09 -14.81
N ARG F 172 -30.55 28.17 -14.05
CA ARG F 172 -31.75 28.98 -14.04
C ARG F 172 -32.09 29.40 -15.46
N ARG F 173 -31.09 29.75 -16.26
CA ARG F 173 -31.32 30.14 -17.64
C ARG F 173 -31.77 28.97 -18.45
N ASP F 174 -30.88 28.00 -18.55
CA ASP F 174 -31.11 26.79 -19.31
C ASP F 174 -32.56 26.35 -19.29
N ILE F 175 -33.19 26.54 -18.14
CA ILE F 175 -34.58 26.16 -17.94
C ILE F 175 -35.45 27.17 -18.68
N VAL F 176 -35.31 28.43 -18.27
CA VAL F 176 -36.02 29.61 -18.82
C VAL F 176 -35.95 29.76 -20.35
N LEU F 177 -34.78 29.46 -20.91
CA LEU F 177 -34.49 29.53 -22.34
C LEU F 177 -35.13 28.37 -23.09
N GLU F 178 -35.43 27.30 -22.37
CA GLU F 178 -36.01 26.11 -22.97
C GLU F 178 -37.54 26.18 -23.01
N LEU F 179 -38.11 26.63 -21.90
CA LEU F 179 -39.56 26.75 -21.77
C LEU F 179 -40.13 27.65 -22.88
N GLU F 180 -39.31 28.58 -23.36
CA GLU F 180 -39.78 29.44 -24.43
C GLU F 180 -39.79 28.60 -25.68
N GLU F 181 -38.84 27.69 -25.81
CA GLU F 181 -38.78 26.81 -26.97
C GLU F 181 -39.90 25.76 -26.91
N MET F 182 -40.74 25.86 -25.88
CA MET F 182 -41.86 24.94 -25.71
C MET F 182 -43.18 25.73 -25.70
N GLY F 183 -43.03 27.04 -25.79
CA GLY F 183 -44.19 27.91 -25.84
C GLY F 183 -44.75 28.51 -24.55
N PHE F 184 -43.91 28.65 -23.52
CA PHE F 184 -44.29 29.23 -22.23
C PHE F 184 -44.00 30.72 -22.28
N GLU F 185 -44.77 31.55 -21.58
CA GLU F 185 -44.41 32.96 -21.55
C GLU F 185 -44.01 33.25 -20.10
N ILE F 186 -42.70 33.17 -19.90
CA ILE F 186 -42.05 33.40 -18.62
C ILE F 186 -42.02 34.88 -18.47
N GLU F 187 -42.40 35.38 -17.30
CA GLU F 187 -42.35 36.81 -17.11
C GLU F 187 -40.92 37.12 -16.70
N ALA F 188 -40.30 36.21 -15.96
CA ALA F 188 -38.90 36.39 -15.53
C ALA F 188 -38.38 35.42 -14.48
N SER F 189 -37.11 35.61 -14.10
CA SER F 189 -36.41 34.79 -13.11
C SER F 189 -35.43 35.57 -12.24
N HIS F 190 -35.12 35.02 -11.05
CA HIS F 190 -34.16 35.59 -10.12
C HIS F 190 -33.60 34.48 -9.26
N HIS F 191 -33.37 34.78 -7.99
CA HIS F 191 -32.87 33.77 -7.07
C HIS F 191 -33.81 34.00 -5.93
N GLU F 192 -33.61 33.26 -4.84
CA GLU F 192 -34.49 33.43 -3.71
C GLU F 192 -33.72 33.48 -2.42
N VAL F 193 -34.44 33.87 -1.37
CA VAL F 193 -33.86 34.03 -0.07
C VAL F 193 -32.76 33.07 0.32
N ALA F 194 -32.96 31.78 0.09
CA ALA F 194 -31.97 30.78 0.51
C ALA F 194 -30.81 30.42 -0.47
N PRO F 195 -29.83 29.63 0.02
CA PRO F 195 -28.68 29.19 -0.76
C PRO F 195 -29.26 28.06 -1.58
N GLY F 196 -29.42 28.27 -2.88
CA GLY F 196 -29.97 27.21 -3.68
C GLY F 196 -31.44 27.31 -3.90
N GLN F 197 -32.02 28.46 -3.67
CA GLN F 197 -33.43 28.55 -3.92
C GLN F 197 -33.64 29.40 -5.17
N HIS F 198 -34.50 28.96 -6.06
CA HIS F 198 -34.73 29.69 -7.27
C HIS F 198 -36.18 29.91 -7.52
N GLU F 199 -36.48 30.66 -8.56
CA GLU F 199 -37.87 30.98 -8.88
C GLU F 199 -37.88 31.57 -10.29
N ILE F 200 -38.91 31.19 -11.03
CA ILE F 200 -39.06 31.69 -12.37
C ILE F 200 -40.56 31.89 -12.37
N ASP F 201 -41.03 33.06 -12.74
CA ASP F 201 -42.46 33.28 -12.75
C ASP F 201 -42.93 33.34 -14.19
N PHE F 202 -44.14 32.83 -14.44
CA PHE F 202 -44.67 32.89 -15.79
C PHE F 202 -45.96 33.70 -15.88
N LYS F 203 -46.38 34.02 -17.10
CA LYS F 203 -47.59 34.80 -17.30
C LYS F 203 -48.85 34.19 -16.67
N TYR F 204 -49.98 34.89 -16.76
CA TYR F 204 -51.19 34.34 -16.18
C TYR F 204 -52.01 33.65 -17.26
N ALA F 205 -53.02 32.92 -16.84
CA ALA F 205 -53.86 32.22 -17.77
C ALA F 205 -54.94 31.51 -16.99
N GLY F 206 -55.98 31.09 -17.70
CA GLY F 206 -57.11 30.42 -17.11
C GLY F 206 -56.61 29.44 -16.09
N ALA F 207 -57.42 29.16 -15.09
CA ALA F 207 -57.03 28.21 -14.08
C ALA F 207 -56.42 26.97 -14.79
N VAL F 208 -57.26 26.28 -15.57
CA VAL F 208 -56.91 25.04 -16.30
C VAL F 208 -55.78 25.08 -17.29
N ARG F 209 -55.51 26.26 -17.83
CA ARG F 209 -54.43 26.42 -18.80
C ARG F 209 -53.14 26.69 -18.02
N SER F 210 -53.32 27.15 -16.78
CA SER F 210 -52.22 27.44 -15.85
C SER F 210 -51.84 26.27 -14.98
N CYS F 211 -52.78 25.39 -14.67
CA CYS F 211 -52.44 24.23 -13.88
C CYS F 211 -51.60 23.36 -14.77
N ASP F 212 -52.04 23.23 -16.01
CA ASP F 212 -51.28 22.47 -17.00
C ASP F 212 -49.85 23.00 -16.86
N ASP F 213 -49.67 24.28 -17.22
CA ASP F 213 -48.37 24.94 -17.13
C ASP F 213 -47.58 24.44 -15.92
N ILE F 214 -48.20 24.56 -14.75
CA ILE F 214 -47.62 24.14 -13.50
C ILE F 214 -47.11 22.71 -13.63
N GLN F 215 -48.02 21.80 -13.96
CA GLN F 215 -47.60 20.43 -14.09
C GLN F 215 -46.38 20.37 -14.99
N THR F 216 -46.57 20.84 -16.21
CA THR F 216 -45.49 20.79 -17.17
C THR F 216 -44.25 21.30 -16.54
N PHE F 217 -44.34 22.50 -15.98
CA PHE F 217 -43.18 23.12 -15.35
C PHE F 217 -42.33 22.18 -14.53
N LYS F 218 -42.90 21.78 -13.38
CA LYS F 218 -42.22 20.89 -12.44
C LYS F 218 -41.45 19.84 -13.19
N LEU F 219 -42.07 19.34 -14.26
CA LEU F 219 -41.44 18.31 -15.05
C LEU F 219 -40.15 18.80 -15.72
N VAL F 220 -40.27 19.77 -16.63
CA VAL F 220 -39.09 20.27 -17.34
C VAL F 220 -37.99 20.70 -16.40
N VAL F 221 -38.36 21.46 -15.36
CA VAL F 221 -37.37 21.90 -14.41
C VAL F 221 -36.59 20.67 -14.08
N LYS F 222 -37.28 19.67 -13.56
CA LYS F 222 -36.63 18.43 -13.18
C LYS F 222 -35.84 17.71 -14.27
N THR F 223 -36.21 17.85 -15.54
CA THR F 223 -35.46 17.11 -16.56
C THR F 223 -34.23 17.87 -17.11
N ILE F 224 -34.11 19.16 -16.80
CA ILE F 224 -32.99 19.97 -17.26
C ILE F 224 -32.02 20.16 -16.12
N ALA F 225 -32.39 19.67 -14.96
CA ALA F 225 -31.49 19.85 -13.82
C ALA F 225 -30.60 18.65 -13.79
N ARG F 226 -31.16 17.49 -14.11
CA ARG F 226 -30.32 16.33 -14.14
C ARG F 226 -29.37 16.60 -15.28
N LYS F 227 -29.89 17.18 -16.36
CA LYS F 227 -29.03 17.47 -17.51
C LYS F 227 -27.80 18.29 -17.09
N HIS F 228 -27.91 19.00 -15.96
CA HIS F 228 -26.80 19.83 -15.43
C HIS F 228 -26.07 19.14 -14.25
N GLY F 229 -26.59 18.00 -13.80
CA GLY F 229 -25.99 17.26 -12.70
C GLY F 229 -26.61 17.45 -11.33
N LEU F 230 -27.65 18.26 -11.22
CA LEU F 230 -28.28 18.53 -9.94
C LEU F 230 -29.66 17.91 -9.80
N HIS F 231 -30.18 17.90 -8.58
CA HIS F 231 -31.51 17.35 -8.29
C HIS F 231 -32.52 18.45 -8.00
N ALA F 232 -33.50 18.58 -8.86
CA ALA F 232 -34.50 19.61 -8.64
C ALA F 232 -35.44 19.12 -7.56
N THR F 233 -35.95 20.06 -6.77
CA THR F 233 -36.92 19.66 -5.78
C THR F 233 -37.78 20.82 -5.33
N PHE F 234 -39.09 20.61 -5.47
CA PHE F 234 -40.08 21.61 -5.11
C PHE F 234 -40.71 21.28 -3.77
N MET F 235 -40.16 20.30 -3.08
CA MET F 235 -40.66 19.92 -1.79
C MET F 235 -40.73 21.19 -0.93
N PRO F 236 -41.80 21.38 -0.13
CA PRO F 236 -42.03 22.54 0.75
C PRO F 236 -40.83 23.13 1.52
N LYS F 237 -40.40 22.48 2.60
CA LYS F 237 -39.27 22.92 3.45
C LYS F 237 -38.26 21.78 3.53
N PRO F 238 -37.43 21.62 2.49
CA PRO F 238 -36.43 20.56 2.42
C PRO F 238 -35.44 20.57 3.55
N LEU F 239 -34.85 21.73 3.75
CA LEU F 239 -33.86 21.89 4.79
C LEU F 239 -34.41 22.66 5.96
N PHE F 240 -34.18 22.13 7.15
CA PHE F 240 -34.63 22.79 8.36
C PHE F 240 -33.80 24.07 8.45
N GLY F 241 -34.17 24.97 9.36
CA GLY F 241 -33.43 26.21 9.51
C GLY F 241 -33.51 27.16 8.33
N VAL F 242 -33.48 26.65 7.11
CA VAL F 242 -33.54 27.49 5.92
C VAL F 242 -34.97 27.65 5.35
N ASN F 243 -35.23 28.84 4.78
CA ASN F 243 -36.51 29.25 4.16
C ASN F 243 -37.08 28.23 3.17
N GLY F 244 -38.39 28.22 2.98
CA GLY F 244 -39.00 27.27 2.07
C GLY F 244 -39.44 27.69 0.68
N SER F 245 -39.84 26.67 -0.08
CA SER F 245 -40.33 26.84 -1.43
C SER F 245 -41.84 27.04 -1.33
N GLY F 246 -42.30 28.22 -1.70
CA GLY F 246 -43.73 28.48 -1.70
C GLY F 246 -44.13 28.54 -3.15
N MET F 247 -45.42 28.69 -3.44
CA MET F 247 -45.90 28.77 -4.82
C MET F 247 -47.13 29.66 -4.85
N HIS F 248 -46.96 30.91 -4.41
CA HIS F 248 -48.02 31.91 -4.33
C HIS F 248 -48.96 31.90 -5.53
N CYS F 249 -50.22 32.22 -5.27
CA CYS F 249 -51.21 32.17 -6.32
C CYS F 249 -52.05 33.44 -6.39
N ASN F 250 -51.82 34.19 -7.48
CA ASN F 250 -52.47 35.47 -7.79
C ASN F 250 -53.72 35.24 -8.60
N LEU F 251 -54.88 35.44 -7.97
CA LEU F 251 -56.18 35.24 -8.62
C LEU F 251 -56.81 36.55 -9.12
N SER F 252 -57.84 36.45 -9.93
CA SER F 252 -58.49 37.64 -10.46
C SER F 252 -59.74 37.38 -11.30
N LEU F 253 -60.91 37.47 -10.68
CA LEU F 253 -62.19 37.22 -11.37
C LEU F 253 -62.45 38.20 -12.50
N PHE F 254 -63.06 37.71 -13.55
CA PHE F 254 -63.35 38.58 -14.67
C PHE F 254 -64.83 38.61 -14.98
N LYS F 255 -65.25 39.65 -15.68
CA LYS F 255 -66.64 39.80 -16.09
C LYS F 255 -66.60 40.42 -17.48
N ASN F 256 -66.90 39.55 -18.45
CA ASN F 256 -66.91 39.82 -19.88
C ASN F 256 -65.75 40.73 -20.27
N GLY F 257 -64.58 40.10 -20.17
CA GLY F 257 -63.30 40.68 -20.52
C GLY F 257 -62.74 41.80 -19.67
N VAL F 258 -63.26 41.95 -18.47
CA VAL F 258 -62.84 43.02 -17.57
C VAL F 258 -62.48 42.41 -16.24
N ASN F 259 -61.60 43.04 -15.49
CA ASN F 259 -61.16 42.53 -14.20
C ASN F 259 -62.28 42.87 -13.21
N ALA F 260 -62.62 41.92 -12.33
CA ALA F 260 -63.73 42.10 -11.37
C ALA F 260 -63.41 42.86 -10.08
N PHE F 261 -62.26 42.58 -9.49
CA PHE F 261 -61.88 43.24 -8.25
C PHE F 261 -61.38 44.68 -8.48
N PHE F 262 -61.62 45.24 -9.66
CA PHE F 262 -61.16 46.59 -9.92
C PHE F 262 -62.25 47.63 -9.78
N ASP F 263 -61.95 48.68 -9.01
CA ASP F 263 -62.91 49.76 -8.82
C ASP F 263 -62.16 51.10 -8.60
N GLU F 264 -61.94 51.87 -9.68
CA GLU F 264 -61.17 53.14 -9.61
C GLU F 264 -61.54 54.17 -8.54
N ASN F 265 -62.82 54.46 -8.40
CA ASN F 265 -63.26 55.43 -7.40
C ASN F 265 -63.49 54.74 -6.06
N ALA F 266 -62.88 53.58 -5.81
CA ALA F 266 -63.18 52.88 -4.54
C ALA F 266 -62.13 52.71 -3.46
N ASP F 267 -62.54 52.10 -2.35
CA ASP F 267 -61.65 51.85 -1.22
C ASP F 267 -60.50 51.01 -1.74
N LEU F 268 -59.35 51.64 -1.96
CA LEU F 268 -58.17 50.97 -2.50
C LEU F 268 -58.52 50.43 -3.88
N GLN F 269 -59.35 51.18 -4.58
CA GLN F 269 -59.78 50.79 -5.91
C GLN F 269 -60.18 49.32 -5.91
N LEU F 270 -60.75 48.89 -4.78
CA LEU F 270 -61.21 47.50 -4.60
C LEU F 270 -62.71 47.32 -4.58
N SER F 271 -63.23 46.76 -5.66
CA SER F 271 -64.65 46.52 -5.81
C SER F 271 -65.25 45.76 -4.63
N GLU F 272 -66.56 45.86 -4.50
CA GLU F 272 -67.30 45.18 -3.45
C GLU F 272 -67.44 43.71 -3.89
N THR F 273 -66.69 43.33 -4.92
CA THR F 273 -66.68 41.95 -5.47
C THR F 273 -65.49 41.28 -4.83
N ALA F 274 -64.36 41.99 -4.86
CA ALA F 274 -63.10 41.54 -4.29
C ALA F 274 -63.20 41.65 -2.78
N LYS F 275 -63.89 42.66 -2.28
CA LYS F 275 -64.05 42.79 -0.83
C LYS F 275 -64.83 41.56 -0.34
N HIS F 276 -65.57 40.93 -1.24
CA HIS F 276 -66.36 39.77 -0.88
C HIS F 276 -65.62 38.50 -1.20
N PHE F 277 -64.84 38.55 -2.27
CA PHE F 277 -64.04 37.43 -2.71
C PHE F 277 -62.96 37.16 -1.68
N ILE F 278 -62.32 38.24 -1.23
CA ILE F 278 -61.26 38.14 -0.22
C ILE F 278 -61.94 37.51 1.00
N ALA F 279 -63.21 37.86 1.18
CA ALA F 279 -63.98 37.36 2.32
C ALA F 279 -64.19 35.85 2.34
N GLY F 280 -64.49 35.27 1.18
CA GLY F 280 -64.72 33.84 1.14
C GLY F 280 -63.43 33.12 1.45
N ILE F 281 -62.32 33.68 0.95
CA ILE F 281 -60.98 33.11 1.14
C ILE F 281 -60.66 33.16 2.64
N VAL F 282 -60.66 34.37 3.20
CA VAL F 282 -60.39 34.57 4.62
C VAL F 282 -61.24 33.67 5.50
N LYS F 283 -62.41 33.30 5.00
CA LYS F 283 -63.33 32.45 5.77
C LYS F 283 -62.90 30.99 5.84
N HIS F 284 -62.69 30.38 4.68
CA HIS F 284 -62.31 28.98 4.67
C HIS F 284 -60.79 28.78 4.69
N ALA F 285 -60.01 29.80 5.05
CA ALA F 285 -58.58 29.60 5.04
C ALA F 285 -58.15 28.37 5.86
N THR F 286 -58.67 28.19 7.07
CA THR F 286 -58.22 27.03 7.82
C THR F 286 -58.79 25.73 7.30
N SER F 287 -59.93 25.79 6.64
CA SER F 287 -60.51 24.56 6.11
C SER F 287 -59.81 24.06 4.87
N PHE F 288 -59.42 24.95 3.96
CA PHE F 288 -58.78 24.52 2.70
C PHE F 288 -57.26 24.31 2.78
N THR F 289 -56.72 24.30 3.99
CA THR F 289 -55.29 24.12 4.23
C THR F 289 -54.76 22.76 3.79
N ALA F 290 -55.41 21.69 4.25
CA ALA F 290 -54.97 20.35 3.93
C ALA F 290 -54.80 20.14 2.43
N VAL F 291 -55.48 20.95 1.63
CA VAL F 291 -55.37 20.80 0.19
C VAL F 291 -54.27 21.63 -0.44
N THR F 292 -54.04 22.84 0.06
CA THR F 292 -53.01 23.72 -0.49
C THR F 292 -51.62 23.50 0.12
N ASN F 293 -51.61 22.87 1.30
CA ASN F 293 -50.38 22.52 2.03
C ASN F 293 -50.64 21.06 2.44
N PRO F 294 -50.93 20.20 1.46
CA PRO F 294 -51.25 18.77 1.58
C PRO F 294 -50.33 17.66 2.05
N THR F 295 -49.11 17.93 2.47
CA THR F 295 -48.26 16.82 2.91
C THR F 295 -47.73 17.07 4.32
N VAL F 296 -47.09 16.06 4.91
CA VAL F 296 -46.54 16.14 6.26
C VAL F 296 -45.39 17.18 6.45
N ASN F 297 -44.74 17.59 5.35
CA ASN F 297 -43.66 18.58 5.45
C ASN F 297 -44.12 20.01 5.14
N SER F 298 -45.24 20.15 4.42
CA SER F 298 -45.75 21.48 4.08
C SER F 298 -45.89 22.29 5.35
N TYR F 299 -45.98 21.61 6.49
CA TYR F 299 -46.13 22.28 7.77
C TYR F 299 -44.88 22.61 8.58
N LYS F 300 -43.69 22.37 8.03
CA LYS F 300 -42.46 22.79 8.70
C LYS F 300 -42.00 23.83 7.70
N ARG F 301 -42.95 24.67 7.29
CA ARG F 301 -42.76 25.80 6.37
C ARG F 301 -43.65 26.82 7.05
N LEU F 302 -44.84 26.37 7.44
CA LEU F 302 -45.79 27.24 8.10
C LEU F 302 -45.44 27.56 9.56
N VAL F 303 -44.24 28.06 9.79
CA VAL F 303 -43.83 28.43 11.14
C VAL F 303 -43.31 29.86 10.92
N PRO F 304 -43.44 30.74 11.91
CA PRO F 304 -43.01 32.13 11.83
C PRO F 304 -41.52 32.38 11.70
N GLY F 305 -41.17 33.39 10.89
CA GLY F 305 -39.78 33.77 10.67
C GLY F 305 -39.18 33.55 9.27
N TYR F 306 -39.87 32.86 8.38
CA TYR F 306 -39.30 32.60 7.08
C TYR F 306 -39.99 33.31 5.91
N GLU F 307 -40.93 34.19 6.24
CA GLU F 307 -41.73 34.97 5.30
C GLU F 307 -43.10 34.28 5.08
N ALA F 308 -43.14 32.95 5.21
CA ALA F 308 -44.37 32.16 5.03
C ALA F 308 -45.43 32.40 6.11
N PRO F 309 -46.68 32.60 5.66
CA PRO F 309 -47.90 32.87 6.41
C PRO F 309 -48.23 31.85 7.48
N CYS F 310 -48.70 32.31 8.62
CA CYS F 310 -49.07 31.39 9.68
C CYS F 310 -50.38 31.85 10.27
N TYR F 311 -50.88 32.97 9.79
CA TYR F 311 -52.11 33.48 10.32
C TYR F 311 -53.11 33.79 9.22
N VAL F 312 -54.35 33.97 9.64
CA VAL F 312 -55.45 34.24 8.74
C VAL F 312 -55.77 35.74 8.74
N ALA F 313 -55.19 36.48 7.79
CA ALA F 313 -55.42 37.91 7.71
C ALA F 313 -55.01 38.43 6.34
N TRP F 314 -55.53 39.59 5.95
CA TRP F 314 -55.25 40.16 4.64
C TRP F 314 -54.89 41.65 4.65
N SER F 315 -53.71 41.97 4.13
CA SER F 315 -53.16 43.33 4.09
C SER F 315 -52.49 43.56 2.72
N ALA F 316 -51.74 44.64 2.54
CA ALA F 316 -51.07 44.85 1.25
C ALA F 316 -49.78 45.57 1.49
N GLN F 317 -48.96 45.03 2.39
CA GLN F 317 -47.74 45.68 2.76
C GLN F 317 -47.67 45.06 4.14
N ASN F 318 -47.16 43.85 4.24
CA ASN F 318 -47.08 43.24 5.55
C ASN F 318 -46.18 42.04 5.73
N ARG F 319 -45.91 41.77 7.01
CA ARG F 319 -45.09 40.69 7.52
C ARG F 319 -45.16 39.41 6.70
N SER F 320 -46.07 38.55 7.14
CA SER F 320 -46.33 37.26 6.50
C SER F 320 -47.85 37.07 6.58
N PRO F 321 -48.60 37.71 5.66
CA PRO F 321 -50.07 37.64 5.59
C PRO F 321 -50.51 36.39 4.87
N LEU F 322 -51.67 35.86 5.23
CA LEU F 322 -52.14 34.67 4.54
C LEU F 322 -52.68 35.10 3.19
N ILE F 323 -52.92 36.40 3.02
CA ILE F 323 -53.40 36.90 1.74
C ILE F 323 -52.61 38.13 1.32
N ARG F 324 -52.48 38.34 0.02
CA ARG F 324 -51.74 39.51 -0.45
C ARG F 324 -52.25 40.12 -1.77
N ILE F 325 -52.48 41.42 -1.67
CA ILE F 325 -52.99 42.22 -2.76
C ILE F 325 -51.92 43.07 -3.42
N PRO F 326 -51.34 42.56 -4.52
CA PRO F 326 -50.32 43.35 -5.21
C PRO F 326 -50.83 44.75 -5.56
N ALA F 327 -50.16 45.77 -5.01
CA ALA F 327 -50.53 47.16 -5.23
C ALA F 327 -51.11 47.57 -6.58
N SER F 328 -50.42 47.27 -7.69
CA SER F 328 -50.93 47.68 -9.02
C SER F 328 -52.35 47.19 -9.28
N ARG F 329 -53.16 48.02 -9.94
CA ARG F 329 -54.55 47.65 -10.21
C ARG F 329 -54.81 47.58 -11.70
N GLY F 330 -56.05 47.81 -12.11
CA GLY F 330 -56.39 47.75 -13.53
C GLY F 330 -56.80 46.32 -13.82
N ILE F 331 -56.29 45.74 -14.92
CA ILE F 331 -56.58 44.35 -15.31
C ILE F 331 -55.71 43.48 -14.46
N SER F 332 -54.71 44.11 -13.86
CA SER F 332 -53.75 43.43 -13.03
C SER F 332 -54.25 43.16 -11.62
N THR F 333 -55.15 44.02 -11.13
CA THR F 333 -55.75 43.92 -9.79
C THR F 333 -55.90 42.45 -9.44
N ARG F 334 -55.12 41.94 -8.48
CA ARG F 334 -55.19 40.52 -8.17
C ARG F 334 -54.85 40.14 -6.75
N VAL F 335 -55.59 39.15 -6.21
CA VAL F 335 -55.36 38.66 -4.85
C VAL F 335 -54.17 37.68 -4.89
N GLU F 336 -53.39 37.59 -3.80
CA GLU F 336 -52.26 36.67 -3.78
C GLU F 336 -52.25 35.72 -2.59
N VAL F 337 -52.74 34.49 -2.77
CA VAL F 337 -52.74 33.49 -1.70
C VAL F 337 -51.33 32.98 -1.55
N ARG F 338 -50.70 33.31 -0.45
CA ARG F 338 -49.30 32.93 -0.23
C ARG F 338 -49.03 31.72 0.65
N SER F 339 -50.07 30.96 1.01
CA SER F 339 -49.84 29.78 1.84
C SER F 339 -49.82 28.52 0.97
N VAL F 340 -49.96 28.71 -0.34
CA VAL F 340 -49.95 27.61 -1.30
C VAL F 340 -48.52 27.18 -1.61
N ASP F 341 -48.14 25.95 -1.30
CA ASP F 341 -46.78 25.51 -1.63
C ASP F 341 -46.80 24.56 -2.83
N PRO F 342 -45.77 24.67 -3.70
CA PRO F 342 -45.61 23.86 -4.92
C PRO F 342 -45.84 22.34 -4.88
N ALA F 343 -46.03 21.78 -3.69
CA ALA F 343 -46.23 20.34 -3.56
C ALA F 343 -47.67 20.04 -3.19
N ALA F 344 -48.58 20.79 -3.79
CA ALA F 344 -50.01 20.59 -3.57
C ALA F 344 -50.52 20.48 -4.99
N ASN F 345 -51.56 19.70 -5.16
CA ASN F 345 -52.05 19.54 -6.47
C ASN F 345 -52.59 20.85 -7.01
N PRO F 346 -51.81 21.54 -7.87
CA PRO F 346 -52.24 22.82 -8.46
C PRO F 346 -53.73 22.79 -8.78
N TYR F 347 -54.15 21.71 -9.44
CA TYR F 347 -55.56 21.52 -9.81
C TYR F 347 -56.58 21.63 -8.66
N LEU F 348 -56.40 20.84 -7.62
CA LEU F 348 -57.32 20.87 -6.52
C LEU F 348 -57.27 22.22 -5.83
N ALA F 349 -56.12 22.90 -5.88
CA ALA F 349 -55.96 24.22 -5.22
C ALA F 349 -56.84 25.28 -5.85
N LEU F 350 -56.63 25.55 -7.14
CA LEU F 350 -57.46 26.52 -7.83
C LEU F 350 -58.87 26.26 -7.32
N SER F 351 -59.32 25.01 -7.52
CA SER F 351 -60.63 24.56 -7.07
C SER F 351 -61.05 25.05 -5.66
N VAL F 352 -60.42 24.52 -4.61
CA VAL F 352 -60.81 24.96 -3.29
C VAL F 352 -60.51 26.42 -3.07
N LEU F 353 -59.65 26.98 -3.89
CA LEU F 353 -59.37 28.39 -3.72
C LEU F 353 -60.40 29.25 -4.47
N LEU F 354 -60.88 28.75 -5.59
CA LEU F 354 -61.86 29.44 -6.42
C LEU F 354 -63.20 29.11 -5.85
N ALA F 355 -63.22 28.18 -4.91
CA ALA F 355 -64.48 27.77 -4.29
C ALA F 355 -64.83 28.69 -3.11
N ALA F 356 -63.89 28.86 -2.19
CA ALA F 356 -64.13 29.71 -1.04
C ALA F 356 -64.32 31.11 -1.58
N GLY F 357 -63.84 31.33 -2.79
CA GLY F 357 -64.00 32.65 -3.37
C GLY F 357 -65.47 32.81 -3.70
N LEU F 358 -66.06 31.81 -4.32
CA LEU F 358 -67.46 31.92 -4.68
C LEU F 358 -68.43 31.80 -3.48
N ASP F 359 -67.99 31.25 -2.34
CA ASP F 359 -68.89 31.18 -1.15
C ASP F 359 -69.11 32.57 -0.53
N GLY F 360 -68.19 33.48 -0.77
CA GLY F 360 -68.32 34.82 -0.22
C GLY F 360 -69.12 35.75 -1.11
N ILE F 361 -68.63 35.99 -2.33
CA ILE F 361 -69.28 36.86 -3.32
C ILE F 361 -70.78 36.60 -3.32
N LYS F 362 -71.11 35.34 -3.07
CA LYS F 362 -72.49 34.88 -3.06
C LYS F 362 -73.28 35.37 -1.85
N ASN F 363 -73.03 34.75 -0.69
CA ASN F 363 -73.75 35.14 0.52
C ASN F 363 -73.44 36.58 0.86
N LYS F 364 -72.57 37.16 0.05
CA LYS F 364 -72.18 38.54 0.21
C LYS F 364 -71.43 38.78 1.50
N LEU F 365 -70.52 37.86 1.84
CA LEU F 365 -69.74 37.98 3.05
C LEU F 365 -68.95 39.29 3.14
N GLU F 366 -68.60 39.68 4.36
CA GLU F 366 -67.92 40.96 4.62
C GLU F 366 -66.44 40.97 4.97
N ALA F 367 -65.67 41.69 4.16
CA ALA F 367 -64.24 41.83 4.38
C ALA F 367 -63.98 42.26 5.83
N PRO F 368 -62.84 41.88 6.42
CA PRO F 368 -62.48 42.27 7.81
C PRO F 368 -61.41 43.38 7.72
N ALA F 369 -61.01 43.96 8.84
CA ALA F 369 -59.99 45.02 8.82
C ALA F 369 -58.56 44.57 8.43
N PRO F 370 -58.09 44.90 7.20
CA PRO F 370 -56.75 44.55 6.67
C PRO F 370 -55.64 44.73 7.70
N ILE F 371 -54.87 43.68 7.97
CA ILE F 371 -53.79 43.79 8.96
C ILE F 371 -52.53 44.51 8.50
N ASP F 372 -52.25 45.66 9.10
CA ASP F 372 -51.03 46.37 8.76
C ASP F 372 -50.24 46.50 10.05
N ARG F 373 -50.97 46.59 11.16
CA ARG F 373 -50.37 46.72 12.48
C ARG F 373 -49.58 45.47 12.87
N ASN F 374 -49.13 45.42 14.12
CA ASN F 374 -48.27 44.33 14.60
C ASN F 374 -48.85 42.92 14.90
N ILE F 375 -49.24 42.22 13.85
CA ILE F 375 -49.83 40.88 13.96
C ILE F 375 -48.89 39.84 14.58
N TYR F 376 -47.61 39.94 14.28
CA TYR F 376 -46.68 38.99 14.84
C TYR F 376 -46.35 39.23 16.31
N VAL F 377 -46.46 40.49 16.75
CA VAL F 377 -46.10 40.84 18.11
C VAL F 377 -46.99 40.41 19.28
N MET F 378 -48.17 39.87 18.98
CA MET F 378 -49.13 39.41 19.99
C MET F 378 -49.07 37.87 20.18
N SER F 379 -50.04 37.31 20.93
CA SER F 379 -50.10 35.86 21.13
C SER F 379 -51.32 35.31 20.39
N LYS F 380 -51.54 33.99 20.46
CA LYS F 380 -52.67 33.35 19.79
C LYS F 380 -53.90 33.50 20.71
N GLU F 381 -53.73 34.26 21.79
CA GLU F 381 -54.78 34.53 22.79
C GLU F 381 -55.29 35.93 22.53
N GLU F 382 -54.31 36.82 22.37
CA GLU F 382 -54.49 38.25 22.13
C GLU F 382 -54.96 38.53 20.71
N ARG F 383 -54.56 37.64 19.80
CA ARG F 383 -54.95 37.74 18.40
C ARG F 383 -56.31 37.07 18.36
N MET F 384 -56.53 36.16 19.31
CA MET F 384 -57.80 35.47 19.41
C MET F 384 -58.82 36.53 19.79
N GLU F 385 -58.32 37.68 20.23
CA GLU F 385 -59.16 38.81 20.58
C GLU F 385 -59.43 39.59 19.29
N ASN F 386 -59.27 38.90 18.15
CA ASN F 386 -59.49 39.48 16.82
C ASN F 386 -59.87 38.36 15.84
N GLY F 387 -60.12 38.73 14.58
CA GLY F 387 -60.48 37.74 13.58
C GLY F 387 -59.26 37.17 12.90
N ILE F 388 -58.29 36.78 13.74
CA ILE F 388 -57.02 36.24 13.27
C ILE F 388 -56.75 34.86 13.85
N VAL F 389 -57.36 33.83 13.26
CA VAL F 389 -57.18 32.45 13.71
C VAL F 389 -55.91 31.91 13.10
N ASP F 390 -55.29 30.93 13.75
CA ASP F 390 -54.03 30.35 13.26
C ASP F 390 -54.19 29.38 12.11
N LEU F 391 -53.10 29.10 11.43
CA LEU F 391 -53.16 28.13 10.38
C LEU F 391 -52.68 26.90 11.12
N PRO F 392 -53.26 25.72 10.83
CA PRO F 392 -52.90 24.44 11.46
C PRO F 392 -51.41 24.25 11.69
N ALA F 393 -51.06 23.29 12.51
CA ALA F 393 -49.67 23.07 12.84
C ALA F 393 -49.15 21.70 12.43
N THR F 394 -50.04 20.88 11.90
CA THR F 394 -49.68 19.55 11.42
C THR F 394 -50.73 19.22 10.39
N LEU F 395 -50.44 18.23 9.55
CA LEU F 395 -51.37 17.84 8.51
C LEU F 395 -52.71 17.39 9.10
N ALA F 396 -52.64 16.76 10.27
CA ALA F 396 -53.81 16.23 10.98
C ALA F 396 -54.77 17.29 11.51
N GLU F 397 -54.20 18.42 11.89
CA GLU F 397 -54.96 19.53 12.42
C GLU F 397 -55.69 20.08 11.21
N ALA F 398 -54.99 19.97 10.09
CA ALA F 398 -55.45 20.44 8.78
C ALA F 398 -56.48 19.53 8.11
N LEU F 399 -56.53 18.27 8.48
CA LEU F 399 -57.51 17.38 7.88
C LEU F 399 -58.82 17.53 8.64
N GLU F 400 -58.72 17.69 9.96
CA GLU F 400 -59.92 17.84 10.73
C GLU F 400 -60.67 19.06 10.20
N GLU F 401 -60.04 20.24 10.18
CA GLU F 401 -60.71 21.48 9.70
C GLU F 401 -61.36 21.35 8.30
N PHE F 402 -60.95 20.34 7.54
CA PHE F 402 -61.43 20.08 6.18
C PHE F 402 -62.71 19.27 6.07
N LYS F 403 -62.78 18.21 6.85
CA LYS F 403 -63.95 17.33 6.83
C LYS F 403 -65.18 18.04 7.42
N SER F 404 -64.94 19.14 8.14
CA SER F 404 -65.99 19.88 8.81
C SER F 404 -66.62 21.00 7.97
N ASN F 405 -65.80 21.81 7.33
CA ASN F 405 -66.32 22.90 6.50
C ASN F 405 -66.99 22.31 5.27
N GLU F 406 -68.32 22.17 5.35
CA GLU F 406 -69.14 21.62 4.27
C GLU F 406 -68.84 22.10 2.83
N VAL F 407 -68.77 23.42 2.61
CA VAL F 407 -68.52 23.98 1.27
C VAL F 407 -67.23 23.47 0.67
N MET F 408 -66.26 23.14 1.52
CA MET F 408 -64.96 22.58 1.15
C MET F 408 -65.07 21.16 0.51
N VAL F 409 -65.96 20.40 1.15
CA VAL F 409 -66.23 19.03 0.79
C VAL F 409 -66.80 19.09 -0.60
N LYS F 410 -67.84 19.89 -0.76
CA LYS F 410 -68.46 20.00 -2.05
C LYS F 410 -67.58 20.53 -3.18
N ALA F 411 -66.39 21.05 -2.87
CA ALA F 411 -65.52 21.59 -3.92
C ALA F 411 -64.73 20.48 -4.60
N LEU F 412 -64.40 19.42 -3.87
CA LEU F 412 -63.69 18.30 -4.49
C LEU F 412 -64.69 17.33 -5.13
N GLY F 413 -65.53 16.73 -4.26
CA GLY F 413 -66.57 15.79 -4.66
C GLY F 413 -66.60 14.58 -3.75
N GLU F 414 -67.78 14.04 -3.46
CA GLU F 414 -67.85 12.87 -2.59
C GLU F 414 -66.68 11.92 -2.90
N HIS F 415 -66.24 11.92 -4.16
CA HIS F 415 -65.17 11.02 -4.51
C HIS F 415 -63.83 11.61 -4.23
N LEU F 416 -63.46 12.67 -4.94
CA LEU F 416 -62.13 13.27 -4.69
C LEU F 416 -61.95 13.60 -3.24
N PHE F 417 -63.04 13.60 -2.50
CA PHE F 417 -63.00 13.88 -1.08
C PHE F 417 -62.50 12.66 -0.29
N GLU F 418 -63.28 11.62 -0.40
CA GLU F 418 -63.03 10.35 0.26
C GLU F 418 -61.59 9.84 0.15
N HIS F 419 -61.13 9.61 -1.08
CA HIS F 419 -59.79 9.05 -1.26
C HIS F 419 -58.70 9.98 -0.74
N PHE F 420 -58.95 11.28 -0.88
CA PHE F 420 -58.00 12.27 -0.38
C PHE F 420 -57.82 12.13 1.14
N ILE F 421 -58.91 12.14 1.89
CA ILE F 421 -58.79 12.03 3.34
C ILE F 421 -58.13 10.70 3.52
N GLU F 422 -58.58 9.71 2.77
CA GLU F 422 -58.00 8.39 2.90
C GLU F 422 -56.48 8.42 2.78
N ALA F 423 -55.96 8.74 1.59
CA ALA F 423 -54.50 8.73 1.38
C ALA F 423 -53.73 9.62 2.36
N LYS F 424 -54.42 10.55 3.00
CA LYS F 424 -53.77 11.48 3.90
C LYS F 424 -53.85 11.12 5.37
N GLU F 425 -54.79 10.27 5.72
CA GLU F 425 -54.89 9.86 7.11
C GLU F 425 -53.78 8.82 7.26
N ILE F 426 -53.38 8.22 6.13
CA ILE F 426 -52.35 7.17 6.06
C ILE F 426 -50.93 7.73 6.05
N GLU F 427 -50.79 8.85 5.37
CA GLU F 427 -49.54 9.57 5.24
C GLU F 427 -49.19 10.09 6.63
N TRP F 428 -50.23 10.53 7.35
CA TRP F 428 -50.07 11.02 8.70
C TRP F 428 -49.93 9.81 9.59
N ASP F 429 -50.73 8.80 9.26
CA ASP F 429 -50.76 7.54 9.97
C ASP F 429 -49.36 6.92 10.09
N MET F 430 -48.54 7.02 9.04
CA MET F 430 -47.20 6.43 9.11
C MET F 430 -46.09 7.31 9.71
N PHE F 431 -46.06 8.61 9.38
CA PHE F 431 -45.07 9.57 9.90
C PHE F 431 -45.06 9.74 11.44
N ARG F 432 -46.09 9.22 12.11
CA ARG F 432 -46.23 9.34 13.57
C ARG F 432 -46.09 8.03 14.36
N THR F 433 -46.01 6.91 13.65
CA THR F 433 -45.84 5.62 14.29
C THR F 433 -44.37 5.36 14.15
N GLN F 434 -43.79 6.04 13.16
CA GLN F 434 -42.37 5.95 12.85
C GLN F 434 -41.58 6.50 14.01
N VAL F 435 -40.27 6.30 13.97
CA VAL F 435 -39.39 6.85 14.99
C VAL F 435 -38.28 7.49 14.21
N HIS F 436 -38.15 8.79 14.39
CA HIS F 436 -37.18 9.57 13.67
C HIS F 436 -35.92 9.81 14.46
N PRO F 437 -34.77 9.82 13.78
CA PRO F 437 -33.52 10.05 14.51
C PRO F 437 -33.77 11.06 15.62
N TRP F 438 -34.32 12.21 15.25
CA TRP F 438 -34.57 13.26 16.20
C TRP F 438 -35.03 12.74 17.54
N GLU F 439 -36.08 11.91 17.55
CA GLU F 439 -36.57 11.37 18.80
C GLU F 439 -35.48 10.63 19.58
N ARG F 440 -34.67 9.86 18.85
CA ARG F 440 -33.61 9.06 19.47
C ARG F 440 -32.40 9.76 20.09
N GLU F 441 -32.02 10.91 19.57
CA GLU F 441 -30.88 11.56 20.16
C GLU F 441 -31.19 12.19 21.51
N GLN F 442 -32.40 12.74 21.65
CA GLN F 442 -32.82 13.37 22.91
C GLN F 442 -32.95 12.37 24.05
N TYR F 443 -33.88 11.43 23.83
CA TYR F 443 -34.29 10.39 24.76
C TYR F 443 -33.39 9.16 24.96
N MET F 444 -32.20 9.11 24.33
CA MET F 444 -31.31 7.95 24.48
C MET F 444 -30.30 8.05 25.62
N SER F 445 -29.92 9.28 25.96
CA SER F 445 -28.96 9.55 27.03
C SER F 445 -29.67 10.16 28.25
N GLN F 446 -30.79 10.83 27.98
CA GLN F 446 -31.62 11.53 28.96
C GLN F 446 -32.67 10.70 29.70
N TYR F 447 -33.31 9.80 28.93
CA TYR F 447 -34.38 8.89 29.37
C TYR F 447 -34.02 7.41 29.25
N ALA G 5 16.23 60.71 -34.20
CA ALA G 5 15.55 59.48 -33.71
C ALA G 5 15.55 58.42 -34.81
N LYS G 6 14.94 57.27 -34.55
CA LYS G 6 14.87 56.21 -35.58
C LYS G 6 13.39 55.85 -35.87
N TYR G 7 12.49 56.46 -35.09
CA TYR G 7 11.05 56.30 -35.23
C TYR G 7 10.45 57.68 -35.06
N THR G 8 9.42 58.00 -35.80
CA THR G 8 8.82 59.30 -35.62
C THR G 8 7.38 58.97 -35.32
N ARG G 9 6.73 59.84 -34.55
CA ARG G 9 5.35 59.61 -34.13
C ARG G 9 4.51 58.92 -35.20
N GLU G 10 4.73 59.25 -36.46
CA GLU G 10 3.96 58.62 -37.52
C GLU G 10 4.56 57.23 -37.82
N ASP G 11 5.87 57.06 -37.61
CA ASP G 11 6.51 55.77 -37.83
C ASP G 11 5.83 54.75 -36.91
N ILE G 12 5.91 55.01 -35.59
CA ILE G 12 5.35 54.14 -34.55
C ILE G 12 3.95 53.63 -34.83
N GLU G 13 3.01 54.55 -34.68
CA GLU G 13 1.60 54.27 -34.86
C GLU G 13 1.40 53.28 -35.99
N LYS G 14 1.73 53.71 -37.20
CA LYS G 14 1.57 52.84 -38.36
C LYS G 14 2.10 51.47 -37.97
N LEU G 15 3.35 51.39 -37.49
CA LEU G 15 3.87 50.08 -37.08
C LEU G 15 2.90 49.41 -36.12
N VAL G 16 2.32 50.17 -35.17
CA VAL G 16 1.34 49.60 -34.21
C VAL G 16 0.17 48.99 -34.96
N LYS G 17 -0.39 49.83 -35.82
CA LYS G 17 -1.53 49.50 -36.67
C LYS G 17 -1.32 48.18 -37.41
N GLU G 18 -0.34 48.16 -38.31
CA GLU G 18 -0.08 46.94 -39.05
C GLU G 18 0.29 45.75 -38.16
N GLU G 19 0.65 46.01 -36.91
CA GLU G 19 1.03 44.93 -35.99
C GLU G 19 -0.05 44.57 -34.96
N ASN G 20 -1.28 45.02 -35.17
CA ASN G 20 -2.38 44.76 -34.23
C ASN G 20 -1.76 44.67 -32.84
N VAL G 21 -1.44 45.84 -32.30
CA VAL G 21 -0.86 45.97 -30.98
C VAL G 21 -2.05 46.29 -30.10
N LYS G 22 -2.02 45.78 -28.87
CA LYS G 22 -3.12 46.00 -27.94
C LYS G 22 -2.67 46.28 -26.49
N TYR G 23 -1.41 46.03 -26.18
CA TYR G 23 -0.92 46.29 -24.85
C TYR G 23 0.47 46.94 -24.84
N ILE G 24 0.57 48.11 -24.20
CA ILE G 24 1.84 48.84 -24.11
C ILE G 24 2.34 49.07 -22.69
N ARG G 25 3.57 48.63 -22.42
CA ARG G 25 4.18 48.78 -21.10
C ARG G 25 5.14 49.95 -21.11
N LEU G 26 4.74 51.06 -20.52
CA LEU G 26 5.62 52.24 -20.43
C LEU G 26 6.54 51.88 -19.30
N GLN G 27 7.75 51.47 -19.62
CA GLN G 27 8.57 51.01 -18.54
C GLN G 27 9.75 51.88 -18.16
N PHE G 28 10.13 51.81 -16.89
CA PHE G 28 11.24 52.61 -16.41
C PHE G 28 12.23 51.85 -15.56
N THR G 29 12.93 52.51 -14.64
CA THR G 29 13.92 51.79 -13.82
C THR G 29 14.05 52.54 -12.51
N ASP G 30 13.87 51.85 -11.39
CA ASP G 30 13.92 52.52 -10.10
C ASP G 30 15.32 52.79 -9.56
N ILE G 31 15.43 52.93 -8.25
CA ILE G 31 16.69 53.23 -7.57
C ILE G 31 17.39 51.93 -7.18
N LEU G 32 16.62 50.85 -7.12
CA LEU G 32 17.12 49.52 -6.78
C LEU G 32 17.47 48.78 -8.08
N GLY G 33 17.22 49.45 -9.21
CA GLY G 33 17.52 48.87 -10.50
C GLY G 33 16.56 47.81 -10.99
N THR G 34 15.49 47.55 -10.23
CA THR G 34 14.50 46.55 -10.62
C THR G 34 13.53 47.18 -11.62
N ILE G 35 13.37 46.54 -12.79
CA ILE G 35 12.52 47.09 -13.83
C ILE G 35 11.01 47.26 -13.57
N LYS G 36 10.59 48.52 -13.43
CA LYS G 36 9.19 48.90 -13.19
C LYS G 36 8.53 49.38 -14.48
N ASN G 37 7.20 49.43 -14.46
CA ASN G 37 6.39 49.85 -15.59
C ASN G 37 4.93 50.13 -15.18
N VAL G 38 4.31 51.06 -15.89
CA VAL G 38 2.89 51.39 -15.70
C VAL G 38 2.35 50.87 -17.05
N GLU G 39 1.36 49.98 -17.05
CA GLU G 39 0.87 49.43 -18.33
C GLU G 39 -0.48 49.86 -18.92
N ILE G 40 -0.42 50.44 -20.12
CA ILE G 40 -1.62 50.92 -20.82
C ILE G 40 -2.01 50.07 -22.06
N PRO G 41 -3.30 50.17 -22.50
CA PRO G 41 -3.83 49.44 -23.67
C PRO G 41 -3.48 50.27 -24.93
N VAL G 42 -3.36 49.66 -26.11
CA VAL G 42 -2.98 50.53 -27.24
C VAL G 42 -3.91 51.73 -27.42
N SER G 43 -5.10 51.66 -26.87
CA SER G 43 -6.01 52.77 -27.09
C SER G 43 -5.52 54.07 -26.47
N GLN G 44 -4.54 53.97 -25.57
CA GLN G 44 -3.96 55.18 -24.95
C GLN G 44 -2.56 55.55 -25.50
N LEU G 45 -2.17 54.93 -26.60
CA LEU G 45 -0.86 55.19 -27.20
C LEU G 45 -0.74 56.68 -27.43
N GLY G 46 -1.86 57.29 -27.81
CA GLY G 46 -1.89 58.71 -28.09
C GLY G 46 -1.54 59.57 -26.90
N LYS G 47 -2.29 59.40 -25.81
CA LYS G 47 -2.01 60.19 -24.62
C LYS G 47 -0.63 59.80 -24.11
N ALA G 48 -0.19 58.61 -24.50
CA ALA G 48 1.12 58.11 -24.06
C ALA G 48 2.21 59.03 -24.55
N LEU G 49 2.40 59.01 -25.87
CA LEU G 49 3.39 59.78 -26.63
C LEU G 49 3.15 61.29 -26.68
N ASP G 50 2.07 61.75 -26.06
CA ASP G 50 1.85 63.18 -26.02
C ASP G 50 2.41 63.55 -24.67
N ASN G 51 3.19 62.64 -24.11
CA ASN G 51 3.81 62.83 -22.79
C ASN G 51 2.78 63.22 -21.73
N LYS G 52 1.51 62.92 -21.98
CA LYS G 52 0.43 63.28 -21.05
C LYS G 52 -0.01 62.20 -20.05
N VAL G 53 0.74 61.11 -19.95
CA VAL G 53 0.44 60.00 -19.02
C VAL G 53 0.94 60.41 -17.65
N MET G 54 0.41 59.80 -16.60
CA MET G 54 0.90 60.13 -15.25
C MET G 54 1.04 58.91 -14.35
N PHE G 55 1.81 59.04 -13.26
CA PHE G 55 1.98 57.93 -12.32
C PHE G 55 2.49 58.40 -10.96
N ASP G 56 2.55 57.47 -10.01
CA ASP G 56 3.05 57.77 -8.67
C ASP G 56 4.54 57.57 -8.73
N GLY G 57 5.28 58.66 -8.87
CA GLY G 57 6.73 58.59 -8.97
C GLY G 57 7.52 58.12 -7.77
N SER G 58 6.92 58.11 -6.58
CA SER G 58 7.63 57.67 -5.36
C SER G 58 7.84 56.15 -5.40
N SER G 59 7.60 55.59 -6.58
CA SER G 59 7.70 54.18 -6.82
C SER G 59 9.01 53.89 -7.54
N ILE G 60 9.89 54.87 -7.51
CA ILE G 60 11.19 54.75 -8.15
C ILE G 60 12.13 54.55 -6.98
N GLU G 61 11.78 55.17 -5.87
CA GLU G 61 12.55 55.12 -4.63
C GLU G 61 12.45 53.79 -3.87
N GLY G 62 12.24 52.69 -4.56
CA GLY G 62 12.15 51.42 -3.86
C GLY G 62 11.19 51.46 -2.68
N PHE G 63 11.41 50.54 -1.75
CA PHE G 63 10.59 50.42 -0.54
C PHE G 63 10.70 51.58 0.46
N VAL G 64 11.56 52.55 0.16
CA VAL G 64 11.75 53.71 1.03
C VAL G 64 10.97 54.95 0.59
N ARG G 65 9.87 54.74 -0.12
CA ARG G 65 9.05 55.85 -0.57
C ARG G 65 8.38 56.51 0.66
N ILE G 66 7.84 57.72 0.52
CA ILE G 66 7.20 58.39 1.65
C ILE G 66 5.90 59.15 1.43
N GLU G 67 5.72 59.71 0.22
CA GLU G 67 4.53 60.49 -0.12
C GLU G 67 4.25 60.50 -1.64
N GLU G 68 3.42 59.56 -2.10
CA GLU G 68 3.06 59.42 -3.52
C GLU G 68 3.15 60.78 -4.20
N SER G 69 3.84 60.85 -5.33
CA SER G 69 4.00 62.11 -6.02
C SER G 69 3.96 62.02 -7.55
N ASP G 70 2.91 62.59 -8.13
CA ASP G 70 2.62 62.59 -9.56
C ASP G 70 3.68 63.00 -10.58
N MET G 71 4.21 62.03 -11.28
CA MET G 71 5.22 62.31 -12.29
C MET G 71 4.73 61.98 -13.69
N TYR G 72 5.33 62.66 -14.67
CA TYR G 72 4.99 62.42 -16.06
C TYR G 72 6.02 61.49 -16.66
N LEU G 73 5.55 60.61 -17.53
CA LEU G 73 6.40 59.63 -18.16
C LEU G 73 6.52 59.93 -19.63
N TYR G 74 7.64 60.53 -20.02
CA TYR G 74 7.87 60.78 -21.44
C TYR G 74 8.54 59.53 -21.95
N PRO G 75 8.11 59.04 -23.11
CA PRO G 75 8.75 57.83 -23.61
C PRO G 75 9.82 58.17 -24.65
N ASP G 76 11.00 57.54 -24.54
CA ASP G 76 12.08 57.72 -25.51
C ASP G 76 11.53 56.89 -26.67
N LEU G 77 11.21 57.56 -27.78
CA LEU G 77 10.62 56.94 -28.98
C LEU G 77 11.47 55.87 -29.68
N ASN G 78 12.73 55.82 -29.32
CA ASN G 78 13.67 54.93 -29.96
C ASN G 78 13.82 53.57 -29.27
N THR G 79 13.46 53.57 -27.99
CA THR G 79 13.50 52.38 -27.17
C THR G 79 12.11 51.78 -27.22
N PHE G 80 11.61 51.60 -28.44
CA PHE G 80 10.31 51.01 -28.64
C PHE G 80 10.58 49.62 -29.18
N VAL G 81 9.79 48.67 -28.73
CA VAL G 81 9.98 47.30 -29.15
C VAL G 81 8.65 46.59 -29.03
N ILE G 82 8.52 45.54 -29.84
CA ILE G 82 7.32 44.73 -29.85
C ILE G 82 7.81 43.34 -29.54
N PHE G 83 7.54 42.94 -28.32
CA PHE G 83 7.94 41.65 -27.84
C PHE G 83 7.41 40.57 -28.75
N PRO G 84 8.28 39.59 -29.06
CA PRO G 84 7.95 38.45 -29.91
C PRO G 84 6.99 37.50 -29.20
N TRP G 85 7.11 37.43 -27.88
CA TRP G 85 6.30 36.50 -27.09
C TRP G 85 4.83 36.79 -26.87
N THR G 86 4.52 37.92 -26.29
CA THR G 86 3.14 38.22 -26.00
C THR G 86 2.04 37.80 -26.95
N ALA G 87 1.89 38.52 -28.06
CA ALA G 87 0.87 38.24 -29.08
C ALA G 87 -0.17 37.23 -28.68
N GLU G 88 -1.22 37.62 -27.97
CA GLU G 88 -2.20 36.61 -27.59
C GLU G 88 -3.57 37.20 -27.28
N LYS G 89 -3.92 38.19 -28.10
CA LYS G 89 -5.14 38.97 -28.07
C LYS G 89 -4.52 40.29 -28.50
N GLY G 90 -3.45 40.14 -29.30
CA GLY G 90 -2.67 41.26 -29.82
C GLY G 90 -1.20 41.03 -29.47
N LYS G 91 -0.27 41.91 -29.86
CA LYS G 91 1.13 41.72 -29.49
C LYS G 91 1.43 42.67 -28.36
N VAL G 92 2.55 42.49 -27.68
CA VAL G 92 2.82 43.37 -26.55
C VAL G 92 4.15 44.10 -26.62
N ALA G 93 4.02 45.40 -26.89
CA ALA G 93 5.13 46.32 -27.03
C ALA G 93 5.51 47.03 -25.75
N ARG G 94 6.35 48.06 -25.89
CA ARG G 94 6.83 48.86 -24.76
C ARG G 94 7.54 50.14 -25.22
N PHE G 95 8.03 50.90 -24.26
CA PHE G 95 8.83 52.12 -24.46
C PHE G 95 9.53 52.36 -23.11
N ILE G 96 10.72 52.94 -23.14
CA ILE G 96 11.47 53.23 -21.92
C ILE G 96 11.31 54.70 -21.68
N CYS G 97 11.02 55.11 -20.46
CA CYS G 97 10.78 56.51 -20.27
C CYS G 97 11.62 57.32 -19.33
N ASP G 98 11.51 58.63 -19.52
CA ASP G 98 12.16 59.63 -18.69
C ASP G 98 11.03 60.01 -17.75
N ILE G 99 11.39 60.39 -16.54
CA ILE G 99 10.41 60.72 -15.51
C ILE G 99 10.36 62.20 -15.21
N TYR G 100 9.25 62.85 -15.56
CA TYR G 100 9.18 64.28 -15.34
C TYR G 100 8.37 64.86 -14.19
N ASN G 101 8.98 65.82 -13.48
CA ASN G 101 8.36 66.52 -12.36
C ASN G 101 7.15 67.12 -12.97
N PRO G 102 6.25 67.61 -12.14
CA PRO G 102 5.08 68.17 -12.80
C PRO G 102 5.43 69.30 -13.74
N ASP G 103 6.27 70.23 -13.31
CA ASP G 103 6.57 71.37 -14.19
C ASP G 103 7.55 71.24 -15.35
N GLY G 104 7.24 70.33 -16.27
CA GLY G 104 8.04 70.13 -17.47
C GLY G 104 9.54 69.97 -17.37
N THR G 105 10.04 69.88 -16.13
CA THR G 105 11.46 69.71 -15.89
C THR G 105 11.70 68.22 -15.62
N PRO G 106 12.92 67.72 -15.88
CA PRO G 106 13.20 66.30 -15.65
C PRO G 106 13.00 65.94 -14.19
N PHE G 107 13.20 64.68 -13.85
CA PHE G 107 13.09 64.29 -12.46
C PHE G 107 14.55 64.02 -12.12
N GLU G 108 15.13 64.90 -11.31
CA GLU G 108 16.52 64.74 -10.96
C GLU G 108 16.72 63.44 -10.24
N GLY G 109 15.62 62.72 -10.02
CA GLY G 109 15.68 61.45 -9.33
C GLY G 109 15.66 60.25 -10.24
N ASP G 110 15.60 60.45 -11.56
CA ASP G 110 15.57 59.32 -12.50
C ASP G 110 16.97 58.77 -12.71
N PRO G 111 17.13 57.45 -12.56
CA PRO G 111 18.44 56.86 -12.76
C PRO G 111 18.87 57.06 -14.21
N ARG G 112 17.88 57.17 -15.10
CA ARG G 112 18.16 57.35 -16.52
C ARG G 112 18.46 58.78 -16.85
N ASN G 113 17.76 59.69 -16.20
CA ASN G 113 18.00 61.08 -16.44
C ASN G 113 19.29 61.45 -15.74
N ASN G 114 19.39 61.08 -14.47
CA ASN G 114 20.58 61.38 -13.69
C ASN G 114 21.78 61.14 -14.55
N LEU G 115 21.65 60.17 -15.43
CA LEU G 115 22.70 59.78 -16.37
C LEU G 115 22.81 60.71 -17.58
N LYS G 116 21.66 61.17 -18.09
CA LYS G 116 21.67 62.10 -19.22
C LYS G 116 22.05 63.44 -18.61
N ARG G 117 22.11 63.45 -17.28
CA ARG G 117 22.45 64.65 -16.52
C ARG G 117 23.97 64.72 -16.31
N ILE G 118 24.58 63.55 -16.16
CA ILE G 118 26.01 63.42 -15.95
C ILE G 118 26.69 63.32 -17.28
N LEU G 119 25.91 63.03 -18.32
CA LEU G 119 26.48 62.96 -19.64
C LEU G 119 26.47 64.42 -20.06
N LYS G 120 25.45 65.16 -19.62
CA LYS G 120 25.40 66.60 -19.91
C LYS G 120 26.62 67.19 -19.22
N GLU G 121 27.04 66.55 -18.11
CA GLU G 121 28.21 66.98 -17.37
C GLU G 121 29.31 66.85 -18.41
N MET G 122 29.35 65.69 -19.05
CA MET G 122 30.35 65.40 -20.07
C MET G 122 30.47 66.40 -21.25
N GLU G 123 29.44 66.54 -22.09
CA GLU G 123 29.56 67.44 -23.24
C GLU G 123 30.01 68.82 -22.79
N ASP G 124 29.64 69.24 -21.58
CA ASP G 124 30.05 70.56 -21.13
C ASP G 124 31.55 70.56 -21.34
N LEU G 125 32.21 69.57 -20.75
CA LEU G 125 33.66 69.43 -20.84
C LEU G 125 34.32 69.33 -22.22
N GLY G 126 33.54 69.01 -23.25
CA GLY G 126 34.12 68.90 -24.56
C GLY G 126 33.92 67.54 -25.23
N PHE G 127 33.75 66.49 -24.45
CA PHE G 127 33.52 65.17 -25.03
C PHE G 127 32.09 65.10 -25.51
N SER G 128 31.81 64.12 -26.37
CA SER G 128 30.47 63.96 -26.92
C SER G 128 29.92 62.63 -26.54
N ASP G 129 30.72 61.61 -26.79
CA ASP G 129 30.32 60.23 -26.58
C ASP G 129 30.97 59.31 -25.57
N PHE G 130 30.15 58.86 -24.63
CA PHE G 130 30.54 57.89 -23.64
C PHE G 130 29.87 56.63 -24.23
N ASN G 131 30.61 55.52 -24.25
CA ASN G 131 30.13 54.25 -24.83
C ASN G 131 30.36 53.03 -23.93
N LEU G 132 29.45 52.07 -24.00
CA LEU G 132 29.59 50.94 -23.11
C LEU G 132 29.50 49.52 -23.64
N GLY G 133 30.66 48.92 -23.91
CA GLY G 133 30.63 47.53 -24.32
C GLY G 133 30.55 46.78 -22.98
N PRO G 134 29.48 46.01 -22.68
CA PRO G 134 29.40 45.30 -21.39
C PRO G 134 29.56 43.79 -21.47
N GLU G 135 29.95 43.17 -20.35
CA GLU G 135 30.18 41.71 -20.20
C GLU G 135 29.31 41.06 -19.07
N PRO G 136 27.98 40.93 -19.25
CA PRO G 136 27.08 40.36 -18.24
C PRO G 136 26.83 38.82 -18.17
N GLU G 137 27.37 38.20 -17.12
CA GLU G 137 27.21 36.75 -16.90
C GLU G 137 25.89 36.49 -16.17
N PHE G 138 25.40 35.26 -16.23
CA PHE G 138 24.16 34.90 -15.56
C PHE G 138 24.10 33.39 -15.42
N PHE G 139 23.71 32.88 -14.25
CA PHE G 139 23.62 31.43 -14.14
C PHE G 139 22.31 30.96 -14.73
N LEU G 140 22.12 29.64 -14.71
CA LEU G 140 20.91 29.02 -15.22
C LEU G 140 20.67 27.83 -14.33
N PHE G 141 19.70 27.96 -13.43
CA PHE G 141 19.34 26.89 -12.49
C PHE G 141 18.15 26.07 -12.98
N LYS G 142 18.25 24.74 -12.91
CA LYS G 142 17.16 23.88 -13.35
C LYS G 142 15.96 24.08 -12.43
N LEU G 143 14.78 24.06 -13.04
CA LEU G 143 13.50 24.23 -12.33
C LEU G 143 12.87 22.85 -12.14
N ASP G 144 12.00 22.71 -11.14
CA ASP G 144 11.36 21.42 -10.83
C ASP G 144 9.87 21.33 -11.17
N GLU G 145 9.28 20.19 -10.78
CA GLU G 145 7.86 19.88 -10.99
C GLU G 145 6.79 20.89 -10.50
N LYS G 146 7.18 21.83 -9.62
CA LYS G 146 6.23 22.84 -9.15
C LYS G 146 6.35 24.14 -9.95
N GLY G 147 7.51 24.33 -10.59
CA GLY G 147 7.74 25.53 -11.39
C GLY G 147 8.71 26.51 -10.73
N GLU G 148 9.14 26.18 -9.51
CA GLU G 148 10.07 27.03 -8.76
C GLU G 148 11.52 26.61 -9.01
N PRO G 149 12.47 27.56 -8.84
CA PRO G 149 13.87 27.24 -9.07
C PRO G 149 14.48 26.35 -8.02
N THR G 150 15.40 25.51 -8.44
CA THR G 150 16.10 24.63 -7.51
C THR G 150 17.56 25.02 -7.69
N LEU G 151 18.43 24.47 -6.87
CA LEU G 151 19.86 24.78 -6.92
C LEU G 151 20.63 23.78 -7.77
N GLU G 152 19.98 23.27 -8.80
CA GLU G 152 20.63 22.32 -9.70
C GLU G 152 21.13 23.19 -10.84
N LEU G 153 22.33 22.89 -11.35
CA LEU G 153 22.90 23.64 -12.47
C LEU G 153 22.51 23.00 -13.79
N ASN G 154 22.19 23.84 -14.77
CA ASN G 154 21.78 23.39 -16.09
C ASN G 154 22.69 22.39 -16.81
N ASP G 155 23.99 22.57 -16.63
CA ASP G 155 24.96 21.71 -17.27
C ASP G 155 26.30 21.73 -16.59
N LYS G 156 27.16 20.84 -17.07
CA LYS G 156 28.50 20.75 -16.56
C LYS G 156 29.33 21.04 -17.80
N GLY G 157 29.82 22.27 -17.82
CA GLY G 157 30.65 22.77 -18.89
C GLY G 157 31.55 23.71 -18.14
N GLY G 158 32.69 24.06 -18.72
CA GLY G 158 33.61 24.96 -18.03
C GLY G 158 33.75 26.24 -18.81
N TYR G 159 34.89 26.92 -18.68
CA TYR G 159 35.15 28.19 -19.35
C TYR G 159 34.53 28.18 -20.72
N PHE G 160 35.33 28.39 -21.75
CA PHE G 160 34.73 28.44 -23.06
C PHE G 160 34.13 27.21 -23.72
N ASP G 161 33.88 26.15 -22.99
CA ASP G 161 33.34 24.92 -23.58
C ASP G 161 32.32 24.83 -24.74
N LEU G 162 32.22 23.61 -25.28
CA LEU G 162 31.34 23.31 -26.43
C LEU G 162 29.83 23.08 -26.23
N ALA G 163 29.38 21.82 -26.28
CA ALA G 163 27.95 21.51 -26.19
C ALA G 163 27.12 21.46 -24.89
N PRO G 164 27.75 21.42 -23.70
CA PRO G 164 27.06 21.33 -22.39
C PRO G 164 25.52 21.47 -22.35
N THR G 165 24.82 20.32 -22.38
CA THR G 165 23.33 20.23 -22.38
C THR G 165 22.69 21.19 -23.41
N ASP G 166 21.56 20.80 -24.01
CA ASP G 166 20.92 21.64 -25.02
C ASP G 166 20.08 22.76 -24.38
N LEU G 167 19.96 22.70 -23.04
CA LEU G 167 19.22 23.68 -22.24
C LEU G 167 20.00 24.99 -22.11
N GLY G 168 21.29 24.92 -22.39
CA GLY G 168 22.15 26.10 -22.34
C GLY G 168 22.64 26.21 -23.77
N GLU G 169 23.22 25.11 -24.25
CA GLU G 169 23.73 25.00 -25.62
C GLU G 169 22.69 25.60 -26.56
N ASN G 170 21.41 25.33 -26.32
CA ASN G 170 20.40 25.94 -27.17
C ASN G 170 19.55 26.94 -26.38
N CYS G 171 20.11 27.45 -25.28
CA CYS G 171 19.42 28.50 -24.53
C CYS G 171 20.22 29.72 -24.95
N ARG G 172 21.54 29.68 -24.75
CA ARG G 172 22.37 30.80 -25.18
C ARG G 172 22.13 30.98 -26.66
N ARG G 173 21.46 29.99 -27.26
CA ARG G 173 21.12 30.04 -28.68
C ARG G 173 19.74 30.64 -28.82
N ASP G 174 18.75 30.03 -28.18
CA ASP G 174 17.41 30.56 -28.31
C ASP G 174 17.41 31.99 -27.79
N ILE G 175 18.26 32.30 -26.82
CA ILE G 175 18.32 33.67 -26.35
C ILE G 175 18.90 34.47 -27.52
N VAL G 176 20.12 34.12 -27.91
CA VAL G 176 20.84 34.79 -28.99
C VAL G 176 20.10 34.94 -30.32
N LEU G 177 19.58 33.85 -30.90
CA LEU G 177 18.83 33.99 -32.15
C LEU G 177 17.61 34.89 -31.90
N GLU G 178 17.08 34.85 -30.68
CA GLU G 178 15.94 35.67 -30.22
C GLU G 178 16.35 37.12 -30.01
N LEU G 179 17.38 37.32 -29.19
CA LEU G 179 17.91 38.64 -28.90
C LEU G 179 18.19 39.43 -30.16
N GLU G 180 18.39 38.69 -31.25
CA GLU G 180 18.67 39.25 -32.56
C GLU G 180 17.40 39.81 -33.15
N GLU G 181 16.29 39.11 -32.95
CA GLU G 181 15.01 39.57 -33.46
C GLU G 181 14.56 40.92 -32.89
N MET G 182 15.33 41.43 -31.95
CA MET G 182 15.07 42.72 -31.34
C MET G 182 16.36 43.54 -31.43
N GLY G 183 16.63 44.02 -32.64
CA GLY G 183 17.79 44.84 -32.93
C GLY G 183 18.96 44.74 -31.97
N PHE G 184 19.35 43.52 -31.63
CA PHE G 184 20.48 43.37 -30.74
C PHE G 184 21.72 43.22 -31.61
N GLU G 185 22.77 43.95 -31.26
CA GLU G 185 24.03 43.90 -32.01
C GLU G 185 25.00 43.02 -31.20
N ILE G 186 24.58 41.79 -30.84
CA ILE G 186 25.42 40.91 -30.02
C ILE G 186 26.71 40.27 -30.56
N GLU G 187 27.84 40.61 -29.95
CA GLU G 187 29.13 40.07 -30.39
C GLU G 187 29.14 38.56 -30.20
N ALA G 188 29.91 38.06 -29.23
CA ALA G 188 30.00 36.61 -29.04
C ALA G 188 29.67 35.96 -27.68
N SER G 189 28.90 34.88 -27.79
CA SER G 189 28.47 34.08 -26.65
C SER G 189 29.51 32.99 -26.40
N HIS G 190 29.57 32.51 -25.17
CA HIS G 190 30.47 31.43 -24.80
C HIS G 190 30.08 30.98 -23.40
N HIS G 191 30.43 29.76 -23.03
CA HIS G 191 30.06 29.25 -21.70
C HIS G 191 31.06 29.75 -20.64
N GLU G 192 30.60 30.14 -19.44
CA GLU G 192 31.57 30.61 -18.43
C GLU G 192 31.86 29.64 -17.25
N VAL G 193 33.15 29.53 -16.93
CA VAL G 193 33.73 28.66 -15.90
C VAL G 193 32.81 27.91 -14.94
N ALA G 194 32.20 28.61 -13.99
CA ALA G 194 31.33 27.93 -13.02
C ALA G 194 30.12 27.32 -13.72
N PRO G 195 29.96 25.98 -13.58
CA PRO G 195 28.89 25.15 -14.14
C PRO G 195 27.56 25.87 -14.18
N GLY G 196 27.10 26.18 -15.38
CA GLY G 196 25.84 26.88 -15.49
C GLY G 196 26.08 28.30 -15.90
N GLN G 197 27.20 28.87 -15.51
CA GLN G 197 27.47 30.25 -15.86
C GLN G 197 27.53 30.54 -17.39
N HIS G 198 26.81 31.58 -17.80
CA HIS G 198 26.74 32.00 -19.22
C HIS G 198 27.10 33.45 -19.47
N GLU G 199 27.44 33.74 -20.72
CA GLU G 199 27.84 35.08 -21.07
C GLU G 199 27.43 35.41 -22.50
N ILE G 200 26.80 36.56 -22.65
CA ILE G 200 26.39 37.04 -23.95
C ILE G 200 27.10 38.38 -24.00
N ASP G 201 27.96 38.55 -25.00
CA ASP G 201 28.73 39.77 -25.12
C ASP G 201 28.34 40.59 -26.32
N PHE G 202 27.79 41.76 -26.01
CA PHE G 202 27.27 42.62 -27.05
C PHE G 202 27.84 43.96 -27.37
N LYS G 203 28.03 44.13 -28.68
CA LYS G 203 28.54 45.35 -29.28
C LYS G 203 28.30 46.58 -28.43
N TYR G 204 29.38 47.33 -28.24
CA TYR G 204 29.38 48.54 -27.44
C TYR G 204 28.45 49.63 -28.00
N ALA G 205 28.02 50.58 -27.15
CA ALA G 205 27.10 51.67 -27.56
C ALA G 205 27.06 52.82 -26.57
N GLY G 206 26.15 53.76 -26.80
CA GLY G 206 26.01 54.91 -25.93
C GLY G 206 25.58 54.49 -24.54
N ALA G 207 26.15 55.11 -23.52
CA ALA G 207 25.82 54.78 -22.13
C ALA G 207 24.34 54.50 -21.95
N VAL G 208 23.51 55.42 -22.45
CA VAL G 208 22.05 55.34 -22.37
C VAL G 208 21.46 54.21 -23.19
N ARG G 209 22.03 53.99 -24.37
CA ARG G 209 21.56 52.89 -25.22
C ARG G 209 21.99 51.60 -24.51
N SER G 210 23.16 51.68 -23.88
CA SER G 210 23.79 50.58 -23.17
C SER G 210 23.15 49.99 -21.91
N CYS G 211 22.84 50.82 -20.93
CA CYS G 211 22.22 50.35 -19.67
C CYS G 211 20.73 50.09 -19.89
N ASP G 212 20.29 50.45 -21.09
CA ASP G 212 18.93 50.31 -21.54
C ASP G 212 18.83 48.96 -22.20
N ASP G 213 19.73 48.71 -23.15
CA ASP G 213 19.72 47.42 -23.83
C ASP G 213 20.11 46.37 -22.84
N ILE G 214 20.61 46.81 -21.68
CA ILE G 214 20.96 45.92 -20.56
C ILE G 214 19.68 45.54 -19.78
N GLN G 215 18.94 46.54 -19.32
CA GLN G 215 17.69 46.25 -18.60
C GLN G 215 16.90 45.40 -19.57
N THR G 216 16.75 45.85 -20.80
CA THR G 216 16.03 45.05 -21.78
C THR G 216 16.50 43.62 -21.52
N PHE G 217 17.77 43.39 -21.78
CA PHE G 217 18.41 42.09 -21.61
C PHE G 217 17.94 41.14 -20.48
N LYS G 218 17.86 41.62 -19.23
CA LYS G 218 17.42 40.76 -18.13
C LYS G 218 15.98 40.25 -18.28
N LEU G 219 15.05 41.16 -18.59
CA LEU G 219 13.65 40.77 -18.81
C LEU G 219 13.70 39.51 -19.67
N VAL G 220 14.22 39.72 -20.88
CA VAL G 220 14.36 38.70 -21.91
C VAL G 220 15.14 37.44 -21.51
N VAL G 221 16.33 37.61 -20.96
CA VAL G 221 17.11 36.47 -20.56
C VAL G 221 16.43 35.65 -19.48
N LYS G 222 15.44 36.23 -18.83
CA LYS G 222 14.71 35.52 -17.77
C LYS G 222 13.42 34.82 -18.25
N THR G 223 12.93 35.22 -19.43
CA THR G 223 11.72 34.67 -20.03
C THR G 223 11.98 33.41 -20.88
N ILE G 224 12.91 33.59 -21.81
CA ILE G 224 13.35 32.55 -22.74
C ILE G 224 14.12 31.52 -21.90
N ALA G 225 14.56 31.94 -20.72
CA ALA G 225 15.28 31.08 -19.80
C ALA G 225 14.22 30.22 -19.13
N ARG G 226 13.11 30.86 -18.80
CA ARG G 226 11.95 30.21 -18.15
C ARG G 226 11.06 29.43 -19.11
N LYS G 227 11.04 29.86 -20.38
CA LYS G 227 10.24 29.17 -21.38
C LYS G 227 10.93 27.83 -21.67
N HIS G 228 12.27 27.84 -21.55
CA HIS G 228 13.09 26.63 -21.76
C HIS G 228 13.11 25.66 -20.54
N GLY G 229 12.65 26.12 -19.38
CA GLY G 229 12.62 25.26 -18.20
C GLY G 229 13.59 25.46 -17.03
N LEU G 230 14.09 26.67 -16.82
CA LEU G 230 15.03 26.92 -15.74
C LEU G 230 14.99 28.38 -15.27
N HIS G 231 15.67 28.66 -14.16
CA HIS G 231 15.74 30.04 -13.64
C HIS G 231 17.09 30.62 -14.07
N ALA G 232 17.04 31.81 -14.63
CA ALA G 232 18.26 32.47 -15.08
C ALA G 232 18.58 33.51 -14.01
N THR G 233 19.35 33.12 -13.01
CA THR G 233 19.66 34.05 -11.93
C THR G 233 20.92 34.92 -12.12
N PHE G 234 20.74 36.23 -12.14
CA PHE G 234 21.84 37.19 -12.32
C PHE G 234 22.56 37.51 -11.04
N MET G 235 22.25 36.75 -9.99
CA MET G 235 22.82 36.91 -8.67
C MET G 235 24.34 36.78 -8.66
N PRO G 236 25.06 37.78 -8.10
CA PRO G 236 26.53 37.85 -8.00
C PRO G 236 27.30 36.58 -7.66
N LYS G 237 26.95 35.99 -6.52
CA LYS G 237 27.58 34.77 -6.00
C LYS G 237 26.41 33.94 -5.50
N PRO G 238 25.67 33.36 -6.44
CA PRO G 238 24.50 32.53 -6.15
C PRO G 238 24.93 31.40 -5.26
N LEU G 239 26.08 30.84 -5.62
CA LEU G 239 26.64 29.75 -4.87
C LEU G 239 28.03 30.09 -4.41
N PHE G 240 28.22 29.80 -3.13
CA PHE G 240 29.49 29.95 -2.48
C PHE G 240 30.13 28.66 -3.04
N GLY G 241 31.44 28.51 -2.90
CA GLY G 241 32.10 27.34 -3.43
C GLY G 241 32.47 27.64 -4.87
N VAL G 242 31.62 28.36 -5.59
CA VAL G 242 31.90 28.67 -6.99
C VAL G 242 31.95 30.15 -7.44
N ASN G 243 32.52 30.31 -8.64
CA ASN G 243 32.68 31.57 -9.36
C ASN G 243 31.39 32.36 -9.32
N GLY G 244 31.48 33.64 -9.59
CA GLY G 244 30.26 34.43 -9.57
C GLY G 244 30.03 35.11 -10.91
N SER G 245 28.80 35.50 -11.18
CA SER G 245 28.58 36.19 -12.41
C SER G 245 28.93 37.62 -12.07
N GLY G 246 29.65 38.26 -12.98
CA GLY G 246 30.07 39.64 -12.84
C GLY G 246 29.75 40.38 -14.11
N MET G 247 29.60 41.70 -13.99
CA MET G 247 29.25 42.58 -15.12
C MET G 247 30.36 43.59 -15.41
N HIS G 248 31.38 43.15 -16.15
CA HIS G 248 32.49 44.02 -16.50
C HIS G 248 31.93 45.09 -17.43
N CYS G 249 32.40 46.33 -17.26
CA CYS G 249 31.98 47.47 -18.10
C CYS G 249 33.24 47.96 -18.84
N ASN G 250 33.13 48.10 -20.17
CA ASN G 250 34.25 48.55 -21.02
C ASN G 250 34.09 50.03 -21.40
N LEU G 251 34.86 50.89 -20.74
CA LEU G 251 34.72 52.32 -20.97
C LEU G 251 35.55 52.91 -22.07
N SER G 252 35.01 53.92 -22.72
CA SER G 252 35.72 54.58 -23.83
C SER G 252 35.21 55.98 -24.16
N LEU G 253 35.99 57.02 -23.91
CA LEU G 253 35.51 58.38 -24.22
C LEU G 253 35.89 58.75 -25.65
N PHE G 254 34.96 59.40 -26.34
CA PHE G 254 35.16 59.85 -27.72
C PHE G 254 35.06 61.37 -27.62
N LYS G 255 35.32 62.08 -28.71
CA LYS G 255 35.23 63.54 -28.72
C LYS G 255 35.79 63.99 -30.04
N ASN G 256 34.96 64.63 -30.85
CA ASN G 256 35.34 65.06 -32.19
C ASN G 256 34.91 63.87 -33.04
N GLY G 257 34.69 62.75 -32.38
CA GLY G 257 34.31 61.54 -33.08
C GLY G 257 35.57 60.76 -33.33
N VAL G 258 36.44 60.74 -32.32
CA VAL G 258 37.72 60.03 -32.38
C VAL G 258 37.95 59.43 -31.00
N ASN G 259 38.65 58.32 -30.91
CA ASN G 259 38.84 57.82 -29.59
C ASN G 259 39.79 58.75 -28.92
N ALA G 260 39.43 59.12 -27.69
CA ALA G 260 40.20 60.05 -26.89
C ALA G 260 41.28 59.31 -26.13
N PHE G 261 41.03 58.05 -25.81
CA PHE G 261 42.00 57.25 -25.06
C PHE G 261 43.15 56.66 -25.92
N PHE G 262 42.98 56.66 -27.24
CA PHE G 262 44.00 56.15 -28.14
C PHE G 262 45.06 57.22 -28.42
N ASP G 263 46.34 56.86 -28.31
CA ASP G 263 47.39 57.82 -28.61
C ASP G 263 48.62 57.27 -29.30
N GLU G 264 48.48 57.12 -30.60
CA GLU G 264 49.51 56.61 -31.50
C GLU G 264 50.97 56.57 -31.00
N ASN G 265 51.53 57.72 -30.60
CA ASN G 265 52.93 57.78 -30.18
C ASN G 265 53.23 58.00 -28.70
N ALA G 266 52.36 57.51 -27.82
CA ALA G 266 52.56 57.68 -26.38
C ALA G 266 52.69 56.39 -25.58
N ASP G 267 52.81 56.54 -24.26
CA ASP G 267 52.96 55.42 -23.31
C ASP G 267 51.80 54.43 -23.20
N LEU G 268 51.90 53.36 -23.99
CA LEU G 268 50.91 52.30 -24.08
C LEU G 268 49.82 52.81 -25.01
N GLN G 269 50.21 53.66 -25.95
CA GLN G 269 49.26 54.22 -26.88
C GLN G 269 48.06 54.73 -26.11
N LEU G 270 48.34 55.20 -24.89
CA LEU G 270 47.32 55.75 -24.01
C LEU G 270 47.47 57.27 -23.90
N SER G 271 46.49 57.93 -24.49
CA SER G 271 46.36 59.38 -24.51
C SER G 271 46.37 59.89 -23.08
N GLU G 272 46.92 61.09 -22.88
CA GLU G 272 46.94 61.62 -21.54
C GLU G 272 45.55 61.54 -20.97
N THR G 273 44.58 62.08 -21.70
CA THR G 273 43.20 62.05 -21.22
C THR G 273 42.89 60.66 -20.62
N ALA G 274 43.46 59.64 -21.24
CA ALA G 274 43.24 58.27 -20.82
C ALA G 274 43.75 58.03 -19.40
N LYS G 275 44.92 58.54 -19.10
CA LYS G 275 45.53 58.38 -17.77
C LYS G 275 44.78 59.11 -16.64
N HIS G 276 44.05 60.14 -16.99
CA HIS G 276 43.28 60.87 -16.01
C HIS G 276 42.06 60.03 -15.73
N PHE G 277 41.40 59.62 -16.80
CA PHE G 277 40.23 58.80 -16.65
C PHE G 277 40.60 57.56 -15.86
N ILE G 278 41.82 57.06 -16.07
CA ILE G 278 42.30 55.87 -15.37
C ILE G 278 42.75 56.15 -13.94
N ALA G 279 43.34 57.33 -13.74
CA ALA G 279 43.84 57.73 -12.42
C ALA G 279 42.68 58.09 -11.47
N GLY G 280 41.68 58.81 -12.02
CA GLY G 280 40.51 59.23 -11.27
C GLY G 280 39.73 57.99 -10.86
N ILE G 281 39.38 57.17 -11.85
CA ILE G 281 38.65 55.92 -11.64
C ILE G 281 39.26 55.15 -10.44
N VAL G 282 40.58 55.20 -10.31
CA VAL G 282 41.22 54.51 -9.21
C VAL G 282 40.97 55.18 -7.86
N LYS G 283 40.81 56.51 -7.84
CA LYS G 283 40.58 57.30 -6.59
C LYS G 283 39.32 56.93 -5.77
N HIS G 284 38.17 57.04 -6.42
CA HIS G 284 36.85 56.78 -5.82
C HIS G 284 36.50 55.31 -5.82
N ALA G 285 37.36 54.47 -6.39
CA ALA G 285 37.10 53.04 -6.48
C ALA G 285 36.40 52.41 -5.27
N THR G 286 36.88 52.70 -4.06
CA THR G 286 36.27 52.13 -2.86
C THR G 286 35.09 52.94 -2.36
N SER G 287 34.74 53.99 -3.09
CA SER G 287 33.62 54.81 -2.70
C SER G 287 32.42 54.42 -3.52
N PHE G 288 32.60 54.37 -4.85
CA PHE G 288 31.48 53.99 -5.70
C PHE G 288 31.19 52.50 -5.79
N THR G 289 31.84 51.69 -4.96
CA THR G 289 31.58 50.26 -4.98
C THR G 289 30.12 50.07 -4.56
N ALA G 290 29.70 50.87 -3.57
CA ALA G 290 28.33 50.80 -3.05
C ALA G 290 27.37 50.67 -4.22
N VAL G 291 27.46 51.63 -5.12
CA VAL G 291 26.61 51.65 -6.31
C VAL G 291 26.87 50.51 -7.30
N THR G 292 28.14 50.30 -7.62
CA THR G 292 28.52 49.27 -8.59
C THR G 292 28.33 47.81 -8.13
N ASN G 293 28.56 47.54 -6.83
CA ASN G 293 28.36 46.20 -6.25
C ASN G 293 27.41 46.43 -5.08
N PRO G 294 26.15 46.84 -5.37
CA PRO G 294 25.03 47.18 -4.49
C PRO G 294 24.25 46.18 -3.67
N THR G 295 24.83 45.04 -3.34
CA THR G 295 24.06 44.12 -2.53
C THR G 295 24.94 43.33 -1.59
N VAL G 296 24.32 42.88 -0.51
CA VAL G 296 24.94 42.08 0.53
C VAL G 296 25.83 40.99 -0.09
N ASN G 297 25.27 40.25 -1.04
CA ASN G 297 25.91 39.15 -1.77
C ASN G 297 27.12 39.56 -2.64
N SER G 298 27.04 40.75 -3.24
CA SER G 298 28.12 41.26 -4.08
C SER G 298 29.48 41.02 -3.44
N TYR G 299 29.65 41.40 -2.18
CA TYR G 299 30.93 41.29 -1.49
C TYR G 299 31.37 39.93 -1.06
N LYS G 300 30.53 38.94 -1.31
CA LYS G 300 30.85 37.57 -1.01
C LYS G 300 31.40 37.06 -2.35
N ARG G 301 31.19 37.87 -3.39
CA ARG G 301 31.66 37.57 -4.74
C ARG G 301 33.13 37.98 -4.84
N LEU G 302 33.47 39.07 -4.17
CA LEU G 302 34.83 39.61 -4.15
C LEU G 302 35.66 38.91 -3.08
N VAL G 303 35.85 37.61 -3.28
CA VAL G 303 36.63 36.77 -2.36
C VAL G 303 37.91 36.34 -3.09
N PRO G 304 38.94 35.87 -2.34
CA PRO G 304 40.19 35.44 -2.98
C PRO G 304 40.19 34.29 -3.95
N GLY G 305 40.70 34.61 -5.13
CA GLY G 305 40.80 33.65 -6.20
C GLY G 305 39.77 33.99 -7.24
N TYR G 306 38.82 33.08 -7.43
CA TYR G 306 37.74 33.22 -8.40
C TYR G 306 37.79 34.50 -9.28
N GLU G 307 38.94 34.76 -9.89
CA GLU G 307 39.15 35.89 -10.80
C GLU G 307 38.67 37.32 -10.43
N ALA G 308 37.88 37.46 -9.35
CA ALA G 308 37.35 38.77 -8.94
C ALA G 308 38.37 39.81 -8.45
N PRO G 309 38.26 41.07 -8.92
CA PRO G 309 39.19 42.13 -8.49
C PRO G 309 38.97 42.34 -7.01
N CYS G 310 39.99 42.08 -6.20
CA CYS G 310 39.80 42.27 -4.77
C CYS G 310 40.43 43.54 -4.30
N TYR G 311 41.42 44.02 -5.03
CA TYR G 311 42.11 45.25 -4.67
C TYR G 311 41.78 46.38 -5.59
N VAL G 312 42.68 47.35 -5.66
CA VAL G 312 42.43 48.47 -6.52
C VAL G 312 43.69 48.89 -7.23
N ALA G 313 43.90 48.33 -8.41
CA ALA G 313 45.06 48.67 -9.22
C ALA G 313 44.71 48.40 -10.69
N TRP G 314 45.46 48.99 -11.62
CA TRP G 314 45.19 48.77 -13.03
C TRP G 314 46.33 47.98 -13.66
N SER G 315 46.00 47.18 -14.68
CA SER G 315 46.98 46.35 -15.38
C SER G 315 46.38 45.92 -16.72
N ALA G 316 47.24 45.59 -17.68
CA ALA G 316 46.77 45.13 -18.98
C ALA G 316 46.99 43.64 -18.92
N GLN G 317 47.41 43.16 -17.76
CA GLN G 317 47.69 41.76 -17.55
C GLN G 317 47.79 41.34 -16.09
N ASN G 318 46.68 40.90 -15.48
CA ASN G 318 46.72 40.42 -14.10
C ASN G 318 45.51 39.62 -13.60
N ARG G 319 45.80 38.60 -12.78
CA ARG G 319 44.76 37.72 -12.21
C ARG G 319 43.55 38.57 -11.96
N SER G 320 43.63 39.41 -10.95
CA SER G 320 42.49 40.25 -10.71
C SER G 320 42.84 41.72 -10.47
N PRO G 321 42.80 42.52 -11.55
CA PRO G 321 43.08 43.95 -11.57
C PRO G 321 41.70 44.61 -11.52
N LEU G 322 41.61 45.78 -10.89
CA LEU G 322 40.31 46.46 -10.76
C LEU G 322 39.84 47.22 -12.01
N ILE G 323 40.75 47.40 -12.96
CA ILE G 323 40.45 48.07 -14.22
C ILE G 323 41.16 47.11 -15.12
N ARG G 324 41.27 47.47 -16.39
CA ARG G 324 42.00 46.65 -17.30
C ARG G 324 42.05 47.30 -18.65
N ILE G 325 43.25 47.55 -19.13
CA ILE G 325 43.32 48.09 -20.45
C ILE G 325 43.52 46.83 -21.26
N PRO G 326 42.58 46.56 -22.16
CA PRO G 326 42.60 45.40 -23.03
C PRO G 326 43.54 45.69 -24.19
N ALA G 327 43.86 44.64 -24.93
CA ALA G 327 44.77 44.75 -26.07
C ALA G 327 44.47 45.88 -27.04
N SER G 328 43.60 45.61 -28.02
CA SER G 328 43.29 46.58 -29.08
C SER G 328 43.34 48.09 -28.78
N ARG G 329 43.76 48.85 -29.80
CA ARG G 329 43.87 50.33 -29.76
C ARG G 329 42.85 50.98 -30.71
N GLY G 330 43.33 51.51 -31.84
CA GLY G 330 42.43 52.14 -32.80
C GLY G 330 41.22 52.78 -32.15
N ILE G 331 40.05 52.69 -32.79
CA ILE G 331 38.84 53.28 -32.18
C ILE G 331 38.60 52.53 -30.88
N SER G 332 38.86 51.23 -30.93
CA SER G 332 38.64 50.36 -29.80
C SER G 332 39.25 50.70 -28.46
N THR G 333 40.22 51.61 -28.33
CA THR G 333 40.76 51.79 -26.98
C THR G 333 39.69 51.97 -25.92
N ARG G 334 39.88 51.29 -24.80
CA ARG G 334 38.90 51.32 -23.75
C ARG G 334 39.41 50.73 -22.43
N VAL G 335 38.71 51.12 -21.37
CA VAL G 335 38.96 50.74 -19.98
C VAL G 335 37.93 49.68 -19.55
N GLU G 336 38.38 48.60 -18.93
CA GLU G 336 37.49 47.54 -18.43
C GLU G 336 37.45 47.68 -16.91
N VAL G 337 36.27 47.92 -16.34
CA VAL G 337 36.14 48.01 -14.89
C VAL G 337 35.52 46.67 -14.50
N ARG G 338 36.37 45.66 -14.35
CA ARG G 338 35.94 44.33 -14.01
C ARG G 338 35.13 44.27 -12.72
N SER G 339 35.28 45.27 -11.86
CA SER G 339 34.57 45.31 -10.57
C SER G 339 33.04 45.06 -10.52
N VAL G 340 32.28 45.86 -11.26
CA VAL G 340 30.79 45.80 -11.36
C VAL G 340 30.15 44.39 -11.49
N ASP G 341 28.90 44.23 -11.06
CA ASP G 341 28.19 42.94 -11.20
C ASP G 341 26.77 43.15 -11.77
N PRO G 342 26.19 42.11 -12.38
CA PRO G 342 24.85 42.32 -12.93
C PRO G 342 23.80 42.91 -12.02
N ALA G 343 24.01 42.83 -10.71
CA ALA G 343 23.04 43.36 -9.77
C ALA G 343 22.94 44.88 -9.89
N ALA G 344 24.09 45.56 -9.83
CA ALA G 344 24.15 47.02 -9.89
C ALA G 344 23.20 47.68 -10.87
N ASN G 345 22.97 48.96 -10.64
CA ASN G 345 22.06 49.70 -11.49
C ASN G 345 22.75 50.12 -12.78
N PRO G 346 22.21 49.70 -13.94
CA PRO G 346 22.78 50.07 -15.23
C PRO G 346 22.99 51.59 -15.31
N TYR G 347 22.11 52.31 -14.62
CA TYR G 347 22.14 53.77 -14.59
C TYR G 347 23.05 54.39 -13.55
N LEU G 348 22.82 54.07 -12.29
CA LEU G 348 23.63 54.62 -11.21
C LEU G 348 25.09 54.19 -11.37
N ALA G 349 25.29 53.04 -11.99
CA ALA G 349 26.63 52.54 -12.21
C ALA G 349 27.24 53.59 -13.11
N LEU G 350 26.91 53.48 -14.39
CA LEU G 350 27.42 54.41 -15.38
C LEU G 350 27.57 55.79 -14.76
N SER G 351 26.54 56.22 -14.07
CA SER G 351 26.58 57.52 -13.46
C SER G 351 27.86 57.70 -12.64
N VAL G 352 28.07 56.90 -11.59
CA VAL G 352 29.28 57.06 -10.76
C VAL G 352 30.64 56.96 -11.48
N LEU G 353 30.84 55.88 -12.27
CA LEU G 353 32.08 55.65 -13.04
C LEU G 353 32.42 56.86 -13.88
N LEU G 354 31.50 57.17 -14.79
CA LEU G 354 31.62 58.29 -15.70
C LEU G 354 31.87 59.59 -14.97
N ALA G 355 31.67 59.61 -13.65
CA ALA G 355 31.87 60.84 -12.87
C ALA G 355 33.20 60.90 -12.14
N ALA G 356 33.79 59.72 -11.93
CA ALA G 356 35.09 59.60 -11.28
C ALA G 356 36.06 59.49 -12.41
N GLY G 357 35.49 59.33 -13.61
CA GLY G 357 36.29 59.25 -14.82
C GLY G 357 36.58 60.68 -15.22
N LEU G 358 35.52 61.47 -15.26
CA LEU G 358 35.57 62.90 -15.61
C LEU G 358 36.33 63.69 -14.55
N ASP G 359 36.17 63.31 -13.28
CA ASP G 359 36.85 64.02 -12.21
C ASP G 359 38.30 64.04 -12.65
N GLY G 360 38.85 62.84 -12.78
CA GLY G 360 40.22 62.67 -13.20
C GLY G 360 40.50 63.45 -14.47
N ILE G 361 39.48 63.78 -15.24
CA ILE G 361 39.72 64.57 -16.46
C ILE G 361 39.68 66.08 -16.22
N LYS G 362 38.64 66.59 -15.56
CA LYS G 362 38.62 68.03 -15.33
C LYS G 362 39.74 68.45 -14.39
N ASN G 363 40.16 67.57 -13.48
CA ASN G 363 41.18 67.95 -12.50
C ASN G 363 42.65 67.53 -12.64
N LYS G 364 43.00 66.85 -13.73
CA LYS G 364 44.37 66.41 -13.95
C LYS G 364 44.93 65.66 -12.73
N LEU G 365 44.55 64.39 -12.61
CA LEU G 365 44.97 63.54 -11.50
C LEU G 365 46.04 62.57 -12.01
N GLU G 366 46.95 62.17 -11.10
CA GLU G 366 48.07 61.27 -11.41
C GLU G 366 47.71 59.79 -11.17
N ALA G 367 47.66 59.00 -12.24
CA ALA G 367 47.35 57.57 -12.08
C ALA G 367 48.54 56.87 -11.45
N PRO G 368 48.27 56.01 -10.47
CA PRO G 368 49.35 55.28 -9.80
C PRO G 368 49.94 54.21 -10.70
N ALA G 369 51.04 53.64 -10.23
CA ALA G 369 51.80 52.62 -10.95
C ALA G 369 51.06 51.47 -11.64
N PRO G 370 51.27 51.30 -12.94
CA PRO G 370 50.56 50.17 -13.53
C PRO G 370 51.07 48.99 -12.72
N ILE G 371 50.18 48.30 -12.04
CA ILE G 371 50.62 47.16 -11.27
C ILE G 371 50.91 46.02 -12.23
N ASP G 372 52.10 45.45 -12.12
CA ASP G 372 52.44 44.37 -12.97
C ASP G 372 52.13 43.09 -12.22
N ARG G 373 53.14 42.41 -11.68
CA ARG G 373 52.88 41.16 -11.00
C ARG G 373 53.00 41.12 -9.48
N ASN G 374 53.83 41.98 -8.90
CA ASN G 374 54.05 41.96 -7.45
C ASN G 374 52.90 42.00 -6.42
N ILE G 375 51.69 42.38 -6.83
CA ILE G 375 50.48 42.48 -5.97
C ILE G 375 49.75 41.30 -5.34
N TYR G 376 49.10 40.52 -6.18
CA TYR G 376 48.34 39.37 -5.74
C TYR G 376 49.30 38.49 -4.96
N VAL G 377 50.45 38.27 -5.57
CA VAL G 377 51.47 37.49 -4.92
C VAL G 377 51.81 38.20 -3.62
N MET G 378 51.50 39.50 -3.55
CA MET G 378 51.80 40.33 -2.37
C MET G 378 50.95 40.07 -1.12
N SER G 379 51.28 40.82 -0.08
CA SER G 379 50.62 40.73 1.22
C SER G 379 49.82 42.02 1.48
N LYS G 380 48.73 41.90 2.22
CA LYS G 380 47.83 43.03 2.52
C LYS G 380 48.34 44.19 3.40
N GLU G 381 49.64 44.21 3.71
CA GLU G 381 50.23 45.31 4.50
C GLU G 381 51.27 46.04 3.64
N GLU G 382 52.10 45.28 2.93
CA GLU G 382 53.08 45.91 2.06
C GLU G 382 52.31 46.41 0.84
N ARG G 383 51.10 45.89 0.66
CA ARG G 383 50.24 46.28 -0.45
C ARG G 383 49.61 47.64 -0.19
N MET G 384 49.67 48.09 1.06
CA MET G 384 49.10 49.39 1.45
C MET G 384 49.95 50.52 0.88
N GLU G 385 51.20 50.53 1.30
CA GLU G 385 52.19 51.51 0.89
C GLU G 385 52.16 51.81 -0.59
N ASN G 386 51.70 50.84 -1.38
CA ASN G 386 51.65 51.02 -2.81
C ASN G 386 50.28 51.60 -3.17
N GLY G 387 50.23 52.41 -4.24
CA GLY G 387 48.99 53.05 -4.66
C GLY G 387 47.79 52.12 -4.72
N ILE G 388 47.93 50.96 -4.08
CA ILE G 388 46.93 49.91 -4.05
C ILE G 388 46.26 49.76 -2.70
N VAL G 389 44.93 49.64 -2.72
CA VAL G 389 44.13 49.50 -1.50
C VAL G 389 43.01 48.47 -1.69
N ASP G 390 42.74 47.68 -0.64
CA ASP G 390 41.67 46.68 -0.69
C ASP G 390 40.34 47.35 -1.09
N LEU G 391 39.38 46.57 -1.57
CA LEU G 391 38.05 47.08 -1.91
C LEU G 391 37.23 46.65 -0.70
N PRO G 392 36.18 47.41 -0.31
CA PRO G 392 35.38 47.02 0.86
C PRO G 392 35.17 45.52 0.99
N ALA G 393 34.42 45.09 2.01
CA ALA G 393 34.16 43.65 2.20
C ALA G 393 32.69 43.31 2.50
N THR G 394 31.93 44.31 2.90
CA THR G 394 30.53 44.16 3.23
C THR G 394 29.86 45.35 2.61
N LEU G 395 28.57 45.25 2.27
CA LEU G 395 27.84 46.38 1.66
C LEU G 395 27.72 47.58 2.57
N ALA G 396 28.36 47.53 3.73
CA ALA G 396 28.33 48.62 4.72
C ALA G 396 29.68 49.30 4.78
N GLU G 397 30.74 48.49 4.82
CA GLU G 397 32.09 49.03 4.82
C GLU G 397 32.10 49.78 3.48
N ALA G 398 31.08 49.47 2.69
CA ALA G 398 30.86 50.05 1.35
C ALA G 398 30.07 51.36 1.39
N LEU G 399 29.04 51.42 2.22
CA LEU G 399 28.21 52.61 2.35
C LEU G 399 29.00 53.75 2.97
N GLU G 400 29.71 53.42 4.05
CA GLU G 400 30.54 54.38 4.74
C GLU G 400 31.42 55.09 3.74
N GLU G 401 32.21 54.32 3.00
CA GLU G 401 33.13 54.84 2.00
C GLU G 401 32.48 55.71 0.91
N PHE G 402 31.16 55.63 0.80
CA PHE G 402 30.38 56.33 -0.21
C PHE G 402 29.75 57.62 0.27
N LYS G 403 29.49 57.67 1.57
CA LYS G 403 28.89 58.86 2.17
C LYS G 403 30.02 59.86 2.39
N SER G 404 31.20 59.32 2.67
CA SER G 404 32.37 60.14 2.90
C SER G 404 32.89 60.80 1.62
N ASN G 405 32.52 60.27 0.46
CA ASN G 405 33.03 60.84 -0.79
C ASN G 405 32.10 61.85 -1.41
N GLU G 406 32.47 63.13 -1.34
CA GLU G 406 31.64 64.22 -1.85
C GLU G 406 31.40 64.33 -3.36
N VAL G 407 32.03 63.46 -4.15
CA VAL G 407 31.82 63.50 -5.61
C VAL G 407 30.84 62.44 -6.02
N MET G 408 30.55 61.51 -5.11
CA MET G 408 29.58 60.49 -5.42
C MET G 408 28.25 61.10 -5.06
N VAL G 409 28.25 62.08 -4.16
CA VAL G 409 27.00 62.78 -3.87
C VAL G 409 26.69 63.45 -5.20
N LYS G 410 27.51 64.44 -5.55
CA LYS G 410 27.38 65.17 -6.81
C LYS G 410 27.02 64.22 -7.97
N ALA G 411 27.52 62.98 -7.91
CA ALA G 411 27.25 62.01 -8.96
C ALA G 411 25.80 61.54 -9.01
N LEU G 412 25.22 61.29 -7.84
CA LEU G 412 23.83 60.82 -7.74
C LEU G 412 22.90 61.94 -7.37
N GLY G 413 23.46 63.08 -7.01
CA GLY G 413 22.61 64.19 -6.61
C GLY G 413 21.94 63.81 -5.31
N GLU G 414 21.61 64.81 -4.51
CA GLU G 414 21.00 64.55 -3.22
C GLU G 414 19.85 63.55 -3.26
N HIS G 415 18.88 63.65 -4.18
CA HIS G 415 17.77 62.69 -4.12
C HIS G 415 18.03 61.21 -4.35
N LEU G 416 18.82 60.85 -5.36
CA LEU G 416 19.07 59.42 -5.50
C LEU G 416 19.92 59.09 -4.29
N PHE G 417 21.02 59.82 -4.14
CA PHE G 417 21.94 59.63 -3.04
C PHE G 417 21.28 59.37 -1.71
N GLU G 418 20.74 60.42 -1.12
CA GLU G 418 20.11 60.30 0.18
C GLU G 418 19.20 59.07 0.34
N HIS G 419 18.34 58.83 -0.63
CA HIS G 419 17.42 57.70 -0.56
C HIS G 419 18.08 56.35 -0.78
N PHE G 420 19.15 56.35 -1.54
CA PHE G 420 19.87 55.12 -1.84
C PHE G 420 20.51 54.64 -0.52
N ILE G 421 21.09 55.58 0.22
CA ILE G 421 21.74 55.22 1.46
C ILE G 421 20.72 54.73 2.45
N GLU G 422 19.74 55.56 2.72
CA GLU G 422 18.68 55.18 3.65
C GLU G 422 18.23 53.74 3.33
N ALA G 423 18.13 53.38 2.05
CA ALA G 423 17.74 52.03 1.66
C ALA G 423 18.74 50.88 1.89
N LYS G 424 19.91 50.92 1.25
CA LYS G 424 20.85 49.83 1.46
C LYS G 424 21.03 49.72 2.98
N GLU G 425 21.24 50.85 3.63
CA GLU G 425 21.38 50.83 5.07
C GLU G 425 20.37 49.90 5.74
N ILE G 426 19.18 49.81 5.15
CA ILE G 426 18.15 48.94 5.70
C ILE G 426 18.32 47.53 5.18
N GLU G 427 18.79 47.45 3.95
CA GLU G 427 19.05 46.18 3.33
C GLU G 427 20.02 45.51 4.30
N TRP G 428 21.21 46.10 4.42
CA TRP G 428 22.26 45.62 5.32
C TRP G 428 21.73 45.17 6.66
N ASP G 429 21.08 46.11 7.35
CA ASP G 429 20.50 45.91 8.69
C ASP G 429 19.42 44.81 8.79
N MET G 430 18.95 44.31 7.66
CA MET G 430 17.98 43.23 7.69
C MET G 430 18.75 41.93 7.77
N PHE G 431 19.88 41.95 7.05
CA PHE G 431 20.81 40.84 6.96
C PHE G 431 21.56 40.66 8.27
N ARG G 432 21.92 41.78 8.89
CA ARG G 432 22.65 41.76 10.15
C ARG G 432 21.86 41.15 11.32
N THR G 433 20.76 41.78 11.72
CA THR G 433 20.01 41.24 12.86
C THR G 433 19.58 39.75 12.75
N GLN G 434 19.47 39.23 11.52
CA GLN G 434 19.05 37.84 11.20
C GLN G 434 20.03 36.71 11.53
N VAL G 435 19.60 35.71 12.32
CA VAL G 435 20.47 34.57 12.68
C VAL G 435 20.48 33.47 11.61
N HIS G 436 21.50 33.50 10.77
CA HIS G 436 21.67 32.59 9.65
C HIS G 436 21.96 31.16 10.07
N PRO G 437 21.45 30.20 9.29
CA PRO G 437 21.66 28.78 9.60
C PRO G 437 23.11 28.45 9.90
N TRP G 438 24.04 29.23 9.36
CA TRP G 438 25.48 29.03 9.56
C TRP G 438 25.82 29.15 11.03
N GLU G 439 25.31 30.19 11.65
CA GLU G 439 25.56 30.43 13.06
C GLU G 439 25.15 29.27 13.96
N ARG G 440 24.16 28.49 13.52
CA ARG G 440 23.68 27.36 14.31
C ARG G 440 24.45 26.06 14.09
N GLU G 441 24.91 25.80 12.88
CA GLU G 441 25.65 24.57 12.68
C GLU G 441 26.89 24.68 13.55
N GLN G 442 27.58 25.80 13.41
CA GLN G 442 28.78 26.01 14.17
C GLN G 442 28.53 26.23 15.69
N TYR G 443 27.64 27.15 16.04
CA TYR G 443 27.39 27.45 17.46
C TYR G 443 26.24 26.75 18.20
N MET G 444 25.37 26.03 17.50
CA MET G 444 24.24 25.40 18.20
C MET G 444 24.62 24.34 19.23
N SER G 445 25.43 23.38 18.79
CA SER G 445 25.81 22.29 19.66
C SER G 445 27.19 22.37 20.29
N GLN G 446 28.06 23.25 19.79
CA GLN G 446 29.40 23.36 20.36
C GLN G 446 29.44 24.02 21.75
N TYR G 447 29.09 25.31 21.82
CA TYR G 447 29.11 26.12 23.06
C TYR G 447 28.04 25.91 24.13
N ALA H 5 -12.90 -35.69 -61.62
CA ALA H 5 -12.01 -34.70 -60.95
C ALA H 5 -12.59 -33.28 -61.00
N LYS H 6 -12.49 -32.60 -59.86
CA LYS H 6 -13.03 -31.25 -59.67
C LYS H 6 -12.03 -30.11 -59.91
N TYR H 7 -10.74 -30.43 -59.94
CA TYR H 7 -9.68 -29.44 -60.16
C TYR H 7 -8.52 -30.10 -60.88
N THR H 8 -8.25 -29.73 -62.12
CA THR H 8 -7.09 -30.32 -62.80
C THR H 8 -5.95 -29.34 -62.45
N ARG H 9 -4.70 -29.74 -62.68
CA ARG H 9 -3.58 -28.88 -62.34
C ARG H 9 -3.71 -27.45 -62.87
N GLU H 10 -3.98 -27.32 -64.17
CA GLU H 10 -4.14 -26.01 -64.80
C GLU H 10 -5.04 -25.07 -63.98
N ASP H 11 -6.07 -25.65 -63.36
CA ASP H 11 -7.02 -24.90 -62.53
C ASP H 11 -6.35 -24.33 -61.31
N ILE H 12 -5.86 -25.23 -60.46
CA ILE H 12 -5.19 -24.87 -59.23
C ILE H 12 -4.24 -23.74 -59.54
N GLU H 13 -3.26 -24.06 -60.37
CA GLU H 13 -2.26 -23.09 -60.79
C GLU H 13 -2.90 -21.73 -61.00
N LYS H 14 -3.78 -21.63 -62.00
CA LYS H 14 -4.48 -20.38 -62.32
C LYS H 14 -5.12 -19.72 -61.09
N LEU H 15 -5.47 -20.54 -60.09
CA LEU H 15 -6.09 -20.05 -58.86
C LEU H 15 -5.07 -19.60 -57.82
N VAL H 16 -3.78 -19.85 -58.07
CA VAL H 16 -2.76 -19.41 -57.12
C VAL H 16 -2.23 -18.03 -57.53
N LYS H 17 -2.23 -17.78 -58.84
CA LYS H 17 -1.80 -16.50 -59.39
C LYS H 17 -2.89 -15.47 -59.10
N GLU H 18 -4.13 -15.85 -59.41
CA GLU H 18 -5.33 -15.02 -59.28
C GLU H 18 -5.86 -14.70 -57.88
N GLU H 19 -5.42 -15.46 -56.88
CA GLU H 19 -5.87 -15.25 -55.52
C GLU H 19 -4.61 -14.87 -54.75
N ASN H 20 -3.48 -15.35 -55.27
CA ASN H 20 -2.18 -15.10 -54.70
C ASN H 20 -1.89 -15.81 -53.39
N VAL H 21 -1.15 -16.89 -53.52
CA VAL H 21 -0.76 -17.74 -52.41
C VAL H 21 0.77 -17.79 -52.32
N LYS H 22 1.30 -17.58 -51.12
CA LYS H 22 2.75 -17.58 -50.93
C LYS H 22 3.21 -18.74 -50.11
N TYR H 23 2.27 -19.55 -49.68
CA TYR H 23 2.63 -20.65 -48.81
C TYR H 23 1.66 -21.78 -48.96
N ILE H 24 2.19 -23.00 -48.98
CA ILE H 24 1.31 -24.15 -49.09
C ILE H 24 1.63 -25.28 -48.12
N ARG H 25 0.63 -25.62 -47.32
CA ARG H 25 0.74 -26.70 -46.37
C ARG H 25 0.30 -27.92 -47.18
N LEU H 26 0.61 -29.11 -46.68
CA LEU H 26 0.25 -30.35 -47.36
C LEU H 26 -0.13 -31.37 -46.30
N GLN H 27 -1.30 -31.20 -45.69
CA GLN H 27 -1.71 -32.14 -44.64
C GLN H 27 -1.72 -33.60 -45.00
N PHE H 28 -1.86 -34.36 -43.94
CA PHE H 28 -2.00 -35.80 -43.92
C PHE H 28 -2.42 -35.90 -42.49
N THR H 29 -2.76 -37.08 -42.01
CA THR H 29 -3.20 -37.23 -40.63
C THR H 29 -2.44 -38.39 -40.06
N ASP H 30 -1.77 -38.20 -38.93
CA ASP H 30 -1.03 -39.33 -38.39
C ASP H 30 -1.99 -40.30 -37.68
N ILE H 31 -1.48 -41.49 -37.39
CA ILE H 31 -2.23 -42.57 -36.74
C ILE H 31 -3.03 -42.19 -35.48
N LEU H 32 -2.68 -41.08 -34.83
CA LEU H 32 -3.35 -40.65 -33.61
C LEU H 32 -4.33 -39.46 -33.73
N GLY H 33 -4.98 -39.32 -34.88
CA GLY H 33 -5.97 -38.26 -35.09
C GLY H 33 -5.49 -36.83 -35.27
N THR H 34 -4.22 -36.63 -34.94
CA THR H 34 -3.58 -35.34 -35.06
C THR H 34 -3.47 -35.09 -36.55
N ILE H 35 -3.43 -33.83 -36.98
CA ILE H 35 -3.29 -33.58 -38.41
C ILE H 35 -1.99 -32.82 -38.63
N LYS H 36 -1.04 -33.50 -39.27
CA LYS H 36 0.29 -32.97 -39.52
C LYS H 36 0.48 -32.27 -40.85
N ASN H 37 1.69 -31.80 -41.10
CA ASN H 37 1.96 -31.07 -42.34
C ASN H 37 3.42 -30.72 -42.66
N VAL H 38 3.71 -30.59 -43.95
CA VAL H 38 5.03 -30.19 -44.43
C VAL H 38 4.70 -28.95 -45.21
N GLU H 39 5.19 -27.80 -44.76
CA GLU H 39 4.87 -26.56 -45.44
C GLU H 39 5.94 -26.15 -46.44
N ILE H 40 5.54 -25.94 -47.69
CA ILE H 40 6.47 -25.52 -48.73
C ILE H 40 6.10 -24.18 -49.33
N PRO H 41 7.10 -23.38 -49.72
CA PRO H 41 6.79 -22.09 -50.33
C PRO H 41 6.26 -22.36 -51.72
N VAL H 42 5.39 -21.48 -52.21
CA VAL H 42 4.76 -21.65 -53.51
C VAL H 42 5.77 -21.66 -54.65
N SER H 43 6.98 -21.21 -54.36
CA SER H 43 8.04 -21.21 -55.34
C SER H 43 8.48 -22.67 -55.32
N GLN H 44 7.48 -23.55 -55.16
CA GLN H 44 7.66 -25.01 -55.10
C GLN H 44 6.34 -25.75 -55.34
N LEU H 45 5.37 -25.12 -55.99
CA LEU H 45 4.11 -25.83 -56.25
C LEU H 45 4.33 -26.84 -57.37
N GLY H 46 5.11 -26.45 -58.38
CA GLY H 46 5.40 -27.33 -59.48
C GLY H 46 5.87 -28.67 -58.97
N LYS H 47 6.94 -28.68 -58.19
CA LYS H 47 7.48 -29.92 -57.63
C LYS H 47 6.55 -30.61 -56.64
N ALA H 48 5.58 -29.86 -56.12
CA ALA H 48 4.64 -30.44 -55.18
C ALA H 48 3.64 -31.28 -55.95
N LEU H 49 3.02 -30.66 -56.95
CA LEU H 49 2.01 -31.28 -57.82
C LEU H 49 2.54 -32.26 -58.85
N ASP H 50 3.81 -32.17 -59.19
CA ASP H 50 4.34 -33.14 -60.13
C ASP H 50 4.56 -34.40 -59.32
N ASN H 51 4.40 -34.27 -58.00
CA ASN H 51 4.48 -35.36 -57.03
C ASN H 51 5.84 -35.90 -56.58
N LYS H 52 6.70 -35.02 -56.05
CA LYS H 52 8.02 -35.45 -55.58
C LYS H 52 8.33 -35.01 -54.16
N VAL H 53 7.41 -34.30 -53.52
CA VAL H 53 7.64 -33.82 -52.16
C VAL H 53 7.86 -35.00 -51.22
N MET H 54 9.10 -35.13 -50.76
CA MET H 54 9.52 -36.23 -49.88
C MET H 54 9.63 -35.83 -48.42
N PHE H 55 9.41 -36.79 -47.54
CA PHE H 55 9.47 -36.50 -46.13
C PHE H 55 9.56 -37.76 -45.30
N ASP H 56 9.87 -37.55 -44.03
CA ASP H 56 9.94 -38.62 -43.08
C ASP H 56 8.47 -39.05 -42.94
N GLY H 57 8.23 -40.33 -43.19
CA GLY H 57 6.90 -40.88 -43.07
C GLY H 57 6.88 -41.59 -41.75
N SER H 58 8.08 -41.84 -41.23
CA SER H 58 8.24 -42.48 -39.93
C SER H 58 7.25 -41.71 -39.09
N SER H 59 7.28 -40.39 -39.23
CA SER H 59 6.39 -39.50 -38.50
C SER H 59 4.93 -39.97 -38.46
N ILE H 60 4.50 -40.78 -39.42
CA ILE H 60 3.11 -41.26 -39.46
C ILE H 60 2.73 -42.26 -38.38
N GLU H 61 3.69 -42.68 -37.55
CA GLU H 61 3.42 -43.66 -36.52
C GLU H 61 3.28 -43.00 -35.15
N GLY H 62 3.11 -41.69 -35.16
CA GLY H 62 2.97 -40.97 -33.90
C GLY H 62 4.31 -40.88 -33.23
N PHE H 63 4.30 -40.94 -31.91
CA PHE H 63 5.54 -40.83 -31.14
C PHE H 63 6.31 -42.12 -30.98
N VAL H 64 5.93 -43.14 -31.74
CA VAL H 64 6.59 -44.45 -31.66
C VAL H 64 7.52 -44.74 -32.86
N ARG H 65 7.73 -43.69 -33.64
CA ARG H 65 8.57 -43.64 -34.83
C ARG H 65 10.02 -44.00 -34.51
N ILE H 66 10.56 -45.01 -35.17
CA ILE H 66 11.94 -45.45 -34.89
C ILE H 66 12.97 -45.26 -36.01
N GLU H 67 12.52 -45.36 -37.25
CA GLU H 67 13.46 -45.28 -38.33
C GLU H 67 13.01 -44.40 -39.45
N GLU H 68 13.56 -43.19 -39.45
CA GLU H 68 13.24 -42.21 -40.46
C GLU H 68 13.09 -43.03 -41.71
N SER H 69 11.93 -42.93 -42.34
CA SER H 69 11.67 -43.68 -43.56
C SER H 69 11.20 -42.67 -44.60
N ASP H 70 11.92 -42.60 -45.71
CA ASP H 70 11.59 -41.66 -46.77
C ASP H 70 10.29 -42.01 -47.46
N MET H 71 9.51 -40.99 -47.77
CA MET H 71 8.24 -41.21 -48.44
C MET H 71 7.74 -40.04 -49.28
N TYR H 72 6.80 -40.31 -50.19
CA TYR H 72 6.26 -39.27 -51.07
C TYR H 72 4.92 -38.63 -50.75
N LEU H 73 4.82 -37.35 -51.09
CA LEU H 73 3.62 -36.55 -50.85
C LEU H 73 2.79 -36.21 -52.08
N TYR H 74 1.87 -37.13 -52.37
CA TYR H 74 0.93 -37.00 -53.48
C TYR H 74 -0.25 -36.15 -53.05
N PRO H 75 -0.33 -34.92 -53.57
CA PRO H 75 -1.40 -33.95 -53.28
C PRO H 75 -2.69 -34.26 -54.06
N ASP H 76 -3.76 -34.55 -53.32
CA ASP H 76 -5.07 -34.86 -53.90
C ASP H 76 -5.69 -33.54 -54.35
N LEU H 77 -5.91 -33.39 -55.65
CA LEU H 77 -6.43 -32.16 -56.24
C LEU H 77 -7.73 -31.50 -55.86
N ASN H 78 -8.66 -32.27 -55.32
CA ASN H 78 -9.94 -31.70 -54.95
C ASN H 78 -9.90 -31.15 -53.52
N THR H 79 -9.03 -31.75 -52.70
CA THR H 79 -8.82 -31.34 -51.31
C THR H 79 -8.00 -30.06 -51.31
N PHE H 80 -8.01 -29.34 -52.42
CA PHE H 80 -7.27 -28.10 -52.47
C PHE H 80 -8.22 -27.22 -51.68
N VAL H 81 -7.72 -26.10 -51.18
CA VAL H 81 -8.52 -25.10 -50.44
C VAL H 81 -7.61 -23.94 -50.06
N ILE H 82 -8.20 -22.75 -49.94
CA ILE H 82 -7.47 -21.56 -49.56
C ILE H 82 -7.96 -21.12 -48.18
N PHE H 83 -7.16 -20.35 -47.46
CA PHE H 83 -7.53 -19.94 -46.11
C PHE H 83 -7.92 -18.46 -45.90
N PRO H 84 -8.98 -18.23 -45.09
CA PRO H 84 -9.55 -16.91 -44.75
C PRO H 84 -9.21 -16.14 -43.46
N TRP H 85 -8.02 -16.31 -42.88
CA TRP H 85 -7.67 -15.50 -41.70
C TRP H 85 -6.29 -14.98 -42.04
N THR H 86 -5.75 -15.52 -43.13
CA THR H 86 -4.41 -15.15 -43.57
C THR H 86 -4.33 -13.78 -44.27
N ALA H 87 -4.29 -13.78 -45.60
CA ALA H 87 -4.20 -12.53 -46.38
C ALA H 87 -3.42 -11.40 -45.69
N GLU H 88 -2.28 -11.75 -45.08
CA GLU H 88 -1.44 -10.77 -44.42
C GLU H 88 -0.22 -10.46 -45.30
N LYS H 89 0.51 -11.50 -45.68
CA LYS H 89 1.68 -11.34 -46.56
C LYS H 89 1.38 -12.15 -47.83
N GLY H 90 0.31 -12.93 -47.80
CA GLY H 90 -0.10 -13.74 -48.93
C GLY H 90 -0.98 -14.86 -48.40
N LYS H 91 -2.12 -15.12 -49.06
CA LYS H 91 -3.03 -16.16 -48.57
C LYS H 91 -2.40 -17.55 -48.60
N VAL H 92 -2.82 -18.42 -47.67
CA VAL H 92 -2.26 -19.77 -47.54
C VAL H 92 -3.23 -20.87 -47.99
N ALA H 93 -2.75 -21.87 -48.73
CA ALA H 93 -3.63 -22.96 -49.16
C ALA H 93 -3.28 -24.30 -48.52
N ARG H 94 -4.06 -25.32 -48.85
CA ARG H 94 -3.82 -26.64 -48.32
C ARG H 94 -4.44 -27.71 -49.22
N PHE H 95 -3.72 -28.81 -49.38
CA PHE H 95 -4.10 -29.97 -50.20
C PHE H 95 -3.87 -31.19 -49.31
N ILE H 96 -4.87 -32.06 -49.11
CA ILE H 96 -4.53 -33.21 -48.28
C ILE H 96 -3.80 -34.18 -49.17
N CYS H 97 -2.90 -34.96 -48.60
CA CYS H 97 -2.16 -35.85 -49.44
C CYS H 97 -2.40 -37.31 -49.17
N ASP H 98 -1.60 -38.08 -49.88
CA ASP H 98 -1.60 -39.53 -49.84
C ASP H 98 -0.11 -39.85 -49.75
N ILE H 99 0.27 -40.63 -48.75
CA ILE H 99 1.67 -40.99 -48.53
C ILE H 99 2.02 -42.27 -49.29
N TYR H 100 3.03 -42.17 -50.15
CA TYR H 100 3.45 -43.30 -50.97
C TYR H 100 4.85 -43.81 -50.78
N ASN H 101 4.97 -45.14 -50.82
CA ASN H 101 6.27 -45.77 -50.69
C ASN H 101 7.16 -45.08 -51.72
N PRO H 102 8.45 -44.95 -51.41
CA PRO H 102 9.39 -44.29 -52.32
C PRO H 102 9.21 -44.72 -53.77
N ASP H 103 9.06 -46.02 -53.96
CA ASP H 103 8.91 -46.63 -55.28
C ASP H 103 7.60 -46.42 -56.06
N GLY H 104 6.87 -45.34 -55.80
CA GLY H 104 5.64 -45.12 -56.56
C GLY H 104 4.40 -45.88 -56.15
N THR H 105 4.47 -46.63 -55.04
CA THR H 105 3.33 -47.38 -54.53
C THR H 105 2.81 -46.68 -53.29
N PRO H 106 1.53 -46.85 -52.97
CA PRO H 106 1.00 -46.19 -51.77
C PRO H 106 1.56 -46.86 -50.52
N PHE H 107 1.31 -46.21 -49.39
CA PHE H 107 1.78 -46.64 -48.08
C PHE H 107 0.56 -47.19 -47.29
N GLU H 108 0.69 -48.40 -46.76
CA GLU H 108 -0.41 -49.03 -46.02
C GLU H 108 -0.49 -48.55 -44.58
N GLY H 109 0.47 -47.72 -44.17
CA GLY H 109 0.49 -47.22 -42.81
C GLY H 109 -0.02 -45.81 -42.61
N ASP H 110 -0.76 -45.31 -43.60
CA ASP H 110 -1.34 -43.98 -43.57
C ASP H 110 -2.88 -44.18 -43.53
N PRO H 111 -3.57 -43.52 -42.59
CA PRO H 111 -5.01 -43.56 -42.36
C PRO H 111 -5.81 -43.31 -43.62
N ARG H 112 -5.61 -42.12 -44.18
CA ARG H 112 -6.30 -41.77 -45.40
C ARG H 112 -6.40 -43.03 -46.29
N ASN H 113 -5.27 -43.41 -46.89
CA ASN H 113 -5.16 -44.57 -47.78
C ASN H 113 -5.66 -45.95 -47.31
N ASN H 114 -5.67 -46.18 -46.01
CA ASN H 114 -6.17 -47.45 -45.52
C ASN H 114 -7.66 -47.39 -45.83
N LEU H 115 -8.16 -46.18 -46.10
CA LEU H 115 -9.58 -46.00 -46.39
C LEU H 115 -9.90 -46.32 -47.83
N LYS H 116 -9.14 -45.73 -48.73
CA LYS H 116 -9.35 -46.00 -50.12
C LYS H 116 -9.13 -47.50 -50.38
N ARG H 117 -8.31 -48.14 -49.54
CA ARG H 117 -7.98 -49.58 -49.64
C ARG H 117 -9.02 -50.59 -49.04
N ILE H 118 -9.94 -50.06 -48.22
CA ILE H 118 -11.04 -50.81 -47.57
C ILE H 118 -12.30 -50.50 -48.38
N LEU H 119 -12.20 -49.46 -49.19
CA LEU H 119 -13.31 -49.05 -50.04
C LEU H 119 -13.02 -49.72 -51.40
N LYS H 120 -11.81 -50.27 -51.49
CA LYS H 120 -11.36 -51.01 -52.66
C LYS H 120 -12.06 -52.34 -52.52
N GLU H 121 -11.87 -52.98 -51.37
CA GLU H 121 -12.49 -54.26 -51.09
C GLU H 121 -13.99 -54.17 -51.38
N MET H 122 -14.59 -53.09 -50.90
CA MET H 122 -16.02 -52.81 -51.03
C MET H 122 -16.66 -52.71 -52.43
N GLU H 123 -15.91 -52.22 -53.41
CA GLU H 123 -16.44 -52.09 -54.76
C GLU H 123 -16.34 -53.42 -55.47
N ASP H 124 -15.33 -54.19 -55.10
CA ASP H 124 -15.11 -55.50 -55.68
C ASP H 124 -16.32 -56.30 -55.28
N LEU H 125 -16.91 -55.97 -54.13
CA LEU H 125 -18.14 -56.64 -53.69
C LEU H 125 -19.17 -56.08 -54.65
N GLY H 126 -19.35 -54.76 -54.60
CA GLY H 126 -20.31 -54.19 -55.52
C GLY H 126 -21.15 -53.02 -55.11
N PHE H 127 -20.72 -52.22 -54.14
CA PHE H 127 -21.49 -51.03 -53.75
C PHE H 127 -20.73 -49.88 -54.43
N SER H 128 -21.39 -48.74 -54.63
CA SER H 128 -20.73 -47.63 -55.33
C SER H 128 -20.29 -46.44 -54.48
N ASP H 129 -20.89 -46.30 -53.31
CA ASP H 129 -20.59 -45.21 -52.38
C ASP H 129 -20.93 -45.70 -51.00
N PHE H 130 -20.14 -45.29 -50.02
CA PHE H 130 -20.38 -45.60 -48.62
C PHE H 130 -20.69 -44.19 -48.15
N ASN H 131 -21.37 -44.01 -47.02
CA ASN H 131 -21.64 -42.64 -46.64
C ASN H 131 -21.85 -42.21 -45.19
N LEU H 132 -21.14 -41.12 -44.88
CA LEU H 132 -21.14 -40.53 -43.56
C LEU H 132 -21.95 -39.24 -43.43
N GLY H 133 -22.57 -39.12 -42.25
CA GLY H 133 -23.37 -37.97 -41.87
C GLY H 133 -22.86 -37.68 -40.46
N PRO H 134 -21.72 -36.98 -40.35
CA PRO H 134 -21.10 -36.64 -39.06
C PRO H 134 -21.91 -35.69 -38.17
N GLU H 135 -22.00 -36.06 -36.89
CA GLU H 135 -22.70 -35.32 -35.84
C GLU H 135 -21.66 -35.04 -34.76
N PRO H 136 -20.57 -34.37 -35.12
CA PRO H 136 -19.52 -34.06 -34.16
C PRO H 136 -19.93 -32.98 -33.16
N GLU H 137 -19.60 -33.17 -31.89
CA GLU H 137 -19.95 -32.20 -30.86
C GLU H 137 -18.69 -31.52 -30.28
N PHE H 138 -18.83 -30.39 -29.58
CA PHE H 138 -17.64 -29.72 -29.06
C PHE H 138 -17.84 -28.59 -28.03
N PHE H 139 -17.00 -28.56 -27.00
CA PHE H 139 -17.06 -27.52 -25.95
C PHE H 139 -16.23 -26.26 -26.25
N LEU H 140 -16.52 -25.17 -25.53
CA LEU H 140 -15.78 -23.90 -25.67
C LEU H 140 -15.48 -23.35 -24.29
N PHE H 141 -14.22 -23.05 -24.01
CA PHE H 141 -13.84 -22.57 -22.69
C PHE H 141 -13.16 -21.21 -22.68
N LYS H 142 -13.84 -20.22 -22.11
CA LYS H 142 -13.26 -18.89 -22.06
C LYS H 142 -11.77 -18.87 -21.67
N LEU H 143 -10.95 -18.75 -22.70
CA LEU H 143 -9.49 -18.67 -22.56
C LEU H 143 -9.29 -17.55 -21.54
N ASP H 144 -8.14 -17.50 -20.87
CA ASP H 144 -7.96 -16.41 -19.93
C ASP H 144 -7.03 -15.29 -20.41
N GLU H 145 -6.60 -14.45 -19.48
CA GLU H 145 -5.74 -13.30 -19.76
C GLU H 145 -4.39 -13.62 -20.43
N LYS H 146 -3.84 -14.81 -20.19
CA LYS H 146 -2.59 -15.15 -20.86
C LYS H 146 -3.04 -15.61 -22.25
N GLY H 147 -3.91 -16.60 -22.28
CA GLY H 147 -4.41 -17.12 -23.54
C GLY H 147 -4.42 -18.63 -23.46
N GLU H 148 -4.53 -19.13 -22.23
CA GLU H 148 -4.57 -20.57 -21.97
C GLU H 148 -5.99 -21.01 -21.55
N PRO H 149 -6.30 -22.31 -21.73
CA PRO H 149 -7.60 -22.81 -21.37
C PRO H 149 -7.79 -22.95 -19.87
N THR H 150 -8.73 -22.17 -19.37
CA THR H 150 -9.10 -22.21 -17.96
C THR H 150 -10.25 -23.22 -18.01
N LEU H 151 -11.06 -23.30 -16.97
CA LEU H 151 -12.18 -24.25 -16.96
C LEU H 151 -13.57 -23.58 -17.02
N GLU H 152 -13.61 -22.30 -17.44
CA GLU H 152 -14.86 -21.54 -17.54
C GLU H 152 -15.57 -21.59 -18.93
N LEU H 153 -16.45 -22.59 -19.11
CA LEU H 153 -17.27 -22.82 -20.34
C LEU H 153 -17.91 -21.51 -20.86
N ASN H 154 -17.89 -21.26 -22.17
CA ASN H 154 -18.42 -19.99 -22.72
C ASN H 154 -19.86 -19.46 -22.51
N ASP H 155 -20.81 -20.30 -22.08
CA ASP H 155 -22.18 -19.85 -21.75
C ASP H 155 -22.91 -20.90 -20.95
N LYS H 156 -24.19 -20.72 -20.67
CA LYS H 156 -24.84 -21.75 -19.87
C LYS H 156 -26.17 -22.27 -20.41
N GLY H 157 -26.20 -22.60 -21.70
CA GLY H 157 -27.43 -23.10 -22.29
C GLY H 157 -27.72 -24.58 -22.09
N GLY H 158 -28.58 -25.07 -22.97
CA GLY H 158 -29.00 -26.45 -22.98
C GLY H 158 -29.32 -26.89 -24.39
N TYR H 159 -30.40 -27.62 -24.52
CA TYR H 159 -30.78 -28.16 -25.80
C TYR H 159 -31.44 -27.23 -26.80
N PHE H 160 -30.67 -26.78 -27.79
CA PHE H 160 -31.20 -25.89 -28.82
C PHE H 160 -31.63 -24.54 -28.27
N ASP H 161 -31.28 -24.25 -27.01
CA ASP H 161 -31.63 -22.97 -26.41
C ASP H 161 -31.37 -21.91 -27.46
N LEU H 162 -32.23 -20.90 -27.52
CA LEU H 162 -31.99 -19.84 -28.46
C LEU H 162 -30.90 -19.01 -27.79
N ALA H 163 -29.65 -19.42 -28.01
CA ALA H 163 -28.53 -18.71 -27.43
C ALA H 163 -28.69 -17.25 -27.83
N PRO H 164 -28.72 -16.34 -26.85
CA PRO H 164 -28.87 -14.91 -27.13
C PRO H 164 -27.78 -14.34 -28.04
N THR H 165 -28.21 -13.84 -29.20
CA THR H 165 -27.33 -13.27 -30.22
C THR H 165 -25.98 -12.67 -29.78
N ASP H 166 -25.00 -13.52 -29.47
CA ASP H 166 -23.65 -13.05 -29.08
C ASP H 166 -22.58 -14.03 -28.55
N LEU H 167 -22.73 -14.55 -27.31
CA LEU H 167 -21.75 -15.44 -26.69
C LEU H 167 -21.44 -16.78 -27.36
N GLY H 168 -22.42 -17.66 -27.38
CA GLY H 168 -22.25 -18.96 -28.00
C GLY H 168 -22.69 -18.85 -29.46
N GLU H 169 -23.89 -18.33 -29.66
CA GLU H 169 -24.43 -18.18 -31.00
C GLU H 169 -23.56 -17.35 -31.94
N ASN H 170 -23.20 -16.13 -31.56
CA ASN H 170 -22.37 -15.31 -32.44
C ASN H 170 -21.04 -16.03 -32.70
N CYS H 171 -20.73 -17.07 -31.92
CA CYS H 171 -19.51 -17.80 -32.16
C CYS H 171 -19.83 -18.96 -33.07
N ARG H 172 -20.76 -19.79 -32.61
CA ARG H 172 -21.24 -20.96 -33.34
C ARG H 172 -21.67 -20.42 -34.70
N ARG H 173 -22.06 -19.15 -34.72
CA ARG H 173 -22.45 -18.46 -35.93
C ARG H 173 -21.19 -18.43 -36.75
N ASP H 174 -20.28 -17.59 -36.28
CA ASP H 174 -19.00 -17.36 -36.91
C ASP H 174 -18.49 -18.59 -37.58
N ILE H 175 -18.29 -19.61 -36.76
CA ILE H 175 -17.78 -20.89 -37.21
C ILE H 175 -18.69 -21.60 -38.20
N VAL H 176 -19.91 -21.09 -38.34
CA VAL H 176 -20.89 -21.62 -39.29
C VAL H 176 -20.91 -20.83 -40.60
N LEU H 177 -20.38 -19.60 -40.56
CA LEU H 177 -20.34 -18.75 -41.74
C LEU H 177 -18.98 -18.75 -42.44
N GLU H 178 -17.91 -19.05 -41.70
CA GLU H 178 -16.57 -19.12 -42.30
C GLU H 178 -16.43 -20.48 -42.97
N LEU H 179 -17.28 -21.40 -42.51
CA LEU H 179 -17.37 -22.77 -43.00
C LEU H 179 -18.19 -22.79 -44.29
N GLU H 180 -19.13 -21.85 -44.40
CA GLU H 180 -19.92 -21.77 -45.61
C GLU H 180 -18.86 -21.53 -46.68
N GLU H 181 -18.14 -20.43 -46.56
CA GLU H 181 -17.06 -20.11 -47.51
C GLU H 181 -15.79 -20.92 -47.24
N MET H 182 -15.62 -21.99 -48.02
CA MET H 182 -14.49 -22.91 -47.95
C MET H 182 -14.96 -24.18 -48.65
N GLY H 183 -16.26 -24.21 -48.94
CA GLY H 183 -16.88 -25.34 -49.59
C GLY H 183 -17.81 -26.16 -48.71
N PHE H 184 -17.67 -26.01 -47.40
CA PHE H 184 -18.49 -26.77 -46.45
C PHE H 184 -19.99 -26.71 -46.61
N GLU H 185 -20.60 -27.85 -46.39
CA GLU H 185 -22.04 -27.97 -46.46
C GLU H 185 -22.42 -28.19 -45.00
N ILE H 186 -22.97 -27.14 -44.39
CA ILE H 186 -23.43 -27.18 -42.99
C ILE H 186 -24.95 -27.37 -43.02
N GLU H 187 -25.42 -28.38 -42.30
CA GLU H 187 -26.84 -28.73 -42.27
C GLU H 187 -27.74 -27.97 -41.29
N ALA H 188 -27.11 -27.47 -40.21
CA ALA H 188 -27.77 -26.76 -39.13
C ALA H 188 -26.88 -26.96 -37.92
N SER H 189 -26.97 -26.05 -36.97
CA SER H 189 -26.20 -26.17 -35.75
C SER H 189 -27.21 -26.04 -34.62
N HIS H 190 -26.75 -26.17 -33.38
CA HIS H 190 -27.65 -26.07 -32.25
C HIS H 190 -26.97 -26.37 -30.94
N HIS H 191 -27.05 -25.45 -29.99
CA HIS H 191 -26.44 -25.65 -28.67
C HIS H 191 -26.77 -27.10 -28.28
N GLU H 192 -26.03 -27.67 -27.34
CA GLU H 192 -26.24 -29.06 -26.89
C GLU H 192 -26.61 -29.16 -25.42
N VAL H 193 -26.90 -30.39 -25.00
CA VAL H 193 -27.27 -30.70 -23.61
C VAL H 193 -26.45 -29.89 -22.59
N ALA H 194 -25.13 -30.14 -22.60
CA ALA H 194 -24.16 -29.52 -21.70
C ALA H 194 -23.86 -28.03 -21.93
N PRO H 195 -23.97 -27.22 -20.86
CA PRO H 195 -23.73 -25.78 -20.89
C PRO H 195 -22.37 -25.53 -21.44
N GLY H 196 -22.30 -24.79 -22.53
CA GLY H 196 -21.01 -24.49 -23.13
C GLY H 196 -20.65 -25.58 -24.09
N GLN H 197 -21.67 -26.25 -24.62
CA GLN H 197 -21.46 -27.28 -25.60
C GLN H 197 -22.14 -26.83 -26.88
N HIS H 198 -21.79 -27.49 -27.99
CA HIS H 198 -22.33 -27.13 -29.29
C HIS H 198 -22.24 -28.31 -30.24
N GLU H 199 -22.91 -28.21 -31.38
CA GLU H 199 -22.87 -29.26 -32.37
C GLU H 199 -23.07 -28.63 -33.73
N ILE H 200 -22.11 -28.83 -34.61
CA ILE H 200 -22.27 -28.32 -35.95
C ILE H 200 -22.37 -29.56 -36.84
N ASP H 201 -23.56 -29.73 -37.45
CA ASP H 201 -23.92 -30.84 -38.34
C ASP H 201 -23.75 -30.57 -39.82
N PHE H 202 -23.28 -31.55 -40.61
CA PHE H 202 -23.14 -31.27 -42.03
C PHE H 202 -23.44 -32.39 -43.04
N LYS H 203 -23.86 -31.96 -44.23
CA LYS H 203 -24.25 -32.80 -45.37
C LYS H 203 -23.38 -34.04 -45.48
N TYR H 204 -24.01 -35.18 -45.77
CA TYR H 204 -23.26 -36.44 -45.88
C TYR H 204 -22.35 -36.45 -47.11
N ALA H 205 -21.34 -37.31 -47.11
CA ALA H 205 -20.44 -37.37 -48.25
C ALA H 205 -19.63 -38.65 -48.29
N GLY H 206 -18.79 -38.75 -49.30
CA GLY H 206 -17.95 -39.93 -49.44
C GLY H 206 -17.14 -40.03 -48.17
N ALA H 207 -17.21 -41.18 -47.50
CA ALA H 207 -16.45 -41.35 -46.28
C ALA H 207 -15.12 -40.61 -46.44
N VAL H 208 -14.37 -40.96 -47.50
CA VAL H 208 -13.06 -40.34 -47.82
C VAL H 208 -13.00 -38.85 -47.58
N ARG H 209 -14.01 -38.19 -48.11
CA ARG H 209 -14.11 -36.75 -48.03
C ARG H 209 -14.67 -36.24 -46.70
N SER H 210 -15.55 -37.00 -46.05
CA SER H 210 -16.10 -36.57 -44.76
C SER H 210 -14.94 -36.49 -43.80
N CYS H 211 -14.26 -37.64 -43.60
CA CYS H 211 -13.11 -37.78 -42.70
C CYS H 211 -12.28 -36.55 -42.82
N ASP H 212 -12.15 -36.14 -44.07
CA ASP H 212 -11.41 -34.96 -44.46
C ASP H 212 -12.22 -33.76 -43.98
N ASP H 213 -13.43 -33.63 -44.48
CA ASP H 213 -14.25 -32.53 -44.08
C ASP H 213 -14.24 -32.44 -42.57
N ILE H 214 -13.94 -33.57 -41.91
CA ILE H 214 -13.88 -33.69 -40.43
C ILE H 214 -12.62 -33.13 -39.82
N GLN H 215 -11.49 -33.36 -40.48
CA GLN H 215 -10.21 -32.88 -40.00
C GLN H 215 -10.12 -31.36 -40.19
N THR H 216 -10.52 -30.89 -41.36
CA THR H 216 -10.50 -29.46 -41.66
C THR H 216 -11.35 -28.81 -40.58
N PHE H 217 -12.45 -29.50 -40.22
CA PHE H 217 -13.39 -28.98 -39.25
C PHE H 217 -12.80 -28.75 -37.88
N LYS H 218 -11.94 -29.64 -37.41
CA LYS H 218 -11.39 -29.40 -36.09
C LYS H 218 -10.36 -28.28 -36.21
N LEU H 219 -9.72 -28.20 -37.37
CA LEU H 219 -8.69 -27.22 -37.66
C LEU H 219 -9.24 -25.79 -37.71
N VAL H 220 -10.50 -25.68 -38.15
CA VAL H 220 -11.16 -24.39 -38.24
C VAL H 220 -11.88 -24.07 -36.94
N VAL H 221 -12.82 -24.91 -36.52
CA VAL H 221 -13.56 -24.65 -35.27
C VAL H 221 -12.60 -24.18 -34.21
N LYS H 222 -11.38 -24.72 -34.26
CA LYS H 222 -10.40 -24.37 -33.27
C LYS H 222 -9.78 -22.99 -33.41
N THR H 223 -9.48 -22.49 -34.61
CA THR H 223 -8.86 -21.18 -34.63
C THR H 223 -9.81 -20.02 -34.81
N ILE H 224 -11.10 -20.32 -34.95
CA ILE H 224 -12.05 -19.26 -35.09
C ILE H 224 -12.47 -18.94 -33.68
N ALA H 225 -12.55 -19.99 -32.86
CA ALA H 225 -12.92 -19.84 -31.46
C ALA H 225 -11.83 -19.05 -30.75
N ARG H 226 -10.63 -19.18 -31.29
CA ARG H 226 -9.50 -18.51 -30.71
C ARG H 226 -9.69 -17.03 -30.98
N LYS H 227 -10.16 -16.70 -32.17
CA LYS H 227 -10.35 -15.30 -32.52
C LYS H 227 -11.27 -14.59 -31.54
N HIS H 228 -12.18 -15.34 -30.94
CA HIS H 228 -13.19 -14.80 -30.02
C HIS H 228 -12.99 -14.83 -28.49
N GLY H 229 -11.86 -15.36 -28.02
CA GLY H 229 -11.59 -15.43 -26.59
C GLY H 229 -11.71 -16.80 -25.95
N LEU H 230 -12.14 -17.81 -26.73
CA LEU H 230 -12.36 -19.17 -26.24
C LEU H 230 -11.53 -20.28 -26.91
N HIS H 231 -11.62 -21.46 -26.28
CA HIS H 231 -10.92 -22.70 -26.62
C HIS H 231 -11.88 -23.85 -26.97
N ALA H 232 -11.96 -24.24 -28.25
CA ALA H 232 -12.87 -25.33 -28.61
C ALA H 232 -12.25 -26.71 -28.40
N THR H 233 -12.81 -27.50 -27.48
CA THR H 233 -12.26 -28.84 -27.29
C THR H 233 -13.25 -29.96 -27.66
N PHE H 234 -12.72 -30.91 -28.41
CA PHE H 234 -13.43 -32.09 -28.88
C PHE H 234 -13.20 -33.33 -27.97
N MET H 235 -12.43 -33.19 -26.91
CA MET H 235 -12.17 -34.30 -26.00
C MET H 235 -13.51 -34.94 -25.54
N PRO H 236 -13.62 -36.26 -25.67
CA PRO H 236 -14.80 -37.07 -25.31
C PRO H 236 -15.64 -36.63 -24.13
N LYS H 237 -15.01 -36.43 -22.98
CA LYS H 237 -15.75 -36.03 -21.77
C LYS H 237 -14.81 -35.09 -21.01
N PRO H 238 -14.91 -33.77 -21.24
CA PRO H 238 -14.02 -32.87 -20.52
C PRO H 238 -14.30 -32.67 -19.04
N LEU H 239 -15.57 -32.58 -18.68
CA LEU H 239 -15.92 -32.40 -17.28
C LEU H 239 -16.65 -33.61 -16.74
N PHE H 240 -16.57 -33.80 -15.43
CA PHE H 240 -17.25 -34.91 -14.82
C PHE H 240 -18.60 -34.44 -14.35
N GLY H 241 -19.56 -35.36 -14.38
CA GLY H 241 -20.90 -35.05 -13.96
C GLY H 241 -21.70 -34.60 -15.16
N VAL H 242 -21.09 -33.77 -15.99
CA VAL H 242 -21.76 -33.27 -17.20
C VAL H 242 -21.42 -34.14 -18.41
N ASN H 243 -22.26 -34.03 -19.42
CA ASN H 243 -22.15 -34.79 -20.65
C ASN H 243 -20.83 -34.64 -21.38
N GLY H 244 -20.63 -35.55 -22.33
CA GLY H 244 -19.44 -35.54 -23.16
C GLY H 244 -19.86 -35.45 -24.61
N SER H 245 -19.08 -34.72 -25.40
CA SER H 245 -19.38 -34.58 -26.83
C SER H 245 -19.12 -35.92 -27.57
N GLY H 246 -19.83 -36.09 -28.68
CA GLY H 246 -19.73 -37.30 -29.48
C GLY H 246 -19.96 -37.07 -30.97
N MET H 247 -19.14 -37.76 -31.76
CA MET H 247 -19.17 -37.67 -33.21
C MET H 247 -20.04 -38.71 -33.91
N HIS H 248 -21.28 -38.85 -33.47
CA HIS H 248 -22.20 -39.81 -34.08
C HIS H 248 -21.97 -39.88 -35.59
N CYS H 249 -22.08 -41.07 -36.17
CA CYS H 249 -21.88 -41.23 -37.62
C CYS H 249 -23.03 -41.98 -38.26
N ASN H 250 -23.58 -41.41 -39.33
CA ASN H 250 -24.66 -42.05 -40.04
C ASN H 250 -23.98 -42.67 -41.24
N LEU H 251 -24.35 -43.89 -41.59
CA LEU H 251 -23.74 -44.51 -42.75
C LEU H 251 -24.86 -44.94 -43.66
N SER H 252 -24.68 -44.75 -44.96
CA SER H 252 -25.68 -45.18 -45.92
C SER H 252 -24.95 -45.66 -47.17
N LEU H 253 -24.86 -46.99 -47.26
CA LEU H 253 -24.18 -47.78 -48.31
C LEU H 253 -24.94 -47.90 -49.63
N PHE H 254 -24.62 -47.06 -50.60
CA PHE H 254 -25.31 -47.06 -51.89
C PHE H 254 -24.84 -48.14 -52.88
N LYS H 255 -25.61 -48.35 -53.96
CA LYS H 255 -25.30 -49.34 -55.03
C LYS H 255 -26.10 -49.14 -56.35
N ASN H 256 -25.60 -48.26 -57.22
CA ASN H 256 -26.22 -47.85 -58.50
C ASN H 256 -26.50 -46.38 -58.28
N GLY H 257 -25.99 -45.85 -57.17
CA GLY H 257 -26.28 -44.49 -56.83
C GLY H 257 -27.68 -44.60 -56.23
N VAL H 258 -27.92 -45.74 -55.58
CA VAL H 258 -29.20 -46.05 -54.93
C VAL H 258 -28.83 -46.27 -53.45
N ASN H 259 -29.78 -46.66 -52.61
CA ASN H 259 -29.50 -46.87 -51.19
C ASN H 259 -29.82 -48.32 -50.80
N ALA H 260 -28.80 -49.15 -50.65
CA ALA H 260 -29.02 -50.56 -50.33
C ALA H 260 -29.55 -50.89 -48.94
N PHE H 261 -30.02 -49.89 -48.21
CA PHE H 261 -30.62 -50.13 -46.88
C PHE H 261 -32.15 -49.90 -46.98
N PHE H 262 -32.61 -49.51 -48.16
CA PHE H 262 -34.03 -49.24 -48.35
C PHE H 262 -34.76 -50.28 -49.19
N ASP H 263 -35.94 -50.69 -48.71
CA ASP H 263 -36.80 -51.66 -49.40
C ASP H 263 -38.30 -51.53 -49.10
N GLU H 264 -39.02 -50.72 -49.89
CA GLU H 264 -40.46 -50.45 -49.76
C GLU H 264 -41.40 -51.58 -49.32
N ASN H 265 -41.20 -52.79 -49.85
CA ASN H 265 -42.04 -53.95 -49.53
C ASN H 265 -41.66 -54.61 -48.21
N ALA H 266 -40.49 -54.21 -47.70
CA ALA H 266 -39.92 -54.79 -46.50
C ALA H 266 -40.21 -54.19 -45.12
N ASP H 267 -40.06 -55.06 -44.11
CA ASP H 267 -40.25 -54.75 -42.70
C ASP H 267 -39.24 -53.72 -42.16
N LEU H 268 -39.77 -52.56 -41.77
CA LEU H 268 -39.02 -51.41 -41.25
C LEU H 268 -38.51 -50.54 -42.40
N GLN H 269 -38.52 -51.10 -43.60
CA GLN H 269 -38.06 -50.40 -44.79
C GLN H 269 -36.53 -50.48 -44.81
N LEU H 270 -36.04 -51.62 -44.33
CA LEU H 270 -34.61 -51.92 -44.25
C LEU H 270 -34.28 -53.10 -45.16
N SER H 271 -33.34 -52.94 -46.08
CA SER H 271 -32.98 -54.05 -46.96
C SER H 271 -32.26 -55.17 -46.23
N GLU H 272 -32.33 -56.40 -46.77
CA GLU H 272 -31.65 -57.50 -46.12
C GLU H 272 -30.20 -57.07 -46.02
N THR H 273 -29.67 -56.53 -47.12
CA THR H 273 -28.29 -56.06 -47.15
C THR H 273 -28.05 -55.20 -45.91
N ALA H 274 -29.15 -54.69 -45.33
CA ALA H 274 -29.14 -53.86 -44.11
C ALA H 274 -28.90 -54.74 -42.90
N LYS H 275 -29.87 -55.59 -42.55
CA LYS H 275 -29.74 -56.50 -41.41
C LYS H 275 -28.41 -57.23 -41.39
N HIS H 276 -27.72 -57.24 -42.52
CA HIS H 276 -26.46 -57.93 -42.58
C HIS H 276 -25.42 -56.91 -42.21
N PHE H 277 -25.68 -55.67 -42.60
CA PHE H 277 -24.80 -54.58 -42.26
C PHE H 277 -24.95 -54.33 -40.77
N ILE H 278 -26.19 -54.33 -40.28
CA ILE H 278 -26.38 -54.11 -38.87
C ILE H 278 -25.82 -55.31 -38.14
N ALA H 279 -26.32 -56.51 -38.43
CA ALA H 279 -25.82 -57.70 -37.76
C ALA H 279 -24.33 -57.54 -37.51
N GLY H 280 -23.58 -57.46 -38.60
CA GLY H 280 -22.14 -57.32 -38.52
C GLY H 280 -21.50 -56.19 -37.70
N ILE H 281 -22.19 -55.08 -37.51
CA ILE H 281 -21.59 -54.00 -36.74
C ILE H 281 -21.80 -54.28 -35.25
N VAL H 282 -22.70 -55.21 -34.95
CA VAL H 282 -22.99 -55.55 -33.58
C VAL H 282 -22.01 -56.58 -33.07
N LYS H 283 -21.54 -57.37 -34.02
CA LYS H 283 -20.63 -58.45 -33.72
C LYS H 283 -19.28 -57.91 -33.28
N HIS H 284 -18.75 -56.97 -34.05
CA HIS H 284 -17.44 -56.39 -33.78
C HIS H 284 -17.49 -55.12 -32.94
N ALA H 285 -18.65 -54.87 -32.35
CA ALA H 285 -18.90 -53.70 -31.51
C ALA H 285 -17.89 -53.44 -30.41
N THR H 286 -17.76 -54.41 -29.51
CA THR H 286 -16.83 -54.29 -28.40
C THR H 286 -15.44 -54.63 -28.87
N SER H 287 -15.31 -54.82 -30.17
CA SER H 287 -14.02 -55.10 -30.75
C SER H 287 -13.49 -53.76 -31.24
N PHE H 288 -14.12 -53.17 -32.27
CA PHE H 288 -13.65 -51.88 -32.80
C PHE H 288 -13.87 -50.66 -31.90
N THR H 289 -14.25 -50.91 -30.64
CA THR H 289 -14.44 -49.84 -29.65
C THR H 289 -13.07 -49.27 -29.30
N ALA H 290 -12.03 -49.92 -29.78
CA ALA H 290 -10.69 -49.46 -29.48
C ALA H 290 -10.32 -48.33 -30.43
N VAL H 291 -10.58 -48.50 -31.73
CA VAL H 291 -10.21 -47.47 -32.71
C VAL H 291 -11.14 -46.26 -32.86
N THR H 292 -12.35 -46.38 -32.34
CA THR H 292 -13.33 -45.30 -32.46
C THR H 292 -13.35 -44.37 -31.25
N ASN H 293 -13.31 -44.97 -30.08
CA ASN H 293 -13.30 -44.24 -28.81
C ASN H 293 -11.94 -44.57 -28.21
N PRO H 294 -10.84 -44.11 -28.86
CA PRO H 294 -9.41 -44.28 -28.53
C PRO H 294 -8.70 -43.60 -27.37
N THR H 295 -9.39 -42.97 -26.44
CA THR H 295 -8.62 -42.34 -25.40
C THR H 295 -8.92 -42.88 -24.01
N VAL H 296 -8.07 -42.53 -23.05
CA VAL H 296 -8.30 -43.00 -21.71
C VAL H 296 -9.60 -42.34 -21.27
N ASN H 297 -9.80 -41.12 -21.76
CA ASN H 297 -11.00 -40.30 -21.45
C ASN H 297 -12.33 -40.72 -22.11
N SER H 298 -12.30 -41.19 -23.36
CA SER H 298 -13.51 -41.60 -24.06
C SER H 298 -14.21 -42.65 -23.24
N TYR H 299 -13.50 -43.23 -22.28
CA TYR H 299 -14.11 -44.26 -21.46
C TYR H 299 -14.79 -43.83 -20.16
N LYS H 300 -14.86 -42.52 -19.93
CA LYS H 300 -15.53 -41.95 -18.76
C LYS H 300 -16.69 -41.20 -19.37
N ARG H 301 -16.81 -41.39 -20.69
CA ARG H 301 -17.88 -40.82 -21.50
C ARG H 301 -18.92 -41.93 -21.67
N LEU H 302 -18.45 -43.15 -21.95
CA LEU H 302 -19.32 -44.31 -22.12
C LEU H 302 -19.77 -44.78 -20.73
N VAL H 303 -20.45 -43.89 -20.05
CA VAL H 303 -20.91 -44.12 -18.71
C VAL H 303 -22.43 -44.04 -18.80
N PRO H 304 -23.14 -44.82 -17.96
CA PRO H 304 -24.59 -44.74 -18.02
C PRO H 304 -25.03 -43.37 -17.51
N GLY H 305 -26.01 -42.78 -18.22
CA GLY H 305 -26.55 -41.50 -17.81
C GLY H 305 -26.14 -40.17 -18.42
N TYR H 306 -25.72 -40.15 -19.68
CA TYR H 306 -25.31 -38.91 -20.33
C TYR H 306 -25.59 -39.12 -21.83
N GLU H 307 -26.69 -39.81 -22.11
CA GLU H 307 -27.13 -40.20 -23.45
C GLU H 307 -26.09 -40.92 -24.32
N ALA H 308 -25.04 -41.45 -23.69
CA ALA H 308 -24.00 -42.18 -24.40
C ALA H 308 -24.18 -43.69 -24.24
N PRO H 309 -24.01 -44.44 -25.35
CA PRO H 309 -24.13 -45.90 -25.50
C PRO H 309 -23.36 -46.71 -24.49
N CYS H 310 -24.02 -47.60 -23.75
CA CYS H 310 -23.30 -48.43 -22.78
C CYS H 310 -23.22 -49.93 -23.13
N TYR H 311 -24.17 -50.46 -23.89
CA TYR H 311 -24.13 -51.88 -24.25
C TYR H 311 -24.58 -52.15 -25.69
N VAL H 312 -23.95 -53.12 -26.36
CA VAL H 312 -24.30 -53.40 -27.75
C VAL H 312 -25.73 -53.88 -27.94
N ALA H 313 -26.55 -52.98 -28.47
CA ALA H 313 -27.94 -53.30 -28.72
C ALA H 313 -28.48 -52.28 -29.71
N TRP H 314 -29.01 -52.79 -30.81
CA TRP H 314 -29.52 -51.90 -31.84
C TRP H 314 -31.00 -51.60 -31.56
N SER H 315 -31.40 -50.39 -31.96
CA SER H 315 -32.73 -49.88 -31.67
C SER H 315 -33.18 -48.87 -32.73
N ALA H 316 -34.47 -48.51 -32.68
CA ALA H 316 -35.03 -47.49 -33.58
C ALA H 316 -35.71 -46.43 -32.69
N GLN H 317 -35.81 -46.76 -31.39
CA GLN H 317 -36.41 -45.90 -30.38
C GLN H 317 -36.08 -46.45 -28.99
N ASN H 318 -35.09 -45.84 -28.34
CA ASN H 318 -34.68 -46.27 -27.02
C ASN H 318 -33.64 -45.30 -26.47
N ARG H 319 -33.55 -45.28 -25.15
CA ARG H 319 -32.64 -44.41 -24.40
C ARG H 319 -31.32 -44.17 -25.10
N SER H 320 -30.31 -44.92 -24.69
CA SER H 320 -28.99 -44.79 -25.28
C SER H 320 -28.65 -46.02 -26.11
N PRO H 321 -28.97 -45.98 -27.41
CA PRO H 321 -28.66 -47.12 -28.28
C PRO H 321 -27.18 -47.11 -28.75
N LEU H 322 -26.64 -48.26 -29.16
CA LEU H 322 -25.26 -48.28 -29.67
C LEU H 322 -25.45 -48.17 -31.16
N ILE H 323 -26.67 -48.40 -31.59
CA ILE H 323 -26.99 -48.27 -32.99
C ILE H 323 -28.41 -47.73 -33.07
N ARG H 324 -28.56 -46.58 -33.72
CA ARG H 324 -29.87 -46.00 -33.86
C ARG H 324 -30.27 -45.88 -35.30
N ILE H 325 -31.45 -46.37 -35.61
CA ILE H 325 -31.90 -46.29 -36.97
C ILE H 325 -32.88 -45.15 -37.08
N PRO H 326 -32.46 -44.08 -37.77
CA PRO H 326 -33.39 -42.96 -37.90
C PRO H 326 -34.58 -43.46 -38.66
N ALA H 327 -35.68 -42.75 -38.55
CA ALA H 327 -36.85 -43.13 -39.30
C ALA H 327 -36.43 -42.74 -40.71
N SER H 328 -37.02 -41.66 -41.23
CA SER H 328 -36.77 -41.14 -42.59
C SER H 328 -36.28 -42.22 -43.53
N ARG H 329 -37.05 -42.47 -44.59
CA ARG H 329 -36.67 -43.51 -45.53
C ARG H 329 -36.27 -43.06 -46.91
N GLY H 330 -36.13 -44.03 -47.81
CA GLY H 330 -35.72 -43.68 -49.15
C GLY H 330 -34.22 -43.51 -49.16
N ILE H 331 -33.73 -42.50 -49.87
CA ILE H 331 -32.29 -42.28 -49.98
C ILE H 331 -31.55 -41.84 -48.71
N SER H 332 -32.27 -41.54 -47.62
CA SER H 332 -31.55 -41.16 -46.40
C SER H 332 -31.78 -42.21 -45.34
N THR H 333 -31.83 -43.46 -45.80
CA THR H 333 -32.02 -44.63 -44.93
C THR H 333 -30.60 -44.92 -44.54
N ARG H 334 -30.24 -44.73 -43.28
CA ARG H 334 -28.87 -45.08 -42.89
C ARG H 334 -28.86 -45.72 -41.52
N VAL H 335 -27.68 -45.86 -40.94
CA VAL H 335 -27.60 -46.43 -39.62
C VAL H 335 -26.65 -45.53 -38.84
N GLU H 336 -27.15 -44.99 -37.73
CA GLU H 336 -26.33 -44.12 -36.89
C GLU H 336 -25.68 -44.89 -35.76
N VAL H 337 -24.35 -44.82 -35.70
CA VAL H 337 -23.59 -45.45 -34.64
C VAL H 337 -23.21 -44.39 -33.61
N ARG H 338 -23.90 -44.42 -32.49
CA ARG H 338 -23.70 -43.44 -31.46
C ARG H 338 -22.42 -43.57 -30.65
N SER H 339 -21.63 -44.60 -30.90
CA SER H 339 -20.42 -44.76 -30.11
C SER H 339 -19.11 -44.06 -30.55
N VAL H 340 -18.98 -43.69 -31.82
CA VAL H 340 -17.77 -43.02 -32.27
C VAL H 340 -17.59 -41.76 -31.42
N ASP H 341 -16.52 -40.99 -31.62
CA ASP H 341 -16.33 -39.75 -30.87
C ASP H 341 -15.19 -38.90 -31.41
N PRO H 342 -15.33 -37.58 -31.31
CA PRO H 342 -14.42 -36.52 -31.75
C PRO H 342 -12.90 -36.74 -31.71
N ALA H 343 -12.44 -37.54 -30.75
CA ALA H 343 -11.02 -37.82 -30.60
C ALA H 343 -10.58 -38.88 -31.62
N ALA H 344 -11.55 -39.33 -32.39
CA ALA H 344 -11.34 -40.38 -33.37
C ALA H 344 -10.49 -40.01 -34.57
N ASN H 345 -9.97 -41.06 -35.21
CA ASN H 345 -9.21 -40.90 -36.43
C ASN H 345 -10.30 -41.18 -37.47
N PRO H 346 -10.88 -40.11 -38.04
CA PRO H 346 -11.93 -40.17 -39.05
C PRO H 346 -11.72 -41.26 -40.06
N TYR H 347 -10.47 -41.53 -40.44
CA TYR H 347 -10.22 -42.57 -41.42
C TYR H 347 -10.12 -43.98 -40.83
N LEU H 348 -9.55 -44.10 -39.63
CA LEU H 348 -9.35 -45.41 -38.95
C LEU H 348 -10.59 -46.00 -38.30
N ALA H 349 -11.47 -45.14 -37.79
CA ALA H 349 -12.73 -45.57 -37.17
C ALA H 349 -13.71 -45.81 -38.32
N LEU H 350 -13.49 -45.07 -39.40
CA LEU H 350 -14.28 -45.18 -40.59
C LEU H 350 -13.77 -46.35 -41.45
N SER H 351 -12.80 -47.10 -40.94
CA SER H 351 -12.25 -48.28 -41.62
C SER H 351 -12.94 -49.45 -40.95
N VAL H 352 -12.77 -49.52 -39.63
CA VAL H 352 -13.40 -50.58 -38.87
C VAL H 352 -14.94 -50.38 -38.86
N LEU H 353 -15.43 -49.26 -39.43
CA LEU H 353 -16.88 -49.08 -39.49
C LEU H 353 -17.38 -49.67 -40.82
N LEU H 354 -16.67 -49.41 -41.92
CA LEU H 354 -17.06 -50.03 -43.21
C LEU H 354 -16.31 -51.37 -43.35
N ALA H 355 -15.87 -51.92 -42.22
CA ALA H 355 -15.18 -53.20 -42.26
C ALA H 355 -16.14 -54.27 -41.67
N ALA H 356 -16.31 -54.22 -40.35
CA ALA H 356 -17.21 -55.12 -39.61
C ALA H 356 -18.60 -55.08 -40.23
N GLY H 357 -18.89 -53.97 -40.90
CA GLY H 357 -20.17 -53.84 -41.57
C GLY H 357 -20.09 -54.71 -42.80
N LEU H 358 -19.00 -54.55 -43.57
CA LEU H 358 -18.83 -55.36 -44.75
C LEU H 358 -18.54 -56.81 -44.34
N ASP H 359 -18.30 -57.04 -43.05
CA ASP H 359 -18.04 -58.40 -42.56
C ASP H 359 -19.39 -59.07 -42.40
N GLY H 360 -20.42 -58.28 -42.70
CA GLY H 360 -21.76 -58.79 -42.58
C GLY H 360 -22.32 -59.04 -43.95
N ILE H 361 -22.38 -58.00 -44.76
CA ILE H 361 -22.95 -58.17 -46.07
C ILE H 361 -22.38 -59.26 -46.95
N LYS H 362 -21.22 -59.82 -46.61
CA LYS H 362 -20.72 -60.95 -47.41
C LYS H 362 -21.05 -62.22 -46.65
N ASN H 363 -20.78 -62.24 -45.35
CA ASN H 363 -21.10 -63.40 -44.53
C ASN H 363 -22.56 -63.42 -44.02
N LYS H 364 -23.47 -62.67 -44.67
CA LYS H 364 -24.87 -62.63 -44.23
C LYS H 364 -25.02 -63.02 -42.78
N LEU H 365 -24.78 -62.13 -41.83
CA LEU H 365 -24.94 -62.51 -40.43
C LEU H 365 -26.41 -62.34 -40.08
N GLU H 366 -26.78 -62.63 -38.84
CA GLU H 366 -28.19 -62.55 -38.43
C GLU H 366 -28.60 -61.41 -37.51
N ALA H 367 -29.04 -60.28 -38.05
CA ALA H 367 -29.44 -59.18 -37.17
C ALA H 367 -30.31 -59.82 -36.09
N PRO H 368 -30.12 -59.43 -34.81
CA PRO H 368 -30.85 -59.95 -33.65
C PRO H 368 -32.01 -59.11 -33.12
N ALA H 369 -32.37 -59.38 -31.88
CA ALA H 369 -33.46 -58.67 -31.26
C ALA H 369 -33.16 -57.19 -31.02
N PRO H 370 -33.86 -56.30 -31.74
CA PRO H 370 -33.69 -54.85 -31.61
C PRO H 370 -34.33 -54.44 -30.29
N ILE H 371 -33.51 -53.87 -29.41
CA ILE H 371 -33.97 -53.44 -28.08
C ILE H 371 -35.06 -52.35 -28.13
N ASP H 372 -36.30 -52.74 -27.79
CA ASP H 372 -37.38 -51.77 -27.76
C ASP H 372 -37.79 -51.45 -26.30
N ARG H 373 -37.63 -52.42 -25.40
CA ARG H 373 -37.93 -52.24 -23.98
C ARG H 373 -36.56 -52.11 -23.30
N ASN H 374 -36.45 -51.19 -22.35
CA ASN H 374 -35.18 -50.87 -21.70
C ASN H 374 -34.20 -51.80 -21.03
N ILE H 375 -33.03 -51.85 -21.66
CA ILE H 375 -31.91 -52.65 -21.18
C ILE H 375 -31.28 -51.86 -20.02
N TYR H 376 -31.67 -50.58 -19.93
CA TYR H 376 -31.17 -49.65 -18.90
C TYR H 376 -31.84 -49.87 -17.54
N VAL H 377 -32.76 -50.82 -17.48
CA VAL H 377 -33.49 -51.14 -16.26
C VAL H 377 -33.20 -52.59 -15.84
N MET H 378 -32.45 -53.30 -16.69
CA MET H 378 -32.07 -54.69 -16.46
C MET H 378 -30.75 -54.73 -15.70
N SER H 379 -30.42 -55.90 -15.16
CA SER H 379 -29.14 -56.10 -14.47
C SER H 379 -28.16 -56.50 -15.57
N LYS H 380 -26.86 -56.24 -15.36
CA LYS H 380 -25.85 -56.58 -16.35
C LYS H 380 -26.01 -58.06 -16.77
N GLU H 381 -26.49 -58.89 -15.82
CA GLU H 381 -26.73 -60.34 -15.99
C GLU H 381 -27.94 -60.66 -16.83
N GLU H 382 -29.08 -60.25 -16.31
CA GLU H 382 -30.38 -60.42 -16.94
C GLU H 382 -30.20 -59.96 -18.39
N ARG H 383 -29.34 -58.96 -18.54
CA ARG H 383 -29.02 -58.32 -19.82
C ARG H 383 -27.94 -59.00 -20.66
N MET H 384 -27.18 -59.90 -20.04
CA MET H 384 -26.09 -60.61 -20.74
C MET H 384 -26.53 -61.95 -21.31
N GLU H 385 -27.36 -62.66 -20.55
CA GLU H 385 -27.85 -63.96 -20.99
C GLU H 385 -28.63 -63.73 -22.28
N ASN H 386 -28.82 -62.45 -22.61
CA ASN H 386 -29.50 -62.03 -23.85
C ASN H 386 -28.35 -61.54 -24.76
N GLY H 387 -28.56 -61.54 -26.09
CA GLY H 387 -27.52 -61.12 -27.02
C GLY H 387 -26.91 -59.72 -26.93
N ILE H 388 -26.86 -59.17 -25.72
CA ILE H 388 -26.34 -57.83 -25.45
C ILE H 388 -25.03 -57.82 -24.67
N VAL H 389 -24.00 -57.24 -25.27
CA VAL H 389 -22.68 -57.18 -24.66
C VAL H 389 -22.24 -55.76 -24.32
N ASP H 390 -22.01 -55.51 -23.03
CA ASP H 390 -21.55 -54.19 -22.56
C ASP H 390 -20.36 -53.75 -23.42
N LEU H 391 -19.86 -52.55 -23.19
CA LEU H 391 -18.72 -52.06 -23.95
C LEU H 391 -17.56 -51.93 -23.00
N PRO H 392 -16.31 -52.06 -23.49
CA PRO H 392 -15.21 -51.91 -22.55
C PRO H 392 -15.50 -50.73 -21.61
N ALA H 393 -14.95 -50.78 -20.41
CA ALA H 393 -15.17 -49.70 -19.47
C ALA H 393 -13.84 -48.91 -19.27
N THR H 394 -12.80 -49.38 -19.96
CA THR H 394 -11.49 -48.74 -19.91
C THR H 394 -10.82 -48.95 -21.26
N LEU H 395 -9.81 -48.14 -21.58
CA LEU H 395 -9.10 -48.28 -22.87
C LEU H 395 -8.23 -49.53 -22.92
N ALA H 396 -8.16 -50.27 -21.81
CA ALA H 396 -7.37 -51.50 -21.76
C ALA H 396 -8.27 -52.64 -22.17
N GLU H 397 -9.30 -52.85 -21.37
CA GLU H 397 -10.30 -53.87 -21.65
C GLU H 397 -10.58 -53.81 -23.15
N ALA H 398 -10.56 -52.58 -23.67
CA ALA H 398 -10.83 -52.27 -25.07
C ALA H 398 -9.77 -52.74 -26.05
N LEU H 399 -8.50 -52.70 -25.64
CA LEU H 399 -7.41 -53.11 -26.51
C LEU H 399 -7.27 -54.63 -26.51
N GLU H 400 -7.80 -55.30 -25.50
CA GLU H 400 -7.71 -56.74 -25.51
C GLU H 400 -8.69 -57.17 -26.59
N GLU H 401 -9.96 -56.80 -26.42
CA GLU H 401 -11.05 -57.14 -27.37
C GLU H 401 -10.78 -56.80 -28.84
N PHE H 402 -9.81 -55.92 -29.09
CA PHE H 402 -9.45 -55.47 -30.44
C PHE H 402 -8.23 -56.20 -30.95
N LYS H 403 -7.37 -56.61 -30.03
CA LYS H 403 -6.19 -57.33 -30.41
C LYS H 403 -6.66 -58.68 -30.90
N SER H 404 -7.50 -59.31 -30.10
CA SER H 404 -8.01 -60.60 -30.46
C SER H 404 -9.02 -60.57 -31.60
N ASN H 405 -8.97 -59.56 -32.46
CA ASN H 405 -9.92 -59.60 -33.56
C ASN H 405 -9.34 -59.58 -34.97
N GLU H 406 -9.26 -60.79 -35.48
CA GLU H 406 -8.73 -61.10 -36.79
C GLU H 406 -9.22 -60.14 -37.86
N VAL H 407 -10.44 -59.63 -37.71
CA VAL H 407 -11.01 -58.77 -38.74
C VAL H 407 -10.70 -57.29 -38.62
N MET H 408 -10.27 -56.89 -37.45
CA MET H 408 -9.87 -55.52 -37.28
C MET H 408 -8.42 -55.64 -37.62
N VAL H 409 -7.73 -56.60 -37.02
CA VAL H 409 -6.34 -56.82 -37.33
C VAL H 409 -6.33 -56.69 -38.89
N LYS H 410 -7.38 -57.18 -39.56
CA LYS H 410 -7.45 -57.10 -41.01
C LYS H 410 -7.75 -55.67 -41.53
N ALA H 411 -8.72 -55.00 -40.91
CA ALA H 411 -9.14 -53.65 -41.32
C ALA H 411 -8.11 -52.51 -41.40
N LEU H 412 -7.22 -52.45 -40.42
CA LEU H 412 -6.20 -51.41 -40.39
C LEU H 412 -5.01 -51.81 -41.21
N GLY H 413 -4.59 -53.05 -40.99
CA GLY H 413 -3.46 -53.55 -41.73
C GLY H 413 -2.33 -53.74 -40.76
N GLU H 414 -1.61 -54.83 -40.99
CA GLU H 414 -0.46 -55.21 -40.19
C GLU H 414 0.27 -53.99 -39.67
N HIS H 415 0.56 -53.03 -40.54
CA HIS H 415 1.29 -51.86 -40.09
C HIS H 415 0.52 -51.01 -39.06
N LEU H 416 -0.56 -50.37 -39.49
CA LEU H 416 -1.35 -49.55 -38.60
C LEU H 416 -1.69 -50.24 -37.31
N PHE H 417 -2.42 -51.34 -37.47
CA PHE H 417 -2.86 -52.15 -36.35
C PHE H 417 -1.73 -52.31 -35.34
N GLU H 418 -0.61 -52.85 -35.79
CA GLU H 418 0.53 -53.06 -34.91
C GLU H 418 0.95 -51.79 -34.21
N HIS H 419 1.50 -50.82 -34.94
CA HIS H 419 1.95 -49.60 -34.29
C HIS H 419 0.84 -48.91 -33.52
N PHE H 420 -0.41 -49.21 -33.88
CA PHE H 420 -1.56 -48.64 -33.17
C PHE H 420 -1.46 -49.15 -31.72
N ILE H 421 -1.23 -50.44 -31.57
CA ILE H 421 -1.11 -51.06 -30.27
C ILE H 421 0.22 -50.76 -29.59
N GLU H 422 1.30 -50.57 -30.35
CA GLU H 422 2.55 -50.27 -29.67
C GLU H 422 2.31 -48.91 -29.01
N ALA H 423 1.27 -48.22 -29.45
CA ALA H 423 0.96 -46.87 -28.97
C ALA H 423 -0.01 -46.65 -27.83
N LYS H 424 -1.27 -47.00 -28.05
CA LYS H 424 -2.30 -46.80 -27.05
C LYS H 424 -2.11 -47.67 -25.82
N GLU H 425 -1.27 -48.69 -25.91
CA GLU H 425 -1.06 -49.46 -24.72
C GLU H 425 -0.25 -48.54 -23.84
N ILE H 426 0.87 -48.06 -24.35
CA ILE H 426 1.72 -47.16 -23.60
C ILE H 426 0.93 -45.97 -23.05
N GLU H 427 0.04 -45.39 -23.86
CA GLU H 427 -0.79 -44.28 -23.41
C GLU H 427 -1.53 -44.78 -22.16
N TRP H 428 -2.19 -45.92 -22.28
CA TRP H 428 -2.88 -46.54 -21.14
C TRP H 428 -1.87 -46.74 -20.00
N ASP H 429 -0.63 -46.96 -20.39
CA ASP H 429 0.44 -47.24 -19.46
C ASP H 429 0.96 -46.05 -18.66
N MET H 430 0.88 -44.84 -19.21
CA MET H 430 1.39 -43.66 -18.50
C MET H 430 0.37 -43.14 -17.48
N PHE H 431 -0.89 -43.48 -17.74
CA PHE H 431 -2.03 -43.10 -16.95
C PHE H 431 -2.33 -44.05 -15.77
N ARG H 432 -1.82 -45.29 -15.87
CA ARG H 432 -2.03 -46.36 -14.88
C ARG H 432 -1.06 -46.27 -13.71
N THR H 433 0.10 -45.76 -14.00
CA THR H 433 1.15 -45.65 -13.03
C THR H 433 1.30 -44.21 -12.56
N GLN H 434 0.25 -43.44 -12.79
CA GLN H 434 0.21 -42.05 -12.39
C GLN H 434 -0.31 -42.09 -10.97
N VAL H 435 -0.37 -40.95 -10.29
CA VAL H 435 -0.92 -40.90 -8.94
C VAL H 435 -1.77 -39.65 -8.83
N HIS H 436 -2.89 -39.68 -9.55
CA HIS H 436 -3.85 -38.60 -9.62
C HIS H 436 -4.22 -37.92 -8.32
N PRO H 437 -4.55 -36.64 -8.41
CA PRO H 437 -4.94 -35.90 -7.22
C PRO H 437 -6.08 -36.65 -6.50
N TRP H 438 -6.97 -37.29 -7.26
CA TRP H 438 -8.10 -38.05 -6.68
C TRP H 438 -7.70 -39.06 -5.63
N GLU H 439 -6.55 -39.70 -5.86
CA GLU H 439 -6.06 -40.72 -4.97
C GLU H 439 -5.56 -40.18 -3.66
N ARG H 440 -4.92 -39.01 -3.69
CA ARG H 440 -4.42 -38.40 -2.47
C ARG H 440 -5.62 -37.85 -1.69
N GLU H 441 -6.78 -37.79 -2.33
CA GLU H 441 -7.97 -37.32 -1.67
C GLU H 441 -8.33 -38.45 -0.73
N GLN H 442 -8.98 -39.46 -1.30
CA GLN H 442 -9.42 -40.65 -0.58
C GLN H 442 -8.48 -41.32 0.41
N TYR H 443 -7.33 -41.78 -0.09
CA TYR H 443 -6.36 -42.52 0.73
C TYR H 443 -5.37 -41.73 1.62
N MET H 444 -5.36 -40.40 1.53
CA MET H 444 -4.40 -39.59 2.33
C MET H 444 -4.74 -39.39 3.83
N SER H 445 -5.96 -39.70 4.24
CA SER H 445 -6.29 -39.49 5.65
C SER H 445 -7.12 -40.59 6.30
N GLN H 446 -7.47 -41.62 5.51
CA GLN H 446 -8.23 -42.75 6.04
C GLN H 446 -7.18 -43.78 6.51
N TYR H 447 -5.97 -43.70 5.93
CA TYR H 447 -4.85 -44.61 6.27
C TYR H 447 -3.63 -43.91 6.89
N ALA I 5 43.49 25.95 51.23
CA ALA I 5 43.01 24.91 50.28
C ALA I 5 41.62 24.41 50.70
N LYS I 6 41.39 23.10 50.56
CA LYS I 6 40.12 22.45 50.94
C LYS I 6 40.29 20.92 51.05
N TYR I 7 40.97 20.33 50.07
CA TYR I 7 41.24 18.89 50.05
C TYR I 7 42.74 18.65 50.08
N THR I 8 43.25 18.03 51.13
CA THR I 8 44.68 17.75 51.17
C THR I 8 44.77 16.40 50.45
N ARG I 9 45.92 16.10 49.86
CA ARG I 9 46.09 14.83 49.12
C ARG I 9 45.58 13.65 49.94
N GLU I 10 45.84 13.69 51.24
CA GLU I 10 45.39 12.63 52.14
C GLU I 10 43.94 12.28 51.83
N ASP I 11 43.12 13.32 51.87
CA ASP I 11 41.68 13.25 51.64
C ASP I 11 41.22 12.69 50.29
N ILE I 12 41.55 13.38 49.20
CA ILE I 12 41.14 12.96 47.85
C ILE I 12 41.33 11.46 47.69
N GLU I 13 42.57 11.04 47.85
CA GLU I 13 42.92 9.63 47.74
C GLU I 13 41.86 8.77 48.45
N LYS I 14 41.65 9.01 49.74
CA LYS I 14 40.67 8.25 50.49
C LYS I 14 39.38 8.24 49.73
N LEU I 15 38.71 9.39 49.65
CA LEU I 15 37.44 9.46 48.92
C LEU I 15 37.51 8.45 47.75
N VAL I 16 38.35 8.67 46.74
CA VAL I 16 38.48 7.72 45.62
C VAL I 16 38.23 6.23 45.96
N LYS I 17 39.08 5.66 46.81
CA LYS I 17 38.96 4.27 47.27
C LYS I 17 37.55 4.06 47.86
N GLU I 18 37.26 4.80 48.92
CA GLU I 18 35.98 4.75 49.64
C GLU I 18 34.74 5.04 48.80
N GLU I 19 34.92 5.72 47.67
CA GLU I 19 33.80 6.08 46.79
C GLU I 19 33.92 5.37 45.46
N ASN I 20 34.93 4.53 45.34
CA ASN I 20 35.17 3.78 44.13
C ASN I 20 35.03 4.61 42.86
N VAL I 21 36.15 5.20 42.48
CA VAL I 21 36.27 6.04 41.30
C VAL I 21 37.27 5.22 40.46
N LYS I 22 37.13 5.23 39.15
CA LYS I 22 38.01 4.42 38.31
C LYS I 22 38.59 5.13 37.10
N TYR I 23 38.04 6.29 36.80
CA TYR I 23 38.49 7.02 35.66
C TYR I 23 38.70 8.44 36.12
N ILE I 24 39.62 9.15 35.49
CA ILE I 24 39.86 10.53 35.88
C ILE I 24 40.11 11.50 34.72
N ARG I 25 39.23 12.50 34.58
CA ARG I 25 39.38 13.52 33.55
C ARG I 25 40.10 14.64 34.23
N LEU I 26 41.09 15.18 33.53
CA LEU I 26 41.84 16.31 34.03
C LEU I 26 41.41 17.40 33.10
N GLN I 27 40.54 18.29 33.55
CA GLN I 27 40.13 19.34 32.64
C GLN I 27 40.77 20.71 32.83
N PHE I 28 40.75 21.47 31.74
CA PHE I 28 41.22 22.83 31.70
C PHE I 28 40.17 23.52 30.79
N THR I 29 40.43 24.72 30.29
CA THR I 29 39.49 25.42 29.38
C THR I 29 40.35 26.11 28.38
N ASP I 30 40.18 25.77 27.10
CA ASP I 30 41.01 26.37 26.07
C ASP I 30 40.60 27.79 25.81
N ILE I 31 41.18 28.36 24.78
CA ILE I 31 40.91 29.73 24.40
C ILE I 31 39.50 29.98 23.89
N LEU I 32 38.73 28.93 23.60
CA LEU I 32 37.37 29.15 23.10
C LEU I 32 36.23 28.71 24.01
N GLY I 33 36.46 28.70 25.32
CA GLY I 33 35.40 28.28 26.23
C GLY I 33 34.96 26.85 26.01
N THR I 34 35.72 26.17 25.16
CA THR I 34 35.50 24.78 24.84
C THR I 34 36.25 24.05 25.94
N ILE I 35 35.57 23.25 26.77
CA ILE I 35 36.27 22.57 27.85
C ILE I 35 36.86 21.22 27.47
N LYS I 36 38.17 21.22 27.31
CA LYS I 36 38.92 20.04 26.92
C LYS I 36 39.43 19.28 28.16
N ASN I 37 39.98 18.09 27.94
CA ASN I 37 40.54 17.29 29.02
C ASN I 37 41.35 16.11 28.48
N VAL I 38 42.29 15.62 29.29
CA VAL I 38 43.11 14.47 28.98
C VAL I 38 42.53 13.49 29.98
N GLU I 39 42.45 12.21 29.62
CA GLU I 39 41.85 11.24 30.52
C GLU I 39 42.76 10.15 31.04
N ILE I 40 42.94 10.12 32.35
CA ILE I 40 43.83 9.14 32.95
C ILE I 40 43.14 8.12 33.85
N PRO I 41 43.51 6.84 33.71
CA PRO I 41 42.92 5.76 34.52
C PRO I 41 43.36 5.96 35.96
N VAL I 42 42.42 5.81 36.88
CA VAL I 42 42.71 5.98 38.29
C VAL I 42 44.03 5.38 38.71
N SER I 43 44.42 4.27 38.09
CA SER I 43 45.69 3.67 38.49
C SER I 43 46.79 4.72 38.34
N GLN I 44 46.51 5.80 37.62
CA GLN I 44 47.48 6.87 37.39
C GLN I 44 47.39 8.10 38.29
N LEU I 45 46.39 8.17 39.16
CA LEU I 45 46.20 9.36 40.01
C LEU I 45 47.40 9.85 40.82
N GLY I 46 48.16 8.94 41.42
CA GLY I 46 49.33 9.33 42.21
C GLY I 46 50.37 10.06 41.40
N LYS I 47 50.39 9.83 40.10
CA LYS I 47 51.30 10.52 39.19
C LYS I 47 50.68 11.85 38.79
N ALA I 48 49.36 11.81 38.58
CA ALA I 48 48.59 13.00 38.20
C ALA I 48 48.74 14.12 39.23
N LEU I 49 48.86 13.71 40.51
CA LEU I 49 49.04 14.64 41.63
C LEU I 49 50.49 14.69 42.12
N ASP I 50 51.43 14.42 41.22
CA ASP I 50 52.84 14.53 41.54
C ASP I 50 53.24 15.52 40.47
N ASN I 51 52.21 16.03 39.80
CA ASN I 51 52.34 17.01 38.73
C ASN I 51 53.35 16.62 37.69
N LYS I 52 53.08 15.52 37.02
CA LYS I 52 53.98 15.03 35.99
C LYS I 52 53.15 14.67 34.78
N VAL I 53 51.85 14.93 34.86
CA VAL I 53 51.01 14.63 33.72
C VAL I 53 51.50 15.61 32.62
N MET I 54 51.65 15.12 31.40
CA MET I 54 52.15 15.99 30.34
C MET I 54 51.27 15.90 29.09
N PHE I 55 51.03 17.02 28.42
CA PHE I 55 50.15 16.98 27.26
C PHE I 55 50.50 17.93 26.13
N ASP I 56 50.13 17.58 24.89
CA ASP I 56 50.36 18.53 23.81
C ASP I 56 49.56 19.71 24.34
N GLY I 57 50.25 20.76 24.72
CA GLY I 57 49.57 21.91 25.28
C GLY I 57 49.15 22.92 24.24
N SER I 58 49.46 22.61 22.99
CA SER I 58 49.11 23.43 21.83
C SER I 58 47.57 23.50 21.78
N SER I 59 46.93 22.33 21.84
CA SER I 59 45.47 22.21 21.81
C SER I 59 44.82 23.45 22.44
N ILE I 60 45.42 24.04 23.48
CA ILE I 60 44.87 25.26 24.12
C ILE I 60 44.49 26.38 23.18
N GLU I 61 45.41 26.75 22.30
CA GLU I 61 45.18 27.81 21.33
C GLU I 61 43.99 27.52 20.42
N GLY I 62 43.30 26.42 20.70
CA GLY I 62 42.14 26.07 19.89
C GLY I 62 42.48 25.47 18.54
N PHE I 63 41.72 25.84 17.53
CA PHE I 63 41.98 25.30 16.20
C PHE I 63 42.99 26.14 15.43
N VAL I 64 43.76 26.95 16.15
CA VAL I 64 44.81 27.80 15.53
C VAL I 64 46.24 27.37 15.97
N ARG I 65 46.38 26.08 16.26
CA ARG I 65 47.65 25.51 16.69
C ARG I 65 48.59 25.64 15.53
N ILE I 66 49.87 25.42 15.80
CA ILE I 66 50.85 25.42 14.73
C ILE I 66 51.93 24.51 15.20
N GLU I 67 52.39 24.73 16.42
CA GLU I 67 53.46 23.90 16.89
C GLU I 67 53.25 23.33 18.28
N GLU I 68 53.12 22.00 18.24
CA GLU I 68 52.94 21.15 19.39
C GLU I 68 54.01 21.61 20.33
N SER I 69 53.70 21.56 21.61
CA SER I 69 54.68 21.94 22.60
C SER I 69 54.19 21.21 23.83
N ASP I 70 55.09 20.49 24.49
CA ASP I 70 54.68 19.75 25.66
C ASP I 70 54.39 20.72 26.80
N MET I 71 53.55 20.29 27.73
CA MET I 71 53.18 21.15 28.86
C MET I 71 52.75 20.34 30.06
N TYR I 72 52.77 20.98 31.23
CA TYR I 72 52.36 20.31 32.46
C TYR I 72 50.95 20.59 32.95
N LEU I 73 50.33 19.54 33.47
CA LEU I 73 48.98 19.57 34.01
C LEU I 73 49.01 19.52 35.54
N TYR I 74 48.93 20.69 36.16
CA TYR I 74 48.94 20.88 37.63
C TYR I 74 47.52 20.89 38.24
N PRO I 75 47.00 19.71 38.65
CA PRO I 75 45.66 19.62 39.24
C PRO I 75 45.44 20.26 40.59
N ASP I 76 44.48 21.20 40.60
CA ASP I 76 44.07 21.96 41.79
C ASP I 76 43.14 21.08 42.62
N LEU I 77 43.61 20.63 43.78
CA LEU I 77 42.84 19.76 44.65
C LEU I 77 41.43 20.17 45.02
N ASN I 78 41.24 21.45 45.27
CA ASN I 78 39.94 21.96 45.67
C ASN I 78 38.82 21.77 44.65
N THR I 79 39.18 21.63 43.38
CA THR I 79 38.19 21.46 42.32
C THR I 79 37.76 20.00 42.12
N PHE I 80 38.38 19.10 42.88
CA PHE I 80 38.05 17.68 42.82
C PHE I 80 36.52 17.68 42.93
N VAL I 81 35.86 16.79 42.19
CA VAL I 81 34.41 16.69 42.18
C VAL I 81 34.10 15.31 41.62
N ILE I 82 33.12 14.62 42.18
CA ILE I 82 32.81 13.34 41.58
C ILE I 82 31.47 13.47 40.86
N PHE I 83 31.42 12.98 39.63
CA PHE I 83 30.23 13.03 38.81
C PHE I 83 29.15 12.06 39.29
N PRO I 84 27.88 12.37 38.99
CA PRO I 84 26.75 11.52 39.40
C PRO I 84 25.92 10.73 38.38
N TRP I 85 26.34 10.58 37.13
CA TRP I 85 25.56 9.75 36.21
C TRP I 85 26.42 8.54 36.04
N THR I 86 27.69 8.75 36.39
CA THR I 86 28.72 7.72 36.30
C THR I 86 28.21 6.39 36.85
N ALA I 87 28.81 5.95 37.95
CA ALA I 87 28.45 4.68 38.57
C ALA I 87 28.21 3.59 37.53
N GLU I 88 28.91 3.68 36.40
CA GLU I 88 28.80 2.68 35.35
C GLU I 88 29.52 1.46 35.89
N LYS I 89 30.77 1.30 35.51
CA LYS I 89 31.60 0.24 36.03
C LYS I 89 32.83 1.04 36.41
N GLY I 90 32.68 1.75 37.53
CA GLY I 90 33.68 2.64 38.09
C GLY I 90 33.10 4.05 38.01
N LYS I 91 33.21 4.84 39.09
CA LYS I 91 32.68 6.24 39.07
C LYS I 91 33.75 7.21 38.51
N VAL I 92 33.30 8.26 37.82
CA VAL I 92 34.22 9.21 37.16
C VAL I 92 34.51 10.55 37.86
N ALA I 93 35.78 10.81 38.17
CA ALA I 93 36.17 12.05 38.83
C ALA I 93 36.70 13.09 37.83
N ARG I 94 37.02 14.28 38.33
CA ARG I 94 37.58 15.34 37.51
C ARG I 94 38.18 16.44 38.39
N PHE I 95 39.24 17.06 37.87
CA PHE I 95 39.94 18.13 38.58
C PHE I 95 40.17 19.26 37.56
N ILE I 96 40.11 20.51 38.00
CA ILE I 96 40.34 21.60 37.08
C ILE I 96 41.82 21.97 37.20
N CYS I 97 42.53 21.95 36.08
CA CYS I 97 43.96 22.21 36.12
C CYS I 97 44.50 23.57 35.78
N ASP I 98 45.83 23.60 35.81
CA ASP I 98 46.63 24.76 35.49
C ASP I 98 47.75 24.21 34.62
N ILE I 99 47.99 24.89 33.50
CA ILE I 99 49.04 24.46 32.58
C ILE I 99 50.36 25.13 32.95
N TYR I 100 51.46 24.39 32.79
CA TYR I 100 52.77 24.93 33.12
C TYR I 100 53.83 24.61 32.10
N ASN I 101 54.66 25.62 31.83
CA ASN I 101 55.76 25.42 30.91
C ASN I 101 56.43 24.21 31.57
N PRO I 102 57.25 23.47 30.82
CA PRO I 102 57.96 22.28 31.29
C PRO I 102 58.95 22.64 32.39
N ASP I 103 59.59 23.80 32.26
CA ASP I 103 60.60 24.17 33.24
C ASP I 103 59.96 24.31 34.62
N GLY I 104 58.69 24.68 34.65
CA GLY I 104 58.03 24.80 35.93
C GLY I 104 57.31 26.10 36.19
N THR I 105 57.20 26.91 35.15
CA THR I 105 56.52 28.20 35.21
C THR I 105 55.11 27.99 34.63
N PRO I 106 54.08 28.73 35.11
CA PRO I 106 52.69 28.65 34.67
C PRO I 106 52.46 29.40 33.36
N PHE I 107 52.19 28.62 32.32
CA PHE I 107 51.97 29.08 30.95
C PHE I 107 51.13 30.35 30.81
N GLU I 108 51.73 31.36 30.19
CA GLU I 108 51.09 32.65 29.99
C GLU I 108 49.88 32.59 29.09
N GLY I 109 49.78 31.55 28.26
CA GLY I 109 48.65 31.41 27.35
C GLY I 109 47.42 30.66 27.84
N ASP I 110 47.46 30.20 29.09
CA ASP I 110 46.35 29.46 29.70
C ASP I 110 45.29 30.41 30.26
N PRO I 111 44.10 30.47 29.63
CA PRO I 111 43.03 31.34 30.12
C PRO I 111 42.90 31.33 31.65
N ARG I 112 42.50 30.20 32.24
CA ARG I 112 42.38 30.12 33.69
C ARG I 112 43.51 30.83 34.42
N ASN I 113 44.75 30.44 34.11
CA ASN I 113 45.93 31.05 34.74
C ASN I 113 45.91 32.58 34.60
N ASN I 114 45.89 33.06 33.35
CA ASN I 114 45.83 34.48 33.02
C ASN I 114 44.95 35.23 34.03
N LEU I 115 44.00 34.53 34.65
CA LEU I 115 43.13 35.17 35.63
C LEU I 115 43.95 35.41 36.87
N LYS I 116 44.35 34.34 37.57
CA LYS I 116 45.14 34.54 38.77
C LYS I 116 46.21 35.60 38.53
N ARG I 117 46.74 35.65 37.31
CA ARG I 117 47.79 36.62 36.93
C ARG I 117 47.29 38.03 37.22
N ILE I 118 46.02 38.23 36.85
CA ILE I 118 45.27 39.48 37.01
C ILE I 118 44.93 39.83 38.47
N LEU I 119 44.46 38.82 39.19
CA LEU I 119 44.07 38.95 40.59
C LEU I 119 45.30 39.08 41.49
N LYS I 120 46.49 38.89 40.90
CA LYS I 120 47.78 39.04 41.60
C LYS I 120 48.02 40.55 41.60
N GLU I 121 47.86 41.13 40.41
CA GLU I 121 48.05 42.55 40.20
C GLU I 121 47.03 43.40 40.91
N MET I 122 45.85 42.81 41.18
CA MET I 122 44.78 43.54 41.86
C MET I 122 45.00 43.54 43.37
N GLU I 123 45.83 42.61 43.86
CA GLU I 123 46.15 42.54 45.27
C GLU I 123 47.31 43.49 45.51
N ASP I 124 48.23 43.57 44.53
CA ASP I 124 49.40 44.46 44.57
C ASP I 124 48.95 45.87 44.89
N LEU I 125 47.71 46.17 44.49
CA LEU I 125 47.08 47.45 44.74
C LEU I 125 46.54 47.25 46.17
N GLY I 126 45.78 46.18 46.37
CA GLY I 126 45.28 45.89 47.71
C GLY I 126 43.83 45.49 47.95
N PHE I 127 43.31 44.54 47.19
CA PHE I 127 41.92 44.06 47.38
C PHE I 127 41.95 42.57 47.67
N SER I 128 41.19 42.12 48.66
CA SER I 128 41.17 40.71 49.02
C SER I 128 40.58 39.79 47.98
N ASP I 129 39.32 40.05 47.67
CA ASP I 129 38.59 39.24 46.72
C ASP I 129 37.79 40.10 45.76
N PHE I 130 37.71 39.61 44.54
CA PHE I 130 36.94 40.22 43.45
C PHE I 130 35.81 39.17 43.52
N ASN I 131 34.57 39.50 43.17
CA ASN I 131 33.51 38.48 43.25
C ASN I 131 32.45 38.51 42.16
N LEU I 132 32.12 37.31 41.70
CA LEU I 132 31.15 37.11 40.64
C LEU I 132 29.97 36.37 41.23
N GLY I 133 28.84 36.48 40.53
CA GLY I 133 27.59 35.83 40.85
C GLY I 133 26.89 36.00 39.52
N PRO I 134 27.00 35.03 38.61
CA PRO I 134 26.39 35.14 37.30
C PRO I 134 24.90 34.85 37.16
N GLU I 135 24.37 35.29 36.02
CA GLU I 135 22.99 35.15 35.61
C GLU I 135 23.06 34.51 34.20
N PRO I 136 23.68 33.32 34.11
CA PRO I 136 23.80 32.65 32.82
C PRO I 136 22.43 32.19 32.36
N GLU I 137 22.05 32.50 31.13
CA GLU I 137 20.75 32.09 30.60
C GLU I 137 20.90 30.93 29.58
N PHE I 138 19.85 30.13 29.39
CA PHE I 138 19.96 29.01 28.47
C PHE I 138 18.66 28.38 27.99
N PHE I 139 18.53 28.27 26.67
CA PHE I 139 17.37 27.69 26.01
C PHE I 139 17.38 26.15 26.05
N LEU I 140 16.21 25.56 25.84
CA LEU I 140 16.08 24.11 25.81
C LEU I 140 15.30 23.74 24.56
N PHE I 141 15.92 22.90 23.75
CA PHE I 141 15.35 22.46 22.47
C PHE I 141 15.14 20.96 22.39
N LYS I 142 13.89 20.53 22.29
CA LYS I 142 13.60 19.11 22.17
C LYS I 142 14.50 18.58 21.05
N LEU I 143 14.70 17.27 21.05
CA LEU I 143 15.54 16.61 20.06
C LEU I 143 14.55 15.77 19.24
N ASP I 144 14.96 15.25 18.08
CA ASP I 144 13.99 14.44 17.33
C ASP I 144 14.09 12.93 17.57
N GLU I 145 13.61 12.14 16.61
CA GLU I 145 13.64 10.70 16.71
C GLU I 145 15.08 10.23 16.81
N LYS I 146 15.94 10.95 16.09
CA LYS I 146 17.37 10.67 16.04
C LYS I 146 18.15 10.95 17.33
N GLY I 147 18.31 12.22 17.67
CA GLY I 147 19.06 12.58 18.86
C GLY I 147 19.88 13.84 18.61
N GLU I 148 19.68 14.43 17.43
CA GLU I 148 20.35 15.67 17.05
C GLU I 148 19.36 16.81 17.35
N PRO I 149 19.87 18.03 17.60
CA PRO I 149 18.99 19.17 17.90
C PRO I 149 18.09 19.81 16.84
N THR I 150 16.79 19.60 17.02
CA THR I 150 15.76 20.14 16.16
C THR I 150 15.45 21.53 16.74
N LEU I 151 14.73 22.35 15.99
CA LEU I 151 14.39 23.71 16.43
C LEU I 151 13.05 23.84 17.20
N GLU I 152 12.68 22.78 17.90
CA GLU I 152 11.44 22.72 18.69
C GLU I 152 11.74 22.96 20.17
N LEU I 153 11.60 24.21 20.62
CA LEU I 153 11.83 24.65 22.00
C LEU I 153 11.03 23.88 23.07
N ASN I 154 11.60 23.68 24.27
CA ASN I 154 10.95 22.90 25.36
C ASN I 154 9.66 23.33 26.13
N ASP I 155 8.90 24.30 25.62
CA ASP I 155 7.65 24.75 26.25
C ASP I 155 7.33 26.15 25.75
N LYS I 156 6.14 26.66 26.02
CA LYS I 156 5.84 28.00 25.57
C LYS I 156 5.47 28.92 26.75
N GLY I 157 6.49 29.21 27.56
CA GLY I 157 6.29 30.07 28.72
C GLY I 157 6.87 31.47 28.56
N GLY I 158 7.03 32.15 29.70
CA GLY I 158 7.56 33.50 29.70
C GLY I 158 8.24 33.80 31.03
N TYR I 159 8.37 35.09 31.32
CA TYR I 159 9.06 35.57 32.51
C TYR I 159 8.58 35.13 33.89
N PHE I 160 9.17 34.05 34.42
CA PHE I 160 8.84 33.47 35.74
C PHE I 160 7.59 32.67 35.78
N ASP I 161 6.85 32.71 34.68
CA ASP I 161 5.61 31.96 34.61
C ASP I 161 5.86 30.70 35.38
N LEU I 162 4.89 30.32 36.20
CA LEU I 162 5.00 29.12 36.99
C LEU I 162 5.45 28.05 36.01
N ALA I 163 6.77 28.05 35.77
CA ALA I 163 7.51 27.19 34.85
C ALA I 163 6.71 26.00 34.38
N PRO I 164 7.18 25.27 33.36
CA PRO I 164 6.36 24.12 32.94
C PRO I 164 5.36 23.69 34.03
N THR I 165 5.77 22.77 34.91
CA THR I 165 4.93 22.33 36.02
C THR I 165 5.69 21.32 36.85
N ASP I 166 5.07 20.88 37.94
CA ASP I 166 5.72 19.94 38.83
C ASP I 166 5.31 18.50 38.61
N LEU I 167 5.18 18.13 37.35
CA LEU I 167 4.85 16.75 36.97
C LEU I 167 6.17 16.18 36.45
N GLY I 168 6.09 15.17 35.60
CA GLY I 168 7.27 14.52 35.05
C GLY I 168 8.16 15.33 34.14
N GLU I 169 8.02 16.66 34.18
CA GLU I 169 8.86 17.53 33.37
C GLU I 169 9.59 18.46 34.32
N ASN I 170 9.81 19.69 33.89
CA ASN I 170 10.55 20.69 34.65
C ASN I 170 11.95 20.14 34.73
N CYS I 171 12.74 20.49 33.72
CA CYS I 171 14.12 20.08 33.60
C CYS I 171 14.85 20.87 34.65
N ARG I 172 14.48 22.14 34.76
CA ARG I 172 15.08 23.05 35.73
C ARG I 172 15.12 22.46 37.13
N ARG I 173 14.12 21.69 37.51
CA ARG I 173 14.14 21.10 38.84
C ARG I 173 15.29 20.10 38.92
N ASP I 174 15.29 19.22 37.94
CA ASP I 174 16.27 18.14 37.77
C ASP I 174 17.66 18.72 37.95
N ILE I 175 17.92 19.70 37.09
CA ILE I 175 19.16 20.45 36.97
C ILE I 175 19.57 21.17 38.24
N VAL I 176 18.59 21.72 38.94
CA VAL I 176 18.84 22.42 40.21
C VAL I 176 19.12 21.47 41.38
N LEU I 177 18.53 20.28 41.36
CA LEU I 177 18.76 19.34 42.45
C LEU I 177 19.99 18.43 42.30
N GLU I 178 20.50 18.26 41.08
CA GLU I 178 21.72 17.44 40.87
C GLU I 178 22.97 18.32 41.06
N LEU I 179 22.77 19.64 41.03
CA LEU I 179 23.84 20.61 41.23
C LEU I 179 24.00 20.79 42.74
N GLU I 180 22.88 20.79 43.46
CA GLU I 180 22.97 20.93 44.90
C GLU I 180 23.92 19.81 45.32
N GLU I 181 23.93 18.71 44.58
CA GLU I 181 24.80 17.58 44.91
C GLU I 181 26.07 17.42 44.08
N MET I 182 26.91 18.43 44.15
CA MET I 182 28.20 18.50 43.46
C MET I 182 28.89 19.71 44.08
N GLY I 183 28.29 20.17 45.18
CA GLY I 183 28.80 21.34 45.90
C GLY I 183 28.07 22.61 45.56
N PHE I 184 27.76 22.79 44.28
CA PHE I 184 27.08 23.98 43.78
C PHE I 184 26.14 24.62 44.75
N GLU I 185 26.03 25.93 44.65
CA GLU I 185 25.07 26.63 45.46
C GLU I 185 24.24 27.35 44.41
N ILE I 186 22.94 27.07 44.44
CA ILE I 186 21.98 27.64 43.51
C ILE I 186 21.16 28.65 44.29
N GLU I 187 21.11 29.86 43.78
CA GLU I 187 20.40 30.98 44.38
C GLU I 187 18.89 30.98 44.14
N ALA I 188 18.52 30.64 42.91
CA ALA I 188 17.13 30.61 42.47
C ALA I 188 17.10 30.53 40.95
N SER I 189 16.15 29.76 40.42
CA SER I 189 15.99 29.60 38.98
C SER I 189 14.60 30.11 38.60
N HIS I 190 14.46 30.60 37.37
CA HIS I 190 13.18 31.11 36.92
C HIS I 190 13.13 31.10 35.40
N HIS I 191 12.01 30.66 34.85
CA HIS I 191 11.81 30.60 33.40
C HIS I 191 11.97 31.98 32.80
N GLU I 192 12.77 32.15 31.76
CA GLU I 192 13.00 33.49 31.21
C GLU I 192 12.04 33.94 30.12
N VAL I 193 12.09 35.24 29.81
CA VAL I 193 11.24 35.85 28.77
C VAL I 193 10.80 34.94 27.64
N ALA I 194 11.79 34.39 26.96
CA ALA I 194 11.63 33.55 25.78
C ALA I 194 11.32 32.06 25.89
N PRO I 195 10.30 31.60 25.16
CA PRO I 195 9.85 30.21 25.13
C PRO I 195 11.02 29.26 25.14
N GLY I 196 11.01 28.36 26.13
CA GLY I 196 12.05 27.35 26.26
C GLY I 196 13.32 27.82 26.94
N GLN I 197 13.42 29.13 27.13
CA GLN I 197 14.60 29.71 27.75
C GLN I 197 14.48 29.88 29.26
N HIS I 198 15.40 29.24 29.97
CA HIS I 198 15.42 29.27 31.42
C HIS I 198 16.55 30.09 32.01
N GLU I 199 16.66 30.03 33.33
CA GLU I 199 17.71 30.74 34.01
C GLU I 199 17.97 30.12 35.34
N ILE I 200 19.24 30.06 35.67
CA ILE I 200 19.65 29.55 36.93
C ILE I 200 20.59 30.65 37.39
N ASP I 201 20.55 30.98 38.69
CA ASP I 201 21.40 32.01 39.27
C ASP I 201 22.16 31.34 40.40
N PHE I 202 23.33 31.83 40.76
CA PHE I 202 23.96 31.20 41.90
C PHE I 202 24.80 32.03 42.85
N LYS I 203 24.93 31.51 44.07
CA LYS I 203 25.68 32.16 45.14
C LYS I 203 27.00 32.65 44.68
N TYR I 204 27.23 33.95 44.90
CA TYR I 204 28.45 34.61 44.50
C TYR I 204 29.69 33.87 45.01
N ALA I 205 30.86 34.18 44.46
CA ALA I 205 32.06 33.49 44.87
C ALA I 205 33.25 34.18 44.27
N GLY I 206 34.42 33.56 44.40
CA GLY I 206 35.61 34.14 43.83
C GLY I 206 35.58 33.96 42.32
N ALA I 207 36.25 34.86 41.60
CA ALA I 207 36.27 34.72 40.16
C ALA I 207 36.77 33.31 39.82
N VAL I 208 38.01 32.99 40.21
CA VAL I 208 38.60 31.67 39.95
C VAL I 208 37.61 30.54 40.09
N ARG I 209 36.89 30.54 41.20
CA ARG I 209 35.89 29.50 41.47
C ARG I 209 34.65 29.61 40.59
N SER I 210 34.12 30.82 40.45
CA SER I 210 32.90 31.08 39.67
C SER I 210 32.96 30.66 38.22
N CYS I 211 33.97 31.13 37.51
CA CYS I 211 34.15 30.79 36.10
C CYS I 211 34.33 29.29 35.99
N ASP I 212 34.79 28.69 37.07
CA ASP I 212 34.98 27.25 37.11
C ASP I 212 33.55 26.73 37.18
N ASP I 213 32.78 27.38 38.04
CA ASP I 213 31.40 27.01 38.26
C ASP I 213 30.52 27.28 37.06
N ILE I 214 31.03 28.10 36.15
CA ILE I 214 30.36 28.46 34.90
C ILE I 214 30.72 27.38 33.89
N GLN I 215 31.90 26.82 34.08
CA GLN I 215 32.38 25.76 33.21
C GLN I 215 31.63 24.46 33.53
N THR I 216 31.62 24.08 34.80
CA THR I 216 30.94 22.87 35.28
C THR I 216 29.48 22.88 34.94
N PHE I 217 28.92 24.08 35.04
CA PHE I 217 27.51 24.28 34.78
C PHE I 217 27.07 24.05 33.34
N LYS I 218 27.68 24.75 32.38
CA LYS I 218 27.35 24.58 30.94
C LYS I 218 27.56 23.11 30.60
N LEU I 219 28.05 22.37 31.59
CA LEU I 219 28.35 20.95 31.45
C LEU I 219 27.41 20.00 32.20
N VAL I 220 26.95 20.37 33.40
CA VAL I 220 26.00 19.53 34.14
C VAL I 220 24.59 19.82 33.65
N VAL I 221 24.45 20.92 32.91
CA VAL I 221 23.15 21.28 32.38
C VAL I 221 22.89 20.43 31.19
N LYS I 222 23.89 20.38 30.33
CA LYS I 222 23.73 19.65 29.11
C LYS I 222 23.55 18.14 29.15
N THR I 223 24.09 17.43 30.13
CA THR I 223 23.84 15.99 30.11
C THR I 223 22.55 15.69 30.83
N ILE I 224 22.22 16.52 31.81
CA ILE I 224 21.00 16.31 32.56
C ILE I 224 19.82 16.82 31.75
N ALA I 225 20.11 17.46 30.62
CA ALA I 225 19.05 17.96 29.74
C ALA I 225 18.90 16.97 28.59
N ARG I 226 19.94 16.15 28.40
CA ARG I 226 19.94 15.13 27.36
C ARG I 226 19.28 13.90 27.97
N LYS I 227 19.27 13.84 29.30
CA LYS I 227 18.65 12.74 30.00
C LYS I 227 17.14 12.94 29.93
N HIS I 228 16.73 14.21 29.77
CA HIS I 228 15.31 14.55 29.69
C HIS I 228 14.82 14.51 28.24
N GLY I 229 15.74 14.63 27.30
CA GLY I 229 15.35 14.57 25.90
C GLY I 229 15.41 15.89 25.16
N LEU I 230 15.94 16.93 25.79
CA LEU I 230 16.05 18.23 25.16
C LEU I 230 17.52 18.63 24.97
N HIS I 231 17.75 19.66 24.16
CA HIS I 231 19.09 20.14 23.84
C HIS I 231 19.35 21.47 24.54
N ALA I 232 20.28 21.46 25.48
CA ALA I 232 20.63 22.70 26.16
C ALA I 232 21.62 23.35 25.21
N THR I 233 21.54 24.67 25.11
CA THR I 233 22.47 25.42 24.30
C THR I 233 22.46 26.84 24.84
N PHE I 234 23.66 27.34 25.08
CA PHE I 234 23.90 28.67 25.62
C PHE I 234 24.22 29.71 24.51
N MET I 235 23.97 29.34 23.27
CA MET I 235 24.21 30.24 22.17
C MET I 235 23.39 31.49 22.47
N PRO I 236 23.99 32.68 22.32
CA PRO I 236 23.44 34.02 22.56
C PRO I 236 22.03 34.26 22.07
N LYS I 237 21.84 34.08 20.78
CA LYS I 237 20.52 34.29 20.17
C LYS I 237 20.41 33.14 19.19
N PRO I 238 19.89 31.99 19.66
CA PRO I 238 19.73 30.82 18.79
C PRO I 238 18.59 31.08 17.80
N LEU I 239 17.78 32.08 18.11
CA LEU I 239 16.68 32.41 17.23
C LEU I 239 16.53 33.90 17.13
N PHE I 240 16.21 34.30 15.91
CA PHE I 240 15.98 35.68 15.56
C PHE I 240 14.57 36.02 16.00
N GLY I 241 14.35 37.26 16.43
CA GLY I 241 13.02 37.64 16.85
C GLY I 241 12.68 37.42 18.31
N VAL I 242 13.15 36.32 18.88
CA VAL I 242 12.92 36.04 20.28
C VAL I 242 14.24 36.33 20.98
N ASN I 243 14.17 36.76 22.23
CA ASN I 243 15.36 37.13 23.02
C ASN I 243 16.56 36.23 22.86
N GLY I 244 17.59 36.57 23.60
CA GLY I 244 18.80 35.79 23.53
C GLY I 244 19.27 35.62 24.95
N SER I 245 20.12 34.62 25.16
CA SER I 245 20.65 34.39 26.49
C SER I 245 21.85 35.30 26.71
N GLY I 246 22.00 35.72 27.95
CA GLY I 246 23.08 36.58 28.34
C GLY I 246 23.58 36.06 29.69
N MET I 247 24.82 36.42 30.03
CA MET I 247 25.45 35.97 31.25
C MET I 247 25.90 37.19 32.04
N HIS I 248 24.93 38.00 32.46
CA HIS I 248 25.15 39.24 33.23
C HIS I 248 26.14 38.88 34.32
N CYS I 249 27.13 39.71 34.61
CA CYS I 249 28.06 39.33 35.66
C CYS I 249 28.02 40.38 36.75
N ASN I 250 27.67 39.94 37.96
CA ASN I 250 27.58 40.86 39.06
C ASN I 250 28.90 40.77 39.85
N LEU I 251 29.70 41.83 39.83
CA LEU I 251 31.00 41.84 40.53
C LEU I 251 30.98 42.66 41.79
N SER I 252 31.84 42.29 42.74
CA SER I 252 32.03 43.05 44.00
C SER I 252 33.46 42.78 44.44
N LEU I 253 34.21 43.89 44.52
CA LEU I 253 35.65 43.97 44.81
C LEU I 253 36.02 44.34 46.26
N PHE I 254 36.17 43.36 47.14
CA PHE I 254 36.48 43.63 48.54
C PHE I 254 37.86 44.17 48.93
N LYS I 255 38.11 44.22 50.24
CA LYS I 255 39.37 44.67 50.85
C LYS I 255 39.25 44.48 52.39
N ASN I 256 40.10 43.63 52.95
CA ASN I 256 40.06 43.30 54.39
C ASN I 256 38.75 42.62 54.65
N GLY I 257 38.28 41.79 53.74
CA GLY I 257 37.00 41.14 53.93
C GLY I 257 35.92 42.19 54.19
N VAL I 258 35.87 43.19 53.32
CA VAL I 258 34.90 44.28 53.41
C VAL I 258 34.57 44.63 51.96
N ASN I 259 33.61 45.52 51.72
CA ASN I 259 33.26 45.87 50.34
C ASN I 259 33.60 47.29 49.89
N ALA I 260 34.61 47.40 49.03
CA ALA I 260 35.06 48.69 48.52
C ALA I 260 34.21 49.23 47.37
N PHE I 261 32.91 49.01 47.49
CA PHE I 261 31.93 49.53 46.53
C PHE I 261 30.80 50.15 47.41
N PHE I 262 30.97 50.12 48.74
CA PHE I 262 29.98 50.67 49.67
C PHE I 262 30.51 51.76 50.62
N ASP I 263 29.73 52.83 50.77
CA ASP I 263 30.03 53.97 51.65
C ASP I 263 28.70 54.60 52.06
N GLU I 264 28.14 54.15 53.20
CA GLU I 264 26.85 54.65 53.69
C GLU I 264 26.57 56.13 53.49
N ASN I 265 27.60 56.98 53.57
CA ASN I 265 27.43 58.43 53.43
C ASN I 265 27.43 58.94 51.99
N ALA I 266 28.09 58.21 51.11
CA ALA I 266 28.20 58.58 49.71
C ALA I 266 26.87 58.78 49.08
N ASP I 267 26.88 59.28 47.85
CA ASP I 267 25.65 59.47 47.10
C ASP I 267 25.54 58.07 46.49
N LEU I 268 24.32 57.53 46.41
CA LEU I 268 24.06 56.16 45.93
C LEU I 268 24.80 55.05 46.72
N GLN I 269 25.38 55.42 47.86
CA GLN I 269 26.16 54.49 48.70
C GLN I 269 27.25 53.76 47.93
N LEU I 270 27.73 54.41 46.87
CA LEU I 270 28.80 53.87 46.03
C LEU I 270 30.09 54.56 46.41
N SER I 271 31.06 53.77 46.87
CA SER I 271 32.36 54.27 47.28
C SER I 271 33.08 54.87 46.09
N GLU I 272 34.12 55.65 46.35
CA GLU I 272 34.88 56.24 45.27
C GLU I 272 35.59 55.14 44.52
N THR I 273 36.10 54.18 45.28
CA THR I 273 36.79 53.06 44.68
C THR I 273 35.81 52.40 43.70
N ALA I 274 34.52 52.68 43.87
CA ALA I 274 33.45 52.13 43.03
C ALA I 274 33.16 52.93 41.74
N LYS I 275 33.18 54.26 41.84
CA LYS I 275 32.92 55.13 40.69
C LYS I 275 34.09 55.03 39.73
N HIS I 276 35.23 54.64 40.27
CA HIS I 276 36.44 54.49 39.47
C HIS I 276 36.46 53.15 38.75
N PHE I 277 35.61 52.24 39.21
CA PHE I 277 35.51 50.92 38.63
C PHE I 277 34.50 51.02 37.50
N ILE I 278 33.47 51.82 37.71
CA ILE I 278 32.44 51.95 36.70
C ILE I 278 32.93 52.80 35.55
N ALA I 279 33.64 53.89 35.86
CA ALA I 279 34.15 54.77 34.82
C ALA I 279 35.23 54.01 34.05
N GLY I 280 35.96 53.16 34.77
CA GLY I 280 36.97 52.37 34.09
C GLY I 280 36.26 51.50 33.06
N ILE I 281 35.28 50.72 33.50
CA ILE I 281 34.53 49.83 32.62
C ILE I 281 33.74 50.48 31.46
N VAL I 282 33.55 51.79 31.51
CA VAL I 282 32.80 52.42 30.43
C VAL I 282 33.73 52.73 29.28
N LYS I 283 34.97 53.02 29.64
CA LYS I 283 35.98 53.39 28.67
C LYS I 283 36.34 52.28 27.70
N HIS I 284 36.57 51.09 28.24
CA HIS I 284 36.97 49.93 27.44
C HIS I 284 35.82 49.03 26.93
N ALA I 285 34.59 49.39 27.27
CA ALA I 285 33.43 48.60 26.85
C ALA I 285 33.43 48.34 25.35
N THR I 286 33.47 49.39 24.54
CA THR I 286 33.47 49.18 23.08
C THR I 286 34.83 48.66 22.66
N SER I 287 35.64 48.37 23.67
CA SER I 287 36.94 47.82 23.39
C SER I 287 36.89 46.35 23.78
N PHE I 288 36.54 46.05 25.04
CA PHE I 288 36.52 44.67 25.49
C PHE I 288 35.31 43.79 25.18
N THR I 289 34.27 44.36 24.60
CA THR I 289 33.10 43.56 24.30
C THR I 289 33.36 42.38 23.37
N ALA I 290 34.55 42.32 22.80
CA ALA I 290 34.85 41.24 21.88
C ALA I 290 35.25 39.95 22.59
N VAL I 291 35.75 40.09 23.81
CA VAL I 291 36.14 38.90 24.54
C VAL I 291 34.91 38.43 25.29
N THR I 292 34.15 39.39 25.82
CA THR I 292 32.95 39.09 26.61
C THR I 292 31.72 38.67 25.82
N ASN I 293 31.77 38.86 24.51
CA ASN I 293 30.69 38.49 23.57
C ASN I 293 31.51 38.08 22.35
N PRO I 294 32.20 36.93 22.40
CA PRO I 294 33.06 36.40 21.33
C PRO I 294 32.51 35.79 20.05
N THR I 295 31.23 35.94 19.73
CA THR I 295 30.73 35.29 18.53
C THR I 295 30.05 36.08 17.42
N VAL I 296 30.05 35.51 16.22
CA VAL I 296 29.41 36.15 15.09
C VAL I 296 27.96 36.28 15.54
N ASN I 297 27.42 35.21 16.13
CA ASN I 297 26.05 35.18 16.60
C ASN I 297 25.65 36.10 17.78
N SER I 298 26.61 36.58 18.57
CA SER I 298 26.31 37.45 19.72
C SER I 298 26.02 38.89 19.36
N TYR I 299 26.04 39.20 18.07
CA TYR I 299 25.79 40.56 17.65
C TYR I 299 24.39 40.74 17.10
N LYS I 300 23.64 39.63 17.11
CA LYS I 300 22.24 39.57 16.69
C LYS I 300 21.48 39.39 17.99
N ARG I 301 22.23 39.38 19.09
CA ARG I 301 21.67 39.29 20.44
C ARG I 301 21.80 40.72 20.89
N LEU I 302 22.92 41.32 20.50
CA LEU I 302 23.17 42.72 20.82
C LEU I 302 22.52 43.59 19.77
N VAL I 303 21.21 43.56 19.75
CA VAL I 303 20.48 44.35 18.80
C VAL I 303 19.42 45.03 19.70
N PRO I 304 18.71 46.07 19.20
CA PRO I 304 17.71 46.69 20.07
C PRO I 304 16.34 46.04 20.20
N GLY I 305 15.75 46.21 21.38
CA GLY I 305 14.43 45.66 21.64
C GLY I 305 14.42 44.23 22.09
N TYR I 306 15.36 43.87 22.95
CA TYR I 306 15.44 42.50 23.43
C TYR I 306 15.93 42.48 24.88
N GLU I 307 15.97 43.65 25.49
CA GLU I 307 16.44 43.82 26.87
C GLU I 307 17.96 43.79 26.86
N ALA I 308 18.52 43.59 25.67
CA ALA I 308 19.95 43.54 25.52
C ALA I 308 20.50 44.94 25.30
N PRO I 309 21.57 45.28 26.01
CA PRO I 309 22.27 46.57 25.96
C PRO I 309 22.61 46.87 24.53
N CYS I 310 22.61 48.14 24.13
CA CYS I 310 22.98 48.47 22.76
C CYS I 310 24.06 49.53 22.79
N TYR I 311 23.88 50.49 23.68
CA TYR I 311 24.77 51.62 23.85
C TYR I 311 25.45 51.66 25.21
N VAL I 312 26.71 52.12 25.20
CA VAL I 312 27.54 52.19 26.38
C VAL I 312 27.13 53.23 27.37
N ALA I 313 26.58 52.77 28.49
CA ALA I 313 26.14 53.64 29.56
C ALA I 313 25.89 52.88 30.84
N TRP I 314 25.77 53.63 31.92
CA TRP I 314 25.55 53.01 33.22
C TRP I 314 24.48 53.74 34.00
N SER I 315 23.51 52.96 34.46
CA SER I 315 22.38 53.50 35.19
C SER I 315 22.08 52.59 36.40
N ALA I 316 21.03 52.91 37.14
CA ALA I 316 20.62 52.10 38.31
C ALA I 316 19.14 51.67 38.14
N GLN I 317 18.66 51.80 36.91
CA GLN I 317 17.31 51.42 36.46
C GLN I 317 17.00 52.10 35.12
N ASN I 318 17.11 51.33 34.04
CA ASN I 318 16.80 51.90 32.75
C ASN I 318 16.58 50.79 31.76
N ARG I 319 15.79 51.10 30.73
CA ARG I 319 15.43 50.16 29.66
C ARG I 319 16.32 48.94 29.63
N SER I 320 17.56 49.15 29.27
CA SER I 320 18.52 48.07 29.17
C SER I 320 19.93 48.64 29.24
N PRO I 321 20.42 48.93 30.46
CA PRO I 321 21.75 49.49 30.71
C PRO I 321 22.88 48.45 30.60
N LEU I 322 23.97 48.85 29.93
CA LEU I 322 25.13 47.99 29.72
C LEU I 322 25.78 47.76 31.06
N ILE I 323 25.52 48.68 31.96
CA ILE I 323 26.00 48.56 33.31
C ILE I 323 24.84 48.87 34.21
N ARG I 324 24.56 47.96 35.13
CA ARG I 324 23.50 48.21 36.07
C ARG I 324 24.13 48.15 37.45
N ILE I 325 23.60 48.93 38.36
CA ILE I 325 24.07 48.91 39.72
C ILE I 325 22.83 48.43 40.41
N PRO I 326 22.91 47.25 40.99
CA PRO I 326 21.77 46.68 41.70
C PRO I 326 21.29 47.56 42.84
N ALA I 327 20.15 47.21 43.40
CA ALA I 327 19.56 47.95 44.50
C ALA I 327 20.32 47.70 45.79
N SER I 328 20.18 46.47 46.30
CA SER I 328 20.80 46.03 47.53
C SER I 328 22.13 46.66 47.82
N ARG I 329 22.27 47.25 49.00
CA ARG I 329 23.54 47.87 49.41
C ARG I 329 24.11 47.02 50.52
N GLY I 330 25.02 47.58 51.30
CA GLY I 330 25.62 46.78 52.33
C GLY I 330 26.55 45.87 51.54
N ILE I 331 26.85 44.69 52.06
CA ILE I 331 27.75 43.75 51.39
C ILE I 331 27.52 43.48 49.90
N SER I 332 26.30 43.50 49.40
CA SER I 332 26.13 43.19 47.98
C SER I 332 26.08 44.32 47.00
N THR I 333 26.63 45.45 47.41
CA THR I 333 26.75 46.57 46.53
C THR I 333 27.65 45.90 45.49
N ARG I 334 27.18 45.78 44.24
CA ARG I 334 28.01 45.16 43.20
C ARG I 334 27.63 45.71 41.81
N VAL I 335 28.53 45.66 40.83
CA VAL I 335 28.19 46.16 39.50
C VAL I 335 27.94 45.06 38.47
N GLU I 336 26.67 44.83 38.17
CA GLU I 336 26.30 43.84 37.18
C GLU I 336 26.53 44.45 35.81
N VAL I 337 27.29 43.73 34.98
CA VAL I 337 27.56 44.14 33.60
C VAL I 337 26.76 43.20 32.69
N ARG I 338 25.85 43.78 31.91
CA ARG I 338 24.94 43.01 31.09
C ARG I 338 25.29 42.71 29.64
N SER I 339 26.54 42.92 29.24
CA SER I 339 26.90 42.62 27.84
C SER I 339 27.27 41.15 27.64
N VAL I 340 28.07 40.63 28.56
CA VAL I 340 28.57 39.25 28.55
C VAL I 340 27.50 38.22 28.26
N ASP I 341 27.79 37.23 27.43
CA ASP I 341 26.81 36.18 27.21
C ASP I 341 27.50 34.82 27.42
N PRO I 342 26.71 33.77 27.70
CA PRO I 342 27.25 32.43 27.95
C PRO I 342 28.40 32.00 27.04
N ALA I 343 28.37 32.49 25.81
CA ALA I 343 29.37 32.17 24.81
C ALA I 343 30.75 32.67 25.16
N ALA I 344 30.83 33.48 26.21
CA ALA I 344 32.10 34.06 26.63
C ALA I 344 32.96 33.21 27.57
N ASN I 345 34.26 33.15 27.27
CA ASN I 345 35.23 32.39 28.07
C ASN I 345 35.41 32.96 29.48
N PRO I 346 34.69 32.39 30.49
CA PRO I 346 34.63 32.71 31.92
C PRO I 346 35.86 33.33 32.53
N TYR I 347 37.04 32.79 32.22
CA TYR I 347 38.25 33.37 32.79
C TYR I 347 38.73 34.57 31.97
N LEU I 348 38.57 34.50 30.64
CA LEU I 348 39.00 35.56 29.73
C LEU I 348 38.14 36.83 29.77
N ALA I 349 36.82 36.65 29.86
CA ALA I 349 35.87 37.75 29.93
C ALA I 349 36.03 38.36 31.31
N LEU I 350 36.61 37.58 32.22
CA LEU I 350 36.85 38.05 33.57
C LEU I 350 38.25 38.65 33.67
N SER I 351 39.03 38.46 32.61
CA SER I 351 40.39 38.98 32.55
C SER I 351 40.35 40.44 32.04
N VAL I 352 39.53 40.70 31.02
CA VAL I 352 39.41 42.07 30.55
C VAL I 352 38.37 42.78 31.41
N LEU I 353 37.63 42.05 32.24
CA LEU I 353 36.61 42.70 33.08
C LEU I 353 37.20 43.29 34.37
N LEU I 354 38.14 42.59 35.01
CA LEU I 354 38.79 43.12 36.23
C LEU I 354 40.06 43.85 35.86
N ALA I 355 40.24 44.04 34.57
CA ALA I 355 41.41 44.74 34.10
C ALA I 355 41.03 46.18 33.71
N ALA I 356 39.88 46.33 33.05
CA ALA I 356 39.35 47.64 32.61
C ALA I 356 38.74 48.31 33.83
N GLY I 357 38.55 47.49 34.86
CA GLY I 357 38.03 47.99 36.10
C GLY I 357 39.26 48.68 36.65
N LEU I 358 40.23 47.89 37.09
CA LEU I 358 41.45 48.44 37.64
C LEU I 358 42.04 49.61 36.85
N ASP I 359 42.00 49.59 35.53
CA ASP I 359 42.56 50.73 34.83
C ASP I 359 41.91 51.95 35.49
N GLY I 360 40.60 51.84 35.74
CA GLY I 360 39.81 52.90 36.34
C GLY I 360 40.22 53.35 37.72
N ILE I 361 40.20 52.44 38.69
CA ILE I 361 40.59 52.77 40.05
C ILE I 361 42.06 53.22 40.22
N LYS I 362 42.97 52.61 39.49
CA LYS I 362 44.35 53.00 39.62
C LYS I 362 44.57 54.38 39.01
N ASN I 363 44.05 54.64 37.81
CA ASN I 363 44.22 55.96 37.18
C ASN I 363 43.11 56.90 37.65
N LYS I 364 42.51 56.62 38.81
CA LYS I 364 41.37 57.42 39.32
C LYS I 364 40.46 58.05 38.26
N LEU I 365 40.03 57.20 37.33
CA LEU I 365 39.15 57.65 36.30
C LEU I 365 37.94 58.33 36.98
N GLU I 366 37.29 59.19 36.22
CA GLU I 366 36.15 59.98 36.67
C GLU I 366 34.86 59.32 36.11
N ALA I 367 33.82 59.13 36.92
CA ALA I 367 32.60 58.48 36.44
C ALA I 367 31.68 59.46 35.72
N PRO I 368 30.84 58.99 34.78
CA PRO I 368 29.92 59.88 34.04
C PRO I 368 28.42 59.81 34.41
N ALA I 369 27.64 60.59 33.68
CA ALA I 369 26.20 60.69 33.87
C ALA I 369 25.41 59.39 33.98
N PRO I 370 24.90 59.07 35.17
CA PRO I 370 24.12 57.82 35.24
C PRO I 370 22.89 57.92 34.31
N ILE I 371 23.07 57.59 33.03
CA ILE I 371 21.98 57.66 32.05
C ILE I 371 20.72 57.14 32.69
N ASP I 372 19.69 57.96 32.75
CA ASP I 372 18.48 57.51 33.38
C ASP I 372 17.28 58.20 32.74
N ARG I 373 17.56 59.07 31.77
CA ARG I 373 16.49 59.70 31.01
C ARG I 373 16.42 58.72 29.85
N ASN I 374 15.32 57.99 29.75
CA ASN I 374 15.18 56.96 28.73
C ASN I 374 15.73 57.27 27.35
N ILE I 375 17.04 57.04 27.32
CA ILE I 375 17.95 57.22 26.22
C ILE I 375 17.69 56.35 25.00
N TYR I 376 16.83 55.35 25.14
CA TYR I 376 16.51 54.46 24.03
C TYR I 376 15.38 55.08 23.21
N VAL I 377 15.25 56.40 23.36
CA VAL I 377 14.24 57.20 22.68
C VAL I 377 14.86 58.41 21.94
N MET I 378 16.20 58.43 21.86
CA MET I 378 16.95 59.49 21.16
C MET I 378 17.37 58.89 19.85
N SER I 379 18.18 59.63 19.11
CA SER I 379 18.71 59.13 17.86
C SER I 379 20.14 58.74 18.23
N LYS I 380 20.89 58.17 17.29
CA LYS I 380 22.28 57.79 17.54
C LYS I 380 23.13 59.06 17.59
N GLU I 381 22.66 60.08 16.87
CA GLU I 381 23.29 61.39 16.75
C GLU I 381 23.10 62.38 17.91
N GLU I 382 22.11 62.13 18.77
CA GLU I 382 21.88 63.03 19.89
C GLU I 382 22.52 62.39 21.13
N ARG I 383 22.84 61.10 21.00
CA ARG I 383 23.46 60.32 22.06
C ARG I 383 24.99 60.29 21.89
N MET I 384 25.45 60.59 20.68
CA MET I 384 26.88 60.59 20.39
C MET I 384 27.47 61.89 20.91
N GLU I 385 26.59 62.85 21.15
CA GLU I 385 27.02 64.13 21.65
C GLU I 385 27.28 63.87 23.14
N ASN I 386 27.13 62.62 23.58
CA ASN I 386 27.27 62.38 25.02
C ASN I 386 28.07 61.30 25.77
N GLY I 387 29.15 60.75 25.24
CA GLY I 387 29.89 59.73 26.00
C GLY I 387 29.00 58.53 26.16
N ILE I 388 28.15 58.39 25.16
CA ILE I 388 27.22 57.30 25.06
C ILE I 388 27.59 56.83 23.69
N VAL I 389 28.52 55.88 23.65
CA VAL I 389 28.98 55.32 22.40
C VAL I 389 28.39 53.91 22.25
N ASP I 390 27.91 53.57 21.05
CA ASP I 390 27.31 52.26 20.77
C ASP I 390 28.36 51.12 20.76
N LEU I 391 27.91 49.90 20.90
CA LEU I 391 28.82 48.77 20.92
C LEU I 391 29.06 48.13 19.56
N PRO I 392 30.25 47.54 19.35
CA PRO I 392 30.58 46.90 18.07
C PRO I 392 29.44 46.08 17.55
N ALA I 393 28.83 46.52 16.45
CA ALA I 393 27.70 45.84 15.82
C ALA I 393 27.95 44.41 15.30
N THR I 394 29.11 44.19 14.70
CA THR I 394 29.49 42.91 14.13
C THR I 394 30.84 42.55 14.72
N LEU I 395 31.16 41.25 14.81
CA LEU I 395 32.44 40.78 15.37
C LEU I 395 33.72 41.45 14.84
N ALA I 396 33.60 42.21 13.76
CA ALA I 396 34.73 42.91 13.13
C ALA I 396 34.85 44.31 13.71
N GLU I 397 33.81 45.12 13.59
CA GLU I 397 33.86 46.45 14.17
C GLU I 397 34.36 46.24 15.60
N ALA I 398 34.13 45.03 16.10
CA ALA I 398 34.47 44.62 17.46
C ALA I 398 35.94 44.42 17.78
N LEU I 399 36.57 43.47 17.08
CA LEU I 399 37.99 43.18 17.30
C LEU I 399 38.83 44.34 16.79
N GLU I 400 38.23 45.19 15.97
CA GLU I 400 38.97 46.35 15.47
C GLU I 400 39.22 47.15 16.74
N GLU I 401 38.15 47.55 17.41
CA GLU I 401 38.22 48.33 18.64
C GLU I 401 38.92 47.67 19.83
N PHE I 402 39.36 46.41 19.67
CA PHE I 402 40.00 45.68 20.77
C PHE I 402 41.47 45.38 20.53
N LYS I 403 41.82 45.08 19.29
CA LYS I 403 43.20 44.82 18.96
C LYS I 403 43.91 46.13 19.30
N SER I 404 43.19 47.19 18.96
CA SER I 404 43.57 48.59 19.13
C SER I 404 43.77 49.09 20.56
N ASN I 405 42.90 48.69 21.48
CA ASN I 405 43.04 49.12 22.87
C ASN I 405 44.19 48.41 23.64
N GLU I 406 45.23 49.18 23.91
CA GLU I 406 46.41 48.76 24.65
C GLU I 406 46.14 47.80 25.83
N VAL I 407 45.49 48.32 26.86
CA VAL I 407 45.19 47.61 28.10
C VAL I 407 44.66 46.21 27.99
N MET I 408 43.78 45.98 27.02
CA MET I 408 43.21 44.65 26.83
C MET I 408 44.37 43.83 26.37
N VAL I 409 44.92 44.25 25.23
CA VAL I 409 46.08 43.60 24.69
C VAL I 409 46.79 43.22 25.97
N LYS I 410 46.87 44.18 26.89
CA LYS I 410 47.51 43.97 28.18
C LYS I 410 46.86 42.85 29.01
N ALA I 411 45.63 43.04 29.48
CA ALA I 411 44.99 42.03 30.31
C ALA I 411 45.34 40.57 29.94
N LEU I 412 45.32 40.25 28.64
CA LEU I 412 45.60 38.88 28.16
C LEU I 412 47.03 38.52 27.71
N GLY I 413 48.02 39.36 28.03
CA GLY I 413 49.40 39.07 27.64
C GLY I 413 49.57 39.01 26.12
N GLU I 414 50.80 38.79 25.65
CA GLU I 414 51.05 38.70 24.21
C GLU I 414 50.40 37.47 23.60
N HIS I 415 50.79 36.30 24.11
CA HIS I 415 50.30 35.04 23.60
C HIS I 415 48.79 34.90 23.48
N LEU I 416 48.06 35.20 24.55
CA LEU I 416 46.61 35.08 24.51
C LEU I 416 45.98 36.14 23.63
N PHE I 417 46.63 37.28 23.59
CA PHE I 417 46.17 38.37 22.76
C PHE I 417 46.29 37.99 21.26
N GLU I 418 47.52 37.82 20.78
CA GLU I 418 47.75 37.49 19.37
C GLU I 418 46.99 36.27 18.85
N HIS I 419 47.11 35.15 19.57
CA HIS I 419 46.44 33.92 19.13
C HIS I 419 44.92 33.96 19.10
N PHE I 420 44.38 34.84 19.93
CA PHE I 420 42.95 35.06 20.04
C PHE I 420 42.47 35.72 18.74
N ILE I 421 42.99 36.92 18.46
CA ILE I 421 42.60 37.61 17.24
C ILE I 421 42.88 36.76 15.98
N GLU I 422 43.90 35.91 15.99
CA GLU I 422 44.10 35.07 14.80
C GLU I 422 42.89 34.15 14.72
N ALA I 423 42.37 33.78 15.89
CA ALA I 423 41.23 32.87 15.99
C ALA I 423 39.90 33.43 15.51
N LYS I 424 39.47 34.51 16.13
CA LYS I 424 38.19 35.11 15.77
C LYS I 424 38.23 35.76 14.42
N GLU I 425 39.39 36.22 14.00
CA GLU I 425 39.43 36.79 12.70
C GLU I 425 38.97 35.70 11.73
N ILE I 426 39.61 34.53 11.72
CA ILE I 426 39.15 33.51 10.78
C ILE I 426 37.69 33.11 11.03
N GLU I 427 37.22 33.11 12.28
CA GLU I 427 35.80 32.76 12.50
C GLU I 427 35.03 33.70 11.54
N TRP I 428 35.24 35.00 11.71
CA TRP I 428 34.64 36.06 10.89
C TRP I 428 34.85 35.85 9.38
N ASP I 429 36.08 35.50 9.00
CA ASP I 429 36.50 35.25 7.62
C ASP I 429 35.59 34.24 6.92
N MET I 430 35.23 33.18 7.63
CA MET I 430 34.39 32.11 7.12
C MET I 430 32.92 32.51 6.88
N PHE I 431 32.31 33.10 7.90
CA PHE I 431 30.92 33.56 7.86
C PHE I 431 30.73 34.74 6.90
N ARG I 432 31.84 35.37 6.51
CA ARG I 432 31.85 36.56 5.64
C ARG I 432 31.79 36.30 4.12
N THR I 433 32.39 35.19 3.74
CA THR I 433 32.49 34.81 2.36
C THR I 433 31.46 33.72 2.08
N GLN I 434 30.69 33.42 3.11
CA GLN I 434 29.62 32.42 3.06
C GLN I 434 28.46 33.04 2.30
N VAL I 435 27.73 32.25 1.53
CA VAL I 435 26.57 32.80 0.81
C VAL I 435 25.26 32.31 1.40
N HIS I 436 24.98 32.75 2.63
CA HIS I 436 23.78 32.42 3.40
C HIS I 436 22.51 32.39 2.58
N PRO I 437 21.54 31.54 2.95
CA PRO I 437 20.26 31.43 2.23
C PRO I 437 19.33 32.65 2.22
N TRP I 438 19.57 33.63 3.09
CA TRP I 438 18.76 34.85 3.09
C TRP I 438 19.14 35.44 1.74
N GLU I 439 20.44 35.48 1.51
CA GLU I 439 21.02 36.00 0.29
C GLU I 439 20.41 35.41 -0.95
N ARG I 440 20.00 34.14 -0.87
CA ARG I 440 19.39 33.45 -2.00
C ARG I 440 17.88 33.64 -2.12
N GLU I 441 17.28 34.34 -1.18
CA GLU I 441 15.85 34.56 -1.26
C GLU I 441 15.72 35.91 -1.88
N GLN I 442 16.46 36.86 -1.32
CA GLN I 442 16.44 38.24 -1.78
C GLN I 442 16.91 38.46 -3.22
N TYR I 443 18.22 38.32 -3.38
CA TYR I 443 18.89 38.55 -4.65
C TYR I 443 18.63 37.56 -5.77
N MET I 444 18.02 36.43 -5.44
CA MET I 444 17.77 35.38 -6.44
C MET I 444 16.54 35.49 -7.36
N SER I 445 15.39 35.78 -6.79
CA SER I 445 14.20 35.87 -7.60
C SER I 445 13.89 37.29 -8.09
N GLN I 446 14.43 38.33 -7.44
CA GLN I 446 14.21 39.74 -7.84
C GLN I 446 15.24 40.25 -8.85
N TYR I 447 16.53 40.02 -8.55
CA TYR I 447 17.70 40.42 -9.37
C TYR I 447 17.99 39.45 -10.54
N ALA J 5 29.89 -17.34 -63.17
CA ALA J 5 29.37 -16.34 -62.21
C ALA J 5 27.87 -16.09 -62.36
N LYS J 6 27.41 -14.93 -61.90
CA LYS J 6 26.00 -14.57 -61.96
C LYS J 6 25.85 -13.05 -61.85
N TYR J 7 26.99 -12.39 -61.68
CA TYR J 7 27.12 -10.92 -61.55
C TYR J 7 28.50 -10.38 -61.96
N THR J 8 28.64 -9.70 -63.11
CA THR J 8 29.96 -9.13 -63.40
C THR J 8 30.01 -7.87 -62.54
N ARG J 9 31.17 -7.24 -62.47
CA ARG J 9 31.38 -6.02 -61.69
C ARG J 9 30.36 -4.92 -62.03
N GLU J 10 30.24 -4.62 -63.33
CA GLU J 10 29.33 -3.62 -63.86
C GLU J 10 27.91 -3.83 -63.37
N ASP J 11 27.56 -5.10 -63.22
CA ASP J 11 26.23 -5.50 -62.79
C ASP J 11 25.94 -5.20 -61.32
N ILE J 12 26.93 -5.37 -60.45
CA ILE J 12 26.70 -5.05 -59.04
C ILE J 12 26.47 -3.54 -58.93
N GLU J 13 27.39 -2.77 -59.49
CA GLU J 13 27.33 -1.29 -59.47
C GLU J 13 26.05 -0.67 -60.06
N LYS J 14 25.65 -1.07 -61.27
CA LYS J 14 24.41 -0.56 -61.84
C LYS J 14 23.33 -0.91 -60.82
N LEU J 15 23.58 -1.98 -60.05
CA LEU J 15 22.65 -2.48 -59.03
C LEU J 15 22.68 -1.71 -57.72
N VAL J 16 23.86 -1.26 -57.29
CA VAL J 16 23.94 -0.54 -56.05
C VAL J 16 23.03 0.69 -56.17
N LYS J 17 23.22 1.51 -57.21
CA LYS J 17 22.41 2.71 -57.49
C LYS J 17 20.88 2.55 -57.45
N GLU J 18 20.37 1.75 -58.38
CA GLU J 18 18.92 1.52 -58.49
C GLU J 18 18.32 0.88 -57.24
N GLU J 19 19.14 0.24 -56.41
CA GLU J 19 18.61 -0.37 -55.19
C GLU J 19 18.79 0.63 -54.04
N ASN J 20 19.74 1.55 -54.23
CA ASN J 20 20.07 2.65 -53.30
C ASN J 20 20.77 2.28 -51.99
N VAL J 21 21.79 1.44 -52.09
CA VAL J 21 22.55 1.01 -50.93
C VAL J 21 23.47 2.11 -50.39
N LYS J 22 23.69 2.14 -49.07
CA LYS J 22 24.57 3.14 -48.47
C LYS J 22 25.59 2.54 -47.51
N TYR J 23 25.64 1.22 -47.43
CA TYR J 23 26.54 0.59 -46.50
C TYR J 23 26.88 -0.80 -46.99
N ILE J 24 28.15 -1.16 -46.93
CA ILE J 24 28.55 -2.47 -47.42
C ILE J 24 29.36 -3.35 -46.46
N ARG J 25 28.71 -4.42 -45.98
CA ARG J 25 29.33 -5.36 -45.05
C ARG J 25 30.08 -6.44 -45.81
N LEU J 26 31.38 -6.53 -45.57
CA LEU J 26 32.22 -7.52 -46.23
C LEU J 26 32.36 -8.64 -45.23
N GLN J 27 31.66 -9.73 -45.46
CA GLN J 27 31.70 -10.81 -44.50
C GLN J 27 32.61 -11.92 -44.83
N PHE J 28 32.97 -12.62 -43.79
CA PHE J 28 33.75 -13.80 -43.97
C PHE J 28 33.34 -14.66 -42.80
N THR J 29 34.20 -15.56 -42.35
CA THR J 29 33.83 -16.42 -41.24
C THR J 29 35.08 -16.82 -40.53
N ASP J 30 35.12 -16.60 -39.23
CA ASP J 30 36.30 -16.95 -38.49
C ASP J 30 36.41 -18.46 -38.44
N ILE J 31 37.08 -18.93 -37.39
CA ILE J 31 37.31 -20.34 -37.15
C ILE J 31 36.26 -21.05 -36.25
N LEU J 32 35.60 -20.31 -35.37
CA LEU J 32 34.57 -20.86 -34.50
C LEU J 32 33.21 -20.63 -35.15
N GLY J 33 33.30 -20.42 -36.46
CA GLY J 33 32.11 -20.21 -37.27
C GLY J 33 31.45 -18.89 -37.06
N THR J 34 31.83 -18.16 -36.03
CA THR J 34 31.20 -16.88 -35.82
C THR J 34 31.34 -16.06 -37.11
N ILE J 35 30.19 -15.71 -37.66
CA ILE J 35 30.20 -14.94 -38.86
C ILE J 35 30.48 -13.48 -38.48
N LYS J 36 31.70 -13.06 -38.81
CA LYS J 36 32.17 -11.71 -38.54
C LYS J 36 32.28 -10.97 -39.86
N ASN J 37 32.86 -9.78 -39.78
CA ASN J 37 32.96 -8.96 -40.95
C ASN J 37 33.56 -7.60 -40.66
N VAL J 38 33.96 -6.96 -41.73
CA VAL J 38 34.44 -5.61 -41.65
C VAL J 38 33.37 -4.96 -42.51
N GLU J 39 32.94 -3.77 -42.10
CA GLU J 39 31.90 -3.07 -42.84
C GLU J 39 32.49 -1.74 -43.35
N ILE J 40 32.16 -1.37 -44.59
CA ILE J 40 32.64 -0.12 -45.19
C ILE J 40 31.40 0.66 -45.59
N PRO J 41 31.56 1.87 -46.16
CA PRO J 41 30.38 2.63 -46.58
C PRO J 41 30.19 2.42 -48.09
N VAL J 42 28.96 2.48 -48.58
CA VAL J 42 28.71 2.29 -50.01
C VAL J 42 29.76 3.06 -50.80
N SER J 43 30.29 4.09 -50.16
CA SER J 43 31.29 4.96 -50.73
C SER J 43 32.72 4.42 -50.84
N GLN J 44 32.95 3.17 -50.43
CA GLN J 44 34.27 2.55 -50.55
C GLN J 44 34.09 1.28 -51.39
N LEU J 45 32.92 1.15 -52.00
CA LEU J 45 32.60 0.00 -52.83
C LEU J 45 33.66 -0.18 -53.91
N GLY J 46 34.38 0.90 -54.24
CA GLY J 46 35.42 0.80 -55.25
C GLY J 46 36.62 0.06 -54.69
N LYS J 47 37.22 0.63 -53.66
CA LYS J 47 38.37 0.04 -52.98
C LYS J 47 38.11 -1.44 -52.63
N ALA J 48 36.84 -1.81 -52.54
CA ALA J 48 36.42 -3.18 -52.19
C ALA J 48 36.50 -4.17 -53.34
N LEU J 49 35.94 -3.76 -54.48
CA LEU J 49 35.93 -4.61 -55.65
C LEU J 49 37.34 -4.67 -56.20
N ASP J 50 38.09 -3.59 -55.97
CA ASP J 50 39.48 -3.50 -56.39
C ASP J 50 40.27 -4.40 -55.46
N ASN J 51 39.55 -5.01 -54.53
CA ASN J 51 40.15 -5.92 -53.57
C ASN J 51 41.26 -5.21 -52.76
N LYS J 52 41.36 -3.88 -52.89
CA LYS J 52 42.39 -3.14 -52.16
C LYS J 52 42.08 -2.79 -50.70
N VAL J 53 41.05 -3.40 -50.11
CA VAL J 53 40.76 -3.14 -48.70
C VAL J 53 41.78 -3.92 -47.88
N MET J 54 42.04 -3.49 -46.67
CA MET J 54 42.99 -4.18 -45.81
C MET J 54 42.30 -4.35 -44.47
N PHE J 55 42.75 -5.31 -43.67
CA PHE J 55 42.22 -5.53 -42.32
C PHE J 55 43.10 -6.53 -41.55
N ASP J 56 43.13 -6.37 -40.22
CA ASP J 56 43.89 -7.24 -39.33
C ASP J 56 43.27 -8.61 -39.42
N GLY J 57 43.94 -9.49 -40.14
CA GLY J 57 43.44 -10.82 -40.32
C GLY J 57 43.47 -11.79 -39.16
N SER J 58 44.06 -11.45 -38.03
CA SER J 58 44.06 -12.40 -36.92
C SER J 58 42.72 -12.48 -36.23
N SER J 59 41.72 -11.76 -36.75
CA SER J 59 40.39 -11.78 -36.17
C SER J 59 39.78 -13.16 -36.43
N ILE J 60 40.42 -13.90 -37.33
CA ILE J 60 39.95 -15.23 -37.68
C ILE J 60 40.52 -16.26 -36.70
N GLU J 61 41.72 -16.01 -36.19
CA GLU J 61 42.35 -16.94 -35.26
C GLU J 61 41.50 -17.05 -34.00
N GLY J 62 40.26 -16.63 -34.12
CA GLY J 62 39.37 -16.74 -32.98
C GLY J 62 39.95 -15.92 -31.86
N PHE J 63 39.65 -16.29 -30.62
CA PHE J 63 40.16 -15.53 -29.48
C PHE J 63 41.58 -15.96 -29.15
N VAL J 64 42.18 -16.74 -30.07
CA VAL J 64 43.55 -17.19 -29.90
C VAL J 64 44.47 -16.22 -30.64
N ARG J 65 43.88 -15.15 -31.20
CA ARG J 65 44.63 -14.13 -31.92
C ARG J 65 45.90 -13.88 -31.17
N ILE J 66 47.00 -13.69 -31.90
CA ILE J 66 48.24 -13.39 -31.23
C ILE J 66 48.98 -12.18 -31.81
N GLU J 67 48.99 -11.99 -33.13
CA GLU J 67 49.72 -10.86 -33.68
C GLU J 67 48.96 -10.00 -34.73
N GLU J 68 49.10 -8.67 -34.66
CA GLU J 68 48.43 -7.79 -35.63
C GLU J 68 49.08 -8.08 -36.95
N SER J 69 48.40 -8.92 -37.74
CA SER J 69 48.82 -9.41 -39.05
C SER J 69 47.90 -8.89 -40.20
N ASP J 70 48.31 -7.83 -40.91
CA ASP J 70 47.51 -7.24 -42.00
C ASP J 70 47.02 -8.16 -43.10
N MET J 71 45.89 -7.80 -43.72
CA MET J 71 45.40 -8.61 -44.81
C MET J 71 44.40 -8.05 -45.75
N TYR J 72 44.55 -8.46 -47.00
CA TYR J 72 43.66 -8.04 -48.07
C TYR J 72 42.33 -8.80 -48.04
N LEU J 73 41.32 -8.26 -48.74
CA LEU J 73 39.97 -8.84 -48.70
C LEU J 73 39.18 -8.96 -50.00
N TYR J 74 39.39 -10.05 -50.72
CA TYR J 74 38.70 -10.27 -52.00
C TYR J 74 37.29 -10.89 -51.85
N PRO J 75 36.24 -10.13 -52.24
CA PRO J 75 34.80 -10.45 -52.22
C PRO J 75 34.28 -11.31 -53.38
N ASP J 76 33.67 -12.47 -53.05
CA ASP J 76 33.12 -13.37 -54.06
C ASP J 76 31.95 -12.60 -54.67
N LEU J 77 32.11 -12.16 -55.92
CA LEU J 77 31.13 -11.35 -56.67
C LEU J 77 29.69 -11.85 -56.75
N ASN J 78 29.49 -13.12 -56.38
CA ASN J 78 28.18 -13.78 -56.44
C ASN J 78 27.41 -13.85 -55.12
N THR J 79 28.12 -13.67 -54.02
CA THR J 79 27.50 -13.69 -52.71
C THR J 79 27.00 -12.30 -52.35
N PHE J 80 26.89 -11.42 -53.34
CA PHE J 80 26.38 -10.09 -53.11
C PHE J 80 24.91 -10.24 -52.86
N VAL J 81 24.46 -9.73 -51.74
CA VAL J 81 23.05 -9.81 -51.41
C VAL J 81 22.67 -8.51 -50.67
N ILE J 82 21.42 -8.11 -50.79
CA ILE J 82 20.91 -6.90 -50.16
C ILE J 82 19.87 -7.36 -49.16
N PHE J 83 19.96 -6.88 -47.92
CA PHE J 83 18.99 -7.27 -46.90
C PHE J 83 17.75 -6.38 -47.08
N PRO J 84 16.56 -6.99 -46.97
CA PRO J 84 15.26 -6.32 -47.11
C PRO J 84 14.78 -5.60 -45.87
N TRP J 85 15.33 -5.98 -44.73
CA TRP J 85 14.92 -5.32 -43.51
C TRP J 85 15.94 -4.21 -43.21
N THR J 86 16.41 -3.58 -44.27
CA THR J 86 17.34 -2.46 -44.19
C THR J 86 16.54 -1.24 -44.59
N ALA J 87 15.94 -1.28 -45.78
CA ALA J 87 15.12 -0.18 -46.32
C ALA J 87 14.60 0.78 -45.25
N GLU J 88 15.53 1.52 -44.63
CA GLU J 88 15.23 2.46 -43.55
C GLU J 88 15.82 3.85 -43.73
N LYS J 89 17.13 3.92 -43.96
CA LYS J 89 17.84 5.20 -44.13
C LYS J 89 18.68 5.13 -45.42
N GLY J 90 18.48 4.02 -46.13
CA GLY J 90 19.20 3.71 -47.34
C GLY J 90 19.31 2.23 -47.04
N LYS J 91 19.76 1.39 -47.96
CA LYS J 91 19.83 -0.03 -47.64
C LYS J 91 21.22 -0.55 -47.27
N VAL J 92 21.41 -1.86 -47.39
CA VAL J 92 22.70 -2.47 -47.05
C VAL J 92 22.94 -3.69 -47.95
N ALA J 93 24.16 -4.20 -47.98
CA ALA J 93 24.46 -5.35 -48.81
C ALA J 93 25.72 -6.06 -48.35
N ARG J 94 25.76 -7.37 -48.58
CA ARG J 94 26.88 -8.17 -48.15
C ARG J 94 27.66 -8.89 -49.26
N PHE J 95 28.98 -8.84 -49.11
CA PHE J 95 29.90 -9.53 -50.01
C PHE J 95 30.66 -10.49 -49.06
N ILE J 96 30.66 -11.79 -49.38
CA ILE J 96 31.40 -12.73 -48.54
C ILE J 96 32.76 -12.82 -49.19
N CYS J 97 33.80 -12.77 -48.37
CA CYS J 97 35.11 -12.81 -48.95
C CYS J 97 36.02 -13.92 -48.61
N ASP J 98 37.04 -13.97 -49.45
CA ASP J 98 38.11 -14.91 -49.34
C ASP J 98 39.25 -14.01 -48.86
N ILE J 99 39.89 -14.42 -47.78
CA ILE J 99 40.99 -13.68 -47.20
C ILE J 99 42.23 -13.91 -48.02
N TYR J 100 43.16 -12.96 -48.02
CA TYR J 100 44.38 -13.10 -48.80
C TYR J 100 45.69 -12.60 -48.19
N ASN J 101 46.71 -13.46 -48.15
CA ASN J 101 48.03 -13.09 -47.62
C ASN J 101 48.38 -11.64 -48.00
N PRO J 102 49.45 -11.11 -47.41
CA PRO J 102 49.82 -9.73 -47.74
C PRO J 102 50.38 -9.48 -49.14
N ASP J 103 50.94 -10.52 -49.77
CA ASP J 103 51.52 -10.39 -51.11
C ASP J 103 50.60 -10.94 -52.21
N GLY J 104 49.31 -10.74 -52.03
CA GLY J 104 48.34 -11.19 -53.02
C GLY J 104 48.07 -12.68 -53.19
N THR J 105 48.44 -13.49 -52.20
CA THR J 105 48.20 -14.93 -52.29
C THR J 105 47.22 -15.38 -51.19
N PRO J 106 46.29 -16.28 -51.51
CA PRO J 106 45.30 -16.79 -50.55
C PRO J 106 45.81 -17.12 -49.14
N PHE J 107 45.00 -16.76 -48.15
CA PHE J 107 45.35 -17.00 -46.77
C PHE J 107 45.13 -18.48 -46.41
N GLU J 108 46.22 -19.23 -46.25
CA GLU J 108 46.16 -20.67 -45.94
C GLU J 108 45.21 -21.04 -44.79
N GLY J 109 45.12 -20.18 -43.78
CA GLY J 109 44.27 -20.46 -42.63
C GLY J 109 42.85 -19.91 -42.67
N ASP J 110 42.43 -19.42 -43.84
CA ASP J 110 41.07 -18.91 -43.96
C ASP J 110 40.12 -20.08 -44.16
N PRO J 111 39.33 -20.41 -43.13
CA PRO J 111 38.38 -21.52 -43.19
C PRO J 111 37.83 -21.82 -44.58
N ARG J 112 37.39 -20.77 -45.28
CA ARG J 112 36.79 -20.86 -46.61
C ARG J 112 37.73 -21.22 -47.79
N ASN J 113 38.92 -20.61 -47.85
CA ASN J 113 39.85 -20.90 -48.93
C ASN J 113 40.46 -22.29 -48.75
N ASN J 114 40.15 -22.92 -47.63
CA ASN J 114 40.65 -24.24 -47.37
C ASN J 114 39.52 -25.24 -47.40
N LEU J 115 38.52 -24.97 -48.23
CA LEU J 115 37.41 -25.91 -48.43
C LEU J 115 37.77 -26.10 -49.89
N LYS J 116 37.85 -24.95 -50.55
CA LYS J 116 38.19 -24.83 -51.96
C LYS J 116 39.47 -25.59 -52.36
N ARG J 117 40.42 -25.69 -51.41
CA ARG J 117 41.68 -26.41 -51.63
C ARG J 117 41.30 -27.87 -51.57
N ILE J 118 40.61 -28.22 -50.50
CA ILE J 118 40.15 -29.58 -50.33
C ILE J 118 39.30 -29.91 -51.55
N LEU J 119 38.82 -28.86 -52.23
CA LEU J 119 38.03 -29.05 -53.43
C LEU J 119 38.96 -29.24 -54.63
N LYS J 120 39.73 -28.23 -55.03
CA LYS J 120 40.64 -28.47 -56.16
C LYS J 120 41.14 -29.93 -55.98
N GLU J 121 41.56 -30.28 -54.75
CA GLU J 121 42.01 -31.63 -54.44
C GLU J 121 41.12 -32.58 -55.22
N MET J 122 39.83 -32.31 -55.16
CA MET J 122 38.81 -33.09 -55.82
C MET J 122 38.96 -33.16 -57.35
N GLU J 123 39.13 -32.02 -58.00
CA GLU J 123 39.27 -32.01 -59.46
C GLU J 123 40.50 -32.78 -59.89
N ASP J 124 41.52 -32.76 -59.04
CA ASP J 124 42.78 -33.44 -59.33
C ASP J 124 42.65 -34.96 -59.34
N LEU J 125 41.48 -35.46 -58.96
CA LEU J 125 41.23 -36.91 -58.94
C LEU J 125 40.18 -37.24 -60.02
N GLY J 126 39.30 -36.28 -60.30
CA GLY J 126 38.29 -36.48 -61.32
C GLY J 126 36.93 -35.80 -61.19
N PHE J 127 36.40 -35.76 -59.98
CA PHE J 127 35.06 -35.20 -59.75
C PHE J 127 34.89 -33.69 -59.90
N SER J 128 33.78 -33.30 -60.54
CA SER J 128 33.46 -31.90 -60.80
C SER J 128 32.65 -31.08 -59.76
N ASP J 129 31.49 -31.53 -59.31
CA ASP J 129 30.77 -30.74 -58.30
C ASP J 129 30.45 -31.57 -57.08
N PHE J 130 30.58 -30.98 -55.90
CA PHE J 130 30.26 -31.67 -54.65
C PHE J 130 29.09 -30.91 -54.06
N ASN J 131 27.92 -31.55 -54.05
CA ASN J 131 26.65 -30.95 -53.58
C ASN J 131 26.17 -31.23 -52.12
N LEU J 132 25.87 -30.14 -51.41
CA LEU J 132 25.44 -30.17 -50.02
C LEU J 132 24.03 -29.62 -49.80
N GLY J 133 23.17 -30.48 -49.26
CA GLY J 133 21.82 -30.10 -48.92
C GLY J 133 21.89 -30.24 -47.40
N PRO J 134 21.61 -29.17 -46.62
CA PRO J 134 21.67 -29.25 -45.16
C PRO J 134 20.31 -29.17 -44.40
N GLU J 135 20.24 -29.93 -43.31
CA GLU J 135 19.05 -30.05 -42.47
C GLU J 135 19.27 -29.54 -41.06
N PRO J 136 19.69 -28.29 -40.94
CA PRO J 136 19.94 -27.69 -39.63
C PRO J 136 18.62 -27.59 -38.87
N GLU J 137 18.71 -27.40 -37.56
CA GLU J 137 17.54 -27.29 -36.70
C GLU J 137 17.86 -26.30 -35.57
N PHE J 138 16.82 -25.66 -35.03
CA PHE J 138 17.01 -24.67 -33.97
C PHE J 138 15.79 -24.57 -33.05
N PHE J 139 16.00 -24.08 -31.82
CA PHE J 139 14.90 -23.91 -30.88
C PHE J 139 14.54 -22.45 -30.84
N LEU J 140 13.29 -22.13 -30.52
CA LEU J 140 12.87 -20.72 -30.43
C LEU J 140 12.39 -20.44 -29.01
N PHE J 141 13.18 -19.67 -28.27
CA PHE J 141 12.85 -19.29 -26.90
C PHE J 141 12.23 -17.90 -26.89
N LYS J 142 11.29 -17.65 -25.98
CA LYS J 142 10.70 -16.32 -25.92
C LYS J 142 11.79 -15.43 -25.31
N LEU J 143 11.70 -14.14 -25.59
CA LEU J 143 12.64 -13.15 -25.06
C LEU J 143 11.93 -12.59 -23.83
N ASP J 144 12.57 -11.68 -23.10
CA ASP J 144 11.92 -11.09 -21.93
C ASP J 144 11.90 -9.56 -21.98
N GLU J 145 10.74 -8.99 -21.68
CA GLU J 145 10.53 -7.54 -21.70
C GLU J 145 11.83 -6.76 -21.83
N LYS J 146 12.76 -6.97 -20.89
CA LYS J 146 14.06 -6.31 -20.94
C LYS J 146 14.52 -6.37 -22.38
N GLY J 147 15.07 -7.53 -22.73
CA GLY J 147 15.56 -7.77 -24.07
C GLY J 147 16.48 -8.98 -24.12
N GLU J 148 16.59 -9.68 -23.00
CA GLU J 148 17.45 -10.86 -22.90
C GLU J 148 16.63 -12.16 -22.93
N PRO J 149 17.27 -13.29 -23.30
CA PRO J 149 16.58 -14.58 -23.37
C PRO J 149 16.12 -15.35 -22.10
N THR J 150 15.20 -16.29 -22.36
CA THR J 150 14.59 -17.16 -21.35
C THR J 150 14.37 -18.58 -21.88
N LEU J 151 14.24 -19.52 -20.96
CA LEU J 151 14.05 -20.94 -21.26
C LEU J 151 12.62 -21.30 -21.66
N GLU J 152 11.82 -20.28 -21.98
CA GLU J 152 10.47 -20.52 -22.41
C GLU J 152 10.53 -20.61 -23.91
N LEU J 153 10.37 -21.82 -24.41
CA LEU J 153 10.37 -22.09 -25.82
C LEU J 153 9.21 -21.23 -26.34
N ASN J 154 8.70 -21.47 -27.53
CA ASN J 154 7.61 -20.62 -27.99
C ASN J 154 6.44 -21.36 -28.59
N ASP J 155 6.25 -22.60 -28.18
CA ASP J 155 5.14 -23.39 -28.64
C ASP J 155 5.29 -24.80 -28.08
N LYS J 156 4.19 -25.54 -28.04
CA LYS J 156 4.23 -26.88 -27.49
C LYS J 156 3.88 -27.94 -28.52
N GLY J 157 4.16 -27.61 -29.79
CA GLY J 157 3.91 -28.52 -30.89
C GLY J 157 4.92 -29.65 -31.01
N GLY J 158 4.56 -30.68 -31.78
CA GLY J 158 5.41 -31.84 -31.97
C GLY J 158 5.91 -32.10 -33.39
N TYR J 159 6.35 -33.32 -33.65
CA TYR J 159 6.88 -33.70 -34.96
C TYR J 159 5.88 -33.51 -36.09
N PHE J 160 6.24 -32.65 -37.04
CA PHE J 160 5.38 -32.33 -38.19
C PHE J 160 3.99 -31.87 -37.81
N ASP J 161 3.86 -31.01 -36.81
CA ASP J 161 2.54 -30.51 -36.43
C ASP J 161 2.34 -29.26 -37.28
N LEU J 162 1.22 -28.58 -37.04
CA LEU J 162 0.94 -27.34 -37.72
C LEU J 162 1.42 -26.16 -36.86
N ALA J 163 2.72 -26.15 -36.52
CA ALA J 163 3.36 -25.11 -35.69
C ALA J 163 2.56 -23.82 -35.54
N PRO J 164 2.61 -23.17 -34.35
CA PRO J 164 1.89 -21.93 -34.00
C PRO J 164 0.79 -21.46 -34.96
N THR J 165 0.05 -22.43 -35.50
CA THR J 165 -1.05 -22.26 -36.45
C THR J 165 -0.89 -21.05 -37.38
N ASP J 166 -1.74 -20.92 -38.40
CA ASP J 166 -1.60 -19.81 -39.35
C ASP J 166 -2.30 -18.53 -38.87
N LEU J 167 -2.09 -18.28 -37.58
CA LEU J 167 -2.66 -17.16 -36.85
C LEU J 167 -1.63 -16.38 -36.01
N GLY J 168 -1.02 -15.36 -36.60
CA GLY J 168 -0.09 -14.55 -35.83
C GLY J 168 1.42 -14.81 -35.83
N GLU J 169 1.86 -15.89 -35.20
CA GLU J 169 3.29 -16.13 -35.13
C GLU J 169 3.97 -16.93 -36.23
N ASN J 170 3.79 -18.25 -36.20
CA ASN J 170 4.48 -19.14 -37.14
C ASN J 170 5.73 -18.38 -37.57
N CYS J 171 6.68 -18.27 -36.65
CA CYS J 171 7.93 -17.53 -36.89
C CYS J 171 8.47 -17.88 -38.27
N ARG J 172 8.32 -19.17 -38.57
CA ARG J 172 8.72 -19.79 -39.78
C ARG J 172 8.24 -19.14 -41.07
N ARG J 173 6.93 -19.12 -41.24
CA ARG J 173 6.32 -18.51 -42.42
C ARG J 173 7.17 -17.33 -42.88
N ASP J 174 7.56 -16.50 -41.93
CA ASP J 174 8.36 -15.31 -42.21
C ASP J 174 9.82 -15.67 -42.50
N ILE J 175 10.37 -16.62 -41.72
CA ILE J 175 11.73 -17.09 -41.90
C ILE J 175 11.90 -17.71 -43.28
N VAL J 176 10.84 -18.37 -43.74
CA VAL J 176 10.88 -19.02 -45.05
C VAL J 176 10.56 -17.99 -46.12
N LEU J 177 9.53 -17.19 -45.87
CA LEU J 177 9.16 -16.19 -46.84
C LEU J 177 10.25 -15.15 -46.98
N GLU J 178 10.77 -14.65 -45.86
CA GLU J 178 11.81 -13.66 -45.98
C GLU J 178 13.06 -14.23 -46.65
N LEU J 179 13.11 -15.56 -46.77
CA LEU J 179 14.24 -16.20 -47.42
C LEU J 179 13.97 -16.59 -48.87
N GLU J 180 12.71 -16.76 -49.27
CA GLU J 180 12.50 -17.09 -50.67
C GLU J 180 12.82 -15.86 -51.51
N GLU J 181 13.07 -14.73 -50.84
CA GLU J 181 13.44 -13.49 -51.53
C GLU J 181 14.86 -13.06 -51.24
N MET J 182 15.81 -13.98 -51.30
CA MET J 182 17.20 -13.63 -51.07
C MET J 182 18.00 -14.64 -51.87
N GLY J 183 17.28 -15.24 -52.81
CA GLY J 183 17.87 -16.22 -53.68
C GLY J 183 17.72 -17.60 -53.09
N PHE J 184 17.39 -17.63 -51.81
CA PHE J 184 17.22 -18.88 -51.09
C PHE J 184 16.14 -19.80 -51.66
N GLU J 185 16.54 -20.97 -52.17
CA GLU J 185 15.56 -21.92 -52.65
C GLU J 185 15.36 -22.76 -51.35
N ILE J 186 14.17 -22.70 -50.75
CA ILE J 186 13.86 -23.45 -49.50
C ILE J 186 12.90 -24.62 -49.70
N GLU J 187 13.47 -25.79 -49.95
CA GLU J 187 12.74 -27.02 -50.19
C GLU J 187 11.49 -27.27 -49.31
N ALA J 188 11.63 -27.10 -48.01
CA ALA J 188 10.53 -27.32 -47.08
C ALA J 188 10.88 -27.15 -45.60
N SER J 189 9.89 -26.73 -44.83
CA SER J 189 10.03 -26.49 -43.40
C SER J 189 8.91 -27.23 -42.69
N HIS J 190 9.21 -27.80 -41.53
CA HIS J 190 8.19 -28.49 -40.75
C HIS J 190 8.52 -28.27 -39.27
N HIS J 191 7.58 -28.50 -38.38
CA HIS J 191 7.88 -28.29 -36.97
C HIS J 191 8.46 -29.60 -36.45
N GLU J 192 9.51 -29.51 -35.63
CA GLU J 192 10.19 -30.68 -35.08
C GLU J 192 9.70 -31.27 -33.74
N VAL J 193 10.15 -32.48 -33.46
CA VAL J 193 9.76 -33.24 -32.26
C VAL J 193 9.72 -32.51 -30.96
N ALA J 194 10.62 -31.55 -30.78
CA ALA J 194 10.68 -30.84 -29.51
C ALA J 194 9.94 -29.52 -29.42
N PRO J 195 9.35 -29.26 -28.24
CA PRO J 195 8.62 -28.03 -27.96
C PRO J 195 9.40 -26.77 -28.43
N GLY J 196 9.21 -26.36 -29.67
CA GLY J 196 9.88 -25.17 -30.16
C GLY J 196 10.91 -25.41 -31.25
N GLN J 197 11.45 -26.62 -31.30
CA GLN J 197 12.45 -26.90 -32.30
C GLN J 197 11.77 -26.97 -33.67
N HIS J 198 12.28 -26.19 -34.63
CA HIS J 198 11.75 -26.15 -36.02
C HIS J 198 12.84 -26.60 -37.00
N GLU J 199 12.44 -26.91 -38.23
CA GLU J 199 13.42 -27.31 -39.26
C GLU J 199 13.15 -26.76 -40.66
N ILE J 200 14.14 -26.04 -41.19
CA ILE J 200 14.04 -25.41 -42.51
C ILE J 200 15.07 -25.87 -43.52
N ASP J 201 14.79 -26.97 -44.20
CA ASP J 201 15.73 -27.47 -45.19
C ASP J 201 15.58 -26.68 -46.47
N PHE J 202 16.71 -26.25 -47.02
CA PHE J 202 16.72 -25.58 -48.31
C PHE J 202 17.43 -26.64 -49.16
N LYS J 203 17.72 -26.39 -50.44
CA LYS J 203 18.26 -27.46 -51.26
C LYS J 203 19.62 -27.43 -51.95
N TYR J 204 19.82 -28.50 -52.69
CA TYR J 204 20.93 -28.71 -53.59
C TYR J 204 22.00 -27.61 -53.64
N ALA J 205 23.29 -27.93 -53.69
CA ALA J 205 24.27 -26.86 -53.83
C ALA J 205 25.74 -27.17 -53.65
N GLY J 206 26.55 -26.62 -54.55
CA GLY J 206 27.98 -26.88 -54.46
C GLY J 206 28.52 -26.57 -53.08
N ALA J 207 29.54 -27.32 -52.68
CA ALA J 207 30.18 -27.11 -51.38
C ALA J 207 30.16 -25.64 -50.97
N VAL J 208 31.12 -24.88 -51.48
CA VAL J 208 31.25 -23.46 -51.14
C VAL J 208 30.06 -22.57 -51.40
N ARG J 209 29.04 -23.02 -52.11
CA ARG J 209 27.89 -22.14 -52.32
C ARG J 209 26.76 -22.43 -51.34
N SER J 210 26.89 -23.53 -50.61
CA SER J 210 25.86 -23.95 -49.66
C SER J 210 26.30 -23.59 -48.26
N CYS J 211 27.60 -23.40 -48.08
CA CYS J 211 28.12 -23.03 -46.79
C CYS J 211 27.91 -21.55 -46.56
N ASP J 212 27.97 -20.78 -47.64
CA ASP J 212 27.76 -19.34 -47.57
C ASP J 212 26.30 -19.16 -47.17
N ASP J 213 25.47 -20.13 -47.57
CA ASP J 213 24.05 -20.09 -47.25
C ASP J 213 23.83 -20.54 -45.78
N ILE J 214 24.56 -21.57 -45.33
CA ILE J 214 24.41 -22.03 -43.94
C ILE J 214 24.48 -20.80 -43.07
N GLN J 215 25.63 -20.14 -43.15
CA GLN J 215 25.96 -18.93 -42.41
C GLN J 215 24.87 -17.88 -42.55
N THR J 216 24.46 -17.65 -43.79
CA THR J 216 23.39 -16.68 -44.11
C THR J 216 22.10 -17.17 -43.49
N PHE J 217 21.86 -18.46 -43.59
CA PHE J 217 20.67 -19.00 -42.99
C PHE J 217 20.75 -18.54 -41.54
N LYS J 218 21.74 -19.09 -40.84
CA LYS J 218 21.99 -18.76 -39.45
C LYS J 218 21.65 -17.33 -39.18
N LEU J 219 22.29 -16.46 -39.96
CA LEU J 219 22.16 -15.02 -39.86
C LEU J 219 20.72 -14.53 -39.98
N VAL J 220 20.02 -14.91 -41.03
CA VAL J 220 18.66 -14.42 -41.16
C VAL J 220 17.70 -14.96 -40.11
N VAL J 221 17.88 -16.19 -39.69
CA VAL J 221 16.94 -16.71 -38.71
C VAL J 221 16.99 -15.94 -37.40
N LYS J 222 18.14 -15.93 -36.74
CA LYS J 222 18.32 -15.28 -35.43
C LYS J 222 17.86 -13.86 -35.43
N THR J 223 17.67 -13.36 -36.64
CA THR J 223 17.22 -12.04 -36.77
C THR J 223 15.74 -11.99 -36.96
N ILE J 224 15.19 -12.66 -37.97
CA ILE J 224 13.75 -12.51 -38.06
C ILE J 224 13.14 -13.12 -36.78
N ALA J 225 13.99 -13.85 -36.05
CA ALA J 225 13.58 -14.45 -34.78
C ALA J 225 13.46 -13.34 -33.73
N ARG J 226 14.45 -12.45 -33.70
CA ARG J 226 14.37 -11.35 -32.75
C ARG J 226 13.24 -10.45 -33.23
N LYS J 227 13.17 -10.23 -34.54
CA LYS J 227 12.14 -9.36 -35.13
C LYS J 227 10.74 -9.76 -34.71
N HIS J 228 10.58 -11.02 -34.30
CA HIS J 228 9.27 -11.52 -33.90
C HIS J 228 9.03 -11.66 -32.41
N GLY J 229 10.11 -11.63 -31.62
CA GLY J 229 10.00 -11.76 -30.18
C GLY J 229 10.76 -12.96 -29.61
N LEU J 230 11.00 -13.96 -30.46
CA LEU J 230 11.70 -15.14 -30.00
C LEU J 230 13.18 -15.19 -30.27
N HIS J 231 13.92 -15.63 -29.26
CA HIS J 231 15.35 -15.78 -29.38
C HIS J 231 15.55 -17.09 -30.09
N ALA J 232 16.20 -17.05 -31.26
CA ALA J 232 16.46 -18.25 -32.02
C ALA J 232 17.89 -18.62 -31.70
N THR J 233 18.09 -19.88 -31.36
CA THR J 233 19.42 -20.38 -31.03
C THR J 233 19.69 -21.66 -31.81
N PHE J 234 20.95 -21.85 -32.17
CA PHE J 234 21.39 -23.03 -32.91
C PHE J 234 22.36 -23.86 -32.07
N MET J 235 22.20 -23.83 -30.75
CA MET J 235 23.02 -24.60 -29.82
C MET J 235 22.59 -26.09 -29.93
N PRO J 236 23.54 -27.04 -29.90
CA PRO J 236 23.26 -28.47 -30.02
C PRO J 236 22.21 -29.14 -29.12
N LYS J 237 22.21 -28.82 -27.83
CA LYS J 237 21.25 -29.39 -26.87
C LYS J 237 20.85 -28.35 -25.80
N PRO J 238 20.22 -27.24 -26.22
CA PRO J 238 19.80 -26.16 -25.32
C PRO J 238 19.20 -26.61 -23.98
N LEU J 239 18.49 -27.73 -24.01
CA LEU J 239 17.89 -28.26 -22.80
C LEU J 239 18.29 -29.73 -22.65
N PHE J 240 18.30 -30.17 -21.40
CA PHE J 240 18.66 -31.53 -21.09
C PHE J 240 17.37 -32.32 -21.13
N GLY J 241 17.48 -33.63 -21.36
CA GLY J 241 16.30 -34.45 -21.41
C GLY J 241 15.37 -33.99 -22.50
N VAL J 242 15.90 -33.20 -23.44
CA VAL J 242 15.15 -32.71 -24.58
C VAL J 242 15.97 -32.99 -25.81
N ASN J 243 15.31 -33.16 -26.93
CA ASN J 243 15.99 -33.40 -28.18
C ASN J 243 16.97 -32.25 -28.34
N GLY J 244 17.75 -32.31 -29.41
CA GLY J 244 18.71 -31.26 -29.69
C GLY J 244 18.68 -30.90 -31.15
N SER J 245 19.27 -29.76 -31.51
CA SER J 245 19.30 -29.34 -32.90
C SER J 245 20.35 -30.18 -33.64
N GLY J 246 20.03 -30.53 -34.88
CA GLY J 246 20.95 -31.31 -35.68
C GLY J 246 21.17 -30.56 -36.95
N MET J 247 22.19 -30.97 -37.71
CA MET J 247 22.47 -30.32 -38.97
C MET J 247 22.86 -31.35 -39.98
N HIS J 248 22.02 -32.36 -40.10
CA HIS J 248 22.24 -33.44 -41.03
C HIS J 248 22.74 -32.86 -42.35
N CYS J 249 23.97 -33.22 -42.71
CA CYS J 249 24.57 -32.76 -43.96
C CYS J 249 24.41 -33.85 -45.01
N ASN J 250 23.95 -33.50 -46.21
CA ASN J 250 23.84 -34.50 -47.28
C ASN J 250 25.02 -34.38 -48.21
N LEU J 251 25.32 -35.46 -48.91
CA LEU J 251 26.44 -35.44 -49.83
C LEU J 251 26.20 -36.15 -51.15
N SER J 252 26.73 -35.55 -52.21
CA SER J 252 26.61 -36.12 -53.53
C SER J 252 27.71 -35.62 -54.48
N LEU J 253 28.76 -36.44 -54.59
CA LEU J 253 29.93 -36.23 -55.44
C LEU J 253 29.61 -36.51 -56.90
N PHE J 254 29.77 -35.52 -57.75
CA PHE J 254 29.54 -35.78 -59.15
C PHE J 254 30.85 -35.94 -59.89
N LYS J 255 30.71 -36.21 -61.18
CA LYS J 255 31.83 -36.31 -62.10
C LYS J 255 31.26 -36.24 -63.52
N ASN J 256 31.62 -35.15 -64.20
CA ASN J 256 31.23 -34.85 -65.58
C ASN J 256 29.90 -34.13 -65.78
N GLY J 257 29.07 -34.08 -64.74
CA GLY J 257 27.78 -33.43 -64.86
C GLY J 257 26.75 -34.51 -64.58
N VAL J 258 27.26 -35.60 -64.02
CA VAL J 258 26.43 -36.72 -63.66
C VAL J 258 26.97 -37.31 -62.39
N ASN J 259 26.07 -37.87 -61.61
CA ASN J 259 26.38 -38.46 -60.33
C ASN J 259 27.43 -39.57 -60.33
N ALA J 260 28.11 -39.69 -59.19
CA ALA J 260 29.14 -40.70 -59.02
C ALA J 260 28.55 -41.85 -58.22
N PHE J 261 28.02 -41.51 -57.05
CA PHE J 261 27.42 -42.48 -56.14
C PHE J 261 26.44 -43.44 -56.78
N PHE J 262 25.50 -42.89 -57.53
CA PHE J 262 24.48 -43.66 -58.19
C PHE J 262 24.99 -44.76 -59.11
N ASP J 263 24.31 -45.91 -59.13
CA ASP J 263 24.68 -47.00 -60.05
C ASP J 263 23.52 -47.96 -60.38
N GLU J 264 22.99 -47.76 -61.58
CA GLU J 264 21.86 -48.51 -62.13
C GLU J 264 21.81 -49.99 -61.85
N ASN J 265 22.60 -50.73 -62.62
CA ASN J 265 22.70 -52.19 -62.54
C ASN J 265 23.45 -52.70 -61.31
N ALA J 266 23.35 -52.01 -60.18
CA ALA J 266 24.07 -52.39 -58.96
C ALA J 266 23.26 -52.78 -57.72
N ASP J 267 23.96 -53.12 -56.63
CA ASP J 267 23.33 -53.49 -55.36
C ASP J 267 23.02 -52.22 -54.53
N LEU J 268 21.78 -52.11 -54.07
CA LEU J 268 21.31 -50.97 -53.29
C LEU J 268 21.30 -49.67 -54.12
N GLN J 269 21.59 -49.78 -55.42
CA GLN J 269 21.65 -48.63 -56.34
C GLN J 269 22.78 -47.69 -55.90
N LEU J 270 23.89 -48.30 -55.50
CA LEU J 270 25.08 -47.57 -55.04
C LEU J 270 26.34 -48.03 -55.77
N SER J 271 27.03 -47.06 -56.36
CA SER J 271 28.26 -47.30 -57.12
C SER J 271 29.38 -47.79 -56.21
N GLU J 272 30.39 -48.42 -56.80
CA GLU J 272 31.52 -48.88 -56.03
C GLU J 272 32.04 -47.64 -55.31
N THR J 273 32.05 -46.54 -56.07
CA THR J 273 32.50 -45.22 -55.64
C THR J 273 31.85 -44.71 -54.38
N ALA J 274 30.55 -44.96 -54.28
CA ALA J 274 29.79 -44.56 -53.12
C ALA J 274 30.12 -45.55 -52.00
N LYS J 275 30.43 -46.81 -52.35
CA LYS J 275 30.78 -47.83 -51.36
C LYS J 275 32.21 -47.63 -50.87
N HIS J 276 32.87 -46.62 -51.44
CA HIS J 276 34.23 -46.27 -51.10
C HIS J 276 34.09 -45.03 -50.21
N PHE J 277 33.27 -44.08 -50.65
CA PHE J 277 33.07 -42.86 -49.87
C PHE J 277 32.60 -43.21 -48.46
N ILE J 278 31.56 -44.02 -48.41
CA ILE J 278 30.98 -44.49 -47.16
C ILE J 278 32.20 -44.91 -46.30
N ALA J 279 33.01 -45.80 -46.87
CA ALA J 279 34.19 -46.34 -46.19
C ALA J 279 35.23 -45.36 -45.71
N GLY J 280 35.31 -44.20 -46.35
CA GLY J 280 36.28 -43.22 -45.89
C GLY J 280 35.71 -42.53 -44.68
N ILE J 281 34.42 -42.20 -44.80
CA ILE J 281 33.64 -41.53 -43.77
C ILE J 281 33.51 -42.41 -42.53
N VAL J 282 33.82 -43.69 -42.68
CA VAL J 282 33.74 -44.59 -41.55
C VAL J 282 35.06 -44.79 -40.80
N LYS J 283 36.17 -44.54 -41.48
CA LYS J 283 37.51 -44.68 -40.88
C LYS J 283 37.88 -43.47 -40.04
N HIS J 284 37.40 -42.30 -40.44
CA HIS J 284 37.75 -41.07 -39.75
C HIS J 284 36.69 -40.36 -38.92
N ALA J 285 35.53 -40.98 -38.78
CA ALA J 285 34.47 -40.37 -38.01
C ALA J 285 34.89 -40.06 -36.61
N THR J 286 35.36 -41.03 -35.85
CA THR J 286 35.62 -40.56 -34.52
C THR J 286 36.58 -39.38 -34.56
N SER J 287 37.39 -39.32 -35.61
CA SER J 287 38.40 -38.29 -35.81
C SER J 287 37.98 -36.87 -36.19
N PHE J 288 37.17 -36.74 -37.24
CA PHE J 288 36.73 -35.41 -37.63
C PHE J 288 35.55 -35.01 -36.75
N THR J 289 35.03 -35.99 -36.01
CA THR J 289 33.90 -35.75 -35.11
C THR J 289 34.13 -34.44 -34.40
N ALA J 290 35.38 -34.24 -34.00
CA ALA J 290 35.78 -33.02 -33.30
C ALA J 290 35.31 -31.77 -34.02
N VAL J 291 35.48 -31.72 -35.33
CA VAL J 291 35.06 -30.54 -36.06
C VAL J 291 33.57 -30.55 -36.43
N THR J 292 32.99 -31.72 -36.72
CA THR J 292 31.57 -31.79 -37.05
C THR J 292 30.74 -31.62 -35.80
N ASN J 293 31.43 -31.48 -34.67
CA ASN J 293 30.81 -31.25 -33.37
C ASN J 293 31.85 -30.46 -32.58
N PRO J 294 32.12 -29.19 -32.97
CA PRO J 294 33.08 -28.25 -32.37
C PRO J 294 33.06 -27.97 -30.87
N THR J 295 31.91 -28.11 -30.24
CA THR J 295 31.77 -27.77 -28.82
C THR J 295 31.59 -28.84 -27.71
N VAL J 296 31.45 -28.34 -26.49
CA VAL J 296 31.25 -29.14 -25.27
C VAL J 296 29.81 -29.61 -25.09
N ASN J 297 28.87 -28.82 -25.62
CA ASN J 297 27.45 -29.13 -25.55
C ASN J 297 27.04 -29.63 -26.94
N SER J 298 27.95 -30.37 -27.56
CA SER J 298 27.69 -30.96 -28.86
C SER J 298 27.49 -32.40 -28.46
N TYR J 299 28.25 -32.82 -27.45
CA TYR J 299 28.23 -34.19 -26.91
C TYR J 299 27.25 -34.38 -25.77
N LYS J 300 26.36 -33.40 -25.62
CA LYS J 300 25.30 -33.47 -24.64
C LYS J 300 24.10 -33.61 -25.59
N ARG J 301 24.41 -33.93 -26.83
CA ARG J 301 23.40 -34.13 -27.83
C ARG J 301 23.54 -35.57 -28.24
N LEU J 302 24.80 -36.00 -28.30
CA LEU J 302 25.16 -37.36 -28.68
C LEU J 302 24.99 -38.34 -27.53
N VAL J 303 23.75 -38.54 -27.10
CA VAL J 303 23.47 -39.48 -26.04
C VAL J 303 22.38 -40.42 -26.58
N PRO J 304 22.58 -41.75 -26.46
CA PRO J 304 21.55 -42.63 -27.01
C PRO J 304 20.13 -42.26 -26.64
N GLY J 305 19.31 -42.06 -27.67
CA GLY J 305 17.92 -41.76 -27.41
C GLY J 305 17.28 -40.57 -28.08
N TYR J 306 18.00 -39.81 -28.90
CA TYR J 306 17.38 -38.66 -29.50
C TYR J 306 17.51 -38.66 -31.00
N GLU J 307 17.75 -39.86 -31.51
CA GLU J 307 17.93 -40.11 -32.95
C GLU J 307 19.39 -39.84 -33.31
N ALA J 308 20.00 -38.87 -32.62
CA ALA J 308 21.39 -38.45 -32.86
C ALA J 308 22.41 -39.58 -32.90
N PRO J 309 23.00 -39.81 -34.08
CA PRO J 309 23.97 -40.89 -34.11
C PRO J 309 24.86 -40.76 -32.92
N CYS J 310 25.19 -41.91 -32.38
CA CYS J 310 26.11 -42.03 -31.27
C CYS J 310 27.11 -42.99 -31.88
N TYR J 311 26.62 -44.12 -32.34
CA TYR J 311 27.49 -45.13 -32.91
C TYR J 311 27.88 -44.89 -34.36
N VAL J 312 29.12 -45.32 -34.68
CA VAL J 312 29.69 -45.20 -36.01
C VAL J 312 29.17 -46.37 -36.83
N ALA J 313 28.52 -46.08 -37.95
CA ALA J 313 27.98 -47.14 -38.81
C ALA J 313 27.27 -46.54 -40.03
N TRP J 314 26.63 -47.40 -40.83
CA TRP J 314 25.91 -46.93 -42.00
C TRP J 314 24.74 -47.81 -42.41
N SER J 315 23.57 -47.20 -42.34
CA SER J 315 22.31 -47.84 -42.62
C SER J 315 21.57 -47.08 -43.69
N ALA J 316 20.58 -47.72 -44.31
CA ALA J 316 19.77 -47.07 -45.32
C ALA J 316 18.44 -46.89 -44.59
N GLN J 317 18.50 -47.08 -43.27
CA GLN J 317 17.32 -46.97 -42.45
C GLN J 317 17.59 -47.51 -41.04
N ASN J 318 18.15 -46.67 -40.17
CA ASN J 318 18.46 -47.07 -38.79
C ASN J 318 18.05 -46.02 -37.76
N ARG J 319 17.92 -46.47 -36.52
CA ARG J 319 17.55 -45.64 -35.38
C ARG J 319 18.59 -44.53 -35.16
N SER J 320 19.88 -44.89 -35.19
CA SER J 320 20.95 -43.92 -34.99
C SER J 320 22.12 -44.19 -35.95
N PRO J 321 21.83 -44.28 -37.26
CA PRO J 321 22.93 -44.56 -38.20
C PRO J 321 23.88 -43.37 -38.25
N LEU J 322 25.17 -43.59 -38.07
CA LEU J 322 26.05 -42.44 -38.16
C LEU J 322 25.97 -42.03 -39.62
N ILE J 323 25.51 -42.95 -40.48
CA ILE J 323 25.34 -42.67 -41.91
C ILE J 323 24.03 -43.22 -42.45
N ARG J 324 23.28 -42.37 -43.14
CA ARG J 324 22.02 -42.78 -43.73
C ARG J 324 21.99 -42.51 -45.21
N ILE J 325 21.77 -43.59 -45.94
CA ILE J 325 21.65 -43.51 -47.37
C ILE J 325 20.15 -43.58 -47.60
N PRO J 326 19.47 -42.41 -47.72
CA PRO J 326 18.02 -42.30 -47.94
C PRO J 326 17.52 -43.26 -49.05
N ALA J 327 16.23 -43.25 -49.34
CA ALA J 327 15.74 -44.15 -50.37
C ALA J 327 16.12 -43.68 -51.77
N SER J 328 16.00 -42.36 -51.96
CA SER J 328 16.26 -41.58 -53.17
C SER J 328 17.51 -41.84 -54.00
N ARG J 329 17.30 -42.31 -55.23
CA ARG J 329 18.39 -42.60 -56.16
C ARG J 329 18.55 -41.59 -57.28
N GLY J 330 18.61 -42.04 -58.52
CA GLY J 330 18.79 -41.09 -59.61
C GLY J 330 19.76 -39.96 -59.19
N ILE J 331 19.42 -38.69 -59.45
CA ILE J 331 20.22 -37.46 -59.12
C ILE J 331 20.38 -37.26 -57.63
N SER J 332 19.32 -37.56 -56.91
CA SER J 332 19.31 -37.42 -55.48
C SER J 332 19.91 -38.52 -54.63
N THR J 333 20.73 -39.40 -55.24
CA THR J 333 21.43 -40.42 -54.43
C THR J 333 22.29 -39.51 -53.59
N ARG J 334 22.67 -40.00 -52.42
CA ARG J 334 23.39 -39.09 -51.53
C ARG J 334 23.72 -39.84 -50.25
N VAL J 335 24.48 -39.17 -49.40
CA VAL J 335 24.81 -39.77 -48.11
C VAL J 335 24.64 -38.78 -46.96
N GLU J 336 23.69 -39.08 -46.10
CA GLU J 336 23.43 -38.25 -44.94
C GLU J 336 24.41 -38.61 -43.83
N VAL J 337 25.19 -37.63 -43.38
CA VAL J 337 26.14 -37.80 -42.28
C VAL J 337 25.53 -36.98 -41.15
N ARG J 338 24.63 -37.63 -40.44
CA ARG J 338 23.83 -37.06 -39.36
C ARG J 338 24.42 -36.55 -38.04
N SER J 339 25.71 -36.74 -37.79
CA SER J 339 26.27 -36.29 -36.51
C SER J 339 26.70 -34.84 -36.37
N VAL J 340 26.75 -34.09 -37.46
CA VAL J 340 27.13 -32.68 -37.43
C VAL J 340 26.03 -31.82 -36.83
N ASP J 341 26.37 -30.84 -35.98
CA ASP J 341 25.33 -29.93 -35.51
C ASP J 341 25.72 -28.56 -36.03
N PRO J 342 24.77 -27.60 -36.05
CA PRO J 342 24.87 -26.19 -36.50
C PRO J 342 25.99 -25.32 -35.94
N ALA J 343 26.53 -25.68 -34.79
CA ALA J 343 27.62 -24.94 -34.19
C ALA J 343 28.80 -25.14 -35.15
N ALA J 344 28.87 -26.36 -35.66
CA ALA J 344 29.91 -26.74 -36.60
C ALA J 344 30.23 -25.62 -37.58
N ASN J 345 31.49 -25.52 -37.97
CA ASN J 345 31.90 -24.51 -38.93
C ASN J 345 31.63 -25.12 -40.28
N PRO J 346 30.72 -24.50 -41.03
CA PRO J 346 30.28 -24.91 -42.37
C PRO J 346 31.41 -25.40 -43.28
N TYR J 347 32.49 -24.63 -43.32
CA TYR J 347 33.65 -24.91 -44.16
C TYR J 347 34.78 -25.82 -43.62
N LEU J 348 34.79 -26.11 -42.32
CA LEU J 348 35.80 -27.00 -41.72
C LEU J 348 35.18 -28.37 -41.64
N ALA J 349 33.86 -28.42 -41.74
CA ALA J 349 33.12 -29.67 -41.69
C ALA J 349 32.98 -30.21 -43.11
N LEU J 350 33.16 -29.33 -44.11
CA LEU J 350 33.08 -29.82 -45.47
C LEU J 350 34.47 -30.29 -45.76
N SER J 351 35.47 -29.67 -45.14
CA SER J 351 36.85 -30.09 -45.35
C SER J 351 37.25 -31.39 -44.70
N VAL J 352 36.98 -31.64 -43.42
CA VAL J 352 37.38 -32.95 -42.92
C VAL J 352 36.54 -34.00 -43.66
N LEU J 353 35.23 -33.73 -43.83
CA LEU J 353 34.34 -34.68 -44.50
C LEU J 353 34.71 -35.08 -45.94
N LEU J 354 34.85 -34.09 -46.82
CA LEU J 354 35.27 -34.33 -48.21
C LEU J 354 36.47 -35.27 -48.13
N ALA J 355 37.48 -34.78 -47.44
CA ALA J 355 38.72 -35.47 -47.20
C ALA J 355 38.54 -36.95 -46.86
N ALA J 356 37.71 -37.24 -45.85
CA ALA J 356 37.45 -38.62 -45.39
C ALA J 356 36.80 -39.41 -46.49
N GLY J 357 35.94 -38.74 -47.26
CA GLY J 357 35.28 -39.40 -48.35
C GLY J 357 36.35 -39.83 -49.34
N LEU J 358 37.17 -38.85 -49.75
CA LEU J 358 38.28 -39.05 -50.68
C LEU J 358 39.22 -40.17 -50.26
N ASP J 359 39.81 -40.07 -49.06
CA ASP J 359 40.73 -41.10 -48.54
C ASP J 359 39.99 -42.42 -48.79
N GLY J 360 38.67 -42.35 -48.76
CA GLY J 360 37.86 -43.50 -49.04
C GLY J 360 37.98 -43.93 -50.48
N ILE J 361 37.91 -42.98 -51.41
CA ILE J 361 37.99 -43.33 -52.84
C ILE J 361 39.44 -43.52 -53.34
N LYS J 362 40.31 -42.55 -53.08
CA LYS J 362 41.71 -42.68 -53.50
C LYS J 362 42.34 -43.99 -52.99
N ASN J 363 42.31 -44.22 -51.67
CA ASN J 363 42.89 -45.44 -51.09
C ASN J 363 42.11 -46.72 -51.40
N LYS J 364 41.02 -46.58 -52.15
CA LYS J 364 40.18 -47.73 -52.52
C LYS J 364 39.86 -48.64 -51.34
N LEU J 365 39.10 -48.12 -50.38
CA LEU J 365 38.70 -48.87 -49.20
C LEU J 365 37.38 -49.62 -49.39
N GLU J 366 37.10 -50.48 -48.42
CA GLU J 366 35.90 -51.30 -48.44
C GLU J 366 34.94 -51.04 -47.29
N ALA J 367 33.72 -50.69 -47.65
CA ALA J 367 32.68 -50.42 -46.66
C ALA J 367 32.54 -51.64 -45.75
N PRO J 368 32.26 -51.43 -44.46
CA PRO J 368 32.08 -52.44 -43.44
C PRO J 368 30.68 -53.04 -43.67
N ALA J 369 30.34 -54.05 -42.88
CA ALA J 369 29.03 -54.67 -43.00
C ALA J 369 27.98 -53.68 -42.44
N PRO J 370 27.23 -52.99 -43.34
CA PRO J 370 26.23 -52.03 -42.88
C PRO J 370 25.38 -52.63 -41.73
N ILE J 371 24.77 -51.77 -40.90
CA ILE J 371 23.95 -52.24 -39.78
C ILE J 371 22.42 -52.18 -39.98
N ASP J 372 21.69 -52.96 -39.18
CA ASP J 372 20.24 -53.08 -39.32
C ASP J 372 19.40 -52.58 -38.17
N ARG J 373 18.73 -53.53 -37.52
CA ARG J 373 17.89 -53.21 -36.37
C ARG J 373 18.35 -54.03 -35.16
N ASN J 374 19.65 -54.02 -34.91
CA ASN J 374 20.21 -54.72 -33.77
C ASN J 374 21.44 -54.08 -33.08
N ILE J 375 21.61 -52.76 -33.17
CA ILE J 375 22.77 -52.15 -32.50
C ILE J 375 22.42 -51.35 -31.23
N TYR J 376 21.14 -51.10 -30.99
CA TYR J 376 20.76 -50.40 -29.78
C TYR J 376 20.51 -51.44 -28.71
N VAL J 377 20.40 -52.71 -29.15
CA VAL J 377 20.17 -53.84 -28.24
C VAL J 377 21.47 -54.46 -27.77
N MET J 378 22.55 -54.21 -28.51
CA MET J 378 23.85 -54.75 -28.14
C MET J 378 24.42 -53.88 -27.02
N SER J 379 25.54 -54.32 -26.44
CA SER J 379 26.20 -53.58 -25.38
C SER J 379 27.32 -52.77 -26.04
N LYS J 380 28.42 -52.53 -25.34
CA LYS J 380 29.54 -51.78 -25.92
C LYS J 380 30.63 -52.77 -26.32
N GLU J 381 30.60 -53.94 -25.71
CA GLU J 381 31.58 -54.99 -25.98
C GLU J 381 31.09 -55.91 -27.08
N GLU J 382 29.79 -56.21 -27.01
CA GLU J 382 29.08 -57.05 -27.96
C GLU J 382 29.11 -56.31 -29.30
N ARG J 383 29.08 -54.98 -29.23
CA ARG J 383 29.14 -54.17 -30.43
C ARG J 383 30.60 -54.06 -30.75
N MET J 384 31.45 -53.99 -29.73
CA MET J 384 32.84 -53.84 -30.11
C MET J 384 33.34 -54.98 -31.00
N GLU J 385 32.55 -56.05 -31.10
CA GLU J 385 32.86 -57.23 -31.91
C GLU J 385 32.94 -56.93 -33.41
N ASN J 386 32.00 -56.13 -33.91
CA ASN J 386 31.96 -55.76 -35.33
C ASN J 386 32.53 -54.35 -35.59
N GLY J 387 32.22 -53.74 -36.73
CA GLY J 387 32.76 -52.41 -37.04
C GLY J 387 32.19 -51.24 -36.26
N ILE J 388 31.49 -51.52 -35.17
CA ILE J 388 30.85 -50.52 -34.32
C ILE J 388 31.75 -49.79 -33.31
N VAL J 389 32.34 -48.66 -33.70
CA VAL J 389 33.17 -47.89 -32.76
C VAL J 389 32.29 -46.80 -32.21
N ASP J 390 32.32 -46.59 -30.90
CA ASP J 390 31.50 -45.53 -30.37
C ASP J 390 31.91 -44.22 -30.98
N LEU J 391 31.11 -43.19 -30.76
CA LEU J 391 31.50 -41.87 -31.23
C LEU J 391 32.13 -41.33 -29.95
N PRO J 392 32.87 -40.22 -30.05
CA PRO J 392 33.53 -39.61 -28.89
C PRO J 392 32.50 -39.16 -27.84
N ALA J 393 32.96 -38.82 -26.65
CA ALA J 393 32.05 -38.47 -25.55
C ALA J 393 32.23 -37.10 -24.86
N THR J 394 33.27 -36.37 -25.26
CA THR J 394 33.58 -35.04 -24.71
C THR J 394 34.46 -34.29 -25.70
N LEU J 395 34.22 -33.00 -25.90
CA LEU J 395 35.06 -32.26 -26.86
C LEU J 395 36.49 -32.75 -26.69
N ALA J 396 36.79 -33.14 -25.46
CA ALA J 396 38.08 -33.65 -25.05
C ALA J 396 38.51 -34.93 -25.80
N GLU J 397 37.69 -35.96 -25.73
CA GLU J 397 38.01 -37.21 -26.40
C GLU J 397 37.99 -37.08 -27.93
N ALA J 398 37.57 -35.92 -28.42
CA ALA J 398 37.50 -35.64 -29.86
C ALA J 398 38.76 -34.91 -30.35
N LEU J 399 39.51 -34.36 -29.40
CA LEU J 399 40.72 -33.63 -29.71
C LEU J 399 41.95 -34.53 -29.59
N GLU J 400 41.72 -35.80 -29.26
CA GLU J 400 42.81 -36.75 -29.14
C GLU J 400 42.86 -37.58 -30.41
N GLU J 401 41.76 -38.26 -30.71
CA GLU J 401 41.69 -39.08 -31.90
C GLU J 401 42.01 -38.27 -33.17
N PHE J 402 41.78 -36.96 -33.12
CA PHE J 402 41.97 -36.01 -34.23
C PHE J 402 43.37 -35.42 -34.38
N LYS J 403 44.09 -35.38 -33.27
CA LYS J 403 45.43 -34.85 -33.26
C LYS J 403 46.23 -35.92 -33.98
N SER J 404 45.94 -37.17 -33.63
CA SER J 404 46.60 -38.34 -34.22
C SER J 404 46.19 -38.69 -35.65
N ASN J 405 45.08 -38.11 -36.13
CA ASN J 405 44.67 -38.44 -37.48
C ASN J 405 45.45 -37.70 -38.54
N GLU J 406 46.35 -38.43 -39.19
CA GLU J 406 47.22 -37.92 -40.25
C GLU J 406 46.49 -37.12 -41.34
N VAL J 407 45.46 -37.75 -41.92
CA VAL J 407 44.69 -37.18 -43.02
C VAL J 407 43.72 -36.07 -42.62
N MET J 408 43.57 -35.86 -41.32
CA MET J 408 42.69 -34.83 -40.77
C MET J 408 43.51 -33.55 -40.62
N VAL J 409 44.66 -33.72 -39.97
CA VAL J 409 45.59 -32.64 -39.77
C VAL J 409 45.72 -31.98 -41.13
N LYS J 410 46.27 -32.71 -42.10
CA LYS J 410 46.44 -32.23 -43.48
C LYS J 410 45.19 -31.62 -44.14
N ALA J 411 44.00 -31.98 -43.64
CA ALA J 411 42.72 -31.52 -44.20
C ALA J 411 42.28 -30.08 -43.93
N LEU J 412 42.96 -29.45 -42.98
CA LEU J 412 42.73 -28.05 -42.63
C LEU J 412 44.00 -27.40 -43.11
N GLY J 413 45.10 -27.98 -42.65
CA GLY J 413 46.40 -27.50 -43.03
C GLY J 413 47.23 -27.26 -41.78
N GLU J 414 48.32 -26.56 -41.95
CA GLU J 414 49.19 -26.26 -40.83
C GLU J 414 48.54 -25.26 -39.92
N HIS J 415 48.39 -24.03 -40.43
CA HIS J 415 47.82 -22.94 -39.64
C HIS J 415 46.48 -23.22 -39.04
N LEU J 416 45.54 -23.64 -39.86
CA LEU J 416 44.22 -23.92 -39.37
C LEU J 416 44.22 -24.98 -38.28
N PHE J 417 44.59 -26.22 -38.62
CA PHE J 417 44.59 -27.27 -37.62
C PHE J 417 45.18 -26.75 -36.31
N GLU J 418 46.22 -25.92 -36.42
CA GLU J 418 46.86 -25.44 -35.21
C GLU J 418 45.96 -24.59 -34.36
N HIS J 419 45.50 -23.47 -34.88
CA HIS J 419 44.67 -22.59 -34.09
C HIS J 419 43.44 -23.19 -33.42
N PHE J 420 42.76 -24.10 -34.12
CA PHE J 420 41.60 -24.80 -33.58
C PHE J 420 42.06 -25.67 -32.40
N ILE J 421 42.99 -26.60 -32.62
CA ILE J 421 43.46 -27.43 -31.51
C ILE J 421 44.02 -26.51 -30.43
N GLU J 422 44.59 -25.39 -30.83
CA GLU J 422 45.12 -24.46 -29.85
C GLU J 422 43.96 -23.88 -29.11
N ALA J 423 42.96 -23.41 -29.86
CA ALA J 423 41.75 -22.78 -29.31
C ALA J 423 40.75 -23.72 -28.58
N LYS J 424 40.54 -24.90 -29.14
CA LYS J 424 39.60 -25.84 -28.56
C LYS J 424 40.01 -26.46 -27.24
N GLU J 425 41.31 -26.66 -27.02
CA GLU J 425 41.79 -27.20 -25.77
C GLU J 425 41.76 -26.05 -24.76
N ILE J 426 41.32 -24.88 -25.20
CA ILE J 426 41.18 -23.77 -24.28
C ILE J 426 39.74 -23.87 -23.87
N GLU J 427 38.90 -24.17 -24.86
CA GLU J 427 37.49 -24.25 -24.56
C GLU J 427 37.14 -25.35 -23.57
N TRP J 428 37.60 -26.59 -23.79
CA TRP J 428 37.32 -27.68 -22.86
C TRP J 428 37.93 -27.27 -21.54
N ASP J 429 39.08 -26.62 -21.67
CA ASP J 429 39.87 -26.15 -20.55
C ASP J 429 39.21 -25.18 -19.56
N MET J 430 38.16 -24.50 -19.96
CA MET J 430 37.51 -23.58 -19.06
C MET J 430 36.15 -24.13 -18.67
N PHE J 431 36.07 -25.45 -18.69
CA PHE J 431 34.84 -26.15 -18.37
C PHE J 431 35.27 -27.32 -17.50
N ARG J 432 36.53 -27.69 -17.61
CA ARG J 432 37.05 -28.79 -16.81
C ARG J 432 37.44 -28.37 -15.41
N THR J 433 37.46 -27.05 -15.13
CA THR J 433 37.80 -26.57 -13.78
C THR J 433 36.61 -25.83 -13.17
N GLN J 434 35.56 -25.61 -13.96
CA GLN J 434 34.35 -24.93 -13.49
C GLN J 434 33.46 -25.85 -12.64
N VAL J 435 32.94 -25.31 -11.54
CA VAL J 435 32.08 -26.02 -10.60
C VAL J 435 30.60 -25.64 -10.74
N HIS J 436 29.91 -26.20 -11.75
CA HIS J 436 28.50 -25.91 -12.04
C HIS J 436 27.56 -26.36 -10.88
N PRO J 437 26.48 -25.58 -10.57
CA PRO J 437 25.57 -25.94 -9.47
C PRO J 437 25.16 -27.40 -9.22
N TRP J 438 25.20 -28.26 -10.25
CA TRP J 438 24.84 -29.69 -10.11
C TRP J 438 25.83 -30.37 -9.18
N GLU J 439 27.08 -29.91 -9.21
CA GLU J 439 28.20 -30.42 -8.38
C GLU J 439 28.01 -29.98 -6.91
N ARG J 440 27.44 -28.79 -6.74
CA ARG J 440 27.16 -28.22 -5.43
C ARG J 440 25.85 -28.80 -4.90
N GLU J 441 25.07 -29.43 -5.77
CA GLU J 441 23.81 -30.05 -5.40
C GLU J 441 24.01 -31.55 -5.08
N GLN J 442 25.19 -32.09 -5.41
CA GLN J 442 25.57 -33.50 -5.20
C GLN J 442 26.45 -33.81 -4.00
N TYR J 443 27.57 -33.12 -3.96
CA TYR J 443 28.57 -33.34 -2.95
C TYR J 443 28.45 -32.48 -1.69
N MET J 444 27.56 -31.50 -1.75
CA MET J 444 27.38 -30.55 -0.65
C MET J 444 26.66 -30.95 0.64
N SER J 445 25.56 -31.69 0.55
CA SER J 445 24.85 -32.10 1.76
C SER J 445 25.09 -33.59 1.92
N GLN J 446 25.79 -34.17 0.93
CA GLN J 446 26.13 -35.58 0.96
C GLN J 446 27.46 -35.62 1.69
N TYR J 447 28.34 -34.71 1.27
CA TYR J 447 29.67 -34.59 1.86
C TYR J 447 29.90 -33.19 2.47
N ALA K 5 42.29 -53.40 24.85
CA ALA K 5 41.00 -52.87 24.32
C ALA K 5 40.71 -51.50 24.93
N LYS K 6 39.46 -51.24 25.29
CA LYS K 6 39.08 -49.98 25.90
C LYS K 6 37.74 -49.96 26.67
N TYR K 7 36.81 -50.86 26.33
CA TYR K 7 35.54 -50.99 27.05
C TYR K 7 35.22 -52.48 26.94
N THR K 8 34.67 -53.07 28.00
CA THR K 8 34.30 -54.48 27.94
C THR K 8 32.77 -54.56 28.10
N ARG K 9 32.18 -55.66 27.69
CA ARG K 9 30.73 -55.82 27.73
C ARG K 9 29.98 -55.19 28.90
N GLU K 10 30.25 -55.69 30.10
CA GLU K 10 29.64 -55.17 31.33
C GLU K 10 29.98 -53.71 31.56
N ASP K 11 31.01 -53.23 30.87
CA ASP K 11 31.41 -51.84 31.00
C ASP K 11 30.34 -50.93 30.41
N ILE K 12 30.06 -51.13 29.13
CA ILE K 12 29.05 -50.33 28.46
C ILE K 12 27.71 -50.44 29.18
N GLU K 13 27.42 -51.61 29.74
CA GLU K 13 26.16 -51.82 30.44
C GLU K 13 26.03 -50.96 31.68
N LYS K 14 27.16 -50.64 32.33
CA LYS K 14 27.13 -49.80 33.53
C LYS K 14 26.97 -48.31 33.20
N LEU K 15 27.60 -47.88 32.10
CA LEU K 15 27.53 -46.49 31.66
C LEU K 15 26.20 -46.08 31.04
N VAL K 16 25.29 -47.03 30.86
CA VAL K 16 23.99 -46.70 30.26
C VAL K 16 23.04 -46.59 31.42
N LYS K 17 23.12 -47.56 32.31
CA LYS K 17 22.27 -47.59 33.48
C LYS K 17 22.46 -46.23 34.16
N GLU K 18 23.73 -45.88 34.37
CA GLU K 18 24.11 -44.66 35.08
C GLU K 18 23.87 -43.28 34.48
N GLU K 19 24.46 -43.06 33.31
CA GLU K 19 24.33 -41.76 32.67
C GLU K 19 22.96 -41.72 32.03
N ASN K 20 22.36 -42.90 31.85
CA ASN K 20 21.00 -43.04 31.29
C ASN K 20 20.70 -43.09 29.76
N VAL K 21 21.45 -43.91 29.02
CA VAL K 21 21.24 -44.05 27.57
C VAL K 21 19.83 -44.61 27.29
N LYS K 22 19.05 -43.90 26.48
CA LYS K 22 17.67 -44.29 26.15
C LYS K 22 17.40 -44.58 24.68
N TYR K 23 18.42 -44.39 23.84
CA TYR K 23 18.31 -44.64 22.42
C TYR K 23 19.71 -45.04 21.97
N ILE K 24 19.82 -46.09 21.14
CA ILE K 24 21.14 -46.55 20.66
C ILE K 24 21.32 -46.60 19.13
N ARG K 25 22.29 -45.86 18.62
CA ARG K 25 22.51 -45.91 17.20
C ARG K 25 23.61 -46.91 16.91
N LEU K 26 23.52 -47.56 15.76
CA LEU K 26 24.49 -48.56 15.32
C LEU K 26 25.01 -48.16 13.95
N GLN K 27 26.08 -47.37 13.94
CA GLN K 27 26.63 -46.88 12.68
C GLN K 27 27.53 -47.80 11.84
N PHE K 28 27.56 -47.48 10.56
CA PHE K 28 28.39 -48.14 9.56
C PHE K 28 28.48 -47.18 8.38
N THR K 29 29.48 -47.36 7.53
CA THR K 29 29.66 -46.47 6.40
C THR K 29 29.33 -47.27 5.17
N ASP K 30 28.70 -46.66 4.19
CA ASP K 30 28.40 -47.39 2.96
C ASP K 30 29.68 -47.39 2.12
N ILE K 31 29.52 -47.72 0.85
CA ILE K 31 30.62 -47.77 -0.09
C ILE K 31 31.08 -46.39 -0.53
N LEU K 32 30.12 -45.46 -0.65
CA LEU K 32 30.42 -44.08 -1.07
C LEU K 32 31.05 -43.26 0.04
N GLY K 33 30.70 -43.59 1.28
CA GLY K 33 31.25 -42.83 2.38
C GLY K 33 30.20 -42.13 3.21
N THR K 34 28.96 -42.14 2.75
CA THR K 34 27.89 -41.53 3.53
C THR K 34 27.92 -42.33 4.83
N ILE K 35 27.70 -41.71 5.99
CA ILE K 35 27.69 -42.52 7.21
C ILE K 35 26.27 -42.97 7.45
N LYS K 36 26.07 -44.29 7.44
CA LYS K 36 24.73 -44.79 7.66
C LYS K 36 24.52 -45.46 9.01
N ASN K 37 23.26 -45.83 9.29
CA ASN K 37 22.92 -46.41 10.58
C ASN K 37 21.54 -47.04 10.67
N VAL K 38 21.35 -47.76 11.76
CA VAL K 38 20.09 -48.42 12.13
C VAL K 38 19.92 -48.18 13.64
N GLU K 39 18.80 -47.55 14.02
CA GLU K 39 18.54 -47.18 15.41
C GLU K 39 17.65 -48.05 16.30
N ILE K 40 18.29 -48.68 17.28
CA ILE K 40 17.59 -49.52 18.22
C ILE K 40 17.42 -48.67 19.51
N PRO K 41 16.50 -49.04 20.39
CA PRO K 41 16.42 -48.23 21.61
C PRO K 41 17.15 -49.08 22.68
N VAL K 42 17.51 -48.48 23.81
CA VAL K 42 18.25 -49.21 24.85
C VAL K 42 17.67 -50.57 25.21
N SER K 43 16.41 -50.78 24.82
CA SER K 43 15.70 -52.03 25.09
C SER K 43 15.96 -53.14 24.07
N GLN K 44 16.99 -52.94 23.25
CA GLN K 44 17.38 -53.96 22.30
C GLN K 44 18.91 -54.07 22.33
N LEU K 45 19.52 -53.26 23.18
CA LEU K 45 20.98 -53.26 23.38
C LEU K 45 21.37 -54.72 23.62
N GLY K 46 20.59 -55.39 24.46
CA GLY K 46 20.82 -56.79 24.80
C GLY K 46 21.09 -57.69 23.60
N LYS K 47 20.41 -57.43 22.50
CA LYS K 47 20.63 -58.23 21.30
C LYS K 47 21.87 -57.63 20.60
N ALA K 48 21.94 -56.30 20.60
CA ALA K 48 23.03 -55.58 19.97
C ALA K 48 24.40 -56.23 20.16
N LEU K 49 24.76 -56.50 21.42
CA LEU K 49 26.05 -57.10 21.80
C LEU K 49 26.18 -58.54 21.36
N ASP K 50 25.08 -59.26 21.49
CA ASP K 50 25.01 -60.65 21.09
C ASP K 50 25.28 -60.74 19.59
N ASN K 51 25.21 -59.61 18.90
CA ASN K 51 25.45 -59.58 17.46
C ASN K 51 24.37 -60.33 16.76
N LYS K 52 23.18 -60.34 17.35
CA LYS K 52 22.07 -61.04 16.74
C LYS K 52 21.22 -60.15 15.85
N VAL K 53 21.46 -58.84 15.95
CA VAL K 53 20.75 -57.81 15.17
C VAL K 53 21.06 -57.87 13.68
N MET K 54 20.05 -58.19 12.87
CA MET K 54 20.25 -58.27 11.44
C MET K 54 19.83 -56.98 10.77
N PHE K 55 20.02 -56.91 9.45
CA PHE K 55 19.62 -55.75 8.68
C PHE K 55 19.86 -55.96 7.19
N ASP K 56 19.36 -55.01 6.39
CA ASP K 56 19.49 -55.05 4.93
C ASP K 56 20.89 -54.70 4.47
N GLY K 57 21.79 -55.64 4.70
CA GLY K 57 23.21 -55.49 4.37
C GLY K 57 23.51 -54.69 3.12
N SER K 58 22.69 -54.85 2.08
CA SER K 58 22.95 -54.17 0.83
C SER K 58 22.95 -52.64 0.79
N SER K 59 22.32 -52.02 1.78
CA SER K 59 22.28 -50.56 1.85
C SER K 59 23.68 -50.01 1.56
N ILE K 60 24.69 -50.86 1.80
CA ILE K 60 26.11 -50.57 1.60
C ILE K 60 26.47 -50.45 0.14
N GLU K 61 25.88 -51.28 -0.72
CA GLU K 61 26.13 -51.24 -2.17
C GLU K 61 25.93 -49.79 -2.63
N GLY K 62 25.35 -48.99 -1.75
CA GLY K 62 25.07 -47.61 -2.08
C GLY K 62 23.76 -47.62 -2.83
N PHE K 63 23.65 -46.78 -3.86
CA PHE K 63 22.45 -46.74 -4.66
C PHE K 63 22.56 -47.73 -5.81
N VAL K 64 23.74 -48.32 -5.98
CA VAL K 64 23.95 -49.33 -7.01
C VAL K 64 23.54 -50.64 -6.38
N ARG K 65 22.69 -50.52 -5.38
CA ARG K 65 22.16 -51.67 -4.70
C ARG K 65 21.02 -52.27 -5.50
N ILE K 66 20.98 -53.58 -5.53
CA ILE K 66 20.02 -54.31 -6.31
C ILE K 66 19.14 -55.27 -5.51
N GLU K 67 19.78 -56.04 -4.64
CA GLU K 67 19.06 -57.05 -3.90
C GLU K 67 19.03 -56.88 -2.42
N GLU K 68 18.08 -57.58 -1.79
CA GLU K 68 17.99 -57.55 -0.35
C GLU K 68 18.81 -58.70 0.17
N SER K 69 20.00 -58.31 0.60
CA SER K 69 21.02 -59.17 1.13
C SER K 69 20.90 -59.03 2.65
N ASP K 70 20.25 -59.98 3.30
CA ASP K 70 20.11 -59.90 4.75
C ASP K 70 21.49 -59.93 5.38
N MET K 71 21.63 -59.45 6.61
CA MET K 71 22.94 -59.45 7.27
C MET K 71 22.95 -59.02 8.74
N TYR K 72 24.12 -59.08 9.36
CA TYR K 72 24.29 -58.71 10.76
C TYR K 72 25.11 -57.46 11.11
N LEU K 73 25.04 -57.09 12.39
CA LEU K 73 25.68 -55.88 12.93
C LEU K 73 26.57 -56.04 14.18
N TYR K 74 27.89 -56.16 13.96
CA TYR K 74 28.89 -56.31 15.03
C TYR K 74 29.52 -54.98 15.49
N PRO K 75 29.18 -54.53 16.72
CA PRO K 75 29.59 -53.31 17.44
C PRO K 75 30.95 -53.36 18.12
N ASP K 76 31.91 -52.54 17.71
CA ASP K 76 33.19 -52.57 18.40
C ASP K 76 32.97 -51.82 19.71
N LEU K 77 32.95 -52.59 20.80
CA LEU K 77 32.75 -52.09 22.16
C LEU K 77 33.49 -50.82 22.52
N ASN K 78 34.64 -50.64 21.89
CA ASN K 78 35.52 -49.51 22.13
C ASN K 78 35.16 -48.18 21.45
N THR K 79 34.45 -48.24 20.33
CA THR K 79 34.04 -47.04 19.62
C THR K 79 32.72 -46.52 20.20
N PHE K 80 32.29 -47.11 21.33
CA PHE K 80 31.07 -46.71 22.01
C PHE K 80 31.29 -45.32 22.52
N VAL K 81 30.45 -44.39 22.07
CA VAL K 81 30.55 -43.00 22.50
C VAL K 81 29.14 -42.50 22.76
N ILE K 82 29.00 -41.54 23.67
CA ILE K 82 27.68 -40.99 23.98
C ILE K 82 27.66 -39.54 23.55
N PHE K 83 26.57 -39.15 22.91
CA PHE K 83 26.47 -37.79 22.41
C PHE K 83 26.26 -36.69 23.43
N PRO K 84 27.09 -35.63 23.35
CA PRO K 84 27.01 -34.48 24.24
C PRO K 84 25.86 -33.54 23.88
N TRP K 85 24.84 -34.08 23.23
CA TRP K 85 23.66 -33.29 22.88
C TRP K 85 22.38 -34.10 22.95
N THR K 86 21.91 -34.32 24.16
CA THR K 86 20.66 -35.04 24.39
C THR K 86 20.29 -34.58 25.79
N ALA K 87 19.97 -35.53 26.66
CA ALA K 87 19.62 -35.23 28.04
C ALA K 87 18.24 -34.58 28.20
N GLU K 88 17.18 -35.35 27.96
CA GLU K 88 15.82 -34.83 28.09
C GLU K 88 14.73 -35.86 27.82
N LYS K 89 15.08 -36.90 27.07
CA LYS K 89 14.15 -37.98 26.75
C LYS K 89 14.93 -39.17 27.29
N GLY K 90 16.23 -39.05 27.06
CA GLY K 90 17.25 -40.01 27.43
C GLY K 90 18.43 -39.66 26.53
N LYS K 91 19.65 -40.07 26.88
CA LYS K 91 20.80 -39.73 26.05
C LYS K 91 21.09 -40.76 24.95
N VAL K 92 21.56 -40.24 23.83
CA VAL K 92 21.88 -41.00 22.61
C VAL K 92 23.34 -41.48 22.51
N ALA K 93 23.54 -42.77 22.18
CA ALA K 93 24.89 -43.36 22.05
C ALA K 93 25.17 -43.93 20.66
N ARG K 94 26.41 -44.35 20.41
CA ARG K 94 26.74 -44.91 19.12
C ARG K 94 27.77 -46.03 19.21
N PHE K 95 27.75 -46.89 18.19
CA PHE K 95 28.65 -48.03 18.03
C PHE K 95 29.00 -48.09 16.54
N ILE K 96 30.27 -48.26 16.24
CA ILE K 96 30.70 -48.37 14.86
C ILE K 96 30.66 -49.86 14.62
N CYS K 97 30.43 -50.30 13.39
CA CYS K 97 30.35 -51.74 13.17
C CYS K 97 30.93 -52.41 11.91
N ASP K 98 31.29 -53.67 12.14
CA ASP K 98 31.81 -54.55 11.11
C ASP K 98 30.54 -55.25 10.65
N ILE K 99 30.40 -55.46 9.35
CA ILE K 99 29.23 -56.11 8.80
C ILE K 99 29.53 -57.59 8.57
N TYR K 100 28.80 -58.47 9.26
CA TYR K 100 29.04 -59.88 9.04
C TYR K 100 27.97 -60.50 8.18
N ASN K 101 28.40 -61.26 7.16
CA ASN K 101 27.45 -61.95 6.28
C ASN K 101 26.74 -62.86 7.26
N PRO K 102 25.50 -63.20 6.98
CA PRO K 102 24.75 -64.08 7.89
C PRO K 102 25.47 -65.21 8.60
N ASP K 103 26.58 -65.71 8.08
CA ASP K 103 27.16 -66.86 8.79
C ASP K 103 28.26 -66.79 9.85
N GLY K 104 28.65 -65.60 10.26
CA GLY K 104 29.67 -65.55 11.28
C GLY K 104 30.88 -64.96 10.64
N THR K 105 30.89 -64.96 9.31
CA THR K 105 32.01 -64.41 8.54
C THR K 105 31.80 -62.94 8.19
N PRO K 106 32.87 -62.14 8.26
CA PRO K 106 32.72 -60.72 7.92
C PRO K 106 32.41 -60.57 6.45
N PHE K 107 31.74 -59.49 6.12
CA PHE K 107 31.36 -59.22 4.75
C PHE K 107 32.59 -58.68 3.99
N GLU K 108 33.01 -59.38 2.95
CA GLU K 108 34.18 -58.92 2.20
C GLU K 108 33.94 -57.54 1.59
N GLY K 109 32.73 -57.00 1.78
CA GLY K 109 32.39 -55.70 1.22
C GLY K 109 32.24 -54.46 2.09
N ASP K 110 32.32 -54.58 3.41
CA ASP K 110 32.19 -53.41 4.27
C ASP K 110 33.50 -52.64 4.24
N PRO K 111 33.45 -51.41 3.73
CA PRO K 111 34.66 -50.60 3.65
C PRO K 111 35.49 -50.76 4.92
N ARG K 112 34.83 -50.94 6.05
CA ARG K 112 35.53 -51.08 7.32
C ARG K 112 36.27 -52.38 7.39
N ASN K 113 35.56 -53.45 7.09
CA ASN K 113 36.18 -54.74 7.11
C ASN K 113 37.38 -54.64 6.18
N ASN K 114 37.15 -54.34 4.91
CA ASN K 114 38.23 -54.25 3.94
C ASN K 114 39.58 -53.78 4.46
N LEU K 115 39.60 -52.68 5.20
CA LEU K 115 40.86 -52.18 5.77
C LEU K 115 41.46 -53.28 6.65
N LYS K 116 40.71 -53.68 7.68
CA LYS K 116 41.17 -54.69 8.62
C LYS K 116 41.80 -55.92 7.99
N ARG K 117 41.41 -56.26 6.77
CA ARG K 117 42.00 -57.41 6.10
C ARG K 117 43.31 -57.00 5.42
N ILE K 118 43.39 -55.72 5.03
CA ILE K 118 44.60 -55.21 4.38
C ILE K 118 45.63 -54.87 5.45
N LEU K 119 45.15 -54.61 6.66
CA LEU K 119 46.06 -54.33 7.76
C LEU K 119 46.55 -55.70 8.16
N LYS K 120 45.73 -56.70 7.86
CA LYS K 120 46.09 -58.06 8.14
C LYS K 120 47.37 -58.22 7.33
N GLU K 121 47.31 -57.97 6.02
CA GLU K 121 48.49 -58.06 5.14
C GLU K 121 49.79 -57.57 5.80
N MET K 122 49.77 -56.29 6.16
CA MET K 122 50.89 -55.61 6.78
C MET K 122 51.49 -56.40 7.95
N GLU K 123 50.66 -56.92 8.85
CA GLU K 123 51.19 -57.70 9.96
C GLU K 123 51.86 -58.91 9.33
N ASP K 124 51.21 -59.50 8.33
CA ASP K 124 51.70 -60.69 7.64
C ASP K 124 53.07 -60.48 7.03
N LEU K 125 53.59 -59.26 7.14
CA LEU K 125 54.91 -58.94 6.59
C LEU K 125 55.91 -58.76 7.75
N GLY K 126 55.38 -58.41 8.92
CA GLY K 126 56.21 -58.23 10.09
C GLY K 126 55.89 -56.92 10.80
N PHE K 127 54.92 -56.20 10.24
CA PHE K 127 54.53 -54.88 10.75
C PHE K 127 53.42 -54.73 11.82
N SER K 128 53.77 -53.94 12.84
CA SER K 128 52.93 -53.65 14.02
C SER K 128 51.69 -52.79 13.77
N ASP K 129 51.86 -51.48 13.64
CA ASP K 129 50.73 -50.59 13.38
C ASP K 129 50.90 -49.72 12.13
N PHE K 130 49.78 -49.09 11.71
CA PHE K 130 49.82 -48.12 10.63
C PHE K 130 49.49 -46.89 11.47
N ASN K 131 49.32 -45.71 10.88
CA ASN K 131 49.07 -44.52 11.69
C ASN K 131 48.57 -43.31 10.91
N LEU K 132 47.46 -42.75 11.34
CA LEU K 132 46.93 -41.59 10.66
C LEU K 132 46.87 -40.32 11.52
N GLY K 133 47.25 -39.19 10.91
CA GLY K 133 47.20 -37.89 11.57
C GLY K 133 46.43 -36.86 10.73
N PRO K 134 45.29 -37.25 10.08
CA PRO K 134 44.39 -36.49 9.22
C PRO K 134 44.48 -34.98 9.36
N GLU K 135 44.44 -34.30 8.21
CA GLU K 135 44.48 -32.84 8.16
C GLU K 135 43.30 -32.40 7.28
N PRO K 136 42.05 -32.60 7.75
CA PRO K 136 40.83 -32.24 6.99
C PRO K 136 40.32 -30.79 7.00
N GLU K 137 40.26 -30.19 5.81
CA GLU K 137 39.77 -28.83 5.68
C GLU K 137 38.34 -28.87 5.14
N PHE K 138 37.50 -28.02 5.71
CA PHE K 138 36.09 -27.89 5.34
C PHE K 138 35.72 -26.41 5.36
N PHE K 139 34.72 -26.00 4.58
CA PHE K 139 34.27 -24.61 4.59
C PHE K 139 33.11 -24.65 5.55
N LEU K 140 32.60 -23.48 5.91
CA LEU K 140 31.43 -23.36 6.77
C LEU K 140 30.54 -22.41 6.02
N PHE K 141 29.32 -22.84 5.71
CA PHE K 141 28.44 -21.98 4.98
C PHE K 141 27.32 -21.36 5.82
N LYS K 142 27.08 -20.08 5.58
CA LYS K 142 26.03 -19.42 6.30
C LYS K 142 24.76 -20.03 5.74
N LEU K 143 23.67 -19.99 6.53
CA LEU K 143 22.39 -20.52 6.09
C LEU K 143 21.52 -19.33 5.70
N ASP K 144 20.36 -19.62 5.13
CA ASP K 144 19.46 -18.58 4.70
C ASP K 144 18.25 -18.49 5.63
N GLU K 145 17.19 -17.88 5.13
CA GLU K 145 15.97 -17.74 5.90
C GLU K 145 15.47 -19.14 6.27
N LYS K 146 14.93 -19.85 5.27
CA LYS K 146 14.39 -21.21 5.44
C LYS K 146 15.30 -22.19 6.15
N GLY K 147 16.54 -22.33 5.67
CA GLY K 147 17.47 -23.26 6.29
C GLY K 147 18.42 -23.90 5.30
N GLU K 148 18.15 -23.69 4.01
CA GLU K 148 19.00 -24.22 2.98
C GLU K 148 20.30 -23.42 3.10
N PRO K 149 21.36 -23.87 2.44
CA PRO K 149 22.65 -23.18 2.45
C PRO K 149 22.70 -21.98 1.48
N THR K 150 23.58 -21.01 1.74
CA THR K 150 23.76 -19.85 0.84
C THR K 150 25.22 -19.90 0.36
N LEU K 151 25.60 -19.07 -0.63
CA LEU K 151 26.97 -19.07 -1.15
C LEU K 151 27.82 -18.06 -0.40
N GLU K 152 27.36 -17.72 0.79
CA GLU K 152 28.06 -16.76 1.59
C GLU K 152 28.84 -17.51 2.63
N LEU K 153 30.15 -17.33 2.60
CA LEU K 153 31.00 -17.99 3.57
C LEU K 153 30.76 -17.10 4.76
N ASN K 154 31.15 -17.55 5.95
CA ASN K 154 30.88 -16.76 7.14
C ASN K 154 31.90 -15.73 7.62
N ASP K 155 32.92 -15.41 6.82
CA ASP K 155 33.98 -14.48 7.23
C ASP K 155 34.83 -14.12 6.03
N LYS K 156 35.93 -13.41 6.26
CA LYS K 156 36.84 -13.14 5.17
C LYS K 156 38.24 -13.31 5.76
N GLY K 157 38.37 -14.46 6.44
CA GLY K 157 39.61 -14.82 7.07
C GLY K 157 40.55 -15.51 6.10
N GLY K 158 41.73 -15.86 6.59
CA GLY K 158 42.74 -16.53 5.80
C GLY K 158 43.67 -17.35 6.69
N TYR K 159 44.81 -17.75 6.15
CA TYR K 159 45.80 -18.57 6.88
C TYR K 159 46.07 -18.19 8.33
N PHE K 160 45.39 -18.83 9.27
CA PHE K 160 45.61 -18.55 10.68
C PHE K 160 45.16 -17.19 11.18
N ASP K 161 44.67 -16.31 10.31
CA ASP K 161 44.30 -14.99 10.81
C ASP K 161 43.75 -15.03 12.22
N LEU K 162 43.75 -13.90 12.89
CA LEU K 162 43.28 -13.92 14.26
C LEU K 162 41.78 -14.00 14.55
N ALA K 163 40.96 -13.07 14.06
CA ALA K 163 39.51 -13.11 14.38
C ALA K 163 38.53 -13.55 13.29
N PRO K 164 38.28 -14.87 13.17
CA PRO K 164 37.37 -15.44 12.16
C PRO K 164 35.90 -15.42 12.56
N THR K 165 35.38 -14.25 12.93
CA THR K 165 33.97 -14.07 13.36
C THR K 165 33.57 -14.98 14.51
N ASP K 166 32.82 -14.47 15.49
CA ASP K 166 32.40 -15.32 16.59
C ASP K 166 31.74 -16.56 15.97
N LEU K 167 31.24 -16.40 14.74
CA LEU K 167 30.58 -17.45 13.95
C LEU K 167 31.56 -18.54 13.49
N GLY K 168 32.83 -18.16 13.31
CA GLY K 168 33.87 -19.10 12.91
C GLY K 168 34.90 -19.10 14.04
N GLU K 169 35.11 -17.92 14.61
CA GLU K 169 36.02 -17.68 15.72
C GLU K 169 35.46 -18.43 16.89
N ASN K 170 34.20 -18.25 17.24
CA ASN K 170 33.80 -19.09 18.33
C ASN K 170 33.19 -20.42 17.90
N CYS K 171 32.79 -20.54 16.64
CA CYS K 171 32.25 -21.81 16.15
C CYS K 171 33.37 -22.87 16.20
N ARG K 172 34.45 -22.62 15.48
CA ARG K 172 35.56 -23.56 15.46
C ARG K 172 36.03 -23.93 16.87
N ARG K 173 35.58 -23.20 17.88
CA ARG K 173 35.93 -23.50 19.26
C ARG K 173 34.98 -24.62 19.65
N ASP K 174 33.70 -24.30 19.61
CA ASP K 174 32.69 -25.28 19.99
C ASP K 174 32.93 -26.56 19.23
N ILE K 175 33.61 -26.48 18.09
CA ILE K 175 33.87 -27.70 17.33
C ILE K 175 35.02 -28.49 17.98
N VAL K 176 36.12 -27.81 18.30
CA VAL K 176 37.26 -28.46 18.95
C VAL K 176 36.92 -28.80 20.39
N LEU K 177 36.35 -27.83 21.09
CA LEU K 177 35.95 -27.99 22.48
C LEU K 177 34.97 -29.14 22.64
N GLU K 178 34.00 -29.23 21.73
CA GLU K 178 33.06 -30.32 21.80
C GLU K 178 33.73 -31.64 21.41
N LEU K 179 34.72 -31.60 20.51
CA LEU K 179 35.42 -32.82 20.12
C LEU K 179 36.21 -33.35 21.32
N GLU K 180 36.60 -32.42 22.18
CA GLU K 180 37.34 -32.73 23.39
C GLU K 180 36.49 -33.59 24.29
N GLU K 181 35.21 -33.23 24.39
CA GLU K 181 34.24 -33.93 25.21
C GLU K 181 33.59 -35.11 24.52
N MET K 182 34.42 -35.99 23.97
CA MET K 182 33.91 -37.18 23.30
C MET K 182 35.02 -38.21 23.35
N GLY K 183 36.26 -37.71 23.29
CA GLY K 183 37.39 -38.59 23.33
C GLY K 183 38.41 -38.21 22.29
N PHE K 184 38.26 -37.01 21.74
CA PHE K 184 39.20 -36.59 20.72
C PHE K 184 40.55 -36.10 21.20
N GLU K 185 41.59 -36.70 20.62
CA GLU K 185 42.99 -36.35 20.88
C GLU K 185 43.21 -35.43 19.68
N ILE K 186 42.67 -34.24 19.87
CA ILE K 186 42.67 -33.15 18.91
C ILE K 186 43.95 -32.32 19.14
N GLU K 187 44.79 -32.21 18.11
CA GLU K 187 46.09 -31.52 18.18
C GLU K 187 46.11 -30.01 18.15
N ALA K 188 45.47 -29.43 17.15
CA ALA K 188 45.40 -27.99 17.01
C ALA K 188 44.29 -27.68 16.05
N SER K 189 44.06 -26.39 15.83
CA SER K 189 43.01 -25.98 14.91
C SER K 189 43.32 -24.57 14.45
N HIS K 190 43.31 -24.38 13.15
CA HIS K 190 43.56 -23.06 12.60
C HIS K 190 42.52 -22.78 11.54
N HIS K 191 42.52 -21.54 11.06
CA HIS K 191 41.59 -21.16 10.03
C HIS K 191 42.37 -21.38 8.76
N GLU K 192 41.70 -21.50 7.62
CA GLU K 192 42.45 -21.78 6.42
C GLU K 192 42.70 -20.63 5.46
N VAL K 193 43.48 -20.89 4.41
CA VAL K 193 43.84 -19.88 3.40
C VAL K 193 42.64 -19.10 2.86
N ALA K 194 41.65 -19.83 2.37
CA ALA K 194 40.43 -19.25 1.78
C ALA K 194 39.50 -18.73 2.86
N PRO K 195 38.68 -17.71 2.53
CA PRO K 195 37.77 -17.19 3.54
C PRO K 195 36.72 -18.23 3.79
N GLY K 196 36.42 -18.49 5.05
CA GLY K 196 35.43 -19.51 5.37
C GLY K 196 36.05 -20.85 5.71
N GLN K 197 37.02 -21.31 4.93
CA GLN K 197 37.68 -22.60 5.20
C GLN K 197 38.12 -22.71 6.68
N HIS K 198 38.42 -23.92 7.13
CA HIS K 198 38.86 -24.19 8.51
C HIS K 198 39.59 -25.55 8.67
N GLU K 199 40.50 -25.64 9.63
CA GLU K 199 41.17 -26.90 9.83
C GLU K 199 41.47 -27.18 11.27
N ILE K 200 41.25 -28.44 11.59
CA ILE K 200 41.40 -29.01 12.92
C ILE K 200 42.08 -30.35 12.68
N ASP K 201 43.23 -30.58 13.30
CA ASP K 201 43.86 -31.85 13.09
C ASP K 201 43.80 -32.55 14.41
N PHE K 202 43.97 -33.86 14.37
CA PHE K 202 43.95 -34.63 15.59
C PHE K 202 45.20 -35.48 15.57
N LYS K 203 45.76 -35.73 16.74
CA LYS K 203 46.97 -36.53 16.84
C LYS K 203 46.82 -37.81 16.03
N TYR K 204 47.94 -38.42 15.66
CA TYR K 204 47.86 -39.64 14.90
C TYR K 204 47.13 -40.70 15.73
N ALA K 205 46.71 -41.77 15.07
CA ALA K 205 46.01 -42.85 15.75
C ALA K 205 46.14 -44.10 14.89
N GLY K 206 45.18 -45.00 15.04
CA GLY K 206 45.20 -46.23 14.26
C GLY K 206 44.33 -46.13 13.03
N ALA K 207 44.61 -46.96 12.03
CA ALA K 207 43.84 -46.93 10.80
C ALA K 207 42.37 -47.10 11.12
N VAL K 208 42.01 -48.27 11.67
CA VAL K 208 40.63 -48.56 12.05
C VAL K 208 40.12 -47.51 13.03
N ARG K 209 40.99 -47.11 13.96
CA ARG K 209 40.60 -46.15 14.97
C ARG K 209 40.57 -44.66 14.57
N SER K 210 41.30 -44.26 13.52
CA SER K 210 41.27 -42.84 13.12
C SER K 210 40.10 -42.54 12.18
N CYS K 211 39.97 -43.26 11.08
CA CYS K 211 38.86 -43.03 10.16
C CYS K 211 37.52 -43.04 10.90
N ASP K 212 37.46 -43.75 12.02
CA ASP K 212 36.22 -43.78 12.76
C ASP K 212 36.01 -42.35 13.16
N ASP K 213 37.07 -41.71 13.64
CA ASP K 213 37.00 -40.31 14.04
C ASP K 213 36.70 -39.47 12.81
N ILE K 214 37.46 -39.73 11.75
CA ILE K 214 37.26 -39.02 10.50
C ILE K 214 35.77 -38.93 10.30
N GLN K 215 35.12 -40.08 10.34
CA GLN K 215 33.68 -40.12 10.17
C GLN K 215 33.02 -39.35 11.35
N THR K 216 33.11 -39.90 12.56
CA THR K 216 32.53 -39.24 13.73
C THR K 216 32.70 -37.73 13.56
N PHE K 217 33.93 -37.35 13.26
CA PHE K 217 34.29 -35.97 13.07
C PHE K 217 33.30 -35.29 12.14
N LYS K 218 33.29 -35.74 10.89
CA LYS K 218 32.44 -35.17 9.86
C LYS K 218 31.01 -34.99 10.36
N LEU K 219 30.55 -35.97 11.15
CA LEU K 219 29.20 -35.95 11.67
C LEU K 219 29.03 -34.84 12.70
N VAL K 220 30.00 -34.74 13.60
CA VAL K 220 30.02 -33.74 14.67
C VAL K 220 30.13 -32.34 14.09
N VAL K 221 31.05 -32.17 13.15
CA VAL K 221 31.24 -30.84 12.57
C VAL K 221 29.97 -30.36 11.95
N LYS K 222 29.35 -31.19 11.11
CA LYS K 222 28.12 -30.75 10.47
C LYS K 222 27.12 -30.26 11.52
N THR K 223 26.78 -31.09 12.51
CA THR K 223 25.82 -30.65 13.53
C THR K 223 26.17 -29.33 14.23
N ILE K 224 27.19 -29.33 15.09
CA ILE K 224 27.52 -28.12 15.83
C ILE K 224 27.36 -26.85 15.02
N ALA K 225 27.82 -26.87 13.78
CA ALA K 225 27.72 -25.68 12.91
C ALA K 225 26.29 -25.21 12.73
N ARG K 226 25.36 -26.17 12.71
CA ARG K 226 23.97 -25.82 12.57
C ARG K 226 23.45 -25.24 13.89
N LYS K 227 24.01 -25.70 15.01
CA LYS K 227 23.59 -25.19 16.31
C LYS K 227 23.99 -23.71 16.38
N HIS K 228 24.88 -23.32 15.45
CA HIS K 228 25.38 -21.95 15.32
C HIS K 228 24.86 -21.26 14.05
N GLY K 229 23.90 -21.88 13.37
CA GLY K 229 23.31 -21.30 12.17
C GLY K 229 24.09 -21.33 10.86
N LEU K 230 24.99 -22.29 10.69
CA LEU K 230 25.77 -22.38 9.45
C LEU K 230 25.83 -23.82 8.95
N HIS K 231 26.25 -23.96 7.70
CA HIS K 231 26.39 -25.24 7.02
C HIS K 231 27.87 -25.64 7.06
N ALA K 232 28.11 -26.94 6.97
CA ALA K 232 29.46 -27.45 6.96
C ALA K 232 29.47 -28.47 5.85
N THR K 233 30.08 -28.10 4.73
CA THR K 233 30.19 -28.98 3.60
C THR K 233 31.68 -29.27 3.43
N PHE K 234 31.99 -30.55 3.39
CA PHE K 234 33.33 -31.02 3.26
C PHE K 234 33.65 -31.26 1.81
N MET K 235 32.98 -30.49 0.96
CA MET K 235 33.16 -30.57 -0.47
C MET K 235 34.56 -30.01 -0.78
N PRO K 236 35.37 -30.74 -1.57
CA PRO K 236 36.74 -30.40 -1.98
C PRO K 236 36.99 -29.05 -2.61
N LYS K 237 36.02 -28.58 -3.39
CA LYS K 237 36.17 -27.34 -4.13
C LYS K 237 34.78 -26.73 -4.40
N PRO K 238 34.07 -26.28 -3.34
CA PRO K 238 32.73 -25.70 -3.50
C PRO K 238 32.65 -24.51 -4.42
N LEU K 239 33.53 -23.55 -4.22
CA LEU K 239 33.55 -22.35 -5.02
C LEU K 239 34.76 -22.31 -5.96
N PHE K 240 34.49 -22.22 -7.26
CA PHE K 240 35.54 -22.16 -8.27
C PHE K 240 36.43 -21.01 -7.86
N GLY K 241 37.58 -20.89 -8.50
CA GLY K 241 38.49 -19.81 -8.21
C GLY K 241 38.59 -19.45 -6.74
N VAL K 242 38.97 -20.43 -5.94
CA VAL K 242 39.22 -20.28 -4.51
C VAL K 242 39.70 -21.64 -4.13
N ASN K 243 40.57 -21.67 -3.11
CA ASN K 243 41.16 -22.88 -2.56
C ASN K 243 40.15 -23.99 -2.44
N GLY K 244 40.67 -25.18 -2.19
CA GLY K 244 39.80 -26.33 -2.03
C GLY K 244 40.08 -27.07 -0.75
N SER K 245 39.04 -27.53 -0.09
CA SER K 245 39.25 -28.29 1.12
C SER K 245 39.99 -29.52 0.62
N GLY K 246 41.05 -29.87 1.31
CA GLY K 246 41.82 -31.04 0.93
C GLY K 246 42.24 -31.76 2.20
N MET K 247 41.76 -32.99 2.41
CA MET K 247 42.11 -33.75 3.60
C MET K 247 43.41 -34.52 3.41
N HIS K 248 44.48 -34.03 4.03
CA HIS K 248 45.78 -34.69 3.91
C HIS K 248 45.84 -35.89 4.85
N CYS K 249 46.73 -36.83 4.52
CA CYS K 249 46.88 -38.04 5.30
C CYS K 249 48.33 -38.24 5.70
N ASN K 250 48.59 -38.36 7.00
CA ASN K 250 49.96 -38.57 7.47
C ASN K 250 50.23 -40.02 7.80
N LEU K 251 51.11 -40.63 7.02
CA LEU K 251 51.42 -42.03 7.19
C LEU K 251 52.80 -42.34 7.72
N SER K 252 52.84 -43.39 8.53
CA SER K 252 54.05 -43.90 9.13
C SER K 252 53.73 -45.33 9.48
N LEU K 253 54.54 -46.24 8.99
CA LEU K 253 54.36 -47.65 9.28
C LEU K 253 55.06 -47.85 10.61
N PHE K 254 54.80 -48.96 11.28
CA PHE K 254 55.46 -49.24 12.53
C PHE K 254 56.01 -50.64 12.37
N LYS K 255 56.78 -51.08 13.35
CA LYS K 255 57.34 -52.43 13.36
C LYS K 255 57.89 -52.62 14.76
N ASN K 256 57.31 -53.55 15.52
CA ASN K 256 57.83 -53.81 16.85
C ASN K 256 57.85 -52.55 17.73
N GLY K 257 56.70 -51.91 17.85
CA GLY K 257 56.63 -50.70 18.66
C GLY K 257 57.51 -49.56 18.17
N VAL K 258 58.24 -49.74 17.07
CA VAL K 258 59.10 -48.67 16.59
C VAL K 258 59.01 -48.25 15.11
N ASN K 259 58.62 -46.99 14.89
CA ASN K 259 58.48 -46.36 13.58
C ASN K 259 59.42 -46.99 12.55
N ALA K 260 58.89 -47.50 11.43
CA ALA K 260 59.73 -48.12 10.40
C ALA K 260 60.17 -47.28 9.20
N PHE K 261 60.33 -45.97 9.38
CA PHE K 261 60.75 -45.08 8.29
C PHE K 261 61.96 -44.29 8.80
N PHE K 262 62.29 -44.51 10.05
CA PHE K 262 63.38 -43.79 10.67
C PHE K 262 64.71 -44.54 10.61
N ASP K 263 65.81 -43.80 10.52
CA ASP K 263 67.15 -44.39 10.45
C ASP K 263 68.25 -43.33 10.58
N GLU K 264 68.70 -43.09 11.80
CA GLU K 264 69.71 -42.07 12.05
C GLU K 264 70.64 -41.81 10.88
N ASN K 265 71.70 -42.61 10.76
CA ASN K 265 72.72 -42.46 9.73
C ASN K 265 72.37 -42.52 8.23
N ALA K 266 71.09 -42.72 7.88
CA ALA K 266 70.69 -42.84 6.47
C ALA K 266 70.23 -41.54 5.82
N ASP K 267 70.64 -41.30 4.56
CA ASP K 267 70.27 -40.09 3.84
C ASP K 267 68.89 -39.64 4.28
N LEU K 268 68.74 -38.34 4.52
CA LEU K 268 67.47 -37.75 4.98
C LEU K 268 67.01 -38.40 6.28
N GLN K 269 67.94 -38.98 7.04
CA GLN K 269 67.57 -39.65 8.28
C GLN K 269 66.37 -40.56 7.99
N LEU K 270 66.21 -40.94 6.72
CA LEU K 270 65.10 -41.78 6.23
C LEU K 270 65.46 -43.24 5.96
N SER K 271 65.04 -44.16 6.84
CA SER K 271 65.34 -45.59 6.67
C SER K 271 65.00 -46.21 5.30
N GLU K 272 65.51 -47.43 5.08
CA GLU K 272 65.31 -48.16 3.82
C GLU K 272 63.90 -48.68 3.53
N THR K 273 63.20 -49.14 4.56
CA THR K 273 61.83 -49.66 4.40
C THR K 273 61.04 -48.47 3.89
N ALA K 274 61.53 -47.29 4.26
CA ALA K 274 60.89 -46.04 3.88
C ALA K 274 60.89 -45.73 2.38
N LYS K 275 62.06 -45.52 1.81
CA LYS K 275 62.15 -45.18 0.39
C LYS K 275 61.29 -46.07 -0.48
N HIS K 276 61.09 -47.28 0.01
CA HIS K 276 60.28 -48.24 -0.71
C HIS K 276 58.78 -47.84 -0.68
N PHE K 277 58.22 -47.60 0.50
CA PHE K 277 56.81 -47.19 0.67
C PHE K 277 56.57 -46.12 -0.37
N ILE K 278 57.40 -45.09 -0.25
CA ILE K 278 57.45 -43.89 -1.10
C ILE K 278 57.51 -44.22 -2.58
N ALA K 279 58.17 -45.32 -2.92
CA ALA K 279 58.24 -45.71 -4.32
C ALA K 279 56.91 -46.37 -4.68
N GLY K 280 56.25 -46.91 -3.66
CA GLY K 280 54.96 -47.52 -3.84
C GLY K 280 53.92 -46.53 -4.32
N ILE K 281 53.79 -45.42 -3.60
CA ILE K 281 52.82 -44.38 -3.91
C ILE K 281 53.03 -43.77 -5.32
N VAL K 282 54.29 -43.63 -5.72
CA VAL K 282 54.64 -43.07 -7.00
C VAL K 282 54.14 -44.01 -8.09
N LYS K 283 54.17 -45.31 -7.81
CA LYS K 283 53.73 -46.29 -8.79
C LYS K 283 52.21 -46.28 -9.12
N HIS K 284 51.39 -46.33 -8.09
CA HIS K 284 49.95 -46.38 -8.29
C HIS K 284 49.22 -45.07 -8.07
N ALA K 285 49.96 -44.02 -7.76
CA ALA K 285 49.34 -42.73 -7.56
C ALA K 285 48.37 -42.50 -8.73
N THR K 286 48.84 -42.67 -9.97
CA THR K 286 47.97 -42.45 -11.12
C THR K 286 46.70 -43.26 -10.99
N SER K 287 46.74 -44.34 -10.21
CA SER K 287 45.58 -45.22 -10.08
C SER K 287 44.67 -45.16 -8.85
N PHE K 288 45.21 -45.18 -7.64
CA PHE K 288 44.35 -45.14 -6.47
C PHE K 288 43.69 -43.79 -6.27
N THR K 289 44.08 -42.81 -7.07
CA THR K 289 43.48 -41.49 -6.96
C THR K 289 41.95 -41.62 -6.86
N ALA K 290 41.38 -42.46 -7.73
CA ALA K 290 39.92 -42.68 -7.80
C ALA K 290 39.19 -42.97 -6.50
N VAL K 291 39.87 -43.56 -5.53
CA VAL K 291 39.24 -43.88 -4.26
C VAL K 291 39.48 -42.81 -3.18
N THR K 292 40.49 -41.97 -3.41
CA THR K 292 40.85 -40.90 -2.48
C THR K 292 40.24 -39.57 -2.92
N ASN K 293 40.19 -39.39 -4.24
CA ASN K 293 39.63 -38.22 -4.88
C ASN K 293 38.49 -38.89 -5.67
N PRO K 294 37.55 -39.55 -4.96
CA PRO K 294 36.41 -40.28 -5.53
C PRO K 294 35.25 -39.56 -6.22
N THR K 295 35.19 -38.25 -6.15
CA THR K 295 34.05 -37.57 -6.75
C THR K 295 34.38 -36.63 -7.92
N VAL K 296 33.35 -36.28 -8.68
CA VAL K 296 33.47 -35.40 -9.83
C VAL K 296 34.14 -34.07 -9.55
N ASN K 297 33.82 -33.53 -8.40
CA ASN K 297 34.37 -32.26 -8.01
C ASN K 297 35.79 -32.41 -7.48
N SER K 298 36.06 -33.52 -6.81
CA SER K 298 37.40 -33.77 -6.25
C SER K 298 38.45 -33.28 -7.24
N TYR K 299 38.14 -33.43 -8.53
CA TYR K 299 39.04 -33.08 -9.64
C TYR K 299 39.07 -31.65 -10.12
N LYS K 300 38.16 -30.83 -9.60
CA LYS K 300 38.11 -29.42 -9.98
C LYS K 300 39.00 -28.66 -8.99
N ARG K 301 39.45 -29.38 -7.98
CA ARG K 301 40.34 -28.90 -6.92
C ARG K 301 41.76 -29.25 -7.38
N LEU K 302 41.86 -30.33 -8.14
CA LEU K 302 43.13 -30.78 -8.69
C LEU K 302 43.41 -30.02 -9.99
N VAL K 303 43.51 -28.69 -9.86
CA VAL K 303 43.82 -27.81 -10.97
C VAL K 303 44.95 -26.98 -10.39
N PRO K 304 46.03 -26.81 -11.15
CA PRO K 304 47.18 -26.04 -10.68
C PRO K 304 46.87 -24.65 -10.21
N GLY K 305 47.55 -24.28 -9.15
CA GLY K 305 47.36 -22.96 -8.59
C GLY K 305 47.04 -22.96 -7.11
N TYR K 306 45.83 -23.37 -6.78
CA TYR K 306 45.37 -23.37 -5.40
C TYR K 306 46.17 -24.27 -4.43
N GLU K 307 47.45 -24.49 -4.73
CA GLU K 307 48.37 -25.28 -3.91
C GLU K 307 48.17 -26.79 -3.94
N ALA K 308 47.17 -27.24 -4.70
CA ALA K 308 46.80 -28.66 -4.80
C ALA K 308 47.63 -29.53 -5.77
N PRO K 309 48.00 -30.75 -5.35
CA PRO K 309 48.79 -31.72 -6.11
C PRO K 309 48.26 -31.99 -7.50
N CYS K 310 49.16 -32.25 -8.46
CA CYS K 310 48.73 -32.54 -9.84
C CYS K 310 49.64 -33.48 -10.60
N TYR K 311 50.90 -33.57 -10.18
CA TYR K 311 51.86 -34.44 -10.85
C TYR K 311 52.34 -35.47 -9.84
N VAL K 312 52.81 -36.62 -10.31
CA VAL K 312 53.27 -37.65 -9.39
C VAL K 312 54.77 -37.57 -9.09
N ALA K 313 55.10 -36.95 -7.95
CA ALA K 313 56.49 -36.79 -7.53
C ALA K 313 56.56 -36.50 -6.03
N TRP K 314 57.76 -36.61 -5.48
CA TRP K 314 57.94 -36.33 -4.05
C TRP K 314 58.99 -35.25 -3.73
N SER K 315 59.03 -34.77 -2.49
CA SER K 315 59.94 -33.68 -2.21
C SER K 315 60.15 -33.29 -0.72
N ALA K 316 61.19 -32.50 -0.47
CA ALA K 316 61.58 -32.05 0.86
C ALA K 316 61.13 -30.63 1.19
N GLN K 317 60.32 -30.05 0.32
CA GLN K 317 59.79 -28.70 0.46
C GLN K 317 59.52 -28.26 -0.97
N ASN K 318 58.24 -28.24 -1.35
CA ASN K 318 57.80 -27.89 -2.71
C ASN K 318 56.33 -27.37 -2.77
N ARG K 319 55.88 -26.90 -3.93
CA ARG K 319 54.51 -26.34 -4.15
C ARG K 319 53.24 -27.19 -4.15
N SER K 320 53.13 -28.13 -5.08
CA SER K 320 51.95 -29.01 -5.15
C SER K 320 52.56 -30.39 -5.10
N PRO K 321 53.39 -30.63 -4.08
CA PRO K 321 53.96 -31.97 -4.08
C PRO K 321 52.90 -33.00 -3.83
N LEU K 322 53.01 -34.14 -4.51
CA LEU K 322 52.05 -35.20 -4.29
C LEU K 322 52.44 -35.74 -2.92
N ILE K 323 53.64 -36.28 -2.83
CA ILE K 323 54.02 -36.77 -1.52
C ILE K 323 54.83 -35.71 -0.83
N ARG K 324 54.68 -35.65 0.48
CA ARG K 324 55.43 -34.69 1.25
C ARG K 324 55.91 -35.31 2.52
N ILE K 325 57.17 -35.04 2.80
CA ILE K 325 57.80 -35.55 3.98
C ILE K 325 58.14 -34.36 4.86
N PRO K 326 57.41 -34.24 5.97
CA PRO K 326 57.56 -33.17 6.95
C PRO K 326 58.95 -33.14 7.53
N ALA K 327 59.20 -32.12 8.34
CA ALA K 327 60.47 -31.94 8.99
C ALA K 327 60.69 -33.08 9.97
N SER K 328 59.83 -33.13 10.98
CA SER K 328 59.92 -34.14 12.04
C SER K 328 60.46 -35.53 11.63
N ARG K 329 61.20 -36.14 12.55
CA ARG K 329 61.77 -37.47 12.34
C ARG K 329 61.69 -38.28 13.64
N GLY K 330 62.09 -39.54 13.56
CA GLY K 330 62.01 -40.38 14.73
C GLY K 330 60.61 -40.93 14.79
N ILE K 331 60.07 -41.06 16.00
CA ILE K 331 58.73 -41.60 16.18
C ILE K 331 57.70 -41.04 15.20
N SER K 332 57.82 -39.76 14.90
CA SER K 332 56.86 -39.10 14.01
C SER K 332 57.16 -39.19 12.53
N THR K 333 58.44 -39.30 12.19
CA THR K 333 58.82 -39.42 10.79
C THR K 333 57.60 -40.06 10.14
N ARG K 334 57.10 -39.45 9.08
CA ARG K 334 55.90 -39.94 8.43
C ARG K 334 55.96 -39.55 6.97
N VAL K 335 54.87 -39.70 6.24
CA VAL K 335 54.86 -39.33 4.83
C VAL K 335 53.51 -38.82 4.29
N GLU K 336 53.42 -37.49 4.15
CA GLU K 336 52.22 -36.81 3.72
C GLU K 336 51.75 -37.00 2.29
N VAL K 337 50.70 -37.79 2.14
CA VAL K 337 50.05 -38.05 0.87
C VAL K 337 49.12 -36.83 0.82
N ARG K 338 49.59 -35.71 0.31
CA ARG K 338 48.73 -34.52 0.29
C ARG K 338 47.73 -34.42 -0.87
N SER K 339 47.38 -35.56 -1.46
CA SER K 339 46.46 -35.61 -2.59
C SER K 339 44.99 -35.94 -2.27
N VAL K 340 44.74 -36.64 -1.16
CA VAL K 340 43.38 -37.02 -0.72
C VAL K 340 42.43 -35.80 -0.60
N ASP K 341 41.12 -36.05 -0.45
CA ASP K 341 40.18 -34.94 -0.22
C ASP K 341 39.12 -35.39 0.80
N PRO K 342 38.55 -34.45 1.55
CA PRO K 342 37.54 -34.68 2.59
C PRO K 342 36.25 -35.43 2.28
N ALA K 343 35.86 -35.45 1.00
CA ALA K 343 34.65 -36.15 0.61
C ALA K 343 35.02 -37.51 0.02
N ALA K 344 35.90 -38.24 0.72
CA ALA K 344 36.34 -39.55 0.26
C ALA K 344 36.07 -40.56 1.35
N ASN K 345 35.72 -41.78 0.94
CA ASN K 345 35.45 -42.78 1.92
C ASN K 345 36.76 -43.03 2.64
N PRO K 346 36.88 -42.52 3.87
CA PRO K 346 38.06 -42.63 4.73
C PRO K 346 38.65 -44.04 4.87
N TYR K 347 37.77 -45.04 4.79
CA TYR K 347 38.20 -46.43 4.92
C TYR K 347 38.90 -46.88 3.68
N LEU K 348 38.12 -46.97 2.62
CA LEU K 348 38.65 -47.38 1.34
C LEU K 348 39.94 -46.64 1.02
N ALA K 349 40.07 -45.44 1.57
CA ALA K 349 41.25 -44.62 1.30
C ALA K 349 42.46 -44.95 2.14
N LEU K 350 42.39 -45.99 2.95
CA LEU K 350 43.54 -46.39 3.74
C LEU K 350 43.75 -47.82 3.33
N SER K 351 42.94 -48.24 2.38
CA SER K 351 43.01 -49.59 1.89
C SER K 351 43.82 -49.68 0.60
N VAL K 352 43.80 -48.63 -0.23
CA VAL K 352 44.60 -48.65 -1.46
C VAL K 352 45.92 -47.90 -1.27
N LEU K 353 45.99 -47.03 -0.27
CA LEU K 353 47.23 -46.30 0.03
C LEU K 353 48.17 -47.29 0.70
N LEU K 354 47.88 -47.71 1.93
CA LEU K 354 48.73 -48.70 2.58
C LEU K 354 49.14 -49.79 1.57
N ALA K 355 48.17 -50.25 0.76
CA ALA K 355 48.36 -51.35 -0.22
C ALA K 355 49.21 -51.15 -1.49
N ALA K 356 49.39 -49.91 -1.92
CA ALA K 356 50.24 -49.64 -3.08
C ALA K 356 51.50 -49.22 -2.36
N GLY K 357 51.30 -48.93 -1.08
CA GLY K 357 52.39 -48.54 -0.22
C GLY K 357 53.17 -49.79 0.08
N LEU K 358 52.47 -50.84 0.51
CA LEU K 358 53.10 -52.11 0.83
C LEU K 358 53.81 -52.76 -0.37
N ASP K 359 53.18 -52.75 -1.54
CA ASP K 359 53.80 -53.34 -2.71
C ASP K 359 55.12 -52.65 -3.03
N GLY K 360 55.25 -51.44 -2.50
CA GLY K 360 56.46 -50.68 -2.71
C GLY K 360 57.36 -50.99 -1.54
N ILE K 361 57.25 -52.18 -0.99
CA ILE K 361 58.10 -52.60 0.11
C ILE K 361 58.48 -54.03 -0.23
N LYS K 362 57.46 -54.79 -0.63
CA LYS K 362 57.60 -56.20 -0.97
C LYS K 362 58.26 -56.45 -2.31
N ASN K 363 58.11 -55.55 -3.28
CA ASN K 363 58.75 -55.74 -4.57
C ASN K 363 60.00 -54.87 -4.63
N LYS K 364 60.54 -54.58 -3.44
CA LYS K 364 61.73 -53.74 -3.26
C LYS K 364 61.87 -52.71 -4.35
N LEU K 365 60.91 -51.79 -4.41
CA LEU K 365 60.91 -50.73 -5.41
C LEU K 365 61.76 -49.56 -4.94
N GLU K 366 62.53 -49.05 -5.90
CA GLU K 366 63.44 -47.94 -5.68
C GLU K 366 62.67 -46.65 -5.85
N ALA K 367 62.92 -45.71 -4.94
CA ALA K 367 62.22 -44.44 -5.02
C ALA K 367 62.87 -43.52 -6.05
N PRO K 368 62.07 -42.85 -6.89
CA PRO K 368 62.70 -41.95 -7.86
C PRO K 368 63.23 -40.78 -7.04
N ALA K 369 64.33 -40.19 -7.47
CA ALA K 369 64.91 -39.07 -6.74
C ALA K 369 63.92 -37.94 -6.49
N PRO K 370 63.96 -37.33 -5.29
CA PRO K 370 63.05 -36.22 -4.94
C PRO K 370 63.10 -34.98 -5.84
N ILE K 371 61.94 -34.64 -6.39
CA ILE K 371 61.81 -33.49 -7.26
C ILE K 371 61.94 -32.16 -6.52
N ASP K 372 62.94 -31.37 -6.91
CA ASP K 372 63.18 -30.07 -6.30
C ASP K 372 62.35 -28.95 -6.85
N ARG K 373 62.50 -27.78 -6.25
CA ARG K 373 61.75 -26.57 -6.60
C ARG K 373 61.95 -26.02 -7.99
N ASN K 374 61.17 -26.56 -8.92
CA ASN K 374 61.15 -26.13 -10.29
C ASN K 374 60.09 -26.82 -11.22
N ILE K 375 59.16 -27.61 -10.66
CA ILE K 375 58.14 -28.37 -11.46
C ILE K 375 57.02 -27.57 -12.13
N TYR K 376 56.47 -26.63 -11.39
CA TYR K 376 55.38 -25.82 -11.91
C TYR K 376 55.84 -24.96 -13.11
N VAL K 377 57.15 -24.82 -13.32
CA VAL K 377 57.65 -23.99 -14.42
C VAL K 377 58.27 -24.75 -15.61
N MET K 378 58.19 -26.07 -15.58
CA MET K 378 58.74 -26.88 -16.67
C MET K 378 57.71 -26.91 -17.82
N SER K 379 57.86 -27.88 -18.72
CA SER K 379 56.92 -28.03 -19.84
C SER K 379 56.24 -29.41 -19.64
N LYS K 380 54.91 -29.48 -19.78
CA LYS K 380 54.21 -30.76 -19.56
C LYS K 380 54.93 -31.93 -20.23
N GLU K 381 55.67 -31.64 -21.31
CA GLU K 381 56.45 -32.64 -22.04
C GLU K 381 57.84 -32.72 -21.37
N GLU K 382 58.42 -31.56 -21.09
CA GLU K 382 59.70 -31.46 -20.41
C GLU K 382 59.64 -32.30 -19.10
N ARG K 383 58.46 -32.26 -18.47
CA ARG K 383 58.07 -32.93 -17.21
C ARG K 383 57.78 -34.42 -17.47
N MET K 384 57.40 -34.71 -18.70
CA MET K 384 57.05 -36.07 -19.02
C MET K 384 58.30 -36.79 -19.47
N GLU K 385 59.44 -36.15 -19.57
CA GLU K 385 60.38 -37.14 -19.89
C GLU K 385 60.99 -37.65 -18.59
N ASN K 386 60.97 -36.79 -17.56
CA ASN K 386 61.49 -37.12 -16.22
C ASN K 386 60.48 -38.01 -15.49
N GLY K 387 60.92 -38.64 -14.40
CA GLY K 387 60.02 -39.49 -13.65
C GLY K 387 58.83 -38.81 -13.00
N ILE K 388 58.13 -37.97 -13.75
CA ILE K 388 56.95 -37.27 -13.26
C ILE K 388 55.80 -37.61 -14.21
N VAL K 389 54.62 -37.84 -13.65
CA VAL K 389 53.40 -38.21 -14.40
C VAL K 389 52.19 -37.40 -13.93
N ASP K 390 51.32 -37.02 -14.85
CA ASP K 390 50.13 -36.26 -14.46
C ASP K 390 48.99 -37.12 -13.91
N LEU K 391 48.32 -36.62 -12.88
CA LEU K 391 47.20 -37.31 -12.25
C LEU K 391 46.01 -37.24 -13.20
N PRO K 392 45.23 -38.34 -13.28
CA PRO K 392 44.08 -38.32 -14.18
C PRO K 392 43.40 -36.98 -14.01
N ALA K 393 42.81 -36.47 -15.09
CA ALA K 393 42.14 -35.17 -15.10
C ALA K 393 40.64 -35.08 -14.75
N THR K 394 39.96 -36.21 -14.61
CA THR K 394 38.55 -36.24 -14.19
C THR K 394 38.29 -37.60 -13.64
N LEU K 395 37.14 -37.71 -13.02
CA LEU K 395 36.74 -38.97 -12.42
C LEU K 395 36.96 -40.12 -13.39
N ALA K 396 36.75 -39.86 -14.68
CA ALA K 396 36.90 -40.89 -15.70
C ALA K 396 38.32 -41.21 -16.16
N GLU K 397 39.16 -40.20 -16.39
CA GLU K 397 40.51 -40.54 -16.79
C GLU K 397 40.87 -41.49 -15.65
N ALA K 398 40.71 -40.97 -14.43
CA ALA K 398 41.00 -41.66 -13.19
C ALA K 398 40.44 -43.07 -12.94
N LEU K 399 39.16 -43.29 -13.25
CA LEU K 399 38.56 -44.62 -13.03
C LEU K 399 39.25 -45.67 -13.90
N GLU K 400 39.38 -45.33 -15.18
CA GLU K 400 39.99 -46.20 -16.17
C GLU K 400 41.34 -46.73 -15.74
N GLU K 401 42.18 -45.83 -15.22
CA GLU K 401 43.49 -46.24 -14.76
C GLU K 401 43.28 -47.20 -13.60
N PHE K 402 42.47 -46.76 -12.65
CA PHE K 402 42.13 -47.52 -11.46
C PHE K 402 41.67 -48.98 -11.71
N LYS K 403 41.10 -49.23 -12.89
CA LYS K 403 40.61 -50.55 -13.32
C LYS K 403 41.70 -51.39 -13.94
N SER K 404 42.62 -50.74 -14.62
CA SER K 404 43.70 -51.44 -15.26
C SER K 404 44.88 -51.39 -14.32
N ASN K 405 44.66 -51.80 -13.08
CA ASN K 405 45.71 -51.83 -12.06
C ASN K 405 45.37 -52.97 -11.11
N GLU K 406 46.11 -54.06 -11.24
CA GLU K 406 45.95 -55.31 -10.50
C GLU K 406 46.15 -55.33 -8.97
N VAL K 407 46.81 -54.31 -8.45
CA VAL K 407 47.09 -54.20 -7.03
C VAL K 407 45.94 -53.58 -6.24
N MET K 408 45.28 -52.60 -6.87
CA MET K 408 44.15 -51.88 -6.28
C MET K 408 42.92 -52.78 -6.24
N VAL K 409 42.54 -53.27 -7.41
CA VAL K 409 41.40 -54.16 -7.50
C VAL K 409 41.56 -55.21 -6.40
N LYS K 410 42.77 -55.71 -6.25
CA LYS K 410 43.06 -56.70 -5.23
C LYS K 410 43.11 -56.03 -3.87
N ALA K 411 43.25 -54.71 -3.88
CA ALA K 411 43.30 -53.96 -2.64
C ALA K 411 41.86 -53.83 -2.11
N LEU K 412 40.92 -53.59 -3.01
CA LEU K 412 39.52 -53.40 -2.63
C LEU K 412 38.66 -54.67 -2.47
N GLY K 413 39.16 -55.82 -2.87
CA GLY K 413 38.39 -57.02 -2.73
C GLY K 413 37.44 -57.28 -3.88
N GLU K 414 37.14 -58.56 -4.07
CA GLU K 414 36.25 -59.06 -5.12
C GLU K 414 35.08 -58.10 -5.40
N HIS K 415 34.14 -58.11 -4.47
CA HIS K 415 32.90 -57.35 -4.48
C HIS K 415 33.02 -55.83 -4.32
N LEU K 416 33.80 -55.40 -3.33
CA LEU K 416 33.96 -53.96 -3.05
C LEU K 416 34.37 -53.10 -4.21
N PHE K 417 35.14 -53.66 -5.14
CA PHE K 417 35.59 -52.90 -6.30
C PHE K 417 34.52 -52.85 -7.40
N GLU K 418 33.85 -53.95 -7.67
CA GLU K 418 32.85 -53.92 -8.70
C GLU K 418 31.77 -52.90 -8.39
N HIS K 419 31.17 -52.99 -7.21
CA HIS K 419 30.08 -52.10 -6.98
C HIS K 419 30.42 -50.62 -7.07
N PHE K 420 31.69 -50.29 -6.83
CA PHE K 420 32.16 -48.92 -6.86
C PHE K 420 32.49 -48.36 -8.25
N ILE K 421 32.86 -49.24 -9.18
CA ILE K 421 33.15 -48.74 -10.52
C ILE K 421 31.75 -48.53 -11.02
N GLU K 422 30.88 -49.42 -10.55
CA GLU K 422 29.49 -49.38 -10.89
C GLU K 422 28.97 -47.97 -10.57
N ALA K 423 29.07 -47.60 -9.29
CA ALA K 423 28.60 -46.31 -8.81
C ALA K 423 29.18 -45.10 -9.53
N LYS K 424 30.48 -44.92 -9.42
CA LYS K 424 31.16 -43.79 -10.06
C LYS K 424 30.83 -43.75 -11.53
N GLU K 425 30.98 -44.87 -12.22
CA GLU K 425 30.66 -44.88 -13.63
C GLU K 425 29.28 -44.23 -13.79
N ILE K 426 28.23 -44.83 -13.22
CA ILE K 426 26.91 -44.21 -13.33
C ILE K 426 26.93 -42.75 -12.89
N GLU K 427 27.78 -42.43 -11.92
CA GLU K 427 27.85 -41.04 -11.46
C GLU K 427 28.39 -40.15 -12.57
N TRP K 428 29.64 -40.34 -12.98
CA TRP K 428 30.19 -39.50 -14.04
C TRP K 428 29.11 -39.34 -15.09
N ASP K 429 28.58 -40.45 -15.59
CA ASP K 429 27.59 -40.31 -16.63
C ASP K 429 26.35 -39.49 -16.33
N MET K 430 26.09 -39.20 -15.08
CA MET K 430 24.95 -38.35 -14.81
C MET K 430 25.42 -36.95 -15.26
N PHE K 431 26.68 -36.65 -14.94
CA PHE K 431 27.35 -35.38 -15.22
C PHE K 431 27.78 -35.12 -16.67
N ARG K 432 28.28 -36.13 -17.37
CA ARG K 432 28.73 -35.97 -18.76
C ARG K 432 27.60 -35.69 -19.77
N THR K 433 26.36 -35.90 -19.33
CA THR K 433 25.17 -35.70 -20.16
C THR K 433 24.25 -34.64 -19.58
N GLN K 434 24.80 -33.83 -18.69
CA GLN K 434 24.06 -32.75 -18.04
C GLN K 434 24.24 -31.43 -18.81
N VAL K 435 23.18 -30.68 -19.01
CA VAL K 435 23.35 -29.41 -19.69
C VAL K 435 23.35 -28.37 -18.57
N HIS K 436 24.55 -27.93 -18.17
CA HIS K 436 24.72 -26.95 -17.09
C HIS K 436 24.71 -25.51 -17.67
N PRO K 437 24.44 -24.49 -16.82
CA PRO K 437 24.36 -23.05 -17.14
C PRO K 437 25.51 -22.48 -17.98
N TRP K 438 26.70 -22.93 -17.61
CA TRP K 438 27.94 -22.55 -18.23
C TRP K 438 27.91 -22.77 -19.74
N GLU K 439 27.54 -23.98 -20.16
CA GLU K 439 27.47 -24.28 -21.58
C GLU K 439 26.57 -23.25 -22.23
N ARG K 440 25.47 -22.95 -21.56
CA ARG K 440 24.51 -21.99 -22.09
C ARG K 440 25.01 -20.56 -22.16
N GLU K 441 25.84 -20.15 -21.22
CA GLU K 441 26.33 -18.78 -21.23
C GLU K 441 27.45 -18.54 -22.26
N GLN K 442 27.98 -19.63 -22.81
CA GLN K 442 29.06 -19.57 -23.80
C GLN K 442 28.58 -19.74 -25.22
N TYR K 443 27.56 -20.57 -25.35
CA TYR K 443 27.02 -20.94 -26.63
C TYR K 443 25.72 -20.29 -27.07
N MET K 444 24.63 -20.55 -26.37
CA MET K 444 23.32 -20.02 -26.72
C MET K 444 23.24 -18.63 -27.38
N SER K 445 24.13 -17.72 -26.97
CA SER K 445 24.18 -16.34 -27.51
C SER K 445 25.06 -16.29 -28.75
N GLN K 446 26.12 -17.08 -28.69
CA GLN K 446 27.12 -17.24 -29.74
C GLN K 446 26.53 -18.02 -30.91
N TYR K 447 26.14 -19.26 -30.62
CA TYR K 447 25.59 -20.18 -31.62
C TYR K 447 24.05 -20.28 -31.57
N ALA L 5 62.24 -12.31 33.83
CA ALA L 5 60.85 -12.77 33.53
C ALA L 5 59.80 -12.22 34.51
N LYS L 6 58.71 -12.95 34.63
CA LYS L 6 57.61 -12.57 35.52
C LYS L 6 56.63 -13.73 35.61
N TYR L 7 56.82 -14.74 34.76
CA TYR L 7 55.99 -15.96 34.75
C TYR L 7 56.87 -17.20 34.61
N THR L 8 56.80 -18.07 35.62
CA THR L 8 57.56 -19.29 35.64
C THR L 8 56.64 -20.43 35.21
N ARG L 9 57.21 -21.39 34.47
CA ARG L 9 56.55 -22.57 33.93
C ARG L 9 55.45 -23.26 34.79
N GLU L 10 55.65 -23.25 36.11
CA GLU L 10 54.72 -23.88 37.03
C GLU L 10 53.65 -22.92 37.52
N ASP L 11 53.92 -21.63 37.32
CA ASP L 11 53.03 -20.51 37.66
C ASP L 11 51.79 -20.43 36.72
N ILE L 12 52.04 -20.28 35.42
CA ILE L 12 50.97 -20.21 34.43
C ILE L 12 50.03 -21.38 34.65
N GLU L 13 50.64 -22.53 34.88
CA GLU L 13 49.95 -23.78 35.11
C GLU L 13 48.91 -23.77 36.21
N LYS L 14 49.32 -23.38 37.40
CA LYS L 14 48.38 -23.36 38.51
C LYS L 14 47.31 -22.30 38.18
N LEU L 15 47.62 -21.39 37.26
CA LEU L 15 46.64 -20.36 36.88
C LEU L 15 45.62 -20.92 35.88
N VAL L 16 46.08 -21.79 34.98
CA VAL L 16 45.19 -22.39 34.00
C VAL L 16 44.13 -23.24 34.72
N LYS L 17 44.53 -23.77 35.88
CA LYS L 17 43.77 -24.62 36.82
C LYS L 17 42.66 -23.83 37.55
N GLU L 18 43.13 -22.85 38.33
CA GLU L 18 42.36 -21.94 39.17
C GLU L 18 41.39 -21.04 38.38
N GLU L 19 41.95 -20.03 37.70
CA GLU L 19 41.19 -19.11 36.87
C GLU L 19 40.29 -19.85 35.91
N ASN L 20 40.65 -21.10 35.65
CA ASN L 20 39.90 -21.96 34.75
C ASN L 20 40.00 -21.49 33.31
N VAL L 21 40.87 -22.15 32.53
CA VAL L 21 41.07 -21.83 31.12
C VAL L 21 40.78 -23.08 30.29
N LYS L 22 40.23 -22.88 29.10
CA LYS L 22 39.86 -24.00 28.23
C LYS L 22 40.40 -23.97 26.81
N TYR L 23 41.18 -22.95 26.48
CA TYR L 23 41.62 -22.84 25.11
C TYR L 23 42.76 -21.85 24.93
N ILE L 24 43.82 -22.26 24.22
CA ILE L 24 44.98 -21.41 24.01
C ILE L 24 45.37 -21.05 22.57
N ARG L 25 45.66 -19.76 22.37
CA ARG L 25 46.05 -19.22 21.06
C ARG L 25 47.51 -18.82 21.03
N LEU L 26 48.38 -19.70 20.56
CA LEU L 26 49.80 -19.37 20.47
C LEU L 26 49.91 -18.44 19.27
N GLN L 27 50.11 -17.16 19.55
CA GLN L 27 50.19 -16.22 18.44
C GLN L 27 51.53 -15.61 18.21
N PHE L 28 51.62 -14.96 17.06
CA PHE L 28 52.81 -14.28 16.65
C PHE L 28 52.31 -13.15 15.78
N THR L 29 53.14 -12.73 14.84
CA THR L 29 52.75 -11.66 13.94
C THR L 29 53.42 -12.00 12.64
N ASP L 30 52.71 -11.88 11.54
CA ASP L 30 53.36 -12.22 10.28
C ASP L 30 54.08 -11.01 9.72
N ILE L 31 54.33 -11.03 8.43
CA ILE L 31 55.04 -9.95 7.75
C ILE L 31 54.28 -8.63 7.58
N LEU L 32 52.98 -8.71 7.24
CA LEU L 32 52.20 -7.51 7.06
C LEU L 32 51.56 -7.04 8.38
N GLY L 33 52.20 -7.41 9.49
CA GLY L 33 51.75 -7.03 10.83
C GLY L 33 50.42 -7.58 11.31
N THR L 34 49.69 -8.20 10.40
CA THR L 34 48.41 -8.77 10.75
C THR L 34 48.61 -10.03 11.56
N ILE L 35 48.52 -9.85 12.87
CA ILE L 35 48.67 -10.89 13.86
C ILE L 35 47.79 -12.13 13.57
N LYS L 36 48.45 -13.30 13.50
CA LYS L 36 47.79 -14.60 13.26
C LYS L 36 48.16 -15.49 14.45
N ASN L 37 47.54 -16.67 14.53
CA ASN L 37 47.87 -17.56 15.64
C ASN L 37 47.41 -18.97 15.41
N VAL L 38 48.05 -19.89 16.10
CA VAL L 38 47.64 -21.26 16.02
C VAL L 38 47.15 -21.51 17.44
N GLU L 39 45.90 -21.90 17.52
CA GLU L 39 45.23 -22.16 18.77
C GLU L 39 45.18 -23.66 19.03
N ILE L 40 45.36 -24.05 20.30
CA ILE L 40 45.35 -25.45 20.68
C ILE L 40 44.48 -25.57 21.95
N PRO L 41 43.69 -26.67 22.07
CA PRO L 41 42.84 -26.79 23.26
C PRO L 41 43.63 -26.87 24.56
N VAL L 42 43.14 -26.18 25.60
CA VAL L 42 43.82 -26.14 26.90
C VAL L 42 44.57 -27.41 27.24
N SER L 43 44.04 -28.54 26.83
CA SER L 43 44.71 -29.78 27.12
C SER L 43 46.06 -29.88 26.41
N GLN L 44 46.24 -29.07 25.37
CA GLN L 44 47.49 -29.07 24.59
C GLN L 44 48.62 -28.20 25.14
N LEU L 45 48.26 -27.32 26.06
CA LEU L 45 49.19 -26.41 26.70
C LEU L 45 50.51 -27.09 27.05
N GLY L 46 50.41 -28.30 27.58
CA GLY L 46 51.61 -29.05 27.94
C GLY L 46 52.56 -29.11 26.76
N LYS L 47 52.19 -29.88 25.74
CA LYS L 47 53.00 -30.05 24.52
C LYS L 47 53.52 -28.69 24.04
N ALA L 48 52.82 -27.64 24.43
CA ALA L 48 53.18 -26.27 24.05
C ALA L 48 54.38 -25.70 24.80
N LEU L 49 54.30 -25.72 26.13
CA LEU L 49 55.36 -25.18 26.96
C LEU L 49 56.66 -25.90 26.71
N ASP L 50 56.53 -27.13 26.17
CA ASP L 50 57.68 -28.00 25.81
C ASP L 50 58.22 -27.67 24.41
N ASN L 51 57.64 -26.66 23.77
CA ASN L 51 58.07 -26.19 22.47
C ASN L 51 58.06 -27.18 21.31
N LYS L 52 57.13 -28.13 21.31
CA LYS L 52 57.06 -29.09 20.22
C LYS L 52 55.86 -28.91 19.30
N VAL L 53 55.04 -27.90 19.56
CA VAL L 53 53.88 -27.66 18.71
C VAL L 53 54.40 -27.33 17.34
N MET L 54 53.89 -28.03 16.33
CA MET L 54 54.30 -27.79 14.95
C MET L 54 53.33 -26.80 14.30
N PHE L 55 53.67 -26.35 13.09
CA PHE L 55 52.80 -25.48 12.30
C PHE L 55 53.45 -25.05 10.99
N ASP L 56 52.63 -24.81 9.96
CA ASP L 56 53.19 -24.41 8.69
C ASP L 56 53.69 -23.00 8.81
N GLY L 57 55.01 -22.89 8.91
CA GLY L 57 55.65 -21.60 9.06
C GLY L 57 55.61 -20.65 7.88
N SER L 58 55.29 -21.15 6.69
CA SER L 58 55.26 -20.25 5.54
C SER L 58 54.01 -19.38 5.56
N SER L 59 53.42 -19.27 6.75
CA SER L 59 52.25 -18.41 6.90
C SER L 59 52.82 -17.05 7.31
N ILE L 60 54.13 -17.01 7.49
CA ILE L 60 54.82 -15.78 7.88
C ILE L 60 55.26 -14.98 6.67
N GLU L 61 55.32 -15.62 5.50
CA GLU L 61 55.72 -14.90 4.29
C GLU L 61 54.44 -14.29 3.68
N GLY L 62 53.52 -13.90 4.56
CA GLY L 62 52.27 -13.31 4.14
C GLY L 62 51.51 -14.14 3.14
N PHE L 63 51.15 -13.50 2.02
CA PHE L 63 50.41 -14.16 0.95
C PHE L 63 51.36 -14.45 -0.20
N VAL L 64 52.65 -14.23 0.07
CA VAL L 64 53.67 -14.48 -0.93
C VAL L 64 54.27 -15.86 -0.71
N ARG L 65 53.80 -16.54 0.35
CA ARG L 65 54.25 -17.88 0.71
C ARG L 65 54.19 -18.74 -0.53
N ILE L 66 55.20 -19.59 -0.64
CA ILE L 66 55.37 -20.45 -1.79
C ILE L 66 55.46 -21.93 -1.42
N GLU L 67 55.86 -22.25 -0.20
CA GLU L 67 55.98 -23.66 0.13
C GLU L 67 55.66 -23.93 1.59
N GLU L 68 54.90 -25.00 1.85
CA GLU L 68 54.60 -25.32 3.23
C GLU L 68 55.99 -25.37 3.81
N SER L 69 56.10 -25.15 5.11
CA SER L 69 57.40 -25.20 5.79
C SER L 69 57.21 -25.25 7.33
N ASP L 70 57.15 -26.45 7.92
CA ASP L 70 56.96 -26.59 9.40
C ASP L 70 57.97 -25.98 10.30
N MET L 71 57.45 -25.31 11.30
CA MET L 71 58.30 -24.76 12.31
C MET L 71 57.61 -24.96 13.66
N TYR L 72 58.45 -24.92 14.69
CA TYR L 72 58.11 -25.06 16.09
C TYR L 72 57.60 -23.76 16.59
N LEU L 73 56.95 -23.81 17.74
CA LEU L 73 56.29 -22.64 18.27
C LEU L 73 56.63 -22.40 19.71
N TYR L 74 57.68 -21.63 19.96
CA TYR L 74 58.05 -21.38 21.34
C TYR L 74 57.36 -20.15 21.90
N PRO L 75 56.46 -20.36 22.88
CA PRO L 75 55.73 -19.26 23.51
C PRO L 75 56.57 -18.57 24.56
N ASP L 76 56.59 -17.24 24.53
CA ASP L 76 57.35 -16.50 25.54
C ASP L 76 56.48 -16.75 26.78
N LEU L 77 57.04 -17.36 27.81
CA LEU L 77 56.31 -17.68 29.05
C LEU L 77 55.79 -16.44 29.79
N ASN L 78 56.35 -15.29 29.42
CA ASN L 78 56.03 -14.01 30.05
C ASN L 78 54.85 -13.21 29.48
N THR L 79 54.45 -13.52 28.26
CA THR L 79 53.38 -12.78 27.60
C THR L 79 52.00 -13.37 27.86
N PHE L 80 51.90 -14.24 28.86
CA PHE L 80 50.63 -14.89 29.20
C PHE L 80 49.52 -13.90 29.47
N VAL L 81 48.31 -14.27 29.06
CA VAL L 81 47.18 -13.38 29.21
C VAL L 81 45.84 -14.09 28.88
N ILE L 82 44.88 -13.95 29.78
CA ILE L 82 43.54 -14.54 29.65
C ILE L 82 42.64 -13.38 29.24
N PHE L 83 41.74 -13.58 28.28
CA PHE L 83 40.86 -12.48 27.86
C PHE L 83 39.63 -12.32 28.75
N PRO L 84 39.26 -11.06 29.06
CA PRO L 84 38.10 -10.72 29.91
C PRO L 84 36.71 -10.78 29.27
N TRP L 85 36.64 -11.05 27.98
CA TRP L 85 35.34 -11.17 27.31
C TRP L 85 35.27 -12.59 26.75
N THR L 86 35.55 -13.54 27.64
CA THR L 86 35.53 -14.95 27.29
C THR L 86 34.42 -15.65 28.09
N ALA L 87 34.68 -15.86 29.39
CA ALA L 87 33.74 -16.52 30.31
C ALA L 87 32.31 -16.71 29.81
N GLU L 88 32.13 -17.63 28.86
CA GLU L 88 30.81 -17.95 28.31
C GLU L 88 30.83 -19.45 28.05
N LYS L 89 32.02 -20.04 28.01
CA LYS L 89 32.18 -21.47 27.79
C LYS L 89 33.57 -22.01 28.19
N GLY L 90 34.12 -21.49 29.29
CA GLY L 90 35.43 -21.91 29.75
C GLY L 90 36.26 -20.63 29.88
N LYS L 91 37.40 -20.56 29.18
CA LYS L 91 38.24 -19.35 29.17
C LYS L 91 39.37 -19.41 28.16
N VAL L 92 39.75 -18.23 27.63
CA VAL L 92 40.79 -18.09 26.61
C VAL L 92 42.07 -17.39 27.08
N ALA L 93 43.18 -17.71 26.43
CA ALA L 93 44.47 -17.12 26.77
C ALA L 93 45.34 -17.06 25.52
N ARG L 94 46.49 -16.40 25.62
CA ARG L 94 47.38 -16.26 24.48
C ARG L 94 48.86 -16.26 24.83
N PHE L 95 49.59 -17.18 24.23
CA PHE L 95 51.02 -17.20 24.44
C PHE L 95 51.62 -16.66 23.13
N ILE L 96 52.15 -15.43 23.18
CA ILE L 96 52.77 -14.80 22.01
C ILE L 96 54.02 -15.58 21.79
N CYS L 97 54.50 -15.65 20.56
CA CYS L 97 55.67 -16.47 20.34
C CYS L 97 56.69 -16.15 19.28
N ASP L 98 57.87 -16.72 19.54
CA ASP L 98 59.02 -16.64 18.68
C ASP L 98 58.95 -17.97 17.88
N ILE L 99 59.22 -17.90 16.58
CA ILE L 99 59.19 -19.05 15.70
C ILE L 99 60.60 -19.64 15.63
N TYR L 100 60.69 -20.95 15.52
CA TYR L 100 62.01 -21.55 15.46
C TYR L 100 62.09 -22.62 14.42
N ASN L 101 63.23 -22.69 13.74
CA ASN L 101 63.43 -23.70 12.72
C ASN L 101 63.25 -25.13 13.26
N PRO L 102 63.14 -26.11 12.34
CA PRO L 102 62.95 -27.54 12.59
C PRO L 102 64.07 -28.15 13.43
N ASP L 103 65.13 -27.39 13.56
CA ASP L 103 66.25 -27.79 14.36
C ASP L 103 66.52 -26.60 15.29
N GLY L 104 65.64 -26.47 16.29
CA GLY L 104 65.72 -25.43 17.32
C GLY L 104 66.42 -24.11 17.04
N THR L 105 66.49 -23.75 15.76
CA THR L 105 67.13 -22.52 15.34
C THR L 105 66.12 -21.38 15.27
N PRO L 106 66.50 -20.21 15.79
CA PRO L 106 65.62 -19.04 15.78
C PRO L 106 65.33 -18.50 14.35
N PHE L 107 64.17 -18.89 13.82
CA PHE L 107 63.66 -18.56 12.47
C PHE L 107 64.11 -17.24 11.81
N GLU L 108 65.16 -17.28 10.99
CA GLU L 108 65.66 -16.03 10.43
C GLU L 108 64.64 -14.94 10.01
N GLY L 109 63.59 -15.30 9.29
CA GLY L 109 62.65 -14.30 8.82
C GLY L 109 61.36 -14.02 9.58
N ASP L 110 61.39 -14.23 10.90
CA ASP L 110 60.23 -13.97 11.74
C ASP L 110 60.50 -12.63 12.38
N PRO L 111 59.66 -11.64 12.09
CA PRO L 111 59.78 -10.26 12.61
C PRO L 111 60.19 -10.17 14.07
N ARG L 112 59.37 -10.78 14.92
CA ARG L 112 59.55 -10.83 16.37
C ARG L 112 60.95 -11.23 16.74
N ASN L 113 61.47 -12.25 16.05
CA ASN L 113 62.81 -12.78 16.30
C ASN L 113 63.88 -11.84 15.78
N ASN L 114 63.67 -11.38 14.55
CA ASN L 114 64.62 -10.49 13.94
C ASN L 114 64.91 -9.27 14.81
N LEU L 115 63.98 -8.89 15.67
CA LEU L 115 64.19 -7.74 16.55
C LEU L 115 65.40 -7.95 17.45
N LYS L 116 65.32 -8.98 18.30
CA LYS L 116 66.39 -9.31 19.22
C LYS L 116 67.75 -9.54 18.55
N ARG L 117 67.77 -9.71 17.23
CA ARG L 117 69.03 -9.89 16.49
C ARG L 117 69.61 -8.50 16.36
N ILE L 118 68.71 -7.54 16.16
CA ILE L 118 69.06 -6.14 16.04
C ILE L 118 69.27 -5.56 17.43
N LEU L 119 68.69 -6.20 18.44
CA LEU L 119 68.88 -5.75 19.83
C LEU L 119 70.17 -6.39 20.33
N LYS L 120 70.31 -7.70 20.16
CA LYS L 120 71.54 -8.38 20.54
C LYS L 120 72.69 -7.62 19.85
N GLU L 121 72.43 -7.08 18.65
CA GLU L 121 73.44 -6.31 17.94
C GLU L 121 73.75 -5.17 18.93
N MET L 122 72.71 -4.42 19.28
CA MET L 122 72.80 -3.28 20.21
C MET L 122 73.46 -3.53 21.59
N GLU L 123 73.43 -4.75 22.09
CA GLU L 123 74.05 -5.03 23.39
C GLU L 123 75.54 -5.19 23.18
N ASP L 124 75.90 -5.69 22.01
CA ASP L 124 77.29 -5.89 21.67
C ASP L 124 77.94 -4.62 21.17
N LEU L 125 77.22 -3.51 21.21
CA LEU L 125 77.80 -2.23 20.82
C LEU L 125 78.04 -1.56 22.17
N GLY L 126 77.22 -1.94 23.16
CA GLY L 126 77.39 -1.40 24.49
C GLY L 126 76.22 -1.13 25.39
N PHE L 127 75.10 -0.67 24.81
CA PHE L 127 73.90 -0.30 25.58
C PHE L 127 73.10 -1.43 26.17
N SER L 128 72.16 -1.14 27.08
CA SER L 128 71.37 -2.22 27.66
C SER L 128 69.91 -2.36 27.19
N ASP L 129 69.09 -1.33 27.33
CA ASP L 129 67.69 -1.46 26.89
C ASP L 129 67.32 -0.43 25.80
N PHE L 130 66.17 -0.61 25.17
CA PHE L 130 65.71 0.32 24.13
C PHE L 130 64.20 0.39 24.22
N ASN L 131 63.72 1.31 25.06
CA ASN L 131 62.31 1.50 25.35
C ASN L 131 61.43 2.27 24.37
N LEU L 132 60.40 1.62 23.82
CA LEU L 132 59.49 2.28 22.89
C LEU L 132 58.41 2.98 23.71
N GLY L 133 57.86 4.03 23.12
CA GLY L 133 56.80 4.81 23.74
C GLY L 133 55.76 4.94 22.65
N PRO L 134 54.51 4.52 22.88
CA PRO L 134 53.65 4.70 21.71
C PRO L 134 52.40 5.58 21.74
N GLU L 135 52.18 6.21 20.58
CA GLU L 135 51.08 7.13 20.35
C GLU L 135 50.25 6.75 19.15
N PRO L 136 49.92 5.48 19.00
CA PRO L 136 49.10 5.12 17.84
C PRO L 136 47.75 5.83 17.97
N GLU L 137 47.04 5.95 16.86
CA GLU L 137 45.72 6.58 16.83
C GLU L 137 44.73 5.79 15.97
N PHE L 138 43.43 6.08 16.14
CA PHE L 138 42.39 5.40 15.38
C PHE L 138 41.10 6.18 15.16
N PHE L 139 40.32 5.71 14.18
CA PHE L 139 39.02 6.29 13.87
C PHE L 139 38.03 5.24 14.40
N LEU L 140 36.73 5.56 14.38
CA LEU L 140 35.67 4.64 14.82
C LEU L 140 34.50 4.87 13.86
N PHE L 141 34.01 3.81 13.23
CA PHE L 141 32.90 3.94 12.28
C PHE L 141 31.66 3.19 12.71
N LYS L 142 30.57 3.90 12.95
CA LYS L 142 29.36 3.21 13.35
C LYS L 142 29.19 2.07 12.37
N LEU L 143 28.89 0.89 12.89
CA LEU L 143 28.67 -0.31 12.08
C LEU L 143 27.27 -0.20 11.49
N ASP L 144 26.95 -0.98 10.47
CA ASP L 144 25.59 -0.87 9.94
C ASP L 144 24.79 -2.12 10.22
N GLU L 145 23.49 -1.95 10.12
CA GLU L 145 22.47 -2.97 10.37
C GLU L 145 22.92 -4.43 10.42
N LYS L 146 23.29 -4.97 9.26
CA LYS L 146 23.70 -6.35 9.18
C LYS L 146 24.87 -6.53 10.10
N GLY L 147 25.77 -5.57 10.05
CA GLY L 147 26.96 -5.63 10.88
C GLY L 147 28.22 -5.39 10.09
N GLU L 148 28.08 -4.70 8.97
CA GLU L 148 29.22 -4.37 8.09
C GLU L 148 29.67 -2.91 8.33
N PRO L 149 30.97 -2.61 8.16
CA PRO L 149 31.33 -1.22 8.40
C PRO L 149 30.86 -0.20 7.38
N THR L 150 30.71 1.02 7.91
CA THR L 150 30.26 2.20 7.21
C THR L 150 31.17 3.40 7.51
N LEU L 151 31.25 4.33 6.58
CA LEU L 151 32.09 5.51 6.75
C LEU L 151 31.50 6.58 7.67
N GLU L 152 30.64 6.21 8.62
CA GLU L 152 30.12 7.23 9.52
C GLU L 152 30.91 7.19 10.82
N LEU L 153 31.48 8.33 11.14
CA LEU L 153 32.27 8.51 12.34
C LEU L 153 31.28 8.46 13.48
N ASN L 154 31.75 8.15 14.68
CA ASN L 154 30.81 8.06 15.77
C ASN L 154 30.62 9.36 16.53
N ASP L 155 31.22 10.45 16.07
CA ASP L 155 31.06 11.71 16.79
C ASP L 155 31.67 12.88 16.05
N LYS L 156 31.29 14.09 16.42
CA LYS L 156 31.87 15.25 15.77
C LYS L 156 32.92 16.04 16.60
N GLY L 157 33.35 15.52 17.75
CA GLY L 157 34.38 16.18 18.56
C GLY L 157 35.80 16.16 17.96
N GLY L 158 36.77 16.91 18.51
CA GLY L 158 38.12 16.95 17.96
C GLY L 158 39.20 17.01 19.05
N TYR L 159 40.34 17.61 18.72
CA TYR L 159 41.41 17.68 19.68
C TYR L 159 41.09 17.96 21.14
N PHE L 160 41.18 16.92 21.97
CA PHE L 160 40.98 17.01 23.40
C PHE L 160 39.61 17.32 23.95
N ASP L 161 38.59 17.38 23.12
CA ASP L 161 37.28 17.74 23.65
C ASP L 161 36.82 16.77 24.75
N LEU L 162 35.71 17.11 25.42
CA LEU L 162 35.21 16.28 26.51
C LEU L 162 34.25 15.09 26.28
N ALA L 163 33.06 15.33 25.72
CA ALA L 163 32.07 14.25 25.55
C ALA L 163 31.90 13.51 24.20
N PRO L 164 32.95 12.83 23.71
CA PRO L 164 32.88 12.10 22.43
C PRO L 164 31.70 11.09 22.21
N THR L 165 30.44 11.57 22.23
CA THR L 165 29.20 10.77 22.06
C THR L 165 29.40 9.49 22.87
N ASP L 166 28.51 9.19 23.81
CA ASP L 166 28.86 8.07 24.64
C ASP L 166 29.88 7.07 24.09
N LEU L 167 30.05 6.82 22.80
CA LEU L 167 31.06 5.83 22.44
C LEU L 167 32.49 6.22 22.58
N GLY L 168 32.84 7.18 21.74
CA GLY L 168 34.17 7.72 21.74
C GLY L 168 34.41 8.11 23.17
N GLU L 169 33.34 8.57 23.84
CA GLU L 169 33.48 8.93 25.24
C GLU L 169 33.40 7.66 26.08
N ASN L 170 32.36 6.87 25.91
CA ASN L 170 32.16 5.64 26.71
C ASN L 170 33.06 4.52 26.26
N CYS L 171 33.06 4.29 24.96
CA CYS L 171 33.86 3.24 24.34
C CYS L 171 35.35 3.46 24.59
N ARG L 172 35.87 4.66 24.25
CA ARG L 172 37.27 4.90 24.48
C ARG L 172 37.58 4.50 25.93
N ARG L 173 36.68 4.90 26.82
CA ARG L 173 36.81 4.58 28.22
C ARG L 173 36.97 3.09 28.40
N ASP L 174 35.87 2.39 28.16
CA ASP L 174 35.82 0.94 28.33
C ASP L 174 37.06 0.28 27.72
N ILE L 175 37.55 0.83 26.62
CA ILE L 175 38.73 0.26 25.97
C ILE L 175 39.83 0.29 27.03
N VAL L 176 40.09 1.50 27.52
CA VAL L 176 41.11 1.76 28.54
C VAL L 176 40.95 0.84 29.74
N LEU L 177 39.85 1.04 30.46
CA LEU L 177 39.54 0.24 31.64
C LEU L 177 39.85 -1.23 31.37
N GLU L 178 39.38 -1.74 30.25
CA GLU L 178 39.63 -3.14 29.96
C GLU L 178 41.13 -3.44 29.90
N LEU L 179 41.90 -2.55 29.28
CA LEU L 179 43.33 -2.75 29.20
C LEU L 179 44.02 -2.68 30.54
N GLU L 180 43.38 -2.07 31.52
CA GLU L 180 44.01 -2.00 32.82
C GLU L 180 44.09 -3.40 33.36
N GLU L 181 43.09 -4.24 33.14
CA GLU L 181 43.24 -5.55 33.73
C GLU L 181 44.20 -6.43 33.00
N MET L 182 44.42 -6.22 31.71
CA MET L 182 45.41 -7.08 31.08
C MET L 182 46.90 -6.77 31.35
N GLY L 183 47.19 -5.67 32.05
CA GLY L 183 48.58 -5.34 32.37
C GLY L 183 49.05 -4.28 31.42
N PHE L 184 48.17 -3.31 31.23
CA PHE L 184 48.41 -2.20 30.33
C PHE L 184 48.53 -0.87 31.01
N GLU L 185 49.76 -0.44 31.25
CA GLU L 185 49.93 0.87 31.83
C GLU L 185 49.56 1.74 30.64
N ILE L 186 48.45 2.47 30.72
CA ILE L 186 48.06 3.40 29.66
C ILE L 186 48.25 4.76 30.30
N GLU L 187 49.10 5.59 29.72
CA GLU L 187 49.33 6.91 30.28
C GLU L 187 48.04 7.70 30.26
N ALA L 188 47.49 7.90 29.07
CA ALA L 188 46.23 8.63 28.94
C ALA L 188 45.63 8.66 27.52
N SER L 189 44.33 8.91 27.48
CA SER L 189 43.57 8.97 26.25
C SER L 189 42.96 10.35 26.20
N HIS L 190 42.73 10.85 25.00
CA HIS L 190 42.13 12.16 24.77
C HIS L 190 41.56 12.04 23.36
N HIS L 191 40.50 12.79 23.06
CA HIS L 191 39.93 12.72 21.73
C HIS L 191 41.04 13.21 20.81
N GLU L 192 40.78 13.35 19.52
CA GLU L 192 41.80 13.85 18.59
C GLU L 192 41.29 14.99 17.70
N VAL L 193 42.19 15.54 16.89
CA VAL L 193 41.87 16.65 16.02
C VAL L 193 40.54 16.50 15.28
N ALA L 194 40.39 15.35 14.64
CA ALA L 194 39.25 15.04 13.79
C ALA L 194 38.01 14.32 14.31
N PRO L 195 36.90 14.45 13.56
CA PRO L 195 35.65 13.81 13.93
C PRO L 195 35.96 12.31 14.07
N GLY L 196 35.61 11.74 15.22
CA GLY L 196 35.84 10.32 15.43
C GLY L 196 37.28 9.81 15.55
N GLN L 197 38.28 10.70 15.53
CA GLN L 197 39.61 10.17 15.67
C GLN L 197 39.99 10.09 17.15
N HIS L 198 40.72 9.04 17.53
CA HIS L 198 41.11 8.82 18.93
C HIS L 198 42.53 8.37 19.21
N GLU L 199 42.98 8.61 20.44
CA GLU L 199 44.31 8.24 20.83
C GLU L 199 44.44 7.78 22.29
N ILE L 200 44.88 6.55 22.45
CA ILE L 200 45.07 5.97 23.78
C ILE L 200 46.58 5.88 23.84
N ASP L 201 47.15 6.50 24.86
CA ASP L 201 48.58 6.49 24.95
C ASP L 201 49.16 5.82 26.15
N PHE L 202 49.53 4.56 25.95
CA PHE L 202 50.14 3.75 26.98
C PHE L 202 51.63 4.04 26.98
N LYS L 203 52.25 3.68 28.09
CA LYS L 203 53.63 4.00 28.40
C LYS L 203 54.77 3.05 28.38
N TYR L 204 55.90 3.71 28.32
CA TYR L 204 57.18 3.09 28.52
C TYR L 204 57.49 1.59 28.38
N ALA L 205 58.43 1.15 27.54
CA ALA L 205 58.78 -0.28 27.46
C ALA L 205 60.03 -0.79 26.67
N GLY L 206 60.41 -2.05 26.91
CA GLY L 206 61.53 -2.71 26.23
C GLY L 206 61.07 -2.96 24.79
N ALA L 207 61.90 -2.58 23.83
CA ALA L 207 61.59 -2.75 22.43
C ALA L 207 60.58 -3.86 22.19
N VAL L 208 60.97 -5.10 22.44
CA VAL L 208 60.00 -6.12 22.17
C VAL L 208 58.80 -6.02 23.11
N ARG L 209 59.06 -5.96 24.42
CA ARG L 209 57.95 -5.91 25.35
C ARG L 209 56.92 -4.88 24.90
N SER L 210 57.34 -3.86 24.17
CA SER L 210 56.40 -2.84 23.72
C SER L 210 55.64 -3.22 22.44
N CYS L 211 56.32 -3.86 21.49
CA CYS L 211 55.67 -4.27 20.24
C CYS L 211 54.59 -5.33 20.46
N ASP L 212 54.78 -6.14 21.50
CA ASP L 212 53.79 -7.16 21.85
C ASP L 212 52.56 -6.36 22.24
N ASP L 213 52.76 -5.35 23.07
CA ASP L 213 51.64 -4.54 23.48
C ASP L 213 50.98 -3.72 22.34
N ILE L 214 51.75 -3.22 21.37
CA ILE L 214 51.12 -2.48 20.27
C ILE L 214 50.14 -3.37 19.53
N GLN L 215 50.55 -4.62 19.29
CA GLN L 215 49.72 -5.58 18.58
C GLN L 215 48.50 -5.93 19.42
N THR L 216 48.76 -6.20 20.70
CA THR L 216 47.74 -6.55 21.67
C THR L 216 46.69 -5.45 21.71
N PHE L 217 47.15 -4.23 21.88
CA PHE L 217 46.26 -3.09 21.91
C PHE L 217 45.39 -3.24 20.68
N LYS L 218 46.01 -3.08 19.51
CA LYS L 218 45.33 -3.21 18.23
C LYS L 218 44.18 -4.21 18.41
N LEU L 219 44.57 -5.44 18.70
CA LEU L 219 43.65 -6.57 18.90
C LEU L 219 42.50 -6.39 19.88
N VAL L 220 42.74 -5.65 20.95
CA VAL L 220 41.71 -5.44 21.95
C VAL L 220 40.84 -4.26 21.56
N VAL L 221 41.47 -3.21 21.04
CA VAL L 221 40.70 -2.05 20.63
C VAL L 221 39.67 -2.41 19.61
N LYS L 222 40.09 -3.00 18.50
CA LYS L 222 39.08 -3.33 17.50
C LYS L 222 37.92 -4.16 18.03
N THR L 223 38.12 -4.94 19.08
CA THR L 223 37.04 -5.79 19.57
C THR L 223 36.00 -5.22 20.54
N ILE L 224 36.43 -4.40 21.49
CA ILE L 224 35.48 -3.80 22.41
C ILE L 224 34.82 -2.59 21.76
N ALA L 225 35.19 -2.35 20.50
CA ALA L 225 34.61 -1.26 19.75
C ALA L 225 33.37 -1.91 19.17
N ARG L 226 33.56 -3.14 18.70
CA ARG L 226 32.45 -3.85 18.15
C ARG L 226 31.51 -4.13 19.31
N LYS L 227 32.02 -4.67 20.42
CA LYS L 227 31.14 -4.96 21.56
C LYS L 227 30.22 -3.79 21.87
N HIS L 228 30.67 -2.58 21.53
CA HIS L 228 29.91 -1.35 21.76
C HIS L 228 29.08 -0.98 20.53
N GLY L 229 29.52 -1.44 19.36
CA GLY L 229 28.80 -1.17 18.12
C GLY L 229 29.48 -0.63 16.86
N LEU L 230 30.74 -0.20 16.96
CA LEU L 230 31.40 0.37 15.79
C LEU L 230 32.53 -0.41 15.21
N HIS L 231 33.18 0.23 14.23
CA HIS L 231 34.36 -0.34 13.61
C HIS L 231 35.44 0.48 14.28
N ALA L 232 36.57 -0.17 14.52
CA ALA L 232 37.72 0.48 15.10
C ALA L 232 38.75 0.15 14.05
N THR L 233 39.30 1.17 13.39
CA THR L 233 40.29 0.95 12.34
C THR L 233 41.53 1.81 12.44
N PHE L 234 42.67 1.22 12.12
CA PHE L 234 43.94 1.90 12.16
C PHE L 234 44.52 2.24 10.79
N MET L 235 43.67 2.36 9.77
CA MET L 235 44.18 2.70 8.45
C MET L 235 44.73 4.15 8.43
N PRO L 236 45.97 4.35 7.94
CA PRO L 236 46.66 5.66 7.87
C PRO L 236 45.88 6.96 7.55
N LYS L 237 45.00 6.92 6.55
CA LYS L 237 44.19 8.08 6.15
C LYS L 237 42.86 7.57 5.57
N PRO L 238 41.94 7.14 6.44
CA PRO L 238 40.62 6.63 6.04
C PRO L 238 39.80 7.54 5.17
N LEU L 239 39.65 8.80 5.58
CA LEU L 239 38.89 9.75 4.78
C LEU L 239 39.78 10.87 4.23
N PHE L 240 39.60 11.16 2.95
CA PHE L 240 40.36 12.19 2.27
C PHE L 240 39.91 13.53 2.78
N GLY L 241 40.85 14.47 2.87
CA GLY L 241 40.53 15.79 3.33
C GLY L 241 40.47 15.89 4.84
N VAL L 242 40.60 14.75 5.51
CA VAL L 242 40.56 14.73 6.97
C VAL L 242 41.89 14.21 7.48
N ASN L 243 42.31 14.72 8.64
CA ASN L 243 43.56 14.29 9.28
C ASN L 243 43.63 12.76 9.21
N GLY L 244 44.79 12.21 9.55
CA GLY L 244 44.97 10.77 9.44
C GLY L 244 45.35 10.13 10.73
N SER L 245 45.57 8.82 10.72
CA SER L 245 45.96 8.10 11.92
C SER L 245 47.49 8.13 11.91
N GLY L 246 48.10 8.36 13.07
CA GLY L 246 49.55 8.41 13.18
C GLY L 246 50.02 7.68 14.42
N MET L 247 51.14 6.97 14.33
CA MET L 247 51.62 6.23 15.49
C MET L 247 53.05 6.57 15.82
N HIS L 248 53.25 7.75 16.40
CA HIS L 248 54.59 8.18 16.77
C HIS L 248 55.21 7.17 17.71
N CYS L 249 56.46 6.81 17.44
CA CYS L 249 57.23 5.87 18.26
C CYS L 249 58.24 6.70 19.02
N ASN L 250 58.19 6.72 20.34
CA ASN L 250 59.18 7.48 21.08
C ASN L 250 60.31 6.54 21.44
N LEU L 251 61.54 6.94 21.18
CA LEU L 251 62.67 6.08 21.44
C LEU L 251 63.66 6.61 22.49
N SER L 252 64.41 5.70 23.09
CA SER L 252 65.36 6.06 24.13
C SER L 252 66.34 4.92 24.46
N LEU L 253 67.54 4.98 23.86
CA LEU L 253 68.60 3.98 24.08
C LEU L 253 69.22 4.10 25.46
N PHE L 254 69.17 3.02 26.21
CA PHE L 254 69.77 3.02 27.53
C PHE L 254 71.08 2.25 27.51
N LYS L 255 71.87 2.52 28.54
CA LYS L 255 73.13 1.86 28.75
C LYS L 255 73.31 1.91 30.27
N ASN L 256 73.52 0.73 30.86
CA ASN L 256 73.72 0.56 32.30
C ASN L 256 72.65 1.22 33.16
N GLY L 257 71.41 0.75 33.01
CA GLY L 257 70.34 1.31 33.80
C GLY L 257 70.32 2.84 33.83
N VAL L 258 70.99 3.45 32.86
CA VAL L 258 71.00 4.90 32.76
C VAL L 258 70.86 5.28 31.31
N ASN L 259 70.11 6.35 31.11
CA ASN L 259 69.76 6.91 29.81
C ASN L 259 70.87 7.65 29.03
N ALA L 260 71.39 7.01 28.00
CA ALA L 260 72.49 7.55 27.17
C ALA L 260 72.31 8.95 26.59
N PHE L 261 71.13 9.20 26.03
CA PHE L 261 70.76 10.47 25.40
C PHE L 261 71.02 11.67 26.26
N PHE L 262 70.70 11.50 27.53
CA PHE L 262 70.84 12.55 28.53
C PHE L 262 72.22 13.18 28.63
N ASP L 263 72.25 14.41 29.16
CA ASP L 263 73.51 15.11 29.35
C ASP L 263 73.30 16.58 29.70
N GLU L 264 73.06 16.84 30.99
CA GLU L 264 72.83 18.17 31.54
C GLU L 264 73.80 19.22 31.01
N ASN L 265 75.10 18.96 31.17
CA ASN L 265 76.07 19.96 30.72
C ASN L 265 76.03 20.33 29.26
N ALA L 266 75.32 19.60 28.40
CA ALA L 266 75.33 19.98 26.98
C ALA L 266 74.19 20.82 26.41
N ASP L 267 74.40 21.31 25.18
CA ASP L 267 73.36 22.11 24.53
C ASP L 267 72.13 21.20 24.55
N LEU L 268 70.96 21.80 24.66
CA LEU L 268 69.71 21.06 24.75
C LEU L 268 69.76 19.90 25.73
N GLN L 269 70.80 19.81 26.54
CA GLN L 269 70.84 18.68 27.47
C GLN L 269 70.65 17.40 26.69
N LEU L 270 71.31 17.31 25.53
CA LEU L 270 71.25 16.12 24.69
C LEU L 270 72.67 15.61 24.47
N SER L 271 72.86 14.32 24.71
CA SER L 271 74.17 13.65 24.58
C SER L 271 74.71 13.61 23.15
N GLU L 272 75.98 13.23 23.01
CA GLU L 272 76.61 13.13 21.68
C GLU L 272 76.11 11.86 21.06
N THR L 273 76.00 10.84 21.90
CA THR L 273 75.49 9.53 21.52
C THR L 273 74.12 9.69 20.90
N ALA L 274 73.45 10.79 21.29
CA ALA L 274 72.13 11.16 20.81
C ALA L 274 72.25 12.18 19.66
N LYS L 275 73.30 13.02 19.65
CA LYS L 275 73.48 13.97 18.54
C LYS L 275 73.98 13.14 17.40
N HIS L 276 74.02 11.83 17.67
CA HIS L 276 74.46 10.80 16.73
C HIS L 276 73.24 9.95 16.31
N PHE L 277 72.46 9.48 17.29
CA PHE L 277 71.29 8.68 16.98
C PHE L 277 70.52 9.50 15.96
N ILE L 278 70.08 10.67 16.40
CA ILE L 278 69.35 11.63 15.55
C ILE L 278 69.99 11.64 14.14
N ALA L 279 71.32 11.71 14.09
CA ALA L 279 72.05 11.78 12.81
C ALA L 279 72.07 10.53 11.96
N GLY L 280 71.67 9.41 12.54
CA GLY L 280 71.63 8.20 11.76
C GLY L 280 70.22 8.15 11.19
N ILE L 281 69.24 8.44 12.04
CA ILE L 281 67.85 8.42 11.62
C ILE L 281 67.62 9.34 10.42
N VAL L 282 68.37 10.43 10.34
CA VAL L 282 68.14 11.33 9.23
C VAL L 282 68.91 11.01 7.95
N LYS L 283 69.61 9.87 7.95
CA LYS L 283 70.40 9.43 6.78
C LYS L 283 69.63 8.39 5.97
N HIS L 284 68.86 7.57 6.66
CA HIS L 284 68.06 6.52 6.01
C HIS L 284 66.58 6.79 6.15
N ALA L 285 66.21 8.04 6.41
CA ALA L 285 64.80 8.36 6.57
C ALA L 285 63.92 7.98 5.38
N THR L 286 64.27 8.38 4.17
CA THR L 286 63.45 8.01 3.03
C THR L 286 63.62 6.52 2.65
N SER L 287 64.60 5.87 3.25
CA SER L 287 64.82 4.49 2.92
C SER L 287 64.15 3.49 3.82
N PHE L 288 63.93 3.81 5.10
CA PHE L 288 63.28 2.82 5.95
C PHE L 288 61.82 3.23 6.08
N THR L 289 61.51 4.33 5.39
CA THR L 289 60.16 4.89 5.36
C THR L 289 59.22 3.77 4.94
N ALA L 290 59.60 3.13 3.83
CA ALA L 290 58.87 2.04 3.21
C ALA L 290 58.45 0.91 4.14
N VAL L 291 59.03 0.89 5.34
CA VAL L 291 58.70 -0.14 6.31
C VAL L 291 57.81 0.39 7.41
N THR L 292 58.04 1.65 7.77
CA THR L 292 57.27 2.29 8.83
C THR L 292 55.96 2.83 8.29
N ASN L 293 55.85 2.84 6.97
CA ASN L 293 54.65 3.30 6.29
C ASN L 293 54.42 2.22 5.26
N PRO L 294 54.20 0.97 5.73
CA PRO L 294 53.98 -0.19 4.86
C PRO L 294 52.91 -0.10 3.78
N THR L 295 52.16 0.99 3.71
CA THR L 295 51.08 0.99 2.74
C THR L 295 50.84 2.11 1.74
N VAL L 296 50.06 1.75 0.72
CA VAL L 296 49.65 2.63 -0.37
C VAL L 296 48.74 3.73 0.16
N ASN L 297 48.15 3.47 1.32
CA ASN L 297 47.29 4.46 1.95
C ASN L 297 48.21 5.37 2.75
N SER L 298 49.22 4.75 3.36
CA SER L 298 50.21 5.43 4.19
C SER L 298 50.83 6.69 3.62
N TYR L 299 50.91 6.80 2.29
CA TYR L 299 51.49 8.00 1.69
C TYR L 299 50.45 8.97 1.12
N LYS L 300 49.22 8.83 1.59
CA LYS L 300 48.12 9.70 1.19
C LYS L 300 47.74 10.50 2.45
N ARG L 301 48.55 10.30 3.48
CA ARG L 301 48.45 10.98 4.78
C ARG L 301 49.70 11.86 4.78
N LEU L 302 50.78 11.30 4.22
CA LEU L 302 52.04 11.99 4.09
C LEU L 302 51.87 12.98 2.94
N VAL L 303 51.03 13.96 3.22
CA VAL L 303 50.71 15.03 2.30
C VAL L 303 50.88 16.26 3.21
N PRO L 304 51.30 17.40 2.66
CA PRO L 304 51.49 18.55 3.54
C PRO L 304 50.23 19.18 4.05
N GLY L 305 50.30 19.61 5.30
CA GLY L 305 49.17 20.27 5.92
C GLY L 305 48.62 19.62 7.16
N TYR L 306 48.50 18.29 7.15
CA TYR L 306 47.92 17.54 8.26
C TYR L 306 48.72 17.16 9.49
N GLU L 307 49.86 17.80 9.74
CA GLU L 307 50.67 17.47 10.92
C GLU L 307 51.48 16.18 10.76
N ALA L 308 51.52 15.62 9.55
CA ALA L 308 52.30 14.38 9.30
C ALA L 308 53.57 14.82 8.54
N PRO L 309 54.73 14.20 8.81
CA PRO L 309 55.88 14.70 8.08
C PRO L 309 55.84 14.57 6.57
N CYS L 310 56.72 15.35 5.93
CA CYS L 310 56.92 15.37 4.49
C CYS L 310 58.44 15.55 4.32
N TYR L 311 59.06 16.13 5.36
CA TYR L 311 60.46 16.51 5.46
C TYR L 311 61.47 15.88 6.43
N VAL L 312 62.59 15.46 5.87
CA VAL L 312 63.69 14.85 6.60
C VAL L 312 64.43 15.97 7.32
N ALA L 313 64.07 16.22 8.57
CA ALA L 313 64.70 17.29 9.35
C ALA L 313 64.25 17.17 10.81
N TRP L 314 65.12 17.50 11.76
CA TRP L 314 64.74 17.38 13.17
C TRP L 314 64.66 18.67 13.96
N SER L 315 63.63 18.77 14.80
CA SER L 315 63.42 19.97 15.60
C SER L 315 62.96 19.60 16.99
N ALA L 316 63.14 20.53 17.93
CA ALA L 316 62.72 20.36 19.31
C ALA L 316 61.33 21.00 19.43
N GLN L 317 60.93 21.66 18.35
CA GLN L 317 59.65 22.34 18.35
C GLN L 317 59.23 22.89 16.98
N ASN L 318 58.76 22.01 16.10
CA ASN L 318 58.31 22.46 14.78
C ASN L 318 57.02 21.78 14.33
N ARG L 319 56.36 22.45 13.39
CA ARG L 319 55.09 22.09 12.77
C ARG L 319 54.93 20.61 12.39
N SER L 320 55.71 20.16 11.43
CA SER L 320 55.68 18.77 11.03
C SER L 320 57.14 18.42 10.85
N PRO L 321 57.82 18.12 11.97
CA PRO L 321 59.23 17.74 11.88
C PRO L 321 59.24 16.25 11.66
N LEU L 322 60.26 15.72 11.00
CA LEU L 322 60.32 14.27 10.80
C LEU L 322 60.61 13.67 12.16
N ILE L 323 61.20 14.50 13.00
CA ILE L 323 61.54 14.09 14.34
C ILE L 323 61.22 15.21 15.29
N ARG L 324 60.68 14.82 16.45
CA ARG L 324 60.41 15.81 17.46
C ARG L 324 61.14 15.32 18.68
N ILE L 325 61.80 16.26 19.33
CA ILE L 325 62.57 16.01 20.52
C ILE L 325 61.89 16.79 21.64
N PRO L 326 60.80 16.20 22.18
CA PRO L 326 59.88 16.62 23.24
C PRO L 326 60.61 17.30 24.38
N ALA L 327 60.15 18.49 24.74
CA ALA L 327 60.79 19.23 25.81
C ALA L 327 61.51 18.33 26.84
N SER L 328 60.77 17.37 27.38
CA SER L 328 61.25 16.43 28.42
C SER L 328 62.69 15.83 28.50
N ARG L 329 63.36 16.12 29.61
CA ARG L 329 64.72 15.63 29.86
C ARG L 329 64.72 14.65 31.03
N GLY L 330 65.89 14.38 31.62
CA GLY L 330 65.96 13.45 32.74
C GLY L 330 65.86 12.05 32.20
N ILE L 331 65.07 11.17 32.84
CA ILE L 331 64.97 9.79 32.36
C ILE L 331 64.25 9.76 31.04
N SER L 332 63.14 10.47 30.97
CA SER L 332 62.39 10.48 29.75
C SER L 332 62.80 11.60 28.80
N THR L 333 64.05 11.50 28.36
CA THR L 333 64.61 12.38 27.35
C THR L 333 64.25 11.40 26.24
N ARG L 334 63.89 11.87 25.05
CA ARG L 334 63.56 10.91 24.01
C ARG L 334 63.30 11.51 22.66
N VAL L 335 63.70 10.78 21.63
CA VAL L 335 63.52 11.23 20.29
C VAL L 335 62.28 10.66 19.62
N GLU L 336 61.25 11.47 19.53
CA GLU L 336 60.02 11.04 18.88
C GLU L 336 60.18 11.06 17.34
N VAL L 337 59.88 9.92 16.70
CA VAL L 337 59.92 9.77 15.23
C VAL L 337 58.46 9.68 14.80
N ARG L 338 57.99 10.66 14.01
CA ARG L 338 56.57 10.74 13.62
C ARG L 338 56.03 10.19 12.28
N SER L 339 56.90 9.64 11.42
CA SER L 339 56.40 9.15 10.13
C SER L 339 55.85 7.72 10.11
N VAL L 340 55.97 6.98 11.22
CA VAL L 340 55.43 5.61 11.28
C VAL L 340 53.90 5.74 11.38
N ASP L 341 53.17 4.74 10.91
CA ASP L 341 51.70 4.74 11.06
C ASP L 341 51.31 3.36 11.59
N PRO L 342 50.17 3.26 12.29
CA PRO L 342 49.64 2.03 12.89
C PRO L 342 49.48 0.78 12.03
N ALA L 343 49.79 0.87 10.75
CA ALA L 343 49.69 -0.29 9.88
C ALA L 343 51.02 -1.00 9.91
N ALA L 344 52.08 -0.19 9.89
CA ALA L 344 53.46 -0.68 9.93
C ALA L 344 53.56 -1.90 10.82
N ASN L 345 54.37 -2.86 10.40
CA ASN L 345 54.53 -4.03 11.23
C ASN L 345 55.34 -3.49 12.38
N PRO L 346 54.82 -3.56 13.60
CA PRO L 346 55.63 -3.04 14.68
C PRO L 346 57.09 -3.51 14.68
N TYR L 347 57.31 -4.83 14.77
CA TYR L 347 58.68 -5.33 14.83
C TYR L 347 59.59 -5.05 13.63
N LEU L 348 59.01 -4.65 12.49
CA LEU L 348 59.81 -4.35 11.31
C LEU L 348 60.02 -2.85 11.19
N ALA L 349 59.38 -2.10 12.07
CA ALA L 349 59.51 -0.65 12.07
C ALA L 349 60.57 -0.37 13.12
N LEU L 350 60.66 -1.29 14.08
CA LEU L 350 61.60 -1.19 15.16
C LEU L 350 62.99 -1.65 14.76
N SER L 351 63.08 -2.53 13.77
CA SER L 351 64.38 -2.99 13.32
C SER L 351 65.06 -1.96 12.45
N VAL L 352 64.41 -1.50 11.38
CA VAL L 352 65.07 -0.47 10.56
C VAL L 352 65.20 0.82 11.36
N LEU L 353 64.35 1.00 12.38
CA LEU L 353 64.44 2.21 13.19
C LEU L 353 65.55 2.15 14.22
N LEU L 354 65.53 1.16 15.10
CA LEU L 354 66.64 1.05 16.05
C LEU L 354 67.92 1.13 15.18
N ALA L 355 68.11 0.18 14.27
CA ALA L 355 69.27 0.17 13.38
C ALA L 355 69.86 1.52 12.93
N ALA L 356 69.11 2.27 12.12
CA ALA L 356 69.61 3.54 11.61
C ALA L 356 70.23 4.31 12.73
N GLY L 357 69.74 4.12 13.94
CA GLY L 357 70.38 4.91 14.98
C GLY L 357 71.79 4.43 15.21
N LEU L 358 71.91 3.11 15.32
CA LEU L 358 73.20 2.50 15.59
C LEU L 358 74.20 2.77 14.46
N ASP L 359 73.75 2.92 13.22
CA ASP L 359 74.68 3.22 12.12
C ASP L 359 75.18 4.63 12.38
N GLY L 360 74.39 5.33 13.21
CA GLY L 360 74.68 6.69 13.60
C GLY L 360 75.69 6.75 14.72
N ILE L 361 75.49 5.97 15.77
CA ILE L 361 76.45 5.97 16.87
C ILE L 361 77.65 5.07 16.50
N LYS L 362 77.37 4.00 15.76
CA LYS L 362 78.40 3.07 15.29
C LYS L 362 79.46 3.88 14.50
N ASN L 363 79.01 4.59 13.47
CA ASN L 363 79.90 5.42 12.66
C ASN L 363 80.26 6.80 13.20
N LYS L 364 79.43 7.33 14.07
CA LYS L 364 79.63 8.65 14.63
C LYS L 364 79.26 9.70 13.59
N LEU L 365 77.98 9.84 13.31
CA LEU L 365 77.53 10.81 12.32
C LEU L 365 77.21 12.14 13.00
N GLU L 366 77.41 13.23 12.29
CA GLU L 366 77.12 14.54 12.84
C GLU L 366 75.71 14.92 12.50
N ALA L 367 74.90 15.22 13.51
CA ALA L 367 73.56 15.61 13.20
C ALA L 367 73.60 16.94 12.51
N PRO L 368 72.61 17.20 11.69
CA PRO L 368 72.56 18.46 10.97
C PRO L 368 72.02 19.53 11.84
N ALA L 369 71.87 20.64 11.17
CA ALA L 369 71.29 21.76 11.86
C ALA L 369 69.81 21.48 11.93
N PRO L 370 69.31 21.24 13.13
CA PRO L 370 67.89 20.97 13.33
C PRO L 370 67.16 22.14 12.64
N ILE L 371 65.84 22.04 12.44
CA ILE L 371 65.09 23.11 11.77
C ILE L 371 63.92 23.62 12.59
N ASP L 372 64.05 24.78 13.20
CA ASP L 372 62.95 25.28 14.00
C ASP L 372 61.94 26.16 13.27
N ARG L 373 62.36 26.86 12.23
CA ARG L 373 61.41 27.72 11.53
C ARG L 373 60.64 27.06 10.37
N ASN L 374 60.69 27.65 9.17
CA ASN L 374 59.90 27.08 8.07
C ASN L 374 60.53 26.23 6.94
N ILE L 375 60.13 24.97 6.92
CA ILE L 375 60.56 24.02 5.90
C ILE L 375 59.36 23.87 4.97
N TYR L 376 58.26 24.49 5.38
CA TYR L 376 57.04 24.44 4.61
C TYR L 376 57.06 25.41 3.45
N VAL L 377 57.49 26.63 3.71
CA VAL L 377 57.57 27.69 2.71
C VAL L 377 58.46 27.39 1.52
N MET L 378 59.66 26.90 1.82
CA MET L 378 60.69 26.58 0.82
C MET L 378 60.21 25.63 -0.28
N SER L 379 61.04 25.45 -1.30
CA SER L 379 60.71 24.57 -2.42
C SER L 379 61.40 23.22 -2.25
N LYS L 380 61.14 22.31 -3.20
CA LYS L 380 61.76 20.99 -3.21
C LYS L 380 63.15 21.25 -3.83
N GLU L 381 63.48 22.53 -3.99
CA GLU L 381 64.77 22.98 -4.56
C GLU L 381 65.44 23.98 -3.61
N GLU L 382 64.62 24.75 -2.91
CA GLU L 382 65.08 25.76 -1.97
C GLU L 382 65.38 25.07 -0.66
N ARG L 383 64.50 24.15 -0.31
CA ARG L 383 64.61 23.41 0.92
C ARG L 383 65.39 22.12 0.68
N MET L 384 65.86 21.94 -0.56
CA MET L 384 66.65 20.77 -0.91
C MET L 384 68.10 21.24 -1.00
N GLU L 385 68.34 22.43 -0.44
CA GLU L 385 69.67 23.06 -0.41
C GLU L 385 70.26 22.72 0.94
N ASN L 386 69.38 22.55 1.93
CA ASN L 386 69.76 22.22 3.30
C ASN L 386 69.55 20.69 3.50
N GLY L 387 70.00 20.17 4.64
CA GLY L 387 69.87 18.74 4.88
C GLY L 387 68.45 18.23 4.97
N ILE L 388 67.59 18.72 4.07
CA ILE L 388 66.16 18.38 4.02
C ILE L 388 65.75 17.65 2.74
N VAL L 389 65.64 16.32 2.76
CA VAL L 389 65.23 15.55 1.57
C VAL L 389 63.76 15.21 1.74
N ASP L 390 62.95 15.34 0.70
CA ASP L 390 61.54 15.00 0.89
C ASP L 390 61.43 13.57 1.39
N LEU L 391 60.23 13.19 1.82
CA LEU L 391 60.01 11.83 2.25
C LEU L 391 59.47 11.18 0.98
N PRO L 392 59.45 9.84 0.92
CA PRO L 392 58.95 9.10 -0.25
C PRO L 392 57.52 9.57 -0.55
N ALA L 393 57.09 9.51 -1.79
CA ALA L 393 55.76 10.03 -2.09
C ALA L 393 54.65 8.99 -2.34
N THR L 394 55.08 7.74 -2.52
CA THR L 394 54.22 6.58 -2.71
C THR L 394 54.93 5.30 -2.29
N LEU L 395 54.14 4.34 -1.83
CA LEU L 395 54.70 3.09 -1.36
C LEU L 395 55.74 2.74 -2.39
N ALA L 396 55.55 3.26 -3.61
CA ALA L 396 56.48 3.04 -4.73
C ALA L 396 57.86 3.69 -4.49
N GLU L 397 57.91 5.02 -4.48
CA GLU L 397 59.15 5.74 -4.24
C GLU L 397 59.90 5.16 -3.03
N ALA L 398 59.18 4.49 -2.13
CA ALA L 398 59.80 3.95 -0.91
C ALA L 398 60.58 2.63 -1.01
N LEU L 399 60.22 1.81 -1.99
CA LEU L 399 60.88 0.53 -2.15
C LEU L 399 62.05 0.74 -3.11
N GLU L 400 61.95 1.80 -3.91
CA GLU L 400 63.00 2.10 -4.86
C GLU L 400 64.16 2.72 -4.09
N GLU L 401 63.91 3.06 -2.83
CA GLU L 401 64.94 3.62 -1.98
C GLU L 401 65.40 2.54 -0.98
N PHE L 402 64.45 1.76 -0.49
CA PHE L 402 64.70 0.72 0.50
C PHE L 402 65.60 -0.36 -0.05
N LYS L 403 65.25 -0.77 -1.26
CA LYS L 403 65.99 -1.79 -1.97
C LYS L 403 67.44 -1.33 -1.99
N SER L 404 67.60 -0.08 -2.39
CA SER L 404 68.87 0.61 -2.56
C SER L 404 69.82 0.71 -1.38
N ASN L 405 69.30 1.20 -0.27
CA ASN L 405 70.08 1.41 0.92
C ASN L 405 70.74 0.19 1.54
N GLU L 406 72.07 0.13 1.41
CA GLU L 406 72.88 -0.96 1.94
C GLU L 406 72.49 -1.42 3.36
N VAL L 407 72.54 -0.51 4.32
CA VAL L 407 72.25 -0.86 5.71
C VAL L 407 70.83 -1.27 6.06
N MET L 408 69.88 -1.02 5.15
CA MET L 408 68.49 -1.38 5.42
C MET L 408 68.23 -2.87 5.19
N VAL L 409 68.69 -3.35 4.05
CA VAL L 409 68.57 -4.75 3.73
C VAL L 409 69.05 -5.53 4.97
N LYS L 410 70.26 -5.23 5.43
CA LYS L 410 70.82 -5.91 6.60
C LYS L 410 69.97 -5.93 7.88
N ALA L 411 69.17 -4.90 8.13
CA ALA L 411 68.35 -4.79 9.35
C ALA L 411 67.15 -5.73 9.47
N LEU L 412 66.88 -6.47 8.40
CA LEU L 412 65.77 -7.42 8.38
C LEU L 412 66.37 -8.79 8.25
N GLY L 413 66.89 -9.06 7.07
CA GLY L 413 67.51 -10.33 6.86
C GLY L 413 67.56 -10.65 5.40
N GLU L 414 68.08 -11.83 5.16
CA GLU L 414 68.19 -12.34 3.82
C GLU L 414 66.78 -12.45 3.27
N HIS L 415 66.04 -13.31 3.97
CA HIS L 415 64.69 -13.73 3.69
C HIS L 415 63.49 -12.82 3.99
N LEU L 416 63.55 -12.05 5.06
CA LEU L 416 62.45 -11.14 5.38
C LEU L 416 62.37 -10.07 4.28
N PHE L 417 63.49 -9.39 4.11
CA PHE L 417 63.65 -8.33 3.14
C PHE L 417 63.10 -8.81 1.81
N GLU L 418 63.53 -10.00 1.44
CA GLU L 418 63.13 -10.52 0.16
C GLU L 418 61.65 -10.70 0.03
N HIS L 419 61.03 -11.42 0.97
CA HIS L 419 59.60 -11.67 0.86
C HIS L 419 58.73 -10.44 0.97
N PHE L 420 59.21 -9.50 1.76
CA PHE L 420 58.57 -8.22 1.99
C PHE L 420 58.64 -7.46 0.64
N ILE L 421 59.84 -7.33 0.04
CA ILE L 421 59.95 -6.64 -1.28
C ILE L 421 59.25 -7.48 -2.35
N GLU L 422 59.08 -8.76 -2.08
CA GLU L 422 58.39 -9.63 -3.01
C GLU L 422 56.91 -9.34 -2.89
N ALA L 423 56.48 -9.08 -1.65
CA ALA L 423 55.09 -8.82 -1.28
C ALA L 423 54.49 -7.40 -1.47
N LYS L 424 55.24 -6.38 -1.07
CA LYS L 424 54.74 -5.01 -1.18
C LYS L 424 54.68 -4.51 -2.60
N GLU L 425 55.29 -5.24 -3.51
CA GLU L 425 55.22 -4.82 -4.88
C GLU L 425 53.92 -5.37 -5.44
N ILE L 426 53.61 -6.64 -5.14
CA ILE L 426 52.35 -7.21 -5.61
C ILE L 426 51.30 -6.21 -5.26
N GLU L 427 51.52 -5.54 -4.14
CA GLU L 427 50.58 -4.54 -3.68
C GLU L 427 50.56 -3.33 -4.57
N TRP L 428 51.62 -2.52 -4.61
CA TRP L 428 51.57 -1.34 -5.49
C TRP L 428 51.12 -1.80 -6.88
N ASP L 429 51.39 -3.07 -7.18
CA ASP L 429 51.06 -3.71 -8.44
C ASP L 429 49.56 -3.88 -8.76
N MET L 430 48.72 -3.98 -7.76
CA MET L 430 47.29 -4.17 -8.00
C MET L 430 46.63 -2.81 -8.00
N PHE L 431 47.27 -1.88 -7.33
CA PHE L 431 46.73 -0.55 -7.22
C PHE L 431 47.08 0.26 -8.47
N ARG L 432 48.26 0.02 -9.02
CA ARG L 432 48.68 0.75 -10.20
C ARG L 432 47.90 0.38 -11.47
N THR L 433 47.47 -0.88 -11.58
CA THR L 433 46.72 -1.27 -12.77
C THR L 433 45.22 -1.16 -12.52
N GLN L 434 44.85 -0.54 -11.39
CA GLN L 434 43.44 -0.35 -11.00
C GLN L 434 42.77 0.90 -11.60
N VAL L 435 41.45 0.82 -11.81
CA VAL L 435 40.69 1.93 -12.39
C VAL L 435 39.60 2.45 -11.44
N HIS L 436 40.04 3.28 -10.48
CA HIS L 436 39.20 3.90 -9.46
C HIS L 436 38.16 4.87 -10.00
N PRO L 437 36.97 4.92 -9.39
CA PRO L 437 35.92 5.84 -9.86
C PRO L 437 36.31 7.34 -9.96
N TRP L 438 37.48 7.72 -9.44
CA TRP L 438 37.95 9.11 -9.54
C TRP L 438 38.35 9.29 -10.98
N GLU L 439 39.16 8.36 -11.45
CA GLU L 439 39.68 8.29 -12.83
C GLU L 439 38.55 8.45 -13.87
N ARG L 440 37.43 7.79 -13.57
CA ARG L 440 36.23 7.82 -14.41
C ARG L 440 35.42 9.10 -14.18
N GLU L 441 35.42 9.63 -12.95
CA GLU L 441 34.69 10.85 -12.71
C GLU L 441 35.27 11.94 -13.64
N GLN L 442 36.60 11.95 -13.80
CA GLN L 442 37.33 12.93 -14.63
C GLN L 442 37.35 12.75 -16.15
N TYR L 443 37.81 11.59 -16.55
CA TYR L 443 38.03 11.31 -17.95
C TYR L 443 36.90 10.84 -18.88
N MET L 444 35.75 10.46 -18.34
CA MET L 444 34.66 9.99 -19.20
C MET L 444 33.79 11.08 -19.85
N SER L 445 33.38 12.07 -19.06
CA SER L 445 32.55 13.18 -19.54
C SER L 445 33.42 14.15 -20.33
N GLN L 446 34.72 14.10 -20.03
CA GLN L 446 35.69 14.95 -20.67
C GLN L 446 36.09 14.40 -22.05
N TYR L 447 36.92 13.36 -22.05
CA TYR L 447 37.41 12.77 -23.29
C TYR L 447 36.44 11.93 -24.13
N ALA M 5 43.26 25.77 -52.35
CA ALA M 5 42.53 25.66 -51.05
C ALA M 5 41.26 24.81 -51.23
N LYS M 6 40.22 25.12 -50.46
CA LYS M 6 38.93 24.41 -50.56
C LYS M 6 37.68 25.31 -50.64
N TYR M 7 37.67 26.47 -49.97
CA TYR M 7 36.55 27.42 -50.09
C TYR M 7 37.19 28.79 -50.09
N THR M 8 36.62 29.71 -50.87
CA THR M 8 37.13 31.07 -50.88
C THR M 8 36.13 31.92 -50.11
N ARG M 9 36.60 33.03 -49.54
CA ARG M 9 35.77 33.93 -48.75
C ARG M 9 34.32 33.98 -49.21
N GLU M 10 34.12 34.59 -50.37
CA GLU M 10 32.81 34.73 -50.99
C GLU M 10 32.07 33.39 -51.08
N ASP M 11 32.83 32.30 -51.13
CA ASP M 11 32.26 30.95 -51.25
C ASP M 11 31.51 30.50 -50.00
N ILE M 12 32.01 30.88 -48.83
CA ILE M 12 31.33 30.51 -47.59
C ILE M 12 30.16 31.48 -47.44
N GLU M 13 30.29 32.65 -48.06
CA GLU M 13 29.27 33.69 -48.02
C GLU M 13 28.14 33.38 -48.98
N LYS M 14 28.48 32.73 -50.10
CA LYS M 14 27.46 32.37 -51.10
C LYS M 14 26.66 31.18 -50.56
N LEU M 15 27.29 30.41 -49.69
CA LEU M 15 26.68 29.23 -49.08
C LEU M 15 25.77 29.55 -47.90
N VAL M 16 26.25 30.39 -46.99
CA VAL M 16 25.46 30.73 -45.82
C VAL M 16 24.07 31.20 -46.23
N LYS M 17 24.03 32.12 -47.19
CA LYS M 17 22.77 32.67 -47.71
C LYS M 17 21.75 31.61 -48.14
N GLU M 18 22.15 30.73 -49.05
CA GLU M 18 21.25 29.67 -49.52
C GLU M 18 20.80 28.70 -48.40
N GLU M 19 21.71 27.84 -47.95
CA GLU M 19 21.47 26.82 -46.92
C GLU M 19 20.99 27.34 -45.57
N ASN M 20 21.18 28.63 -45.39
CA ASN M 20 20.74 29.27 -44.18
C ASN M 20 21.39 28.92 -42.85
N VAL M 21 22.58 29.48 -42.65
CA VAL M 21 23.31 29.31 -41.39
C VAL M 21 22.80 30.48 -40.53
N LYS M 22 22.54 30.20 -39.26
CA LYS M 22 22.04 31.22 -38.37
C LYS M 22 22.88 31.38 -37.11
N TYR M 23 23.60 30.32 -36.74
CA TYR M 23 24.49 30.41 -35.61
C TYR M 23 25.86 30.05 -36.18
N ILE M 24 26.92 30.52 -35.54
CA ILE M 24 28.25 30.20 -36.01
C ILE M 24 29.19 30.03 -34.84
N ARG M 25 29.87 28.89 -34.83
CA ARG M 25 30.78 28.62 -33.77
C ARG M 25 32.07 29.16 -34.31
N LEU M 26 33.11 29.02 -33.53
CA LEU M 26 34.44 29.44 -33.90
C LEU M 26 35.21 28.59 -32.88
N GLN M 27 35.46 27.35 -33.30
CA GLN M 27 36.14 26.33 -32.50
C GLN M 27 37.67 26.37 -32.52
N PHE M 28 38.28 26.11 -31.36
CA PHE M 28 39.73 26.05 -31.19
C PHE M 28 39.98 25.06 -30.07
N THR M 29 41.05 24.28 -30.15
CA THR M 29 41.35 23.27 -29.12
C THR M 29 42.38 23.72 -28.10
N ASP M 30 42.20 23.29 -26.86
CA ASP M 30 43.11 23.67 -25.77
C ASP M 30 44.24 22.68 -25.47
N ILE M 31 45.18 23.15 -24.65
CA ILE M 31 46.35 22.37 -24.26
C ILE M 31 46.03 21.00 -23.63
N LEU M 32 44.90 20.89 -22.94
CA LEU M 32 44.53 19.62 -22.29
C LEU M 32 43.93 18.60 -23.25
N GLY M 33 43.10 19.08 -24.17
CA GLY M 33 42.48 18.20 -25.13
C GLY M 33 41.11 18.70 -25.54
N THR M 34 40.36 19.18 -24.56
CA THR M 34 39.01 19.68 -24.80
C THR M 34 38.89 20.50 -26.08
N ILE M 35 37.72 20.42 -26.73
CA ILE M 35 37.45 21.22 -27.93
C ILE M 35 36.65 22.40 -27.44
N LYS M 36 37.17 23.59 -27.67
CA LYS M 36 36.49 24.78 -27.21
C LYS M 36 35.94 25.58 -28.36
N ASN M 37 35.24 26.65 -28.02
CA ASN M 37 34.62 27.48 -29.04
C ASN M 37 34.03 28.76 -28.48
N VAL M 38 34.26 29.86 -29.17
CA VAL M 38 33.64 31.13 -28.79
C VAL M 38 32.56 31.11 -29.87
N GLU M 39 31.31 31.40 -29.54
CA GLU M 39 30.23 31.32 -30.54
C GLU M 39 29.41 32.56 -30.89
N ILE M 40 29.54 32.97 -32.15
CA ILE M 40 28.88 34.14 -32.73
C ILE M 40 27.72 33.81 -33.71
N PRO M 41 26.80 34.77 -33.97
CA PRO M 41 25.71 34.48 -34.92
C PRO M 41 26.02 34.92 -36.36
N VAL M 42 25.24 34.43 -37.32
CA VAL M 42 25.52 34.77 -38.70
C VAL M 42 25.76 36.26 -39.01
N SER M 43 25.35 37.14 -38.09
CA SER M 43 25.45 38.62 -38.21
C SER M 43 26.77 39.32 -37.78
N GLN M 44 27.67 38.53 -37.21
CA GLN M 44 28.99 38.97 -36.77
C GLN M 44 30.00 38.22 -37.60
N LEU M 45 29.50 37.63 -38.68
CA LEU M 45 30.32 36.85 -39.59
C LEU M 45 31.17 37.77 -40.46
N GLY M 46 30.90 39.07 -40.37
CA GLY M 46 31.67 40.06 -41.12
C GLY M 46 33.06 40.16 -40.55
N LYS M 47 33.12 40.43 -39.25
CA LYS M 47 34.37 40.52 -38.53
C LYS M 47 34.95 39.11 -38.28
N ALA M 48 34.15 38.09 -38.57
CA ALA M 48 34.56 36.71 -38.36
C ALA M 48 35.57 36.26 -39.42
N LEU M 49 35.54 36.88 -40.61
CA LEU M 49 36.47 36.56 -41.69
C LEU M 49 37.64 37.53 -41.66
N ASP M 50 37.31 38.75 -41.22
CA ASP M 50 38.26 39.85 -41.06
C ASP M 50 39.30 39.51 -39.99
N ASN M 51 39.06 38.44 -39.24
CA ASN M 51 39.96 38.05 -38.17
C ASN M 51 39.99 39.14 -37.11
N LYS M 52 38.87 39.82 -36.92
CA LYS M 52 38.83 40.89 -35.94
C LYS M 52 38.23 40.48 -34.59
N VAL M 53 37.53 39.34 -34.58
CA VAL M 53 36.86 38.80 -33.39
C VAL M 53 37.76 38.40 -32.20
N MET M 54 37.88 39.32 -31.25
CA MET M 54 38.74 39.08 -30.11
C MET M 54 38.22 38.09 -29.09
N PHE M 55 39.09 37.76 -28.14
CA PHE M 55 38.72 36.87 -27.07
C PHE M 55 39.82 36.60 -26.06
N ASP M 56 39.40 36.07 -24.90
CA ASP M 56 40.30 35.70 -23.83
C ASP M 56 41.03 34.44 -24.28
N GLY M 57 42.28 34.62 -24.73
CA GLY M 57 43.08 33.52 -25.24
C GLY M 57 43.80 32.64 -24.22
N SER M 58 43.46 32.82 -22.95
CA SER M 58 44.05 32.03 -21.88
C SER M 58 43.09 30.90 -21.56
N SER M 59 41.96 30.92 -22.27
CA SER M 59 40.94 29.88 -22.15
C SER M 59 41.67 28.60 -22.50
N ILE M 60 42.75 28.78 -23.24
CA ILE M 60 43.61 27.70 -23.70
C ILE M 60 44.50 27.20 -22.60
N GLU M 61 44.94 28.10 -21.72
CA GLU M 61 45.79 27.72 -20.59
C GLU M 61 45.07 26.59 -19.86
N GLY M 62 43.75 26.63 -19.95
CA GLY M 62 42.93 25.63 -19.29
C GLY M 62 42.59 26.06 -17.89
N PHE M 63 42.74 25.14 -16.94
CA PHE M 63 42.48 25.46 -15.56
C PHE M 63 43.74 26.00 -14.91
N VAL M 64 44.74 26.31 -15.73
CA VAL M 64 46.00 26.89 -15.24
C VAL M 64 46.00 28.37 -15.72
N ARG M 65 44.77 28.81 -16.00
CA ARG M 65 44.40 30.16 -16.43
C ARG M 65 44.72 31.14 -15.32
N ILE M 66 45.61 32.08 -15.59
CA ILE M 66 45.97 33.07 -14.59
C ILE M 66 45.54 34.51 -14.98
N GLU M 67 45.36 34.82 -16.28
CA GLU M 67 45.02 36.21 -16.65
C GLU M 67 44.39 36.45 -18.02
N GLU M 68 43.34 37.29 -18.07
CA GLU M 68 42.70 37.59 -19.35
C GLU M 68 43.89 38.02 -20.24
N SER M 69 44.16 37.22 -21.26
CA SER M 69 45.22 37.49 -22.21
C SER M 69 44.33 37.65 -23.41
N ASP M 70 44.24 38.86 -23.94
CA ASP M 70 43.37 39.10 -25.09
C ASP M 70 43.85 38.46 -26.38
N MET M 71 42.91 38.08 -27.26
CA MET M 71 43.33 37.44 -28.50
C MET M 71 42.36 37.27 -29.67
N TYR M 72 42.95 37.05 -30.84
CA TYR M 72 42.21 36.91 -32.10
C TYR M 72 41.91 35.53 -32.69
N LEU M 73 40.76 35.47 -33.35
CA LEU M 73 40.26 34.26 -33.99
C LEU M 73 40.34 34.30 -35.51
N TYR M 74 41.40 33.71 -36.07
CA TYR M 74 41.56 33.59 -37.53
C TYR M 74 40.93 32.23 -37.83
N PRO M 75 39.91 32.16 -38.70
CA PRO M 75 39.16 30.98 -39.12
C PRO M 75 39.68 30.32 -40.37
N ASP M 76 40.04 29.04 -40.31
CA ASP M 76 40.54 28.37 -41.51
C ASP M 76 39.31 28.10 -42.36
N LEU M 77 39.30 28.73 -43.53
CA LEU M 77 38.21 28.66 -44.52
C LEU M 77 38.06 27.29 -45.16
N ASN M 78 39.01 26.39 -44.91
CA ASN M 78 38.97 25.03 -45.46
C ASN M 78 38.23 24.08 -44.51
N THR M 79 38.32 24.36 -43.22
CA THR M 79 37.69 23.55 -42.19
C THR M 79 36.21 23.89 -41.95
N PHE M 80 35.66 24.77 -42.77
CA PHE M 80 34.26 25.18 -42.67
C PHE M 80 33.37 23.95 -42.74
N VAL M 81 32.35 23.86 -41.88
CA VAL M 81 31.40 22.72 -41.87
C VAL M 81 30.08 23.04 -41.17
N ILE M 82 28.98 22.73 -41.86
CA ILE M 82 27.61 22.96 -41.36
C ILE M 82 26.96 21.71 -40.78
N PHE M 83 26.63 21.76 -39.50
CA PHE M 83 26.01 20.63 -38.82
C PHE M 83 24.65 20.34 -39.43
N PRO M 84 24.56 19.24 -40.21
CA PRO M 84 23.37 18.74 -40.91
C PRO M 84 22.16 18.66 -40.00
N TRP M 85 22.36 18.02 -38.85
CA TRP M 85 21.30 17.85 -37.86
C TRP M 85 20.88 19.18 -37.22
N THR M 86 19.75 19.72 -37.67
CA THR M 86 19.17 20.95 -37.14
C THR M 86 18.70 22.02 -38.14
N ALA M 87 17.54 22.60 -37.83
CA ALA M 87 16.91 23.69 -38.59
C ALA M 87 16.53 24.63 -37.45
N GLU M 88 15.24 24.73 -37.14
CA GLU M 88 14.77 25.59 -36.04
C GLU M 88 15.44 26.98 -35.97
N LYS M 89 15.20 27.79 -36.99
CA LYS M 89 15.76 29.13 -37.12
C LYS M 89 17.03 29.17 -37.93
N GLY M 90 17.60 28.00 -38.22
CA GLY M 90 18.82 27.95 -39.01
C GLY M 90 19.84 26.90 -38.60
N LYS M 91 20.53 26.35 -39.60
CA LYS M 91 21.55 25.36 -39.32
C LYS M 91 22.73 26.07 -38.62
N VAL M 92 23.66 25.29 -38.07
CA VAL M 92 24.78 25.79 -37.27
C VAL M 92 26.21 25.44 -37.74
N ALA M 93 26.95 26.40 -38.31
CA ALA M 93 28.32 26.17 -38.85
C ALA M 93 29.59 26.54 -38.01
N ARG M 94 30.62 25.70 -38.12
CA ARG M 94 31.87 25.89 -37.37
C ARG M 94 33.13 26.18 -38.18
N PHE M 95 34.17 26.60 -37.46
CA PHE M 95 35.48 26.84 -38.04
C PHE M 95 36.48 26.51 -36.98
N ILE M 96 37.63 26.06 -37.42
CA ILE M 96 38.70 25.78 -36.50
C ILE M 96 39.52 27.02 -36.80
N CYS M 97 40.07 27.61 -35.75
CA CYS M 97 40.80 28.86 -35.92
C CYS M 97 42.20 28.91 -35.31
N ASP M 98 43.11 29.56 -36.03
CA ASP M 98 44.44 29.73 -35.49
C ASP M 98 44.16 30.82 -34.46
N ILE M 99 45.02 30.88 -33.44
CA ILE M 99 44.89 31.88 -32.39
C ILE M 99 46.00 32.90 -32.61
N TYR M 100 45.64 34.18 -32.73
CA TYR M 100 46.66 35.18 -32.98
C TYR M 100 46.82 36.31 -31.93
N ASN M 101 47.98 36.29 -31.24
CA ASN M 101 48.34 37.27 -30.19
C ASN M 101 47.97 38.67 -30.68
N PRO M 102 47.63 39.60 -29.75
CA PRO M 102 47.22 40.99 -30.02
C PRO M 102 47.53 41.53 -31.40
N ASP M 103 48.74 41.25 -31.87
CA ASP M 103 49.18 41.69 -33.18
C ASP M 103 49.44 40.48 -34.07
N GLY M 104 49.27 40.69 -35.38
CA GLY M 104 49.45 39.66 -36.41
C GLY M 104 50.22 38.36 -36.25
N THR M 105 51.11 38.27 -35.28
CA THR M 105 51.90 37.06 -35.05
C THR M 105 51.06 35.99 -34.32
N PRO M 106 51.03 34.74 -34.82
CA PRO M 106 50.22 33.76 -34.09
C PRO M 106 50.76 33.51 -32.69
N PHE M 107 49.85 33.08 -31.83
CA PHE M 107 50.17 32.74 -30.46
C PHE M 107 51.20 31.60 -30.49
N GLU M 108 52.43 31.84 -30.04
CA GLU M 108 53.44 30.78 -30.08
C GLU M 108 53.08 29.52 -29.26
N GLY M 109 52.06 29.64 -28.41
CA GLY M 109 51.67 28.51 -27.57
C GLY M 109 50.30 27.90 -27.82
N ASP M 110 49.65 28.29 -28.93
CA ASP M 110 48.34 27.74 -29.31
C ASP M 110 48.57 26.32 -29.85
N PRO M 111 48.00 25.32 -29.21
CA PRO M 111 48.24 23.97 -29.74
C PRO M 111 48.14 23.88 -31.24
N ARG M 112 46.98 24.27 -31.77
CA ARG M 112 46.68 24.24 -33.20
C ARG M 112 47.83 24.82 -34.08
N ASN M 113 48.39 25.97 -33.69
CA ASN M 113 49.53 26.61 -34.39
C ASN M 113 50.81 25.76 -34.37
N ASN M 114 51.27 25.49 -33.16
CA ASN M 114 52.49 24.74 -32.87
C ASN M 114 52.85 23.67 -33.89
N LEU M 115 51.87 22.90 -34.32
CA LEU M 115 52.15 21.85 -35.29
C LEU M 115 52.60 22.48 -36.62
N LYS M 116 52.00 23.62 -36.94
CA LYS M 116 52.31 24.35 -38.17
C LYS M 116 53.69 24.91 -38.10
N ARG M 117 54.19 25.10 -36.89
CA ARG M 117 55.54 25.58 -36.70
C ARG M 117 56.48 24.40 -36.99
N ILE M 118 56.06 23.20 -36.57
CA ILE M 118 56.79 21.93 -36.72
C ILE M 118 56.74 21.48 -38.16
N LEU M 119 55.60 21.71 -38.79
CA LEU M 119 55.49 21.34 -40.16
C LEU M 119 56.35 22.26 -41.03
N LYS M 120 56.76 23.40 -40.46
CA LYS M 120 57.69 24.32 -41.14
C LYS M 120 59.01 23.48 -41.09
N GLU M 121 59.36 23.02 -39.89
CA GLU M 121 60.60 22.31 -39.63
C GLU M 121 60.91 21.13 -40.58
N MET M 122 59.85 20.43 -40.94
CA MET M 122 59.92 19.28 -41.82
C MET M 122 60.24 19.74 -43.24
N GLU M 123 59.65 20.87 -43.64
CA GLU M 123 59.88 21.43 -44.96
C GLU M 123 61.26 21.99 -45.01
N ASP M 124 61.64 22.67 -43.94
CA ASP M 124 62.97 23.23 -43.91
C ASP M 124 63.94 22.08 -44.12
N LEU M 125 63.39 20.87 -44.26
CA LEU M 125 64.15 19.67 -44.55
C LEU M 125 63.71 19.13 -45.92
N GLY M 126 63.19 20.04 -46.74
CA GLY M 126 62.75 19.73 -48.09
C GLY M 126 61.62 18.74 -48.26
N PHE M 127 60.87 18.50 -47.20
CA PHE M 127 59.75 17.55 -47.24
C PHE M 127 58.36 18.15 -47.53
N SER M 128 57.60 17.51 -48.43
CA SER M 128 56.26 17.97 -48.78
C SER M 128 55.34 17.93 -47.59
N ASP M 129 54.73 16.75 -47.39
CA ASP M 129 53.78 16.54 -46.30
C ASP M 129 54.22 15.56 -45.21
N PHE M 130 53.26 15.23 -44.33
CA PHE M 130 53.43 14.28 -43.22
C PHE M 130 52.03 13.76 -42.89
N ASN M 131 51.57 12.75 -43.63
CA ASN M 131 50.22 12.19 -43.45
C ASN M 131 49.84 11.27 -42.28
N LEU M 132 48.57 11.40 -41.86
CA LEU M 132 47.97 10.65 -40.73
C LEU M 132 46.69 9.83 -41.08
N GLY M 133 46.60 8.60 -40.56
CA GLY M 133 45.44 7.73 -40.82
C GLY M 133 44.95 7.02 -39.54
N PRO M 134 44.53 7.82 -38.52
CA PRO M 134 44.03 7.47 -37.18
C PRO M 134 43.07 6.29 -37.01
N GLU M 135 43.31 5.51 -35.95
CA GLU M 135 42.51 4.31 -35.61
C GLU M 135 42.05 4.51 -34.18
N PRO M 136 41.16 5.47 -33.99
CA PRO M 136 40.62 5.80 -32.67
C PRO M 136 39.54 4.86 -32.18
N GLU M 137 39.74 4.32 -30.99
CA GLU M 137 38.73 3.45 -30.41
C GLU M 137 37.98 4.14 -29.27
N PHE M 138 36.67 3.90 -29.22
CA PHE M 138 35.78 4.45 -28.20
C PHE M 138 34.77 3.39 -27.71
N PHE M 139 34.26 3.55 -26.48
CA PHE M 139 33.24 2.64 -25.96
C PHE M 139 31.94 3.43 -26.06
N LEU M 140 30.80 2.77 -25.84
CA LEU M 140 29.46 3.41 -25.85
C LEU M 140 28.71 2.88 -24.66
N PHE M 141 28.51 3.72 -23.65
CA PHE M 141 27.81 3.30 -22.45
C PHE M 141 26.34 3.65 -22.41
N LYS M 142 25.52 2.63 -22.20
CA LYS M 142 24.11 2.85 -22.13
C LYS M 142 23.99 3.97 -21.12
N LEU M 143 22.92 4.74 -21.22
CA LEU M 143 22.63 5.87 -20.30
C LEU M 143 21.91 5.37 -19.06
N ASP M 144 21.15 6.25 -18.42
CA ASP M 144 20.42 5.80 -17.25
C ASP M 144 19.01 6.32 -17.37
N GLU M 145 18.26 6.26 -16.28
CA GLU M 145 16.91 6.77 -16.30
C GLU M 145 17.07 8.23 -16.71
N LYS M 146 17.86 8.91 -15.88
CA LYS M 146 18.18 10.34 -15.96
C LYS M 146 18.91 10.92 -17.18
N GLY M 147 19.98 10.26 -17.63
CA GLY M 147 20.74 10.75 -18.77
C GLY M 147 22.19 10.85 -18.41
N GLU M 148 22.54 10.37 -17.21
CA GLU M 148 23.92 10.38 -16.75
C GLU M 148 24.49 9.03 -17.22
N PRO M 149 25.73 9.01 -17.73
CA PRO M 149 26.21 7.70 -18.15
C PRO M 149 26.09 6.68 -17.01
N THR M 150 26.00 5.41 -17.36
CA THR M 150 25.94 4.33 -16.38
C THR M 150 27.25 3.60 -16.61
N LEU M 151 27.18 2.29 -16.43
CA LEU M 151 28.31 1.40 -16.62
C LEU M 151 27.87 0.26 -17.55
N GLU M 152 26.62 0.31 -18.05
CA GLU M 152 26.12 -0.76 -18.89
C GLU M 152 26.69 -0.64 -20.28
N LEU M 153 27.55 -1.59 -20.63
CA LEU M 153 28.13 -1.42 -21.93
C LEU M 153 27.04 -1.73 -22.95
N ASN M 154 27.13 -1.13 -24.12
CA ASN M 154 26.11 -1.27 -25.13
C ASN M 154 25.71 -2.68 -25.59
N ASP M 155 26.67 -3.59 -25.59
CA ASP M 155 26.38 -4.91 -26.12
C ASP M 155 27.35 -5.92 -25.59
N LYS M 156 27.15 -7.15 -26.02
CA LYS M 156 28.13 -8.17 -25.73
C LYS M 156 28.54 -8.37 -27.18
N GLY M 157 29.72 -7.83 -27.49
CA GLY M 157 30.31 -7.88 -28.83
C GLY M 157 31.76 -8.32 -28.76
N GLY M 158 32.43 -8.37 -29.92
CA GLY M 158 33.83 -8.78 -30.00
C GLY M 158 34.50 -8.50 -31.36
N TYR M 159 35.82 -8.64 -31.42
CA TYR M 159 36.60 -8.38 -32.64
C TYR M 159 35.80 -8.72 -33.88
N PHE M 160 35.63 -7.68 -34.69
CA PHE M 160 34.85 -7.70 -35.93
C PHE M 160 33.50 -8.40 -35.95
N ASP M 161 32.76 -8.43 -34.86
CA ASP M 161 31.49 -9.17 -34.85
C ASP M 161 30.25 -8.74 -35.67
N LEU M 162 29.16 -9.48 -35.58
CA LEU M 162 27.95 -9.13 -36.33
C LEU M 162 26.66 -8.74 -35.60
N ALA M 163 25.75 -9.70 -35.42
CA ALA M 163 24.42 -9.43 -34.82
C ALA M 163 24.15 -8.89 -33.39
N PRO M 164 25.18 -8.66 -32.55
CA PRO M 164 24.95 -8.13 -31.18
C PRO M 164 24.37 -6.69 -31.08
N THR M 165 23.36 -6.51 -30.23
CA THR M 165 22.62 -5.25 -29.98
C THR M 165 22.68 -4.15 -31.07
N ASP M 166 21.49 -3.74 -31.55
CA ASP M 166 21.30 -2.75 -32.63
C ASP M 166 21.69 -1.29 -32.35
N LEU M 167 21.78 -0.93 -31.07
CA LEU M 167 22.15 0.43 -30.71
C LEU M 167 23.58 0.66 -31.21
N GLY M 168 24.37 -0.41 -31.23
CA GLY M 168 25.74 -0.36 -31.71
C GLY M 168 25.79 -0.90 -33.14
N GLU M 169 24.90 -1.86 -33.42
CA GLU M 169 24.78 -2.46 -34.74
C GLU M 169 24.22 -1.30 -35.54
N ASN M 170 23.68 -0.32 -34.84
CA ASN M 170 23.21 0.83 -35.54
C ASN M 170 23.61 2.16 -34.94
N CYS M 171 24.73 2.15 -34.21
CA CYS M 171 25.25 3.37 -33.66
C CYS M 171 26.47 3.60 -34.49
N ARG M 172 27.35 2.59 -34.52
CA ARG M 172 28.57 2.70 -35.30
C ARG M 172 28.14 2.98 -36.72
N ARG M 173 26.86 2.76 -37.00
CA ARG M 173 26.35 3.00 -38.34
C ARG M 173 25.71 4.36 -38.56
N ASP M 174 25.09 4.95 -37.54
CA ASP M 174 24.52 6.27 -37.72
C ASP M 174 25.68 7.22 -37.58
N ILE M 175 26.76 6.73 -36.96
CA ILE M 175 27.94 7.56 -36.78
C ILE M 175 28.74 7.60 -38.08
N VAL M 176 28.62 6.55 -38.90
CA VAL M 176 29.31 6.49 -40.20
C VAL M 176 28.49 7.23 -41.25
N LEU M 177 27.32 6.67 -41.57
CA LEU M 177 26.39 7.25 -42.53
C LEU M 177 26.38 8.78 -42.39
N GLU M 178 26.60 9.27 -41.18
CA GLU M 178 26.62 10.71 -40.95
C GLU M 178 27.99 11.33 -41.24
N LEU M 179 29.04 10.76 -40.67
CA LEU M 179 30.38 11.32 -40.91
C LEU M 179 30.57 11.48 -42.41
N GLU M 180 29.81 10.69 -43.17
CA GLU M 180 29.83 10.75 -44.61
C GLU M 180 29.06 11.93 -45.12
N GLU M 181 27.98 12.33 -44.46
CA GLU M 181 27.31 13.48 -45.03
C GLU M 181 27.95 14.81 -44.72
N MET M 182 28.91 14.83 -43.80
CA MET M 182 29.62 16.08 -43.50
C MET M 182 30.95 16.31 -44.27
N GLY M 183 31.62 15.24 -44.69
CA GLY M 183 32.86 15.39 -45.43
C GLY M 183 33.87 14.27 -45.31
N PHE M 184 33.92 13.63 -44.13
CA PHE M 184 34.87 12.56 -43.83
C PHE M 184 35.21 11.47 -44.85
N GLU M 185 36.50 11.15 -44.94
CA GLU M 185 36.96 10.09 -45.80
C GLU M 185 37.15 8.97 -44.79
N ILE M 186 36.16 8.09 -44.72
CA ILE M 186 36.14 6.94 -43.82
C ILE M 186 36.66 5.72 -44.59
N GLU M 187 37.62 5.00 -44.05
CA GLU M 187 38.08 3.83 -44.78
C GLU M 187 37.02 2.79 -44.55
N ALA M 188 36.93 2.33 -43.31
CA ALA M 188 35.95 1.33 -42.89
C ALA M 188 35.74 1.46 -41.37
N SER M 189 34.91 0.57 -40.83
CA SER M 189 34.62 0.53 -39.40
C SER M 189 34.52 -0.95 -39.02
N HIS M 190 34.38 -1.22 -37.74
CA HIS M 190 34.24 -2.59 -37.27
C HIS M 190 34.09 -2.56 -35.77
N HIS M 191 33.61 -3.64 -35.18
CA HIS M 191 33.44 -3.68 -33.72
C HIS M 191 34.82 -3.87 -33.14
N GLU M 192 34.95 -3.90 -31.82
CA GLU M 192 36.30 -4.10 -31.27
C GLU M 192 36.45 -5.36 -30.44
N VAL M 193 37.64 -5.62 -29.90
CA VAL M 193 37.88 -6.84 -29.12
C VAL M 193 37.03 -6.98 -27.88
N ALA M 194 36.80 -5.86 -27.19
CA ALA M 194 36.05 -5.86 -25.95
C ALA M 194 34.55 -5.73 -26.16
N PRO M 195 33.77 -5.83 -25.07
CA PRO M 195 32.33 -5.69 -25.32
C PRO M 195 31.85 -4.23 -25.26
N GLY M 196 31.39 -3.71 -26.40
CA GLY M 196 30.88 -2.34 -26.45
C GLY M 196 31.92 -1.29 -26.83
N GLN M 197 32.81 -1.69 -27.71
CA GLN M 197 33.88 -0.83 -28.17
C GLN M 197 33.58 -0.68 -29.63
N HIS M 198 34.07 0.36 -30.29
CA HIS M 198 33.76 0.51 -31.70
C HIS M 198 34.76 1.35 -32.44
N GLU M 199 35.42 0.78 -33.45
CA GLU M 199 36.39 1.57 -34.19
C GLU M 199 35.88 1.90 -35.58
N ILE M 200 36.34 3.06 -36.07
CA ILE M 200 36.02 3.60 -37.40
C ILE M 200 37.37 4.17 -37.92
N ASP M 201 37.85 3.65 -39.05
CA ASP M 201 39.12 4.08 -39.62
C ASP M 201 38.99 5.05 -40.78
N PHE M 202 39.79 6.11 -40.78
CA PHE M 202 39.75 6.95 -41.97
C PHE M 202 41.07 6.89 -42.69
N LYS M 203 41.01 7.40 -43.93
CA LYS M 203 42.19 7.46 -44.74
C LYS M 203 43.03 8.57 -44.12
N TYR M 204 44.25 8.54 -44.60
CA TYR M 204 45.25 9.48 -44.22
C TYR M 204 44.74 10.89 -44.66
N ALA M 205 45.04 11.92 -43.86
CA ALA M 205 44.73 13.35 -44.07
C ALA M 205 46.02 14.20 -43.87
N GLY M 206 45.95 15.53 -44.03
CA GLY M 206 47.17 16.31 -43.82
C GLY M 206 47.42 16.29 -42.32
N ALA M 207 48.67 16.09 -41.90
CA ALA M 207 48.98 16.05 -40.47
C ALA M 207 47.94 16.91 -39.77
N VAL M 208 47.92 18.20 -40.11
CA VAL M 208 46.96 19.13 -39.51
C VAL M 208 45.54 18.77 -39.90
N ARG M 209 45.30 18.49 -41.18
CA ARG M 209 43.96 18.15 -41.65
C ARG M 209 43.32 16.93 -40.94
N SER M 210 44.12 16.01 -40.39
CA SER M 210 43.55 14.83 -39.69
C SER M 210 43.22 15.07 -38.21
N CYS M 211 43.99 15.92 -37.53
CA CYS M 211 43.71 16.25 -36.14
C CYS M 211 42.43 17.08 -36.15
N ASP M 212 42.40 18.08 -37.03
CA ASP M 212 41.24 18.95 -37.16
C ASP M 212 40.06 18.00 -37.25
N ASP M 213 40.27 16.93 -38.01
CA ASP M 213 39.27 15.92 -38.26
C ASP M 213 38.98 14.95 -37.12
N ILE M 214 39.99 14.69 -36.31
CA ILE M 214 39.85 13.80 -35.17
C ILE M 214 38.87 14.47 -34.24
N GLN M 215 39.26 15.65 -33.77
CA GLN M 215 38.44 16.45 -32.88
C GLN M 215 37.01 16.39 -33.45
N THR M 216 36.83 16.65 -34.75
CA THR M 216 35.48 16.63 -35.36
C THR M 216 34.79 15.32 -35.05
N PHE M 217 35.43 14.24 -35.46
CA PHE M 217 34.92 12.93 -35.15
C PHE M 217 34.46 12.83 -33.69
N LYS M 218 35.32 13.18 -32.72
CA LYS M 218 34.90 13.05 -31.31
C LYS M 218 33.56 13.69 -31.06
N LEU M 219 33.40 14.87 -31.65
CA LEU M 219 32.21 15.67 -31.52
C LEU M 219 31.02 14.95 -32.08
N VAL M 220 31.12 14.59 -33.35
CA VAL M 220 30.05 13.89 -34.00
C VAL M 220 29.75 12.54 -33.33
N VAL M 221 30.77 11.84 -32.83
CA VAL M 221 30.49 10.55 -32.21
C VAL M 221 29.66 10.79 -30.97
N LYS M 222 30.29 11.39 -29.97
CA LYS M 222 29.64 11.65 -28.69
C LYS M 222 28.26 12.29 -28.80
N THR M 223 28.05 13.06 -29.85
CA THR M 223 26.78 13.75 -30.08
C THR M 223 25.71 12.84 -30.64
N ILE M 224 26.07 12.08 -31.69
CA ILE M 224 25.12 11.16 -32.32
C ILE M 224 24.98 9.95 -31.45
N ALA M 225 25.85 9.84 -30.45
CA ALA M 225 25.80 8.69 -29.55
C ALA M 225 24.72 8.88 -28.51
N ARG M 226 24.52 10.12 -28.10
CA ARG M 226 23.50 10.46 -27.11
C ARG M 226 22.13 10.26 -27.79
N LYS M 227 21.97 10.85 -28.98
CA LYS M 227 20.73 10.74 -29.74
C LYS M 227 20.13 9.32 -29.71
N HIS M 228 21.00 8.32 -29.51
CA HIS M 228 20.60 6.90 -29.45
C HIS M 228 20.45 6.38 -28.01
N GLY M 229 20.42 7.30 -27.04
CA GLY M 229 20.30 6.91 -25.64
C GLY M 229 21.50 6.23 -24.98
N LEU M 230 22.69 6.47 -25.52
CA LEU M 230 23.91 5.85 -24.99
C LEU M 230 25.04 6.87 -24.90
N HIS M 231 26.06 6.53 -24.13
CA HIS M 231 27.22 7.39 -23.99
C HIS M 231 28.30 6.83 -24.90
N ALA M 232 29.17 7.71 -25.39
CA ALA M 232 30.31 7.32 -26.21
C ALA M 232 31.39 7.95 -25.36
N THR M 233 32.55 7.34 -25.31
CA THR M 233 33.62 7.94 -24.53
C THR M 233 34.93 7.35 -25.02
N PHE M 234 35.91 8.25 -25.14
CA PHE M 234 37.24 7.92 -25.60
C PHE M 234 38.21 7.85 -24.45
N MET M 235 37.67 7.43 -23.32
CA MET M 235 38.45 7.24 -22.11
C MET M 235 39.34 6.04 -22.47
N PRO M 236 40.64 6.11 -22.15
CA PRO M 236 41.65 5.07 -22.42
C PRO M 236 41.33 3.67 -21.88
N LYS M 237 40.95 3.61 -20.60
CA LYS M 237 40.63 2.34 -19.94
C LYS M 237 39.50 2.59 -18.94
N PRO M 238 38.25 2.57 -19.41
CA PRO M 238 37.08 2.80 -18.55
C PRO M 238 36.81 1.64 -17.62
N LEU M 239 37.35 0.47 -17.96
CA LEU M 239 37.13 -0.71 -17.16
C LEU M 239 38.42 -1.46 -16.96
N PHE M 240 38.70 -1.77 -15.69
CA PHE M 240 39.90 -2.54 -15.33
C PHE M 240 39.62 -3.99 -15.78
N GLY M 241 40.64 -4.72 -16.23
CA GLY M 241 40.39 -6.07 -16.67
C GLY M 241 39.24 -6.06 -17.64
N VAL M 242 39.57 -5.52 -18.82
CA VAL M 242 38.71 -5.35 -19.97
C VAL M 242 39.70 -4.57 -20.79
N ASN M 243 39.72 -4.88 -22.08
CA ASN M 243 40.65 -4.22 -22.96
C ASN M 243 40.32 -2.73 -23.01
N GLY M 244 41.11 -1.97 -23.75
CA GLY M 244 40.85 -0.54 -23.82
C GLY M 244 40.88 0.08 -25.21
N SER M 245 40.69 1.39 -25.25
CA SER M 245 40.73 2.11 -26.50
C SER M 245 42.04 2.88 -26.70
N GLY M 246 42.69 2.59 -27.82
CA GLY M 246 43.92 3.26 -28.18
C GLY M 246 43.62 4.20 -29.35
N MET M 247 44.63 4.92 -29.81
CA MET M 247 44.43 5.84 -30.92
C MET M 247 45.65 5.74 -31.83
N HIS M 248 45.87 4.54 -32.36
CA HIS M 248 46.99 4.26 -33.25
C HIS M 248 47.15 5.40 -34.24
N CYS M 249 48.38 5.72 -34.60
CA CYS M 249 48.61 6.76 -35.60
C CYS M 249 49.39 6.05 -36.72
N ASN M 250 49.19 6.46 -37.98
CA ASN M 250 49.92 5.85 -39.10
C ASN M 250 50.67 6.93 -39.86
N LEU M 251 51.98 6.97 -39.61
CA LEU M 251 52.86 7.97 -40.17
C LEU M 251 53.69 7.59 -41.39
N SER M 252 53.88 8.56 -42.28
CA SER M 252 54.65 8.36 -43.51
C SER M 252 55.02 9.69 -44.20
N LEU M 253 56.14 10.28 -43.76
CA LEU M 253 56.68 11.54 -44.28
C LEU M 253 56.73 11.52 -45.80
N PHE M 254 56.73 12.70 -46.42
CA PHE M 254 56.81 12.74 -47.88
C PHE M 254 58.01 13.47 -48.47
N LYS M 255 58.03 13.59 -49.79
CA LYS M 255 59.13 14.22 -50.52
C LYS M 255 58.69 14.31 -51.97
N ASN M 256 58.32 15.51 -52.39
CA ASN M 256 57.88 15.75 -53.75
C ASN M 256 56.75 14.81 -54.14
N GLY M 257 55.76 14.80 -53.25
CA GLY M 257 54.56 14.01 -53.41
C GLY M 257 54.75 12.51 -53.25
N VAL M 258 56.00 12.06 -53.28
CA VAL M 258 56.27 10.63 -53.22
C VAL M 258 56.75 9.98 -51.93
N ASN M 259 55.83 9.31 -51.26
CA ASN M 259 56.08 8.60 -50.01
C ASN M 259 57.57 8.40 -49.79
N ALA M 260 58.09 8.95 -48.69
CA ALA M 260 59.51 8.89 -48.36
C ALA M 260 60.00 7.68 -47.59
N PHE M 261 59.19 6.66 -47.35
CA PHE M 261 59.66 5.49 -46.59
C PHE M 261 59.81 4.27 -47.49
N PHE M 262 59.47 4.50 -48.73
CA PHE M 262 59.44 3.44 -49.71
C PHE M 262 60.76 3.25 -50.40
N ASP M 263 61.19 2.00 -50.55
CA ASP M 263 62.48 1.71 -51.21
C ASP M 263 62.48 0.22 -51.63
N GLU M 264 61.83 -0.06 -52.76
CA GLU M 264 61.66 -1.42 -53.29
C GLU M 264 62.86 -2.33 -53.17
N ASN M 265 64.01 -1.76 -53.50
CA ASN M 265 65.22 -2.50 -53.53
C ASN M 265 65.99 -2.62 -52.24
N ALA M 266 65.43 -2.07 -51.17
CA ALA M 266 66.09 -2.18 -49.88
C ALA M 266 65.36 -3.20 -49.02
N ASP M 267 66.06 -3.71 -48.01
CA ASP M 267 65.49 -4.69 -47.03
C ASP M 267 64.06 -4.19 -46.70
N LEU M 268 63.10 -5.10 -46.52
CA LEU M 268 61.72 -4.71 -46.20
C LEU M 268 61.09 -3.60 -47.08
N GLN M 269 61.70 -3.26 -48.21
CA GLN M 269 61.19 -2.18 -49.05
C GLN M 269 61.08 -0.88 -48.23
N LEU M 270 61.98 -0.74 -47.25
CA LEU M 270 62.05 0.44 -46.34
C LEU M 270 63.26 1.34 -46.66
N SER M 271 63.01 2.57 -47.10
CA SER M 271 64.11 3.49 -47.45
C SER M 271 65.04 3.85 -46.30
N GLU M 272 66.11 4.59 -46.63
CA GLU M 272 67.08 5.04 -45.64
C GLU M 272 66.46 6.07 -44.73
N THR M 273 65.72 7.01 -45.31
CA THR M 273 65.07 8.02 -44.49
C THR M 273 64.04 7.32 -43.60
N ALA M 274 63.71 6.08 -43.94
CA ALA M 274 62.74 5.35 -43.13
C ALA M 274 63.40 4.93 -41.81
N LYS M 275 64.61 4.38 -41.91
CA LYS M 275 65.32 3.91 -40.72
C LYS M 275 65.68 5.01 -39.76
N HIS M 276 65.90 6.22 -40.26
CA HIS M 276 66.23 7.35 -39.42
C HIS M 276 64.99 7.78 -38.65
N PHE M 277 63.85 7.81 -39.34
CA PHE M 277 62.61 8.17 -38.69
C PHE M 277 62.47 7.20 -37.54
N ILE M 278 62.44 5.91 -37.87
CA ILE M 278 62.27 4.87 -36.85
C ILE M 278 63.19 4.95 -35.65
N ALA M 279 64.49 5.14 -35.85
CA ALA M 279 65.36 5.23 -34.70
C ALA M 279 64.90 6.40 -33.84
N GLY M 280 64.50 7.48 -34.52
CA GLY M 280 64.02 8.64 -33.81
C GLY M 280 63.04 8.23 -32.73
N ILE M 281 61.81 7.92 -33.15
CA ILE M 281 60.76 7.50 -32.24
C ILE M 281 61.30 6.62 -31.09
N VAL M 282 62.05 5.59 -31.44
CA VAL M 282 62.58 4.68 -30.42
C VAL M 282 63.43 5.38 -29.36
N LYS M 283 64.17 6.39 -29.80
CA LYS M 283 65.04 7.15 -28.93
C LYS M 283 64.25 7.89 -27.85
N HIS M 284 63.29 8.67 -28.31
CA HIS M 284 62.50 9.49 -27.43
C HIS M 284 61.17 8.91 -26.96
N ALA M 285 60.96 7.62 -27.22
CA ALA M 285 59.74 6.95 -26.79
C ALA M 285 59.48 7.19 -25.30
N THR M 286 60.31 6.60 -24.44
CA THR M 286 60.16 6.80 -23.02
C THR M 286 59.73 8.26 -22.70
N SER M 287 60.21 9.24 -23.48
CA SER M 287 59.97 10.68 -23.29
C SER M 287 58.68 11.43 -23.72
N PHE M 288 58.30 11.36 -24.99
CA PHE M 288 57.09 12.06 -25.42
C PHE M 288 55.79 11.35 -25.00
N THR M 289 55.93 10.19 -24.37
CA THR M 289 54.79 9.43 -23.89
C THR M 289 53.76 10.38 -23.24
N ALA M 290 54.22 11.18 -22.27
CA ALA M 290 53.36 12.12 -21.55
C ALA M 290 52.29 12.86 -22.34
N VAL M 291 52.57 13.22 -23.59
CA VAL M 291 51.58 13.95 -24.40
C VAL M 291 50.68 13.09 -25.28
N THR M 292 51.02 11.80 -25.42
CA THR M 292 50.21 10.88 -26.22
C THR M 292 49.40 10.06 -25.24
N ASN M 293 50.01 9.74 -24.13
CA ASN M 293 49.36 8.98 -23.06
C ASN M 293 49.35 9.99 -21.90
N PRO M 294 48.63 11.12 -22.06
CA PRO M 294 48.50 12.22 -21.10
C PRO M 294 47.52 12.15 -19.92
N THR M 295 47.05 10.97 -19.56
CA THR M 295 46.13 10.85 -18.42
C THR M 295 46.49 9.72 -17.47
N VAL M 296 46.14 9.91 -16.21
CA VAL M 296 46.42 8.93 -15.17
C VAL M 296 45.93 7.55 -15.58
N ASN M 297 44.84 7.55 -16.32
CA ASN M 297 44.22 6.31 -16.78
C ASN M 297 44.96 5.74 -17.99
N SER M 298 45.43 6.63 -18.86
CA SER M 298 46.17 6.26 -20.07
C SER M 298 47.13 5.14 -19.70
N TYR M 299 47.53 5.14 -18.42
CA TYR M 299 48.51 4.20 -17.86
C TYR M 299 48.05 2.91 -17.21
N LYS M 300 46.74 2.71 -17.10
CA LYS M 300 46.22 1.44 -16.55
C LYS M 300 45.88 0.63 -17.80
N ARG M 301 46.18 1.25 -18.95
CA ARG M 301 46.00 0.74 -20.30
C ARG M 301 47.38 0.19 -20.71
N LEU M 302 48.43 0.85 -20.21
CA LEU M 302 49.81 0.43 -20.44
C LEU M 302 50.13 -0.54 -19.31
N VAL M 303 49.45 -1.69 -19.34
CA VAL M 303 49.62 -2.76 -18.37
C VAL M 303 49.88 -3.95 -19.27
N PRO M 304 50.89 -4.77 -18.94
CA PRO M 304 51.10 -5.89 -19.85
C PRO M 304 49.84 -6.72 -19.83
N GLY M 305 49.51 -7.28 -20.99
CA GLY M 305 48.32 -8.07 -21.10
C GLY M 305 47.49 -7.68 -22.30
N TYR M 306 46.53 -6.77 -22.09
CA TYR M 306 45.59 -6.28 -23.12
C TYR M 306 46.09 -5.64 -24.44
N GLU M 307 47.18 -6.15 -25.01
CA GLU M 307 47.69 -5.66 -26.30
C GLU M 307 48.21 -4.22 -26.42
N ALA M 308 48.17 -3.46 -25.34
CA ALA M 308 48.65 -2.08 -25.35
C ALA M 308 50.15 -2.09 -25.08
N PRO M 309 50.93 -1.33 -25.87
CA PRO M 309 52.40 -1.26 -25.70
C PRO M 309 52.90 -1.10 -24.27
N CYS M 310 54.07 -1.68 -23.96
CA CYS M 310 54.64 -1.54 -22.63
C CYS M 310 56.14 -1.32 -22.65
N TYR M 311 56.75 -1.51 -23.82
CA TYR M 311 58.18 -1.28 -23.98
C TYR M 311 58.45 -0.77 -25.40
N VAL M 312 59.62 -0.17 -25.56
CA VAL M 312 60.04 0.37 -26.84
C VAL M 312 60.75 -0.69 -27.72
N ALA M 313 60.31 -0.83 -28.97
CA ALA M 313 60.89 -1.79 -29.93
C ALA M 313 60.03 -1.89 -31.18
N TRP M 314 60.62 -2.29 -32.31
CA TRP M 314 59.85 -2.43 -33.56
C TRP M 314 59.75 -3.82 -34.19
N SER M 315 58.60 -4.13 -34.79
CA SER M 315 58.43 -5.42 -35.43
C SER M 315 57.51 -5.36 -36.64
N ALA M 316 57.68 -6.31 -37.54
CA ALA M 316 56.88 -6.40 -38.74
C ALA M 316 55.72 -7.35 -38.41
N GLN M 317 55.83 -7.95 -37.22
CA GLN M 317 54.86 -8.90 -36.69
C GLN M 317 55.23 -9.25 -35.25
N ASN M 318 54.32 -8.97 -34.32
CA ASN M 318 54.52 -9.24 -32.91
C ASN M 318 53.32 -8.86 -32.02
N ARG M 319 53.35 -9.36 -30.79
CA ARG M 319 52.33 -9.17 -29.75
C ARG M 319 51.74 -7.79 -29.43
N SER M 320 52.57 -6.87 -28.92
CA SER M 320 52.11 -5.50 -28.57
C SER M 320 53.29 -4.58 -28.87
N PRO M 321 53.66 -4.50 -30.16
CA PRO M 321 54.78 -3.64 -30.51
C PRO M 321 54.49 -2.17 -30.36
N LEU M 322 55.45 -1.40 -29.85
CA LEU M 322 55.27 0.04 -29.73
C LEU M 322 55.24 0.51 -31.17
N ILE M 323 56.21 0.05 -31.95
CA ILE M 323 56.20 0.42 -33.35
C ILE M 323 55.88 -0.77 -34.25
N ARG M 324 54.89 -0.58 -35.12
CA ARG M 324 54.54 -1.63 -36.05
C ARG M 324 54.63 -1.09 -37.46
N ILE M 325 54.99 -2.00 -38.35
CA ILE M 325 55.12 -1.68 -39.75
C ILE M 325 54.12 -2.49 -40.51
N PRO M 326 53.03 -1.84 -40.93
CA PRO M 326 52.00 -2.56 -41.68
C PRO M 326 52.60 -3.08 -42.97
N ALA M 327 52.01 -4.19 -43.39
CA ALA M 327 52.35 -4.93 -44.58
C ALA M 327 52.67 -4.12 -45.86
N SER M 328 51.71 -3.28 -46.29
CA SER M 328 51.82 -2.45 -47.49
C SER M 328 52.99 -1.47 -47.67
N ARG M 329 53.31 -1.19 -48.93
CA ARG M 329 54.38 -0.27 -49.31
C ARG M 329 53.93 0.42 -50.59
N GLY M 330 54.56 1.53 -50.89
CA GLY M 330 54.17 2.27 -52.07
C GLY M 330 53.77 3.53 -51.35
N ILE M 331 52.62 4.12 -51.68
CA ILE M 331 52.25 5.32 -50.96
C ILE M 331 51.55 5.15 -49.63
N SER M 332 51.70 4.01 -49.00
CA SER M 332 51.09 3.83 -47.72
C SER M 332 52.09 3.03 -46.93
N THR M 333 53.36 3.10 -47.30
CA THR M 333 54.39 2.40 -46.57
C THR M 333 54.34 3.39 -45.43
N ARG M 334 54.14 2.96 -44.19
CA ARG M 334 53.96 3.93 -43.12
C ARG M 334 54.60 3.52 -41.81
N VAL M 335 54.22 4.17 -40.72
CA VAL M 335 54.79 3.81 -39.42
C VAL M 335 53.79 3.91 -38.28
N GLU M 336 53.13 2.80 -37.98
CA GLU M 336 52.13 2.78 -36.91
C GLU M 336 52.82 2.86 -35.56
N VAL M 337 52.37 3.84 -34.78
CA VAL M 337 52.81 4.11 -33.41
C VAL M 337 51.54 3.66 -32.70
N ARG M 338 51.57 2.56 -31.97
CA ARG M 338 50.35 2.11 -31.33
C ARG M 338 50.27 2.51 -29.88
N SER M 339 51.15 3.42 -29.47
CA SER M 339 51.19 3.87 -28.09
C SER M 339 50.10 4.87 -27.69
N VAL M 340 49.88 5.89 -28.53
CA VAL M 340 48.89 6.95 -28.28
C VAL M 340 47.47 6.46 -27.91
N ASP M 341 46.75 7.26 -27.10
CA ASP M 341 45.38 6.92 -26.75
C ASP M 341 44.45 8.05 -27.17
N PRO M 342 43.15 7.77 -27.27
CA PRO M 342 42.11 8.74 -27.67
C PRO M 342 42.03 10.10 -26.95
N ALA M 343 42.32 10.07 -25.67
CA ALA M 343 42.27 11.26 -24.82
C ALA M 343 43.45 12.21 -24.98
N ALA M 344 44.48 11.80 -25.71
CA ALA M 344 45.65 12.64 -25.87
C ALA M 344 45.27 13.82 -26.71
N ASN M 345 45.93 14.94 -26.49
CA ASN M 345 45.61 16.07 -27.31
C ASN M 345 46.31 15.65 -28.58
N PRO M 346 45.55 15.57 -29.68
CA PRO M 346 45.96 15.19 -31.03
C PRO M 346 47.12 16.01 -31.57
N TYR M 347 46.94 17.31 -31.52
CA TYR M 347 47.95 18.24 -32.00
C TYR M 347 49.28 18.05 -31.31
N LEU M 348 49.27 18.37 -30.02
CA LEU M 348 50.47 18.27 -29.23
C LEU M 348 51.06 16.88 -29.36
N ALA M 349 50.28 15.95 -29.88
CA ALA M 349 50.77 14.61 -30.08
C ALA M 349 51.51 14.64 -31.39
N LEU M 350 50.76 14.87 -32.46
CA LEU M 350 51.31 14.93 -33.81
C LEU M 350 52.66 15.62 -33.84
N SER M 351 52.75 16.72 -33.09
CA SER M 351 53.96 17.54 -32.99
C SER M 351 55.15 16.84 -32.30
N VAL M 352 54.93 16.25 -31.13
CA VAL M 352 56.02 15.58 -30.45
C VAL M 352 56.48 14.36 -31.25
N LEU M 353 55.55 13.69 -31.93
CA LEU M 353 55.89 12.52 -32.73
C LEU M 353 56.73 12.95 -33.93
N LEU M 354 56.26 13.96 -34.66
CA LEU M 354 56.98 14.44 -35.82
C LEU M 354 58.33 15.02 -35.38
N ALA M 355 58.40 15.50 -34.14
CA ALA M 355 59.65 16.08 -33.61
C ALA M 355 60.74 15.01 -33.42
N ALA M 356 60.37 13.90 -32.78
CA ALA M 356 61.32 12.81 -32.58
C ALA M 356 61.57 12.19 -33.93
N GLY M 357 60.55 12.18 -34.78
CA GLY M 357 60.69 11.62 -36.12
C GLY M 357 61.78 12.35 -36.85
N LEU M 358 61.70 13.68 -36.88
CA LEU M 358 62.71 14.46 -37.56
C LEU M 358 64.07 14.25 -36.88
N ASP M 359 64.13 14.36 -35.55
CA ASP M 359 65.40 14.22 -34.87
C ASP M 359 66.15 12.94 -35.24
N GLY M 360 65.45 12.03 -35.90
CA GLY M 360 66.09 10.81 -36.33
C GLY M 360 66.69 11.10 -37.69
N ILE M 361 65.91 11.75 -38.54
CA ILE M 361 66.31 12.10 -39.90
C ILE M 361 67.58 12.97 -40.05
N LYS M 362 67.81 13.86 -39.08
CA LYS M 362 68.92 14.80 -39.15
C LYS M 362 70.21 14.54 -38.42
N ASN M 363 70.32 13.40 -37.76
CA ASN M 363 71.54 13.08 -37.06
C ASN M 363 72.08 11.79 -37.64
N LYS M 364 71.20 11.14 -38.42
CA LYS M 364 71.48 9.86 -39.06
C LYS M 364 71.49 8.80 -37.97
N LEU M 365 70.39 8.75 -37.21
CA LEU M 365 70.24 7.77 -36.14
C LEU M 365 69.91 6.40 -36.74
N GLU M 366 70.57 5.40 -36.17
CA GLU M 366 70.50 4.02 -36.61
C GLU M 366 69.47 3.21 -35.87
N ALA M 367 68.47 2.69 -36.57
CA ALA M 367 67.45 1.91 -35.90
C ALA M 367 68.07 0.67 -35.29
N PRO M 368 67.73 0.39 -34.03
CA PRO M 368 68.28 -0.79 -33.37
C PRO M 368 67.59 -1.94 -34.06
N ALA M 369 68.10 -3.14 -33.87
CA ALA M 369 67.53 -4.31 -34.50
C ALA M 369 66.06 -4.51 -34.19
N PRO M 370 65.28 -4.87 -35.22
CA PRO M 370 63.87 -5.05 -34.93
C PRO M 370 63.69 -6.26 -34.02
N ILE M 371 62.56 -6.28 -33.33
CA ILE M 371 62.21 -7.32 -32.36
C ILE M 371 61.34 -8.52 -32.83
N ASP M 372 61.89 -9.37 -33.68
CA ASP M 372 61.15 -10.55 -34.17
C ASP M 372 60.79 -11.55 -33.07
N ARG M 373 61.72 -11.75 -32.14
CA ARG M 373 61.57 -12.66 -31.01
C ARG M 373 60.38 -12.18 -30.18
N ASN M 374 60.32 -12.61 -28.91
CA ASN M 374 59.27 -12.13 -28.02
C ASN M 374 59.81 -11.54 -26.75
N ILE M 375 59.62 -10.23 -26.66
CA ILE M 375 60.05 -9.43 -25.54
C ILE M 375 59.15 -9.76 -24.39
N TYR M 376 57.94 -10.18 -24.68
CA TYR M 376 57.13 -10.43 -23.55
C TYR M 376 57.83 -11.33 -22.48
N VAL M 377 58.95 -12.03 -22.74
CA VAL M 377 59.45 -12.87 -21.65
C VAL M 377 60.71 -12.46 -20.82
N MET M 378 61.88 -12.82 -21.36
CA MET M 378 63.25 -12.55 -20.87
C MET M 378 63.51 -12.05 -19.42
N SER M 379 63.55 -10.73 -19.25
CA SER M 379 63.72 -10.04 -17.97
C SER M 379 64.08 -8.55 -18.19
N LYS M 380 63.52 -7.69 -17.35
CA LYS M 380 63.72 -6.23 -17.43
C LYS M 380 65.06 -5.76 -17.96
N GLU M 381 66.13 -6.34 -17.40
CA GLU M 381 67.50 -5.98 -17.73
C GLU M 381 68.05 -6.76 -18.91
N GLU M 382 67.62 -8.02 -19.03
CA GLU M 382 68.02 -8.92 -20.12
C GLU M 382 67.55 -8.22 -21.36
N ARG M 383 66.49 -7.45 -21.16
CA ARG M 383 65.86 -6.65 -22.18
C ARG M 383 66.34 -5.22 -21.96
N MET M 384 67.16 -5.01 -20.92
CA MET M 384 67.72 -3.69 -20.64
C MET M 384 69.22 -3.77 -20.96
N GLU M 385 69.61 -4.87 -21.60
CA GLU M 385 70.97 -5.10 -22.06
C GLU M 385 70.77 -4.78 -23.54
N ASN M 386 69.75 -5.42 -24.11
CA ASN M 386 69.36 -5.27 -25.51
C ASN M 386 68.69 -3.90 -25.73
N GLY M 387 68.37 -3.56 -26.97
CA GLY M 387 67.78 -2.25 -27.25
C GLY M 387 66.37 -1.96 -26.79
N ILE M 388 65.88 -2.69 -25.80
CA ILE M 388 64.51 -2.49 -25.30
C ILE M 388 64.42 -1.87 -23.89
N VAL M 389 63.45 -0.97 -23.71
CA VAL M 389 63.21 -0.28 -22.43
C VAL M 389 61.73 -0.20 -22.14
N ASP M 390 61.41 -0.37 -20.87
CA ASP M 390 60.04 -0.33 -20.38
C ASP M 390 59.54 1.13 -20.34
N LEU M 391 58.29 1.34 -20.80
CA LEU M 391 57.67 2.67 -20.81
C LEU M 391 57.37 3.15 -19.36
N PRO M 392 57.11 4.46 -19.16
CA PRO M 392 56.84 5.07 -17.84
C PRO M 392 55.64 4.41 -17.19
N ALA M 393 55.69 4.14 -15.88
CA ALA M 393 54.60 3.43 -15.17
C ALA M 393 53.33 4.15 -14.76
N THR M 394 53.39 5.47 -14.72
CA THR M 394 52.22 6.27 -14.36
C THR M 394 52.40 7.52 -15.18
N LEU M 395 51.45 8.44 -15.10
CA LEU M 395 51.59 9.68 -15.84
C LEU M 395 52.73 10.49 -15.24
N ALA M 396 53.12 10.13 -14.01
CA ALA M 396 54.16 10.83 -13.28
C ALA M 396 55.60 10.45 -13.66
N GLU M 397 55.86 9.17 -13.93
CA GLU M 397 57.20 8.83 -14.32
C GLU M 397 57.35 9.50 -15.67
N ALA M 398 56.31 9.36 -16.49
CA ALA M 398 56.27 9.93 -17.83
C ALA M 398 56.52 11.44 -17.96
N LEU M 399 56.23 12.22 -16.91
CA LEU M 399 56.44 13.68 -16.96
C LEU M 399 57.87 14.06 -16.64
N GLU M 400 58.45 13.36 -15.67
CA GLU M 400 59.82 13.59 -15.27
C GLU M 400 60.66 13.34 -16.52
N GLU M 401 60.54 12.12 -17.03
CA GLU M 401 61.27 11.72 -18.23
C GLU M 401 61.03 12.67 -19.41
N PHE M 402 59.85 13.27 -19.45
CA PHE M 402 59.47 14.19 -20.51
C PHE M 402 60.04 15.59 -20.34
N LYS M 403 60.41 15.94 -19.11
CA LYS M 403 60.98 17.24 -18.87
C LYS M 403 62.47 17.24 -19.23
N SER M 404 63.15 16.13 -19.00
CA SER M 404 64.58 16.08 -19.29
C SER M 404 64.94 15.96 -20.76
N ASN M 405 64.01 16.22 -21.68
CA ASN M 405 64.33 16.09 -23.12
C ASN M 405 64.37 17.44 -23.82
N GLU M 406 65.52 17.76 -24.42
CA GLU M 406 65.71 19.04 -25.12
C GLU M 406 64.89 19.15 -26.41
N VAL M 407 64.60 18.01 -27.03
CA VAL M 407 63.85 17.99 -28.29
C VAL M 407 62.34 18.16 -28.15
N MET M 408 61.76 17.55 -27.12
CA MET M 408 60.33 17.66 -26.87
C MET M 408 60.02 19.02 -26.25
N VAL M 409 60.84 19.43 -25.30
CA VAL M 409 60.60 20.70 -24.68
C VAL M 409 60.71 21.70 -25.81
N LYS M 410 61.44 21.35 -26.85
CA LYS M 410 61.46 22.30 -27.94
C LYS M 410 60.52 21.94 -29.08
N ALA M 411 59.84 20.80 -28.99
CA ALA M 411 58.84 20.45 -30.03
C ALA M 411 57.55 21.16 -29.59
N LEU M 412 57.49 21.56 -28.33
CA LEU M 412 56.31 22.20 -27.81
C LEU M 412 56.42 23.67 -27.57
N GLY M 413 57.63 24.18 -27.41
CA GLY M 413 57.67 25.61 -27.15
C GLY M 413 57.41 25.99 -25.73
N GLU M 414 58.20 27.01 -25.44
CA GLU M 414 58.29 27.76 -24.20
C GLU M 414 57.01 27.73 -23.48
N HIS M 415 56.13 28.59 -23.97
CA HIS M 415 54.85 28.72 -23.37
C HIS M 415 54.08 27.42 -23.37
N LEU M 416 53.95 26.79 -24.53
CA LEU M 416 53.18 25.55 -24.58
C LEU M 416 53.60 24.41 -23.64
N PHE M 417 54.88 24.34 -23.29
CA PHE M 417 55.40 23.30 -22.41
C PHE M 417 55.36 23.61 -20.89
N GLU M 418 55.71 24.82 -20.49
CA GLU M 418 55.73 25.23 -19.08
C GLU M 418 54.37 25.06 -18.40
N HIS M 419 53.40 25.63 -19.09
CA HIS M 419 52.01 25.64 -18.73
C HIS M 419 51.35 24.27 -18.61
N PHE M 420 51.85 23.31 -19.36
CA PHE M 420 51.29 21.99 -19.39
C PHE M 420 51.68 21.08 -18.20
N ILE M 421 52.95 21.10 -17.83
CA ILE M 421 53.36 20.30 -16.66
C ILE M 421 52.65 21.00 -15.50
N GLU M 422 52.72 22.33 -15.52
CA GLU M 422 52.06 23.13 -14.51
C GLU M 422 50.68 22.48 -14.28
N ALA M 423 50.03 22.11 -15.38
CA ALA M 423 48.70 21.50 -15.39
C ALA M 423 48.65 20.04 -14.95
N LYS M 424 49.25 19.17 -15.75
CA LYS M 424 49.26 17.75 -15.47
C LYS M 424 49.74 17.44 -14.07
N GLU M 425 50.90 17.98 -13.72
CA GLU M 425 51.44 17.76 -12.39
C GLU M 425 50.34 18.06 -11.40
N ILE M 426 49.67 19.19 -11.59
CA ILE M 426 48.57 19.54 -10.71
C ILE M 426 47.64 18.37 -10.71
N GLU M 427 47.49 17.77 -11.90
CA GLU M 427 46.63 16.61 -12.11
C GLU M 427 47.16 15.31 -11.48
N TRP M 428 48.47 15.06 -11.48
CA TRP M 428 48.91 13.84 -10.83
C TRP M 428 48.58 14.07 -9.36
N ASP M 429 48.86 15.26 -8.86
CA ASP M 429 48.63 15.47 -7.44
C ASP M 429 47.26 15.38 -6.81
N MET M 430 46.19 15.36 -7.55
CA MET M 430 44.94 15.23 -6.82
C MET M 430 44.65 13.75 -6.71
N PHE M 431 44.99 13.02 -7.75
CA PHE M 431 44.82 11.57 -7.78
C PHE M 431 45.73 10.90 -6.72
N ARG M 432 46.86 11.53 -6.41
CA ARG M 432 47.73 10.95 -5.42
C ARG M 432 47.30 11.30 -4.00
N THR M 433 46.78 12.51 -3.75
CA THR M 433 46.38 12.84 -2.38
C THR M 433 45.07 12.19 -1.99
N GLN M 434 44.34 11.71 -3.00
CA GLN M 434 43.03 11.06 -2.85
C GLN M 434 43.01 9.67 -2.20
N VAL M 435 41.97 9.41 -1.40
CA VAL M 435 41.81 8.12 -0.78
C VAL M 435 40.66 7.51 -1.55
N HIS M 436 40.96 6.52 -2.38
CA HIS M 436 39.96 5.84 -3.22
C HIS M 436 39.42 4.57 -2.51
N PRO M 437 38.27 4.02 -2.98
CA PRO M 437 37.57 2.84 -2.46
C PRO M 437 38.42 1.61 -2.19
N TRP M 438 39.33 1.39 -3.14
CA TRP M 438 40.24 0.27 -3.13
C TRP M 438 41.07 0.25 -1.84
N GLU M 439 41.65 1.40 -1.54
CA GLU M 439 42.47 1.58 -0.36
C GLU M 439 41.70 1.11 0.89
N ARG M 440 40.41 1.42 0.93
CA ARG M 440 39.54 1.06 2.04
C ARG M 440 38.99 -0.35 2.00
N GLU M 441 39.22 -1.09 0.92
CA GLU M 441 38.69 -2.45 0.87
C GLU M 441 39.69 -3.45 1.38
N GLN M 442 40.96 -3.10 1.24
CA GLN M 442 42.10 -3.92 1.66
C GLN M 442 42.75 -3.55 2.98
N TYR M 443 42.57 -2.31 3.41
CA TYR M 443 43.22 -1.87 4.63
C TYR M 443 42.32 -1.47 5.77
N MET M 444 41.06 -1.22 5.49
CA MET M 444 40.18 -0.81 6.58
C MET M 444 39.69 -1.97 7.43
N SER M 445 39.55 -3.14 6.82
CA SER M 445 39.08 -4.34 7.52
C SER M 445 40.24 -5.11 8.11
N GLN M 446 41.41 -4.91 7.49
CA GLN M 446 42.68 -5.54 7.89
C GLN M 446 43.27 -4.82 9.11
N TYR M 447 43.79 -3.64 8.83
CA TYR M 447 44.39 -2.80 9.82
C TYR M 447 43.27 -1.87 10.31
N ALA N 5 -4.04 -65.15 30.08
CA ALA N 5 -4.38 -63.73 30.40
C ALA N 5 -3.14 -62.86 30.51
N LYS N 6 -3.32 -61.54 30.53
CA LYS N 6 -2.22 -60.60 30.70
C LYS N 6 -2.61 -59.66 31.83
N TYR N 7 -3.91 -59.42 31.96
CA TYR N 7 -4.48 -58.63 33.03
C TYR N 7 -5.64 -59.50 33.48
N THR N 8 -6.26 -59.15 34.59
CA THR N 8 -7.43 -59.89 35.01
C THR N 8 -8.37 -58.79 35.43
N ARG N 9 -9.63 -59.12 35.65
CA ARG N 9 -10.61 -58.09 35.99
C ARG N 9 -10.21 -57.15 37.12
N GLU N 10 -9.83 -57.67 38.28
CA GLU N 10 -9.43 -56.78 39.37
C GLU N 10 -8.13 -56.05 39.06
N ASP N 11 -7.36 -56.60 38.13
CA ASP N 11 -6.12 -55.95 37.74
C ASP N 11 -6.48 -54.65 37.04
N ILE N 12 -7.44 -54.73 36.12
CA ILE N 12 -7.87 -53.58 35.30
C ILE N 12 -8.45 -52.53 36.19
N GLU N 13 -9.56 -52.83 36.88
CA GLU N 13 -10.13 -51.80 37.75
C GLU N 13 -9.08 -51.10 38.62
N LYS N 14 -8.34 -51.86 39.43
CA LYS N 14 -7.32 -51.29 40.29
C LYS N 14 -6.28 -50.46 39.53
N LEU N 15 -6.11 -50.72 38.23
CA LEU N 15 -5.15 -49.93 37.45
C LEU N 15 -5.79 -48.66 36.90
N VAL N 16 -7.13 -48.62 36.95
CA VAL N 16 -7.92 -47.48 36.49
C VAL N 16 -8.01 -46.39 37.53
N LYS N 17 -8.55 -46.74 38.69
CA LYS N 17 -8.65 -45.81 39.79
C LYS N 17 -7.22 -45.27 40.04
N GLU N 18 -6.33 -46.16 40.44
CA GLU N 18 -4.95 -45.81 40.71
C GLU N 18 -4.55 -44.76 39.66
N GLU N 19 -4.63 -45.15 38.39
CA GLU N 19 -4.25 -44.23 37.32
C GLU N 19 -5.20 -43.09 36.97
N ASN N 20 -6.33 -43.01 37.67
CA ASN N 20 -7.27 -41.92 37.43
C ASN N 20 -7.77 -41.88 35.98
N VAL N 21 -8.30 -43.01 35.51
CA VAL N 21 -8.85 -43.16 34.15
C VAL N 21 -10.24 -42.57 34.09
N LYS N 22 -10.61 -41.98 32.95
CA LYS N 22 -11.91 -41.35 32.84
C LYS N 22 -12.68 -41.50 31.52
N TYR N 23 -12.00 -41.80 30.43
CA TYR N 23 -12.69 -41.94 29.14
C TYR N 23 -12.21 -43.17 28.36
N ILE N 24 -13.02 -44.23 28.39
CA ILE N 24 -12.69 -45.49 27.71
C ILE N 24 -13.24 -45.66 26.31
N ARG N 25 -12.36 -45.90 25.35
CA ARG N 25 -12.80 -46.14 24.00
C ARG N 25 -12.65 -47.59 23.72
N LEU N 26 -13.68 -48.19 23.16
CA LEU N 26 -13.63 -49.58 22.77
C LEU N 26 -13.36 -49.50 21.26
N GLN N 27 -12.12 -49.80 20.85
CA GLN N 27 -11.77 -49.75 19.44
C GLN N 27 -12.18 -51.04 18.81
N PHE N 28 -12.18 -51.04 17.50
CA PHE N 28 -12.52 -52.22 16.76
C PHE N 28 -12.42 -51.74 15.33
N THR N 29 -11.86 -52.59 14.48
CA THR N 29 -11.60 -52.27 13.08
C THR N 29 -12.69 -52.63 12.06
N ASP N 30 -13.12 -51.62 11.28
CA ASP N 30 -14.14 -51.82 10.24
C ASP N 30 -13.55 -52.54 9.01
N ILE N 31 -14.41 -53.15 8.22
CA ILE N 31 -14.03 -53.90 7.03
C ILE N 31 -12.99 -53.22 6.11
N LEU N 32 -13.06 -51.90 6.05
CA LEU N 32 -12.14 -51.11 5.24
C LEU N 32 -10.76 -50.99 5.89
N GLY N 33 -10.68 -51.40 7.15
CA GLY N 33 -9.40 -51.32 7.85
C GLY N 33 -9.31 -50.13 8.76
N THR N 34 -10.32 -49.28 8.72
CA THR N 34 -10.32 -48.08 9.55
C THR N 34 -10.59 -48.52 10.99
N ILE N 35 -10.04 -47.77 11.95
CA ILE N 35 -10.13 -48.12 13.37
C ILE N 35 -11.23 -47.40 14.12
N LYS N 36 -12.46 -47.85 13.88
CA LYS N 36 -13.65 -47.30 14.51
C LYS N 36 -13.62 -47.51 16.03
N ASN N 37 -14.64 -46.98 16.71
CA ASN N 37 -14.79 -47.10 18.18
C ASN N 37 -16.08 -46.52 18.78
N VAL N 38 -16.61 -47.19 19.82
CA VAL N 38 -17.78 -46.70 20.56
C VAL N 38 -17.08 -46.24 21.82
N GLU N 39 -17.47 -45.10 22.38
CA GLU N 39 -16.78 -44.61 23.56
C GLU N 39 -17.57 -44.39 24.84
N ILE N 40 -17.09 -45.03 25.91
CA ILE N 40 -17.70 -44.96 27.23
C ILE N 40 -16.84 -44.26 28.32
N PRO N 41 -17.50 -43.76 29.41
CA PRO N 41 -16.83 -43.09 30.53
C PRO N 41 -16.51 -44.15 31.62
N VAL N 42 -15.43 -43.96 32.38
CA VAL N 42 -15.05 -44.92 33.42
C VAL N 42 -16.25 -45.23 34.36
N SER N 43 -17.27 -44.39 34.25
CA SER N 43 -18.49 -44.49 35.03
C SER N 43 -19.43 -45.42 34.31
N GLN N 44 -18.82 -46.27 33.48
CA GLN N 44 -19.48 -47.27 32.67
C GLN N 44 -18.36 -48.21 32.28
N LEU N 45 -17.45 -48.47 33.21
CA LEU N 45 -16.38 -49.39 32.91
C LEU N 45 -17.08 -50.74 33.12
N GLY N 46 -17.89 -50.78 34.17
CA GLY N 46 -18.64 -51.97 34.54
C GLY N 46 -19.40 -52.59 33.40
N LYS N 47 -20.52 -51.98 33.03
CA LYS N 47 -21.35 -52.51 31.96
C LYS N 47 -20.48 -52.99 30.80
N ALA N 48 -19.35 -52.31 30.60
CA ALA N 48 -18.42 -52.61 29.51
C ALA N 48 -17.77 -54.00 29.49
N LEU N 49 -16.98 -54.24 30.54
CA LEU N 49 -16.25 -55.48 30.74
C LEU N 49 -17.15 -56.67 31.04
N ASP N 50 -18.36 -56.39 31.50
CA ASP N 50 -19.32 -57.46 31.77
C ASP N 50 -19.86 -57.98 30.45
N ASN N 51 -19.27 -57.52 29.35
CA ASN N 51 -19.66 -57.95 28.01
C ASN N 51 -21.12 -57.62 27.71
N LYS N 52 -21.54 -56.40 28.01
CA LYS N 52 -22.93 -56.00 27.76
C LYS N 52 -23.12 -54.66 27.03
N VAL N 53 -22.03 -53.92 26.77
CA VAL N 53 -22.13 -52.65 26.03
C VAL N 53 -22.64 -53.06 24.63
N MET N 54 -23.52 -52.28 24.00
CA MET N 54 -24.05 -52.67 22.67
C MET N 54 -23.75 -51.64 21.55
N PHE N 55 -24.18 -51.91 20.31
CA PHE N 55 -23.96 -50.96 19.20
C PHE N 55 -24.36 -51.32 17.75
N ASP N 56 -24.76 -50.31 16.97
CA ASP N 56 -25.10 -50.53 15.57
C ASP N 56 -23.81 -51.05 14.97
N GLY N 57 -23.75 -52.37 14.82
CA GLY N 57 -22.59 -53.05 14.28
C GLY N 57 -22.68 -53.38 12.79
N SER N 58 -23.26 -52.48 12.02
CA SER N 58 -23.35 -52.67 10.59
C SER N 58 -22.28 -51.70 10.16
N SER N 59 -21.85 -50.93 11.15
CA SER N 59 -20.83 -49.90 11.03
C SER N 59 -19.50 -50.53 10.74
N ILE N 60 -19.49 -51.85 10.71
CA ILE N 60 -18.28 -52.59 10.42
C ILE N 60 -18.23 -52.68 8.90
N GLU N 61 -19.40 -52.68 8.28
CA GLU N 61 -19.52 -52.79 6.83
C GLU N 61 -18.98 -51.66 5.95
N GLY N 62 -18.32 -50.68 6.54
CA GLY N 62 -17.79 -49.60 5.72
C GLY N 62 -18.96 -48.84 5.14
N PHE N 63 -18.72 -47.96 4.18
CA PHE N 63 -19.81 -47.19 3.57
C PHE N 63 -20.84 -48.00 2.79
N VAL N 64 -21.10 -49.22 3.23
CA VAL N 64 -22.05 -50.09 2.55
C VAL N 64 -23.13 -50.73 3.43
N ARG N 65 -23.10 -50.47 4.73
CA ARG N 65 -24.12 -51.03 5.62
C ARG N 65 -25.48 -50.58 5.10
N ILE N 66 -26.53 -51.33 5.42
CA ILE N 66 -27.89 -50.99 4.94
C ILE N 66 -28.98 -51.02 6.00
N GLU N 67 -28.72 -51.76 7.09
CA GLU N 67 -29.73 -51.94 8.14
C GLU N 67 -29.17 -52.01 9.55
N GLU N 68 -29.44 -51.00 10.36
CA GLU N 68 -28.94 -51.01 11.73
C GLU N 68 -28.92 -52.46 12.19
N SER N 69 -27.80 -52.82 12.80
CA SER N 69 -27.62 -54.18 13.28
C SER N 69 -26.92 -54.13 14.64
N ASP N 70 -27.69 -53.92 15.70
CA ASP N 70 -27.16 -53.87 17.06
C ASP N 70 -26.24 -55.10 17.25
N MET N 71 -25.38 -55.07 18.27
CA MET N 71 -24.45 -56.18 18.52
C MET N 71 -23.46 -55.90 19.66
N TYR N 72 -22.85 -56.96 20.22
CA TYR N 72 -21.92 -56.80 21.35
C TYR N 72 -20.43 -56.58 21.17
N LEU N 73 -19.90 -55.92 22.19
CA LEU N 73 -18.51 -55.52 22.25
C LEU N 73 -17.74 -56.11 23.43
N TYR N 74 -17.18 -57.29 23.26
CA TYR N 74 -16.36 -57.87 24.35
C TYR N 74 -14.90 -57.35 24.25
N PRO N 75 -14.36 -56.61 25.25
CA PRO N 75 -12.97 -56.10 25.26
C PRO N 75 -11.92 -57.20 25.55
N ASP N 76 -10.84 -57.26 24.76
CA ASP N 76 -9.78 -58.24 25.00
C ASP N 76 -8.89 -57.53 26.04
N LEU N 77 -9.18 -57.80 27.32
CA LEU N 77 -8.47 -57.24 28.50
C LEU N 77 -6.94 -57.06 28.45
N ASN N 78 -6.29 -57.76 27.52
CA ASN N 78 -4.83 -57.74 27.36
C ASN N 78 -4.30 -56.68 26.40
N THR N 79 -5.23 -56.20 25.58
CA THR N 79 -5.00 -55.17 24.58
C THR N 79 -5.44 -53.82 25.15
N PHE N 80 -5.75 -53.81 26.44
CA PHE N 80 -6.16 -52.63 27.19
C PHE N 80 -4.95 -51.66 27.31
N VAL N 81 -5.18 -50.38 27.05
CA VAL N 81 -4.06 -49.43 27.05
C VAL N 81 -4.34 -47.99 27.52
N ILE N 82 -3.41 -47.45 28.31
CA ILE N 82 -3.55 -46.08 28.82
C ILE N 82 -2.82 -45.01 28.01
N PHE N 83 -3.56 -44.29 27.19
CA PHE N 83 -3.01 -43.21 26.39
C PHE N 83 -2.28 -42.18 27.25
N PRO N 84 -0.93 -42.23 27.26
CA PRO N 84 -0.15 -41.27 28.07
C PRO N 84 -0.59 -39.83 27.83
N TRP N 85 -0.29 -39.35 26.62
CA TRP N 85 -0.60 -37.99 26.18
C TRP N 85 -1.45 -37.18 27.16
N THR N 86 -2.74 -37.55 27.22
CA THR N 86 -3.76 -36.91 28.04
C THR N 86 -3.36 -36.22 29.37
N ALA N 87 -3.68 -36.86 30.49
CA ALA N 87 -3.36 -36.36 31.84
C ALA N 87 -4.11 -35.11 32.37
N GLU N 88 -4.97 -34.53 31.55
CA GLU N 88 -5.71 -33.33 31.97
C GLU N 88 -6.83 -33.66 32.94
N LYS N 89 -8.04 -33.63 32.37
CA LYS N 89 -9.30 -33.90 33.05
C LYS N 89 -9.48 -35.41 33.11
N GLY N 90 -8.39 -36.12 33.40
CA GLY N 90 -8.41 -37.57 33.48
C GLY N 90 -7.42 -38.13 32.47
N LYS N 91 -7.38 -39.46 32.31
CA LYS N 91 -6.49 -40.09 31.33
C LYS N 91 -7.34 -40.97 30.41
N VAL N 92 -6.80 -41.37 29.26
CA VAL N 92 -7.55 -42.15 28.26
C VAL N 92 -7.12 -43.59 27.95
N ALA N 93 -8.03 -44.54 28.15
CA ALA N 93 -7.75 -45.95 27.87
C ALA N 93 -8.51 -46.44 26.64
N ARG N 94 -8.40 -47.74 26.40
CA ARG N 94 -9.07 -48.41 25.29
C ARG N 94 -8.92 -49.91 25.51
N PHE N 95 -9.51 -50.66 24.60
CA PHE N 95 -9.45 -52.13 24.56
C PHE N 95 -9.88 -52.42 23.10
N ILE N 96 -9.39 -53.50 22.52
CA ILE N 96 -9.80 -53.86 21.17
C ILE N 96 -10.79 -54.96 21.42
N CYS N 97 -12.00 -54.72 20.98
CA CYS N 97 -13.03 -55.67 21.30
C CYS N 97 -13.43 -56.60 20.22
N ASP N 98 -14.21 -57.59 20.61
CA ASP N 98 -14.73 -58.57 19.66
C ASP N 98 -16.19 -58.21 19.43
N ILE N 99 -16.61 -58.31 18.19
CA ILE N 99 -18.00 -58.04 17.85
C ILE N 99 -18.79 -59.33 18.02
N TYR N 100 -19.70 -59.37 18.99
CA TYR N 100 -20.48 -60.56 19.15
C TYR N 100 -21.95 -60.38 18.76
N ASN N 101 -22.46 -61.35 17.99
CA ASN N 101 -23.85 -61.34 17.55
C ASN N 101 -24.64 -61.14 18.82
N PRO N 102 -25.96 -61.09 18.74
CA PRO N 102 -26.68 -60.89 20.00
C PRO N 102 -27.00 -62.17 20.76
N ASP N 103 -26.51 -63.32 20.29
CA ASP N 103 -26.83 -64.58 20.96
C ASP N 103 -25.74 -65.43 21.64
N GLY N 104 -24.62 -64.79 22.00
CA GLY N 104 -23.50 -65.49 22.63
C GLY N 104 -22.51 -65.74 21.52
N THR N 105 -23.02 -65.52 20.32
CA THR N 105 -22.34 -65.68 19.05
C THR N 105 -21.32 -64.61 18.74
N PRO N 106 -20.12 -64.99 18.27
CA PRO N 106 -19.23 -63.88 17.97
C PRO N 106 -19.86 -63.38 16.67
N PHE N 107 -19.19 -62.48 15.94
CA PHE N 107 -19.77 -62.03 14.67
C PHE N 107 -18.91 -62.69 13.59
N GLU N 108 -19.50 -63.60 12.83
CA GLU N 108 -18.77 -64.28 11.78
C GLU N 108 -17.99 -63.31 10.88
N GLY N 109 -18.70 -62.29 10.41
CA GLY N 109 -18.10 -61.32 9.53
C GLY N 109 -17.40 -60.16 10.19
N ASP N 110 -16.62 -60.44 11.24
CA ASP N 110 -15.86 -59.42 11.95
C ASP N 110 -14.43 -59.58 11.45
N PRO N 111 -13.82 -58.51 10.93
CA PRO N 111 -12.45 -58.75 10.48
C PRO N 111 -11.69 -59.54 11.53
N ARG N 112 -11.45 -58.87 12.66
CA ARG N 112 -10.72 -59.43 13.79
C ARG N 112 -11.03 -60.86 14.15
N ASN N 113 -12.30 -61.12 14.45
CA ASN N 113 -12.77 -62.46 14.84
C ASN N 113 -12.52 -63.49 13.74
N ASN N 114 -12.94 -63.13 12.54
CA ASN N 114 -12.78 -63.96 11.36
C ASN N 114 -11.34 -64.46 11.22
N LEU N 115 -10.46 -63.85 12.02
CA LEU N 115 -9.04 -64.18 12.01
C LEU N 115 -8.77 -65.26 13.05
N LYS N 116 -9.50 -65.16 14.16
CA LYS N 116 -9.38 -66.09 15.27
C LYS N 116 -9.97 -67.42 14.84
N ARG N 117 -10.84 -67.35 13.84
CA ARG N 117 -11.52 -68.50 13.24
C ARG N 117 -10.54 -69.31 12.38
N ILE N 118 -10.01 -68.65 11.36
CA ILE N 118 -9.04 -69.21 10.44
C ILE N 118 -7.92 -69.70 11.32
N LEU N 119 -7.60 -68.93 12.36
CA LEU N 119 -6.56 -69.32 13.29
C LEU N 119 -6.99 -70.64 13.97
N LYS N 120 -8.29 -70.84 14.18
CA LYS N 120 -8.72 -72.10 14.78
C LYS N 120 -8.61 -73.17 13.70
N GLU N 121 -8.69 -72.75 12.43
CA GLU N 121 -8.55 -73.66 11.29
C GLU N 121 -7.09 -74.20 11.29
N MET N 122 -6.22 -73.52 12.04
CA MET N 122 -4.82 -73.89 12.15
C MET N 122 -4.70 -74.89 13.31
N GLU N 123 -5.01 -74.47 14.54
CA GLU N 123 -4.91 -75.40 15.66
C GLU N 123 -5.59 -76.73 15.29
N ASP N 124 -6.82 -76.65 14.78
CA ASP N 124 -7.58 -77.83 14.36
C ASP N 124 -6.56 -78.80 13.75
N LEU N 125 -5.88 -78.27 12.74
CA LEU N 125 -4.86 -78.90 11.87
C LEU N 125 -3.54 -79.43 12.45
N GLY N 126 -3.23 -79.08 13.70
CA GLY N 126 -2.00 -79.55 14.31
C GLY N 126 -1.09 -78.45 14.83
N PHE N 127 -1.19 -77.26 14.25
CA PHE N 127 -0.37 -76.11 14.65
C PHE N 127 -0.91 -75.33 15.84
N SER N 128 -0.03 -74.53 16.43
CA SER N 128 -0.38 -73.70 17.59
C SER N 128 -0.33 -72.20 17.30
N ASP N 129 0.84 -71.69 16.91
CA ASP N 129 1.01 -70.26 16.67
C ASP N 129 1.52 -69.80 15.29
N PHE N 130 0.84 -68.80 14.73
CA PHE N 130 1.21 -68.18 13.47
C PHE N 130 1.88 -66.93 14.04
N ASN N 131 2.95 -66.47 13.41
CA ASN N 131 3.63 -65.28 13.89
C ASN N 131 3.80 -64.23 12.85
N LEU N 132 3.66 -62.98 13.28
CA LEU N 132 3.78 -61.91 12.34
C LEU N 132 4.66 -60.78 12.77
N GLY N 133 5.84 -60.71 12.18
CA GLY N 133 6.71 -59.60 12.45
C GLY N 133 6.28 -58.67 11.31
N PRO N 134 5.85 -57.42 11.58
CA PRO N 134 5.47 -56.66 10.39
C PRO N 134 6.55 -55.63 10.12
N GLU N 135 6.67 -55.17 8.87
CA GLU N 135 7.67 -54.16 8.47
C GLU N 135 6.97 -52.95 7.81
N PRO N 136 6.08 -52.27 8.55
CA PRO N 136 5.34 -51.11 8.05
C PRO N 136 6.00 -49.73 7.86
N GLU N 137 6.21 -49.35 6.60
CA GLU N 137 6.80 -48.05 6.27
C GLU N 137 5.72 -46.98 6.16
N PHE N 138 6.10 -45.73 6.39
CA PHE N 138 5.21 -44.60 6.25
C PHE N 138 6.00 -43.40 5.76
N PHE N 139 5.33 -42.27 5.58
CA PHE N 139 5.99 -41.07 5.10
C PHE N 139 5.66 -39.95 6.06
N LEU N 140 6.54 -38.97 6.18
CA LEU N 140 6.24 -37.83 7.02
C LEU N 140 6.13 -36.69 6.02
N PHE N 141 5.01 -35.98 6.07
CA PHE N 141 4.73 -34.86 5.17
C PHE N 141 4.56 -33.53 5.89
N LYS N 142 5.51 -32.62 5.68
CA LYS N 142 5.48 -31.32 6.33
C LYS N 142 4.08 -30.74 6.32
N LEU N 143 3.73 -30.04 7.41
CA LEU N 143 2.42 -29.39 7.58
C LEU N 143 2.54 -27.87 7.36
N ASP N 144 1.63 -27.33 6.56
CA ASP N 144 1.61 -25.90 6.18
C ASP N 144 1.31 -24.77 7.19
N GLU N 145 0.75 -23.68 6.64
CA GLU N 145 0.38 -22.44 7.35
C GLU N 145 -0.40 -22.58 8.66
N LYS N 146 -1.42 -23.45 8.64
CA LYS N 146 -2.22 -23.76 9.82
C LYS N 146 -3.26 -24.85 9.59
N GLY N 147 -2.89 -26.08 9.93
CA GLY N 147 -3.80 -27.21 9.82
C GLY N 147 -3.74 -28.34 8.79
N GLU N 148 -3.17 -28.13 7.60
CA GLU N 148 -3.17 -29.19 6.57
C GLU N 148 -1.86 -29.74 6.03
N PRO N 149 -1.92 -30.91 5.39
CA PRO N 149 -0.64 -31.39 4.88
C PRO N 149 -0.34 -30.70 3.57
N THR N 150 0.82 -31.01 3.03
CA THR N 150 1.29 -30.51 1.76
C THR N 150 2.30 -31.57 1.30
N LEU N 151 2.48 -31.69 -0.02
CA LEU N 151 3.38 -32.66 -0.65
C LEU N 151 4.82 -32.26 -0.45
N GLU N 152 5.10 -31.79 0.75
CA GLU N 152 6.41 -31.31 1.06
C GLU N 152 6.93 -32.14 2.23
N LEU N 153 7.83 -33.05 1.87
CA LEU N 153 8.49 -33.98 2.79
C LEU N 153 9.38 -33.25 3.80
N ASN N 154 9.46 -33.82 5.00
CA ASN N 154 10.23 -33.24 6.11
C ASN N 154 11.76 -33.28 6.05
N ASP N 155 12.33 -34.14 5.22
CA ASP N 155 13.78 -34.20 5.10
C ASP N 155 14.23 -34.81 3.77
N LYS N 156 15.53 -34.81 3.54
CA LYS N 156 16.04 -35.36 2.29
C LYS N 156 17.02 -36.52 2.48
N GLY N 157 16.60 -37.53 3.23
CA GLY N 157 17.47 -38.68 3.46
C GLY N 157 17.38 -39.76 2.38
N GLY N 158 18.07 -40.87 2.64
CA GLY N 158 18.09 -42.00 1.73
C GLY N 158 18.19 -43.27 2.56
N TYR N 159 18.34 -44.42 1.90
CA TYR N 159 18.39 -45.71 2.59
C TYR N 159 19.37 -45.81 3.74
N PHE N 160 18.84 -45.73 4.96
CA PHE N 160 19.62 -45.83 6.21
C PHE N 160 20.43 -44.57 6.53
N ASP N 161 19.95 -43.42 6.06
CA ASP N 161 20.66 -42.16 6.29
C ASP N 161 20.82 -41.88 7.77
N LEU N 162 21.70 -40.93 8.09
CA LEU N 162 21.93 -40.64 9.50
C LEU N 162 21.19 -39.54 10.28
N ALA N 163 21.09 -38.32 9.76
CA ALA N 163 20.46 -37.23 10.55
C ALA N 163 19.04 -36.62 10.32
N PRO N 164 18.21 -37.18 9.42
CA PRO N 164 16.86 -36.71 9.08
C PRO N 164 16.13 -35.63 9.88
N THR N 165 16.64 -34.39 9.91
CA THR N 165 15.98 -33.30 10.65
C THR N 165 15.51 -33.82 12.02
N ASP N 166 14.90 -32.98 12.86
CA ASP N 166 14.40 -33.48 14.16
C ASP N 166 12.93 -33.87 13.88
N LEU N 167 12.47 -33.50 12.68
CA LEU N 167 11.13 -33.82 12.20
C LEU N 167 11.05 -35.31 11.86
N GLY N 168 12.12 -35.86 11.30
CA GLY N 168 12.14 -37.28 10.97
C GLY N 168 13.05 -38.11 11.85
N GLU N 169 14.09 -37.48 12.39
CA GLU N 169 15.09 -38.13 13.26
C GLU N 169 14.59 -38.26 14.70
N ASN N 170 14.40 -37.14 15.41
CA ASN N 170 13.87 -37.27 16.76
C ASN N 170 12.35 -37.32 16.56
N CYS N 171 11.94 -38.01 15.49
CA CYS N 171 10.54 -38.24 15.19
C CYS N 171 10.51 -39.76 15.19
N ARG N 172 11.23 -40.37 14.25
CA ARG N 172 11.28 -41.82 14.25
C ARG N 172 11.62 -42.16 15.69
N ARG N 173 12.18 -41.16 16.39
CA ARG N 173 12.55 -41.29 17.80
C ARG N 173 11.31 -41.17 18.67
N ASP N 174 10.87 -39.95 18.91
CA ASP N 174 9.68 -39.71 19.73
C ASP N 174 8.66 -40.83 19.59
N ILE N 175 8.45 -41.28 18.35
CA ILE N 175 7.50 -42.36 18.04
C ILE N 175 7.92 -43.59 18.82
N VAL N 176 9.19 -43.96 18.62
CA VAL N 176 9.83 -45.11 19.24
C VAL N 176 10.09 -44.91 20.74
N LEU N 177 10.43 -43.69 21.14
CA LEU N 177 10.69 -43.42 22.55
C LEU N 177 9.39 -43.30 23.31
N GLU N 178 8.28 -43.45 22.58
CA GLU N 178 6.97 -43.43 23.19
C GLU N 178 6.39 -44.83 22.98
N LEU N 179 6.46 -45.34 21.74
CA LEU N 179 5.96 -46.68 21.47
C LEU N 179 6.49 -47.63 22.55
N GLU N 180 7.79 -47.52 22.82
CA GLU N 180 8.46 -48.34 23.84
C GLU N 180 7.68 -48.32 25.13
N GLU N 181 7.30 -47.13 25.57
CA GLU N 181 6.55 -47.00 26.81
C GLU N 181 5.26 -47.78 26.90
N MET N 182 4.66 -48.11 25.75
CA MET N 182 3.39 -48.85 25.75
C MET N 182 3.50 -50.37 25.82
N GLY N 183 4.70 -50.91 25.65
CA GLY N 183 4.86 -52.35 25.72
C GLY N 183 5.12 -52.86 24.33
N PHE N 184 5.79 -52.00 23.58
CA PHE N 184 6.13 -52.25 22.18
C PHE N 184 7.53 -52.80 21.86
N GLU N 185 7.60 -54.05 21.40
CA GLU N 185 8.90 -54.61 21.05
C GLU N 185 9.34 -54.07 19.71
N ILE N 186 9.85 -52.84 19.74
CA ILE N 186 10.35 -52.18 18.55
C ILE N 186 11.71 -52.77 18.19
N GLU N 187 11.78 -53.57 17.14
CA GLU N 187 13.06 -54.12 16.75
C GLU N 187 13.98 -52.94 16.52
N ALA N 188 13.71 -52.17 15.47
CA ALA N 188 14.51 -51.00 15.14
C ALA N 188 13.80 -50.05 14.17
N SER N 189 14.38 -48.87 14.01
CA SER N 189 13.84 -47.84 13.17
C SER N 189 14.90 -47.55 12.13
N HIS N 190 14.53 -46.79 11.10
CA HIS N 190 15.50 -46.33 10.10
C HIS N 190 14.95 -45.48 8.98
N HIS N 191 15.84 -44.75 8.29
CA HIS N 191 15.38 -43.87 7.21
C HIS N 191 15.29 -44.65 5.90
N GLU N 192 14.11 -44.69 5.27
CA GLU N 192 13.94 -45.50 4.11
C GLU N 192 14.49 -44.92 2.81
N VAL N 193 14.36 -45.63 1.70
CA VAL N 193 14.97 -45.13 0.49
C VAL N 193 14.62 -43.69 0.13
N ALA N 194 13.33 -43.49 -0.09
CA ALA N 194 12.83 -42.20 -0.54
C ALA N 194 12.60 -41.18 0.53
N PRO N 195 12.93 -39.90 0.23
CA PRO N 195 12.82 -38.71 1.08
C PRO N 195 11.61 -38.76 1.99
N GLY N 196 11.85 -38.62 3.28
CA GLY N 196 10.76 -38.65 4.22
C GLY N 196 10.16 -40.01 4.46
N GLN N 197 10.62 -41.04 3.73
CA GLN N 197 10.09 -42.41 3.89
C GLN N 197 10.67 -43.08 5.13
N HIS N 198 9.80 -43.36 6.11
CA HIS N 198 10.21 -43.97 7.38
C HIS N 198 9.81 -45.40 7.70
N GLU N 199 10.68 -46.05 8.46
CA GLU N 199 10.44 -47.43 8.88
C GLU N 199 10.66 -47.61 10.38
N ILE N 200 9.85 -48.46 10.97
CA ILE N 200 9.86 -48.77 12.38
C ILE N 200 9.59 -50.26 12.42
N ASP N 201 10.67 -51.03 12.43
CA ASP N 201 10.57 -52.48 12.44
C ASP N 201 10.16 -53.06 13.77
N PHE N 202 8.96 -53.61 13.85
CA PHE N 202 8.60 -54.18 15.12
C PHE N 202 8.44 -55.67 15.17
N LYS N 203 9.02 -56.19 16.25
CA LYS N 203 9.14 -57.59 16.57
C LYS N 203 8.04 -58.57 16.94
N TYR N 204 8.27 -59.78 16.45
CA TYR N 204 7.51 -60.96 16.74
C TYR N 204 6.15 -60.79 17.40
N ALA N 205 5.07 -61.40 16.89
CA ALA N 205 3.78 -61.29 17.61
C ALA N 205 2.83 -62.47 17.17
N GLY N 206 1.81 -62.84 17.95
CA GLY N 206 0.97 -63.94 17.47
C GLY N 206 0.15 -63.32 16.35
N ALA N 207 -0.52 -64.02 15.45
CA ALA N 207 -1.21 -63.23 14.42
C ALA N 207 -1.83 -61.91 14.91
N VAL N 208 -2.82 -62.11 15.80
CA VAL N 208 -3.69 -61.11 16.42
C VAL N 208 -3.07 -60.02 17.27
N ARG N 209 -2.18 -60.36 18.20
CA ARG N 209 -1.55 -59.32 19.00
C ARG N 209 -0.88 -58.38 18.01
N SER N 210 -0.35 -58.98 16.94
CA SER N 210 0.39 -58.28 15.89
C SER N 210 -0.38 -57.31 15.01
N CYS N 211 -1.64 -57.59 14.68
CA CYS N 211 -2.38 -56.62 13.88
C CYS N 211 -2.93 -55.60 14.85
N ASP N 212 -3.07 -56.02 16.11
CA ASP N 212 -3.55 -55.13 17.14
C ASP N 212 -2.41 -54.19 17.47
N ASP N 213 -1.19 -54.70 17.41
CA ASP N 213 -0.04 -53.86 17.66
C ASP N 213 0.15 -53.01 16.42
N ILE N 214 -0.16 -53.61 15.27
CA ILE N 214 -0.07 -52.92 13.98
C ILE N 214 -1.09 -51.77 13.89
N GLN N 215 -2.31 -51.98 14.37
CA GLN N 215 -3.31 -50.93 14.32
C GLN N 215 -3.05 -49.93 15.43
N THR N 216 -2.81 -50.42 16.64
CA THR N 216 -2.50 -49.53 17.75
C THR N 216 -1.47 -48.49 17.22
N PHE N 217 -0.64 -49.00 16.31
CA PHE N 217 0.45 -48.30 15.66
C PHE N 217 0.08 -47.18 14.67
N LYS N 218 -0.71 -47.49 13.62
CA LYS N 218 -1.13 -46.48 12.64
C LYS N 218 -1.93 -45.40 13.36
N LEU N 219 -2.28 -45.71 14.60
CA LEU N 219 -3.08 -44.82 15.42
C LEU N 219 -2.20 -43.84 16.16
N VAL N 220 -1.09 -44.33 16.70
CA VAL N 220 -0.12 -43.53 17.44
C VAL N 220 0.67 -42.72 16.42
N VAL N 221 1.31 -43.42 15.51
CA VAL N 221 2.11 -42.79 14.50
C VAL N 221 1.50 -41.51 13.93
N LYS N 222 0.23 -41.50 13.59
CA LYS N 222 -0.32 -40.25 13.07
C LYS N 222 -0.45 -39.03 14.05
N THR N 223 -0.37 -39.25 15.36
CA THR N 223 -0.48 -38.16 16.34
C THR N 223 0.87 -37.59 16.77
N ILE N 224 1.75 -38.48 17.20
CA ILE N 224 3.07 -38.06 17.61
C ILE N 224 3.83 -37.43 16.44
N ALA N 225 3.36 -37.74 15.23
CA ALA N 225 3.99 -37.22 14.03
C ALA N 225 3.45 -35.83 13.78
N ARG N 226 2.25 -35.60 14.29
CA ARG N 226 1.53 -34.35 14.12
C ARG N 226 1.97 -33.34 15.15
N LYS N 227 2.25 -33.79 16.37
CA LYS N 227 2.69 -32.84 17.38
C LYS N 227 4.02 -32.28 16.90
N HIS N 228 4.73 -33.04 16.06
CA HIS N 228 6.02 -32.59 15.51
C HIS N 228 5.74 -31.75 14.25
N GLY N 229 4.44 -31.55 14.00
CA GLY N 229 3.98 -30.74 12.88
C GLY N 229 4.02 -31.29 11.46
N LEU N 230 3.59 -32.52 11.27
CA LEU N 230 3.64 -33.12 9.95
C LEU N 230 2.55 -34.21 9.82
N HIS N 231 2.07 -34.45 8.59
CA HIS N 231 1.08 -35.52 8.37
C HIS N 231 1.86 -36.78 8.06
N ALA N 232 1.48 -37.86 8.73
CA ALA N 232 2.12 -39.14 8.53
C ALA N 232 1.21 -39.94 7.60
N THR N 233 1.72 -40.43 6.48
CA THR N 233 0.85 -41.23 5.60
C THR N 233 1.32 -42.62 5.18
N PHE N 234 0.39 -43.55 5.31
CA PHE N 234 0.64 -44.94 4.99
C PHE N 234 0.25 -45.28 3.58
N MET N 235 -0.41 -44.34 2.93
CA MET N 235 -0.84 -44.52 1.55
C MET N 235 0.30 -45.18 0.78
N PRO N 236 0.01 -46.30 0.09
CA PRO N 236 0.92 -47.11 -0.72
C PRO N 236 1.89 -46.24 -1.53
N LYS N 237 1.43 -45.77 -2.69
CA LYS N 237 2.27 -44.89 -3.49
C LYS N 237 1.63 -43.50 -3.42
N PRO N 238 2.23 -42.62 -2.61
CA PRO N 238 1.66 -41.28 -2.50
C PRO N 238 2.12 -40.49 -3.69
N LEU N 239 3.45 -40.36 -3.80
CA LEU N 239 4.07 -39.61 -4.88
C LEU N 239 4.46 -40.50 -6.03
N PHE N 240 4.11 -40.04 -7.23
CA PHE N 240 4.47 -40.72 -8.46
C PHE N 240 5.97 -40.45 -8.48
N GLY N 241 6.68 -41.12 -9.38
CA GLY N 241 8.11 -40.94 -9.47
C GLY N 241 8.81 -41.52 -8.25
N VAL N 242 8.11 -41.46 -7.13
CA VAL N 242 8.67 -41.91 -5.88
C VAL N 242 8.28 -43.27 -5.28
N ASN N 243 9.34 -44.00 -4.94
CA ASN N 243 9.28 -45.31 -4.31
C ASN N 243 8.12 -45.28 -3.31
N GLY N 244 7.35 -46.36 -3.21
CA GLY N 244 6.21 -46.34 -2.29
C GLY N 244 6.41 -46.95 -0.91
N SER N 245 5.35 -46.98 -0.10
CA SER N 245 5.44 -47.58 1.23
C SER N 245 4.94 -49.01 1.13
N GLY N 246 5.68 -49.95 1.71
CA GLY N 246 5.28 -51.34 1.69
C GLY N 246 5.29 -51.92 3.09
N MET N 247 4.29 -52.74 3.40
CA MET N 247 4.21 -53.36 4.73
C MET N 247 4.61 -54.83 4.67
N HIS N 248 5.90 -55.07 4.38
CA HIS N 248 6.43 -56.42 4.29
C HIS N 248 5.94 -57.23 5.51
N CYS N 249 5.59 -58.51 5.31
CA CYS N 249 5.12 -59.38 6.41
C CYS N 249 5.99 -60.61 6.54
N ASN N 250 6.38 -60.94 7.77
CA ASN N 250 7.20 -62.11 8.06
C ASN N 250 6.25 -63.12 8.68
N LEU N 251 6.26 -64.36 8.19
CA LEU N 251 5.37 -65.36 8.74
C LEU N 251 6.18 -66.49 9.32
N SER N 252 5.76 -67.03 10.46
CA SER N 252 6.49 -68.15 11.04
C SER N 252 5.56 -69.11 11.78
N LEU N 253 5.16 -70.15 11.09
CA LEU N 253 4.26 -71.16 11.66
C LEU N 253 4.99 -72.11 12.63
N PHE N 254 4.46 -72.25 13.85
CA PHE N 254 4.96 -73.08 14.97
C PHE N 254 4.08 -74.30 15.40
N LYS N 255 4.62 -75.15 16.26
CA LYS N 255 3.93 -76.39 16.54
C LYS N 255 4.72 -77.09 17.56
N ASN N 256 4.09 -77.20 18.69
CA ASN N 256 4.84 -77.79 19.75
C ASN N 256 5.86 -76.67 20.04
N GLY N 257 5.44 -75.41 19.96
CA GLY N 257 6.33 -74.29 20.26
C GLY N 257 7.70 -74.50 19.64
N VAL N 258 7.69 -74.99 18.40
CA VAL N 258 8.92 -75.22 17.65
C VAL N 258 8.63 -74.71 16.26
N ASN N 259 9.58 -74.03 15.63
CA ASN N 259 9.27 -73.59 14.29
C ASN N 259 9.14 -74.89 13.54
N ALA N 260 8.35 -74.87 12.47
CA ALA N 260 8.13 -76.05 11.65
C ALA N 260 8.92 -75.87 10.37
N PHE N 261 8.87 -74.66 9.84
CA PHE N 261 9.57 -74.29 8.62
C PHE N 261 11.04 -74.73 8.57
N PHE N 262 11.71 -74.66 9.73
CA PHE N 262 13.12 -75.01 9.86
C PHE N 262 13.49 -76.47 9.70
N ASP N 263 14.53 -76.76 8.91
CA ASP N 263 14.93 -78.16 8.83
C ASP N 263 16.35 -78.55 8.41
N GLU N 264 17.29 -78.27 9.30
CA GLU N 264 18.70 -78.62 9.16
C GLU N 264 19.24 -79.32 7.88
N ASN N 265 19.10 -80.64 7.78
CA ASN N 265 19.61 -81.39 6.61
C ASN N 265 18.67 -81.49 5.41
N ALA N 266 18.12 -80.37 4.97
CA ALA N 266 17.21 -80.37 3.83
C ALA N 266 17.39 -79.16 2.94
N ASP N 267 16.85 -79.25 1.72
CA ASP N 267 16.92 -78.17 0.73
C ASP N 267 16.68 -76.76 1.29
N LEU N 268 17.75 -76.07 1.63
CA LEU N 268 17.68 -74.73 2.20
C LEU N 268 17.06 -74.71 3.62
N GLN N 269 17.41 -75.66 4.47
CA GLN N 269 16.90 -75.76 5.85
C GLN N 269 15.41 -75.49 5.95
N LEU N 270 14.75 -75.63 4.81
CA LEU N 270 13.31 -75.45 4.76
C LEU N 270 12.67 -76.81 4.94
N SER N 271 12.05 -77.02 6.10
CA SER N 271 11.35 -78.29 6.38
C SER N 271 10.66 -78.74 5.08
N GLU N 272 9.44 -79.23 5.18
CA GLU N 272 8.73 -79.58 3.98
C GLU N 272 7.46 -78.78 4.06
N THR N 273 6.93 -78.66 5.28
CA THR N 273 5.73 -77.85 5.50
C THR N 273 6.09 -76.42 5.04
N ALA N 274 7.36 -76.06 5.23
CA ALA N 274 7.81 -74.76 4.81
C ALA N 274 7.34 -74.62 3.37
N LYS N 275 7.84 -75.52 2.52
CA LYS N 275 7.55 -75.53 1.09
C LYS N 275 6.08 -75.63 0.64
N HIS N 276 5.26 -76.35 1.38
CA HIS N 276 3.87 -76.40 1.01
C HIS N 276 3.46 -74.94 1.19
N PHE N 277 3.66 -74.45 2.40
CA PHE N 277 3.34 -73.08 2.78
C PHE N 277 3.94 -72.08 1.80
N ILE N 278 5.03 -72.44 1.12
CA ILE N 278 5.62 -71.53 0.15
C ILE N 278 4.74 -71.69 -1.10
N ALA N 279 4.38 -72.94 -1.38
CA ALA N 279 3.53 -73.28 -2.52
C ALA N 279 2.13 -72.67 -2.39
N GLY N 280 1.51 -72.92 -1.24
CA GLY N 280 0.18 -72.41 -0.95
C GLY N 280 0.05 -70.90 -0.95
N ILE N 281 1.16 -70.16 -0.98
CA ILE N 281 1.05 -68.70 -1.02
C ILE N 281 1.31 -68.32 -2.46
N VAL N 282 2.14 -69.09 -3.14
CA VAL N 282 2.42 -68.74 -4.52
C VAL N 282 1.14 -68.91 -5.34
N LYS N 283 0.44 -70.01 -5.13
CA LYS N 283 -0.78 -70.30 -5.88
C LYS N 283 -1.85 -69.21 -5.89
N HIS N 284 -2.33 -68.83 -4.71
CA HIS N 284 -3.37 -67.82 -4.58
C HIS N 284 -2.95 -66.35 -4.70
N ALA N 285 -1.64 -66.09 -4.77
CA ALA N 285 -1.08 -64.73 -4.83
C ALA N 285 -1.84 -63.76 -5.68
N THR N 286 -2.11 -64.12 -6.92
CA THR N 286 -2.85 -63.17 -7.69
C THR N 286 -4.24 -63.12 -7.10
N SER N 287 -4.66 -64.19 -6.44
CA SER N 287 -6.00 -64.18 -5.87
C SER N 287 -6.18 -63.23 -4.71
N PHE N 288 -5.35 -63.36 -3.69
CA PHE N 288 -5.55 -62.50 -2.54
C PHE N 288 -5.04 -61.05 -2.66
N THR N 289 -4.49 -60.66 -3.81
CA THR N 289 -4.03 -59.30 -3.99
C THR N 289 -5.07 -58.26 -3.47
N ALA N 290 -6.30 -58.32 -3.99
CA ALA N 290 -7.43 -57.45 -3.58
C ALA N 290 -7.42 -57.05 -2.10
N VAL N 291 -7.10 -57.98 -1.21
CA VAL N 291 -7.05 -57.73 0.23
C VAL N 291 -5.72 -57.15 0.73
N THR N 292 -4.63 -57.69 0.17
CA THR N 292 -3.28 -57.29 0.50
C THR N 292 -2.84 -55.96 -0.13
N ASN N 293 -3.71 -55.39 -0.96
CA ASN N 293 -3.49 -54.11 -1.65
C ASN N 293 -4.88 -53.58 -2.01
N PRO N 294 -5.77 -53.52 -1.02
CA PRO N 294 -7.16 -53.08 -1.11
C PRO N 294 -7.54 -51.77 -1.80
N THR N 295 -6.59 -50.87 -2.01
CA THR N 295 -6.95 -49.60 -2.63
C THR N 295 -6.42 -49.41 -4.05
N VAL N 296 -7.07 -48.51 -4.79
CA VAL N 296 -6.72 -48.24 -6.18
C VAL N 296 -5.25 -47.94 -6.34
N ASN N 297 -4.79 -47.01 -5.53
CA ASN N 297 -3.42 -46.50 -5.47
C ASN N 297 -2.25 -47.50 -5.31
N SER N 298 -2.50 -48.61 -4.62
CA SER N 298 -1.47 -49.62 -4.39
C SER N 298 -0.88 -50.25 -5.64
N TYR N 299 -1.66 -50.29 -6.71
CA TYR N 299 -1.20 -50.90 -7.95
C TYR N 299 -0.30 -49.98 -8.77
N LYS N 300 -0.24 -48.72 -8.34
CA LYS N 300 0.61 -47.73 -9.00
C LYS N 300 1.90 -47.83 -8.19
N ARG N 301 1.87 -48.66 -7.14
CA ARG N 301 3.01 -48.88 -6.26
C ARG N 301 3.82 -50.00 -6.84
N LEU N 302 3.10 -51.00 -7.34
CA LEU N 302 3.66 -52.20 -7.97
C LEU N 302 4.05 -51.85 -9.40
N VAL N 303 4.88 -50.82 -9.55
CA VAL N 303 5.33 -50.40 -10.87
C VAL N 303 6.74 -51.02 -11.10
N PRO N 304 7.18 -51.18 -12.37
CA PRO N 304 8.51 -51.77 -12.53
C PRO N 304 9.66 -50.94 -11.96
N GLY N 305 10.52 -51.64 -11.24
CA GLY N 305 11.66 -50.99 -10.66
C GLY N 305 11.66 -50.89 -9.17
N TYR N 306 10.82 -50.00 -8.64
CA TYR N 306 10.73 -49.71 -7.20
C TYR N 306 10.76 -50.82 -6.16
N GLU N 307 11.48 -51.90 -6.43
CA GLU N 307 11.63 -52.97 -5.45
C GLU N 307 10.39 -53.79 -5.14
N ALA N 308 9.22 -53.29 -5.53
CA ALA N 308 7.98 -54.01 -5.27
C ALA N 308 7.91 -55.31 -6.07
N PRO N 309 7.19 -56.32 -5.54
CA PRO N 309 7.12 -57.56 -6.32
C PRO N 309 6.17 -57.24 -7.48
N CYS N 310 6.47 -57.72 -8.68
CA CYS N 310 5.58 -57.46 -9.79
C CYS N 310 5.12 -58.81 -10.30
N TYR N 311 5.83 -59.86 -9.85
CA TYR N 311 5.53 -61.20 -10.30
C TYR N 311 5.48 -62.25 -9.19
N VAL N 312 4.45 -63.09 -9.27
CA VAL N 312 4.27 -64.17 -8.32
C VAL N 312 5.47 -65.07 -8.52
N ALA N 313 6.45 -64.98 -7.63
CA ALA N 313 7.65 -65.81 -7.71
C ALA N 313 8.48 -65.66 -6.44
N TRP N 314 9.04 -66.75 -5.94
CA TRP N 314 9.86 -66.66 -4.74
C TRP N 314 11.36 -66.65 -5.04
N SER N 315 12.17 -66.54 -3.99
CA SER N 315 13.60 -66.48 -4.15
C SER N 315 14.27 -66.42 -2.80
N ALA N 316 15.59 -66.44 -2.85
CA ALA N 316 16.43 -66.38 -1.68
C ALA N 316 17.27 -65.14 -1.89
N GLN N 317 16.74 -64.24 -2.73
CA GLN N 317 17.39 -62.98 -3.04
C GLN N 317 17.09 -62.45 -4.44
N ASN N 318 16.36 -61.34 -4.48
CA ASN N 318 16.02 -60.67 -5.72
C ASN N 318 15.25 -59.34 -5.55
N ARG N 319 15.36 -58.49 -6.56
CA ARG N 319 14.72 -57.17 -6.60
C ARG N 319 13.21 -57.27 -6.56
N SER N 320 12.67 -58.11 -7.44
CA SER N 320 11.22 -58.33 -7.55
C SER N 320 10.76 -59.70 -7.09
N PRO N 321 11.06 -60.10 -5.85
CA PRO N 321 10.63 -61.40 -5.34
C PRO N 321 9.39 -61.20 -4.47
N LEU N 322 8.28 -61.82 -4.83
CA LEU N 322 7.03 -61.70 -4.07
C LEU N 322 7.19 -62.35 -2.71
N ILE N 323 8.00 -63.38 -2.64
CA ILE N 323 8.23 -64.04 -1.38
C ILE N 323 9.70 -63.81 -1.12
N ARG N 324 10.13 -64.02 0.11
CA ARG N 324 11.53 -63.90 0.42
C ARG N 324 11.79 -64.74 1.63
N ILE N 325 12.59 -65.80 1.47
CA ILE N 325 12.94 -66.63 2.62
C ILE N 325 14.15 -65.90 3.20
N PRO N 326 13.97 -65.25 4.35
CA PRO N 326 15.03 -64.51 5.04
C PRO N 326 16.14 -65.37 5.59
N ALA N 327 17.32 -64.77 5.66
CA ALA N 327 18.52 -65.43 6.16
C ALA N 327 18.34 -66.38 7.36
N SER N 328 18.40 -65.87 8.59
CA SER N 328 18.31 -66.74 9.78
C SER N 328 17.36 -67.96 9.83
N ARG N 329 17.81 -69.01 10.53
CA ARG N 329 17.12 -70.31 10.75
C ARG N 329 16.74 -70.61 12.23
N GLY N 330 16.39 -71.84 12.59
CA GLY N 330 15.93 -72.04 13.97
C GLY N 330 14.58 -71.38 14.17
N ILE N 331 14.27 -70.95 15.39
CA ILE N 331 12.97 -70.34 15.62
C ILE N 331 12.75 -69.29 14.56
N SER N 332 13.77 -68.48 14.33
CA SER N 332 13.67 -67.42 13.36
C SER N 332 13.39 -67.82 11.93
N THR N 333 13.20 -69.09 11.63
CA THR N 333 12.96 -69.35 10.21
C THR N 333 11.65 -68.70 9.83
N ARG N 334 11.60 -68.10 8.64
CA ARG N 334 10.38 -67.47 8.22
C ARG N 334 10.35 -67.12 6.73
N VAL N 335 9.16 -66.84 6.23
CA VAL N 335 8.88 -66.50 4.83
C VAL N 335 8.34 -65.07 4.71
N GLU N 336 8.80 -64.33 3.69
CA GLU N 336 8.35 -62.95 3.49
C GLU N 336 7.42 -62.79 2.27
N VAL N 337 6.36 -62.00 2.44
CA VAL N 337 5.39 -61.71 1.38
C VAL N 337 5.39 -60.20 1.21
N ARG N 338 6.50 -59.66 0.73
CA ARG N 338 6.69 -58.23 0.55
C ARG N 338 5.54 -57.55 -0.24
N SER N 339 4.66 -58.37 -0.84
CA SER N 339 3.51 -57.88 -1.60
C SER N 339 2.67 -56.83 -0.86
N VAL N 340 2.33 -57.20 0.37
CA VAL N 340 1.46 -56.44 1.27
C VAL N 340 1.86 -55.03 1.64
N ASP N 341 0.89 -54.14 1.54
CA ASP N 341 1.11 -52.71 1.84
C ASP N 341 0.35 -52.11 3.11
N PRO N 342 0.88 -51.01 3.80
CA PRO N 342 0.28 -50.37 5.02
C PRO N 342 -1.20 -50.04 5.10
N ALA N 343 -1.83 -50.16 3.95
CA ALA N 343 -3.24 -49.89 3.81
C ALA N 343 -3.98 -51.21 3.68
N ALA N 344 -3.47 -52.25 4.33
CA ALA N 344 -4.10 -53.58 4.30
C ALA N 344 -4.89 -53.77 5.57
N ASN N 345 -5.84 -54.71 5.56
CA ASN N 345 -6.56 -54.91 6.78
C ASN N 345 -5.62 -55.84 7.52
N PRO N 346 -4.94 -55.33 8.56
CA PRO N 346 -4.02 -56.19 9.30
C PRO N 346 -4.62 -57.59 9.53
N TYR N 347 -5.95 -57.64 9.51
CA TYR N 347 -6.73 -58.86 9.77
C TYR N 347 -7.06 -59.77 8.58
N LEU N 348 -7.75 -59.22 7.56
CA LEU N 348 -8.14 -59.99 6.38
C LEU N 348 -6.93 -60.34 5.50
N ALA N 349 -5.86 -59.61 5.71
CA ALA N 349 -4.66 -59.81 4.95
C ALA N 349 -3.94 -60.95 5.62
N LEU N 350 -3.99 -60.92 6.94
CA LEU N 350 -3.34 -61.95 7.73
C LEU N 350 -4.15 -63.21 7.58
N SER N 351 -5.38 -63.07 7.18
CA SER N 351 -6.21 -64.24 7.07
C SER N 351 -6.11 -64.93 5.72
N VAL N 352 -6.16 -64.17 4.64
CA VAL N 352 -6.04 -64.77 3.33
C VAL N 352 -4.65 -65.41 3.25
N LEU N 353 -3.62 -64.61 3.55
CA LEU N 353 -2.21 -65.05 3.53
C LEU N 353 -2.04 -66.46 4.13
N LEU N 354 -2.44 -66.61 5.40
CA LEU N 354 -2.39 -67.90 6.09
C LEU N 354 -3.28 -68.86 5.29
N ALA N 355 -4.53 -68.49 5.09
CA ALA N 355 -5.48 -69.30 4.34
C ALA N 355 -4.84 -70.15 3.26
N ALA N 356 -3.91 -69.54 2.53
CA ALA N 356 -3.19 -70.17 1.43
C ALA N 356 -1.93 -70.84 1.88
N GLY N 357 -1.32 -70.34 2.95
CA GLY N 357 -0.15 -71.01 3.47
C GLY N 357 -0.69 -72.41 3.72
N LEU N 358 -1.66 -72.48 4.63
CA LEU N 358 -2.37 -73.69 5.04
C LEU N 358 -2.99 -74.55 3.92
N ASP N 359 -3.84 -73.97 3.06
CA ASP N 359 -4.42 -74.76 1.96
C ASP N 359 -3.25 -75.57 1.46
N GLY N 360 -2.14 -74.84 1.25
CA GLY N 360 -0.90 -75.42 0.78
C GLY N 360 -0.35 -76.48 1.72
N ILE N 361 -0.52 -76.30 3.03
CA ILE N 361 -0.06 -77.29 3.99
C ILE N 361 -1.00 -78.52 3.81
N LYS N 362 -2.25 -78.41 4.22
CA LYS N 362 -3.18 -79.54 4.12
C LYS N 362 -3.29 -80.26 2.78
N ASN N 363 -3.14 -79.55 1.66
CA ASN N 363 -3.30 -80.23 0.38
C ASN N 363 -1.99 -80.76 -0.25
N LYS N 364 -0.88 -80.54 0.43
CA LYS N 364 0.43 -80.96 -0.03
C LYS N 364 0.69 -80.50 -1.46
N LEU N 365 0.59 -79.18 -1.62
CA LEU N 365 0.84 -78.51 -2.88
C LEU N 365 2.35 -78.47 -3.10
N GLU N 366 2.76 -78.75 -4.34
CA GLU N 366 4.17 -78.75 -4.71
C GLU N 366 4.69 -77.33 -4.90
N ALA N 367 5.79 -76.99 -4.23
CA ALA N 367 6.36 -75.65 -4.35
C ALA N 367 7.23 -75.62 -5.59
N PRO N 368 6.99 -74.66 -6.50
CA PRO N 368 7.71 -74.49 -7.77
C PRO N 368 9.11 -73.86 -7.64
N ALA N 369 10.07 -74.46 -8.35
CA ALA N 369 11.47 -74.00 -8.34
C ALA N 369 11.63 -72.46 -8.10
N PRO N 370 12.45 -72.05 -7.10
CA PRO N 370 12.78 -70.67 -6.66
C PRO N 370 13.42 -69.85 -7.77
N ILE N 371 13.14 -68.56 -7.86
CA ILE N 371 13.72 -67.81 -8.96
C ILE N 371 15.05 -67.15 -8.59
N ASP N 372 16.00 -67.25 -9.51
CA ASP N 372 17.29 -66.68 -9.25
C ASP N 372 17.42 -65.37 -10.01
N ARG N 373 18.36 -65.23 -10.94
CA ARG N 373 18.46 -63.95 -11.61
C ARG N 373 18.04 -63.84 -13.08
N ASN N 374 16.75 -63.78 -13.40
CA ASN N 374 16.43 -63.57 -14.80
C ASN N 374 15.09 -62.96 -15.24
N ILE N 375 14.34 -62.32 -14.34
CA ILE N 375 12.99 -61.79 -14.66
C ILE N 375 12.80 -60.39 -15.25
N TYR N 376 13.50 -59.44 -14.66
CA TYR N 376 13.48 -58.04 -15.08
C TYR N 376 14.33 -58.00 -16.35
N VAL N 377 15.32 -58.88 -16.34
CA VAL N 377 16.22 -59.03 -17.46
C VAL N 377 15.38 -59.74 -18.53
N MET N 378 14.28 -60.37 -18.09
CA MET N 378 13.37 -61.11 -18.97
C MET N 378 12.03 -60.49 -19.36
N SER N 379 11.53 -60.95 -20.50
CA SER N 379 10.26 -60.51 -21.08
C SER N 379 9.13 -61.13 -20.26
N LYS N 380 7.89 -60.66 -20.45
CA LYS N 380 6.76 -61.20 -19.69
C LYS N 380 6.03 -62.36 -20.38
N GLU N 381 6.37 -62.62 -21.64
CA GLU N 381 5.73 -63.71 -22.40
C GLU N 381 6.50 -65.01 -22.24
N GLU N 382 7.80 -64.88 -22.03
CA GLU N 382 8.62 -66.05 -21.82
C GLU N 382 8.49 -66.21 -20.30
N ARG N 383 8.32 -65.09 -19.63
CA ARG N 383 8.16 -65.04 -18.18
C ARG N 383 6.74 -65.39 -17.77
N MET N 384 5.93 -65.80 -18.74
CA MET N 384 4.54 -66.16 -18.46
C MET N 384 4.26 -67.63 -18.70
N GLU N 385 5.26 -68.34 -19.20
CA GLU N 385 5.12 -69.76 -19.41
C GLU N 385 5.70 -70.24 -18.09
N ASN N 386 6.98 -69.95 -17.91
CA ASN N 386 7.71 -70.32 -16.71
C ASN N 386 6.88 -69.98 -15.49
N GLY N 387 6.90 -70.89 -14.51
CA GLY N 387 6.12 -70.76 -13.28
C GLY N 387 5.54 -69.40 -12.90
N ILE N 388 6.36 -68.38 -13.05
CA ILE N 388 6.05 -66.99 -12.70
C ILE N 388 4.92 -66.27 -13.44
N VAL N 389 4.09 -65.52 -12.71
CA VAL N 389 3.03 -64.72 -13.35
C VAL N 389 2.77 -63.40 -12.69
N ASP N 390 2.69 -62.37 -13.53
CA ASP N 390 2.44 -61.02 -13.05
C ASP N 390 1.25 -60.96 -12.09
N LEU N 391 1.21 -59.94 -11.23
CA LEU N 391 0.13 -59.74 -10.27
C LEU N 391 -0.87 -58.80 -10.99
N PRO N 392 -2.13 -58.70 -10.50
CA PRO N 392 -3.01 -57.80 -11.25
C PRO N 392 -2.34 -56.41 -11.31
N ALA N 393 -2.92 -55.47 -12.05
CA ALA N 393 -2.33 -54.12 -12.16
C ALA N 393 -3.28 -52.98 -11.73
N THR N 394 -4.50 -53.35 -11.33
CA THR N 394 -5.53 -52.40 -10.92
C THR N 394 -6.39 -53.08 -9.85
N LEU N 395 -6.97 -52.31 -8.93
CA LEU N 395 -7.81 -52.92 -7.89
C LEU N 395 -8.88 -53.88 -8.40
N ALA N 396 -9.24 -53.71 -9.67
CA ALA N 396 -10.29 -54.51 -10.30
C ALA N 396 -9.82 -55.79 -10.95
N GLU N 397 -8.72 -55.74 -11.70
CA GLU N 397 -8.24 -56.95 -12.32
C GLU N 397 -7.99 -57.83 -11.13
N ALA N 398 -7.71 -57.16 -10.02
CA ALA N 398 -7.43 -57.80 -8.75
C ALA N 398 -8.65 -58.49 -8.15
N LEU N 399 -9.80 -57.81 -8.21
CA LEU N 399 -11.05 -58.33 -7.66
C LEU N 399 -11.56 -59.50 -8.44
N GLU N 400 -11.67 -59.32 -9.74
CA GLU N 400 -12.18 -60.38 -10.56
C GLU N 400 -11.31 -61.61 -10.36
N GLU N 401 -10.05 -61.44 -9.95
CA GLU N 401 -9.13 -62.59 -9.72
C GLU N 401 -9.35 -63.19 -8.32
N PHE N 402 -10.03 -62.41 -7.47
CA PHE N 402 -10.35 -62.74 -6.07
C PHE N 402 -11.72 -63.41 -5.90
N LYS N 403 -12.67 -63.02 -6.73
CA LYS N 403 -14.02 -63.59 -6.69
C LYS N 403 -13.93 -65.01 -7.25
N SER N 404 -12.92 -65.22 -8.09
CA SER N 404 -12.69 -66.50 -8.76
C SER N 404 -12.08 -67.60 -7.89
N ASN N 405 -11.43 -67.25 -6.80
CA ASN N 405 -10.79 -68.27 -5.95
C ASN N 405 -11.71 -68.70 -4.82
N GLU N 406 -12.24 -69.92 -4.93
CA GLU N 406 -13.20 -70.43 -3.93
C GLU N 406 -12.65 -70.46 -2.52
N VAL N 407 -11.36 -70.72 -2.38
CA VAL N 407 -10.74 -70.80 -1.06
C VAL N 407 -10.56 -69.46 -0.34
N MET N 408 -10.45 -68.37 -1.08
CA MET N 408 -10.31 -67.07 -0.42
C MET N 408 -11.67 -66.77 0.20
N VAL N 409 -12.72 -66.93 -0.60
CA VAL N 409 -14.07 -66.75 -0.12
C VAL N 409 -14.11 -67.32 1.30
N LYS N 410 -13.79 -68.60 1.40
CA LYS N 410 -13.73 -69.36 2.66
C LYS N 410 -12.98 -68.63 3.77
N ALA N 411 -11.96 -67.85 3.40
CA ALA N 411 -11.16 -67.12 4.38
C ALA N 411 -11.77 -65.79 4.82
N LEU N 412 -13.00 -65.51 4.35
CA LEU N 412 -13.73 -64.29 4.72
C LEU N 412 -15.16 -64.68 5.08
N GLY N 413 -15.64 -65.76 4.48
CA GLY N 413 -16.98 -66.26 4.76
C GLY N 413 -18.09 -65.32 4.34
N GLU N 414 -18.73 -65.66 3.23
CA GLU N 414 -19.81 -64.86 2.65
C GLU N 414 -19.98 -63.45 3.25
N HIS N 415 -20.40 -63.28 4.51
CA HIS N 415 -20.58 -61.89 4.98
C HIS N 415 -19.38 -60.98 4.79
N LEU N 416 -18.21 -61.39 5.23
CA LEU N 416 -17.05 -60.54 5.05
C LEU N 416 -16.80 -60.33 3.55
N PHE N 417 -16.86 -61.42 2.79
CA PHE N 417 -16.62 -61.42 1.36
C PHE N 417 -17.51 -60.54 0.50
N GLU N 418 -18.73 -61.03 0.28
CA GLU N 418 -19.70 -60.34 -0.57
C GLU N 418 -19.79 -58.84 -0.29
N HIS N 419 -19.69 -58.47 0.98
CA HIS N 419 -19.76 -57.04 1.33
C HIS N 419 -18.51 -56.27 0.97
N PHE N 420 -17.35 -56.93 1.07
CA PHE N 420 -16.06 -56.33 0.73
C PHE N 420 -16.07 -56.01 -0.76
N ILE N 421 -16.32 -57.02 -1.59
CA ILE N 421 -16.35 -56.84 -3.05
C ILE N 421 -17.19 -55.64 -3.47
N GLU N 422 -18.42 -55.62 -2.95
CA GLU N 422 -19.41 -54.58 -3.18
C GLU N 422 -18.83 -53.18 -2.99
N ALA N 423 -18.02 -53.02 -1.94
CA ALA N 423 -17.43 -51.73 -1.62
C ALA N 423 -16.15 -51.37 -2.34
N LYS N 424 -15.44 -52.35 -2.84
CA LYS N 424 -14.22 -52.00 -3.53
C LYS N 424 -14.64 -51.72 -4.93
N GLU N 425 -15.85 -52.13 -5.27
CA GLU N 425 -16.31 -51.86 -6.62
C GLU N 425 -16.77 -50.43 -6.63
N ILE N 426 -17.72 -50.10 -5.78
CA ILE N 426 -18.15 -48.72 -5.74
C ILE N 426 -16.88 -47.84 -5.77
N GLU N 427 -15.78 -48.36 -5.23
CA GLU N 427 -14.54 -47.61 -5.08
C GLU N 427 -13.88 -47.39 -6.38
N TRP N 428 -13.75 -48.47 -7.09
CA TRP N 428 -13.11 -48.34 -8.33
C TRP N 428 -14.12 -47.64 -9.20
N ASP N 429 -15.34 -48.15 -9.20
CA ASP N 429 -16.43 -47.60 -9.98
C ASP N 429 -16.30 -46.09 -9.91
N MET N 430 -15.91 -45.57 -8.74
CA MET N 430 -15.75 -44.15 -8.52
C MET N 430 -14.45 -43.52 -9.03
N PHE N 431 -13.39 -44.31 -9.12
CA PHE N 431 -12.13 -43.79 -9.62
C PHE N 431 -12.19 -43.75 -11.14
N ARG N 432 -12.79 -44.78 -11.73
CA ARG N 432 -12.96 -44.98 -13.18
C ARG N 432 -13.72 -43.93 -14.01
N THR N 433 -14.70 -43.29 -13.40
CA THR N 433 -15.53 -42.33 -14.11
C THR N 433 -15.13 -40.88 -13.92
N GLN N 434 -14.30 -40.65 -12.90
CA GLN N 434 -13.79 -39.33 -12.55
C GLN N 434 -12.81 -38.85 -13.62
N VAL N 435 -13.06 -37.70 -14.24
CA VAL N 435 -12.14 -37.19 -15.28
C VAL N 435 -10.90 -36.54 -14.64
N HIS N 436 -9.82 -37.32 -14.51
CA HIS N 436 -8.57 -36.85 -13.89
C HIS N 436 -7.78 -35.76 -14.62
N PRO N 437 -7.02 -34.95 -13.88
CA PRO N 437 -6.21 -33.87 -14.45
C PRO N 437 -5.25 -34.35 -15.52
N TRP N 438 -4.68 -35.53 -15.32
CA TRP N 438 -3.72 -36.10 -16.29
C TRP N 438 -4.39 -36.32 -17.63
N GLU N 439 -5.72 -36.28 -17.62
CA GLU N 439 -6.50 -36.46 -18.84
C GLU N 439 -6.55 -35.17 -19.65
N ARG N 440 -6.81 -34.07 -18.97
CA ARG N 440 -6.91 -32.76 -19.61
C ARG N 440 -5.58 -32.19 -20.12
N GLU N 441 -4.48 -32.41 -19.42
CA GLU N 441 -3.23 -31.89 -19.94
C GLU N 441 -2.97 -32.49 -21.31
N GLN N 442 -3.38 -33.74 -21.49
CA GLN N 442 -3.24 -34.46 -22.76
C GLN N 442 -4.35 -34.10 -23.76
N TYR N 443 -5.51 -34.74 -23.58
CA TYR N 443 -6.70 -34.60 -24.43
C TYR N 443 -7.44 -33.25 -24.37
N MET N 444 -6.84 -32.22 -23.81
CA MET N 444 -7.52 -30.94 -23.74
C MET N 444 -7.10 -29.99 -24.84
N SER N 445 -5.80 -29.71 -24.85
CA SER N 445 -5.20 -28.75 -25.74
C SER N 445 -4.83 -29.26 -27.13
N GLN N 446 -4.67 -30.57 -27.26
CA GLN N 446 -4.26 -31.20 -28.52
C GLN N 446 -5.39 -31.54 -29.52
N TYR N 447 -5.87 -32.77 -29.45
CA TYR N 447 -6.93 -33.34 -30.29
C TYR N 447 -7.99 -32.44 -30.94
N LYS O 1 -41.26 35.19 17.59
CA LYS O 1 -41.78 34.69 16.29
C LYS O 1 -40.83 35.02 15.14
N MET O 2 -41.18 36.00 14.31
CA MET O 2 -40.34 36.40 13.18
C MET O 2 -38.84 36.46 13.51
N LEU O 3 -38.54 36.68 14.78
CA LEU O 3 -37.15 36.80 15.17
C LEU O 3 -36.34 35.52 15.16
N GLU O 4 -36.97 34.39 14.86
CA GLU O 4 -36.24 33.12 14.81
C GLU O 4 -36.01 32.68 13.38
N GLY O 5 -36.94 33.05 12.51
CA GLY O 5 -36.80 32.70 11.11
C GLY O 5 -36.01 33.81 10.46
N GLN O 6 -36.18 35.01 11.00
CA GLN O 6 -35.42 36.11 10.47
C GLN O 6 -34.07 35.77 11.05
N ASN O 7 -34.06 35.32 12.30
CA ASN O 7 -32.81 34.97 12.97
C ASN O 7 -32.07 33.96 12.11
N ALA O 8 -32.81 33.28 11.24
CA ALA O 8 -32.26 32.28 10.32
C ALA O 8 -32.03 32.92 8.94
N HIS O 9 -33.00 33.74 8.57
CA HIS O 9 -33.08 34.55 7.37
C HIS O 9 -31.74 35.29 7.26
N PHE O 10 -31.21 35.61 8.43
CA PHE O 10 -29.96 36.34 8.60
C PHE O 10 -28.72 35.47 8.70
N ARG O 11 -28.82 34.37 9.41
CA ARG O 11 -27.67 33.48 9.60
C ARG O 11 -27.00 33.03 8.31
N TYR O 12 -27.79 32.69 7.30
CA TYR O 12 -27.22 32.27 6.04
C TYR O 12 -26.87 33.48 5.17
N LYS O 13 -27.59 34.58 5.34
CA LYS O 13 -27.27 35.78 4.56
C LYS O 13 -25.89 36.20 5.03
N ASN O 14 -25.60 35.94 6.30
CA ASN O 14 -24.31 36.36 6.79
C ASN O 14 -23.25 35.27 6.93
N ARG O 15 -23.38 34.22 6.14
CA ARG O 15 -22.37 33.16 6.08
C ARG O 15 -22.18 32.73 4.63
N LYS P 1 3.85 57.12 12.97
CA LYS P 1 3.66 55.67 13.21
C LYS P 1 4.23 54.84 12.07
N MET P 2 4.46 55.50 10.94
CA MET P 2 4.98 54.91 9.71
C MET P 2 5.98 53.77 9.79
N LEU P 3 6.26 53.28 11.00
CA LEU P 3 7.20 52.20 11.18
C LEU P 3 6.53 50.82 11.16
N GLU P 4 5.21 50.77 11.27
CA GLU P 4 4.44 49.51 11.24
C GLU P 4 4.19 49.10 9.79
N GLY P 5 3.73 50.10 9.02
CA GLY P 5 3.40 49.92 7.62
C GLY P 5 4.59 49.94 6.68
N GLN P 6 5.59 50.74 7.00
CA GLN P 6 6.78 50.74 6.18
C GLN P 6 7.32 49.35 6.53
N ASN P 7 7.13 48.94 7.80
CA ASN P 7 7.55 47.64 8.37
C ASN P 7 6.84 46.42 7.75
N ALA P 8 5.67 46.65 7.17
CA ALA P 8 4.95 45.59 6.50
C ALA P 8 5.51 45.67 5.07
N HIS P 9 5.69 46.92 4.61
CA HIS P 9 6.23 47.36 3.31
C HIS P 9 7.55 46.67 3.00
N PHE P 10 8.33 46.46 4.06
CA PHE P 10 9.63 45.82 4.00
C PHE P 10 9.51 44.34 4.29
N ARG P 11 8.35 43.93 4.80
CA ARG P 11 8.13 42.51 5.08
C ARG P 11 7.67 41.86 3.78
N TYR P 12 7.18 42.66 2.83
CA TYR P 12 6.78 42.11 1.54
C TYR P 12 8.06 42.10 0.69
N LYS P 13 8.82 43.19 0.77
CA LYS P 13 10.05 43.31 -0.01
C LYS P 13 11.07 42.24 0.37
N ASN P 14 11.37 42.15 1.67
CA ASN P 14 12.37 41.21 2.16
C ASN P 14 11.92 39.82 2.62
N ARG P 15 11.03 39.24 1.82
CA ARG P 15 10.51 37.88 2.01
C ARG P 15 9.92 37.58 0.63
N LYS Q 1 12.36 53.07 20.13
CA LYS Q 1 13.06 51.77 19.95
C LYS Q 1 12.57 50.70 20.93
N MET Q 2 12.30 51.10 22.17
CA MET Q 2 11.78 50.15 23.15
C MET Q 2 10.56 49.56 22.47
N LEU Q 3 9.87 50.41 21.72
CA LEU Q 3 8.70 50.03 20.96
C LEU Q 3 8.99 48.68 20.32
N GLU Q 4 10.29 48.44 20.06
CA GLU Q 4 10.79 47.20 19.46
C GLU Q 4 10.95 46.02 20.45
N GLY Q 5 11.56 46.26 21.61
CA GLY Q 5 11.71 45.19 22.58
C GLY Q 5 10.33 44.90 23.05
N GLN Q 6 9.65 46.00 23.32
CA GLN Q 6 8.29 46.03 23.75
C GLN Q 6 7.59 45.12 22.73
N ASN Q 7 7.79 45.43 21.45
CA ASN Q 7 7.18 44.72 20.33
C ASN Q 7 7.64 43.25 20.23
N ALA Q 8 8.84 42.96 20.71
CA ALA Q 8 9.37 41.60 20.70
C ALA Q 8 8.73 40.97 21.92
N HIS Q 9 8.77 41.74 23.00
CA HIS Q 9 8.22 41.47 24.34
C HIS Q 9 6.76 41.01 24.25
N PHE Q 10 6.00 41.72 23.42
CA PHE Q 10 4.58 41.47 23.18
C PHE Q 10 4.33 40.31 22.28
N ARG Q 11 5.16 40.19 21.27
CA ARG Q 11 4.95 39.10 20.38
C ARG Q 11 4.90 37.83 21.23
N TYR Q 12 5.60 37.81 22.38
CA TYR Q 12 5.50 36.60 23.23
C TYR Q 12 4.16 36.55 23.93
N LYS Q 13 3.96 37.47 24.88
CA LYS Q 13 2.73 37.44 25.62
C LYS Q 13 1.47 37.19 24.81
N ASN Q 14 1.39 37.71 23.60
CA ASN Q 14 0.21 37.47 22.76
C ASN Q 14 0.26 36.15 21.95
N ARG Q 15 1.36 35.42 22.09
CA ARG Q 15 1.49 34.13 21.42
C ARG Q 15 2.09 33.12 22.41
N LYS R 1 -34.90 38.25 24.59
CA LYS R 1 -33.53 37.83 24.98
C LYS R 1 -33.49 36.71 26.04
N MET R 2 -34.46 36.63 26.97
CA MET R 2 -34.49 35.51 27.92
C MET R 2 -34.68 34.46 26.86
N LEU R 3 -35.49 34.88 25.90
CA LEU R 3 -35.90 34.15 24.72
C LEU R 3 -34.71 33.76 23.83
N GLU R 4 -33.56 34.37 24.09
CA GLU R 4 -32.31 34.08 23.39
C GLU R 4 -31.52 33.17 24.32
N GLY R 5 -31.65 33.48 25.61
CA GLY R 5 -30.99 32.72 26.66
C GLY R 5 -31.78 31.45 26.82
N GLN R 6 -33.09 31.61 26.86
CA GLN R 6 -34.03 30.50 26.94
C GLN R 6 -33.70 29.75 25.65
N ASN R 7 -33.61 30.48 24.55
CA ASN R 7 -33.25 29.92 23.25
C ASN R 7 -31.94 29.17 23.51
N ALA R 8 -31.00 29.88 24.14
CA ALA R 8 -29.68 29.34 24.50
C ALA R 8 -29.86 28.12 25.40
N HIS R 9 -30.65 28.30 26.46
CA HIS R 9 -30.98 27.24 27.42
C HIS R 9 -31.36 26.00 26.60
N PHE R 10 -32.32 26.23 25.71
CA PHE R 10 -32.91 25.24 24.81
C PHE R 10 -31.99 24.53 23.83
N ARG R 11 -30.82 25.08 23.55
CA ARG R 11 -29.98 24.37 22.62
C ARG R 11 -29.18 23.25 23.31
N TYR R 12 -28.94 23.36 24.62
CA TYR R 12 -28.23 22.27 25.32
C TYR R 12 -29.10 21.27 26.12
N LYS R 13 -30.42 21.33 25.99
CA LYS R 13 -31.25 20.35 26.70
C LYS R 13 -31.87 19.54 25.60
N ASN R 14 -32.15 20.21 24.49
CA ASN R 14 -32.71 19.53 23.36
C ASN R 14 -31.61 19.00 22.45
N ARG R 15 -30.46 18.69 23.03
CA ARG R 15 -29.34 18.10 22.27
C ARG R 15 -28.48 17.25 23.22
N LYS S 1 52.53 25.16 2.92
CA LYS S 1 51.74 23.90 2.89
C LYS S 1 50.94 23.64 4.18
N MET S 2 51.27 24.37 5.26
CA MET S 2 50.51 24.22 6.51
C MET S 2 49.18 24.86 6.16
N LEU S 3 49.13 25.43 4.97
CA LEU S 3 47.93 26.08 4.45
C LEU S 3 46.86 25.01 4.30
N GLU S 4 47.16 24.02 3.46
CA GLU S 4 46.29 22.88 3.13
C GLU S 4 45.62 22.01 4.21
N GLY S 5 46.37 21.65 5.23
CA GLY S 5 45.89 20.79 6.31
C GLY S 5 45.27 21.62 7.39
N GLN S 6 45.75 22.85 7.48
CA GLN S 6 45.08 23.82 8.33
C GLN S 6 43.75 23.79 7.65
N ASN S 7 43.83 24.03 6.35
CA ASN S 7 42.73 24.01 5.40
C ASN S 7 41.74 22.86 5.72
N ALA S 8 42.27 21.73 6.19
CA ALA S 8 41.40 20.61 6.59
C ALA S 8 41.00 20.87 8.05
N HIS S 9 42.03 21.11 8.87
CA HIS S 9 41.91 21.46 10.29
C HIS S 9 40.66 22.27 10.54
N PHE S 10 40.40 23.22 9.66
CA PHE S 10 39.23 24.12 9.77
C PHE S 10 38.01 23.56 9.11
N ARG S 11 38.24 22.90 7.97
CA ARG S 11 37.12 22.35 7.25
C ARG S 11 36.32 21.47 8.19
N TYR S 12 36.98 20.72 9.09
CA TYR S 12 36.16 19.97 10.03
C TYR S 12 35.72 20.86 11.22
N LYS S 13 36.51 21.89 11.57
CA LYS S 13 36.15 22.81 12.67
C LYS S 13 34.88 23.62 12.34
N ASN S 14 34.80 24.18 11.14
CA ASN S 14 33.62 24.96 10.73
C ASN S 14 32.53 24.02 10.17
N ARG S 15 32.62 22.77 10.63
CA ARG S 15 31.73 21.64 10.33
C ARG S 15 32.08 20.67 11.46
N LYS T 1 47.12 33.88 -3.35
CA LYS T 1 45.63 34.04 -3.31
C LYS T 1 45.09 33.30 -4.52
N MET T 2 45.85 33.38 -5.62
CA MET T 2 45.49 32.66 -6.80
C MET T 2 45.44 31.24 -6.27
N LEU T 3 46.35 30.91 -5.36
CA LEU T 3 46.38 29.56 -4.79
C LEU T 3 45.01 29.23 -4.21
N GLU T 4 44.22 30.28 -3.95
CA GLU T 4 42.87 30.10 -3.46
C GLU T 4 41.98 29.98 -4.68
N GLY T 5 42.01 31.00 -5.53
CA GLY T 5 41.20 31.01 -6.75
C GLY T 5 41.67 29.95 -7.69
N GLN T 6 42.98 29.84 -7.83
CA GLN T 6 43.50 28.78 -8.64
C GLN T 6 42.84 27.59 -7.94
N ASN T 7 42.92 27.54 -6.60
CA ASN T 7 42.30 26.45 -5.83
C ASN T 7 40.77 26.51 -6.09
N ALA T 8 40.28 27.68 -6.52
CA ALA T 8 38.86 27.92 -6.80
C ALA T 8 38.57 27.87 -8.29
N HIS T 9 39.47 27.22 -9.01
CA HIS T 9 39.50 27.04 -10.47
C HIS T 9 39.47 25.53 -10.70
N PHE T 10 40.43 24.88 -10.01
CA PHE T 10 40.69 23.45 -10.00
C PHE T 10 39.55 22.58 -9.51
N ARG T 11 38.84 23.07 -8.50
CA ARG T 11 37.72 22.30 -8.00
C ARG T 11 36.71 22.14 -9.15
N TYR T 12 36.69 23.07 -10.11
CA TYR T 12 35.79 22.93 -11.25
C TYR T 12 36.28 21.87 -12.25
N LYS T 13 37.53 22.02 -12.72
CA LYS T 13 38.09 21.10 -13.71
C LYS T 13 38.19 19.65 -13.31
N ASN T 14 38.74 19.40 -12.12
CA ASN T 14 38.93 18.02 -11.64
C ASN T 14 37.74 17.43 -10.89
N ARG T 15 36.61 17.59 -11.55
CA ARG T 15 35.31 17.10 -11.15
C ARG T 15 34.64 17.41 -12.49
N LYS U 1 51.23 -11.36 -19.14
CA LYS U 1 51.91 -10.68 -20.27
C LYS U 1 51.18 -10.95 -21.62
N MET U 2 51.40 -12.12 -22.21
CA MET U 2 50.72 -12.52 -23.44
C MET U 2 49.81 -13.59 -22.90
N LEU U 3 50.22 -14.10 -21.75
CA LEU U 3 49.51 -15.12 -21.01
C LEU U 3 48.51 -14.35 -20.15
N GLU U 4 48.88 -13.13 -19.75
CA GLU U 4 48.00 -12.23 -18.96
C GLU U 4 47.07 -11.62 -20.00
N GLY U 5 47.68 -11.19 -21.11
CA GLY U 5 46.95 -10.59 -22.22
C GLY U 5 46.10 -11.64 -22.91
N GLN U 6 46.67 -12.81 -23.15
CA GLN U 6 45.87 -13.87 -23.71
C GLN U 6 44.80 -13.93 -22.63
N ASN U 7 45.25 -14.05 -21.38
CA ASN U 7 44.39 -14.12 -20.19
C ASN U 7 43.32 -13.00 -20.18
N ALA U 8 43.56 -11.91 -20.90
CA ALA U 8 42.58 -10.85 -21.00
C ALA U 8 41.71 -11.42 -22.09
N HIS U 9 42.33 -11.60 -23.25
CA HIS U 9 41.74 -12.17 -24.47
C HIS U 9 40.57 -13.15 -24.20
N PHE U 10 40.87 -14.21 -23.45
CA PHE U 10 39.92 -15.29 -23.13
C PHE U 10 38.78 -15.04 -22.16
N ARG U 11 38.94 -14.11 -21.24
CA ARG U 11 37.88 -13.85 -20.28
C ARG U 11 36.71 -13.19 -21.01
N TYR U 12 36.98 -12.42 -22.08
CA TYR U 12 35.86 -11.86 -22.85
C TYR U 12 35.38 -12.96 -23.80
N LYS U 13 36.31 -13.73 -24.39
CA LYS U 13 35.87 -14.77 -25.32
C LYS U 13 35.37 -16.04 -24.68
N ASN U 14 35.06 -15.96 -23.40
CA ASN U 14 34.48 -17.06 -22.67
C ASN U 14 33.60 -16.43 -21.59
N ARG U 15 32.89 -15.36 -22.01
CA ARG U 15 31.93 -14.61 -21.19
C ARG U 15 31.00 -13.76 -22.08
N LYS V 1 14.72 -53.02 -15.06
CA LYS V 1 13.54 -52.83 -14.16
C LYS V 1 14.06 -53.10 -12.74
N MET V 2 15.36 -53.35 -12.71
CA MET V 2 16.14 -53.48 -11.50
C MET V 2 16.57 -52.06 -11.84
N LEU V 3 16.60 -51.84 -13.16
CA LEU V 3 16.93 -50.55 -13.73
C LEU V 3 15.97 -49.58 -13.13
N GLU V 4 14.68 -49.87 -13.25
CA GLU V 4 13.65 -49.00 -12.68
C GLU V 4 13.75 -48.99 -11.14
N GLY V 5 14.37 -50.02 -10.57
CA GLY V 5 14.53 -50.06 -9.13
C GLY V 5 15.68 -49.11 -8.89
N GLN V 6 16.81 -49.47 -9.48
CA GLN V 6 18.02 -48.68 -9.42
C GLN V 6 17.72 -47.36 -10.16
N ASN V 7 16.53 -47.27 -10.75
CA ASN V 7 16.06 -46.07 -11.46
C ASN V 7 15.18 -45.36 -10.44
N ALA V 8 14.48 -46.14 -9.62
CA ALA V 8 13.62 -45.56 -8.59
C ALA V 8 14.52 -45.31 -7.39
N HIS V 9 15.82 -45.44 -7.63
CA HIS V 9 16.84 -45.23 -6.61
C HIS V 9 17.70 -44.04 -7.07
N PHE V 10 18.41 -44.23 -8.17
CA PHE V 10 19.31 -43.21 -8.70
C PHE V 10 18.72 -41.90 -9.24
N ARG V 11 17.42 -41.68 -9.08
CA ARG V 11 16.88 -40.40 -9.52
C ARG V 11 16.96 -39.50 -8.29
N TYR V 12 16.96 -40.13 -7.12
CA TYR V 12 17.06 -39.40 -5.88
C TYR V 12 18.50 -39.12 -5.47
N LYS V 13 19.34 -40.14 -5.51
CA LYS V 13 20.71 -39.92 -5.10
C LYS V 13 21.28 -38.73 -5.86
N ASN V 14 21.04 -38.68 -7.16
CA ASN V 14 21.53 -37.56 -7.98
C ASN V 14 20.57 -36.31 -8.06
N ARG V 15 19.54 -36.21 -7.15
CA ARG V 15 18.46 -35.12 -7.11
C ARG V 15 17.72 -34.70 -5.88
N LYS W 1 -55.94 -5.62 17.05
CA LYS W 1 -54.50 -5.29 16.85
C LYS W 1 -53.62 -5.91 17.90
N MET W 2 -53.91 -7.19 18.04
CA MET W 2 -53.19 -8.08 18.87
C MET W 2 -52.42 -8.56 17.64
N LEU W 3 -53.04 -8.39 16.45
CA LEU W 3 -52.43 -8.79 15.17
C LEU W 3 -51.19 -8.00 14.84
N GLU W 4 -51.04 -6.84 15.46
CA GLU W 4 -49.84 -6.05 15.22
C GLU W 4 -48.84 -6.39 16.32
N GLY W 5 -49.36 -6.74 17.50
CA GLY W 5 -48.49 -7.14 18.59
C GLY W 5 -48.02 -8.52 18.18
N GLN W 6 -48.94 -9.31 17.64
CA GLN W 6 -48.61 -10.64 17.16
C GLN W 6 -47.83 -10.30 15.89
N ASN W 7 -48.18 -9.18 15.24
CA ASN W 7 -47.44 -8.79 14.06
C ASN W 7 -46.09 -8.34 14.58
N ALA W 8 -46.07 -7.86 15.84
CA ALA W 8 -44.84 -7.40 16.51
C ALA W 8 -44.06 -8.64 16.90
N HIS W 9 -44.77 -9.48 17.63
CA HIS W 9 -44.29 -10.75 18.15
C HIS W 9 -43.77 -11.66 17.03
N PHE W 10 -44.53 -11.77 15.90
CA PHE W 10 -44.07 -12.68 14.85
C PHE W 10 -43.07 -12.18 13.86
N ARG W 11 -43.07 -10.90 13.52
CA ARG W 11 -42.00 -10.46 12.65
C ARG W 11 -40.63 -10.89 13.28
N TYR W 12 -40.52 -10.88 14.64
CA TYR W 12 -39.31 -11.32 15.35
C TYR W 12 -39.13 -12.79 15.44
N LYS W 13 -40.06 -13.44 16.09
CA LYS W 13 -39.98 -14.88 16.22
C LYS W 13 -39.44 -15.46 14.92
N ASN W 14 -39.71 -14.75 13.82
CA ASN W 14 -39.37 -15.31 12.55
C ASN W 14 -38.16 -14.71 11.76
N ARG W 15 -37.72 -13.45 11.99
CA ARG W 15 -36.53 -12.98 11.25
C ARG W 15 -35.25 -13.29 12.01
N LYS X 1 -56.15 -7.63 4.54
CA LYS X 1 -56.01 -8.27 3.20
C LYS X 1 -56.08 -7.23 2.07
N MET X 2 -57.23 -6.58 1.82
CA MET X 2 -57.20 -5.50 0.81
C MET X 2 -56.14 -4.67 1.51
N LEU X 3 -56.25 -4.63 2.84
CA LEU X 3 -55.31 -3.89 3.65
C LEU X 3 -53.92 -4.37 3.33
N GLU X 4 -53.79 -5.65 2.98
CA GLU X 4 -52.50 -6.18 2.60
C GLU X 4 -52.44 -5.78 1.11
N GLY X 5 -53.61 -5.63 0.49
CA GLY X 5 -53.68 -5.18 -0.88
C GLY X 5 -53.17 -3.76 -0.74
N GLN X 6 -54.01 -2.86 -0.25
CA GLN X 6 -53.61 -1.48 -0.03
C GLN X 6 -52.29 -1.44 0.74
N ASN X 7 -51.93 -2.55 1.41
CA ASN X 7 -50.64 -2.57 2.14
C ASN X 7 -49.54 -2.68 1.08
N ALA X 8 -49.59 -3.75 0.29
CA ALA X 8 -48.61 -3.97 -0.78
C ALA X 8 -48.68 -2.87 -1.84
N HIS X 9 -49.54 -1.88 -1.60
CA HIS X 9 -49.70 -0.70 -2.47
C HIS X 9 -48.89 0.36 -1.72
N PHE X 10 -49.17 0.46 -0.42
CA PHE X 10 -48.56 1.46 0.43
C PHE X 10 -47.20 1.18 1.05
N ARG X 11 -46.35 0.56 0.27
CA ARG X 11 -44.98 0.32 0.66
C ARG X 11 -44.23 0.61 -0.63
N TYR X 12 -44.95 1.18 -1.59
CA TYR X 12 -44.37 1.57 -2.88
C TYR X 12 -44.64 3.04 -3.14
N LYS X 13 -45.74 3.57 -2.61
CA LYS X 13 -46.01 4.99 -2.81
C LYS X 13 -45.74 5.70 -1.49
N ASN X 14 -44.97 5.01 -0.66
CA ASN X 14 -44.56 5.49 0.63
C ASN X 14 -43.12 5.05 0.86
N ARG X 15 -42.29 5.14 -0.17
CA ARG X 15 -40.88 4.81 -0.06
C ARG X 15 -40.12 5.45 -1.22
N LYS Y 1 -31.25 -46.27 -13.63
CA LYS Y 1 -30.04 -45.87 -14.43
C LYS Y 1 -30.32 -44.64 -15.26
N MET Y 2 -31.33 -44.72 -16.12
CA MET Y 2 -31.72 -43.54 -16.91
C MET Y 2 -31.74 -42.51 -15.79
N LEU Y 3 -32.09 -43.01 -14.61
CA LEU Y 3 -32.20 -42.25 -13.38
C LEU Y 3 -30.94 -41.45 -13.05
N GLU Y 4 -29.77 -41.91 -13.51
CA GLU Y 4 -28.48 -41.20 -13.31
C GLU Y 4 -28.25 -40.32 -14.55
N GLY Y 5 -28.91 -40.69 -15.66
CA GLY Y 5 -28.83 -39.91 -16.89
C GLY Y 5 -29.79 -38.76 -16.70
N GLN Y 6 -31.04 -39.13 -16.45
CA GLN Y 6 -32.10 -38.16 -16.17
C GLN Y 6 -31.35 -37.29 -15.14
N ASN Y 7 -31.02 -37.87 -13.98
CA ASN Y 7 -30.28 -37.20 -12.89
C ASN Y 7 -29.22 -36.22 -13.48
N ALA Y 8 -28.38 -36.70 -14.40
CA ALA Y 8 -27.34 -35.83 -14.99
C ALA Y 8 -27.91 -34.80 -15.96
N HIS Y 9 -29.07 -35.14 -16.51
CA HIS Y 9 -29.88 -34.39 -17.46
C HIS Y 9 -30.59 -33.24 -16.68
N PHE Y 10 -30.92 -33.54 -15.42
CA PHE Y 10 -31.59 -32.62 -14.51
C PHE Y 10 -30.67 -31.62 -13.86
N ARG Y 11 -29.51 -32.09 -13.43
CA ARG Y 11 -28.61 -31.17 -12.79
C ARG Y 11 -28.31 -29.95 -13.69
N TYR Y 12 -28.41 -30.11 -15.03
CA TYR Y 12 -28.22 -28.94 -15.93
C TYR Y 12 -29.44 -28.09 -15.76
N LYS Y 13 -30.56 -28.59 -16.32
CA LYS Y 13 -31.83 -27.89 -16.29
C LYS Y 13 -32.00 -27.31 -14.88
N ASN Y 14 -31.93 -28.09 -13.81
CA ASN Y 14 -32.03 -27.40 -12.56
C ASN Y 14 -30.86 -26.53 -11.92
N ARG Y 15 -29.86 -26.21 -12.75
CA ARG Y 15 -28.77 -25.31 -12.42
C ARG Y 15 -28.36 -24.68 -13.76
N LYS Z 1 -32.47 -45.70 -4.12
CA LYS Z 1 -32.91 -45.20 -2.78
C LYS Z 1 -31.97 -45.72 -1.73
N MET Z 2 -31.99 -47.01 -1.44
CA MET Z 2 -31.02 -47.49 -0.46
C MET Z 2 -29.79 -46.97 -1.19
N LEU Z 3 -29.88 -46.91 -2.53
CA LEU Z 3 -28.80 -46.41 -3.34
C LEU Z 3 -28.57 -44.95 -3.01
N GLU Z 4 -29.65 -44.24 -2.70
CA GLU Z 4 -29.54 -42.85 -2.28
C GLU Z 4 -29.06 -42.96 -0.84
N GLY Z 5 -29.59 -43.97 -0.12
CA GLY Z 5 -29.19 -44.22 1.25
C GLY Z 5 -27.71 -44.44 1.11
N GLN Z 6 -27.36 -45.51 0.42
CA GLN Z 6 -25.99 -45.80 0.18
C GLN Z 6 -25.37 -44.53 -0.45
N ASN Z 7 -26.18 -43.74 -1.18
CA ASN Z 7 -25.68 -42.48 -1.80
C ASN Z 7 -25.50 -41.47 -0.66
N ALA Z 8 -26.33 -41.62 0.38
CA ALA Z 8 -26.27 -40.79 1.59
C ALA Z 8 -24.95 -41.23 2.15
N HIS Z 9 -24.82 -42.54 2.27
CA HIS Z 9 -23.66 -43.23 2.79
C HIS Z 9 -22.29 -42.99 2.13
N PHE Z 10 -22.23 -43.15 0.81
CA PHE Z 10 -20.95 -43.01 0.16
C PHE Z 10 -20.49 -41.60 -0.21
N ARG Z 11 -21.37 -40.61 -0.12
CA ARG Z 11 -20.94 -39.23 -0.38
C ARG Z 11 -20.14 -38.63 0.80
N TYR Z 12 -20.34 -39.16 2.01
CA TYR Z 12 -19.60 -38.66 3.17
C TYR Z 12 -18.35 -39.46 3.50
N LYS Z 13 -18.31 -40.71 3.07
CA LYS Z 13 -17.17 -41.54 3.39
C LYS Z 13 -15.99 -41.23 2.47
N ASN Z 14 -16.30 -40.94 1.21
CA ASN Z 14 -15.27 -40.63 0.23
C ASN Z 14 -14.89 -39.17 0.37
N ARG Z 15 -15.61 -38.47 1.26
CA ARG Z 15 -15.41 -37.05 1.49
C ARG Z 15 -15.36 -36.62 2.98
N LYS AA 1 50.14 -21.23 -12.98
CA LYS AA 1 50.11 -22.60 -12.40
C LYS AA 1 50.26 -22.47 -10.89
N MET AA 2 51.29 -21.75 -10.45
CA MET AA 2 51.45 -21.42 -9.03
C MET AA 2 51.13 -19.99 -9.32
N LEU AA 3 51.33 -19.63 -10.58
CA LEU AA 3 51.06 -18.31 -11.09
C LEU AA 3 49.55 -18.15 -11.20
N GLU AA 4 48.85 -19.25 -11.52
CA GLU AA 4 47.39 -19.24 -11.65
C GLU AA 4 46.69 -19.30 -10.29
N GLY AA 5 47.19 -20.16 -9.40
CA GLY AA 5 46.60 -20.30 -8.08
C GLY AA 5 47.15 -19.28 -7.13
N GLN AA 6 48.36 -18.81 -7.41
CA GLN AA 6 48.89 -17.76 -6.60
C GLN AA 6 47.84 -16.77 -7.08
N ASN AA 7 47.75 -16.60 -8.40
CA ASN AA 7 46.76 -15.71 -9.03
C ASN AA 7 45.38 -15.73 -8.32
N ALA AA 8 45.10 -16.79 -7.56
CA ALA AA 8 43.85 -16.89 -6.80
C ALA AA 8 44.20 -16.40 -5.39
N HIS AA 9 45.39 -16.83 -4.94
CA HIS AA 9 46.04 -16.50 -3.66
C HIS AA 9 45.86 -15.01 -3.35
N PHE AA 10 46.27 -14.19 -4.32
CA PHE AA 10 46.22 -12.73 -4.24
C PHE AA 10 44.83 -12.18 -4.48
N ARG AA 11 44.06 -12.90 -5.27
CA ARG AA 11 42.71 -12.47 -5.53
C ARG AA 11 41.96 -12.34 -4.18
N TYR AA 12 42.12 -13.31 -3.26
CA TYR AA 12 41.48 -13.25 -1.94
C TYR AA 12 42.15 -12.14 -1.11
N LYS AA 13 43.47 -12.22 -1.04
CA LYS AA 13 44.24 -11.27 -0.26
C LYS AA 13 44.00 -9.80 -0.57
N ASN AA 14 43.52 -9.49 -1.76
CA ASN AA 14 43.38 -8.10 -2.10
C ASN AA 14 41.98 -7.45 -2.23
N ARG AA 15 41.06 -7.92 -1.40
CA ARG AA 15 39.68 -7.44 -1.30
C ARG AA 15 39.14 -8.12 -0.04
N LYS BA 1 17.62 -48.92 -25.25
CA LYS BA 1 18.31 -47.70 -25.67
C LYS BA 1 17.59 -47.10 -26.86
N MET BA 2 16.55 -47.80 -27.30
CA MET BA 2 15.67 -47.31 -28.34
C MET BA 2 14.65 -46.82 -27.34
N LEU BA 3 14.54 -47.58 -26.24
CA LEU BA 3 13.60 -47.21 -25.18
C LEU BA 3 13.93 -45.81 -24.73
N GLU BA 4 15.22 -45.48 -24.64
CA GLU BA 4 15.60 -44.12 -24.29
C GLU BA 4 15.20 -43.33 -25.54
N GLY BA 5 15.61 -43.83 -26.71
CA GLY BA 5 15.24 -43.19 -27.96
C GLY BA 5 13.80 -42.75 -27.85
N GLN BA 6 12.89 -43.72 -27.92
CA GLN BA 6 11.45 -43.45 -27.80
C GLN BA 6 11.16 -42.68 -26.50
N ASN BA 7 11.98 -42.87 -25.46
CA ASN BA 7 11.77 -42.16 -24.19
C ASN BA 7 12.00 -40.68 -24.47
N ALA BA 8 12.71 -40.38 -25.55
CA ALA BA 8 12.95 -38.99 -25.95
C ALA BA 8 11.82 -38.60 -26.89
N HIS BA 9 11.06 -39.60 -27.32
CA HIS BA 9 9.93 -39.36 -28.20
C HIS BA 9 8.73 -39.16 -27.31
N PHE BA 10 8.54 -40.15 -26.43
CA PHE BA 10 7.36 -40.17 -25.59
C PHE BA 10 7.29 -39.34 -24.33
N ARG BA 11 8.30 -38.53 -24.07
CA ARG BA 11 8.24 -37.65 -22.92
C ARG BA 11 7.67 -36.32 -23.44
N TYR BA 12 7.68 -36.16 -24.77
CA TYR BA 12 7.15 -34.96 -25.45
C TYR BA 12 5.82 -35.17 -26.16
N LYS BA 13 5.51 -36.41 -26.51
CA LYS BA 13 4.26 -36.65 -27.17
C LYS BA 13 3.21 -36.93 -26.11
N ASN BA 14 3.69 -37.12 -24.87
CA ASN BA 14 2.84 -37.35 -23.68
C ASN BA 14 3.09 -36.12 -22.80
N ARG BA 15 3.15 -34.97 -23.47
CA ARG BA 15 3.36 -33.64 -22.92
C ARG BA 15 3.27 -32.78 -24.18
#